data_8RIF
#
_entry.id   8RIF
#
loop_
_entity.id
_entity.type
_entity.pdbx_description
1 polymer 'DNA replication licensing factor MCM2'
2 polymer 'DNA replication licensing factor MCM3'
3 polymer 'DNA replication licensing factor MCM4'
4 polymer 'Minichromosome maintenance protein 5'
5 polymer 'DNA replication licensing factor MCM6'
6 polymer 'DNA replication licensing factor MCM7'
7 polymer 'DNA (53-MER)'
8 polymer 'DNA (53-MER)'
9 non-polymer "ADENOSINE-5'-TRIPHOSPHATE"
10 non-polymer 'MAGNESIUM ION'
11 non-polymer 'ZINC ION'
12 non-polymer "ADENOSINE-5'-DIPHOSPHATE"
#
loop_
_entity_poly.entity_id
_entity_poly.type
_entity_poly.pdbx_seq_one_letter_code
_entity_poly.pdbx_strand_id
1 'polypeptide(L)'
;MSDNRRRRREEDDSDSENELPPSSPQQHFRGGMNPVSSPIGSPDMINPEGDDNEVDDVPDIDEVEEQMNEVDLMDDNMYE
DYAADHNRDRYDPDQVDDREQQELSLSERRRIDAQLNERDRLLRNVAYIDDEDEEQEGAAQLDEMGLPVQRRRRRRQYED
LENSDDDLLSDMDIDPLREELTLESLSNVKANSYSEWITQPNVSRTIARELKSFLLEYTDETGRSVYGARIRTLGEMNSE
SLEVNYRHLAESKAILALFLAKCPEEMLKIFDLVAMEATELHYPDYARIHSEIHVRISDFPTIYSLRELRESNLSSLVRV
TGVVTRRTGVFPQLKYVKFNCLKCGSILGPFFQDSNEEIRISFCTNCKSKGPFRVNGEKTVYRNYQRVTLQEAPGTVPPG
RLPRHREVILLADLVDVSKPGEEVEVTGIYKNNYDGNLNAKNGFPVFATIIEANSIKRREGNTANEGEEGLDVFSWTEEE
EREFRKISRDRGIIDKIISSMAPSIYGHRDIKTAVACSLFGGVPKNVNGKHSIRGDINVLLLGDPGTAKSQILKYVEKTA
HRAVFATGQGASAVGLTASVRKDPITKEWTLEGGALVLADKGVCLIDEFDKMNDQDRTSIHEAMEQQSISISKAGIVTTL
QARCSIIAAANPNGGRYNSTLPLAQNVSLTEPILSRFDILCVVRDLVDEEADERLATFVVDSHVRSHPENDEDREGEELK
NNGESAIEQGEDEINEQLNARQRRLQRQRKKEEEISPIPQELLMKYIHYARTKIYPKLHQMDMDKVSRVYADLRRESIST
GSFPITVRHLESILRIAESFAKMRLSEFVSSYDLDRAIKVVVDSFVDAQKVSVRRQLRRSFAIYTLGH
;
2,A
2 'polypeptide(L)'
;MKRRWKKNFIAVSAANRFKKISSSGALENLYFQGEMEGSTGFDGDATTFFAPDAVFGDRVRRFQEFLDTFTSYRDSVRSI
QVYNSNNAANYNDDQDDADERDLLGDDDGDDLEKEKKAASSTSLNILPHRIIISLDDLREFDRSFWSGILVEPAYFIPPA
EKALTDLADSMDDVPHPNASAVSSRHPWKLSFKGSFGAHALSPRTLTAQHLNKLVSVEGIVTKTSLVRPKLIRSVHYAAK
TGRFHYRDYTDATTTLTTRIPTPAIYPTEDTEGNKLTTEYGYSTFIDHQRITVQEMPEMAPAGQLPRSIDVILDDDLVDK
TKPGDRVNVVGVFKSLGAGGMNQSNSNTLIGFKTLILGNTVYPLHARSTGVAARQMLTDFDIRNINKLSKKKDIFDILSQ
SLAPSIYGHDHIKKAILLMLMGGVEKNLENGSHLRGDINILMVGDPSTAKSQLLRFVLNTASLAIATTGRGSSGVGLTAA
VTTDRETGERRLEAGAMVLADRGVVCIDEFDKMTDVDRVAIHEVMEQQTVTIAKAGIHTTLNARCSVIAAANPVFGQYDV
NRDPHQNIALPDSLLSRFDLLFVVTDDINEIRDRSISEHVLRTHRYLPPGYLEGEPVRERLNLSLAVGEDADINPEEHSN
SGAGVENEGEDDEDHVFEKFNPLLQAGAKLAKNKGNYNGTEIPKLVTIPFLRKYVQYAKERVIPQLTQEAINVIVKNYTD
LRNDDNTKKSPITARTLETLIRLATAHAKVRLSKTVNKVDAKVAANLLRFALLGEDIGNDIDEEESEYEEALSKRSPQKS
PKKRQRVRQPASNSGSPIKSTPRRSTASSVNATPSSARRILRFQDDEQNAGEDDNDIMSPLPADEEAELQRRLQLGLRVS
PRRREHLHAPEEGSSGPLTEVGTPRLPNVSSAGQDDEQQQSVISFDNVEPGTISTGRLSLISGIIARLMQTEIFEEESYP
VASLFERINEELPEEEKFSAQEYLAGLKIMSDRNNLMVADDKVWRV
;
3,B
3 'polypeptide(L)'
;MSQQSSSPTKEDNNSSSPVVPNPDSVPPQLSSPALFYSSSSSQGDIYGRNNSQNLSQGEGNIRAAIGSSPLNFPSSSQRQ
NSDVFQSQGRQGRIRSSASASGRSRYHSDLRSDRALPTSSSSLGRNGQNRVHMRRNDIHTSDLSSPRRIVDFDTRSGVNT
LDTSSSSAPPSEASEPLRIIWGTNVSIQECTTNFRNFLMSFKYKFRKILDEREEFINNTTDEELYYIKQLNEMRELGTSN
LNLDARNLLAYKQTEDLYHQLLNYPQEVISIMDQTIKDCMVSLIVDNNLDYDLDEIETKFYKVRPYNVGSCKGMRELNPN
DIDKLINLKGLVLRSTPVIPDMKVAFFKCNVCDHTMAVEIDRGVIQEPARCERIDCNEPNSMSLIHNRCSFADKQVIKLQ
ETPDFVPDGQTPHSISLCVYDELVDSCRAGDRIEVTGTFRSIPIRANSRQRVLKSLYKTYVDVVHVKKVSDKRLDVDTST
IEQELMQNKVDHNEVEEVRQITDQDLAKIREVAAREDLYSLLARSIAPSIYELEDVKKGILLQLFGGTNKTFTKGGRYRG
DINILLCGDPSTSKSQILQYVHKITPRGVYTSGKGSSAVGLTAYITRDVDTKQLVLESGALVLSDGGVCCIDEFDKMSDS
TRSVLHEVMEQQTISIAKAGIITTLNARSSILASANPIGSRYNPNLPVTENIDLPPPLLSRFDLVYLVLDKVDEKNDREL
AKHLTNLYLEDKPEHISQDDVLPVEFLTMYISYAKEHIHPIITEAAKTELVRAYVGMRKMGDDSRSDEKRITATTRQLES
MIRLAEAHAKMKLKNVVELEDVQEAVRLIRSAIKDYATDPKTGKIDMNLVQTGKSVIQRKLQEDLSREIMNVLKDQASDS
MSFNELIKQINEHSQDRVESSDIQEALSRLQQEDKVIVLGEGVRRSVRLNNRV
;
4,C
4 'polypeptide(L)'
;MSFDRPEIYSAPVLQGESPNDDDNTEIIKSFKNFILEFRLDSQFIYRDQLRNNILVKNYSLTVNMEHLIGYNEDIYKKLS
DEPSDIIPLFETAITQVAKRISILSRAQSANNNDKDPENTSMDTDSLLLNSLPTFQLILNSNANQIPLRDLDSEHVSKIV
RLSGIIISTSVLSSRATYLSIMCRNCRHTTSITINNFNSITGNTVSLPRSCLSTIESESSMANESNIGDESTKKNCGPDP
YIIIHESSKFIDQQFLKLQEIPELVPVGEMPRNLTMTCDRYLTNKVIPGTRVTIVGIYSIYNSKNGAGSGRSGGGNGGSG
VAIRTPYIKILGIQSDVETSSIWNSVTMFTEEEEEEFLQLSRNPKLYEILTNSIAPSIFGNEDIKKAIVCLLMGGSKKIL
PDGMRLRGDINVLLLGDPGTAKSQLLKFVEKVSPIAVYTSGKGSSAAGLTASVQRDPMTREFYLEGGAMVLADGGVVCID
EFDKMRDEDRVAIHEAMEQQTISIAKAGITTVLNSRTSVLAAANPIYGRYDDLKSPGDNIDFQTTILSRFDMIFIVKDDH
NEERDISIANHVINIHTGNANAMQNQQEENGSEISIEKMKRYITYCRLKCAPRLSPQAAEKLSSNFVTIRKQLLINELES
TERSSIPITIRQLEAIIRITESLAKLELSPIAQERHVDEAIRLFQASTMDAASQDPIGGLNQASGTSLSEIRRFEQELKR
RLPIGWSTSYQTLRREFVDTHRFSQLALDKALYALEKHETIQLRHQGQNIYRSGV
;
5,D
5 'polypeptide(L)'
;MSSPFPADTPSSNRPSNSSPPPSSIGAGFGSSSGLDSQIGSRLHFPSSSQPHVSNSQTGPFVNDSTQFSSQRLQTDGSAT
NDMEGNEPARSFKSRALNHVKKVDDVTGEKVREAFEQFLEDFSVQSTDTGEVEKVYRAQIEFMKIYDLNTIYIDYQHLSM
RENGALAMAISEQYYRFLPFLQKGLRRVVRKYAPELLNTSDSLKRSEGDEGQADEDEQQDDDMNGSSLPRDSGSSAAPGN
GTSAMATRSITTSTSPEQTERVFQISFFNLPTVHRIRDIRSEKIGSLLSISGTVTRTSEVRPELYKASFTCDMCRAIVDN
VEQSFKYTEPTFCPNPSCENRAFWTLNVTRSRFLDWQKVRIQENANEIPTGSMPRTLDVILRGDSVERAKPGDRCKFTGV
EIVVPDVTQLGLPGVKPSSTLDTRGISKTTEGLNSGVTGLRSLGVRDLTYKISFLACHVISIGSNIGASSPDANSNNRET
ELQMAANLQANNVYQDNERDQEVFLNSLSSDEINELKEMVKDEHIYDKLVRSIAPAVFGHEAVKKGILLQMLGGVHKSTV
EGIKLRGDINICVVGDPSTSKSQFLKYVVGFAPRSVYTSGKASSAAGLTAAVVRDEEGGDYTIEAGALMLADNGICCIDE
FDKMDISDQVAIHEAMEQQTISIAKAGIHATLNARTSILAAANPVGGRYNRKLSLRGNLNMTAPIMSRFDLFFVILDDCN
EKIDTELASHIVDLHMKRDEAIEPPFSAEQLRRYIKYARTFKPILTKEARSYLVEKYKELRKDDAQGFSRSSYRITVRQL
ESMIRLSEAIARANCVDEITPSFIAEAYDLLRQSIIRVDVDDVEMDEEFDNIESQSHAASGNNDDNDDGTGSGVITSEPP
ADIEEGQSEATARPGTSEKKKTTVTYDKYVSMMNMIVRKIAEVDREGAEELTAVDIVDWYLLQKENDLGSLAEYWEERRL
AFKVIKRLVKDRILMEIHGTRHNLRDLENEENENNKTVYVIHPNCEVLDQLEPQDSS
;
6,E
6 'polypeptide(L)'
;MSAALPSIQLPVDYNNLFNEITDFLVTFKQDTLSSDATRNENEDENLDAENIEQHLLEKGPKYMAMLQKVANRELNSVII
DLDDILQYQNEKFLQGTQADDLVSAIQQNANHFTELFCRAIDNNMPLPTKEIDYKDDVLDVILNQRRLRNERMLSDRTNE
IRSENLMDTTMDPPSSMNDALREVVEDETELFPPNLTRRYFLYFKPLSQNCARRYRKKAISSKPLSVRQIKGDFLGQLIT
VRGIITRVSDVKPAVEVIAYTCDQCGYEVFQEVNSRTFTPLSECTSEECSQNQTKGQLFMSTRASKFSAFQECKIQELSQ
QVPVGHIPRSLNIHVNGTLVRSLSPGDIVDVTGIFLPAPYTGFKALKAGLLTETYLEAQFVRQHKKKFASFSLTSDVEER
VMELITSGDVYNRLAKSIAPEIYGNLDVKKALLLLLVGGVDKRVGDGMKIRGDINVCLMGDPGVAKSQLLKAICKISPRG
VYTTGKGSSGVGLTAAVMKDPVTDEMILEGGALVLADNGICCIDEFDKMDESDRTAIHEVMEQQTISISKAGINTTLNAR
TSILAAANPLYGRYNPRLSPLDNINLPAALLSRFDILFLMLDIPSRDDDEKLAEHVTYVHMHNKQPDLDFTPVEPSKMRE
YIAYAKTKRPVMSEAVNDYVVQAYIRLRQDSKREMDSKFSFGQATPRTLLGIIRLSQALAKLRLADMVDIDDVEEALRLV
RVSKESLYQETNKSKEDESPTTKIFTIIKKMLQETGKNTLSYENIVKTVRLRGFTMLQLSNCIQEYSYLNVWHLINEGNT
LKFVDDGTMDTDQEDSLVSTPKLAPQTTASANVSAQDSDIDLQDA
;
7,F
7 'polydeoxyribonucleotide'
;(DG)(DC)(DA)(DT)(DG)(DC)(DA)(DT)(DG)(DC)(DG)(DC)(DA)(DT)(DG)(DC)(DA)(DT)(DG)(DC)
(DA)(DT)(DG)(DC)(DA)(DT)(DG)(DC)(DT)(DG)(DC)(DA)(DT)(DG)(DC)(DA)(DT)(DG)(DC)(DA)
(DT)(DG)(DC)(DG)(DC)(DA)(DT)(DG)(DC)(DA)(DT)(DG)(DC)
;
X
8 'polydeoxyribonucleotide'
;(DG)(DC)(DA)(DT)(DG)(DC)(DA)(DT)(DG)(DC)(DG)(DC)(DA)(DT)(DG)(DC)(DA)(DT)(DG)(DC)
(DA)(DT)(DG)(DC)(DA)(DG)(DC)(DA)(DT)(DG)(DC)(DA)(DT)(DG)(DC)(DA)(DT)(DG)(DC)(DA)
(DT)(DG)(DC)(DG)(DC)(DA)(DT)(DG)(DC)(DA)(DT)(DG)(DC)
;
Y
#
loop_
_chem_comp.id
_chem_comp.type
_chem_comp.name
_chem_comp.formula
ADP non-polymer ADENOSINE-5'-DIPHOSPHATE 'C10 H15 N5 O10 P2'
ATP non-polymer ADENOSINE-5'-TRIPHOSPHATE 'C10 H16 N5 O13 P3'
DA DNA linking 2'-DEOXYADENOSINE-5'-MONOPHOSPHATE 'C10 H14 N5 O6 P'
DC DNA linking 2'-DEOXYCYTIDINE-5'-MONOPHOSPHATE 'C9 H14 N3 O7 P'
DG DNA linking 2'-DEOXYGUANOSINE-5'-MONOPHOSPHATE 'C10 H14 N5 O7 P'
DT DNA linking THYMIDINE-5'-MONOPHOSPHATE 'C10 H15 N2 O8 P'
MG non-polymer 'MAGNESIUM ION' 'Mg 2'
ZN non-polymer 'ZINC ION' 'Zn 2'
#
# COMPACT_ATOMS: atom_id res chain seq x y z
N LEU A 181 -44.92 -11.07 -37.66
CA LEU A 181 -45.41 -9.90 -38.47
C LEU A 181 -45.36 -10.21 -39.97
N THR A 182 -45.80 -9.32 -40.85
CA THR A 182 -45.73 -9.45 -42.30
C THR A 182 -44.88 -8.34 -42.88
N LEU A 183 -44.68 -8.31 -44.20
CA LEU A 183 -43.75 -7.35 -44.86
C LEU A 183 -44.39 -5.97 -44.87
N GLU A 184 -45.66 -5.86 -45.20
CA GLU A 184 -46.28 -4.54 -45.14
C GLU A 184 -46.52 -4.07 -43.72
N SER A 185 -46.37 -4.94 -42.72
CA SER A 185 -46.48 -4.52 -41.34
C SER A 185 -45.22 -3.79 -40.87
N LEU A 186 -44.06 -4.21 -41.36
CA LEU A 186 -42.81 -3.61 -40.91
C LEU A 186 -42.70 -2.15 -41.34
N SER A 187 -43.34 -1.76 -42.45
CA SER A 187 -43.19 -0.41 -42.97
C SER A 187 -43.97 0.64 -42.17
N ASN A 188 -44.52 0.29 -41.01
CA ASN A 188 -45.09 1.24 -40.05
C ASN A 188 -44.17 1.12 -38.83
N VAL A 189 -43.19 1.99 -38.72
CA VAL A 189 -42.23 2.00 -37.59
C VAL A 189 -43.01 2.40 -36.35
N LYS A 190 -42.83 1.72 -35.24
CA LYS A 190 -43.47 2.12 -33.97
C LYS A 190 -42.39 2.29 -32.92
N ALA A 191 -41.30 2.97 -33.25
CA ALA A 191 -40.23 3.19 -32.29
C ALA A 191 -39.69 4.60 -32.46
N ASN A 192 -38.73 4.97 -31.60
CA ASN A 192 -38.11 6.28 -31.70
C ASN A 192 -37.34 6.45 -32.99
N SER A 193 -36.59 5.44 -33.41
CA SER A 193 -35.78 5.55 -34.61
C SER A 193 -35.66 4.19 -35.28
N TYR A 194 -35.01 4.17 -36.44
CA TYR A 194 -34.84 2.94 -37.19
C TYR A 194 -34.02 1.93 -36.42
N SER A 195 -32.98 2.39 -35.72
CA SER A 195 -32.05 1.48 -35.06
C SER A 195 -32.75 0.65 -33.99
N GLU A 196 -33.66 1.28 -33.27
CA GLU A 196 -34.35 0.63 -32.12
C GLU A 196 -35.45 -0.26 -32.69
N TRP A 197 -35.99 0.08 -33.85
CA TRP A 197 -36.97 -0.76 -34.54
C TRP A 197 -36.33 -2.06 -35.00
N ILE A 198 -35.14 -1.98 -35.59
CA ILE A 198 -34.51 -3.17 -36.14
C ILE A 198 -34.04 -4.15 -35.08
N THR A 199 -33.79 -3.68 -33.85
CA THR A 199 -33.23 -4.54 -32.82
C THR A 199 -34.28 -5.32 -32.04
N GLN A 200 -35.56 -5.01 -32.19
CA GLN A 200 -36.59 -5.76 -31.49
C GLN A 200 -36.60 -7.21 -32.00
N PRO A 201 -36.72 -8.20 -31.13
CA PRO A 201 -36.59 -9.59 -31.58
C PRO A 201 -37.58 -10.00 -32.66
N ASN A 202 -38.84 -9.57 -32.53
CA ASN A 202 -39.95 -9.94 -33.45
C ASN A 202 -39.68 -9.49 -34.88
N VAL A 203 -39.10 -8.29 -35.02
CA VAL A 203 -38.83 -7.69 -36.36
C VAL A 203 -37.56 -8.33 -36.91
N SER A 204 -36.61 -8.74 -36.09
CA SER A 204 -35.41 -9.43 -36.52
C SER A 204 -35.73 -10.82 -37.06
N ARG A 205 -36.60 -11.55 -36.36
CA ARG A 205 -37.04 -12.86 -36.85
C ARG A 205 -37.76 -12.73 -38.19
N THR A 206 -38.65 -11.74 -38.30
CA THR A 206 -39.37 -11.51 -39.55
C THR A 206 -38.40 -11.31 -40.71
N ILE A 207 -37.43 -10.46 -40.53
CA ILE A 207 -36.50 -10.08 -41.63
C ILE A 207 -35.57 -11.25 -41.90
N ALA A 208 -35.22 -12.05 -40.91
CA ALA A 208 -34.40 -13.23 -41.19
C ALA A 208 -35.15 -14.23 -42.06
N ARG A 209 -36.42 -14.49 -41.73
CA ARG A 209 -37.22 -15.38 -42.56
C ARG A 209 -37.37 -14.85 -43.97
N GLU A 210 -37.60 -13.56 -44.11
CA GLU A 210 -37.85 -12.94 -45.43
C GLU A 210 -36.53 -12.90 -46.21
N LEU A 211 -35.37 -12.84 -45.58
CA LEU A 211 -34.09 -12.97 -46.26
C LEU A 211 -33.86 -14.39 -46.74
N LYS A 212 -34.25 -15.38 -45.95
CA LYS A 212 -34.18 -16.76 -46.44
C LYS A 212 -35.04 -16.92 -47.69
N SER A 213 -36.24 -16.39 -47.69
CA SER A 213 -37.11 -16.39 -48.89
C SER A 213 -36.43 -15.68 -50.08
N PHE A 214 -35.75 -14.56 -49.87
CA PHE A 214 -35.07 -13.93 -50.99
C PHE A 214 -33.96 -14.82 -51.52
N LEU A 215 -33.18 -15.43 -50.62
CA LEU A 215 -32.08 -16.27 -51.05
C LEU A 215 -32.58 -17.44 -51.89
N LEU A 216 -33.64 -18.11 -51.45
CA LEU A 216 -34.00 -19.37 -52.11
C LEU A 216 -35.20 -19.27 -53.05
N GLU A 217 -35.58 -18.07 -53.50
CA GLU A 217 -36.71 -17.88 -54.45
C GLU A 217 -36.43 -16.83 -55.53
N TYR A 218 -35.20 -16.65 -56.00
CA TYR A 218 -34.97 -15.70 -57.09
C TYR A 218 -34.86 -16.41 -58.43
N THR A 219 -35.11 -15.64 -59.49
CA THR A 219 -35.09 -16.13 -60.86
C THR A 219 -34.82 -14.99 -61.83
N ASP A 220 -33.88 -15.21 -62.74
CA ASP A 220 -33.47 -14.19 -63.73
C ASP A 220 -34.51 -14.12 -64.83
N GLU A 221 -34.23 -13.40 -65.92
CA GLU A 221 -35.10 -13.37 -67.12
C GLU A 221 -35.41 -14.81 -67.48
N THR A 222 -34.39 -15.55 -67.88
CA THR A 222 -34.59 -16.94 -68.25
C THR A 222 -35.17 -17.73 -67.08
N GLY A 223 -34.77 -17.38 -65.87
CA GLY A 223 -35.20 -18.08 -64.66
C GLY A 223 -34.09 -18.77 -63.91
N ARG A 224 -32.88 -18.68 -64.41
CA ARG A 224 -31.73 -19.38 -63.78
C ARG A 224 -31.61 -18.96 -62.31
N SER A 225 -31.20 -19.83 -61.38
CA SER A 225 -30.99 -19.51 -59.98
C SER A 225 -29.73 -18.66 -59.83
N VAL A 226 -29.88 -17.34 -59.90
CA VAL A 226 -28.71 -16.47 -59.89
C VAL A 226 -27.88 -16.71 -58.63
N TYR A 227 -28.54 -16.89 -57.48
CA TYR A 227 -27.80 -17.11 -56.25
C TYR A 227 -27.53 -18.58 -56.00
N GLY A 228 -28.32 -19.48 -56.59
CA GLY A 228 -28.02 -20.90 -56.47
C GLY A 228 -26.68 -21.26 -57.07
N ALA A 229 -26.42 -20.80 -58.29
CA ALA A 229 -25.14 -21.07 -58.94
C ALA A 229 -23.98 -20.39 -58.23
N ARG A 230 -24.20 -19.19 -57.70
CA ARG A 230 -23.16 -18.53 -56.92
C ARG A 230 -22.84 -19.32 -55.65
N ILE A 231 -23.86 -19.85 -54.97
CA ILE A 231 -23.60 -20.67 -53.80
C ILE A 231 -22.99 -22.02 -54.16
N ARG A 232 -23.12 -22.56 -55.36
CA ARG A 232 -22.35 -23.80 -55.70
C ARG A 232 -20.93 -23.42 -56.13
N THR A 233 -20.67 -22.29 -56.81
CA THR A 233 -19.26 -21.93 -57.03
C THR A 233 -18.59 -21.49 -55.74
N LEU A 234 -19.37 -21.15 -54.71
CA LEU A 234 -18.80 -20.98 -53.38
C LEU A 234 -18.11 -22.25 -52.92
N GLY A 235 -18.67 -23.41 -53.24
CA GLY A 235 -18.11 -24.66 -52.77
C GLY A 235 -16.76 -24.98 -53.37
N GLU A 236 -16.61 -24.75 -54.67
CA GLU A 236 -15.41 -25.20 -55.37
C GLU A 236 -14.17 -24.46 -54.87
N MET A 237 -14.16 -23.13 -55.00
CA MET A 237 -13.04 -22.36 -54.47
C MET A 237 -13.09 -22.26 -52.95
N ASN A 238 -14.25 -22.51 -52.34
CA ASN A 238 -14.39 -22.52 -50.88
C ASN A 238 -14.23 -21.12 -50.29
N SER A 239 -14.81 -20.13 -50.98
CA SER A 239 -14.62 -18.74 -50.59
C SER A 239 -15.50 -18.41 -49.38
N GLU A 240 -15.19 -17.27 -48.76
CA GLU A 240 -15.86 -16.84 -47.55
C GLU A 240 -16.68 -15.56 -47.75
N SER A 241 -16.90 -15.15 -49.00
CA SER A 241 -17.59 -13.90 -49.29
C SER A 241 -18.64 -14.13 -50.38
N LEU A 242 -19.75 -13.43 -50.27
CA LEU A 242 -20.87 -13.56 -51.20
C LEU A 242 -21.25 -12.20 -51.75
N GLU A 243 -21.59 -12.18 -53.04
CA GLU A 243 -21.91 -10.94 -53.75
C GLU A 243 -23.42 -10.84 -53.91
N VAL A 244 -23.98 -9.70 -53.51
CA VAL A 244 -25.41 -9.45 -53.64
C VAL A 244 -25.59 -8.14 -54.40
N ASN A 245 -26.70 -8.05 -55.12
CA ASN A 245 -26.99 -6.91 -55.99
C ASN A 245 -28.18 -6.14 -55.40
N TYR A 246 -27.97 -4.85 -55.15
CA TYR A 246 -29.00 -4.01 -54.56
C TYR A 246 -30.21 -3.87 -55.45
N ARG A 247 -30.00 -3.93 -56.77
CA ARG A 247 -31.12 -3.81 -57.70
C ARG A 247 -32.14 -4.92 -57.51
N HIS A 248 -31.69 -6.16 -57.30
CA HIS A 248 -32.59 -7.28 -57.05
C HIS A 248 -33.36 -7.14 -55.74
N LEU A 249 -32.69 -6.70 -54.68
CA LEU A 249 -33.35 -6.51 -53.40
C LEU A 249 -34.33 -5.34 -53.41
N ALA A 250 -34.09 -4.32 -54.22
CA ALA A 250 -35.08 -3.28 -54.46
C ALA A 250 -36.23 -3.76 -55.33
N GLU A 251 -35.93 -4.64 -56.29
CA GLU A 251 -36.96 -5.26 -57.12
C GLU A 251 -37.95 -6.04 -56.26
N SER A 252 -37.44 -6.91 -55.39
CA SER A 252 -38.30 -7.80 -54.63
C SER A 252 -38.96 -7.09 -53.45
N LYS A 253 -38.15 -6.61 -52.51
CA LYS A 253 -38.66 -6.21 -51.20
C LYS A 253 -38.04 -4.86 -50.83
N ALA A 254 -38.86 -3.81 -50.77
CA ALA A 254 -38.37 -2.44 -50.71
C ALA A 254 -38.04 -1.96 -49.31
N ILE A 255 -38.82 -2.35 -48.30
CA ILE A 255 -38.52 -1.91 -46.94
C ILE A 255 -37.14 -2.41 -46.52
N LEU A 256 -36.75 -3.60 -46.96
CA LEU A 256 -35.40 -4.09 -46.70
C LEU A 256 -34.36 -3.17 -47.32
N ALA A 257 -34.61 -2.68 -48.53
CA ALA A 257 -33.67 -1.76 -49.18
C ALA A 257 -33.56 -0.45 -48.41
N LEU A 258 -34.69 0.08 -47.94
CA LEU A 258 -34.62 1.31 -47.13
C LEU A 258 -33.82 1.09 -45.85
N PHE A 259 -34.06 -0.02 -45.15
CA PHE A 259 -33.29 -0.30 -43.94
C PHE A 259 -31.82 -0.54 -44.24
N LEU A 260 -31.51 -1.13 -45.39
CA LEU A 260 -30.12 -1.28 -45.80
C LEU A 260 -29.46 0.07 -46.03
N ALA A 261 -30.19 1.01 -46.62
CA ALA A 261 -29.65 2.35 -46.79
C ALA A 261 -29.43 3.07 -45.46
N LYS A 262 -30.36 2.93 -44.52
CA LYS A 262 -30.31 3.77 -43.32
C LYS A 262 -29.47 3.17 -42.20
N CYS A 263 -29.67 1.90 -41.87
CA CYS A 263 -28.96 1.26 -40.78
C CYS A 263 -28.29 -0.02 -41.26
N PRO A 264 -27.29 0.08 -42.14
CA PRO A 264 -26.68 -1.14 -42.68
C PRO A 264 -25.99 -2.01 -41.63
N GLU A 265 -25.46 -1.42 -40.55
CA GLU A 265 -24.68 -2.18 -39.60
C GLU A 265 -25.52 -3.30 -38.96
N GLU A 266 -26.74 -2.97 -38.54
CA GLU A 266 -27.60 -3.99 -37.94
C GLU A 266 -28.07 -5.00 -38.97
N MET A 267 -28.39 -4.54 -40.18
CA MET A 267 -28.88 -5.43 -41.22
C MET A 267 -27.86 -6.48 -41.64
N LEU A 268 -26.59 -6.11 -41.74
CA LEU A 268 -25.58 -6.99 -42.30
C LEU A 268 -25.29 -8.20 -41.43
N LYS A 269 -25.34 -8.08 -40.10
CA LYS A 269 -25.17 -9.26 -39.25
C LYS A 269 -26.24 -10.30 -39.52
N ILE A 270 -27.48 -9.83 -39.64
CA ILE A 270 -28.69 -10.68 -39.83
C ILE A 270 -28.52 -11.34 -41.19
N PHE A 271 -28.09 -10.60 -42.17
CA PHE A 271 -27.97 -11.03 -43.58
C PHE A 271 -26.84 -12.03 -43.73
N ASP A 272 -25.80 -11.91 -42.89
CA ASP A 272 -24.62 -12.80 -42.93
C ASP A 272 -24.95 -14.13 -42.24
N LEU A 273 -25.75 -14.12 -41.19
CA LEU A 273 -26.20 -15.37 -40.59
C LEU A 273 -27.11 -16.13 -41.54
N VAL A 274 -28.02 -15.41 -42.20
CA VAL A 274 -28.92 -16.04 -43.17
C VAL A 274 -28.11 -16.70 -44.29
N ALA A 275 -27.11 -16.01 -44.80
CA ALA A 275 -26.28 -16.59 -45.88
C ALA A 275 -25.58 -17.85 -45.41
N MET A 276 -25.02 -17.83 -44.19
CA MET A 276 -24.29 -19.00 -43.71
C MET A 276 -25.21 -20.20 -43.58
N GLU A 277 -26.41 -19.99 -43.01
CA GLU A 277 -27.35 -21.09 -42.89
C GLU A 277 -27.77 -21.63 -44.25
N ALA A 278 -28.05 -20.74 -45.20
CA ALA A 278 -28.43 -21.18 -46.53
C ALA A 278 -27.32 -22.00 -47.18
N THR A 279 -26.07 -21.56 -47.03
CA THR A 279 -24.96 -22.30 -47.60
C THR A 279 -24.86 -23.70 -46.99
N GLU A 280 -24.92 -23.79 -45.66
CA GLU A 280 -24.92 -25.11 -45.04
C GLU A 280 -26.04 -25.98 -45.56
N LEU A 281 -27.19 -25.39 -45.88
CA LEU A 281 -28.31 -26.17 -46.38
C LEU A 281 -28.00 -26.86 -47.71
N HIS A 282 -27.00 -26.37 -48.47
CA HIS A 282 -26.56 -26.91 -49.79
C HIS A 282 -25.14 -27.54 -49.73
N TYR A 283 -24.28 -27.28 -48.73
CA TYR A 283 -22.92 -27.88 -48.61
C TYR A 283 -22.73 -28.30 -47.16
N PRO A 284 -22.99 -29.54 -46.72
CA PRO A 284 -22.92 -29.89 -45.28
C PRO A 284 -21.49 -29.78 -44.74
N ASP A 285 -21.25 -29.49 -43.47
CA ASP A 285 -19.86 -29.50 -42.90
C ASP A 285 -18.95 -28.44 -43.53
N TYR A 286 -19.49 -27.36 -44.08
CA TYR A 286 -18.71 -26.22 -44.62
C TYR A 286 -18.43 -25.24 -43.48
N ALA A 287 -18.95 -25.45 -42.28
CA ALA A 287 -18.75 -24.57 -41.11
C ALA A 287 -17.36 -24.83 -40.56
N ARG A 288 -16.71 -25.88 -41.03
CA ARG A 288 -15.35 -26.23 -40.62
C ARG A 288 -14.45 -25.56 -41.63
N ILE A 289 -14.62 -25.80 -42.91
CA ILE A 289 -13.71 -25.23 -43.96
C ILE A 289 -13.86 -23.72 -43.89
N HIS A 290 -14.94 -23.17 -43.35
CA HIS A 290 -15.05 -21.74 -43.12
C HIS A 290 -16.17 -21.46 -42.14
N SER A 291 -15.96 -20.49 -41.25
CA SER A 291 -16.81 -20.28 -40.09
C SER A 291 -17.74 -19.08 -40.21
N GLU A 292 -17.70 -18.34 -41.32
CA GLU A 292 -18.55 -17.18 -41.46
C GLU A 292 -18.49 -16.69 -42.89
N ILE A 293 -19.63 -16.29 -43.45
CA ILE A 293 -19.74 -15.83 -44.82
C ILE A 293 -20.05 -14.34 -44.81
N HIS A 294 -19.32 -13.58 -45.60
CA HIS A 294 -19.43 -12.12 -45.62
C HIS A 294 -20.25 -11.68 -46.82
N VAL A 295 -21.13 -10.72 -46.60
CA VAL A 295 -21.97 -10.17 -47.66
C VAL A 295 -21.36 -8.86 -48.14
N ARG A 296 -21.28 -8.70 -49.44
CA ARG A 296 -20.79 -7.47 -50.05
C ARG A 296 -21.83 -7.02 -51.08
N ILE A 297 -22.38 -5.82 -50.89
CA ILE A 297 -23.35 -5.29 -51.83
C ILE A 297 -22.62 -4.76 -53.05
N SER A 298 -23.14 -5.09 -54.23
CA SER A 298 -22.43 -4.79 -55.47
C SER A 298 -22.83 -3.45 -56.05
N ASP A 299 -24.10 -3.27 -56.38
CA ASP A 299 -24.54 -2.02 -56.98
C ASP A 299 -25.32 -1.18 -55.96
N PHE A 300 -25.35 0.13 -56.18
CA PHE A 300 -25.97 1.06 -55.25
C PHE A 300 -26.11 2.39 -55.95
N PRO A 301 -27.30 3.01 -55.96
CA PRO A 301 -27.52 4.15 -56.85
C PRO A 301 -26.61 5.36 -56.65
N THR A 302 -26.59 5.93 -55.45
CA THR A 302 -26.04 7.26 -55.25
C THR A 302 -24.52 7.21 -55.11
N ILE A 303 -23.82 8.03 -55.89
CA ILE A 303 -22.36 8.06 -55.92
C ILE A 303 -21.92 9.48 -55.56
N TYR A 304 -21.07 9.59 -54.54
CA TYR A 304 -20.65 10.87 -54.00
C TYR A 304 -19.19 11.14 -54.34
N SER A 305 -18.84 12.42 -54.41
CA SER A 305 -17.45 12.83 -54.33
C SER A 305 -17.11 13.16 -52.88
N LEU A 306 -15.81 13.11 -52.57
CA LEU A 306 -15.38 13.27 -51.19
C LEU A 306 -15.71 14.63 -50.60
N ARG A 307 -15.93 15.65 -51.42
CA ARG A 307 -16.16 17.00 -50.93
C ARG A 307 -17.64 17.27 -50.64
N GLU A 308 -18.54 16.42 -51.11
CA GLU A 308 -19.97 16.64 -50.90
C GLU A 308 -20.46 16.14 -49.54
N LEU A 309 -19.69 15.30 -48.85
CA LEU A 309 -20.18 14.66 -47.65
C LEU A 309 -20.43 15.68 -46.54
N ARG A 310 -21.51 15.49 -45.80
CA ARG A 310 -21.81 16.36 -44.65
C ARG A 310 -22.24 15.53 -43.44
N GLU A 311 -22.67 16.20 -42.37
CA GLU A 311 -23.04 15.52 -41.15
C GLU A 311 -24.41 14.85 -41.24
N SER A 312 -25.14 15.08 -42.33
CA SER A 312 -26.39 14.34 -42.54
C SER A 312 -26.12 12.93 -43.05
N ASN A 313 -24.89 12.64 -43.47
CA ASN A 313 -24.53 11.35 -44.03
C ASN A 313 -23.92 10.39 -43.01
N LEU A 314 -23.94 10.73 -41.73
CA LEU A 314 -23.25 9.94 -40.72
C LEU A 314 -24.02 8.66 -40.43
N SER A 315 -23.33 7.56 -40.27
CA SER A 315 -23.91 6.20 -40.03
C SER A 315 -24.87 5.82 -41.16
N SER A 316 -24.43 5.88 -42.42
CA SER A 316 -25.29 5.57 -43.57
C SER A 316 -24.43 4.88 -44.61
N LEU A 317 -25.09 4.23 -45.57
CA LEU A 317 -24.38 3.55 -46.64
C LEU A 317 -24.06 4.54 -47.74
N VAL A 318 -22.81 4.52 -48.21
CA VAL A 318 -22.32 5.46 -49.20
C VAL A 318 -21.52 4.71 -50.25
N ARG A 319 -21.35 5.36 -51.40
CA ARG A 319 -20.51 4.86 -52.49
C ARG A 319 -19.71 6.03 -53.04
N VAL A 320 -18.39 5.88 -53.11
CA VAL A 320 -17.51 6.98 -53.45
C VAL A 320 -16.47 6.54 -54.48
N THR A 321 -15.88 7.53 -55.15
CA THR A 321 -14.77 7.34 -56.06
C THR A 321 -13.55 8.07 -55.51
N GLY A 322 -12.39 7.75 -56.07
CA GLY A 322 -11.16 8.39 -55.64
C GLY A 322 -9.94 7.65 -56.16
N VAL A 323 -8.78 8.11 -55.69
CA VAL A 323 -7.50 7.54 -56.08
C VAL A 323 -6.75 7.15 -54.81
N VAL A 324 -6.06 6.03 -54.86
CA VAL A 324 -5.36 5.48 -53.70
C VAL A 324 -3.96 6.08 -53.65
N THR A 325 -3.65 6.76 -52.54
CA THR A 325 -2.37 7.45 -52.39
C THR A 325 -1.45 6.82 -51.36
N ARG A 326 -1.98 6.15 -50.35
CA ARG A 326 -1.15 5.49 -49.35
C ARG A 326 -1.75 4.15 -48.97
N ARG A 327 -0.92 3.28 -48.44
CA ARG A 327 -1.31 1.95 -48.03
C ARG A 327 -0.45 1.50 -46.86
N THR A 328 -1.07 0.78 -45.93
CA THR A 328 -0.35 0.21 -44.79
C THR A 328 -0.23 -1.30 -44.95
N GLY A 329 0.48 -1.93 -44.01
CA GLY A 329 0.65 -3.36 -44.00
C GLY A 329 -0.54 -4.06 -43.36
N VAL A 330 -0.43 -5.39 -43.32
CA VAL A 330 -1.51 -6.21 -42.79
C VAL A 330 -1.26 -6.44 -41.30
N PHE A 331 -2.15 -5.93 -40.46
CA PHE A 331 -2.09 -6.16 -39.03
C PHE A 331 -3.22 -7.09 -38.59
N PRO A 332 -3.01 -7.93 -37.58
CA PRO A 332 -4.10 -8.77 -37.08
C PRO A 332 -4.98 -8.05 -36.06
N GLN A 333 -6.27 -8.38 -36.11
CA GLN A 333 -7.27 -7.83 -35.21
C GLN A 333 -7.97 -8.97 -34.47
N LEU A 334 -8.34 -8.71 -33.23
CA LEU A 334 -8.92 -9.75 -32.38
C LEU A 334 -10.32 -10.14 -32.87
N LYS A 335 -10.56 -11.44 -33.01
CA LYS A 335 -11.87 -11.94 -33.43
C LYS A 335 -12.52 -12.82 -32.37
N TYR A 336 -11.86 -13.88 -31.92
CA TYR A 336 -12.38 -14.77 -30.87
C TYR A 336 -11.34 -14.82 -29.76
N VAL A 337 -11.64 -14.15 -28.65
CA VAL A 337 -10.65 -13.83 -27.62
C VAL A 337 -10.81 -14.76 -26.43
N LYS A 338 -9.68 -15.26 -25.91
CA LYS A 338 -9.65 -16.10 -24.73
C LYS A 338 -8.84 -15.43 -23.63
N PHE A 339 -9.36 -15.45 -22.41
CA PHE A 339 -8.79 -14.75 -21.28
C PHE A 339 -8.25 -15.74 -20.26
N ASN A 340 -7.24 -15.31 -19.51
CA ASN A 340 -6.68 -16.11 -18.43
C ASN A 340 -7.09 -15.52 -17.09
N CYS A 341 -7.39 -16.34 -16.10
CA CYS A 341 -7.65 -15.89 -14.72
C CYS A 341 -6.33 -16.15 -14.01
N LEU A 342 -5.64 -15.15 -13.50
CA LEU A 342 -4.28 -15.30 -12.94
C LEU A 342 -4.31 -15.74 -11.47
N LYS A 343 -5.39 -16.28 -10.95
CA LYS A 343 -5.49 -16.87 -9.59
C LYS A 343 -5.63 -18.40 -9.70
N CYS A 344 -6.50 -18.91 -10.58
CA CYS A 344 -6.84 -20.34 -10.77
C CYS A 344 -6.39 -20.86 -12.13
N GLY A 345 -5.68 -20.08 -12.93
CA GLY A 345 -5.11 -20.48 -14.23
C GLY A 345 -6.14 -21.16 -15.09
N SER A 346 -7.18 -20.47 -15.53
CA SER A 346 -8.24 -21.05 -16.40
C SER A 346 -8.32 -20.27 -17.71
N ILE A 347 -8.79 -20.89 -18.78
CA ILE A 347 -8.96 -20.23 -20.11
C ILE A 347 -10.47 -20.00 -20.29
N LEU A 348 -10.93 -18.74 -20.30
CA LEU A 348 -12.34 -18.42 -20.46
C LEU A 348 -12.69 -18.36 -21.95
N GLY A 349 -13.87 -18.86 -22.29
CA GLY A 349 -14.19 -19.27 -23.64
C GLY A 349 -14.32 -18.14 -24.64
N PRO A 350 -14.59 -18.52 -25.89
CA PRO A 350 -14.66 -17.52 -26.97
C PRO A 350 -15.59 -16.35 -26.69
N PHE A 351 -15.07 -15.14 -26.86
CA PHE A 351 -15.84 -13.91 -26.80
C PHE A 351 -15.60 -13.15 -28.10
N PHE A 352 -16.64 -12.46 -28.57
CA PHE A 352 -16.63 -11.87 -29.91
C PHE A 352 -16.29 -10.39 -29.83
N GLN A 353 -15.60 -9.90 -30.86
CA GLN A 353 -15.15 -8.51 -30.94
C GLN A 353 -15.93 -7.80 -32.04
N ASP A 354 -16.48 -6.63 -31.71
CA ASP A 354 -17.52 -6.03 -32.53
C ASP A 354 -16.96 -5.06 -33.56
N SER A 355 -15.67 -4.74 -33.46
CA SER A 355 -15.04 -3.75 -34.33
C SER A 355 -15.45 -2.33 -33.95
N ASN A 356 -15.93 -2.14 -32.71
CA ASN A 356 -16.24 -0.82 -32.20
C ASN A 356 -15.38 -0.46 -31.00
N GLU A 357 -15.36 -1.28 -29.95
CA GLU A 357 -14.60 -0.97 -28.75
C GLU A 357 -14.12 -2.27 -28.12
N GLU A 358 -13.01 -2.20 -27.40
CA GLU A 358 -12.38 -3.39 -26.86
C GLU A 358 -13.24 -4.01 -25.76
N ILE A 359 -13.24 -5.34 -25.70
CA ILE A 359 -14.07 -6.08 -24.77
C ILE A 359 -13.24 -6.51 -23.57
N ARG A 360 -13.82 -6.40 -22.38
CA ARG A 360 -13.15 -6.77 -21.14
C ARG A 360 -14.12 -7.57 -20.27
N ILE A 361 -13.60 -8.59 -19.58
CA ILE A 361 -14.41 -9.45 -18.74
C ILE A 361 -14.19 -9.07 -17.28
N SER A 362 -15.07 -9.57 -16.42
CA SER A 362 -15.04 -9.20 -15.01
C SER A 362 -15.27 -10.34 -14.03
N PHE A 363 -15.67 -11.54 -14.46
CA PHE A 363 -16.05 -12.59 -13.52
C PHE A 363 -15.47 -13.93 -13.95
N CYS A 364 -14.83 -14.67 -13.03
CA CYS A 364 -14.32 -16.06 -13.24
C CYS A 364 -15.39 -17.02 -12.75
N THR A 365 -15.89 -17.91 -13.57
CA THR A 365 -16.97 -18.81 -13.19
C THR A 365 -16.49 -19.91 -12.25
N ASN A 366 -15.27 -20.40 -12.35
CA ASN A 366 -14.71 -21.48 -11.50
C ASN A 366 -14.34 -20.98 -10.10
N CYS A 367 -13.56 -19.91 -9.92
CA CYS A 367 -13.06 -19.39 -8.62
C CYS A 367 -13.88 -18.19 -8.17
N LYS A 368 -14.70 -17.55 -8.99
CA LYS A 368 -15.68 -16.51 -8.57
C LYS A 368 -14.88 -15.28 -8.13
N SER A 369 -14.23 -14.58 -9.06
CA SER A 369 -13.30 -13.46 -8.78
C SER A 369 -13.46 -12.33 -9.79
N LYS A 370 -12.99 -11.13 -9.51
CA LYS A 370 -12.94 -10.03 -10.52
C LYS A 370 -11.49 -9.63 -10.61
N GLY A 371 -10.56 -10.55 -10.47
CA GLY A 371 -9.14 -10.20 -10.34
C GLY A 371 -8.50 -9.85 -11.63
N PRO A 372 -7.17 -9.80 -11.69
CA PRO A 372 -6.51 -9.57 -12.96
C PRO A 372 -6.93 -10.59 -14.05
N PHE A 373 -7.02 -10.19 -15.31
CA PHE A 373 -7.38 -11.06 -16.46
C PHE A 373 -6.56 -10.65 -17.71
N ARG A 374 -5.94 -11.53 -18.51
CA ARG A 374 -5.08 -11.22 -19.64
C ARG A 374 -5.43 -12.11 -20.82
N VAL A 375 -5.25 -11.56 -22.01
CA VAL A 375 -5.67 -12.23 -23.24
C VAL A 375 -4.65 -13.31 -23.61
N ASN A 376 -5.14 -14.48 -24.00
CA ASN A 376 -4.28 -15.58 -24.41
C ASN A 376 -4.00 -15.45 -25.90
N GLY A 377 -2.79 -14.99 -26.23
CA GLY A 377 -2.46 -14.79 -27.63
C GLY A 377 -2.46 -16.09 -28.43
N GLU A 378 -2.04 -17.18 -27.80
CA GLU A 378 -1.89 -18.44 -28.54
C GLU A 378 -3.25 -19.03 -28.94
N LYS A 379 -4.26 -18.91 -28.08
CA LYS A 379 -5.55 -19.54 -28.31
C LYS A 379 -6.56 -18.60 -28.97
N THR A 380 -6.13 -17.41 -29.37
CA THR A 380 -7.00 -16.42 -29.99
C THR A 380 -6.96 -16.57 -31.51
N VAL A 381 -8.06 -16.18 -32.15
CA VAL A 381 -8.17 -16.17 -33.61
C VAL A 381 -8.33 -14.73 -34.06
N TYR A 382 -7.61 -14.35 -35.10
CA TYR A 382 -7.47 -12.96 -35.50
C TYR A 382 -8.06 -12.72 -36.88
N ARG A 383 -8.06 -11.45 -37.27
CA ARG A 383 -8.68 -10.98 -38.50
C ARG A 383 -7.73 -10.03 -39.21
N ASN A 384 -7.89 -9.91 -40.53
CA ASN A 384 -7.03 -9.08 -41.36
C ASN A 384 -7.48 -7.63 -41.35
N TYR A 385 -6.50 -6.71 -41.31
CA TYR A 385 -6.76 -5.29 -41.15
C TYR A 385 -5.79 -4.48 -42.01
N GLN A 386 -6.30 -3.42 -42.65
CA GLN A 386 -5.48 -2.55 -43.48
C GLN A 386 -6.20 -1.21 -43.65
N ARG A 387 -5.43 -0.13 -43.80
CA ARG A 387 -5.97 1.22 -43.94
C ARG A 387 -5.43 1.88 -45.21
N VAL A 388 -6.28 2.69 -45.84
CA VAL A 388 -5.98 3.31 -47.13
C VAL A 388 -6.47 4.75 -47.11
N THR A 389 -5.82 5.60 -47.90
CA THR A 389 -6.16 7.01 -48.04
C THR A 389 -6.67 7.27 -49.45
N LEU A 390 -7.87 7.83 -49.56
CA LEU A 390 -8.51 8.10 -50.84
C LEU A 390 -8.53 9.59 -51.10
N GLN A 391 -8.11 9.99 -52.29
CA GLN A 391 -8.03 11.37 -52.70
C GLN A 391 -8.92 11.60 -53.91
N GLU A 392 -9.52 12.77 -53.98
CA GLU A 392 -10.32 13.13 -55.15
C GLU A 392 -9.44 13.08 -56.40
N ALA A 393 -9.95 12.46 -57.45
CA ALA A 393 -9.21 12.40 -58.70
C ALA A 393 -8.98 13.82 -59.21
N PRO A 394 -7.76 14.17 -59.61
CA PRO A 394 -7.48 15.57 -59.96
C PRO A 394 -8.39 16.12 -61.07
N GLY A 395 -8.73 15.28 -62.04
CA GLY A 395 -9.50 15.73 -63.18
C GLY A 395 -10.83 16.36 -62.85
N THR A 396 -11.54 15.80 -61.86
CA THR A 396 -12.90 16.22 -61.57
C THR A 396 -12.99 17.47 -60.71
N VAL A 397 -11.91 17.88 -60.06
CA VAL A 397 -11.95 18.97 -59.08
C VAL A 397 -12.33 20.27 -59.79
N PRO A 398 -13.33 21.01 -59.31
CA PRO A 398 -13.72 22.25 -59.98
C PRO A 398 -12.60 23.28 -59.92
N PRO A 399 -12.50 24.18 -60.91
CA PRO A 399 -11.37 25.11 -60.94
C PRO A 399 -11.23 25.93 -59.68
N GLY A 400 -9.99 26.07 -59.20
CA GLY A 400 -9.65 26.94 -58.10
C GLY A 400 -9.60 26.27 -56.75
N ARG A 401 -10.24 25.11 -56.61
CA ARG A 401 -10.29 24.41 -55.34
C ARG A 401 -9.29 23.26 -55.33
N LEU A 402 -9.08 22.71 -54.14
CA LEU A 402 -8.10 21.67 -53.91
C LEU A 402 -8.78 20.32 -53.65
N PRO A 403 -8.11 19.21 -53.97
CA PRO A 403 -8.71 17.91 -53.68
C PRO A 403 -8.84 17.64 -52.19
N ARG A 404 -9.90 16.94 -51.82
CA ARG A 404 -10.13 16.50 -50.46
C ARG A 404 -9.78 15.02 -50.34
N HIS A 405 -9.70 14.54 -49.10
CA HIS A 405 -9.27 13.17 -48.85
C HIS A 405 -10.05 12.58 -47.67
N ARG A 406 -10.07 11.25 -47.62
CA ARG A 406 -10.68 10.51 -46.53
C ARG A 406 -9.94 9.19 -46.33
N GLU A 407 -10.21 8.54 -45.20
CA GLU A 407 -9.56 7.30 -44.82
C GLU A 407 -10.53 6.13 -44.88
N VAL A 408 -10.02 4.96 -45.26
CA VAL A 408 -10.83 3.77 -45.50
C VAL A 408 -10.18 2.59 -44.77
N ILE A 409 -11.01 1.75 -44.15
CA ILE A 409 -10.55 0.60 -43.38
C ILE A 409 -11.10 -0.67 -44.04
N LEU A 410 -10.20 -1.60 -44.38
CA LEU A 410 -10.55 -2.84 -45.06
C LEU A 410 -10.27 -4.02 -44.15
N LEU A 411 -11.23 -4.95 -44.07
CA LEU A 411 -11.17 -6.12 -43.17
C LEU A 411 -11.33 -7.45 -43.91
N ALA A 412 -10.50 -8.45 -43.63
CA ALA A 412 -10.57 -9.86 -44.10
C ALA A 412 -10.14 -10.02 -45.57
N ASP A 413 -10.98 -10.52 -46.45
CA ASP A 413 -10.57 -10.82 -47.85
C ASP A 413 -10.35 -9.52 -48.67
N LEU A 414 -10.56 -8.32 -48.14
CA LEU A 414 -10.38 -7.12 -48.93
C LEU A 414 -8.98 -6.53 -48.84
N VAL A 415 -8.11 -7.10 -48.03
CA VAL A 415 -6.77 -6.53 -47.81
C VAL A 415 -5.90 -6.81 -49.02
N ASP A 416 -5.12 -5.81 -49.42
CA ASP A 416 -4.18 -5.94 -50.53
C ASP A 416 -4.88 -6.25 -51.85
N VAL A 417 -5.74 -5.35 -52.31
CA VAL A 417 -6.39 -5.47 -53.61
C VAL A 417 -5.98 -4.32 -54.52
N SER A 418 -6.05 -3.10 -54.04
CA SER A 418 -5.76 -1.91 -54.84
C SER A 418 -4.39 -1.37 -54.43
N LYS A 419 -3.45 -1.40 -55.35
CA LYS A 419 -2.13 -0.84 -55.07
C LYS A 419 -2.13 0.67 -55.27
N PRO A 420 -1.20 1.39 -54.65
CA PRO A 420 -1.21 2.86 -54.77
C PRO A 420 -1.13 3.29 -56.22
N GLY A 421 -1.91 4.31 -56.56
CA GLY A 421 -1.92 4.88 -57.90
C GLY A 421 -3.10 4.50 -58.75
N GLU A 422 -4.09 3.76 -58.24
CA GLU A 422 -5.22 3.31 -59.05
C GLU A 422 -6.51 3.98 -58.60
N GLU A 423 -7.51 3.92 -59.48
CA GLU A 423 -8.82 4.51 -59.23
C GLU A 423 -9.79 3.39 -58.87
N VAL A 424 -10.53 3.59 -57.77
CA VAL A 424 -11.33 2.54 -57.17
C VAL A 424 -12.73 3.05 -56.88
N GLU A 425 -13.70 2.17 -56.64
CA GLU A 425 -15.10 2.50 -56.24
C GLU A 425 -15.35 1.74 -54.92
N VAL A 426 -15.75 2.42 -53.87
CA VAL A 426 -15.84 1.93 -52.50
C VAL A 426 -17.29 2.02 -52.04
N THR A 427 -17.79 0.92 -51.47
CA THR A 427 -19.11 0.90 -50.84
C THR A 427 -18.93 0.59 -49.35
N GLY A 428 -19.43 1.48 -48.50
CA GLY A 428 -19.16 1.34 -47.09
C GLY A 428 -20.02 2.26 -46.23
N ILE A 429 -19.60 2.42 -44.98
CA ILE A 429 -20.36 3.13 -43.96
C ILE A 429 -19.54 4.31 -43.47
N TYR A 430 -20.20 5.44 -43.24
CA TYR A 430 -19.56 6.69 -42.87
C TYR A 430 -19.72 6.90 -41.36
N LYS A 431 -18.59 6.97 -40.64
CA LYS A 431 -18.61 6.92 -39.19
C LYS A 431 -17.75 8.03 -38.59
N ASN A 432 -17.93 8.25 -37.29
CA ASN A 432 -17.09 9.17 -36.52
C ASN A 432 -16.07 8.37 -35.73
N ASN A 433 -14.82 8.84 -35.73
CA ASN A 433 -13.84 8.35 -34.77
C ASN A 433 -14.18 8.93 -33.40
N TYR A 434 -14.60 8.13 -32.45
CA TYR A 434 -14.81 8.60 -31.05
C TYR A 434 -13.39 8.84 -30.54
N ASP A 435 -12.77 9.92 -30.99
CA ASP A 435 -11.38 10.37 -30.75
C ASP A 435 -10.80 9.85 -29.45
N GLY A 436 -11.20 10.48 -28.38
CA GLY A 436 -10.68 10.25 -27.06
C GLY A 436 -11.46 11.00 -26.01
N ASN A 437 -10.72 11.70 -25.17
CA ASN A 437 -11.31 12.45 -24.06
C ASN A 437 -11.71 13.78 -24.65
N LEU A 438 -13.00 14.06 -24.77
CA LEU A 438 -13.39 15.39 -25.20
C LEU A 438 -13.09 16.45 -24.15
N ASN A 439 -12.90 16.05 -22.89
CA ASN A 439 -12.38 16.98 -21.91
C ASN A 439 -10.98 17.43 -22.34
N ALA A 440 -10.44 18.42 -21.65
CA ALA A 440 -9.23 19.10 -22.11
C ALA A 440 -9.54 19.55 -23.54
N LYS A 441 -8.65 19.32 -24.50
CA LYS A 441 -8.92 19.63 -25.90
C LYS A 441 -9.66 20.96 -26.04
N ASN A 442 -9.12 22.02 -25.47
CA ASN A 442 -9.82 23.30 -25.50
C ASN A 442 -9.98 23.76 -26.94
N GLY A 443 -11.07 24.48 -27.17
CA GLY A 443 -11.49 24.86 -28.51
C GLY A 443 -12.84 24.28 -28.83
N PHE A 444 -13.24 24.47 -30.08
CA PHE A 444 -14.55 24.01 -30.50
C PHE A 444 -14.60 22.49 -30.52
N PRO A 445 -15.76 21.90 -30.20
CA PRO A 445 -15.86 20.43 -30.19
C PRO A 445 -16.11 19.82 -31.57
N VAL A 446 -15.04 19.56 -32.31
CA VAL A 446 -15.11 19.00 -33.66
C VAL A 446 -14.75 17.52 -33.61
N PHE A 447 -15.24 16.76 -34.59
CA PHE A 447 -15.03 15.32 -34.66
C PHE A 447 -14.46 14.93 -36.01
N ALA A 448 -13.79 13.78 -36.06
CA ALA A 448 -13.18 13.25 -37.26
C ALA A 448 -13.94 12.04 -37.77
N THR A 449 -13.81 11.75 -39.06
CA THR A 449 -14.63 10.75 -39.74
C THR A 449 -13.77 9.77 -40.52
N ILE A 450 -14.30 8.56 -40.71
CA ILE A 450 -13.67 7.51 -41.49
C ILE A 450 -14.74 6.80 -42.31
N ILE A 451 -14.28 5.90 -43.19
CA ILE A 451 -15.15 5.04 -43.99
C ILE A 451 -14.74 3.60 -43.74
N GLU A 452 -15.72 2.75 -43.44
CA GLU A 452 -15.50 1.32 -43.22
C GLU A 452 -16.05 0.57 -44.43
N ALA A 453 -15.20 -0.22 -45.07
CA ALA A 453 -15.45 -0.69 -46.43
C ALA A 453 -16.27 -1.97 -46.45
N ASN A 454 -16.92 -2.20 -47.58
CA ASN A 454 -17.72 -3.41 -47.81
C ASN A 454 -17.36 -4.04 -49.14
N SER A 455 -16.95 -3.24 -50.12
CA SER A 455 -16.64 -3.76 -51.44
C SER A 455 -15.74 -2.76 -52.18
N ILE A 456 -14.78 -3.28 -52.94
CA ILE A 456 -13.86 -2.47 -53.72
C ILE A 456 -13.77 -3.07 -55.12
N LYS A 457 -13.83 -2.22 -56.13
CA LYS A 457 -13.68 -2.63 -57.52
C LYS A 457 -12.91 -1.59 -58.31
N ARG A 458 -12.30 -2.02 -59.40
CA ARG A 458 -11.46 -1.17 -60.23
C ARG A 458 -12.27 -0.53 -61.35
N ARG A 459 -12.13 0.75 -61.56
CA ARG A 459 -12.89 1.47 -62.60
C ARG A 459 -11.91 2.02 -63.63
N VAL A 473 -3.71 -8.56 -68.55
CA VAL A 473 -2.92 -9.56 -67.85
C VAL A 473 -2.20 -10.43 -68.87
N PHE A 474 -1.15 -11.12 -68.44
CA PHE A 474 -0.32 -11.91 -69.33
C PHE A 474 -0.54 -13.41 -69.23
N SER A 475 -1.19 -13.89 -68.17
CA SER A 475 -1.44 -15.31 -68.05
C SER A 475 -2.30 -15.81 -69.20
N TRP A 476 -1.96 -16.98 -69.72
CA TRP A 476 -2.64 -17.56 -70.87
C TRP A 476 -3.31 -18.86 -70.47
N THR A 477 -3.86 -19.55 -71.47
CA THR A 477 -4.64 -20.76 -71.22
C THR A 477 -4.55 -21.66 -72.45
N GLU A 478 -5.06 -22.89 -72.35
CA GLU A 478 -4.91 -23.89 -73.44
C GLU A 478 -5.80 -23.51 -74.61
N GLU A 479 -6.72 -22.59 -74.42
CA GLU A 479 -7.52 -22.07 -75.55
C GLU A 479 -6.60 -21.28 -76.45
N GLU A 480 -5.75 -20.42 -75.92
CA GLU A 480 -4.94 -19.52 -76.73
C GLU A 480 -3.62 -20.12 -77.18
N GLU A 481 -3.21 -21.26 -76.61
CA GLU A 481 -1.92 -21.83 -76.96
C GLU A 481 -1.89 -22.34 -78.40
N ARG A 482 -2.98 -22.95 -78.84
CA ARG A 482 -3.07 -23.50 -80.22
C ARG A 482 -3.25 -22.33 -81.19
N GLU A 483 -3.78 -21.18 -80.75
CA GLU A 483 -3.80 -19.99 -81.59
C GLU A 483 -2.41 -19.39 -81.73
N PHE A 484 -1.63 -19.36 -80.64
CA PHE A 484 -0.23 -19.00 -80.74
C PHE A 484 0.45 -19.83 -81.82
N ARG A 485 0.40 -21.16 -81.66
CA ARG A 485 1.10 -22.03 -82.60
C ARG A 485 0.60 -21.83 -84.03
N LYS A 486 -0.69 -21.54 -84.20
CA LYS A 486 -1.23 -21.32 -85.53
C LYS A 486 -0.65 -20.06 -86.15
N ILE A 487 -0.68 -18.95 -85.43
CA ILE A 487 -0.11 -17.72 -85.97
C ILE A 487 1.38 -17.90 -86.24
N SER A 488 2.05 -18.77 -85.50
CA SER A 488 3.49 -18.96 -85.70
C SER A 488 3.82 -19.65 -87.02
N ARG A 489 2.87 -20.34 -87.64
CA ARG A 489 3.15 -21.07 -88.88
C ARG A 489 2.97 -20.23 -90.13
N ASP A 490 2.47 -19.00 -89.99
CA ASP A 490 2.28 -18.12 -91.14
C ASP A 490 3.61 -17.46 -91.48
N ARG A 491 4.13 -17.76 -92.66
CA ARG A 491 5.40 -17.18 -93.09
C ARG A 491 5.31 -15.65 -93.04
N GLY A 492 6.32 -15.05 -92.43
CA GLY A 492 6.39 -13.60 -92.34
C GLY A 492 5.76 -12.99 -91.11
N ILE A 493 5.70 -13.78 -90.03
CA ILE A 493 5.28 -13.31 -88.68
C ILE A 493 6.19 -12.18 -88.23
N ILE A 494 7.39 -12.08 -88.76
CA ILE A 494 8.38 -11.10 -88.34
C ILE A 494 7.92 -9.69 -88.73
N ASP A 495 7.49 -9.52 -89.98
CA ASP A 495 7.08 -8.21 -90.45
C ASP A 495 5.71 -7.81 -89.88
N LYS A 496 4.89 -8.78 -89.49
CA LYS A 496 3.68 -8.44 -88.74
C LYS A 496 4.02 -7.86 -87.39
N ILE A 497 4.94 -8.51 -86.67
CA ILE A 497 5.34 -8.01 -85.37
C ILE A 497 5.97 -6.64 -85.50
N ILE A 498 6.86 -6.46 -86.48
CA ILE A 498 7.54 -5.19 -86.64
C ILE A 498 6.59 -4.04 -86.93
N SER A 499 5.34 -4.24 -87.33
CA SER A 499 4.34 -3.18 -87.68
C SER A 499 3.24 -3.10 -86.63
N SER A 500 3.23 -3.99 -85.66
CA SER A 500 2.32 -4.00 -84.51
C SER A 500 2.96 -3.20 -83.37
N MET A 501 4.25 -2.82 -83.45
CA MET A 501 4.99 -2.03 -82.42
C MET A 501 4.51 -0.58 -82.47
N ALA A 502 5.03 0.35 -81.70
CA ALA A 502 4.48 1.74 -81.54
C ALA A 502 3.45 1.96 -82.61
N PRO A 503 2.15 1.71 -82.38
CA PRO A 503 1.21 1.77 -83.47
C PRO A 503 0.63 3.17 -83.67
N SER A 504 1.36 4.23 -83.36
CA SER A 504 0.90 5.62 -83.50
C SER A 504 2.07 6.59 -83.74
N ILE A 505 3.20 6.16 -84.30
CA ILE A 505 4.34 7.06 -84.69
C ILE A 505 4.59 6.70 -86.16
N TYR A 506 4.85 7.64 -87.08
CA TYR A 506 4.93 7.42 -88.52
C TYR A 506 6.34 6.99 -88.90
N GLY A 507 6.43 5.92 -89.70
CA GLY A 507 7.72 5.53 -90.24
C GLY A 507 8.67 5.01 -89.17
N HIS A 508 9.96 5.22 -89.40
CA HIS A 508 11.00 4.75 -88.49
C HIS A 508 10.96 3.23 -88.33
N ARG A 509 11.06 2.52 -89.45
CA ARG A 509 11.00 1.06 -89.40
C ARG A 509 12.19 0.47 -88.66
N ASP A 510 13.39 1.04 -88.83
CA ASP A 510 14.57 0.45 -88.23
C ASP A 510 14.48 0.45 -86.70
N ILE A 511 14.02 1.56 -86.13
CA ILE A 511 13.87 1.62 -84.68
C ILE A 511 12.79 0.64 -84.20
N LYS A 512 11.73 0.45 -84.99
CA LYS A 512 10.71 -0.52 -84.59
C LYS A 512 11.24 -1.95 -84.66
N THR A 513 12.08 -2.25 -85.65
CA THR A 513 12.72 -3.56 -85.71
C THR A 513 13.63 -3.78 -84.50
N ALA A 514 14.42 -2.76 -84.14
CA ALA A 514 15.26 -2.86 -82.96
C ALA A 514 14.42 -3.01 -81.69
N VAL A 515 13.30 -2.31 -81.62
CA VAL A 515 12.41 -2.43 -80.47
C VAL A 515 11.90 -3.86 -80.34
N ALA A 516 11.47 -4.44 -81.44
CA ALA A 516 11.01 -5.83 -81.40
C ALA A 516 12.13 -6.76 -80.96
N CYS A 517 13.34 -6.58 -81.51
CA CYS A 517 14.45 -7.44 -81.13
C CYS A 517 14.74 -7.36 -79.65
N SER A 518 14.81 -6.16 -79.09
CA SER A 518 15.11 -6.00 -77.67
C SER A 518 13.92 -6.32 -76.78
N LEU A 519 12.71 -6.39 -77.33
CA LEU A 519 11.53 -6.76 -76.57
C LEU A 519 11.24 -8.25 -76.61
N PHE A 520 11.96 -9.01 -77.43
CA PHE A 520 11.91 -10.47 -77.36
C PHE A 520 13.11 -11.04 -76.62
N GLY A 521 14.33 -10.76 -77.05
CA GLY A 521 15.50 -11.10 -76.26
C GLY A 521 16.43 -12.14 -76.86
N GLY A 522 16.70 -13.20 -76.11
CA GLY A 522 17.72 -14.15 -76.50
C GLY A 522 17.91 -15.18 -75.41
N VAL A 523 19.08 -15.80 -75.41
CA VAL A 523 19.38 -16.90 -74.49
C VAL A 523 20.65 -16.56 -73.70
N PRO A 524 20.57 -16.39 -72.38
CA PRO A 524 21.78 -16.31 -71.57
C PRO A 524 22.50 -17.64 -71.52
N LYS A 525 23.81 -17.59 -71.29
CA LYS A 525 24.68 -18.75 -71.46
C LYS A 525 25.70 -18.83 -70.33
N ASN A 526 25.92 -20.02 -69.78
CA ASN A 526 27.03 -20.27 -68.82
C ASN A 526 27.75 -21.52 -69.33
N VAL A 527 29.04 -21.43 -69.63
CA VAL A 527 29.87 -22.53 -70.13
C VAL A 527 30.53 -23.17 -68.91
N ASN A 528 29.88 -24.18 -68.34
CA ASN A 528 30.43 -24.92 -67.21
C ASN A 528 30.76 -23.98 -66.05
N GLY A 529 29.84 -23.07 -65.76
CA GLY A 529 29.96 -22.20 -64.61
C GLY A 529 31.25 -21.42 -64.58
N LYS A 530 31.80 -21.09 -65.75
CA LYS A 530 33.02 -20.28 -65.77
C LYS A 530 33.05 -19.26 -66.90
N HIS A 531 31.92 -18.99 -67.58
CA HIS A 531 31.92 -18.02 -68.66
C HIS A 531 30.49 -17.64 -69.03
N SER A 532 30.16 -16.35 -69.01
CA SER A 532 28.80 -15.89 -69.19
C SER A 532 28.72 -14.92 -70.36
N ILE A 533 27.76 -15.13 -71.25
CA ILE A 533 27.45 -14.23 -72.34
C ILE A 533 26.00 -13.79 -72.18
N ARG A 534 25.78 -12.48 -72.10
CA ARG A 534 24.45 -11.98 -71.78
C ARG A 534 23.46 -12.31 -72.89
N GLY A 535 22.18 -12.07 -72.64
CA GLY A 535 21.16 -12.42 -73.60
C GLY A 535 20.38 -11.23 -74.12
N ASP A 536 20.24 -10.20 -73.29
CA ASP A 536 19.48 -9.03 -73.70
C ASP A 536 20.29 -8.17 -74.67
N ILE A 537 19.58 -7.42 -75.49
CA ILE A 537 20.18 -6.58 -76.52
C ILE A 537 19.84 -5.14 -76.20
N ASN A 538 20.86 -4.30 -76.02
CA ASN A 538 20.63 -2.91 -75.67
C ASN A 538 20.42 -2.05 -76.92
N VAL A 539 19.62 -1.00 -76.78
CA VAL A 539 19.28 -0.12 -77.89
C VAL A 539 19.44 1.32 -77.44
N LEU A 540 20.25 2.09 -78.18
CA LEU A 540 20.40 3.51 -77.94
C LEU A 540 19.72 4.29 -79.06
N LEU A 541 19.06 5.39 -78.69
CA LEU A 541 18.43 6.29 -79.64
C LEU A 541 19.12 7.65 -79.55
N LEU A 542 19.62 8.13 -80.67
CA LEU A 542 20.20 9.47 -80.78
C LEU A 542 19.46 10.20 -81.89
N GLY A 543 18.74 11.25 -81.53
CA GLY A 543 17.87 11.91 -82.48
C GLY A 543 17.68 13.37 -82.17
N ASP A 544 17.31 14.13 -83.20
CA ASP A 544 17.14 15.56 -83.08
C ASP A 544 15.84 15.88 -82.34
N PRO A 545 15.70 17.11 -81.85
CA PRO A 545 14.47 17.48 -81.13
C PRO A 545 13.26 17.40 -82.04
N GLY A 546 12.26 16.63 -81.60
CA GLY A 546 11.02 16.50 -82.33
C GLY A 546 10.91 15.29 -83.22
N THR A 547 11.40 14.13 -82.80
CA THR A 547 11.34 12.90 -83.60
C THR A 547 10.63 11.77 -82.88
N ALA A 548 9.94 12.08 -81.77
CA ALA A 548 9.09 11.11 -81.08
C ALA A 548 9.88 9.92 -80.53
N LYS A 549 10.87 10.18 -79.68
CA LYS A 549 11.56 9.09 -78.99
C LYS A 549 10.85 8.74 -77.69
N SER A 550 10.39 9.76 -76.96
CA SER A 550 9.67 9.53 -75.72
C SER A 550 8.38 8.76 -75.96
N GLN A 551 7.75 8.93 -77.13
CA GLN A 551 6.54 8.17 -77.44
C GLN A 551 6.83 6.67 -77.53
N ILE A 552 7.93 6.29 -78.18
CA ILE A 552 8.30 4.88 -78.23
C ILE A 552 8.63 4.37 -76.84
N LEU A 553 9.34 5.18 -76.05
CA LEU A 553 9.64 4.75 -74.68
C LEU A 553 8.36 4.55 -73.87
N LYS A 554 7.36 5.38 -74.10
CA LYS A 554 6.07 5.17 -73.43
C LYS A 554 5.42 3.88 -73.88
N TYR A 555 5.43 3.60 -75.19
CA TYR A 555 4.81 2.38 -75.68
C TYR A 555 5.45 1.14 -75.06
N VAL A 556 6.78 1.13 -74.98
CA VAL A 556 7.46 -0.04 -74.44
C VAL A 556 6.98 -0.36 -73.04
N GLU A 557 6.62 0.66 -72.27
CA GLU A 557 6.19 0.46 -70.89
C GLU A 557 4.78 -0.09 -70.78
N LYS A 558 3.88 0.27 -71.68
CA LYS A 558 2.56 -0.34 -71.71
C LYS A 558 2.58 -1.76 -72.27
N THR A 559 3.55 -2.08 -73.12
CA THR A 559 3.59 -3.39 -73.77
C THR A 559 4.31 -4.46 -72.96
N ALA A 560 5.15 -4.10 -72.01
CA ALA A 560 6.06 -5.04 -71.38
C ALA A 560 5.53 -5.52 -70.04
N HIS A 561 6.13 -6.60 -69.56
CA HIS A 561 5.81 -7.17 -68.25
C HIS A 561 6.53 -6.45 -67.13
N ARG A 562 7.85 -6.40 -67.21
CA ARG A 562 8.69 -5.83 -66.16
C ARG A 562 9.49 -4.69 -66.76
N ALA A 563 8.95 -3.48 -66.70
CA ALA A 563 9.59 -2.31 -67.30
C ALA A 563 9.50 -1.16 -66.30
N VAL A 564 10.59 -0.39 -66.18
CA VAL A 564 10.67 0.71 -65.22
C VAL A 564 11.16 1.95 -65.93
N PHE A 565 10.76 3.11 -65.43
CA PHE A 565 11.05 4.40 -66.05
C PHE A 565 11.82 5.27 -65.07
N ALA A 566 12.92 5.85 -65.54
CA ALA A 566 13.70 6.80 -64.77
C ALA A 566 14.18 7.91 -65.69
N THR A 567 14.41 9.08 -65.10
CA THR A 567 14.76 10.26 -65.87
C THR A 567 16.13 10.77 -65.42
N GLY A 568 16.87 11.31 -66.39
CA GLY A 568 18.20 11.81 -66.11
C GLY A 568 18.18 13.19 -65.49
N GLN A 569 17.48 14.13 -66.12
CA GLN A 569 17.37 15.50 -65.66
C GLN A 569 15.88 15.85 -65.59
N GLY A 570 15.26 15.52 -64.47
CA GLY A 570 13.85 15.73 -64.30
C GLY A 570 13.39 15.29 -62.93
N ALA A 571 12.08 15.05 -62.82
CA ALA A 571 11.45 14.60 -61.57
C ALA A 571 10.78 13.25 -61.83
N SER A 572 11.30 12.21 -61.20
CA SER A 572 10.80 10.85 -61.37
C SER A 572 10.62 10.19 -60.01
N ALA A 573 9.80 9.15 -59.99
CA ALA A 573 9.49 8.44 -58.77
C ALA A 573 10.57 7.42 -58.39
N VAL A 574 11.61 7.26 -59.20
CA VAL A 574 12.67 6.31 -58.91
C VAL A 574 13.98 6.84 -59.49
N GLY A 575 15.06 6.64 -58.74
CA GLY A 575 16.38 7.02 -59.17
C GLY A 575 17.15 5.83 -59.73
N LEU A 576 18.43 6.07 -60.00
CA LEU A 576 19.31 5.04 -60.55
C LEU A 576 20.32 4.50 -59.55
N THR A 577 20.51 5.16 -58.41
CA THR A 577 21.50 4.73 -57.44
C THR A 577 20.83 4.04 -56.25
N ALA A 578 21.48 3.00 -55.75
CA ALA A 578 21.01 2.31 -54.56
C ALA A 578 21.32 3.14 -53.31
N SER A 579 20.50 2.96 -52.28
CA SER A 579 20.66 3.78 -51.09
C SER A 579 19.89 3.17 -49.93
N VAL A 580 20.21 3.66 -48.73
CA VAL A 580 19.48 3.35 -47.52
C VAL A 580 18.90 4.67 -47.01
N ARG A 581 17.57 4.74 -46.91
CA ARG A 581 16.87 5.94 -46.46
C ARG A 581 15.87 5.55 -45.39
N LYS A 582 15.12 6.54 -44.92
CA LYS A 582 14.13 6.33 -43.87
C LYS A 582 12.73 6.42 -44.44
N ASP A 583 11.86 5.51 -43.98
CA ASP A 583 10.48 5.47 -44.43
C ASP A 583 9.68 6.53 -43.69
N PRO A 584 9.07 7.49 -44.40
CA PRO A 584 8.33 8.54 -43.70
C PRO A 584 7.19 8.01 -42.84
N ILE A 585 6.54 6.93 -43.27
CA ILE A 585 5.35 6.46 -42.57
C ILE A 585 5.74 5.63 -41.35
N THR A 586 6.44 4.53 -41.56
CA THR A 586 6.74 3.60 -40.48
C THR A 586 7.93 4.03 -39.63
N LYS A 587 8.72 4.99 -40.09
CA LYS A 587 9.91 5.43 -39.36
C LYS A 587 10.96 4.31 -39.29
N GLU A 588 11.24 3.67 -40.42
CA GLU A 588 12.16 2.55 -40.49
C GLU A 588 13.20 2.80 -41.57
N TRP A 589 14.34 2.15 -41.42
CA TRP A 589 15.41 2.18 -42.41
C TRP A 589 15.18 1.07 -43.44
N THR A 590 15.33 1.41 -44.71
CA THR A 590 15.02 0.48 -45.79
C THR A 590 16.18 0.44 -46.78
N LEU A 591 16.34 -0.73 -47.41
CA LEU A 591 17.29 -0.88 -48.51
C LEU A 591 16.51 -0.76 -49.81
N GLU A 592 16.85 0.22 -50.62
CA GLU A 592 16.22 0.44 -51.92
C GLU A 592 17.28 0.39 -53.01
N GLY A 593 16.98 -0.32 -54.09
CA GLY A 593 17.79 -0.26 -55.28
C GLY A 593 17.24 0.73 -56.28
N GLY A 594 18.02 0.99 -57.31
CA GLY A 594 17.59 1.86 -58.38
C GLY A 594 16.63 1.16 -59.30
N ALA A 595 16.29 1.85 -60.40
CA ALA A 595 15.45 1.22 -61.41
C ALA A 595 16.16 0.02 -62.04
N LEU A 596 17.48 0.06 -62.11
CA LEU A 596 18.23 -1.06 -62.66
C LEU A 596 18.00 -2.34 -61.87
N VAL A 597 18.06 -2.26 -60.54
CA VAL A 597 17.83 -3.41 -59.69
C VAL A 597 16.36 -3.82 -59.71
N LEU A 598 15.47 -2.83 -59.67
CA LEU A 598 14.04 -3.10 -59.61
C LEU A 598 13.50 -3.70 -60.90
N ALA A 599 14.25 -3.60 -62.00
CA ALA A 599 13.81 -4.08 -63.31
C ALA A 599 14.59 -5.31 -63.76
N ASP A 600 14.95 -6.18 -62.81
CA ASP A 600 15.70 -7.37 -63.16
C ASP A 600 14.85 -8.28 -64.04
N LYS A 601 15.46 -8.82 -65.09
CA LYS A 601 14.76 -9.65 -66.08
C LYS A 601 13.57 -8.89 -66.65
N GLY A 602 13.90 -7.79 -67.33
CA GLY A 602 12.90 -6.90 -67.88
C GLY A 602 13.57 -5.86 -68.76
N VAL A 603 13.18 -4.60 -68.63
CA VAL A 603 13.79 -3.52 -69.40
C VAL A 603 13.80 -2.25 -68.55
N CYS A 604 14.84 -1.46 -68.70
CA CYS A 604 14.96 -0.16 -68.04
C CYS A 604 14.92 0.94 -69.09
N LEU A 605 14.15 1.98 -68.84
CA LEU A 605 13.96 3.08 -69.77
C LEU A 605 14.50 4.36 -69.14
N ILE A 606 15.63 4.83 -69.65
CA ILE A 606 16.27 6.06 -69.20
C ILE A 606 15.97 7.13 -70.24
N ASP A 607 15.27 8.18 -69.84
CA ASP A 607 15.02 9.31 -70.71
C ASP A 607 16.06 10.39 -70.47
N GLU A 608 16.38 11.13 -71.54
CA GLU A 608 17.38 12.19 -71.49
C GLU A 608 18.71 11.66 -70.97
N PHE A 609 19.27 10.75 -71.76
CA PHE A 609 20.44 9.97 -71.33
C PHE A 609 21.72 10.79 -71.26
N ASP A 610 21.76 11.97 -71.87
CA ASP A 610 23.02 12.70 -71.96
C ASP A 610 23.24 13.70 -70.82
N LYS A 611 22.27 13.86 -69.92
CA LYS A 611 22.36 14.85 -68.84
C LYS A 611 22.55 14.22 -67.47
N MET A 612 23.25 13.09 -67.38
CA MET A 612 23.42 12.42 -66.10
C MET A 612 24.56 13.04 -65.31
N ASN A 613 24.44 12.98 -63.99
CA ASN A 613 25.54 13.36 -63.13
C ASN A 613 26.48 12.17 -62.94
N ASP A 614 27.63 12.42 -62.32
CA ASP A 614 28.66 11.41 -62.22
C ASP A 614 28.16 10.14 -61.52
N GLN A 615 27.33 10.30 -60.50
CA GLN A 615 26.84 9.16 -59.74
C GLN A 615 26.00 8.22 -60.61
N ASP A 616 25.03 8.79 -61.34
CA ASP A 616 24.20 7.98 -62.21
C ASP A 616 25.02 7.29 -63.30
N ARG A 617 26.01 7.98 -63.83
CA ARG A 617 26.88 7.40 -64.85
C ARG A 617 27.68 6.22 -64.31
N THR A 618 28.21 6.34 -63.09
CA THR A 618 28.92 5.22 -62.49
C THR A 618 27.98 4.02 -62.30
N SER A 619 26.76 4.28 -61.83
CA SER A 619 25.81 3.19 -61.64
C SER A 619 25.50 2.50 -62.97
N ILE A 620 25.25 3.30 -64.02
CA ILE A 620 24.92 2.73 -65.33
C ILE A 620 26.09 1.87 -65.84
N HIS A 621 27.31 2.40 -65.73
CA HIS A 621 28.46 1.65 -66.21
C HIS A 621 28.60 0.32 -65.48
N GLU A 622 28.47 0.34 -64.16
CA GLU A 622 28.58 -0.92 -63.41
C GLU A 622 27.52 -1.90 -63.86
N ALA A 623 26.27 -1.45 -63.96
CA ALA A 623 25.19 -2.35 -64.32
C ALA A 623 25.43 -2.98 -65.70
N MET A 624 25.81 -2.16 -66.67
CA MET A 624 25.95 -2.67 -68.03
C MET A 624 27.16 -3.59 -68.16
N GLU A 625 28.24 -3.29 -67.44
CA GLU A 625 29.46 -4.06 -67.58
C GLU A 625 29.36 -5.37 -66.81
N GLN A 626 29.12 -5.29 -65.50
CA GLN A 626 29.20 -6.47 -64.64
C GLN A 626 27.82 -7.10 -64.41
N GLN A 627 26.75 -6.34 -64.62
CA GLN A 627 25.39 -6.84 -64.40
C GLN A 627 25.17 -7.22 -62.93
N SER A 628 25.57 -6.34 -62.03
CA SER A 628 25.27 -6.51 -60.61
C SER A 628 25.65 -5.22 -59.89
N ILE A 629 24.84 -4.83 -58.91
CA ILE A 629 24.99 -3.56 -58.21
C ILE A 629 25.59 -3.83 -56.84
N SER A 630 26.62 -3.05 -56.48
CA SER A 630 27.32 -3.20 -55.22
C SER A 630 27.03 -2.00 -54.33
N ILE A 631 26.90 -2.25 -53.03
CA ILE A 631 26.60 -1.20 -52.06
C ILE A 631 27.33 -1.50 -50.77
N SER A 632 27.93 -0.45 -50.17
CA SER A 632 28.56 -0.53 -48.86
C SER A 632 28.15 0.72 -48.07
N LYS A 633 27.02 0.64 -47.37
CA LYS A 633 26.46 1.77 -46.64
C LYS A 633 25.78 1.29 -45.38
N ALA A 634 26.04 1.99 -44.27
CA ALA A 634 25.31 1.77 -43.01
C ALA A 634 25.37 0.31 -42.57
N GLY A 635 26.55 -0.30 -42.69
CA GLY A 635 26.75 -1.65 -42.22
C GLY A 635 26.28 -2.73 -43.16
N ILE A 636 25.80 -2.38 -44.35
CA ILE A 636 25.27 -3.35 -45.31
C ILE A 636 26.28 -3.45 -46.44
N VAL A 637 26.82 -4.65 -46.63
CA VAL A 637 27.70 -4.95 -47.76
C VAL A 637 27.03 -6.08 -48.55
N THR A 638 26.69 -5.81 -49.80
CA THR A 638 25.98 -6.79 -50.61
C THR A 638 26.18 -6.50 -52.09
N THR A 639 25.84 -7.50 -52.90
CA THR A 639 25.79 -7.40 -54.35
C THR A 639 24.42 -7.85 -54.82
N LEU A 640 23.80 -7.08 -55.70
CA LEU A 640 22.46 -7.36 -56.20
C LEU A 640 22.48 -7.63 -57.70
N GLN A 641 21.45 -8.31 -58.17
CA GLN A 641 21.39 -8.76 -59.57
C GLN A 641 20.69 -7.72 -60.44
N ALA A 642 21.31 -7.40 -61.57
CA ALA A 642 20.85 -6.34 -62.47
C ALA A 642 20.87 -6.84 -63.92
N ARG A 643 20.27 -8.01 -64.15
CA ARG A 643 20.14 -8.57 -65.50
C ARG A 643 18.96 -7.91 -66.18
N CYS A 644 19.24 -6.76 -66.82
CA CYS A 644 18.20 -5.90 -67.37
C CYS A 644 18.59 -5.43 -68.76
N SER A 645 17.58 -5.05 -69.54
CA SER A 645 17.77 -4.48 -70.86
C SER A 645 17.66 -2.96 -70.76
N ILE A 646 18.55 -2.26 -71.46
CA ILE A 646 18.59 -0.80 -71.43
C ILE A 646 18.11 -0.26 -72.77
N ILE A 647 17.18 0.67 -72.73
CA ILE A 647 16.83 1.51 -73.87
C ILE A 647 16.94 2.96 -73.43
N ALA A 648 17.63 3.76 -74.23
CA ALA A 648 17.96 5.13 -73.85
C ALA A 648 17.75 6.08 -75.02
N ALA A 649 17.51 7.35 -74.71
CA ALA A 649 17.33 8.41 -75.69
C ALA A 649 18.22 9.59 -75.31
N ALA A 650 18.81 10.23 -76.31
CA ALA A 650 19.72 11.35 -76.07
C ALA A 650 19.69 12.32 -77.24
N ASN A 651 20.11 13.56 -76.97
CA ASN A 651 20.20 14.62 -77.94
C ASN A 651 21.67 14.98 -78.21
N PRO A 652 22.04 15.26 -79.46
CA PRO A 652 23.45 15.55 -79.75
C PRO A 652 23.88 16.85 -79.08
N ASN A 653 25.18 17.14 -79.20
CA ASN A 653 25.70 18.41 -78.75
C ASN A 653 25.19 19.54 -79.64
N GLY A 654 24.97 20.70 -79.04
CA GLY A 654 24.48 21.84 -79.79
C GLY A 654 22.97 21.76 -79.98
N GLY A 655 22.50 20.67 -80.57
CA GLY A 655 21.08 20.48 -80.77
C GLY A 655 20.77 19.78 -82.07
N ARG A 656 21.72 19.76 -83.01
CA ARG A 656 21.53 19.16 -84.31
C ARG A 656 22.69 18.24 -84.61
N TYR A 657 22.49 17.33 -85.56
CA TYR A 657 23.47 16.29 -85.86
C TYR A 657 24.52 16.81 -86.83
N ASN A 658 25.78 16.47 -86.56
CA ASN A 658 26.91 16.87 -87.40
C ASN A 658 27.39 15.64 -88.17
N SER A 659 27.05 15.59 -89.45
CA SER A 659 27.37 14.42 -90.27
C SER A 659 28.84 14.38 -90.69
N THR A 660 29.57 15.48 -90.56
CA THR A 660 30.96 15.52 -90.99
C THR A 660 31.92 14.98 -89.95
N LEU A 661 31.44 14.61 -88.78
CA LEU A 661 32.24 14.03 -87.72
C LEU A 661 31.66 12.69 -87.30
N PRO A 662 32.47 11.79 -86.71
CA PRO A 662 31.94 10.49 -86.30
C PRO A 662 30.94 10.58 -85.17
N LEU A 663 30.41 9.42 -84.73
CA LEU A 663 29.43 9.43 -83.66
C LEU A 663 30.02 9.92 -82.35
N ALA A 664 31.26 9.51 -82.05
CA ALA A 664 31.85 9.83 -80.76
C ALA A 664 32.06 11.32 -80.57
N GLN A 665 32.01 12.11 -81.64
CA GLN A 665 32.23 13.55 -81.55
C GLN A 665 30.95 14.37 -81.66
N ASN A 666 29.79 13.73 -81.79
CA ASN A 666 28.51 14.43 -81.74
C ASN A 666 27.83 14.35 -80.39
N VAL A 667 28.13 13.32 -79.60
CA VAL A 667 27.44 13.08 -78.35
C VAL A 667 28.45 13.15 -77.20
N SER A 668 27.94 13.42 -76.01
CA SER A 668 28.77 13.61 -74.82
C SER A 668 29.10 12.31 -74.11
N LEU A 669 28.55 11.18 -74.55
CA LEU A 669 28.90 9.90 -73.96
C LEU A 669 30.26 9.45 -74.46
N THR A 670 30.88 8.56 -73.69
CA THR A 670 32.23 8.09 -73.98
C THR A 670 32.19 6.69 -74.58
N GLU A 671 33.30 6.33 -75.25
CA GLU A 671 33.37 5.04 -75.93
C GLU A 671 33.14 3.86 -75.00
N PRO A 672 33.63 3.84 -73.76
CA PRO A 672 33.33 2.71 -72.87
C PRO A 672 31.84 2.44 -72.75
N ILE A 673 31.03 3.49 -72.67
CA ILE A 673 29.59 3.31 -72.52
C ILE A 673 28.94 2.97 -73.86
N LEU A 674 29.34 3.65 -74.93
CA LEU A 674 28.74 3.40 -76.23
C LEU A 674 28.99 1.97 -76.68
N SER A 675 30.20 1.44 -76.45
CA SER A 675 30.55 0.11 -76.90
C SER A 675 29.74 -0.99 -76.23
N ARG A 676 29.06 -0.67 -75.13
CA ARG A 676 28.23 -1.64 -74.42
C ARG A 676 26.80 -1.69 -74.95
N PHE A 677 26.52 -1.00 -76.05
CA PHE A 677 25.23 -1.05 -76.72
C PHE A 677 25.37 -1.87 -77.99
N ASP A 678 24.38 -2.73 -78.25
CA ASP A 678 24.42 -3.55 -79.46
C ASP A 678 24.01 -2.75 -80.70
N ILE A 679 22.85 -2.10 -80.63
CA ILE A 679 22.27 -1.39 -81.77
C ILE A 679 22.23 0.10 -81.47
N LEU A 680 22.72 0.91 -82.40
CA LEU A 680 22.67 2.36 -82.31
C LEU A 680 21.78 2.90 -83.42
N CYS A 681 20.80 3.70 -83.06
CA CYS A 681 19.87 4.30 -84.01
C CYS A 681 20.08 5.79 -84.06
N VAL A 682 20.25 6.34 -85.26
CA VAL A 682 20.47 7.76 -85.47
C VAL A 682 19.27 8.31 -86.22
N VAL A 683 18.53 9.21 -85.58
CA VAL A 683 17.38 9.85 -86.20
C VAL A 683 17.83 11.24 -86.65
N ARG A 684 17.77 11.48 -87.94
CA ARG A 684 18.26 12.70 -88.54
C ARG A 684 17.09 13.47 -89.13
N ASP A 685 17.00 14.75 -88.81
CA ASP A 685 15.92 15.59 -89.31
C ASP A 685 16.38 16.17 -90.64
N LEU A 686 16.33 15.35 -91.68
CA LEU A 686 16.66 15.79 -93.02
C LEU A 686 15.44 16.46 -93.64
N VAL A 687 15.59 17.69 -94.10
CA VAL A 687 14.48 18.47 -94.74
C VAL A 687 14.20 17.87 -96.11
N ASP A 688 13.22 17.01 -96.21
CA ASP A 688 12.80 16.39 -97.46
C ASP A 688 11.39 16.84 -97.78
N GLU A 689 11.08 17.25 -98.96
CA GLU A 689 9.75 17.84 -99.25
C GLU A 689 8.68 16.75 -99.23
N GLU A 690 8.94 15.56 -99.74
CA GLU A 690 7.83 14.62 -99.84
C GLU A 690 7.44 14.07 -98.47
N ALA A 691 8.42 13.84 -97.59
CA ALA A 691 8.12 13.21 -96.31
C ALA A 691 7.25 14.11 -95.43
N ASP A 692 7.45 15.42 -95.51
CA ASP A 692 6.69 16.35 -94.69
C ASP A 692 5.20 16.30 -95.01
N GLU A 693 4.90 15.95 -96.23
CA GLU A 693 3.50 15.88 -96.63
C GLU A 693 2.86 14.83 -95.73
N ARG A 694 3.37 13.60 -95.67
CA ARG A 694 2.77 12.50 -94.92
C ARG A 694 2.88 12.71 -93.42
N LEU A 695 3.99 13.26 -92.94
CA LEU A 695 4.12 13.52 -91.51
C LEU A 695 3.04 14.49 -91.04
N ALA A 696 2.91 15.63 -91.72
CA ALA A 696 1.92 16.62 -91.32
C ALA A 696 0.51 16.08 -91.49
N THR A 697 0.28 15.31 -92.54
CA THR A 697 -1.04 14.70 -92.73
C THR A 697 -1.42 13.87 -91.52
N PHE A 698 -0.51 12.98 -91.10
CA PHE A 698 -0.76 12.13 -89.95
C PHE A 698 -1.02 12.96 -88.70
N VAL A 699 -0.16 13.96 -88.44
CA VAL A 699 -0.30 14.73 -87.21
C VAL A 699 -1.62 15.50 -87.19
N VAL A 700 -1.98 16.13 -88.31
CA VAL A 700 -3.22 16.91 -88.36
C VAL A 700 -4.43 15.99 -88.22
N ASP A 701 -4.35 14.79 -88.82
CA ASP A 701 -5.43 13.83 -88.66
C ASP A 701 -5.64 13.48 -87.20
N SER A 702 -4.55 13.37 -86.43
CA SER A 702 -4.69 13.09 -85.01
C SER A 702 -5.60 14.11 -84.33
N HIS A 703 -5.29 15.40 -84.49
CA HIS A 703 -6.08 16.44 -83.84
C HIS A 703 -7.50 16.46 -84.37
N VAL A 704 -7.66 16.29 -85.69
CA VAL A 704 -9.00 16.32 -86.28
C VAL A 704 -9.86 15.22 -85.68
N ARG A 705 -9.29 14.04 -85.47
CA ARG A 705 -10.04 12.90 -84.95
C ARG A 705 -10.22 12.91 -83.45
N SER A 706 -9.43 13.70 -82.71
CA SER A 706 -9.49 13.68 -81.25
C SER A 706 -10.36 14.79 -80.66
N HIS A 707 -11.06 15.55 -81.49
CA HIS A 707 -11.84 16.68 -80.98
C HIS A 707 -12.99 16.22 -80.10
N PRO A 708 -13.30 16.93 -79.00
CA PRO A 708 -14.49 16.62 -78.22
C PRO A 708 -15.78 16.84 -79.02
N SER A 756 -2.24 -6.78 -91.29
CA SER A 756 -0.96 -6.97 -90.60
C SER A 756 -1.08 -6.81 -89.09
N PRO A 757 -1.72 -5.73 -88.62
CA PRO A 757 -1.77 -5.49 -87.17
C PRO A 757 -2.28 -6.68 -86.37
N ILE A 758 -1.40 -7.25 -85.56
CA ILE A 758 -1.86 -8.20 -84.54
C ILE A 758 -2.49 -7.39 -83.40
N PRO A 759 -3.57 -7.83 -82.77
CA PRO A 759 -4.11 -7.05 -81.65
C PRO A 759 -3.12 -7.02 -80.49
N GLN A 760 -3.06 -5.87 -79.83
CA GLN A 760 -2.05 -5.68 -78.78
C GLN A 760 -2.23 -6.68 -77.65
N GLU A 761 -3.48 -7.02 -77.32
CA GLU A 761 -3.76 -7.91 -76.16
C GLU A 761 -3.14 -9.29 -76.41
N LEU A 762 -3.22 -9.81 -77.63
CA LEU A 762 -2.61 -11.11 -77.91
C LEU A 762 -1.10 -11.01 -78.02
N LEU A 763 -0.59 -9.90 -78.55
CA LEU A 763 0.86 -9.72 -78.64
C LEU A 763 1.48 -9.71 -77.25
N MET A 764 0.82 -9.06 -76.30
CA MET A 764 1.34 -8.99 -74.94
C MET A 764 1.57 -10.38 -74.35
N LYS A 765 0.62 -11.30 -74.58
CA LYS A 765 0.73 -12.66 -74.06
C LYS A 765 1.64 -13.55 -74.88
N TYR A 766 1.68 -13.36 -76.19
CA TYR A 766 2.62 -14.08 -77.04
C TYR A 766 4.05 -13.78 -76.64
N ILE A 767 4.33 -12.51 -76.31
CA ILE A 767 5.64 -12.11 -75.82
C ILE A 767 6.05 -12.84 -74.55
N HIS A 768 5.13 -13.06 -73.61
CA HIS A 768 5.46 -13.76 -72.39
C HIS A 768 5.61 -15.26 -72.58
N TYR A 769 4.73 -15.90 -73.35
CA TYR A 769 4.89 -17.32 -73.60
C TYR A 769 6.18 -17.62 -74.35
N ALA A 770 6.47 -16.84 -75.39
CA ALA A 770 7.67 -17.10 -76.19
C ALA A 770 8.92 -16.98 -75.33
N ARG A 771 8.98 -15.97 -74.48
CA ARG A 771 10.16 -15.72 -73.66
C ARG A 771 10.20 -16.61 -72.43
N THR A 772 9.10 -17.30 -72.11
CA THR A 772 9.09 -18.29 -71.04
C THR A 772 9.52 -19.67 -71.49
N LYS A 773 9.11 -20.13 -72.67
CA LYS A 773 9.34 -21.52 -73.04
C LYS A 773 10.20 -21.71 -74.29
N ILE A 774 10.60 -20.65 -74.99
CA ILE A 774 11.30 -20.80 -76.26
C ILE A 774 12.78 -20.52 -76.12
N TYR A 775 13.64 -21.51 -76.19
CA TYR A 775 15.10 -21.38 -76.06
C TYR A 775 15.68 -21.90 -77.36
N PRO A 776 15.69 -21.15 -78.46
CA PRO A 776 16.10 -21.70 -79.76
C PRO A 776 17.53 -22.28 -79.80
N LYS A 777 17.88 -23.07 -80.81
CA LYS A 777 19.19 -23.78 -80.86
C LYS A 777 20.10 -23.24 -81.96
N LEU A 778 21.41 -23.54 -81.91
CA LEU A 778 22.46 -23.05 -82.87
C LEU A 778 23.23 -24.22 -83.55
N HIS A 779 22.58 -25.23 -84.16
CA HIS A 779 23.25 -26.41 -84.76
C HIS A 779 24.25 -25.86 -85.77
N GLN A 780 25.50 -26.31 -85.74
CA GLN A 780 26.64 -25.63 -86.42
C GLN A 780 26.83 -25.96 -87.88
N MET A 781 25.87 -26.57 -88.53
CA MET A 781 26.00 -26.74 -89.99
C MET A 781 26.21 -25.33 -90.51
N ASP A 782 25.52 -24.33 -89.94
CA ASP A 782 25.56 -22.92 -90.42
C ASP A 782 26.71 -22.11 -89.76
N MET A 783 27.94 -22.58 -89.81
CA MET A 783 29.11 -21.84 -89.29
C MET A 783 29.92 -21.32 -90.46
N ASP A 784 29.90 -21.96 -91.62
CA ASP A 784 30.82 -21.60 -92.73
C ASP A 784 30.56 -20.16 -93.21
N LYS A 785 29.33 -19.75 -93.35
CA LYS A 785 28.94 -18.45 -93.86
C LYS A 785 29.47 -17.32 -92.99
N VAL A 786 29.19 -17.39 -91.68
CA VAL A 786 29.52 -16.29 -90.79
C VAL A 786 31.02 -16.13 -90.61
N SER A 787 31.79 -17.21 -90.61
CA SER A 787 33.24 -17.04 -90.52
C SER A 787 33.75 -16.10 -91.60
N ARG A 788 33.32 -16.35 -92.84
CA ARG A 788 33.79 -15.64 -94.05
C ARG A 788 33.16 -14.26 -94.13
N VAL A 789 31.96 -14.06 -93.60
CA VAL A 789 31.36 -12.73 -93.53
C VAL A 789 32.15 -11.85 -92.56
N TYR A 790 32.47 -12.38 -91.38
CA TYR A 790 33.25 -11.63 -90.41
C TYR A 790 34.64 -11.31 -90.96
N ALA A 791 35.25 -12.28 -91.65
CA ALA A 791 36.56 -12.02 -92.24
C ALA A 791 36.52 -10.83 -93.20
N ASP A 792 35.51 -10.80 -94.07
CA ASP A 792 35.42 -9.70 -95.04
C ASP A 792 35.17 -8.37 -94.34
N LEU A 793 34.30 -8.32 -93.36
CA LEU A 793 33.96 -7.03 -92.67
C LEU A 793 35.18 -6.58 -91.84
N ARG A 794 36.04 -7.49 -91.37
CA ARG A 794 37.27 -7.08 -90.70
C ARG A 794 38.29 -6.56 -91.71
N ARG A 795 38.45 -7.23 -92.84
CA ARG A 795 39.47 -6.79 -93.79
C ARG A 795 39.11 -5.42 -94.35
N GLU A 796 37.81 -5.14 -94.53
CA GLU A 796 37.29 -3.87 -95.09
C GLU A 796 37.37 -2.73 -94.08
N SER A 797 37.18 -3.00 -92.79
CA SER A 797 37.12 -1.92 -91.82
C SER A 797 38.47 -1.24 -91.65
N ILE A 798 39.55 -2.01 -91.57
CA ILE A 798 40.88 -1.43 -91.46
C ILE A 798 41.31 -0.72 -92.74
N SER A 799 40.94 -1.25 -93.91
CA SER A 799 41.31 -0.61 -95.16
C SER A 799 40.70 0.78 -95.28
N THR A 800 39.44 0.93 -94.87
CA THR A 800 38.75 2.20 -95.01
C THR A 800 39.11 3.23 -93.95
N GLY A 801 39.76 2.81 -92.85
CA GLY A 801 40.18 3.75 -91.83
C GLY A 801 39.05 4.34 -91.01
N SER A 802 38.42 3.52 -90.19
CA SER A 802 37.26 3.94 -89.40
C SER A 802 37.24 3.13 -88.11
N PHE A 803 36.08 3.10 -87.45
CA PHE A 803 35.91 2.31 -86.24
C PHE A 803 36.51 0.91 -86.45
N PRO A 804 37.11 0.33 -85.41
CA PRO A 804 37.50 -1.08 -85.51
C PRO A 804 36.31 -2.01 -85.41
N ILE A 805 36.46 -3.21 -85.97
CA ILE A 805 35.47 -4.27 -85.83
C ILE A 805 36.05 -5.34 -84.92
N THR A 806 35.37 -5.59 -83.80
CA THR A 806 35.77 -6.60 -82.82
C THR A 806 34.72 -7.70 -82.79
N VAL A 807 35.01 -8.75 -82.02
CA VAL A 807 34.12 -9.91 -81.99
C VAL A 807 32.79 -9.63 -81.31
N ARG A 808 32.68 -8.51 -80.58
CA ARG A 808 31.38 -8.11 -80.06
C ARG A 808 30.35 -7.94 -81.17
N HIS A 809 30.79 -7.54 -82.36
CA HIS A 809 29.86 -7.43 -83.48
C HIS A 809 29.30 -8.81 -83.88
N LEU A 810 30.16 -9.83 -83.93
CA LEU A 810 29.69 -11.17 -84.25
C LEU A 810 28.81 -11.74 -83.13
N GLU A 811 29.18 -11.47 -81.88
CA GLU A 811 28.33 -11.90 -80.77
C GLU A 811 26.95 -11.28 -80.87
N SER A 812 26.89 -10.00 -81.22
CA SER A 812 25.61 -9.35 -81.46
C SER A 812 24.87 -10.01 -82.62
N ILE A 813 25.60 -10.38 -83.67
CA ILE A 813 24.96 -11.04 -84.82
C ILE A 813 24.24 -12.30 -84.35
N LEU A 814 24.95 -13.15 -83.63
CA LEU A 814 24.35 -14.41 -83.17
C LEU A 814 23.22 -14.18 -82.16
N ARG A 815 23.39 -13.21 -81.26
CA ARG A 815 22.37 -12.94 -80.25
C ARG A 815 21.10 -12.38 -80.87
N ILE A 816 21.23 -11.61 -81.95
CA ILE A 816 20.06 -11.10 -82.66
C ILE A 816 19.43 -12.21 -83.49
N ALA A 817 20.25 -13.11 -84.05
CA ALA A 817 19.70 -14.25 -84.77
C ALA A 817 18.84 -15.10 -83.85
N GLU A 818 19.26 -15.23 -82.59
CA GLU A 818 18.44 -15.95 -81.62
C GLU A 818 17.04 -15.33 -81.52
N SER A 819 16.96 -14.01 -81.48
CA SER A 819 15.66 -13.35 -81.35
C SER A 819 14.81 -13.54 -82.59
N PHE A 820 15.38 -13.31 -83.77
CA PHE A 820 14.62 -13.55 -84.99
C PHE A 820 14.14 -14.99 -85.09
N ALA A 821 14.94 -15.96 -84.67
CA ALA A 821 14.47 -17.33 -84.63
C ALA A 821 13.35 -17.55 -83.63
N LYS A 822 13.50 -17.04 -82.40
CA LYS A 822 12.48 -17.18 -81.38
C LYS A 822 11.17 -16.54 -81.78
N MET A 823 11.21 -15.56 -82.70
CA MET A 823 9.95 -15.01 -83.20
C MET A 823 9.06 -16.07 -83.80
N ARG A 824 9.63 -17.07 -84.46
CA ARG A 824 8.88 -18.13 -85.14
C ARG A 824 8.68 -19.33 -84.23
N LEU A 825 8.76 -19.12 -82.92
CA LEU A 825 8.64 -20.19 -81.94
C LEU A 825 9.44 -21.39 -82.40
N SER A 826 10.62 -21.12 -82.97
CA SER A 826 11.29 -22.09 -83.81
C SER A 826 12.00 -23.15 -82.98
N GLU A 827 12.66 -24.08 -83.67
CA GLU A 827 13.43 -25.13 -83.04
C GLU A 827 14.86 -25.21 -83.53
N PHE A 828 15.24 -24.55 -84.61
CA PHE A 828 16.68 -24.55 -85.03
C PHE A 828 16.98 -23.23 -85.79
N VAL A 829 17.79 -22.31 -85.22
CA VAL A 829 18.10 -21.01 -85.87
C VAL A 829 18.26 -21.28 -87.38
N SER A 830 17.48 -20.63 -88.25
CA SER A 830 17.56 -20.76 -89.71
C SER A 830 18.62 -19.82 -90.28
N SER A 831 18.96 -20.04 -91.54
CA SER A 831 19.81 -19.10 -92.27
C SER A 831 19.08 -17.83 -92.66
N TYR A 832 17.76 -17.92 -92.82
CA TYR A 832 16.96 -16.72 -93.08
C TYR A 832 17.06 -15.76 -91.89
N ASP A 833 16.97 -16.29 -90.67
CA ASP A 833 17.10 -15.45 -89.49
C ASP A 833 18.49 -14.82 -89.40
N LEU A 834 19.53 -15.59 -89.70
CA LEU A 834 20.88 -15.04 -89.71
C LEU A 834 21.00 -13.91 -90.72
N ASP A 835 20.46 -14.09 -91.92
CA ASP A 835 20.51 -13.06 -92.94
C ASP A 835 19.73 -11.82 -92.55
N ARG A 836 18.56 -11.99 -91.92
CA ARG A 836 17.83 -10.82 -91.41
C ARG A 836 18.64 -10.09 -90.35
N ALA A 837 19.29 -10.83 -89.46
CA ALA A 837 20.08 -10.21 -88.40
C ALA A 837 21.23 -9.41 -88.99
N ILE A 838 21.91 -9.96 -89.98
CA ILE A 838 23.13 -9.33 -90.51
C ILE A 838 22.87 -7.89 -90.93
N LYS A 839 21.69 -7.63 -91.49
CA LYS A 839 21.39 -6.28 -91.97
C LYS A 839 21.44 -5.27 -90.83
N VAL A 840 20.92 -5.63 -89.66
CA VAL A 840 20.83 -4.67 -88.56
C VAL A 840 22.22 -4.18 -88.16
N VAL A 841 23.14 -5.11 -87.92
CA VAL A 841 24.48 -4.72 -87.47
C VAL A 841 25.22 -3.99 -88.58
N VAL A 842 25.15 -4.51 -89.81
CA VAL A 842 25.89 -3.84 -90.88
C VAL A 842 25.35 -2.44 -91.12
N ASP A 843 24.02 -2.26 -91.10
CA ASP A 843 23.44 -0.94 -91.30
C ASP A 843 23.82 0.00 -90.16
N SER A 844 23.78 -0.48 -88.92
CA SER A 844 24.18 0.37 -87.80
C SER A 844 25.61 0.87 -87.99
N PHE A 845 26.54 -0.04 -88.26
CA PHE A 845 27.93 0.35 -88.45
C PHE A 845 28.07 1.33 -89.60
N VAL A 846 27.42 1.06 -90.72
CA VAL A 846 27.58 1.91 -91.90
C VAL A 846 27.01 3.30 -91.63
N ASP A 847 25.87 3.38 -90.97
CA ASP A 847 25.19 4.64 -90.77
C ASP A 847 25.71 5.45 -89.59
N ALA A 848 26.59 4.88 -88.75
CA ALA A 848 27.21 5.65 -87.68
C ALA A 848 28.60 6.16 -88.05
N GLN A 849 28.86 6.42 -89.33
CA GLN A 849 30.19 6.77 -89.81
C GLN A 849 30.18 8.10 -90.57
N LYS A 850 31.36 8.69 -90.72
CA LYS A 850 31.52 9.94 -91.43
C LYS A 850 31.02 9.84 -92.87
N VAL A 851 30.82 10.98 -93.53
CA VAL A 851 30.20 10.97 -94.85
C VAL A 851 31.07 10.26 -95.87
N SER A 852 32.37 10.54 -95.89
CA SER A 852 33.25 9.92 -96.89
C SER A 852 33.37 8.42 -96.64
N VAL A 853 33.67 8.04 -95.41
CA VAL A 853 33.74 6.63 -95.06
C VAL A 853 32.41 5.96 -95.38
N ARG A 854 31.31 6.67 -95.12
CA ARG A 854 29.99 6.08 -95.33
C ARG A 854 29.74 5.82 -96.81
N ARG A 855 30.14 6.76 -97.68
CA ARG A 855 29.98 6.50 -99.12
C ARG A 855 30.84 5.32 -99.57
N GLN A 856 32.06 5.21 -99.06
CA GLN A 856 32.87 4.03 -99.41
C GLN A 856 32.16 2.75 -98.99
N LEU A 857 31.72 2.68 -97.74
CA LEU A 857 31.20 1.43 -97.19
C LEU A 857 29.85 1.06 -97.79
N ARG A 858 28.97 2.04 -98.04
CA ARG A 858 27.66 1.73 -98.57
C ARG A 858 27.74 1.07 -99.94
N ARG A 859 28.85 1.21 -100.64
CA ARG A 859 29.10 0.49 -101.88
C ARG A 859 29.83 -0.83 -101.63
N SER A 860 30.78 -0.85 -100.70
CA SER A 860 31.51 -2.09 -100.45
C SER A 860 30.61 -3.19 -99.90
N PHE A 861 29.70 -2.86 -98.98
CA PHE A 861 28.85 -3.83 -98.31
C PHE A 861 27.52 -4.04 -99.00
N ALA A 862 27.44 -3.80 -100.31
CA ALA A 862 26.17 -3.85 -101.01
C ALA A 862 25.54 -5.23 -101.01
N ILE A 863 26.32 -6.30 -100.83
CA ILE A 863 25.78 -7.64 -100.95
C ILE A 863 25.02 -8.06 -99.70
N TYR A 864 25.45 -7.62 -98.54
CA TYR A 864 24.78 -8.00 -97.29
C TYR A 864 23.55 -7.12 -97.04
N ALA B 51 27.19 -9.37 11.48
CA ALA B 51 28.11 -10.06 12.43
C ALA B 51 29.13 -10.91 11.66
N PRO B 52 30.24 -11.26 12.31
CA PRO B 52 31.33 -11.95 11.60
C PRO B 52 30.89 -13.24 10.92
N ASP B 53 31.36 -13.45 9.69
CA ASP B 53 31.15 -14.71 8.99
C ASP B 53 32.43 -15.54 9.05
N ALA B 54 32.28 -16.85 9.24
CA ALA B 54 33.44 -17.72 9.23
C ALA B 54 34.13 -17.74 7.87
N VAL B 55 33.37 -17.80 6.79
CA VAL B 55 33.95 -17.87 5.46
C VAL B 55 34.73 -16.59 5.16
N PHE B 56 34.17 -15.45 5.50
CA PHE B 56 34.88 -14.18 5.34
C PHE B 56 36.18 -14.19 6.14
N GLY B 57 36.14 -14.69 7.37
CA GLY B 57 37.34 -14.74 8.19
C GLY B 57 38.43 -15.62 7.61
N ASP B 58 38.06 -16.81 7.13
CA ASP B 58 39.06 -17.68 6.54
C ASP B 58 39.63 -17.10 5.24
N ARG B 59 38.78 -16.48 4.42
CA ARG B 59 39.27 -15.87 3.20
C ARG B 59 40.21 -14.72 3.49
N VAL B 60 39.95 -13.97 4.58
CA VAL B 60 40.89 -12.94 5.01
C VAL B 60 42.20 -13.56 5.48
N ARG B 61 42.12 -14.64 6.24
CA ARG B 61 43.33 -15.25 6.80
C ARG B 61 44.25 -15.77 5.69
N ARG B 62 43.68 -16.44 4.70
CA ARG B 62 44.52 -16.98 3.64
C ARG B 62 45.20 -15.88 2.84
N PHE B 63 44.55 -14.73 2.67
CA PHE B 63 45.12 -13.58 1.90
C PHE B 63 46.12 -12.89 2.82
N GLN B 64 46.02 -12.97 4.13
CA GLN B 64 47.12 -12.51 4.98
C GLN B 64 48.36 -13.38 4.76
N GLU B 65 48.17 -14.69 4.70
CA GLU B 65 49.32 -15.55 4.40
C GLU B 65 49.91 -15.28 3.01
N PHE B 66 49.07 -15.04 2.01
CA PHE B 66 49.57 -14.71 0.68
C PHE B 66 50.41 -13.43 0.70
N LEU B 67 49.89 -12.37 1.32
CA LEU B 67 50.63 -11.13 1.44
C LEU B 67 51.90 -11.29 2.27
N ASP B 68 51.96 -12.31 3.14
CA ASP B 68 53.16 -12.54 3.93
C ASP B 68 54.24 -13.32 3.17
N THR B 69 53.86 -14.26 2.31
CA THR B 69 54.87 -15.07 1.62
C THR B 69 55.63 -14.25 0.58
N PHE B 70 54.93 -13.48 -0.25
CA PHE B 70 55.54 -12.61 -1.24
C PHE B 70 55.57 -11.19 -0.67
N THR B 71 56.72 -10.80 -0.12
CA THR B 71 56.82 -9.58 0.67
C THR B 71 57.10 -8.34 -0.18
N SER B 72 57.02 -8.45 -1.50
CA SER B 72 57.24 -7.31 -2.39
C SER B 72 56.10 -6.31 -2.37
N TYR B 73 54.95 -6.66 -1.77
CA TYR B 73 53.81 -5.76 -1.70
C TYR B 73 53.72 -5.01 -0.38
N ARG B 74 54.36 -5.49 0.67
CA ARG B 74 54.34 -4.79 1.95
C ARG B 74 55.16 -3.50 1.89
N ASP B 75 56.37 -3.60 1.36
CA ASP B 75 57.23 -2.42 1.27
C ASP B 75 56.66 -1.38 0.33
N SER B 76 55.91 -1.79 -0.69
CA SER B 76 55.23 -0.83 -1.54
C SER B 76 54.22 -0.02 -0.75
N VAL B 77 53.49 -0.68 0.16
CA VAL B 77 52.55 0.05 1.03
C VAL B 77 53.33 0.97 1.96
N ARG B 78 54.44 0.47 2.51
CA ARG B 78 55.30 1.33 3.35
C ARG B 78 55.64 2.62 2.63
N SER B 79 55.98 2.50 1.34
CA SER B 79 56.49 3.64 0.59
C SER B 79 55.48 4.77 0.52
N ILE B 80 54.19 4.47 0.35
CA ILE B 80 53.19 5.52 0.22
C ILE B 80 52.99 6.31 1.51
N GLN B 81 52.98 5.64 2.66
CA GLN B 81 52.94 6.33 3.94
C GLN B 81 54.20 7.16 4.16
N VAL B 82 55.36 6.60 3.82
CA VAL B 82 56.60 7.37 3.91
C VAL B 82 56.48 8.64 3.09
N TYR B 83 55.94 8.53 1.88
CA TYR B 83 55.77 9.70 1.01
C TYR B 83 54.82 10.72 1.63
N ASN B 84 53.62 10.28 2.02
CA ASN B 84 52.61 11.23 2.51
C ASN B 84 52.97 11.85 3.84
N SER B 85 53.85 11.25 4.64
CA SER B 85 54.33 11.87 5.86
C SER B 85 55.54 12.75 5.63
N ASN B 86 56.55 12.25 4.92
CA ASN B 86 57.76 13.03 4.69
C ASN B 86 57.48 14.26 3.83
N ASN B 87 56.47 14.19 2.97
CA ASN B 87 56.17 15.24 2.01
C ASN B 87 55.06 16.14 2.52
N ALA B 88 55.01 16.37 3.82
CA ALA B 88 54.02 17.24 4.42
C ALA B 88 54.33 17.51 5.88
N ASN B 125 51.93 16.77 -2.86
CA ASN B 125 51.14 15.86 -3.69
C ASN B 125 50.92 14.53 -2.97
N ILE B 126 49.80 14.43 -2.25
CA ILE B 126 49.48 13.22 -1.51
C ILE B 126 49.19 12.10 -2.50
N LEU B 127 49.75 10.91 -2.25
CA LEU B 127 49.52 9.79 -3.13
C LEU B 127 48.26 9.03 -2.73
N PRO B 128 47.62 8.34 -3.67
CA PRO B 128 46.47 7.50 -3.32
C PRO B 128 46.87 6.17 -2.71
N HIS B 129 45.93 5.59 -1.97
CA HIS B 129 46.17 4.38 -1.18
C HIS B 129 45.81 3.15 -2.01
N ARG B 130 46.78 2.65 -2.76
CA ARG B 130 46.53 1.57 -3.70
C ARG B 130 47.82 0.80 -3.98
N ILE B 131 47.68 -0.47 -4.37
CA ILE B 131 48.81 -1.28 -4.80
C ILE B 131 48.34 -2.18 -5.94
N ILE B 132 49.30 -2.89 -6.54
CA ILE B 132 49.04 -3.74 -7.70
C ILE B 132 49.54 -5.15 -7.41
N ILE B 133 48.71 -6.14 -7.74
CA ILE B 133 48.97 -7.54 -7.47
C ILE B 133 49.11 -8.28 -8.79
N SER B 134 49.92 -9.33 -8.80
CA SER B 134 50.10 -10.16 -9.98
C SER B 134 49.24 -11.41 -9.89
N LEU B 135 48.43 -11.64 -10.91
CA LEU B 135 47.65 -12.87 -10.98
C LEU B 135 48.50 -14.09 -11.31
N ASP B 136 49.76 -13.89 -11.70
CA ASP B 136 50.67 -15.02 -11.85
C ASP B 136 51.18 -15.52 -10.50
N ASP B 137 51.44 -14.59 -9.56
CA ASP B 137 51.85 -15.00 -8.22
C ASP B 137 50.75 -15.79 -7.53
N LEU B 138 49.50 -15.40 -7.72
CA LEU B 138 48.40 -16.08 -7.07
C LEU B 138 48.30 -17.52 -7.50
N ARG B 139 48.63 -17.84 -8.74
CA ARG B 139 48.46 -19.21 -9.27
C ARG B 139 49.49 -20.10 -8.61
N GLU B 140 50.69 -19.56 -8.43
CA GLU B 140 51.73 -20.33 -7.78
C GLU B 140 51.43 -20.50 -6.29
N PHE B 141 51.03 -19.45 -5.60
CA PHE B 141 50.76 -19.57 -4.17
C PHE B 141 49.54 -20.44 -3.91
N ASP B 142 48.33 -20.05 -4.42
CA ASP B 142 47.07 -20.86 -4.29
C ASP B 142 46.23 -20.91 -5.57
N ARG B 143 45.84 -22.09 -6.04
CA ARG B 143 45.08 -22.20 -7.28
C ARG B 143 43.61 -21.90 -7.09
N SER B 144 43.00 -22.42 -6.02
CA SER B 144 41.58 -22.17 -5.80
C SER B 144 41.27 -20.71 -5.56
N PHE B 145 42.15 -19.95 -4.90
CA PHE B 145 41.93 -18.51 -4.52
C PHE B 145 42.02 -17.72 -5.82
N TRP B 146 42.96 -18.06 -6.68
CA TRP B 146 43.09 -17.51 -8.02
C TRP B 146 41.83 -17.74 -8.85
N SER B 147 41.38 -19.00 -8.90
CA SER B 147 40.17 -19.33 -9.64
C SER B 147 38.97 -18.58 -9.08
N GLY B 148 38.95 -18.36 -7.76
CA GLY B 148 37.84 -17.65 -7.16
C GLY B 148 37.78 -16.18 -7.51
N ILE B 149 38.93 -15.50 -7.52
CA ILE B 149 38.91 -14.11 -7.98
C ILE B 149 38.54 -14.02 -9.45
N LEU B 150 39.04 -14.94 -10.28
CA LEU B 150 38.64 -14.91 -11.68
C LEU B 150 37.14 -15.15 -11.82
N VAL B 151 36.59 -16.07 -11.03
CA VAL B 151 35.21 -16.49 -11.22
C VAL B 151 34.26 -15.80 -10.24
N GLU B 152 34.69 -15.59 -9.00
CA GLU B 152 33.83 -15.05 -7.95
C GLU B 152 34.50 -13.85 -7.29
N PRO B 153 34.65 -12.74 -8.01
CA PRO B 153 35.24 -11.54 -7.40
C PRO B 153 34.44 -11.01 -6.23
N ALA B 154 33.11 -11.06 -6.31
CA ALA B 154 32.24 -10.46 -5.31
C ALA B 154 32.27 -11.17 -3.97
N TYR B 155 33.08 -12.21 -3.84
CA TYR B 155 33.27 -12.88 -2.57
C TYR B 155 34.71 -12.87 -2.09
N PHE B 156 35.71 -12.73 -2.99
CA PHE B 156 37.16 -12.77 -2.63
C PHE B 156 37.82 -11.35 -2.71
N ILE B 157 37.16 -10.31 -3.22
CA ILE B 157 37.82 -9.02 -3.32
C ILE B 157 37.68 -8.24 -2.01
N PRO B 158 36.50 -8.12 -1.43
CA PRO B 158 36.37 -7.38 -0.16
C PRO B 158 37.23 -8.00 0.93
N PRO B 159 37.30 -9.34 1.01
CA PRO B 159 38.24 -9.94 1.98
C PRO B 159 39.68 -9.53 1.77
N ALA B 160 40.16 -9.53 0.52
CA ALA B 160 41.55 -9.15 0.26
C ALA B 160 41.79 -7.68 0.60
N GLU B 161 40.81 -6.83 0.27
CA GLU B 161 40.96 -5.41 0.59
C GLU B 161 41.03 -5.19 2.10
N LYS B 162 40.20 -5.88 2.86
CA LYS B 162 40.26 -5.76 4.32
C LYS B 162 41.58 -6.29 4.85
N ALA B 163 42.07 -7.38 4.28
CA ALA B 163 43.37 -7.92 4.71
C ALA B 163 44.48 -6.90 4.47
N LEU B 164 44.44 -6.22 3.32
CA LEU B 164 45.42 -5.19 3.01
C LEU B 164 45.31 -4.02 3.99
N THR B 165 44.09 -3.59 4.29
CA THR B 165 43.89 -2.49 5.24
C THR B 165 44.45 -2.85 6.61
N ASP B 166 44.30 -4.11 7.03
CA ASP B 166 44.86 -4.52 8.31
C ASP B 166 46.38 -4.38 8.33
N LEU B 167 47.07 -4.82 7.27
CA LEU B 167 48.53 -4.68 7.23
C LEU B 167 48.94 -3.22 7.22
N ALA B 168 48.21 -2.39 6.45
CA ALA B 168 48.51 -0.97 6.42
C ALA B 168 48.41 -0.36 7.82
N ASP B 169 47.32 -0.63 8.52
CA ASP B 169 47.17 -0.14 9.88
C ASP B 169 48.14 -0.80 10.85
N SER B 170 48.70 -1.95 10.50
CA SER B 170 49.72 -2.60 11.33
C SER B 170 51.04 -1.84 11.27
N MET B 171 51.60 -1.65 10.08
CA MET B 171 52.87 -0.94 9.98
C MET B 171 52.77 0.52 10.38
N ASP B 172 51.56 1.06 10.46
CA ASP B 172 51.38 2.46 10.81
C ASP B 172 51.96 2.74 12.18
N ASP B 173 52.76 3.79 12.28
CA ASP B 173 53.40 4.16 13.53
C ASP B 173 52.37 4.44 14.62
N HIS B 186 41.91 5.53 6.41
CA HIS B 186 41.27 5.67 5.11
C HIS B 186 41.49 4.37 4.32
N PRO B 187 40.42 3.77 3.80
CA PRO B 187 40.53 2.41 3.24
C PRO B 187 41.56 2.32 2.12
N TRP B 188 41.90 1.07 1.79
CA TRP B 188 42.88 0.76 0.76
C TRP B 188 42.27 -0.20 -0.26
N LYS B 189 42.77 -0.17 -1.49
CA LYS B 189 42.18 -0.90 -2.59
C LYS B 189 43.26 -1.48 -3.50
N LEU B 190 42.85 -2.43 -4.35
CA LEU B 190 43.75 -3.29 -5.10
C LEU B 190 43.67 -3.04 -6.60
N SER B 191 44.70 -3.52 -7.30
CA SER B 191 44.79 -3.52 -8.74
C SER B 191 45.31 -4.87 -9.21
N PHE B 192 45.02 -5.20 -10.47
CA PHE B 192 45.24 -6.54 -11.00
C PHE B 192 46.04 -6.48 -12.29
N LYS B 193 47.05 -7.34 -12.41
CA LYS B 193 47.84 -7.50 -13.62
C LYS B 193 48.30 -8.95 -13.72
N GLY B 194 48.95 -9.26 -14.83
CA GLY B 194 49.32 -10.62 -15.16
C GLY B 194 48.53 -11.12 -16.35
N SER B 195 48.59 -12.44 -16.55
CA SER B 195 47.88 -13.07 -17.64
C SER B 195 46.50 -13.51 -17.19
N PHE B 196 45.47 -13.10 -17.92
CA PHE B 196 44.09 -13.40 -17.55
C PHE B 196 43.55 -14.64 -18.24
N GLY B 197 43.89 -14.84 -19.52
CA GLY B 197 43.45 -16.02 -20.23
C GLY B 197 42.18 -15.82 -21.01
N ALA B 198 41.15 -16.61 -20.70
CA ALA B 198 39.86 -16.46 -21.35
C ALA B 198 39.12 -15.21 -20.91
N HIS B 199 39.61 -14.51 -19.88
CA HIS B 199 39.05 -13.25 -19.44
C HIS B 199 39.82 -12.05 -19.98
N ALA B 200 40.33 -12.18 -21.21
CA ALA B 200 40.94 -11.08 -21.96
C ALA B 200 40.10 -10.92 -23.23
N LEU B 201 39.07 -10.09 -23.15
CA LEU B 201 38.00 -10.04 -24.14
C LEU B 201 37.99 -8.67 -24.81
N SER B 202 37.11 -8.53 -25.80
CA SER B 202 36.87 -7.24 -26.43
C SER B 202 35.39 -6.92 -26.34
N PRO B 203 34.98 -5.68 -26.62
CA PRO B 203 33.55 -5.33 -26.47
C PRO B 203 32.62 -6.15 -27.35
N ARG B 204 33.13 -6.82 -28.39
CA ARG B 204 32.29 -7.66 -29.23
C ARG B 204 32.13 -9.06 -28.67
N THR B 205 33.19 -9.65 -28.12
CA THR B 205 33.17 -11.01 -27.61
C THR B 205 32.80 -11.09 -26.13
N LEU B 206 32.38 -9.97 -25.53
CA LEU B 206 31.95 -9.96 -24.13
C LEU B 206 30.45 -10.18 -24.08
N THR B 207 30.04 -11.30 -23.47
CA THR B 207 28.66 -11.77 -23.55
C THR B 207 28.09 -11.94 -22.15
N ALA B 208 26.87 -12.48 -22.08
CA ALA B 208 26.15 -12.60 -20.82
C ALA B 208 26.62 -13.77 -19.96
N GLN B 209 27.50 -14.62 -20.48
CA GLN B 209 28.08 -15.69 -19.67
C GLN B 209 29.28 -15.24 -18.84
N HIS B 210 29.76 -14.02 -19.06
CA HIS B 210 30.89 -13.49 -18.30
C HIS B 210 30.45 -12.49 -17.23
N LEU B 211 29.16 -12.30 -17.02
CA LEU B 211 28.68 -11.40 -15.97
C LEU B 211 29.15 -11.88 -14.61
N ASN B 212 29.45 -10.93 -13.72
CA ASN B 212 29.89 -11.19 -12.35
C ASN B 212 31.30 -11.76 -12.29
N LYS B 213 32.15 -11.49 -13.28
CA LYS B 213 33.54 -11.92 -13.25
C LYS B 213 34.44 -10.77 -13.65
N LEU B 214 35.71 -10.90 -13.29
CA LEU B 214 36.72 -9.89 -13.60
C LEU B 214 37.24 -10.10 -15.02
N VAL B 215 37.24 -9.04 -15.83
CA VAL B 215 37.57 -9.13 -17.24
C VAL B 215 38.56 -8.04 -17.63
N SER B 216 39.22 -8.25 -18.75
CA SER B 216 40.07 -7.25 -19.40
C SER B 216 39.47 -6.92 -20.76
N VAL B 217 39.34 -5.62 -21.05
CA VAL B 217 38.68 -5.15 -22.25
C VAL B 217 39.62 -4.20 -22.99
N GLU B 218 39.70 -4.38 -24.31
CA GLU B 218 40.52 -3.55 -25.17
C GLU B 218 39.61 -2.71 -26.06
N GLY B 219 40.11 -1.54 -26.47
CA GLY B 219 39.31 -0.68 -27.32
C GLY B 219 39.83 0.75 -27.30
N ILE B 220 38.97 1.65 -27.76
CA ILE B 220 39.28 3.06 -27.89
C ILE B 220 38.27 3.86 -27.07
N VAL B 221 38.78 4.86 -26.36
CA VAL B 221 37.92 5.75 -25.58
C VAL B 221 37.27 6.76 -26.52
N THR B 222 35.94 6.83 -26.49
CA THR B 222 35.22 7.70 -27.42
C THR B 222 34.59 8.92 -26.77
N LYS B 223 34.38 8.92 -25.45
CA LYS B 223 33.79 10.08 -24.81
C LYS B 223 33.95 9.98 -23.30
N THR B 224 34.24 11.12 -22.67
CA THR B 224 34.35 11.23 -21.23
C THR B 224 33.43 12.34 -20.75
N SER B 225 32.94 12.21 -19.52
CA SER B 225 31.98 13.14 -18.95
C SER B 225 32.70 14.10 -18.00
N LEU B 226 31.93 15.02 -17.43
CA LEU B 226 32.47 16.01 -16.52
C LEU B 226 32.66 15.41 -15.14
N VAL B 227 33.76 15.75 -14.50
CA VAL B 227 34.05 15.26 -13.16
C VAL B 227 33.16 16.01 -12.18
N ARG B 228 32.33 15.29 -11.46
CA ARG B 228 31.36 15.87 -10.55
C ARG B 228 31.65 15.43 -9.12
N PRO B 229 31.44 16.29 -8.13
CA PRO B 229 31.52 15.84 -6.73
C PRO B 229 30.35 14.99 -6.30
N LYS B 230 30.60 14.12 -5.32
CA LYS B 230 29.59 13.27 -4.72
C LYS B 230 29.62 13.43 -3.21
N LEU B 231 28.45 13.65 -2.61
CA LEU B 231 28.33 13.96 -1.18
C LEU B 231 28.24 12.66 -0.39
N ILE B 232 29.09 12.53 0.63
CA ILE B 232 29.15 11.34 1.47
C ILE B 232 28.65 11.66 2.87
N ARG B 233 29.28 12.64 3.52
CA ARG B 233 28.94 13.05 4.88
C ARG B 233 28.73 14.55 4.94
N SER B 234 27.62 14.97 5.56
CA SER B 234 27.24 16.38 5.65
C SER B 234 27.13 16.78 7.12
N VAL B 235 27.68 17.94 7.47
CA VAL B 235 27.75 18.42 8.84
C VAL B 235 26.92 19.70 8.96
N HIS B 236 26.33 19.90 10.15
CA HIS B 236 25.39 21.00 10.39
C HIS B 236 25.69 21.67 11.72
N TYR B 237 25.02 22.80 11.97
CA TYR B 237 25.20 23.59 13.18
C TYR B 237 23.84 24.09 13.66
N ALA B 238 23.64 24.06 14.98
CA ALA B 238 22.44 24.58 15.61
C ALA B 238 22.83 25.73 16.53
N ALA B 239 22.32 26.92 16.23
CA ALA B 239 22.66 28.10 17.01
C ALA B 239 21.94 28.16 18.34
N LYS B 240 20.91 27.34 18.53
CA LYS B 240 20.16 27.34 19.77
C LYS B 240 20.71 26.33 20.78
N THR B 241 21.65 25.47 20.37
CA THR B 241 22.24 24.50 21.27
C THR B 241 23.75 24.40 21.13
N GLY B 242 24.35 25.09 20.15
CA GLY B 242 25.79 25.05 19.98
C GLY B 242 26.35 23.69 19.67
N ARG B 243 25.63 22.87 18.92
CA ARG B 243 26.02 21.50 18.65
C ARG B 243 26.02 21.24 17.14
N PHE B 244 26.87 20.31 16.72
CA PHE B 244 27.03 19.96 15.32
C PHE B 244 26.55 18.53 15.09
N HIS B 245 25.84 18.31 13.98
CA HIS B 245 25.27 17.01 13.66
C HIS B 245 25.71 16.59 12.26
N TYR B 246 25.73 15.28 12.02
CA TYR B 246 26.17 14.75 10.73
C TYR B 246 25.28 13.58 10.29
N ARG B 247 25.45 13.20 9.02
CA ARG B 247 24.73 12.08 8.42
C ARG B 247 25.58 11.47 7.32
N ASP B 248 25.27 10.23 6.94
CA ASP B 248 26.00 9.48 5.93
C ASP B 248 25.09 9.08 4.79
N TYR B 249 25.65 9.00 3.58
CA TYR B 249 24.92 8.58 2.40
C TYR B 249 25.73 7.55 1.63
N THR B 250 25.02 6.64 0.94
CA THR B 250 25.65 5.58 0.16
C THR B 250 24.75 5.21 -1.00
N ASP B 251 25.33 4.49 -1.98
CA ASP B 251 24.61 4.05 -3.15
C ASP B 251 25.11 2.68 -3.59
N ALA B 252 24.52 2.18 -4.67
CA ALA B 252 24.71 0.79 -5.08
C ALA B 252 26.02 0.55 -5.82
N THR B 253 26.71 1.60 -6.24
CA THR B 253 27.95 1.47 -7.00
C THR B 253 29.20 1.65 -6.15
N THR B 254 29.13 1.31 -4.86
CA THR B 254 30.29 1.40 -3.98
C THR B 254 30.63 0.11 -3.26
N THR B 255 29.75 -0.87 -3.23
CA THR B 255 30.00 -2.15 -2.60
C THR B 255 29.70 -3.25 -3.61
N LEU B 256 30.59 -4.22 -3.73
CA LEU B 256 30.43 -5.25 -4.75
C LEU B 256 29.29 -6.21 -4.47
N THR B 257 28.82 -6.29 -3.23
CA THR B 257 27.72 -7.18 -2.86
C THR B 257 26.45 -6.36 -2.63
N THR B 258 25.31 -7.02 -2.82
CA THR B 258 24.02 -6.37 -2.69
C THR B 258 23.69 -6.15 -1.22
N ARG B 259 23.25 -4.95 -0.89
CA ARG B 259 22.79 -4.61 0.45
C ARG B 259 21.32 -4.22 0.41
N ILE B 260 20.72 -4.13 1.58
CA ILE B 260 19.34 -3.65 1.70
C ILE B 260 19.40 -2.12 1.67
N PRO B 261 18.68 -1.45 0.78
CA PRO B 261 18.80 0.00 0.66
C PRO B 261 18.45 0.73 1.94
N THR B 262 19.15 1.82 2.22
CA THR B 262 18.79 2.76 3.28
C THR B 262 18.63 4.15 2.68
N PRO B 263 17.41 4.59 2.37
CA PRO B 263 17.25 5.93 1.79
C PRO B 263 17.08 7.02 2.83
N ALA B 264 18.18 7.50 3.41
CA ALA B 264 18.14 8.58 4.38
C ALA B 264 17.88 9.92 3.68
N ILE B 265 17.47 10.91 4.48
CA ILE B 265 17.01 12.19 3.96
C ILE B 265 17.98 13.29 4.40
N TYR B 266 17.86 14.45 3.77
CA TYR B 266 18.75 15.57 4.07
C TYR B 266 18.24 16.34 5.28
N PRO B 267 19.00 16.42 6.37
CA PRO B 267 18.47 17.04 7.60
C PRO B 267 18.51 18.56 7.53
N THR B 268 17.35 19.17 7.77
CA THR B 268 17.23 20.61 7.95
C THR B 268 16.83 21.01 9.36
N GLU B 269 16.47 20.05 10.20
CA GLU B 269 15.81 20.30 11.47
C GLU B 269 16.39 19.38 12.53
N ASP B 270 16.39 19.86 13.75
CA ASP B 270 16.99 19.18 14.89
C ASP B 270 15.96 18.24 15.51
N THR B 271 16.38 17.42 16.46
CA THR B 271 15.46 16.51 17.13
C THR B 271 14.45 17.24 18.02
N GLU B 272 14.65 18.53 18.28
CA GLU B 272 13.67 19.34 18.98
C GLU B 272 12.94 20.32 18.07
N GLY B 273 13.50 20.63 16.90
CA GLY B 273 12.93 21.60 15.99
C GLY B 273 13.84 22.77 15.68
N ASN B 274 15.05 22.81 16.23
CA ASN B 274 15.97 23.90 15.97
C ASN B 274 16.46 23.88 14.53
N LYS B 275 16.59 25.07 13.94
CA LYS B 275 17.03 25.20 12.56
C LYS B 275 18.54 25.03 12.46
N LEU B 276 18.99 24.34 11.42
CA LEU B 276 20.40 24.00 11.26
C LEU B 276 21.01 24.73 10.06
N THR B 277 22.21 25.25 10.27
CA THR B 277 23.02 25.83 9.20
C THR B 277 23.89 24.74 8.59
N THR B 278 24.04 24.78 7.28
CA THR B 278 24.81 23.79 6.55
C THR B 278 26.26 24.25 6.42
N GLU B 279 27.19 23.38 6.80
CA GLU B 279 28.62 23.72 6.84
C GLU B 279 29.31 23.06 5.64
N TYR B 280 29.36 23.79 4.53
CA TYR B 280 29.89 23.22 3.30
C TYR B 280 31.36 22.84 3.39
N GLY B 281 32.14 23.55 4.20
CA GLY B 281 33.56 23.28 4.29
C GLY B 281 33.89 22.06 5.13
N TYR B 282 32.94 21.64 5.97
CA TYR B 282 33.17 20.51 6.86
C TYR B 282 32.62 19.20 6.32
N SER B 283 31.80 19.26 5.26
CA SER B 283 31.32 18.04 4.63
C SER B 283 32.40 17.41 3.76
N THR B 284 32.19 16.15 3.41
CA THR B 284 33.13 15.39 2.58
C THR B 284 32.50 15.11 1.22
N PHE B 285 33.26 15.38 0.16
CA PHE B 285 32.83 15.12 -1.21
C PHE B 285 33.86 14.25 -1.92
N ILE B 286 33.49 13.27 -2.77
CA ILE B 286 34.40 12.35 -3.53
C ILE B 286 34.02 12.47 -5.02
N ASP B 287 34.94 12.53 -5.94
CA ASP B 287 34.68 12.86 -7.37
C ASP B 287 34.14 11.67 -8.18
N HIS B 288 33.56 11.85 -9.36
CA HIS B 288 32.88 10.86 -10.18
C HIS B 288 33.09 11.15 -11.65
N GLN B 289 33.20 10.10 -12.47
CA GLN B 289 33.29 10.26 -13.91
C GLN B 289 32.85 8.97 -14.60
N ARG B 290 32.31 9.10 -15.81
CA ARG B 290 31.89 7.98 -16.64
C ARG B 290 32.52 8.08 -18.02
N ILE B 291 32.98 6.95 -18.57
CA ILE B 291 33.57 6.91 -19.91
C ILE B 291 33.01 5.74 -20.69
N THR B 292 33.08 5.84 -22.02
CA THR B 292 32.60 4.82 -22.95
C THR B 292 33.76 4.28 -23.77
N VAL B 293 33.77 2.96 -23.98
CA VAL B 293 34.84 2.28 -24.70
C VAL B 293 34.24 1.58 -25.91
N GLN B 294 35.03 1.47 -26.97
CA GLN B 294 34.62 0.90 -28.24
C GLN B 294 35.79 0.12 -28.83
N GLU B 295 35.50 -0.81 -29.73
CA GLU B 295 36.53 -1.66 -30.30
C GLU B 295 37.41 -0.88 -31.26
N MET B 296 38.71 -1.15 -31.22
CA MET B 296 39.67 -0.38 -32.00
C MET B 296 39.41 -0.55 -33.50
N PRO B 297 39.62 0.49 -34.30
CA PRO B 297 39.27 0.41 -35.72
C PRO B 297 40.10 -0.59 -36.50
N GLU B 298 41.32 -0.92 -36.07
CA GLU B 298 42.13 -1.87 -36.80
C GLU B 298 42.01 -3.30 -36.29
N MET B 299 41.17 -3.57 -35.29
CA MET B 299 40.76 -4.92 -34.95
C MET B 299 39.30 -5.21 -35.26
N ALA B 300 38.53 -4.21 -35.72
CA ALA B 300 37.10 -4.42 -35.93
C ALA B 300 36.83 -4.90 -37.35
N PRO B 301 35.73 -5.64 -37.56
CA PRO B 301 35.38 -6.08 -38.92
C PRO B 301 34.95 -4.92 -39.80
N ALA B 302 35.46 -4.89 -41.02
CA ALA B 302 35.23 -3.78 -41.93
C ALA B 302 33.78 -3.75 -42.40
N GLY B 303 33.21 -2.54 -42.46
CA GLY B 303 31.85 -2.38 -42.92
C GLY B 303 30.78 -2.82 -41.94
N GLN B 304 31.11 -2.96 -40.66
CA GLN B 304 30.17 -3.43 -39.65
C GLN B 304 30.12 -2.44 -38.50
N LEU B 305 28.93 -2.25 -37.94
CA LEU B 305 28.75 -1.27 -36.88
C LEU B 305 29.44 -1.74 -35.60
N PRO B 306 29.94 -0.82 -34.78
CA PRO B 306 30.78 -1.20 -33.64
C PRO B 306 30.02 -1.42 -32.34
N ARG B 307 30.70 -2.06 -31.39
CA ARG B 307 30.15 -2.38 -30.08
C ARG B 307 30.89 -1.60 -29.00
N SER B 308 30.15 -1.23 -27.95
CA SER B 308 30.65 -0.32 -26.92
C SER B 308 30.22 -0.79 -25.54
N ILE B 309 30.90 -0.25 -24.53
CA ILE B 309 30.68 -0.65 -23.14
C ILE B 309 30.96 0.56 -22.24
N ASP B 310 30.24 0.63 -21.13
CA ASP B 310 30.31 1.77 -20.21
C ASP B 310 31.14 1.41 -19.00
N VAL B 311 32.03 2.32 -18.60
CA VAL B 311 32.93 2.13 -17.46
C VAL B 311 32.72 3.27 -16.48
N ILE B 312 32.55 2.94 -15.21
CA ILE B 312 32.35 3.92 -14.15
C ILE B 312 33.63 4.00 -13.33
N LEU B 313 34.14 5.22 -13.15
CA LEU B 313 35.35 5.46 -12.40
C LEU B 313 35.06 6.46 -11.29
N ASP B 314 35.74 6.32 -10.16
CA ASP B 314 35.49 7.16 -9.01
C ASP B 314 36.81 7.55 -8.34
N ASP B 315 36.78 8.69 -7.67
CA ASP B 315 37.89 9.15 -6.83
C ASP B 315 39.18 9.31 -7.62
N ASP B 316 40.17 8.42 -7.42
CA ASP B 316 41.51 8.71 -7.92
C ASP B 316 41.68 8.36 -9.40
N LEU B 317 40.87 7.45 -9.93
CA LEU B 317 40.97 7.01 -11.31
C LEU B 317 40.11 7.86 -12.24
N VAL B 318 39.88 9.13 -11.88
CA VAL B 318 38.80 9.90 -12.47
C VAL B 318 39.22 10.71 -13.69
N ASP B 319 40.51 10.98 -13.87
CA ASP B 319 40.94 11.83 -14.98
C ASP B 319 42.20 11.28 -15.64
N LYS B 320 42.21 9.98 -15.93
CA LYS B 320 43.41 9.34 -16.45
C LYS B 320 43.49 9.31 -17.97
N THR B 321 42.39 9.54 -18.68
CA THR B 321 42.38 9.42 -20.14
C THR B 321 41.56 10.52 -20.77
N LYS B 322 41.68 10.63 -22.08
CA LYS B 322 41.00 11.61 -22.90
C LYS B 322 40.37 10.91 -24.09
N PRO B 323 39.39 11.52 -24.75
CA PRO B 323 38.77 10.90 -25.92
C PRO B 323 39.81 10.62 -27.00
N GLY B 324 39.66 9.47 -27.65
CA GLY B 324 40.55 9.10 -28.74
C GLY B 324 41.85 8.48 -28.27
N ASP B 325 41.76 7.51 -27.37
CA ASP B 325 42.93 6.86 -26.80
C ASP B 325 42.76 5.36 -26.86
N ARG B 326 43.87 4.65 -27.05
CA ARG B 326 43.87 3.21 -26.88
C ARG B 326 44.02 2.88 -25.41
N VAL B 327 43.16 1.99 -24.91
CA VAL B 327 43.06 1.75 -23.48
C VAL B 327 42.81 0.27 -23.22
N ASN B 328 43.23 -0.18 -22.04
CA ASN B 328 42.91 -1.50 -21.51
C ASN B 328 42.36 -1.30 -20.12
N VAL B 329 41.19 -1.87 -19.84
CA VAL B 329 40.48 -1.66 -18.58
C VAL B 329 40.20 -3.02 -17.96
N VAL B 330 40.33 -3.10 -16.64
CA VAL B 330 40.02 -4.29 -15.88
C VAL B 330 39.03 -3.92 -14.79
N GLY B 331 38.01 -4.74 -14.61
CA GLY B 331 36.99 -4.46 -13.63
C GLY B 331 35.92 -5.53 -13.64
N VAL B 332 34.89 -5.30 -12.84
CA VAL B 332 33.81 -6.27 -12.66
C VAL B 332 32.65 -5.88 -13.58
N PHE B 333 32.12 -6.86 -14.29
CA PHE B 333 31.01 -6.67 -15.21
C PHE B 333 29.71 -6.91 -14.44
N LYS B 334 29.01 -5.83 -14.10
CA LYS B 334 27.93 -5.86 -13.12
C LYS B 334 26.57 -5.65 -13.78
N SER B 335 25.59 -6.42 -13.31
CA SER B 335 24.19 -6.19 -13.63
C SER B 335 23.56 -5.39 -12.50
N LEU B 336 22.75 -4.39 -12.85
CA LEU B 336 22.21 -3.45 -11.87
C LEU B 336 20.70 -3.36 -11.99
N GLY B 337 20.07 -3.07 -10.86
CA GLY B 337 18.64 -2.79 -10.82
C GLY B 337 17.79 -4.02 -11.11
N ALA B 338 16.56 -3.74 -11.55
CA ALA B 338 15.62 -4.77 -11.99
C ALA B 338 15.23 -4.47 -13.43
N GLY B 339 15.37 -5.48 -14.29
CA GLY B 339 15.11 -5.28 -15.70
C GLY B 339 13.65 -5.26 -16.06
N GLY B 340 12.88 -4.40 -15.41
CA GLY B 340 11.47 -4.25 -15.71
C GLY B 340 10.55 -5.26 -15.06
N MET B 341 11.07 -6.10 -14.16
CA MET B 341 10.24 -7.08 -13.47
C MET B 341 9.47 -6.50 -12.29
N ASN B 342 9.75 -5.25 -11.90
CA ASN B 342 8.94 -4.57 -10.91
C ASN B 342 7.59 -4.12 -11.46
N GLN B 343 7.44 -4.07 -12.78
CA GLN B 343 6.26 -3.47 -13.39
C GLN B 343 5.39 -4.53 -14.06
N ILE B 350 13.59 -3.99 -23.26
CA ILE B 350 15.01 -4.17 -23.01
C ILE B 350 15.22 -4.87 -21.68
N GLY B 351 16.47 -5.27 -21.42
CA GLY B 351 16.78 -6.06 -20.24
C GLY B 351 17.53 -5.31 -19.16
N PHE B 352 18.51 -5.99 -18.56
CA PHE B 352 19.19 -5.48 -17.39
C PHE B 352 20.24 -4.45 -17.75
N LYS B 353 20.59 -3.62 -16.78
CA LYS B 353 21.57 -2.56 -16.96
C LYS B 353 22.96 -3.11 -16.63
N THR B 354 23.85 -3.09 -17.62
CA THR B 354 25.18 -3.68 -17.47
C THR B 354 26.24 -2.61 -17.63
N LEU B 355 27.28 -2.69 -16.78
CA LEU B 355 28.39 -1.76 -16.84
C LEU B 355 29.58 -2.35 -16.10
N ILE B 356 30.74 -1.75 -16.32
CA ILE B 356 31.97 -2.17 -15.64
C ILE B 356 32.32 -1.14 -14.58
N LEU B 357 32.58 -1.63 -13.36
CA LEU B 357 33.06 -0.80 -12.27
C LEU B 357 34.58 -0.87 -12.27
N GLY B 358 35.21 0.15 -12.83
CA GLY B 358 36.64 0.08 -13.09
C GLY B 358 37.46 -0.01 -11.81
N ASN B 359 38.56 -0.75 -11.89
CA ASN B 359 39.60 -0.76 -10.86
C ASN B 359 40.98 -0.49 -11.44
N THR B 360 41.21 -0.86 -12.70
CA THR B 360 42.49 -0.63 -13.37
C THR B 360 42.24 -0.01 -14.74
N VAL B 361 43.03 0.99 -15.09
CA VAL B 361 42.92 1.67 -16.39
C VAL B 361 44.34 1.90 -16.91
N TYR B 362 44.69 1.21 -18.00
CA TYR B 362 46.03 1.29 -18.58
C TYR B 362 45.98 2.03 -19.91
N PRO B 363 46.74 3.11 -20.08
CA PRO B 363 46.91 3.68 -21.43
C PRO B 363 47.88 2.85 -22.26
N LEU B 364 47.59 2.74 -23.56
CA LEU B 364 48.39 1.97 -24.50
C LEU B 364 48.76 2.84 -25.68
N HIS B 365 49.91 2.54 -26.30
CA HIS B 365 50.40 3.31 -27.44
C HIS B 365 50.28 2.50 -28.72
N ALA B 366 49.90 3.18 -29.80
CA ALA B 366 49.76 2.57 -31.11
C ALA B 366 50.23 3.55 -32.17
N ARG B 367 50.53 3.03 -33.36
CA ARG B 367 50.95 3.87 -34.47
C ARG B 367 49.86 4.88 -34.81
N SER B 368 50.26 6.13 -35.02
CA SER B 368 49.34 7.20 -35.40
C SER B 368 48.27 7.41 -34.34
N THR B 369 48.71 7.73 -33.13
CA THR B 369 47.80 7.96 -32.02
C THR B 369 48.43 8.97 -31.07
N GLY B 370 47.59 9.61 -30.27
CA GLY B 370 47.99 10.70 -29.41
C GLY B 370 48.60 10.31 -28.09
N VAL B 371 48.74 9.02 -27.80
CA VAL B 371 49.35 8.55 -26.57
C VAL B 371 50.81 8.27 -26.84
N ALA B 372 51.69 8.86 -26.05
CA ALA B 372 53.13 8.71 -26.24
C ALA B 372 53.60 7.36 -25.72
N ALA B 373 54.81 6.99 -26.11
CA ALA B 373 55.45 5.76 -25.66
C ALA B 373 56.65 6.10 -24.80
N ARG B 374 56.69 5.57 -23.58
CA ARG B 374 57.84 5.70 -22.70
C ARG B 374 58.17 4.36 -22.08
N GLN B 375 59.46 4.13 -21.83
CA GLN B 375 59.96 2.92 -21.22
C GLN B 375 60.66 3.25 -19.90
N MET B 376 60.68 2.28 -18.99
CA MET B 376 61.39 2.42 -17.74
C MET B 376 62.86 2.06 -17.96
N LEU B 377 63.74 2.94 -17.50
CA LEU B 377 65.18 2.77 -17.72
C LEU B 377 65.79 2.04 -16.54
N THR B 378 66.47 0.92 -16.81
CA THR B 378 67.23 0.25 -15.79
C THR B 378 68.62 0.88 -15.66
N ASP B 379 69.21 0.74 -14.48
CA ASP B 379 70.57 1.26 -14.30
C ASP B 379 71.55 0.59 -15.25
N PHE B 380 71.35 -0.69 -15.55
CA PHE B 380 72.15 -1.34 -16.57
C PHE B 380 71.99 -0.65 -17.91
N ASP B 381 70.75 -0.30 -18.27
CA ASP B 381 70.52 0.43 -19.52
C ASP B 381 71.26 1.76 -19.51
N ILE B 382 71.17 2.48 -18.39
CA ILE B 382 71.83 3.77 -18.28
C ILE B 382 73.33 3.62 -18.50
N ARG B 383 73.90 2.54 -17.96
CA ARG B 383 75.35 2.37 -18.08
C ARG B 383 75.78 2.22 -19.53
N ASN B 384 75.04 1.44 -20.33
CA ASN B 384 75.37 1.36 -21.75
C ASN B 384 75.14 2.69 -22.46
N ILE B 385 74.04 3.39 -22.14
CA ILE B 385 73.75 4.66 -22.79
C ILE B 385 74.88 5.66 -22.54
N ASN B 386 75.38 5.70 -21.30
CA ASN B 386 76.44 6.64 -20.96
C ASN B 386 77.80 6.17 -21.46
N LYS B 387 78.04 4.86 -21.49
CA LYS B 387 79.29 4.34 -22.04
C LYS B 387 79.42 4.67 -23.52
N LEU B 388 78.35 4.61 -24.27
CA LEU B 388 78.43 4.76 -25.73
C LEU B 388 78.92 6.18 -26.03
N SER B 389 78.67 7.14 -25.17
CA SER B 389 78.88 8.54 -25.52
C SER B 389 80.35 8.85 -25.76
N LYS B 390 81.23 8.32 -24.90
CA LYS B 390 82.63 8.76 -24.93
C LYS B 390 83.28 8.47 -26.29
N LYS B 391 82.96 7.35 -26.92
CA LYS B 391 83.52 7.04 -28.22
C LYS B 391 83.10 8.10 -29.23
N LYS B 392 84.08 8.64 -29.96
CA LYS B 392 83.83 9.79 -30.83
C LYS B 392 83.45 9.35 -32.24
N ASP B 393 82.51 8.42 -32.33
CA ASP B 393 81.83 8.13 -33.60
C ASP B 393 80.37 7.80 -33.34
N ILE B 394 79.84 8.22 -32.18
CA ILE B 394 78.41 8.14 -31.76
C ILE B 394 77.48 8.52 -32.93
N PHE B 395 77.73 9.61 -33.60
CA PHE B 395 76.85 10.08 -34.67
C PHE B 395 76.78 9.07 -35.79
N ASP B 396 77.93 8.53 -36.20
CA ASP B 396 77.94 7.58 -37.33
C ASP B 396 77.24 6.28 -36.96
N ILE B 397 77.53 5.73 -35.78
CA ILE B 397 76.92 4.46 -35.39
C ILE B 397 75.41 4.60 -35.28
N LEU B 398 74.94 5.71 -34.68
CA LEU B 398 73.50 5.89 -34.55
C LEU B 398 72.86 6.22 -35.90
N SER B 399 73.60 6.88 -36.79
CA SER B 399 73.03 7.28 -38.07
C SER B 399 72.89 6.10 -39.00
N GLN B 400 73.89 5.21 -39.05
CA GLN B 400 73.83 4.07 -39.95
C GLN B 400 72.79 3.04 -39.53
N SER B 401 72.37 3.05 -38.26
CA SER B 401 71.36 2.11 -37.79
C SER B 401 69.94 2.59 -38.07
N LEU B 402 69.78 3.72 -38.76
CA LEU B 402 68.46 4.26 -39.04
C LEU B 402 67.94 3.64 -40.33
N ALA B 403 67.11 2.61 -40.19
CA ALA B 403 66.59 1.87 -41.34
C ALA B 403 67.76 1.45 -42.22
N PRO B 404 68.60 0.53 -41.75
CA PRO B 404 69.81 0.19 -42.52
C PRO B 404 69.51 -0.44 -43.86
N SER B 405 68.30 -0.93 -44.05
CA SER B 405 67.91 -1.66 -45.28
C SER B 405 67.83 -0.77 -46.50
N ILE B 406 67.49 0.49 -46.36
CA ILE B 406 67.58 1.47 -47.44
C ILE B 406 69.06 1.79 -47.63
N TYR B 407 69.47 1.99 -48.87
CA TYR B 407 70.88 2.08 -49.21
C TYR B 407 71.31 3.54 -49.36
N GLY B 408 72.47 3.86 -48.79
CA GLY B 408 72.98 5.21 -48.87
C GLY B 408 72.09 6.19 -48.13
N HIS B 409 71.93 7.39 -48.69
CA HIS B 409 71.12 8.45 -48.07
C HIS B 409 71.59 8.73 -46.65
N ASP B 410 72.92 8.81 -46.49
CA ASP B 410 73.50 8.95 -45.17
C ASP B 410 73.27 10.34 -44.57
N HIS B 411 73.28 11.39 -45.38
CA HIS B 411 73.03 12.72 -44.87
C HIS B 411 71.59 12.90 -44.41
N ILE B 412 70.62 12.31 -45.12
CA ILE B 412 69.26 12.28 -44.61
C ILE B 412 69.15 11.43 -43.35
N LYS B 413 69.93 10.35 -43.25
CA LYS B 413 69.99 9.59 -42.00
C LYS B 413 70.44 10.48 -40.85
N LYS B 414 71.43 11.34 -41.09
CA LYS B 414 71.85 12.29 -40.06
C LYS B 414 70.75 13.28 -39.73
N ALA B 415 70.12 13.84 -40.76
CA ALA B 415 69.12 14.89 -40.56
C ALA B 415 67.93 14.38 -39.76
N ILE B 416 67.52 13.13 -39.99
CA ILE B 416 66.39 12.60 -39.26
C ILE B 416 66.71 12.49 -37.77
N LEU B 417 67.92 12.05 -37.42
CA LEU B 417 68.30 12.00 -36.01
C LEU B 417 68.33 13.40 -35.40
N LEU B 418 68.86 14.36 -36.14
CA LEU B 418 68.90 15.74 -35.65
C LEU B 418 67.50 16.24 -35.36
N MET B 419 66.53 15.93 -36.23
CA MET B 419 65.15 16.29 -35.96
C MET B 419 64.58 15.53 -34.76
N LEU B 420 64.94 14.25 -34.62
CA LEU B 420 64.38 13.44 -33.54
C LEU B 420 64.83 13.94 -32.17
N MET B 421 65.95 14.57 -32.01
CA MET B 421 66.48 15.06 -30.72
C MET B 421 66.10 16.54 -30.59
N GLY B 422 66.44 17.41 -31.55
CA GLY B 422 66.00 18.78 -31.55
C GLY B 422 66.71 19.64 -30.50
N GLY B 423 66.64 20.95 -30.71
CA GLY B 423 67.34 21.89 -29.87
C GLY B 423 66.60 22.25 -28.60
N VAL B 424 66.64 23.53 -28.23
CA VAL B 424 66.01 24.03 -27.01
C VAL B 424 65.25 25.31 -27.34
N GLU B 425 64.06 25.46 -26.76
CA GLU B 425 63.29 26.68 -26.93
C GLU B 425 63.38 27.53 -25.67
N LYS B 426 63.11 28.83 -25.84
CA LYS B 426 63.44 29.83 -24.84
C LYS B 426 62.31 30.83 -24.71
N ASN B 427 61.97 31.18 -23.47
CA ASN B 427 60.94 32.17 -23.18
C ASN B 427 61.56 33.30 -22.36
N LEU B 428 61.27 34.54 -22.77
CA LEU B 428 61.82 35.72 -22.12
C LEU B 428 60.77 36.31 -21.18
N GLU B 429 61.24 37.14 -20.25
CA GLU B 429 60.34 37.82 -19.33
C GLU B 429 59.30 38.62 -20.09
N ASN B 430 59.74 39.34 -21.12
CA ASN B 430 58.86 40.10 -22.02
C ASN B 430 57.59 39.32 -22.34
N GLY B 431 57.75 38.06 -22.72
CA GLY B 431 56.63 37.23 -23.14
C GLY B 431 56.86 36.64 -24.51
N SER B 432 58.12 36.64 -24.95
CA SER B 432 58.46 36.20 -26.30
C SER B 432 58.82 34.72 -26.31
N HIS B 433 58.43 34.04 -27.38
CA HIS B 433 58.72 32.64 -27.59
C HIS B 433 59.60 32.48 -28.83
N LEU B 434 60.66 31.69 -28.70
CA LEU B 434 61.60 31.45 -29.79
C LEU B 434 61.66 29.95 -30.09
N ARG B 435 61.53 29.60 -31.36
CA ARG B 435 61.28 28.23 -31.77
C ARG B 435 62.53 27.36 -31.59
N GLY B 436 62.28 26.05 -31.46
CA GLY B 436 63.36 25.09 -31.30
C GLY B 436 63.13 23.77 -32.00
N ASP B 437 62.24 23.72 -32.97
CA ASP B 437 61.94 22.51 -33.73
C ASP B 437 62.66 22.55 -35.07
N ILE B 438 63.00 21.38 -35.58
CA ILE B 438 63.64 21.24 -36.89
C ILE B 438 62.64 20.62 -37.85
N ASN B 439 62.69 21.06 -39.11
CA ASN B 439 61.81 20.56 -40.15
C ASN B 439 62.62 20.18 -41.38
N ILE B 440 62.19 19.12 -42.07
CA ILE B 440 62.92 18.54 -43.18
C ILE B 440 61.99 18.38 -44.37
N LEU B 441 62.52 18.61 -45.57
CA LEU B 441 61.81 18.34 -46.82
C LEU B 441 62.73 17.58 -47.77
N MET B 442 62.13 16.71 -48.57
CA MET B 442 62.88 15.80 -49.45
C MET B 442 62.24 15.82 -50.83
N VAL B 443 63.05 16.05 -51.86
CA VAL B 443 62.62 16.01 -53.26
C VAL B 443 63.54 15.03 -54.00
N GLY B 444 62.94 14.09 -54.72
CA GLY B 444 63.72 13.09 -55.42
C GLY B 444 62.89 12.36 -56.45
N ASP B 445 63.49 11.31 -57.01
CA ASP B 445 62.91 10.56 -58.11
C ASP B 445 61.91 9.52 -57.61
N PRO B 446 61.08 8.98 -58.51
CA PRO B 446 59.96 8.13 -58.06
C PRO B 446 60.30 6.71 -57.65
N SER B 447 61.57 6.38 -57.44
CA SER B 447 61.92 5.07 -56.90
C SER B 447 63.07 5.17 -55.92
N THR B 448 63.09 6.20 -55.10
CA THR B 448 64.19 6.51 -54.16
C THR B 448 63.76 6.24 -52.70
N ALA B 449 62.76 5.39 -52.38
CA ALA B 449 62.45 4.94 -51.03
C ALA B 449 62.11 6.09 -50.09
N LYS B 450 61.39 7.10 -50.60
CA LYS B 450 60.96 8.18 -49.74
C LYS B 450 59.96 7.68 -48.69
N SER B 451 58.97 6.92 -49.12
CA SER B 451 57.92 6.44 -48.24
C SER B 451 58.43 5.44 -47.21
N GLN B 452 59.44 4.64 -47.53
CA GLN B 452 60.08 3.81 -46.52
C GLN B 452 60.73 4.62 -45.43
N LEU B 453 61.42 5.71 -45.80
CA LEU B 453 61.98 6.60 -44.80
C LEU B 453 60.89 7.21 -43.92
N LEU B 454 59.79 7.67 -44.52
CA LEU B 454 58.71 8.22 -43.71
C LEU B 454 58.11 7.18 -42.77
N ARG B 455 57.86 5.97 -43.28
CA ARG B 455 57.23 4.96 -42.46
C ARG B 455 58.13 4.51 -41.32
N PHE B 456 59.45 4.50 -41.55
CA PHE B 456 60.37 4.19 -40.48
C PHE B 456 60.30 5.22 -39.36
N VAL B 457 60.22 6.50 -39.71
CA VAL B 457 60.10 7.53 -38.69
C VAL B 457 58.77 7.39 -37.96
N LEU B 458 57.71 7.02 -38.67
CA LEU B 458 56.43 6.77 -38.00
C LEU B 458 56.53 5.61 -37.02
N ASN B 459 57.25 4.56 -37.38
CA ASN B 459 57.35 3.38 -36.51
C ASN B 459 58.26 3.62 -35.31
N THR B 460 59.30 4.43 -35.45
CA THR B 460 60.29 4.61 -34.39
C THR B 460 59.98 5.75 -33.45
N ALA B 461 59.41 6.85 -33.93
CA ALA B 461 59.20 8.02 -33.09
C ALA B 461 58.20 7.71 -31.97
N SER B 462 58.38 8.40 -30.85
CA SER B 462 57.53 8.16 -29.69
C SER B 462 56.10 8.60 -29.94
N LEU B 463 55.91 9.70 -30.66
CA LEU B 463 54.57 10.20 -30.98
C LEU B 463 54.62 10.78 -32.40
N ALA B 464 53.84 10.20 -33.30
CA ALA B 464 53.85 10.58 -34.71
C ALA B 464 52.49 10.37 -35.32
N ILE B 465 52.13 11.22 -36.28
CA ILE B 465 50.87 11.13 -37.00
C ILE B 465 51.16 11.19 -38.49
N ALA B 466 50.48 10.34 -39.25
CA ALA B 466 50.72 10.19 -40.68
C ALA B 466 49.60 10.85 -41.48
N THR B 467 49.98 11.70 -42.42
CA THR B 467 49.04 12.40 -43.30
C THR B 467 49.58 12.31 -44.72
N THR B 468 48.72 12.12 -45.73
CA THR B 468 49.12 11.91 -47.16
C THR B 468 48.46 12.92 -48.10
N GLY B 469 49.11 14.00 -48.46
CA GLY B 469 48.62 14.94 -49.45
C GLY B 469 47.24 15.49 -49.19
N ARG B 470 46.32 15.22 -50.11
CA ARG B 470 44.96 15.74 -50.00
C ARG B 470 44.14 15.00 -48.95
N GLY B 471 44.69 13.94 -48.38
CA GLY B 471 43.98 13.17 -47.37
C GLY B 471 43.37 14.01 -46.28
N SER B 472 44.18 14.88 -45.67
CA SER B 472 43.72 15.75 -44.60
C SER B 472 43.55 17.17 -45.13
N SER B 473 42.39 17.77 -44.89
CA SER B 473 42.06 19.07 -45.47
C SER B 473 41.27 19.89 -44.46
N GLY B 474 41.63 21.17 -44.34
CA GLY B 474 40.87 22.10 -43.54
C GLY B 474 40.89 21.81 -42.06
N VAL B 475 39.72 21.51 -41.50
CA VAL B 475 39.61 21.26 -40.07
C VAL B 475 40.36 20.01 -39.66
N GLY B 476 40.60 19.09 -40.59
CA GLY B 476 41.27 17.85 -40.25
C GLY B 476 42.68 18.03 -39.74
N LEU B 477 43.30 19.17 -40.01
CA LEU B 477 44.65 19.45 -39.53
C LEU B 477 44.68 20.32 -38.29
N THR B 478 43.78 21.30 -38.16
CA THR B 478 43.83 22.23 -37.05
C THR B 478 42.90 21.86 -35.90
N ALA B 479 41.59 21.93 -36.11
CA ALA B 479 40.63 21.68 -35.03
C ALA B 479 39.21 21.90 -35.57
N ALA B 480 38.23 21.38 -34.82
CA ALA B 480 36.82 21.49 -35.21
C ALA B 480 35.96 21.69 -33.97
N VAL B 481 34.77 22.22 -34.18
CA VAL B 481 33.86 22.59 -33.10
C VAL B 481 32.70 21.61 -33.07
N THR B 482 32.38 21.11 -31.89
CA THR B 482 31.24 20.21 -31.68
C THR B 482 30.39 20.74 -30.52
N THR B 483 29.26 20.08 -30.31
CA THR B 483 28.29 20.45 -29.30
C THR B 483 28.10 19.27 -28.34
N ASP B 484 27.99 19.58 -27.05
CA ASP B 484 27.80 18.56 -26.03
C ASP B 484 26.32 18.45 -25.69
N ARG B 485 25.78 17.24 -25.77
CA ARG B 485 24.34 17.05 -25.62
C ARG B 485 23.87 17.46 -24.24
N GLU B 486 24.62 17.11 -23.20
CA GLU B 486 24.15 17.34 -21.84
C GLU B 486 24.21 18.81 -21.47
N THR B 487 25.40 19.40 -21.47
CA THR B 487 25.55 20.78 -21.03
C THR B 487 25.23 21.79 -22.11
N GLY B 488 25.31 21.41 -23.38
CA GLY B 488 24.92 22.27 -24.47
C GLY B 488 25.96 23.28 -24.91
N GLU B 489 27.20 23.15 -24.46
CA GLU B 489 28.25 24.09 -24.80
C GLU B 489 29.01 23.64 -26.04
N ARG B 490 29.64 24.61 -26.70
CA ARG B 490 30.41 24.35 -27.90
C ARG B 490 31.86 24.06 -27.50
N ARG B 491 32.39 22.91 -27.94
CA ARG B 491 33.71 22.47 -27.55
C ARG B 491 34.58 22.25 -28.79
N LEU B 492 35.85 21.97 -28.53
CA LEU B 492 36.83 21.75 -29.58
C LEU B 492 37.37 20.33 -29.49
N GLU B 493 37.52 19.68 -30.64
CA GLU B 493 38.17 18.39 -30.75
C GLU B 493 39.37 18.54 -31.69
N ALA B 494 40.50 17.98 -31.27
CA ALA B 494 41.79 18.35 -31.84
C ALA B 494 42.02 17.72 -33.21
N GLY B 495 42.65 18.48 -34.09
CA GLY B 495 43.10 17.97 -35.37
C GLY B 495 44.44 17.28 -35.25
N ALA B 496 45.01 16.96 -36.41
CA ALA B 496 46.24 16.17 -36.43
C ALA B 496 47.39 16.91 -35.74
N MET B 497 47.59 18.19 -36.07
CA MET B 497 48.75 18.91 -35.55
C MET B 497 48.58 19.35 -34.10
N VAL B 498 47.35 19.57 -33.64
CA VAL B 498 47.15 19.85 -32.23
C VAL B 498 47.45 18.61 -31.39
N LEU B 499 47.16 17.43 -31.92
CA LEU B 499 47.45 16.19 -31.20
C LEU B 499 48.94 15.88 -31.16
N ALA B 500 49.67 16.20 -32.23
CA ALA B 500 51.10 15.90 -32.33
C ALA B 500 51.95 17.02 -31.72
N ASP B 501 51.65 17.37 -30.48
CA ASP B 501 52.39 18.42 -29.78
C ASP B 501 53.58 17.79 -29.05
N ARG B 502 54.75 18.38 -29.23
CA ARG B 502 56.01 17.79 -28.78
C ARG B 502 56.26 16.46 -29.49
N GLY B 503 56.17 16.50 -30.81
CA GLY B 503 56.27 15.28 -31.59
C GLY B 503 56.52 15.59 -33.04
N VAL B 504 56.15 14.64 -33.89
CA VAL B 504 56.46 14.71 -35.32
C VAL B 504 55.19 14.45 -36.12
N VAL B 505 55.12 15.09 -37.28
CA VAL B 505 54.03 14.88 -38.25
C VAL B 505 54.67 14.52 -39.57
N CYS B 506 54.22 13.44 -40.19
CA CYS B 506 54.77 12.93 -41.43
C CYS B 506 53.78 13.21 -42.55
N ILE B 507 54.19 14.07 -43.49
CA ILE B 507 53.34 14.42 -44.62
C ILE B 507 53.92 13.83 -45.89
N ASP B 508 53.33 12.73 -46.34
CA ASP B 508 53.74 12.13 -47.62
C ASP B 508 52.96 12.79 -48.75
N GLU B 509 53.63 12.99 -49.89
CA GLU B 509 53.05 13.68 -51.03
C GLU B 509 52.74 15.13 -50.66
N PHE B 510 53.77 15.87 -50.25
CA PHE B 510 53.58 17.22 -49.74
C PHE B 510 53.09 18.18 -50.82
N ASP B 511 53.42 17.94 -52.08
CA ASP B 511 53.12 18.91 -53.13
C ASP B 511 51.68 18.86 -53.61
N LYS B 512 50.85 18.00 -53.04
CA LYS B 512 49.46 17.85 -53.47
C LYS B 512 48.49 18.70 -52.68
N MET B 513 48.97 19.56 -51.78
CA MET B 513 48.12 20.30 -50.88
C MET B 513 47.73 21.65 -51.47
N THR B 514 46.54 22.12 -51.12
CA THR B 514 46.04 23.40 -51.60
C THR B 514 46.63 24.55 -50.78
N ASP B 515 46.45 25.77 -51.31
CA ASP B 515 47.01 26.94 -50.66
C ASP B 515 46.33 27.25 -49.33
N VAL B 516 45.06 26.86 -49.19
CA VAL B 516 44.33 27.15 -47.95
C VAL B 516 44.97 26.43 -46.78
N ASP B 517 45.36 25.17 -46.96
CA ASP B 517 46.06 24.46 -45.90
C ASP B 517 47.49 24.94 -45.75
N ARG B 518 48.09 25.41 -46.83
CA ARG B 518 49.44 25.95 -46.76
C ARG B 518 49.51 27.18 -45.87
N VAL B 519 48.51 28.07 -45.97
CA VAL B 519 48.49 29.24 -45.10
C VAL B 519 48.27 28.85 -43.64
N ALA B 520 47.55 27.76 -43.38
CA ALA B 520 47.39 27.28 -42.02
C ALA B 520 48.66 26.66 -41.46
N ILE B 521 49.44 25.98 -42.30
CA ILE B 521 50.72 25.43 -41.86
C ILE B 521 51.78 26.51 -41.69
N HIS B 522 51.65 27.63 -42.39
CA HIS B 522 52.56 28.76 -42.16
C HIS B 522 52.58 29.15 -40.69
N GLU B 523 51.43 29.17 -40.04
CA GLU B 523 51.33 29.57 -38.64
C GLU B 523 51.85 28.49 -37.70
N VAL B 524 51.75 27.22 -38.08
CA VAL B 524 52.21 26.16 -37.19
C VAL B 524 53.72 25.99 -37.26
N MET B 525 54.32 26.21 -38.43
CA MET B 525 55.76 25.97 -38.57
C MET B 525 56.62 27.10 -38.04
N GLU B 526 56.05 28.26 -37.72
CA GLU B 526 56.83 29.39 -37.25
C GLU B 526 56.46 29.85 -35.84
N GLN B 527 55.18 30.16 -35.59
CA GLN B 527 54.75 30.58 -34.27
C GLN B 527 54.26 29.42 -33.40
N GLN B 528 53.89 28.31 -34.01
CA GLN B 528 53.46 27.12 -33.28
C GLN B 528 52.23 27.40 -32.42
N THR B 529 51.33 28.22 -32.95
CA THR B 529 50.03 28.46 -32.33
C THR B 529 48.95 28.33 -33.41
N VAL B 530 47.77 27.89 -33.00
CA VAL B 530 46.61 27.82 -33.86
C VAL B 530 45.55 28.75 -33.27
N THR B 531 45.06 29.68 -34.07
CA THR B 531 44.08 30.67 -33.64
C THR B 531 42.75 30.36 -34.30
N ILE B 532 41.70 30.20 -33.49
CA ILE B 532 40.36 29.87 -33.95
C ILE B 532 39.44 31.00 -33.55
N ALA B 533 38.71 31.56 -34.51
CA ALA B 533 37.71 32.61 -34.26
C ALA B 533 36.43 32.19 -34.97
N LYS B 534 35.62 31.39 -34.29
CA LYS B 534 34.34 30.92 -34.78
C LYS B 534 33.23 31.57 -33.95
N ALA B 535 32.00 31.14 -34.19
CA ALA B 535 30.84 31.74 -33.52
C ALA B 535 30.88 31.38 -32.04
N GLY B 536 31.30 32.33 -31.22
CA GLY B 536 31.35 32.18 -29.78
C GLY B 536 32.68 31.72 -29.24
N ILE B 537 33.48 31.05 -30.06
CA ILE B 537 34.76 30.50 -29.63
C ILE B 537 35.87 31.40 -30.14
N HIS B 538 36.69 31.93 -29.23
CA HIS B 538 37.89 32.67 -29.58
C HIS B 538 39.02 32.19 -28.67
N THR B 539 39.90 31.35 -29.20
CA THR B 539 40.91 30.71 -28.36
C THR B 539 42.16 30.42 -29.18
N THR B 540 43.28 30.30 -28.48
CA THR B 540 44.57 29.99 -29.06
C THR B 540 45.08 28.68 -28.46
N LEU B 541 45.51 27.77 -29.32
CA LEU B 541 45.96 26.44 -28.91
C LEU B 541 47.43 26.25 -29.25
N ASN B 542 48.08 25.36 -28.51
CA ASN B 542 49.51 25.11 -28.66
C ASN B 542 49.73 23.94 -29.61
N ALA B 543 50.60 24.15 -30.60
CA ALA B 543 51.02 23.10 -31.55
C ALA B 543 52.51 23.26 -31.78
N ARG B 544 53.31 22.59 -30.94
CA ARG B 544 54.77 22.64 -31.03
C ARG B 544 55.26 21.32 -31.62
N CYS B 545 55.25 21.24 -32.94
CA CYS B 545 55.49 20.01 -33.66
C CYS B 545 56.57 20.20 -34.71
N SER B 546 57.34 19.14 -34.94
CA SER B 546 58.27 19.10 -36.06
C SER B 546 57.61 18.42 -37.25
N VAL B 547 58.09 18.74 -38.45
CA VAL B 547 57.47 18.28 -39.68
C VAL B 547 58.53 17.66 -40.59
N ILE B 548 58.23 16.48 -41.12
CA ILE B 548 59.01 15.86 -42.18
C ILE B 548 58.07 15.64 -43.37
N ALA B 549 58.57 15.90 -44.58
CA ALA B 549 57.73 15.84 -45.75
C ALA B 549 58.55 15.45 -46.97
N ALA B 550 57.84 14.93 -47.98
CA ALA B 550 58.45 14.47 -49.23
C ALA B 550 57.60 14.94 -50.40
N ALA B 551 58.25 15.40 -51.46
CA ALA B 551 57.58 16.01 -52.60
C ALA B 551 58.09 15.43 -53.91
N ASN B 552 57.24 15.51 -54.93
CA ASN B 552 57.54 14.99 -56.26
C ASN B 552 58.00 16.10 -57.19
N PRO B 553 59.01 15.87 -58.02
CA PRO B 553 59.41 16.89 -58.99
C PRO B 553 58.33 17.17 -60.00
N VAL B 554 58.27 18.42 -60.46
CA VAL B 554 57.17 18.84 -61.32
C VAL B 554 57.21 18.13 -62.65
N PHE B 555 58.39 17.86 -63.18
CA PHE B 555 58.55 17.25 -64.50
C PHE B 555 58.74 15.74 -64.41
N GLY B 556 58.15 15.08 -63.43
CA GLY B 556 58.29 13.65 -63.29
C GLY B 556 59.64 13.25 -62.77
N GLN B 557 60.70 13.68 -63.45
CA GLN B 557 62.07 13.46 -63.02
C GLN B 557 62.81 14.79 -62.97
N TYR B 558 63.82 14.86 -62.11
CA TYR B 558 64.57 16.10 -61.93
C TYR B 558 65.33 16.44 -63.20
N ASP B 559 65.15 17.67 -63.69
CA ASP B 559 65.78 18.12 -64.92
C ASP B 559 67.00 18.97 -64.57
N VAL B 560 68.19 18.44 -64.84
CA VAL B 560 69.42 19.15 -64.48
C VAL B 560 69.62 20.40 -65.33
N ASN B 561 69.05 20.45 -66.53
CA ASN B 561 69.23 21.61 -67.39
C ASN B 561 68.57 22.85 -66.79
N ARG B 562 67.35 22.70 -66.30
CA ARG B 562 66.65 23.82 -65.69
C ARG B 562 67.15 24.06 -64.26
N ASP B 563 66.88 25.27 -63.76
CA ASP B 563 67.26 25.65 -62.40
C ASP B 563 66.18 25.24 -61.42
N PRO B 564 66.49 25.22 -60.12
CA PRO B 564 65.56 24.63 -59.15
C PRO B 564 64.19 25.29 -59.10
N HIS B 565 64.11 26.59 -59.35
CA HIS B 565 62.81 27.27 -59.29
C HIS B 565 61.83 26.68 -60.28
N GLN B 566 62.31 26.00 -61.31
CA GLN B 566 61.43 25.41 -62.32
C GLN B 566 61.15 23.93 -62.07
N ASN B 567 61.92 23.27 -61.21
CA ASN B 567 61.65 21.89 -60.83
C ASN B 567 60.84 21.76 -59.55
N ILE B 568 61.08 22.60 -58.56
CA ILE B 568 60.42 22.47 -57.26
C ILE B 568 59.04 23.10 -57.28
N ALA B 569 58.96 24.40 -57.58
CA ALA B 569 57.69 25.10 -57.71
C ALA B 569 56.96 25.19 -56.37
N LEU B 570 57.63 25.71 -55.35
CA LEU B 570 56.98 26.02 -54.08
C LEU B 570 57.31 27.44 -53.66
N PRO B 571 56.39 28.14 -52.99
CA PRO B 571 56.64 29.54 -52.64
C PRO B 571 57.83 29.69 -51.71
N ASP B 572 58.54 30.80 -51.88
CA ASP B 572 59.70 31.09 -51.05
C ASP B 572 59.35 31.22 -49.58
N SER B 573 58.15 31.71 -49.27
CA SER B 573 57.74 31.83 -47.87
C SER B 573 57.71 30.47 -47.20
N LEU B 574 57.17 29.46 -47.88
CA LEU B 574 57.12 28.12 -47.32
C LEU B 574 58.50 27.46 -47.33
N LEU B 575 59.30 27.70 -48.37
CA LEU B 575 60.63 27.13 -48.42
C LEU B 575 61.48 27.62 -47.26
N SER B 576 61.40 28.91 -46.94
CA SER B 576 62.21 29.45 -45.84
C SER B 576 61.83 28.84 -44.49
N ARG B 577 60.61 28.31 -44.36
CA ARG B 577 60.17 27.71 -43.11
C ARG B 577 60.67 26.29 -42.91
N PHE B 578 61.27 25.70 -43.94
CA PHE B 578 61.91 24.39 -43.83
C PHE B 578 63.40 24.60 -43.63
N ASP B 579 63.94 24.03 -42.55
CA ASP B 579 65.36 24.19 -42.27
C ASP B 579 66.21 23.54 -43.35
N LEU B 580 65.82 22.37 -43.83
CA LEU B 580 66.63 21.60 -44.77
C LEU B 580 65.77 21.19 -45.96
N LEU B 581 66.27 21.45 -47.16
CA LEU B 581 65.67 20.95 -48.39
C LEU B 581 66.73 20.09 -49.08
N PHE B 582 66.53 18.79 -49.08
CA PHE B 582 67.44 17.85 -49.72
C PHE B 582 66.94 17.50 -51.11
N VAL B 583 67.88 17.30 -52.03
CA VAL B 583 67.55 16.78 -53.35
C VAL B 583 68.38 15.52 -53.58
N VAL B 584 67.75 14.54 -54.21
CA VAL B 584 68.38 13.25 -54.47
C VAL B 584 67.96 12.77 -55.84
N THR B 585 68.85 12.03 -56.49
CA THR B 585 68.56 11.48 -57.80
C THR B 585 69.26 10.14 -57.93
N ASP B 586 68.72 9.28 -58.79
CA ASP B 586 69.29 7.98 -59.08
C ASP B 586 70.00 8.08 -60.43
N ASP B 587 71.33 8.08 -60.40
CA ASP B 587 72.14 8.14 -61.61
C ASP B 587 72.31 6.73 -62.14
N ILE B 588 71.77 6.47 -63.33
CA ILE B 588 71.91 5.15 -63.92
C ILE B 588 73.39 4.85 -64.08
N ASN B 589 73.80 3.66 -63.65
CA ASN B 589 75.21 3.31 -63.58
C ASN B 589 75.32 1.79 -63.68
N GLU B 590 76.56 1.31 -63.64
CA GLU B 590 76.83 -0.12 -63.55
C GLU B 590 77.47 -0.51 -62.23
N ILE B 591 78.45 0.25 -61.76
CA ILE B 591 79.08 -0.08 -60.47
C ILE B 591 78.05 -0.06 -59.37
N ARG B 592 77.27 1.02 -59.27
CA ARG B 592 76.23 1.12 -58.26
C ARG B 592 75.05 0.21 -58.53
N ASP B 593 74.79 -0.12 -59.79
CA ASP B 593 73.77 -1.13 -60.07
C ASP B 593 74.15 -2.49 -59.50
N ARG B 594 75.36 -2.97 -59.77
CA ARG B 594 75.84 -4.18 -59.14
C ARG B 594 75.78 -4.09 -57.61
N SER B 595 76.32 -2.99 -57.06
CA SER B 595 76.41 -2.88 -55.60
C SER B 595 75.02 -2.90 -54.97
N ILE B 596 74.07 -2.15 -55.54
CA ILE B 596 72.74 -2.06 -54.96
C ILE B 596 72.00 -3.37 -55.16
N SER B 597 72.13 -3.98 -56.33
CA SER B 597 71.44 -5.23 -56.61
C SER B 597 71.85 -6.31 -55.60
N GLU B 598 73.16 -6.47 -55.40
CA GLU B 598 73.63 -7.52 -54.50
C GLU B 598 73.12 -7.31 -53.07
N HIS B 599 73.12 -6.08 -52.59
CA HIS B 599 72.63 -5.77 -51.25
C HIS B 599 71.12 -6.02 -51.12
N VAL B 600 70.37 -5.59 -52.13
CA VAL B 600 68.92 -5.79 -52.10
C VAL B 600 68.58 -7.28 -52.14
N LEU B 601 69.34 -8.07 -52.89
CA LEU B 601 69.11 -9.53 -52.92
C LEU B 601 69.55 -10.07 -51.55
N ARG B 602 70.61 -9.58 -50.90
CA ARG B 602 70.92 -9.99 -49.53
C ARG B 602 69.69 -9.85 -48.65
N THR B 603 69.06 -8.68 -48.68
CA THR B 603 67.95 -8.43 -47.77
C THR B 603 66.78 -9.37 -48.02
N HIS B 604 66.46 -9.65 -49.27
CA HIS B 604 65.27 -10.43 -49.61
C HIS B 604 65.39 -11.91 -49.23
N ARG B 605 66.44 -12.31 -48.53
CA ARG B 605 66.65 -13.69 -48.11
C ARG B 605 67.10 -13.64 -46.65
N TYR B 606 66.18 -13.89 -45.73
CA TYR B 606 66.44 -13.69 -44.31
C TYR B 606 65.45 -14.53 -43.51
N LEU B 607 65.97 -15.39 -42.63
CA LEU B 607 65.14 -16.26 -41.80
C LEU B 607 65.01 -15.66 -40.40
N PRO B 608 63.81 -15.32 -39.94
CA PRO B 608 63.64 -14.93 -38.53
C PRO B 608 64.07 -16.05 -37.61
N PRO B 609 64.67 -15.75 -36.47
CA PRO B 609 65.17 -16.83 -35.59
C PRO B 609 64.10 -17.83 -35.21
N GLY B 610 64.24 -19.06 -35.67
CA GLY B 610 63.43 -20.15 -35.15
C GLY B 610 62.37 -20.70 -36.08
N TYR B 611 62.58 -20.58 -37.39
CA TYR B 611 61.67 -21.16 -38.38
C TYR B 611 62.46 -22.09 -39.29
N LEU B 612 61.89 -23.25 -39.57
CA LEU B 612 62.33 -24.02 -40.72
C LEU B 612 61.92 -23.30 -41.99
N GLU B 613 62.86 -23.25 -42.95
CA GLU B 613 62.61 -22.51 -44.17
C GLU B 613 61.36 -23.02 -44.87
N GLY B 614 60.54 -22.10 -45.36
CA GLY B 614 59.30 -22.46 -46.01
C GLY B 614 58.10 -22.03 -45.21
N GLU B 615 58.20 -22.15 -43.89
CA GLU B 615 57.10 -21.82 -43.00
C GLU B 615 56.77 -20.33 -43.12
N PRO B 616 55.53 -19.97 -43.41
CA PRO B 616 55.19 -18.55 -43.46
C PRO B 616 55.42 -17.86 -42.12
N VAL B 617 55.95 -16.63 -42.19
CA VAL B 617 56.10 -15.83 -40.99
C VAL B 617 54.75 -15.22 -40.61
N ARG B 618 54.58 -14.89 -39.34
CA ARG B 618 53.29 -14.55 -38.77
C ARG B 618 53.23 -13.08 -38.37
N GLU B 619 52.12 -12.43 -38.68
CA GLU B 619 51.91 -11.02 -38.40
C GLU B 619 51.22 -10.85 -37.06
N ARG B 620 51.59 -9.81 -36.31
CA ARG B 620 50.87 -9.45 -35.06
C ARG B 620 50.80 -7.94 -34.97
N LEU B 621 49.75 -7.38 -34.33
CA LEU B 621 49.56 -5.91 -34.12
C LEU B 621 50.33 -5.52 -32.86
N ASN B 622 51.19 -4.51 -32.88
CA ASN B 622 52.12 -4.17 -31.81
C ASN B 622 51.53 -3.05 -30.96
N LEU B 623 50.97 -3.42 -29.80
CA LEU B 623 50.42 -2.47 -28.86
C LEU B 623 51.40 -2.32 -27.70
N SER B 624 51.87 -1.11 -27.47
CA SER B 624 52.89 -0.84 -26.48
C SER B 624 52.26 -0.43 -25.15
N LEU B 625 53.11 -0.28 -24.13
CA LEU B 625 52.68 0.16 -22.81
C LEU B 625 53.46 1.40 -22.43
N ALA B 626 52.77 2.33 -21.76
CA ALA B 626 53.31 3.63 -21.43
C ALA B 626 53.57 3.74 -19.93
N VAL B 627 54.49 4.63 -19.58
CA VAL B 627 54.82 4.86 -18.19
C VAL B 627 55.09 6.35 -17.97
N PRO B 683 81.43 -1.53 -38.82
CA PRO B 683 80.78 -0.79 -37.73
C PRO B 683 79.44 -1.45 -37.38
N LYS B 684 79.25 -2.05 -36.19
CA LYS B 684 78.02 -2.77 -35.81
C LYS B 684 76.90 -1.77 -35.54
N LEU B 685 75.68 -2.19 -35.76
CA LEU B 685 74.51 -1.34 -35.63
C LEU B 685 73.75 -1.64 -34.35
N VAL B 686 73.19 -0.61 -33.74
CA VAL B 686 72.47 -0.70 -32.45
C VAL B 686 71.01 -1.06 -32.73
N THR B 687 70.41 -1.82 -31.86
CA THR B 687 69.05 -2.32 -32.01
C THR B 687 68.02 -1.19 -31.95
N ILE B 688 66.99 -1.31 -32.78
CA ILE B 688 65.91 -0.32 -32.83
C ILE B 688 65.28 -0.15 -31.45
N PRO B 689 65.07 -1.21 -30.66
CA PRO B 689 64.52 -1.00 -29.31
C PRO B 689 65.41 -0.17 -28.40
N PHE B 690 66.71 -0.09 -28.67
CA PHE B 690 67.60 0.70 -27.81
C PHE B 690 67.66 2.16 -28.23
N LEU B 691 67.41 2.45 -29.50
CA LEU B 691 67.51 3.84 -29.95
C LEU B 691 66.49 4.71 -29.24
N ARG B 692 65.29 4.17 -28.99
CA ARG B 692 64.28 4.92 -28.24
C ARG B 692 64.75 5.20 -26.81
N LYS B 693 65.39 4.23 -26.16
CA LYS B 693 65.94 4.46 -24.83
C LYS B 693 66.97 5.57 -24.86
N TYR B 694 67.83 5.57 -25.87
CA TYR B 694 68.83 6.63 -25.99
C TYR B 694 68.16 8.00 -26.12
N VAL B 695 67.21 8.12 -27.04
CA VAL B 695 66.58 9.42 -27.31
C VAL B 695 65.83 9.92 -26.08
N GLN B 696 65.11 9.03 -25.39
CA GLN B 696 64.28 9.47 -24.28
C GLN B 696 65.11 10.12 -23.18
N TYR B 697 66.22 9.47 -22.81
CA TYR B 697 67.13 10.06 -21.83
C TYR B 697 67.73 11.35 -22.37
N ALA B 698 68.16 11.33 -23.64
CA ALA B 698 68.84 12.47 -24.22
C ALA B 698 67.97 13.72 -24.25
N LYS B 699 66.65 13.58 -24.33
CA LYS B 699 65.78 14.77 -24.30
C LYS B 699 65.50 15.24 -22.89
N GLU B 700 65.15 14.33 -21.97
CA GLU B 700 64.80 14.73 -20.62
C GLU B 700 65.97 15.35 -19.87
N ARG B 701 67.18 14.78 -20.03
CA ARG B 701 68.25 15.08 -19.08
C ARG B 701 69.10 16.28 -19.48
N VAL B 702 69.59 16.25 -20.72
CA VAL B 702 70.54 17.29 -21.21
C VAL B 702 69.80 18.53 -21.70
N ILE B 703 70.17 19.74 -21.32
CA ILE B 703 69.70 20.99 -21.93
C ILE B 703 70.90 21.91 -22.12
N PRO B 704 71.64 21.79 -23.22
CA PRO B 704 72.90 22.55 -23.35
C PRO B 704 72.67 24.04 -23.43
N GLN B 705 73.71 24.79 -23.04
CA GLN B 705 73.74 26.25 -23.11
C GLN B 705 74.74 26.70 -24.16
N LEU B 706 74.61 27.94 -24.62
CA LEU B 706 75.45 28.50 -25.66
C LEU B 706 76.71 29.11 -25.07
N THR B 707 77.82 28.91 -25.77
CA THR B 707 79.13 29.37 -25.35
C THR B 707 79.56 30.57 -26.20
N GLN B 708 80.64 31.22 -25.76
CA GLN B 708 81.19 32.36 -26.49
C GLN B 708 82.09 31.95 -27.65
N GLU B 709 82.30 30.64 -27.84
CA GLU B 709 83.21 30.20 -28.89
C GLU B 709 82.51 30.10 -30.25
N ALA B 710 81.48 29.26 -30.33
CA ALA B 710 80.92 28.88 -31.63
C ALA B 710 80.08 29.99 -32.28
N ILE B 711 79.75 31.03 -31.53
CA ILE B 711 78.99 32.13 -32.10
C ILE B 711 79.77 32.74 -33.26
N ASN B 712 81.09 32.80 -33.15
CA ASN B 712 81.90 33.35 -34.23
C ASN B 712 81.82 32.49 -35.49
N VAL B 713 81.84 31.16 -35.34
CA VAL B 713 81.70 30.28 -36.50
C VAL B 713 80.35 30.52 -37.17
N ILE B 714 79.27 30.57 -36.38
CA ILE B 714 77.96 30.75 -36.97
C ILE B 714 77.88 32.11 -37.66
N VAL B 715 78.43 33.15 -37.02
CA VAL B 715 78.38 34.49 -37.61
C VAL B 715 79.12 34.50 -38.94
N LYS B 716 80.30 33.89 -38.99
CA LYS B 716 81.06 33.85 -40.23
C LYS B 716 80.28 33.13 -41.32
N ASN B 717 79.71 31.97 -41.01
CA ASN B 717 79.00 31.21 -42.04
C ASN B 717 77.79 31.97 -42.56
N TYR B 718 77.02 32.58 -41.67
CA TYR B 718 75.82 33.31 -42.12
C TYR B 718 76.21 34.50 -42.97
N THR B 719 77.17 35.31 -42.52
CA THR B 719 77.60 36.46 -43.31
C THR B 719 78.13 36.00 -44.67
N ASP B 720 78.96 34.96 -44.67
CA ASP B 720 79.54 34.45 -45.90
C ASP B 720 78.46 34.02 -46.87
N LEU B 721 77.47 33.26 -46.40
CA LEU B 721 76.41 32.80 -47.29
C LEU B 721 75.59 33.96 -47.84
N ARG B 722 75.24 34.94 -46.99
CA ARG B 722 74.39 36.02 -47.49
C ARG B 722 75.15 36.96 -48.41
N ASN B 723 76.47 37.11 -48.30
CA ASN B 723 77.31 37.90 -49.24
C ASN B 723 78.10 36.95 -50.17
N ASP B 724 77.50 35.86 -50.68
CA ASP B 724 78.11 34.98 -51.69
C ASP B 724 77.12 34.83 -52.83
N ASP B 725 77.63 34.51 -54.02
CA ASP B 725 76.88 34.66 -55.27
C ASP B 725 76.85 33.35 -56.04
N ASN B 726 76.49 32.26 -55.36
CA ASN B 726 76.18 31.00 -56.02
C ASN B 726 74.69 30.74 -55.97
N THR B 727 74.16 30.15 -57.05
CA THR B 727 72.75 29.81 -57.08
C THR B 727 72.46 28.71 -56.07
N LYS B 728 71.65 29.01 -55.08
CA LYS B 728 71.38 28.10 -53.98
C LYS B 728 70.03 27.43 -54.17
N LYS B 729 69.81 26.37 -53.40
CA LYS B 729 68.57 25.63 -53.48
C LYS B 729 67.49 26.16 -52.54
N SER B 730 67.78 27.21 -51.77
CA SER B 730 66.79 27.82 -50.91
C SER B 730 67.19 29.27 -50.64
N PRO B 731 66.24 30.14 -50.32
CA PRO B 731 66.59 31.51 -49.95
C PRO B 731 67.25 31.57 -48.59
N ILE B 732 67.93 32.68 -48.32
CA ILE B 732 68.67 32.89 -47.08
C ILE B 732 68.02 34.04 -46.33
N THR B 733 67.67 33.80 -45.07
CA THR B 733 67.08 34.83 -44.21
C THR B 733 67.62 34.70 -42.79
N ALA B 734 66.99 35.36 -41.82
CA ALA B 734 67.30 35.13 -40.42
C ALA B 734 66.84 33.76 -39.95
N ARG B 735 65.92 33.13 -40.67
CA ARG B 735 65.56 31.75 -40.39
C ARG B 735 66.76 30.83 -40.51
N THR B 736 67.65 31.09 -41.46
CA THR B 736 68.89 30.32 -41.54
C THR B 736 69.76 30.56 -40.32
N LEU B 737 69.81 31.80 -39.82
CA LEU B 737 70.58 32.10 -38.63
C LEU B 737 70.09 31.29 -37.44
N GLU B 738 68.77 31.22 -37.25
CA GLU B 738 68.24 30.42 -36.14
C GLU B 738 68.39 28.92 -36.40
N THR B 739 68.31 28.52 -37.67
CA THR B 739 68.46 27.11 -38.03
C THR B 739 69.85 26.61 -37.65
N LEU B 740 70.86 27.44 -37.85
CA LEU B 740 72.21 27.02 -37.50
C LEU B 740 72.33 26.72 -36.01
N ILE B 741 71.72 27.54 -35.17
CA ILE B 741 71.77 27.31 -33.73
C ILE B 741 70.98 26.06 -33.33
N ARG B 742 69.79 25.86 -33.93
CA ARG B 742 69.05 24.64 -33.63
C ARG B 742 69.85 23.41 -34.00
N LEU B 743 70.45 23.41 -35.20
CA LEU B 743 71.26 22.29 -35.63
C LEU B 743 72.44 22.08 -34.70
N ALA B 744 73.10 23.16 -34.29
CA ALA B 744 74.25 23.03 -33.41
C ALA B 744 73.87 22.41 -32.08
N THR B 745 72.76 22.86 -31.49
CA THR B 745 72.35 22.33 -30.20
C THR B 745 71.85 20.89 -30.29
N ALA B 746 71.31 20.48 -31.44
CA ALA B 746 70.93 19.08 -31.58
C ALA B 746 72.12 18.14 -31.49
N HIS B 747 73.25 18.49 -32.13
CA HIS B 747 74.42 17.64 -32.04
C HIS B 747 74.96 17.58 -30.62
N ALA B 748 74.96 18.71 -29.91
CA ALA B 748 75.33 18.68 -28.50
C ALA B 748 74.37 17.84 -27.68
N LYS B 749 73.11 17.61 -28.10
CA LYS B 749 72.16 16.68 -27.43
C LYS B 749 72.64 15.27 -27.75
N VAL B 750 73.17 15.10 -28.95
CA VAL B 750 73.69 13.77 -29.25
C VAL B 750 74.87 13.42 -28.33
N ARG B 751 75.72 14.40 -28.01
CA ARG B 751 76.92 14.13 -27.23
C ARG B 751 76.70 14.12 -25.72
N LEU B 752 75.54 14.58 -25.25
CA LEU B 752 75.21 14.61 -23.83
C LEU B 752 76.11 15.56 -23.04
N SER B 753 76.75 16.52 -23.71
CA SER B 753 77.49 17.55 -23.03
C SER B 753 76.57 18.70 -22.63
N LYS B 754 76.98 19.45 -21.60
CA LYS B 754 76.15 20.54 -21.10
C LYS B 754 76.31 21.84 -21.87
N THR B 755 77.22 21.92 -22.83
CA THR B 755 77.43 23.14 -23.59
C THR B 755 77.60 22.82 -25.06
N VAL B 756 77.12 23.73 -25.91
CA VAL B 756 77.41 23.62 -27.33
C VAL B 756 78.90 23.85 -27.55
N ASN B 757 79.44 23.26 -28.58
CA ASN B 757 80.89 23.39 -28.84
C ASN B 757 81.14 23.74 -30.31
N LYS B 758 82.40 23.84 -30.68
CA LYS B 758 82.83 24.26 -32.01
C LYS B 758 82.73 23.14 -33.03
N VAL B 759 83.08 21.92 -32.65
CA VAL B 759 82.98 20.79 -33.57
C VAL B 759 81.53 20.59 -34.01
N ASP B 760 80.60 20.69 -33.06
CA ASP B 760 79.19 20.58 -33.39
C ASP B 760 78.75 21.69 -34.34
N ALA B 761 79.21 22.92 -34.11
CA ALA B 761 78.85 24.02 -34.99
C ALA B 761 79.34 23.75 -36.41
N LYS B 762 80.56 23.22 -36.55
CA LYS B 762 81.06 22.93 -37.88
C LYS B 762 80.35 21.74 -38.54
N VAL B 763 79.89 20.76 -37.76
CA VAL B 763 79.07 19.70 -38.34
C VAL B 763 77.76 20.27 -38.87
N ALA B 764 77.13 21.15 -38.10
CA ALA B 764 75.90 21.79 -38.56
C ALA B 764 76.15 22.58 -39.84
N ALA B 765 77.23 23.35 -39.87
CA ALA B 765 77.55 24.14 -41.05
C ALA B 765 77.81 23.25 -42.27
N ASN B 766 78.59 22.17 -42.07
CA ASN B 766 78.86 21.23 -43.15
C ASN B 766 77.57 20.63 -43.69
N LEU B 767 76.67 20.22 -42.80
CA LEU B 767 75.41 19.61 -43.24
C LEU B 767 74.58 20.60 -44.04
N LEU B 768 74.45 21.83 -43.53
CA LEU B 768 73.67 22.83 -44.25
C LEU B 768 74.26 23.10 -45.62
N ARG B 769 75.59 23.20 -45.70
CA ARG B 769 76.21 23.52 -46.98
C ARG B 769 76.13 22.36 -47.97
N PHE B 770 76.14 21.11 -47.48
CA PHE B 770 75.88 20.00 -48.39
C PHE B 770 74.45 20.02 -48.91
N ALA B 771 73.49 20.32 -48.04
CA ALA B 771 72.09 20.37 -48.45
C ALA B 771 71.77 21.58 -49.31
N LEU B 772 72.61 22.62 -49.28
CA LEU B 772 72.42 23.81 -50.10
C LEU B 772 73.12 23.70 -51.44
N LEU B 773 74.36 23.24 -51.44
CA LEU B 773 75.17 23.16 -52.65
C LEU B 773 75.45 21.70 -52.99
N LEU C 177 0.73 66.99 8.20
CA LEU C 177 1.58 66.41 7.12
C LEU C 177 1.39 64.91 7.12
N ARG C 178 0.24 64.42 6.74
CA ARG C 178 0.08 62.96 6.60
C ARG C 178 1.03 62.51 5.48
N ILE C 179 1.81 61.47 5.70
CA ILE C 179 2.73 60.86 4.74
C ILE C 179 2.18 59.49 4.37
N ILE C 180 2.00 59.25 3.08
CA ILE C 180 1.60 57.94 2.63
C ILE C 180 2.73 56.95 2.92
N TRP C 181 2.39 55.81 3.50
CA TRP C 181 3.39 54.85 3.94
C TRP C 181 4.28 54.44 2.76
N GLY C 182 5.58 54.36 3.03
CA GLY C 182 6.53 54.02 2.01
C GLY C 182 6.89 55.15 1.08
N THR C 183 6.37 56.35 1.30
CA THR C 183 6.67 57.50 0.47
C THR C 183 6.84 58.72 1.37
N ASN C 184 7.17 59.85 0.75
CA ASN C 184 7.29 61.13 1.44
C ASN C 184 6.23 62.11 0.98
N VAL C 185 5.12 61.62 0.44
CA VAL C 185 4.13 62.43 -0.24
C VAL C 185 3.01 62.78 0.74
N SER C 186 2.55 64.02 0.70
CA SER C 186 1.32 64.44 1.35
C SER C 186 0.34 64.89 0.28
N ILE C 187 -0.81 64.21 0.19
CA ILE C 187 -1.71 64.41 -0.94
C ILE C 187 -2.23 65.85 -0.96
N GLN C 188 -2.72 66.34 0.18
CA GLN C 188 -3.24 67.70 0.23
C GLN C 188 -2.13 68.72 -0.04
N GLU C 189 -0.96 68.49 0.54
CA GLU C 189 0.17 69.39 0.30
C GLU C 189 0.43 69.55 -1.19
N CYS C 190 0.55 68.43 -1.91
CA CYS C 190 0.88 68.49 -3.33
C CYS C 190 -0.26 69.02 -4.17
N THR C 191 -1.52 68.72 -3.82
CA THR C 191 -2.62 69.28 -4.59
C THR C 191 -2.65 70.80 -4.50
N THR C 192 -2.54 71.34 -3.28
CA THR C 192 -2.52 72.80 -3.12
C THR C 192 -1.26 73.41 -3.72
N ASN C 193 -0.12 72.71 -3.60
CA ASN C 193 1.12 73.19 -4.21
C ASN C 193 1.01 73.24 -5.72
N PHE C 194 0.31 72.29 -6.31
CA PHE C 194 0.18 72.20 -7.76
C PHE C 194 -0.81 73.24 -8.30
N ARG C 195 -1.88 73.59 -7.59
CA ARG C 195 -2.94 74.47 -8.18
C ARG C 195 -2.47 75.92 -8.21
N ASN C 196 -1.57 76.30 -7.34
CA ASN C 196 -1.05 77.66 -7.44
C ASN C 196 -0.16 77.79 -8.66
N PHE C 197 0.72 76.81 -8.88
CA PHE C 197 1.56 76.84 -10.08
C PHE C 197 0.72 76.78 -11.34
N LEU C 198 -0.30 75.91 -11.36
CA LEU C 198 -1.14 75.80 -12.55
C LEU C 198 -1.94 77.08 -12.80
N MET C 199 -2.15 77.91 -11.77
CA MET C 199 -2.86 79.17 -11.95
C MET C 199 -1.89 80.35 -12.05
N SER C 200 -0.59 80.11 -11.97
CA SER C 200 0.39 81.18 -12.14
C SER C 200 1.76 80.64 -12.54
N PHE C 201 2.18 80.87 -13.78
CA PHE C 201 3.46 80.38 -14.26
C PHE C 201 4.24 81.51 -14.91
N LYS C 202 5.55 81.56 -14.65
CA LYS C 202 6.46 82.54 -15.21
C LYS C 202 7.44 81.85 -16.16
N TYR C 203 8.41 82.63 -16.64
CA TYR C 203 9.47 82.11 -17.50
C TYR C 203 10.83 82.48 -16.96
N PHE C 215 16.20 87.66 -24.64
CA PHE C 215 15.46 87.07 -25.80
C PHE C 215 14.02 86.74 -25.38
N ILE C 216 13.36 87.59 -24.59
CA ILE C 216 12.00 87.37 -24.03
C ILE C 216 10.99 88.35 -24.64
N ASN C 217 9.82 87.92 -25.07
CA ASN C 217 8.77 88.77 -25.71
C ASN C 217 7.90 89.51 -24.70
N ASN C 218 6.80 90.13 -25.14
CA ASN C 218 5.80 90.78 -24.25
C ASN C 218 4.40 90.41 -24.72
N THR C 219 4.27 89.52 -25.70
CA THR C 219 2.98 89.09 -26.28
C THR C 219 2.57 87.77 -25.66
N THR C 220 3.45 86.76 -25.64
CA THR C 220 3.17 85.43 -25.04
C THR C 220 4.17 85.09 -23.94
N ASP C 221 5.34 85.70 -23.83
CA ASP C 221 6.28 85.27 -22.80
C ASP C 221 5.99 85.88 -21.45
N GLU C 222 5.07 86.84 -21.37
CA GLU C 222 4.73 87.52 -20.13
C GLU C 222 3.21 87.58 -19.97
N GLU C 223 2.56 86.44 -20.18
CA GLU C 223 1.13 86.29 -19.92
C GLU C 223 0.89 85.04 -19.10
N LEU C 224 -0.28 85.00 -18.46
CA LEU C 224 -0.70 83.81 -17.72
C LEU C 224 -0.78 82.64 -18.68
N TYR C 225 0.13 81.67 -18.54
CA TYR C 225 0.34 80.68 -19.60
C TYR C 225 -0.74 79.60 -19.60
N TYR C 226 -0.84 78.83 -18.52
CA TYR C 226 -1.53 77.54 -18.57
C TYR C 226 -3.05 77.67 -18.64
N ILE C 227 -3.66 78.80 -18.28
CA ILE C 227 -5.17 78.99 -18.36
C ILE C 227 -5.55 79.17 -19.84
N LYS C 228 -4.64 79.61 -20.69
CA LYS C 228 -4.92 79.56 -22.13
C LYS C 228 -4.93 78.11 -22.62
N GLN C 229 -3.99 77.32 -22.09
CA GLN C 229 -3.85 75.89 -22.48
C GLN C 229 -5.13 75.16 -22.05
N LEU C 230 -5.66 75.37 -20.85
CA LEU C 230 -6.85 74.68 -20.36
C LEU C 230 -8.10 75.16 -21.09
N ASN C 231 -8.23 76.47 -21.27
CA ASN C 231 -9.43 77.02 -21.92
C ASN C 231 -9.51 76.55 -23.35
N GLU C 232 -8.40 76.60 -24.08
CA GLU C 232 -8.40 76.15 -25.47
C GLU C 232 -8.66 74.65 -25.56
N MET C 233 -8.21 73.92 -24.53
CA MET C 233 -8.43 72.46 -24.47
C MET C 233 -9.93 72.22 -24.39
N ARG C 234 -10.59 72.85 -23.44
CA ARG C 234 -12.03 72.59 -23.23
C ARG C 234 -12.82 73.10 -24.43
N GLU C 235 -12.35 74.17 -25.05
CA GLU C 235 -13.04 74.72 -26.20
C GLU C 235 -12.96 73.76 -27.39
N LEU C 236 -11.75 73.25 -27.63
CA LEU C 236 -11.51 72.34 -28.78
C LEU C 236 -12.23 71.00 -28.54
N GLY C 237 -12.58 70.61 -27.30
CA GLY C 237 -13.11 69.30 -27.01
C GLY C 237 -12.03 68.24 -26.94
N THR C 238 -11.11 68.41 -25.99
CA THR C 238 -9.94 67.56 -25.89
C THR C 238 -9.79 67.11 -24.44
N SER C 239 -9.11 65.98 -24.26
CA SER C 239 -9.03 65.32 -22.96
C SER C 239 -7.62 65.16 -22.40
N ASN C 240 -6.57 65.40 -23.18
CA ASN C 240 -5.21 65.12 -22.75
C ASN C 240 -4.44 66.43 -22.62
N LEU C 241 -3.86 66.65 -21.44
CA LEU C 241 -2.89 67.73 -21.25
C LEU C 241 -1.49 67.16 -21.31
N ASN C 242 -0.63 67.77 -22.10
CA ASN C 242 0.75 67.35 -22.27
C ASN C 242 1.62 68.26 -21.41
N LEU C 243 2.33 67.67 -20.43
CA LEU C 243 3.02 68.43 -19.40
C LEU C 243 4.52 68.23 -19.53
N ASP C 244 5.22 69.22 -20.01
CA ASP C 244 6.69 69.20 -20.08
C ASP C 244 7.14 69.13 -18.63
N ALA C 245 8.35 68.77 -18.29
CA ALA C 245 8.83 68.49 -16.95
C ALA C 245 9.70 69.60 -16.38
N ARG C 246 10.72 70.06 -17.12
CA ARG C 246 11.68 71.01 -16.55
C ARG C 246 11.03 72.35 -16.25
N ASN C 247 9.80 72.57 -16.72
CA ASN C 247 9.03 73.73 -16.28
C ASN C 247 9.14 73.91 -14.77
N LEU C 248 9.10 72.79 -14.04
CA LEU C 248 8.91 72.81 -12.60
C LEU C 248 10.20 72.91 -11.79
N LEU C 249 11.36 72.70 -12.40
CA LEU C 249 12.61 72.73 -11.65
C LEU C 249 13.16 74.16 -11.53
N ALA C 250 12.29 75.14 -11.75
CA ALA C 250 12.66 76.54 -11.56
C ALA C 250 11.76 77.20 -10.53
N TYR C 251 10.45 77.07 -10.72
CA TYR C 251 9.48 77.68 -9.81
C TYR C 251 9.69 77.12 -8.42
N LYS C 252 9.93 78.01 -7.45
CA LYS C 252 10.49 77.62 -6.16
C LYS C 252 9.65 76.58 -5.42
N GLN C 253 8.33 76.75 -5.41
CA GLN C 253 7.47 75.80 -4.73
C GLN C 253 7.63 74.40 -5.28
N THR C 254 7.30 74.22 -6.57
CA THR C 254 7.14 72.90 -7.15
C THR C 254 8.46 72.20 -7.46
N GLU C 255 9.60 72.70 -6.98
CA GLU C 255 10.85 71.97 -7.16
C GLU C 255 10.75 70.60 -6.52
N ASP C 256 10.28 70.57 -5.28
CA ASP C 256 10.01 69.32 -4.52
C ASP C 256 9.23 68.34 -5.38
N LEU C 257 8.21 68.81 -6.06
CA LEU C 257 7.33 67.96 -6.84
C LEU C 257 8.04 67.34 -8.04
N TYR C 258 9.08 67.97 -8.57
CA TYR C 258 9.84 67.37 -9.66
C TYR C 258 10.58 66.11 -9.19
N HIS C 259 11.31 66.22 -8.09
CA HIS C 259 11.96 65.05 -7.51
C HIS C 259 10.95 63.99 -7.15
N GLN C 260 9.80 64.40 -6.61
CA GLN C 260 8.79 63.43 -6.20
C GLN C 260 8.13 62.75 -7.40
N LEU C 261 8.01 63.47 -8.51
CA LEU C 261 7.43 62.89 -9.71
C LEU C 261 8.40 61.92 -10.38
N LEU C 262 9.70 62.18 -10.28
CA LEU C 262 10.68 61.27 -10.85
C LEU C 262 11.01 60.10 -9.93
N ASN C 263 10.29 59.93 -8.83
CA ASN C 263 10.52 58.83 -7.91
C ASN C 263 9.27 58.02 -7.59
N TYR C 264 8.08 58.64 -7.58
CA TYR C 264 6.84 57.96 -7.25
C TYR C 264 5.77 58.30 -8.29
N PRO C 265 5.98 57.90 -9.54
CA PRO C 265 5.03 58.29 -10.59
C PRO C 265 3.60 57.84 -10.34
N GLN C 266 3.40 56.70 -9.67
CA GLN C 266 2.05 56.20 -9.46
C GLN C 266 1.22 57.17 -8.63
N GLU C 267 1.74 57.57 -7.48
CA GLU C 267 1.00 58.40 -6.54
C GLU C 267 0.92 59.85 -6.96
N VAL C 268 1.91 60.35 -7.72
CA VAL C 268 1.89 61.75 -8.09
C VAL C 268 0.91 62.03 -9.22
N ILE C 269 0.71 61.09 -10.15
CA ILE C 269 -0.14 61.36 -11.30
C ILE C 269 -1.64 61.32 -10.97
N SER C 270 -2.04 60.62 -9.92
CA SER C 270 -3.42 60.70 -9.45
C SER C 270 -3.73 61.99 -8.72
N ILE C 271 -2.73 62.60 -8.10
CA ILE C 271 -2.90 63.93 -7.51
C ILE C 271 -3.07 64.96 -8.62
N MET C 272 -2.34 64.80 -9.72
CA MET C 272 -2.31 65.81 -10.76
C MET C 272 -3.59 65.85 -11.59
N ASP C 273 -4.31 64.74 -11.68
CA ASP C 273 -5.58 64.75 -12.42
C ASP C 273 -6.69 65.45 -11.63
N GLN C 274 -6.80 65.16 -10.33
CA GLN C 274 -7.85 65.80 -9.54
C GLN C 274 -7.68 67.32 -9.54
N THR C 275 -6.46 67.81 -9.70
CA THR C 275 -6.28 69.24 -9.85
C THR C 275 -6.97 69.75 -11.11
N ILE C 276 -6.92 68.98 -12.20
CA ILE C 276 -7.45 69.46 -13.47
C ILE C 276 -8.97 69.51 -13.44
N LYS C 277 -9.63 68.39 -13.16
CA LYS C 277 -11.09 68.37 -13.19
C LYS C 277 -11.73 69.24 -12.12
N ASP C 278 -10.93 69.71 -11.16
CA ASP C 278 -11.34 70.71 -10.15
C ASP C 278 -11.12 72.05 -10.79
N CYS C 279 -9.98 72.23 -11.45
CA CYS C 279 -9.64 73.50 -12.07
C CYS C 279 -10.51 73.79 -13.30
N MET C 280 -10.93 72.75 -14.01
CA MET C 280 -11.74 72.96 -15.20
C MET C 280 -13.09 73.59 -14.85
N VAL C 281 -13.87 73.02 -13.90
CA VAL C 281 -15.21 73.58 -13.47
C VAL C 281 -14.94 74.89 -12.73
N SER C 282 -13.79 75.04 -12.09
CA SER C 282 -13.45 76.31 -11.45
C SER C 282 -13.47 77.43 -12.48
N LEU C 283 -13.09 77.12 -13.71
CA LEU C 283 -13.18 78.07 -14.81
C LEU C 283 -14.62 78.12 -15.33
N GLU C 295 -20.78 67.96 -19.11
CA GLU C 295 -19.81 67.00 -19.62
C GLU C 295 -18.55 67.02 -18.77
N ILE C 296 -18.18 68.22 -18.33
CA ILE C 296 -16.96 68.45 -17.50
C ILE C 296 -17.26 67.91 -16.12
N GLU C 297 -18.39 67.26 -15.90
CA GLU C 297 -18.68 66.53 -14.63
C GLU C 297 -18.68 65.03 -14.94
N THR C 298 -18.38 64.64 -16.17
CA THR C 298 -18.25 63.21 -16.44
C THR C 298 -17.12 62.88 -17.42
N LYS C 299 -16.09 63.73 -17.51
CA LYS C 299 -14.99 63.53 -18.45
C LYS C 299 -13.67 63.50 -17.69
N PHE C 300 -12.74 62.66 -18.16
CA PHE C 300 -11.54 62.31 -17.41
C PHE C 300 -10.32 62.96 -18.04
N TYR C 301 -9.42 63.47 -17.21
CA TYR C 301 -8.24 64.19 -17.66
C TYR C 301 -6.96 63.42 -17.33
N LYS C 302 -5.92 63.69 -18.08
CA LYS C 302 -4.67 62.92 -18.03
C LYS C 302 -3.52 63.87 -18.23
N VAL C 303 -2.35 63.59 -17.70
CA VAL C 303 -1.12 64.34 -17.93
C VAL C 303 -0.10 63.38 -18.54
N ARG C 304 0.91 63.94 -19.20
CA ARG C 304 1.85 63.15 -19.99
C ARG C 304 3.22 63.82 -19.96
N PRO C 305 4.03 63.51 -18.95
CA PRO C 305 5.38 64.10 -18.88
C PRO C 305 6.27 63.65 -20.03
N TYR C 306 6.96 64.62 -20.64
CA TYR C 306 7.80 64.30 -21.80
C TYR C 306 9.13 65.05 -21.85
N ASN C 307 9.71 65.38 -20.71
CA ASN C 307 10.99 66.07 -20.73
C ASN C 307 11.93 65.54 -19.64
N VAL C 308 11.63 64.37 -19.10
CA VAL C 308 12.54 63.75 -18.15
C VAL C 308 13.88 63.52 -18.85
N GLY C 309 14.96 63.90 -18.18
CA GLY C 309 16.26 63.89 -18.83
C GLY C 309 17.28 63.07 -18.07
N SER C 310 18.55 63.37 -18.30
CA SER C 310 19.64 62.63 -17.66
C SER C 310 19.50 61.18 -18.11
N CYS C 311 19.77 60.20 -17.25
CA CYS C 311 19.73 58.80 -17.61
C CYS C 311 20.77 58.53 -18.70
N LYS C 312 21.17 57.28 -18.87
CA LYS C 312 22.24 56.97 -19.82
C LYS C 312 21.97 55.62 -20.45
N GLY C 313 20.73 55.19 -20.56
CA GLY C 313 20.39 53.97 -21.27
C GLY C 313 19.81 52.89 -20.40
N MET C 314 19.10 51.93 -21.02
CA MET C 314 18.43 50.89 -20.26
C MET C 314 19.42 50.00 -19.51
N ARG C 315 20.54 49.66 -20.14
CA ARG C 315 21.47 48.69 -19.57
C ARG C 315 22.33 49.26 -18.45
N GLU C 316 22.31 50.58 -18.24
CA GLU C 316 22.98 51.18 -17.10
C GLU C 316 22.09 51.31 -15.87
N LEU C 317 20.83 50.90 -15.96
CA LEU C 317 19.90 51.03 -14.85
C LEU C 317 20.05 49.84 -13.90
N ASN C 318 20.01 50.11 -12.60
CA ASN C 318 20.16 49.08 -11.57
C ASN C 318 18.80 48.64 -11.06
N PRO C 319 18.73 47.58 -10.26
CA PRO C 319 17.45 47.19 -9.65
C PRO C 319 16.87 48.23 -8.71
N ASN C 320 17.68 49.17 -8.22
CA ASN C 320 17.17 50.24 -7.37
C ASN C 320 16.41 51.30 -8.16
N ASP C 321 16.32 51.15 -9.47
CA ASP C 321 15.58 52.08 -10.33
C ASP C 321 14.23 51.52 -10.76
N ILE C 322 13.69 50.56 -10.03
CA ILE C 322 12.38 50.00 -10.35
C ILE C 322 11.30 50.96 -9.89
N ASP C 323 10.23 51.08 -10.68
CA ASP C 323 9.17 52.04 -10.43
C ASP C 323 9.71 53.46 -10.46
N LYS C 324 10.36 53.80 -11.58
CA LYS C 324 10.90 55.13 -11.81
C LYS C 324 10.58 55.54 -13.24
N LEU C 325 10.71 56.84 -13.51
CA LEU C 325 10.33 57.40 -14.80
C LEU C 325 11.59 57.69 -15.63
N ILE C 326 11.64 57.12 -16.84
CA ILE C 326 12.79 57.21 -17.71
C ILE C 326 12.32 57.43 -19.15
N ASN C 327 13.24 57.90 -19.99
CA ASN C 327 12.94 58.18 -21.39
C ASN C 327 13.89 57.42 -22.30
N LEU C 328 13.40 57.05 -23.49
CA LEU C 328 14.12 56.19 -24.42
C LEU C 328 14.01 56.72 -25.83
N LYS C 329 15.02 56.44 -26.65
CA LYS C 329 15.03 56.76 -28.06
C LYS C 329 15.46 55.52 -28.86
N GLY C 330 14.83 55.31 -30.01
CA GLY C 330 15.22 54.15 -30.80
C GLY C 330 14.34 53.96 -32.02
N LEU C 331 14.55 52.80 -32.65
CA LEU C 331 13.90 52.42 -33.90
C LEU C 331 12.98 51.22 -33.65
N VAL C 332 11.77 51.28 -34.17
CA VAL C 332 10.77 50.23 -33.94
C VAL C 332 10.91 49.17 -35.02
N LEU C 333 10.79 47.91 -34.61
CA LEU C 333 10.91 46.77 -35.51
C LEU C 333 9.63 45.96 -35.64
N ARG C 334 8.94 45.69 -34.53
CA ARG C 334 7.80 44.78 -34.52
C ARG C 334 6.76 45.28 -33.54
N SER C 335 5.52 44.83 -33.72
CA SER C 335 4.46 45.05 -32.75
C SER C 335 3.40 43.97 -32.92
N THR C 336 2.99 43.39 -31.80
CA THR C 336 1.98 42.33 -31.84
C THR C 336 0.60 42.94 -32.00
N PRO C 337 -0.35 42.19 -32.56
CA PRO C 337 -1.72 42.72 -32.68
C PRO C 337 -2.33 42.99 -31.30
N VAL C 338 -3.43 43.73 -31.32
CA VAL C 338 -4.09 44.13 -30.07
C VAL C 338 -4.48 42.91 -29.27
N ILE C 339 -4.33 43.00 -27.95
CA ILE C 339 -4.64 41.93 -27.01
C ILE C 339 -5.74 42.42 -26.08
N PRO C 340 -6.84 41.69 -25.92
CA PRO C 340 -7.91 42.15 -25.02
C PRO C 340 -7.57 41.87 -23.56
N ASP C 341 -7.74 42.88 -22.72
CA ASP C 341 -7.47 42.80 -21.28
C ASP C 341 -8.77 42.98 -20.52
N MET C 342 -9.05 42.07 -19.58
CA MET C 342 -10.32 42.06 -18.90
C MET C 342 -10.33 43.03 -17.71
N LYS C 343 -11.42 43.79 -17.58
CA LYS C 343 -11.62 44.70 -16.46
C LYS C 343 -12.83 44.29 -15.62
N VAL C 344 -13.98 44.05 -16.24
CA VAL C 344 -15.20 43.67 -15.54
C VAL C 344 -15.68 42.34 -16.09
N ALA C 345 -16.00 41.41 -15.21
CA ALA C 345 -16.37 40.05 -15.58
C ALA C 345 -17.87 39.85 -15.43
N PHE C 346 -18.39 38.81 -16.09
CA PHE C 346 -19.82 38.53 -16.11
C PHE C 346 -20.07 37.11 -15.63
N PHE C 347 -20.92 36.97 -14.61
CA PHE C 347 -21.28 35.67 -14.05
C PHE C 347 -22.78 35.46 -14.16
N LYS C 348 -23.18 34.24 -14.49
CA LYS C 348 -24.58 33.85 -14.57
C LYS C 348 -24.83 32.70 -13.61
N CYS C 349 -25.95 32.78 -12.90
CA CYS C 349 -26.36 31.66 -12.04
C CYS C 349 -27.10 30.65 -12.93
N ASN C 350 -26.63 29.43 -13.02
CA ASN C 350 -27.21 28.41 -13.88
C ASN C 350 -28.44 27.77 -13.27
N VAL C 351 -28.86 28.10 -12.05
CA VAL C 351 -30.12 27.59 -11.41
C VAL C 351 -31.17 28.71 -11.30
N CYS C 352 -30.82 29.99 -11.44
CA CYS C 352 -31.75 31.14 -11.22
C CYS C 352 -31.60 32.28 -12.26
N ASP C 353 -30.59 32.29 -13.15
CA ASP C 353 -30.37 33.31 -14.18
C ASP C 353 -30.19 34.70 -13.59
N HIS C 354 -29.56 34.86 -12.45
CA HIS C 354 -29.21 36.19 -11.86
C HIS C 354 -27.79 36.51 -12.33
N THR C 355 -27.55 37.66 -12.90
CA THR C 355 -26.30 38.07 -13.49
C THR C 355 -25.55 39.00 -12.53
N MET C 356 -24.25 38.76 -12.37
CA MET C 356 -23.40 39.57 -11.51
C MET C 356 -22.20 40.08 -12.29
N ALA C 357 -21.68 41.21 -11.84
CA ALA C 357 -20.49 41.82 -12.41
C ALA C 357 -19.45 42.04 -11.31
N VAL C 358 -18.19 41.84 -11.66
CA VAL C 358 -17.08 41.97 -10.72
C VAL C 358 -16.01 42.87 -11.32
N GLU C 359 -15.28 43.58 -10.47
CA GLU C 359 -14.21 44.47 -10.89
C GLU C 359 -12.86 43.85 -10.61
N ILE C 360 -11.96 43.93 -11.59
CA ILE C 360 -10.59 43.46 -11.39
C ILE C 360 -9.92 44.31 -10.33
N ASP C 361 -9.24 43.67 -9.39
CA ASP C 361 -8.50 44.36 -8.34
C ASP C 361 -7.03 43.94 -8.43
N ARG C 362 -6.22 44.78 -9.07
CA ARG C 362 -4.79 44.52 -9.20
C ARG C 362 -4.53 43.17 -9.87
N GLY C 363 -5.37 42.83 -10.85
CA GLY C 363 -5.18 41.67 -11.68
C GLY C 363 -6.02 40.46 -11.31
N VAL C 364 -6.57 40.43 -10.10
CA VAL C 364 -7.25 39.25 -9.57
C VAL C 364 -8.75 39.46 -9.65
N ILE C 365 -9.47 38.39 -9.99
CA ILE C 365 -10.93 38.38 -10.05
C ILE C 365 -11.44 37.47 -8.94
N GLN C 366 -12.42 37.96 -8.19
CA GLN C 366 -13.02 37.20 -7.10
C GLN C 366 -14.33 36.58 -7.60
N GLU C 367 -14.41 35.27 -7.75
CA GLU C 367 -15.62 34.57 -8.26
C GLU C 367 -16.48 34.25 -7.05
N PRO C 368 -17.72 34.75 -6.99
CA PRO C 368 -18.62 34.49 -5.87
C PRO C 368 -18.85 32.99 -5.70
N ALA C 369 -18.96 32.57 -4.45
CA ALA C 369 -19.24 31.17 -4.16
C ALA C 369 -20.73 30.89 -4.09
N ARG C 370 -21.50 31.81 -3.51
CA ARG C 370 -22.94 31.64 -3.32
C ARG C 370 -23.69 32.64 -4.18
N CYS C 371 -24.77 32.21 -4.75
CA CYS C 371 -25.66 33.13 -5.47
C CYS C 371 -26.02 34.24 -4.47
N GLU C 372 -26.23 35.42 -4.95
CA GLU C 372 -26.56 36.57 -4.13
C GLU C 372 -28.05 36.70 -3.83
N ARG C 373 -28.91 36.07 -4.61
CA ARG C 373 -30.38 36.16 -4.43
C ARG C 373 -30.67 35.57 -3.05
N ILE C 374 -31.52 36.20 -2.26
CA ILE C 374 -31.93 35.67 -0.96
C ILE C 374 -32.72 34.38 -1.10
N ASP C 375 -33.49 34.22 -2.19
CA ASP C 375 -34.22 32.98 -2.42
C ASP C 375 -33.27 31.88 -2.89
N CYS C 376 -32.60 32.03 -4.05
CA CYS C 376 -31.67 31.00 -4.60
C CYS C 376 -30.31 31.22 -3.96
N ASN C 377 -29.95 30.46 -2.95
CA ASN C 377 -28.66 30.47 -2.28
C ASN C 377 -28.00 29.11 -2.47
N GLU C 378 -27.31 28.96 -3.58
CA GLU C 378 -26.65 27.69 -3.89
C GLU C 378 -25.15 27.82 -3.73
N PRO C 379 -24.47 26.73 -3.39
CA PRO C 379 -23.01 26.71 -3.48
C PRO C 379 -22.55 26.43 -4.90
N ASN C 380 -21.60 27.23 -5.38
CA ASN C 380 -20.96 27.00 -6.66
C ASN C 380 -21.96 26.90 -7.80
N SER C 381 -22.68 27.96 -8.14
CA SER C 381 -23.63 28.01 -9.29
C SER C 381 -23.20 29.08 -10.30
N MET C 382 -22.04 29.67 -10.14
CA MET C 382 -21.63 30.85 -10.95
C MET C 382 -20.82 30.38 -12.16
N SER C 383 -21.18 30.79 -13.36
CA SER C 383 -20.54 30.47 -14.62
C SER C 383 -20.05 31.76 -15.27
N LEU C 384 -18.96 31.64 -16.04
CA LEU C 384 -18.35 32.81 -16.68
C LEU C 384 -18.68 32.80 -18.18
N ILE C 385 -19.18 33.92 -18.68
CA ILE C 385 -19.51 34.11 -20.09
C ILE C 385 -18.53 35.15 -20.62
N HIS C 386 -17.63 34.71 -21.50
CA HIS C 386 -16.47 35.51 -21.85
C HIS C 386 -16.85 36.72 -22.69
N ASN C 387 -17.79 36.56 -23.63
CA ASN C 387 -18.10 37.63 -24.56
C ASN C 387 -19.00 38.70 -23.96
N ARG C 388 -19.53 38.49 -22.75
CA ARG C 388 -20.31 39.49 -22.05
C ARG C 388 -19.45 40.39 -21.17
N CYS C 389 -18.15 40.18 -21.15
CA CYS C 389 -17.25 40.93 -20.27
C CYS C 389 -16.72 42.18 -20.96
N SER C 390 -16.19 43.09 -20.16
CA SER C 390 -15.60 44.32 -20.65
C SER C 390 -14.09 44.18 -20.73
N PHE C 391 -13.52 44.56 -21.87
CA PHE C 391 -12.10 44.39 -22.14
C PHE C 391 -11.47 45.73 -22.49
N ALA C 392 -10.13 45.75 -22.52
CA ALA C 392 -9.36 46.93 -22.89
C ALA C 392 -8.17 46.52 -23.76
N ASP C 393 -7.47 47.51 -24.31
CA ASP C 393 -6.48 47.29 -25.34
C ASP C 393 -5.07 47.18 -24.75
N LYS C 394 -4.27 46.32 -25.37
CA LYS C 394 -2.88 46.13 -24.97
C LYS C 394 -2.07 45.74 -26.20
N GLN C 395 -0.89 46.33 -26.35
CA GLN C 395 -0.01 46.03 -27.46
C GLN C 395 1.43 46.02 -26.96
N VAL C 396 2.26 45.21 -27.61
CA VAL C 396 3.66 45.04 -27.23
C VAL C 396 4.52 45.47 -28.40
N ILE C 397 5.49 46.34 -28.13
CA ILE C 397 6.40 46.87 -29.13
C ILE C 397 7.81 46.40 -28.79
N LYS C 398 8.63 46.25 -29.83
CA LYS C 398 10.04 45.92 -29.68
C LYS C 398 10.87 47.03 -30.27
N LEU C 399 11.80 47.57 -29.49
CA LEU C 399 12.52 48.79 -29.81
C LEU C 399 14.02 48.52 -29.79
N GLN C 400 14.72 48.99 -30.82
CA GLN C 400 16.18 48.91 -30.89
C GLN C 400 16.75 50.19 -30.28
N GLU C 401 17.26 50.08 -29.06
CA GLU C 401 17.70 51.25 -28.31
C GLU C 401 18.93 51.88 -28.95
N THR C 402 18.95 53.21 -29.01
CA THR C 402 20.06 53.98 -29.58
C THR C 402 20.52 54.98 -28.54
N PRO C 403 21.32 54.56 -27.57
CA PRO C 403 21.77 55.47 -26.52
C PRO C 403 22.85 56.42 -27.03
N ASP C 404 23.23 57.34 -26.15
CA ASP C 404 24.30 58.28 -26.45
C ASP C 404 25.66 57.76 -25.99
N PHE C 405 25.73 57.25 -24.76
CA PHE C 405 26.96 56.64 -24.25
C PHE C 405 26.87 55.13 -24.46
N VAL C 406 27.81 54.60 -25.23
CA VAL C 406 27.92 53.15 -25.47
C VAL C 406 29.22 52.69 -24.81
N PRO C 407 29.17 52.01 -23.67
CA PRO C 407 30.40 51.52 -23.07
C PRO C 407 31.10 50.52 -23.97
N ASP C 408 32.36 50.27 -23.67
CA ASP C 408 33.22 49.49 -24.55
C ASP C 408 32.65 48.10 -24.81
N GLY C 409 32.25 47.85 -26.05
CA GLY C 409 31.87 46.50 -26.46
C GLY C 409 30.42 46.14 -26.25
N GLN C 410 29.49 47.09 -26.40
CA GLN C 410 28.06 46.80 -26.30
C GLN C 410 27.52 46.51 -27.69
N THR C 411 27.07 45.30 -27.90
CA THR C 411 26.31 45.01 -29.10
C THR C 411 24.88 45.49 -28.91
N PRO C 412 24.19 45.87 -29.99
CA PRO C 412 22.81 46.34 -29.84
C PRO C 412 21.90 45.27 -29.24
N HIS C 413 20.89 45.73 -28.49
CA HIS C 413 19.88 44.84 -27.93
C HIS C 413 18.51 45.45 -28.17
N SER C 414 17.48 44.73 -27.71
CA SER C 414 16.10 45.12 -27.94
C SER C 414 15.34 45.18 -26.62
N ILE C 415 14.31 46.03 -26.58
CA ILE C 415 13.53 46.29 -25.37
C ILE C 415 12.07 46.08 -25.69
N SER C 416 11.28 45.78 -24.66
CA SER C 416 9.84 45.56 -24.79
C SER C 416 9.08 46.70 -24.12
N LEU C 417 8.09 47.24 -24.84
CA LEU C 417 7.27 48.34 -24.36
C LEU C 417 5.80 47.96 -24.41
N CYS C 418 5.05 48.34 -23.39
CA CYS C 418 3.62 48.06 -23.29
C CYS C 418 2.86 49.37 -23.41
N VAL C 419 2.00 49.47 -24.43
CA VAL C 419 1.17 50.64 -24.65
C VAL C 419 -0.29 50.21 -24.52
N TYR C 420 -1.06 51.00 -23.77
CA TYR C 420 -2.44 50.66 -23.44
C TYR C 420 -3.39 51.72 -23.98
N ASP C 421 -4.62 51.29 -24.28
CA ASP C 421 -5.70 52.19 -24.67
C ASP C 421 -5.32 53.12 -25.82
N GLU C 422 -5.24 54.42 -25.55
CA GLU C 422 -5.17 55.44 -26.62
C GLU C 422 -3.96 55.23 -27.51
N LEU C 423 -2.78 54.93 -26.97
CA LEU C 423 -1.57 54.80 -27.76
C LEU C 423 -1.48 53.39 -28.34
N VAL C 424 -2.39 53.11 -29.27
CA VAL C 424 -2.43 51.86 -30.01
C VAL C 424 -2.38 52.20 -31.50
N ASP C 425 -1.48 51.54 -32.23
CA ASP C 425 -1.22 51.84 -33.63
C ASP C 425 -0.66 53.25 -33.81
N SER C 426 -0.10 53.81 -32.74
CA SER C 426 0.55 55.11 -32.82
C SER C 426 2.00 55.03 -33.24
N CYS C 427 2.57 53.82 -33.32
CA CYS C 427 3.93 53.62 -33.77
C CYS C 427 3.95 52.56 -34.86
N ARG C 428 4.73 52.79 -35.90
CA ARG C 428 4.89 51.84 -36.99
C ARG C 428 6.37 51.54 -37.20
N ALA C 429 6.65 50.33 -37.67
CA ALA C 429 8.04 49.90 -37.83
C ALA C 429 8.79 50.84 -38.76
N GLY C 430 10.03 51.14 -38.41
CA GLY C 430 10.86 52.08 -39.14
C GLY C 430 10.88 53.48 -38.56
N ASP C 431 10.03 53.76 -37.60
CA ASP C 431 9.88 55.11 -37.02
C ASP C 431 10.96 55.34 -35.96
N ARG C 432 11.60 56.51 -35.91
CA ARG C 432 12.54 56.91 -34.87
C ARG C 432 11.80 57.79 -33.87
N ILE C 433 11.67 57.32 -32.64
CA ILE C 433 10.74 57.89 -31.67
C ILE C 433 11.48 58.19 -30.38
N GLU C 434 10.81 58.96 -29.53
CA GLU C 434 11.26 59.23 -28.17
C GLU C 434 10.10 58.93 -27.23
N VAL C 435 10.37 58.12 -26.21
CA VAL C 435 9.32 57.53 -25.38
C VAL C 435 9.62 57.78 -23.92
N THR C 436 8.59 58.16 -23.16
CA THR C 436 8.66 58.31 -21.71
C THR C 436 7.82 57.22 -21.06
N GLY C 437 8.34 56.64 -19.98
CA GLY C 437 7.62 55.56 -19.33
C GLY C 437 8.26 55.14 -18.02
N THR C 438 7.61 54.17 -17.38
CA THR C 438 8.04 53.65 -16.09
C THR C 438 8.84 52.35 -16.25
N PHE C 439 9.69 52.06 -15.28
CA PHE C 439 10.54 50.88 -15.32
C PHE C 439 9.95 49.82 -14.39
N ARG C 440 9.64 48.65 -14.94
CA ARG C 440 8.91 47.60 -14.23
C ARG C 440 9.73 46.31 -14.19
N SER C 441 9.25 45.36 -13.40
CA SER C 441 9.74 43.99 -13.40
C SER C 441 8.60 43.04 -13.08
N ILE C 442 8.74 41.80 -13.55
CA ILE C 442 7.67 40.81 -13.44
C ILE C 442 8.25 39.40 -13.36
N PRO C 443 7.72 38.52 -12.51
CA PRO C 443 8.15 37.12 -12.54
C PRO C 443 7.33 36.30 -13.54
N ILE C 444 7.99 35.36 -14.20
CA ILE C 444 7.39 34.55 -15.26
C ILE C 444 7.26 33.12 -14.78
N ARG C 445 6.29 32.41 -15.34
CA ARG C 445 6.06 31.01 -15.00
C ARG C 445 7.02 30.11 -15.78
N ALA C 446 7.54 29.08 -15.09
CA ALA C 446 8.53 28.21 -15.71
C ALA C 446 7.95 27.48 -16.92
N ASN C 447 6.74 26.97 -16.81
CA ASN C 447 6.09 26.30 -17.94
C ASN C 447 4.59 26.34 -17.73
N SER C 448 3.86 26.05 -18.80
CA SER C 448 2.41 26.27 -18.80
C SER C 448 1.70 25.40 -17.78
N ARG C 449 2.18 24.19 -17.53
CA ARG C 449 1.43 23.26 -16.70
C ARG C 449 1.52 23.64 -15.22
N GLN C 450 2.68 24.05 -14.76
CA GLN C 450 2.92 24.27 -13.34
C GLN C 450 2.70 25.74 -12.97
N ARG C 451 2.28 26.01 -11.73
CA ARG C 451 2.10 27.38 -11.18
C ARG C 451 3.42 27.84 -10.55
N VAL C 452 4.57 27.36 -10.98
CA VAL C 452 5.89 27.66 -10.37
C VAL C 452 6.45 28.87 -11.13
N LEU C 453 7.25 29.70 -10.49
CA LEU C 453 7.80 30.94 -11.04
C LEU C 453 9.33 30.89 -11.01
N LYS C 454 9.94 31.78 -11.78
CA LYS C 454 11.39 31.88 -11.91
C LYS C 454 11.91 33.06 -11.11
N SER C 455 13.00 32.83 -10.35
CA SER C 455 13.52 33.85 -9.45
C SER C 455 14.09 35.04 -10.20
N LEU C 456 14.74 34.87 -11.33
CA LEU C 456 15.31 35.98 -12.14
C LEU C 456 14.14 36.66 -12.84
N TYR C 457 14.01 37.97 -12.76
CA TYR C 457 12.88 38.75 -13.23
C TYR C 457 13.06 39.21 -14.68
N LYS C 458 11.96 39.69 -15.25
CA LYS C 458 11.90 40.18 -16.62
C LYS C 458 11.53 41.65 -16.62
N THR C 459 12.10 42.41 -17.55
CA THR C 459 12.04 43.87 -17.52
C THR C 459 11.36 44.43 -18.76
N TYR C 460 10.73 45.60 -18.59
CA TYR C 460 10.01 46.27 -19.67
C TYR C 460 9.72 47.70 -19.21
N VAL C 461 8.96 48.43 -20.04
CA VAL C 461 8.70 49.86 -19.81
C VAL C 461 7.22 50.14 -20.07
N ASP C 462 6.57 50.84 -19.15
CA ASP C 462 5.20 51.31 -19.33
C ASP C 462 5.23 52.72 -19.91
N VAL C 463 4.84 52.88 -21.15
CA VAL C 463 4.96 54.15 -21.90
C VAL C 463 3.84 55.08 -21.47
N VAL C 464 4.12 56.34 -21.26
CA VAL C 464 3.13 57.35 -20.94
C VAL C 464 3.01 58.40 -22.04
N HIS C 465 4.14 58.80 -22.64
CA HIS C 465 4.14 59.80 -23.69
C HIS C 465 5.01 59.32 -24.85
N VAL C 466 4.64 59.73 -26.06
CA VAL C 466 5.35 59.36 -27.29
C VAL C 466 5.57 60.63 -28.10
N LYS C 467 6.80 60.80 -28.59
CA LYS C 467 7.18 61.98 -29.37
C LYS C 467 7.70 61.54 -30.73
N LYS C 468 7.06 62.01 -31.79
CA LYS C 468 7.42 61.63 -33.16
C LYS C 468 7.89 62.82 -33.97
N VAL C 469 8.56 63.78 -33.33
CA VAL C 469 9.12 64.93 -34.02
C VAL C 469 10.52 65.19 -33.49
N SER C 470 11.29 65.95 -34.26
CA SER C 470 12.60 66.41 -33.86
C SER C 470 12.88 67.71 -34.60
N ASP C 471 13.50 68.67 -33.92
CA ASP C 471 13.84 69.91 -34.58
C ASP C 471 14.89 69.71 -35.66
N LYS C 472 15.81 68.78 -35.46
CA LYS C 472 16.95 68.64 -36.35
C LYS C 472 16.72 67.65 -37.49
N ARG C 473 15.55 67.02 -37.57
CA ARG C 473 15.24 66.09 -38.65
C ARG C 473 13.98 66.55 -39.37
N LEU C 474 13.76 65.99 -40.55
CA LEU C 474 12.64 66.38 -41.39
C LEU C 474 11.36 65.67 -40.94
N ASP C 475 10.23 66.23 -41.35
CA ASP C 475 8.93 65.66 -41.04
C ASP C 475 8.57 64.57 -42.04
N VAL C 476 7.85 63.57 -41.54
CA VAL C 476 7.48 62.44 -42.37
C VAL C 476 6.65 62.90 -43.56
N ASP C 477 6.61 62.06 -44.58
CA ASP C 477 5.84 62.36 -45.78
C ASP C 477 4.37 62.05 -45.53
N THR C 478 3.53 63.08 -45.54
CA THR C 478 2.10 62.87 -45.35
C THR C 478 1.47 62.13 -46.52
N SER C 479 2.14 62.11 -47.67
CA SER C 479 1.58 61.43 -48.83
C SER C 479 1.51 59.92 -48.63
N THR C 480 2.21 59.38 -47.63
CA THR C 480 2.27 57.95 -47.40
C THR C 480 1.47 57.50 -46.18
N ILE C 481 0.95 58.42 -45.38
CA ILE C 481 0.26 58.06 -44.14
C ILE C 481 -1.14 58.67 -44.10
N GLU C 482 -1.76 58.84 -45.26
CA GLU C 482 -3.02 59.57 -45.33
C GLU C 482 -4.06 59.02 -44.35
N GLN C 483 -4.24 57.70 -44.35
CA GLN C 483 -5.28 57.09 -43.53
C GLN C 483 -4.93 56.99 -42.05
N GLU C 484 -3.64 56.96 -41.70
CA GLU C 484 -3.29 57.01 -40.28
C GLU C 484 -3.70 58.34 -39.67
N LEU C 485 -3.57 59.43 -40.42
CA LEU C 485 -4.05 60.72 -39.92
C LEU C 485 -5.55 60.68 -39.65
N MET C 486 -6.32 60.06 -40.56
CA MET C 486 -7.76 59.95 -40.35
C MET C 486 -8.07 59.07 -39.15
N GLN C 487 -7.31 57.98 -38.97
CA GLN C 487 -7.58 57.08 -37.86
C GLN C 487 -7.25 57.72 -36.52
N ASN C 488 -6.20 58.53 -36.47
CA ASN C 488 -5.83 59.15 -35.20
C ASN C 488 -6.95 60.04 -34.67
N LYS C 489 -7.59 60.79 -35.57
CA LYS C 489 -8.71 61.64 -35.16
C LYS C 489 -9.89 60.81 -34.68
N VAL C 490 -10.16 59.68 -35.34
CA VAL C 490 -11.25 58.81 -34.92
C VAL C 490 -10.94 58.11 -33.61
N ASP C 491 -9.66 57.93 -33.28
CA ASP C 491 -9.26 57.28 -32.04
C ASP C 491 -9.01 58.26 -30.91
N HIS C 492 -8.96 59.56 -31.20
CA HIS C 492 -8.73 60.59 -30.19
C HIS C 492 -7.43 60.34 -29.43
N ASN C 493 -6.36 60.08 -30.16
CA ASN C 493 -5.03 60.07 -29.59
C ASN C 493 -4.29 61.32 -30.08
N GLU C 494 -3.74 62.07 -29.15
CA GLU C 494 -3.15 63.38 -29.43
C GLU C 494 -1.65 63.28 -29.67
N VAL C 495 -1.19 62.16 -30.19
CA VAL C 495 0.19 62.03 -30.61
C VAL C 495 0.37 62.87 -31.87
N GLU C 496 1.22 63.89 -31.79
CA GLU C 496 1.37 64.86 -32.86
C GLU C 496 2.48 64.40 -33.80
N GLU C 497 2.14 64.30 -35.09
CA GLU C 497 3.11 63.79 -36.07
C GLU C 497 3.90 64.91 -36.74
N VAL C 498 3.23 65.98 -37.16
CA VAL C 498 3.88 67.12 -37.78
C VAL C 498 4.04 68.21 -36.72
N ARG C 499 4.91 69.17 -37.01
CA ARG C 499 5.26 70.21 -36.05
C ARG C 499 4.39 71.44 -36.26
N GLN C 500 4.37 72.30 -35.25
CA GLN C 500 3.58 73.52 -35.27
C GLN C 500 4.38 74.67 -35.88
N ILE C 501 3.71 75.50 -36.66
CA ILE C 501 4.30 76.66 -37.30
C ILE C 501 3.56 77.90 -36.82
N THR C 502 4.26 78.77 -36.10
CA THR C 502 3.71 80.06 -35.75
C THR C 502 3.80 81.00 -36.95
N ASP C 503 3.12 82.14 -36.85
CA ASP C 503 3.06 83.09 -37.95
C ASP C 503 4.27 84.01 -38.05
N GLN C 504 4.96 84.30 -36.94
CA GLN C 504 6.24 85.00 -37.08
C GLN C 504 7.23 84.17 -37.87
N ASP C 505 7.30 82.87 -37.58
CA ASP C 505 8.22 82.00 -38.28
C ASP C 505 7.80 81.82 -39.75
N LEU C 506 6.49 81.71 -40.00
CA LEU C 506 6.02 81.62 -41.39
C LEU C 506 6.27 82.93 -42.15
N ALA C 507 6.21 84.08 -41.47
CA ALA C 507 6.61 85.32 -42.11
C ALA C 507 8.08 85.29 -42.47
N LYS C 508 8.91 84.80 -41.54
CA LYS C 508 10.33 84.60 -41.84
C LYS C 508 10.51 83.73 -43.08
N ILE C 509 9.65 82.72 -43.23
CA ILE C 509 9.81 81.79 -44.34
C ILE C 509 9.74 82.53 -45.68
N ARG C 510 8.70 83.36 -45.86
CA ARG C 510 8.59 84.09 -47.11
C ARG C 510 9.60 85.23 -47.21
N GLU C 511 9.99 85.82 -46.08
CA GLU C 511 11.04 86.83 -46.12
C GLU C 511 12.33 86.25 -46.70
N VAL C 512 12.69 85.03 -46.28
CA VAL C 512 13.87 84.38 -46.82
C VAL C 512 13.63 83.87 -48.23
N ALA C 513 12.44 83.34 -48.51
CA ALA C 513 12.11 82.85 -49.84
C ALA C 513 12.13 83.95 -50.89
N ALA C 514 12.01 85.21 -50.48
CA ALA C 514 12.16 86.32 -51.39
C ALA C 514 13.61 86.65 -51.73
N ARG C 515 14.57 86.08 -51.01
CA ARG C 515 15.97 86.47 -51.19
C ARG C 515 16.43 86.16 -52.61
N GLU C 516 17.28 87.05 -53.13
CA GLU C 516 17.81 86.87 -54.48
C GLU C 516 18.67 85.63 -54.62
N ASP C 517 19.59 85.40 -53.69
CA ASP C 517 20.47 84.25 -53.78
C ASP C 517 19.95 83.09 -52.94
N LEU C 518 18.71 82.67 -53.17
CA LEU C 518 18.14 81.56 -52.41
C LEU C 518 18.81 80.24 -52.78
N TYR C 519 19.07 80.04 -54.06
CA TYR C 519 19.54 78.75 -54.54
C TYR C 519 20.94 78.47 -54.02
N SER C 520 21.82 79.46 -54.11
CA SER C 520 23.18 79.33 -53.58
C SER C 520 23.16 79.19 -52.06
N LEU C 521 22.33 79.98 -51.38
CA LEU C 521 22.28 79.91 -49.92
C LEU C 521 21.84 78.54 -49.44
N LEU C 522 20.76 78.02 -50.03
CA LEU C 522 20.30 76.69 -49.66
C LEU C 522 21.35 75.63 -49.94
N ALA C 523 21.98 75.68 -51.13
CA ALA C 523 23.01 74.70 -51.43
C ALA C 523 24.17 74.81 -50.45
N ARG C 524 24.49 76.02 -50.02
CA ARG C 524 25.62 76.23 -49.14
C ARG C 524 25.34 75.69 -47.74
N SER C 525 24.12 75.83 -47.25
CA SER C 525 23.79 75.44 -45.86
C SER C 525 23.46 73.95 -45.77
N ILE C 526 23.40 73.16 -46.87
CA ILE C 526 23.15 71.73 -46.78
C ILE C 526 24.21 71.07 -45.90
N ALA C 527 25.46 71.10 -46.33
CA ALA C 527 26.55 70.54 -45.55
C ALA C 527 27.57 71.63 -45.26
N PRO C 528 27.44 72.34 -44.15
CA PRO C 528 28.30 73.52 -43.91
C PRO C 528 29.71 73.17 -43.49
N SER C 529 30.11 71.90 -43.61
CA SER C 529 31.47 71.50 -43.24
C SER C 529 32.07 70.54 -44.25
N ILE C 530 31.68 70.64 -45.51
CA ILE C 530 32.19 69.78 -46.58
C ILE C 530 32.56 70.70 -47.73
N TYR C 531 33.83 71.08 -47.81
CA TYR C 531 34.30 71.97 -48.87
C TYR C 531 34.23 71.23 -50.20
N GLU C 532 33.24 71.55 -51.02
CA GLU C 532 32.95 70.74 -52.19
C GLU C 532 32.19 71.58 -53.21
N LEU C 533 32.11 71.06 -54.43
CA LEU C 533 31.39 71.72 -55.52
C LEU C 533 29.92 71.87 -55.16
N GLU C 534 29.35 73.03 -55.51
CA GLU C 534 27.94 73.26 -55.25
C GLU C 534 27.04 72.43 -56.16
N ASP C 535 27.54 71.97 -57.31
CA ASP C 535 26.73 71.09 -58.14
C ASP C 535 26.40 69.78 -57.42
N VAL C 536 27.37 69.21 -56.70
CA VAL C 536 27.11 67.99 -55.95
C VAL C 536 26.07 68.24 -54.88
N LYS C 537 26.17 69.36 -54.17
CA LYS C 537 25.25 69.63 -53.06
C LYS C 537 23.85 69.94 -53.58
N LYS C 538 23.74 70.58 -54.74
CA LYS C 538 22.43 70.92 -55.28
C LYS C 538 21.61 69.67 -55.58
N GLY C 539 22.28 68.60 -56.03
CA GLY C 539 21.57 67.35 -56.25
C GLY C 539 21.00 66.77 -54.98
N ILE C 540 21.73 66.83 -53.87
CA ILE C 540 21.20 66.37 -52.59
C ILE C 540 20.05 67.26 -52.16
N LEU C 541 20.18 68.58 -52.36
CA LEU C 541 19.12 69.50 -51.99
C LEU C 541 17.83 69.20 -52.75
N LEU C 542 17.93 68.96 -54.06
CA LEU C 542 16.75 68.64 -54.86
C LEU C 542 16.25 67.21 -54.60
N GLN C 543 17.13 66.30 -54.19
CA GLN C 543 16.69 64.99 -53.77
C GLN C 543 15.82 65.08 -52.53
N LEU C 544 16.17 65.95 -51.61
CA LEU C 544 15.37 66.09 -50.39
C LEU C 544 13.96 66.57 -50.70
N PHE C 545 13.82 67.57 -51.59
CA PHE C 545 12.50 68.08 -51.94
C PHE C 545 11.66 67.00 -52.63
N GLY C 546 12.25 66.29 -53.57
CA GLY C 546 11.58 65.22 -54.26
C GLY C 546 10.59 65.74 -55.29
N GLY C 547 10.29 64.90 -56.26
CA GLY C 547 9.36 65.25 -57.30
C GLY C 547 7.93 65.19 -56.81
N THR C 548 7.01 65.60 -57.69
CA THR C 548 5.61 65.60 -57.35
C THR C 548 5.03 64.20 -57.49
N ASN C 549 4.35 63.72 -56.45
CA ASN C 549 3.71 62.42 -56.49
C ASN C 549 2.34 62.56 -57.14
N LYS C 550 2.07 61.69 -58.11
CA LYS C 550 0.86 61.77 -58.91
C LYS C 550 0.09 60.46 -58.81
N THR C 551 -1.23 60.56 -58.65
CA THR C 551 -2.09 59.40 -58.47
C THR C 551 -3.15 59.41 -59.57
N PHE C 552 -3.32 58.36 -60.33
CA PHE C 552 -4.34 58.27 -61.40
C PHE C 552 -5.61 57.66 -60.76
N THR C 553 -6.81 57.95 -61.26
CA THR C 553 -8.12 57.52 -60.64
C THR C 553 -8.60 56.29 -61.36
N LYS C 554 -7.77 55.69 -62.21
CA LYS C 554 -8.06 54.43 -62.90
C LYS C 554 -6.99 53.43 -62.46
N GLY C 555 -6.37 53.60 -61.29
CA GLY C 555 -5.21 52.78 -60.86
C GLY C 555 -3.97 53.27 -61.60
N GLY C 556 -2.74 53.05 -61.13
CA GLY C 556 -1.56 53.57 -61.78
C GLY C 556 -0.96 54.73 -61.00
N ARG C 557 0.22 54.51 -60.43
CA ARG C 557 0.86 55.49 -59.56
C ARG C 557 2.19 55.92 -60.15
N TYR C 558 2.43 57.24 -60.19
CA TYR C 558 3.72 57.80 -60.56
C TYR C 558 4.28 58.50 -59.33
N ARG C 559 5.51 58.18 -58.97
CA ARG C 559 6.16 58.78 -57.81
C ARG C 559 7.31 59.68 -58.24
N GLY C 560 7.79 60.47 -57.29
CA GLY C 560 8.78 61.49 -57.57
C GLY C 560 10.09 61.32 -56.84
N ASP C 561 10.60 60.10 -56.75
CA ASP C 561 11.81 59.80 -56.02
C ASP C 561 13.02 59.95 -56.93
N ILE C 562 14.10 60.54 -56.41
CA ILE C 562 15.31 60.80 -57.17
C ILE C 562 16.40 59.82 -56.75
N ASN C 563 17.14 59.32 -57.72
CA ASN C 563 18.20 58.34 -57.50
C ASN C 563 19.52 58.90 -58.03
N ILE C 564 20.57 58.81 -57.21
CA ILE C 564 21.85 59.47 -57.51
C ILE C 564 22.99 58.48 -57.31
N LEU C 565 23.96 58.52 -58.20
CA LEU C 565 25.17 57.72 -58.11
C LEU C 565 26.39 58.63 -58.00
N LEU C 566 27.27 58.33 -57.06
CA LEU C 566 28.49 59.11 -56.83
C LEU C 566 29.68 58.23 -57.16
N CYS C 567 30.08 58.24 -58.42
CA CYS C 567 31.31 57.60 -58.87
C CYS C 567 32.46 58.58 -58.76
N GLY C 568 33.66 58.05 -58.62
CA GLY C 568 34.83 58.91 -58.62
C GLY C 568 35.95 58.32 -57.80
N ASP C 569 37.09 58.99 -57.87
CA ASP C 569 38.28 58.50 -57.21
C ASP C 569 38.01 58.27 -55.73
N PRO C 570 38.81 57.46 -55.06
CA PRO C 570 38.68 57.36 -53.59
C PRO C 570 39.27 58.59 -52.93
N SER C 571 39.36 58.66 -51.63
CA SER C 571 39.99 59.82 -50.96
C SER C 571 39.19 61.05 -51.28
N THR C 572 37.89 60.94 -51.52
CA THR C 572 37.00 62.13 -51.63
C THR C 572 36.01 62.09 -50.44
N SER C 573 35.12 63.08 -50.32
CA SER C 573 34.13 63.28 -49.26
C SER C 573 32.76 62.71 -49.62
N LYS C 574 32.71 61.64 -50.42
CA LYS C 574 31.44 61.02 -50.74
C LYS C 574 30.80 60.39 -49.52
N SER C 575 31.64 59.73 -48.74
CA SER C 575 31.23 59.00 -47.53
C SER C 575 30.50 59.90 -46.54
N GLN C 576 30.94 61.13 -46.31
CA GLN C 576 30.31 62.08 -45.40
C GLN C 576 28.95 62.52 -45.90
N ILE C 577 28.78 62.65 -47.22
CA ILE C 577 27.48 63.04 -47.77
C ILE C 577 26.43 62.00 -47.41
N LEU C 578 26.76 60.72 -47.60
CA LEU C 578 25.81 59.66 -47.27
C LEU C 578 25.49 59.65 -45.78
N GLN C 579 26.49 59.85 -44.91
CA GLN C 579 26.20 59.88 -43.48
C GLN C 579 25.29 61.06 -43.11
N TYR C 580 25.69 62.26 -43.48
CA TYR C 580 24.85 63.48 -43.30
C TYR C 580 23.41 63.25 -43.83
N VAL C 581 23.18 62.69 -45.02
CA VAL C 581 21.83 62.46 -45.54
C VAL C 581 21.12 61.38 -44.72
N HIS C 582 21.84 60.36 -44.27
CA HIS C 582 21.23 59.39 -43.36
C HIS C 582 20.67 60.09 -42.13
N LYS C 583 21.45 60.98 -41.54
CA LYS C 583 21.04 61.59 -40.28
C LYS C 583 20.02 62.72 -40.46
N ILE C 584 19.84 63.38 -41.61
CA ILE C 584 18.77 64.41 -41.82
C ILE C 584 17.42 63.79 -42.29
N THR C 585 17.33 62.57 -42.85
CA THR C 585 16.07 62.05 -43.37
C THR C 585 15.34 61.24 -42.28
N PRO C 586 14.00 61.30 -42.19
CA PRO C 586 13.32 60.67 -41.05
C PRO C 586 13.46 59.16 -40.99
N ARG C 587 13.52 58.47 -42.12
CA ARG C 587 13.57 57.01 -42.16
C ARG C 587 14.70 56.61 -43.08
N GLY C 588 15.59 55.73 -42.62
CA GLY C 588 16.71 55.33 -43.44
C GLY C 588 17.44 54.14 -42.87
N VAL C 589 18.21 53.50 -43.74
CA VAL C 589 19.08 52.39 -43.38
C VAL C 589 20.36 52.50 -44.20
N TYR C 590 21.48 52.16 -43.59
CA TYR C 590 22.78 52.27 -44.22
C TYR C 590 23.33 50.87 -44.48
N THR C 591 23.60 50.55 -45.75
CA THR C 591 24.02 49.22 -46.15
C THR C 591 25.41 49.29 -46.76
N SER C 592 26.18 48.23 -46.55
CA SER C 592 27.45 48.04 -47.24
C SER C 592 27.25 47.21 -48.50
N GLY C 593 28.29 47.12 -49.32
CA GLY C 593 28.20 46.35 -50.54
C GLY C 593 28.15 44.85 -50.31
N LYS C 594 29.25 44.29 -49.82
CA LYS C 594 29.36 42.84 -49.63
C LYS C 594 28.96 42.44 -48.22
N GLY C 595 27.81 42.94 -47.77
CA GLY C 595 27.33 42.64 -46.44
C GLY C 595 25.82 42.49 -46.39
N SER C 596 25.21 42.31 -47.56
CA SER C 596 23.76 42.24 -47.69
C SER C 596 23.38 40.98 -48.46
N SER C 597 22.19 40.50 -48.19
CA SER C 597 21.62 39.29 -48.84
C SER C 597 20.25 39.70 -49.37
N ALA C 598 19.64 39.02 -50.34
CA ALA C 598 18.29 39.29 -50.79
C ALA C 598 17.28 39.13 -49.65
N VAL C 599 17.48 38.11 -48.83
CA VAL C 599 16.57 37.84 -47.69
C VAL C 599 16.72 39.01 -46.72
N GLY C 600 17.94 39.47 -46.47
CA GLY C 600 18.16 40.58 -45.56
C GLY C 600 17.65 41.91 -46.05
N LEU C 601 17.38 42.03 -47.35
CA LEU C 601 16.84 43.26 -47.91
C LEU C 601 15.32 43.21 -48.08
N THR C 602 14.71 42.02 -48.14
CA THR C 602 13.30 41.94 -48.48
C THR C 602 12.49 41.54 -47.27
N ALA C 603 12.72 40.37 -46.68
CA ALA C 603 11.87 39.90 -45.59
C ALA C 603 12.40 38.56 -45.10
N TYR C 604 11.88 38.12 -43.94
CA TYR C 604 12.31 36.87 -43.35
C TYR C 604 11.39 36.47 -42.21
N ILE C 605 11.46 35.21 -41.82
CA ILE C 605 10.66 34.63 -40.76
C ILE C 605 11.57 34.31 -39.58
N THR C 606 11.08 34.55 -38.37
CA THR C 606 11.90 34.46 -37.17
C THR C 606 11.08 33.89 -36.03
N ARG C 607 11.77 33.41 -35.00
CA ARG C 607 11.14 32.83 -33.83
C ARG C 607 11.18 33.82 -32.68
N ASP C 608 10.01 34.13 -32.12
CA ASP C 608 9.91 35.07 -31.02
C ASP C 608 10.16 34.35 -29.70
N VAL C 609 11.15 34.82 -28.95
CA VAL C 609 11.53 34.14 -27.71
C VAL C 609 10.46 34.30 -26.64
N ASP C 610 9.52 35.24 -26.79
CA ASP C 610 8.44 35.38 -25.83
C ASP C 610 7.31 34.39 -26.09
N THR C 611 6.69 34.46 -27.27
CA THR C 611 5.59 33.58 -27.59
C THR C 611 6.03 32.25 -28.21
N LYS C 612 7.28 32.10 -28.57
CA LYS C 612 7.85 30.87 -29.22
C LYS C 612 7.14 30.53 -30.54
N GLN C 613 6.51 31.48 -31.24
CA GLN C 613 5.89 31.24 -32.54
C GLN C 613 6.69 31.94 -33.62
N LEU C 614 6.29 31.74 -34.86
CA LEU C 614 6.98 32.28 -36.02
C LEU C 614 6.25 33.49 -36.55
N VAL C 615 6.96 34.61 -36.70
CA VAL C 615 6.38 35.86 -37.14
C VAL C 615 7.18 36.40 -38.32
N LEU C 616 6.57 37.34 -39.04
CA LEU C 616 7.18 37.97 -40.19
C LEU C 616 7.81 39.29 -39.76
N GLU C 617 8.97 39.60 -40.32
CA GLU C 617 9.72 40.79 -39.96
C GLU C 617 10.18 41.52 -41.22
N SER C 618 10.27 42.85 -41.11
CA SER C 618 10.56 43.69 -42.26
C SER C 618 12.05 43.67 -42.60
N GLY C 619 12.36 44.03 -43.84
CA GLY C 619 13.72 44.08 -44.33
C GLY C 619 14.22 45.51 -44.48
N ALA C 620 15.42 45.60 -45.06
CA ALA C 620 16.08 46.90 -45.17
C ALA C 620 15.28 47.86 -46.04
N LEU C 621 14.85 47.41 -47.22
CA LEU C 621 14.21 48.32 -48.17
C LEU C 621 12.78 48.67 -47.75
N VAL C 622 12.06 47.76 -47.12
CA VAL C 622 10.71 48.08 -46.65
C VAL C 622 10.73 49.01 -45.46
N LEU C 623 11.74 48.90 -44.58
CA LEU C 623 11.90 49.86 -43.50
C LEU C 623 12.21 51.26 -44.00
N SER C 624 12.65 51.39 -45.25
CA SER C 624 13.06 52.67 -45.83
C SER C 624 11.96 53.31 -46.65
N ASP C 625 10.70 53.03 -46.30
CA ASP C 625 9.56 53.50 -47.09
C ASP C 625 9.30 54.96 -46.75
N GLY C 626 9.49 55.84 -47.73
CA GLY C 626 9.33 57.26 -47.51
C GLY C 626 10.59 57.89 -46.95
N GLY C 627 11.74 57.36 -47.33
CA GLY C 627 13.00 57.83 -46.83
C GLY C 627 14.12 57.59 -47.83
N VAL C 628 15.34 57.60 -47.33
CA VAL C 628 16.54 57.46 -48.15
C VAL C 628 17.29 56.21 -47.72
N CYS C 629 17.67 55.39 -48.69
CA CYS C 629 18.50 54.21 -48.46
C CYS C 629 19.86 54.45 -49.10
N CYS C 630 20.92 54.30 -48.32
CA CYS C 630 22.28 54.62 -48.75
C CYS C 630 23.05 53.32 -48.91
N ILE C 631 23.43 53.01 -50.15
CA ILE C 631 24.18 51.80 -50.48
C ILE C 631 25.60 52.22 -50.77
N ASP C 632 26.54 51.78 -49.95
CA ASP C 632 27.94 52.13 -50.12
C ASP C 632 28.69 50.96 -50.75
N GLU C 633 29.57 51.27 -51.70
CA GLU C 633 30.28 50.26 -52.47
C GLU C 633 29.30 49.42 -53.29
N PHE C 634 28.53 50.10 -54.14
CA PHE C 634 27.55 49.41 -54.96
C PHE C 634 28.20 48.45 -55.95
N ASP C 635 29.42 48.74 -56.38
CA ASP C 635 30.05 47.91 -57.41
C ASP C 635 30.51 46.57 -56.86
N LYS C 636 30.62 46.44 -55.55
CA LYS C 636 31.12 45.22 -54.92
C LYS C 636 29.99 44.27 -54.54
N MET C 637 28.81 44.44 -55.11
CA MET C 637 27.63 43.70 -54.71
C MET C 637 27.27 42.65 -55.76
N SER C 638 26.80 41.50 -55.31
CA SER C 638 26.57 40.37 -56.20
C SER C 638 25.36 40.62 -57.10
N ASP C 639 25.28 39.84 -58.16
CA ASP C 639 24.22 39.96 -59.19
C ASP C 639 22.90 39.47 -58.60
N SER C 640 22.97 38.56 -57.63
CA SER C 640 21.77 38.11 -56.93
C SER C 640 21.18 39.22 -56.08
N THR C 641 22.03 39.97 -55.38
CA THR C 641 21.54 41.07 -54.55
C THR C 641 21.15 42.28 -55.39
N ARG C 642 21.88 42.55 -56.48
CA ARG C 642 21.49 43.63 -57.37
C ARG C 642 20.18 43.35 -58.08
N SER C 643 19.74 42.09 -58.13
CA SER C 643 18.50 41.77 -58.81
C SER C 643 17.29 42.44 -58.16
N VAL C 644 17.25 42.49 -56.82
CA VAL C 644 16.05 42.98 -56.15
C VAL C 644 15.84 44.47 -56.35
N LEU C 645 16.88 45.23 -56.69
CA LEU C 645 16.75 46.67 -56.80
C LEU C 645 16.02 47.11 -58.06
N HIS C 646 15.93 46.26 -59.08
CA HIS C 646 15.28 46.65 -60.32
C HIS C 646 13.83 47.03 -60.09
N GLU C 647 13.09 46.19 -59.36
CA GLU C 647 11.68 46.47 -59.12
C GLU C 647 11.49 47.70 -58.25
N VAL C 648 12.37 47.90 -57.27
CA VAL C 648 12.26 49.09 -56.42
C VAL C 648 12.59 50.36 -57.19
N MET C 649 13.44 50.28 -58.21
CA MET C 649 13.74 51.44 -59.04
C MET C 649 12.75 51.64 -60.17
N GLU C 650 11.93 50.64 -60.49
CA GLU C 650 10.92 50.75 -61.54
C GLU C 650 9.55 51.11 -60.98
N GLN C 651 8.99 50.28 -60.11
CA GLN C 651 7.61 50.44 -59.66
C GLN C 651 7.47 50.80 -58.20
N GLN C 652 8.57 50.80 -57.43
CA GLN C 652 8.54 51.14 -56.01
C GLN C 652 7.67 50.15 -55.22
N THR C 653 7.83 48.86 -55.54
CA THR C 653 7.16 47.79 -54.81
C THR C 653 8.10 46.59 -54.74
N ILE C 654 7.67 45.58 -53.99
CA ILE C 654 8.35 44.29 -53.93
C ILE C 654 7.28 43.21 -53.89
N SER C 655 7.49 42.12 -54.61
CA SER C 655 6.58 40.99 -54.63
C SER C 655 7.27 39.80 -53.99
N ILE C 656 6.65 39.23 -52.97
CA ILE C 656 7.22 38.12 -52.22
C ILE C 656 6.27 36.93 -52.35
N ALA C 657 6.81 35.80 -52.81
CA ALA C 657 6.09 34.53 -52.84
C ALA C 657 6.94 33.51 -52.10
N LYS C 658 6.80 33.48 -50.78
CA LYS C 658 7.52 32.58 -49.91
C LYS C 658 6.52 31.79 -49.08
N ALA C 659 7.02 30.81 -48.34
CA ALA C 659 6.15 30.00 -47.50
C ALA C 659 5.55 30.85 -46.40
N GLY C 660 4.25 31.17 -46.53
CA GLY C 660 3.51 31.91 -45.52
C GLY C 660 3.04 33.27 -45.97
N ILE C 661 3.68 33.84 -46.99
CA ILE C 661 3.37 35.19 -47.45
C ILE C 661 3.34 35.21 -48.97
N ILE C 662 2.25 35.74 -49.54
CA ILE C 662 2.15 36.02 -50.97
C ILE C 662 1.48 37.38 -51.08
N THR C 663 2.27 38.43 -51.27
CA THR C 663 1.72 39.79 -51.26
C THR C 663 2.73 40.75 -51.87
N THR C 664 2.27 41.97 -52.12
CA THR C 664 3.08 43.04 -52.67
C THR C 664 3.26 44.14 -51.62
N LEU C 665 4.49 44.58 -51.45
CA LEU C 665 4.85 45.53 -50.40
C LEU C 665 5.24 46.86 -51.02
N ASN C 666 5.08 47.93 -50.24
CA ASN C 666 5.40 49.28 -50.67
C ASN C 666 6.81 49.64 -50.22
N ALA C 667 7.67 50.00 -51.19
CA ALA C 667 9.02 50.48 -50.90
C ALA C 667 9.23 51.79 -51.67
N ARG C 668 8.79 52.90 -51.06
CA ARG C 668 8.87 54.21 -51.69
C ARG C 668 10.10 54.95 -51.14
N SER C 669 11.26 54.55 -51.64
CA SER C 669 12.54 54.99 -51.10
C SER C 669 13.41 55.61 -52.18
N SER C 670 14.31 56.49 -51.74
CA SER C 670 15.30 57.10 -52.60
C SER C 670 16.62 56.36 -52.45
N ILE C 671 17.34 56.22 -53.56
CA ILE C 671 18.58 55.45 -53.62
C ILE C 671 19.73 56.44 -53.78
N LEU C 672 20.73 56.32 -52.90
CA LEU C 672 21.94 57.13 -52.95
C LEU C 672 23.13 56.18 -52.85
N ALA C 673 23.85 56.02 -53.95
CA ALA C 673 24.87 54.98 -54.08
C ALA C 673 26.21 55.60 -54.46
N SER C 674 27.28 54.97 -53.97
CA SER C 674 28.64 55.38 -54.31
C SER C 674 29.42 54.17 -54.77
N ALA C 675 30.21 54.34 -55.83
CA ALA C 675 30.93 53.25 -56.47
C ALA C 675 32.41 53.62 -56.58
N ASN C 676 33.24 52.60 -56.50
CA ASN C 676 34.68 52.72 -56.58
C ASN C 676 35.16 52.43 -58.00
N PRO C 677 36.03 53.27 -58.56
CA PRO C 677 36.57 52.97 -59.88
C PRO C 677 37.53 51.79 -59.88
N ILE C 678 37.57 51.09 -61.01
CA ILE C 678 38.48 49.97 -61.21
C ILE C 678 39.90 50.48 -61.10
N GLY C 679 40.73 49.80 -60.33
CA GLY C 679 42.11 50.17 -60.22
C GLY C 679 42.32 51.41 -59.37
N SER C 680 43.56 51.86 -59.35
CA SER C 680 43.98 52.94 -58.46
C SER C 680 43.12 54.19 -58.62
N ARG C 681 43.12 54.78 -59.80
CA ARG C 681 42.48 56.08 -60.02
C ARG C 681 41.63 56.02 -61.27
N TYR C 682 40.76 57.01 -61.41
CA TYR C 682 40.01 57.19 -62.65
C TYR C 682 40.98 57.53 -63.76
N ASN C 683 40.86 56.84 -64.90
CA ASN C 683 41.77 57.04 -66.01
C ASN C 683 41.05 57.86 -67.07
N PRO C 684 41.41 59.12 -67.29
CA PRO C 684 40.72 59.92 -68.32
C PRO C 684 40.88 59.37 -69.72
N ASN C 685 41.89 58.53 -69.95
CA ASN C 685 42.16 58.02 -71.28
C ASN C 685 41.18 56.93 -71.71
N LEU C 686 40.51 56.28 -70.76
CA LEU C 686 39.54 55.25 -71.08
C LEU C 686 38.12 55.80 -70.98
N PRO C 687 37.15 55.15 -71.61
CA PRO C 687 35.76 55.58 -71.46
C PRO C 687 35.22 55.25 -70.08
N VAL C 688 34.10 55.88 -69.74
CA VAL C 688 33.50 55.68 -68.43
C VAL C 688 32.98 54.25 -68.26
N THR C 689 32.47 53.65 -69.35
CA THR C 689 31.95 52.30 -69.24
C THR C 689 33.05 51.29 -68.93
N GLU C 690 34.31 51.65 -69.20
CA GLU C 690 35.43 50.77 -68.88
C GLU C 690 36.07 51.07 -67.52
N ASN C 691 35.62 52.12 -66.83
CA ASN C 691 36.19 52.47 -65.53
C ASN C 691 35.36 51.99 -64.35
N ILE C 692 34.08 51.72 -64.54
CA ILE C 692 33.18 51.32 -63.46
C ILE C 692 32.70 49.90 -63.75
N ASP C 693 32.82 49.03 -62.76
CA ASP C 693 32.41 47.63 -62.91
C ASP C 693 30.92 47.50 -62.64
N LEU C 694 30.14 47.95 -63.61
CA LEU C 694 28.69 47.89 -63.52
C LEU C 694 28.21 47.79 -64.96
N PRO C 695 27.25 46.92 -65.27
CA PRO C 695 26.78 46.79 -66.65
C PRO C 695 26.27 48.12 -67.17
N PRO C 696 26.61 48.47 -68.41
CA PRO C 696 26.20 49.78 -68.95
C PRO C 696 24.70 49.98 -68.92
N PRO C 697 23.90 48.93 -69.17
CA PRO C 697 22.44 49.10 -69.05
C PRO C 697 21.97 49.51 -67.66
N LEU C 698 22.64 49.09 -66.60
CA LEU C 698 22.24 49.49 -65.26
C LEU C 698 22.56 50.96 -64.99
N LEU C 699 23.60 51.49 -65.62
CA LEU C 699 23.99 52.88 -65.37
C LEU C 699 22.92 53.87 -65.80
N SER C 700 22.00 53.47 -66.67
CA SER C 700 21.00 54.39 -67.20
C SER C 700 19.76 54.50 -66.34
N ARG C 701 19.65 53.73 -65.26
CA ARG C 701 18.51 53.79 -64.36
C ARG C 701 18.62 54.91 -63.34
N PHE C 702 19.77 55.56 -63.22
CA PHE C 702 19.98 56.60 -62.23
C PHE C 702 19.65 57.97 -62.80
N ASP C 703 19.03 58.81 -61.98
CA ASP C 703 18.67 60.15 -62.44
C ASP C 703 19.90 61.01 -62.66
N LEU C 704 20.83 61.01 -61.70
CA LEU C 704 22.07 61.77 -61.80
C LEU C 704 23.26 60.87 -61.56
N VAL C 705 24.29 61.02 -62.38
CA VAL C 705 25.56 60.32 -62.22
C VAL C 705 26.64 61.38 -62.05
N TYR C 706 27.35 61.32 -60.93
CA TYR C 706 28.32 62.33 -60.54
C TYR C 706 29.72 61.75 -60.67
N LEU C 707 30.49 62.28 -61.62
CA LEU C 707 31.90 61.94 -61.74
C LEU C 707 32.69 62.93 -60.88
N VAL C 708 33.24 62.45 -59.78
CA VAL C 708 34.05 63.25 -58.87
C VAL C 708 35.50 63.01 -59.26
N LEU C 709 36.14 64.00 -59.84
CA LEU C 709 37.51 63.89 -60.34
C LEU C 709 38.44 64.72 -59.47
N ASP C 710 39.68 64.23 -59.35
CA ASP C 710 40.71 64.92 -58.59
C ASP C 710 41.70 65.57 -59.55
N LYS C 711 41.90 66.87 -59.42
CA LYS C 711 42.94 67.59 -60.20
C LYS C 711 43.87 68.31 -59.21
N VAL C 712 45.16 68.46 -59.50
CA VAL C 712 46.13 69.17 -58.67
C VAL C 712 46.15 70.63 -59.12
N ASP C 713 45.65 71.59 -58.37
CA ASP C 713 45.58 73.03 -58.76
C ASP C 713 45.86 73.88 -57.52
N GLU C 714 46.78 74.83 -57.54
CA GLU C 714 47.31 75.49 -56.32
C GLU C 714 46.31 76.34 -55.54
N LYS C 715 45.33 76.99 -56.16
CA LYS C 715 44.45 77.88 -55.35
C LYS C 715 43.30 77.05 -54.74
N ASN C 716 42.83 75.99 -55.36
CA ASN C 716 41.89 75.05 -54.78
C ASN C 716 42.50 74.33 -53.58
N ASP C 717 43.74 73.87 -53.72
CA ASP C 717 44.41 73.22 -52.60
C ASP C 717 44.59 74.18 -51.42
N ARG C 718 44.95 75.43 -51.71
CA ARG C 718 45.12 76.40 -50.64
C ARG C 718 43.82 76.61 -49.88
N GLU C 719 42.72 76.80 -50.61
CA GLU C 719 41.43 77.01 -49.96
C GLU C 719 41.00 75.80 -49.15
N LEU C 720 41.20 74.60 -49.69
CA LEU C 720 40.83 73.40 -48.94
C LEU C 720 41.65 73.24 -47.66
N ALA C 721 42.95 73.52 -47.72
CA ALA C 721 43.78 73.40 -46.54
C ALA C 721 43.39 74.42 -45.47
N LYS C 722 43.14 75.68 -45.87
CA LYS C 722 42.68 76.65 -44.88
C LYS C 722 41.34 76.25 -44.30
N HIS C 723 40.41 75.77 -45.15
CA HIS C 723 39.12 75.31 -44.67
C HIS C 723 39.28 74.25 -43.59
N LEU C 724 40.11 73.25 -43.85
CA LEU C 724 40.24 72.16 -42.89
C LEU C 724 40.94 72.61 -41.61
N THR C 725 41.96 73.46 -41.72
CA THR C 725 42.67 73.86 -40.52
C THR C 725 41.85 74.80 -39.65
N ASN C 726 40.91 75.55 -40.23
CA ASN C 726 40.06 76.42 -39.43
C ASN C 726 39.16 75.64 -38.47
N LEU C 727 38.87 74.38 -38.76
CA LEU C 727 38.00 73.58 -37.90
C LEU C 727 38.69 73.13 -36.62
N TYR C 728 40.01 73.03 -36.57
CA TYR C 728 40.75 72.49 -35.38
C TYR C 728 41.14 73.66 -34.44
N LEU C 729 40.50 74.81 -34.54
CA LEU C 729 40.77 76.01 -33.72
C LEU C 729 39.63 76.03 -32.71
N GLU C 730 39.84 76.56 -31.52
CA GLU C 730 38.80 76.51 -30.46
C GLU C 730 37.94 75.26 -30.67
N ASP C 740 27.01 83.84 -45.22
CA ASP C 740 26.15 83.44 -44.12
C ASP C 740 25.35 82.21 -44.50
N VAL C 741 24.94 81.43 -43.50
CA VAL C 741 24.26 80.16 -43.74
C VAL C 741 23.03 80.08 -42.86
N LEU C 742 22.14 79.17 -43.16
CA LEU C 742 20.86 79.02 -42.46
C LEU C 742 21.10 77.91 -41.44
N PRO C 743 20.88 78.09 -40.14
CA PRO C 743 21.04 77.00 -39.17
C PRO C 743 20.22 75.77 -39.54
N VAL C 744 20.44 74.67 -38.82
CA VAL C 744 19.77 73.41 -39.16
C VAL C 744 18.26 73.55 -39.01
N GLU C 745 17.82 74.15 -37.91
CA GLU C 745 16.39 74.20 -37.61
C GLU C 745 15.62 74.87 -38.74
N PHE C 746 16.08 76.03 -39.18
CA PHE C 746 15.38 76.77 -40.21
C PHE C 746 15.40 76.06 -41.56
N LEU C 747 16.52 75.43 -41.91
CA LEU C 747 16.58 74.66 -43.15
C LEU C 747 15.54 73.54 -43.15
N THR C 748 15.53 72.73 -42.09
CA THR C 748 14.59 71.62 -42.03
C THR C 748 13.16 72.13 -42.03
N MET C 749 12.91 73.22 -41.31
CA MET C 749 11.55 73.78 -41.28
C MET C 749 11.11 74.22 -42.67
N TYR C 750 11.97 74.92 -43.39
CA TYR C 750 11.63 75.36 -44.75
C TYR C 750 11.32 74.17 -45.65
N ILE C 751 12.19 73.16 -45.60
CA ILE C 751 12.01 72.01 -46.49
C ILE C 751 10.70 71.30 -46.18
N SER C 752 10.40 71.12 -44.89
CA SER C 752 9.14 70.47 -44.53
C SER C 752 7.94 71.29 -44.98
N TYR C 753 7.98 72.61 -44.79
CA TYR C 753 6.89 73.47 -45.28
C TYR C 753 6.66 73.27 -46.76
N ALA C 754 7.72 73.35 -47.56
CA ALA C 754 7.58 73.21 -49.00
C ALA C 754 7.07 71.83 -49.39
N LYS C 755 7.62 70.77 -48.79
CA LYS C 755 7.18 69.42 -49.08
C LYS C 755 5.74 69.18 -48.66
N GLU C 756 5.23 69.95 -47.71
CA GLU C 756 3.88 69.75 -47.19
C GLU C 756 2.82 70.47 -48.00
N HIS C 757 3.01 71.75 -48.35
CA HIS C 757 1.87 72.52 -48.87
C HIS C 757 1.82 72.61 -50.40
N ILE C 758 2.89 73.10 -51.03
CA ILE C 758 2.83 73.44 -52.44
C ILE C 758 2.89 72.19 -53.30
N HIS C 759 2.39 72.29 -54.54
CA HIS C 759 2.39 71.17 -55.49
C HIS C 759 2.53 71.75 -56.90
N PRO C 760 3.65 71.49 -57.58
CA PRO C 760 3.89 72.15 -58.88
C PRO C 760 3.27 71.39 -60.05
N ILE C 761 2.81 72.13 -61.06
CA ILE C 761 2.21 71.59 -62.26
C ILE C 761 2.85 72.28 -63.46
N ILE C 762 3.06 71.50 -64.53
CA ILE C 762 3.89 71.92 -65.66
C ILE C 762 3.03 72.63 -66.69
N THR C 763 3.67 73.49 -67.48
CA THR C 763 3.01 74.28 -68.51
C THR C 763 3.51 73.89 -69.91
N GLU C 764 2.83 74.41 -70.93
CA GLU C 764 3.18 74.11 -72.32
C GLU C 764 4.55 74.64 -72.71
N ALA C 765 4.90 75.86 -72.27
CA ALA C 765 6.21 76.41 -72.58
C ALA C 765 7.32 75.50 -72.09
N ALA C 766 7.08 74.81 -70.98
CA ALA C 766 8.05 73.83 -70.50
C ALA C 766 8.02 72.56 -71.33
N LYS C 767 6.84 72.16 -71.81
CA LYS C 767 6.73 70.95 -72.61
C LYS C 767 7.55 71.06 -73.90
N THR C 768 7.47 72.22 -74.55
CA THR C 768 8.25 72.43 -75.78
C THR C 768 9.73 72.16 -75.53
N GLU C 769 10.29 72.79 -74.49
CA GLU C 769 11.69 72.63 -74.17
C GLU C 769 12.03 71.20 -73.77
N LEU C 770 11.14 70.53 -73.02
CA LEU C 770 11.43 69.15 -72.63
C LEU C 770 11.56 68.26 -73.86
N VAL C 771 10.62 68.37 -74.80
CA VAL C 771 10.68 67.53 -75.98
C VAL C 771 11.92 67.86 -76.81
N ARG C 772 12.21 69.15 -76.99
CA ARG C 772 13.38 69.54 -77.75
C ARG C 772 14.65 68.98 -77.14
N ALA C 773 14.77 69.08 -75.81
CA ALA C 773 15.97 68.60 -75.13
C ALA C 773 16.12 67.09 -75.29
N TYR C 774 15.02 66.35 -75.14
CA TYR C 774 15.13 64.90 -75.26
C TYR C 774 15.57 64.50 -76.67
N VAL C 775 14.97 65.12 -77.69
CA VAL C 775 15.35 64.79 -79.05
C VAL C 775 16.81 65.15 -79.30
N GLY C 776 17.25 66.31 -78.81
CA GLY C 776 18.64 66.69 -78.98
C GLY C 776 19.60 65.72 -78.32
N MET C 777 19.28 65.30 -77.09
CA MET C 777 20.13 64.34 -76.40
C MET C 777 20.20 63.01 -77.14
N ARG C 778 19.07 62.51 -77.64
CA ARG C 778 19.11 61.24 -78.35
C ARG C 778 19.89 61.36 -79.65
N LYS C 779 19.73 62.46 -80.38
CA LYS C 779 20.38 62.60 -81.68
C LYS C 779 21.90 62.60 -81.52
N MET C 780 22.41 63.13 -80.42
CA MET C 780 23.84 63.07 -80.16
C MET C 780 24.29 61.63 -80.04
N GLY C 781 25.50 61.35 -80.52
CA GLY C 781 26.05 60.02 -80.37
C GLY C 781 25.23 58.94 -81.03
N ASP C 782 24.36 59.29 -81.98
CA ASP C 782 23.58 58.28 -82.67
C ASP C 782 24.48 57.25 -83.34
N ASP C 783 25.65 57.68 -83.84
CA ASP C 783 26.61 56.77 -84.42
C ASP C 783 27.38 55.98 -83.38
N SER C 784 27.64 56.56 -82.21
CA SER C 784 28.40 55.91 -81.15
C SER C 784 27.49 55.15 -80.18
N ARG C 785 26.65 54.28 -80.74
CA ARG C 785 25.76 53.43 -79.95
C ARG C 785 26.18 51.98 -79.96
N SER C 786 26.65 51.46 -81.10
CA SER C 786 27.12 50.09 -81.16
C SER C 786 28.27 49.87 -80.19
N ASP C 787 29.23 50.78 -80.18
CA ASP C 787 30.34 50.72 -79.24
C ASP C 787 29.98 51.45 -77.96
N GLU C 788 30.12 50.77 -76.83
CA GLU C 788 29.74 51.32 -75.53
C GLU C 788 30.85 52.24 -75.05
N LYS C 789 30.88 53.45 -75.62
CA LYS C 789 31.78 54.50 -75.16
C LYS C 789 31.12 55.42 -74.15
N ARG C 790 29.98 56.00 -74.49
CA ARG C 790 29.21 56.84 -73.60
C ARG C 790 27.95 56.11 -73.16
N ILE C 791 27.27 56.68 -72.18
CA ILE C 791 26.03 56.10 -71.66
C ILE C 791 24.90 56.46 -72.60
N THR C 792 24.29 55.45 -73.21
CA THR C 792 23.21 55.70 -74.16
C THR C 792 22.00 56.28 -73.45
N ALA C 793 21.33 57.21 -74.12
CA ALA C 793 20.19 57.90 -73.53
C ALA C 793 18.91 57.11 -73.73
N THR C 794 18.05 57.14 -72.70
CA THR C 794 16.79 56.41 -72.73
C THR C 794 15.65 57.30 -72.27
N THR C 795 14.47 56.72 -72.06
CA THR C 795 13.30 57.47 -71.60
C THR C 795 13.41 57.87 -70.13
N ARG C 796 14.16 57.11 -69.35
CA ARG C 796 14.36 57.48 -67.95
C ARG C 796 15.04 58.84 -67.81
N GLN C 797 15.85 59.25 -68.78
CA GLN C 797 16.41 60.59 -68.73
C GLN C 797 15.34 61.66 -68.94
N LEU C 798 14.38 61.41 -69.83
CA LEU C 798 13.24 62.32 -69.95
C LEU C 798 12.51 62.45 -68.62
N GLU C 799 12.23 61.31 -67.99
CA GLU C 799 11.53 61.36 -66.71
C GLU C 799 12.39 62.06 -65.65
N SER C 800 13.71 61.90 -65.72
CA SER C 800 14.59 62.61 -64.80
C SER C 800 14.49 64.12 -64.96
N MET C 801 14.45 64.58 -66.22
CA MET C 801 14.28 66.01 -66.44
C MET C 801 12.95 66.50 -65.87
N ILE C 802 11.88 65.72 -66.08
CA ILE C 802 10.59 66.09 -65.50
C ILE C 802 10.70 66.23 -63.98
N ARG C 803 11.29 65.22 -63.34
CA ARG C 803 11.37 65.22 -61.88
C ARG C 803 12.19 66.38 -61.36
N LEU C 804 13.34 66.65 -61.98
CA LEU C 804 14.19 67.75 -61.51
C LEU C 804 13.55 69.11 -61.74
N ALA C 805 12.85 69.30 -62.86
CA ALA C 805 12.11 70.55 -63.04
C ALA C 805 11.06 70.73 -61.95
N GLU C 806 10.32 69.67 -61.63
CA GLU C 806 9.32 69.78 -60.58
C GLU C 806 9.94 70.09 -59.23
N ALA C 807 11.07 69.46 -58.91
CA ALA C 807 11.74 69.74 -57.63
C ALA C 807 12.24 71.17 -57.56
N HIS C 808 12.82 71.69 -58.64
CA HIS C 808 13.31 73.05 -58.62
C HIS C 808 12.14 74.03 -58.49
N ALA C 809 11.01 73.73 -59.13
CA ALA C 809 9.82 74.54 -58.93
C ALA C 809 9.38 74.52 -57.47
N LYS C 810 9.36 73.33 -56.86
CA LYS C 810 8.96 73.24 -55.46
C LYS C 810 9.84 74.10 -54.58
N MET C 811 11.16 74.04 -54.79
CA MET C 811 12.02 75.04 -54.19
C MET C 811 11.60 76.42 -54.69
N LYS C 812 11.69 77.42 -53.81
CA LYS C 812 11.27 78.79 -54.06
C LYS C 812 9.77 78.98 -53.94
N LEU C 813 9.01 77.93 -53.65
CA LEU C 813 7.57 78.03 -53.39
C LEU C 813 6.82 78.59 -54.58
N LYS C 814 6.85 77.85 -55.69
CA LYS C 814 5.94 78.10 -56.80
C LYS C 814 5.01 76.90 -56.99
N ASN C 815 3.94 77.15 -57.74
CA ASN C 815 3.05 76.10 -58.21
C ASN C 815 3.08 76.01 -59.73
N VAL C 816 4.10 76.58 -60.36
CA VAL C 816 4.20 76.68 -61.82
C VAL C 816 5.63 76.39 -62.21
N VAL C 817 5.83 75.42 -63.09
CA VAL C 817 7.15 75.09 -63.60
C VAL C 817 7.36 75.84 -64.92
N GLU C 818 8.23 76.84 -64.91
CA GLU C 818 8.47 77.64 -66.09
C GLU C 818 9.74 77.17 -66.80
N LEU C 819 10.14 77.90 -67.85
CA LEU C 819 11.23 77.45 -68.70
C LEU C 819 12.55 77.41 -67.95
N GLU C 820 12.76 78.34 -67.00
CA GLU C 820 13.98 78.35 -66.23
C GLU C 820 14.23 77.00 -65.55
N ASP C 821 13.17 76.37 -65.08
CA ASP C 821 13.32 75.09 -64.38
C ASP C 821 13.87 74.02 -65.31
N VAL C 822 13.34 73.92 -66.52
CA VAL C 822 13.81 72.90 -67.46
C VAL C 822 15.24 73.21 -67.88
N GLN C 823 15.57 74.48 -68.11
CA GLN C 823 16.94 74.81 -68.50
C GLN C 823 17.91 74.46 -67.38
N GLU C 824 17.54 74.76 -66.13
CA GLU C 824 18.39 74.39 -65.00
C GLU C 824 18.52 72.88 -64.87
N ALA C 825 17.44 72.13 -65.10
CA ALA C 825 17.50 70.68 -65.01
C ALA C 825 18.48 70.11 -66.04
N VAL C 826 18.37 70.56 -67.29
CA VAL C 826 19.26 70.04 -68.33
C VAL C 826 20.69 70.45 -68.04
N ARG C 827 20.90 71.70 -67.61
CA ARG C 827 22.23 72.14 -67.21
C ARG C 827 22.82 71.20 -66.16
N LEU C 828 22.04 70.88 -65.13
CA LEU C 828 22.54 70.02 -64.07
C LEU C 828 22.85 68.61 -64.59
N ILE C 829 21.97 68.05 -65.41
CA ILE C 829 22.20 66.69 -65.90
C ILE C 829 23.49 66.63 -66.69
N ARG C 830 23.72 67.60 -67.59
CA ARG C 830 24.97 67.59 -68.34
C ARG C 830 26.18 67.85 -67.45
N SER C 831 26.05 68.79 -66.50
CA SER C 831 27.19 69.15 -65.67
C SER C 831 27.63 68.01 -64.77
N ALA C 832 26.70 67.17 -64.35
CA ALA C 832 27.05 66.04 -63.49
C ALA C 832 27.96 65.05 -64.21
N ILE C 833 27.61 64.68 -65.44
CA ILE C 833 28.38 63.70 -66.21
C ILE C 833 29.63 64.31 -66.83
N LYS C 834 29.86 65.60 -66.63
CA LYS C 834 31.03 66.28 -67.16
C LYS C 834 31.04 66.27 -68.68
N ASP C 835 29.89 66.56 -69.28
CA ASP C 835 29.76 66.58 -70.73
C ASP C 835 30.35 67.83 -71.36
N TYR C 836 30.77 68.81 -70.56
CA TYR C 836 31.42 70.00 -71.09
C TYR C 836 32.92 69.82 -71.30
N ALA C 837 33.44 68.60 -71.12
CA ALA C 837 34.85 68.34 -71.37
C ALA C 837 35.07 67.00 -72.06
N THR C 838 34.02 66.36 -72.57
CA THR C 838 34.17 65.00 -73.16
C THR C 838 34.19 65.00 -74.68
N ASP C 839 35.14 64.32 -75.30
CA ASP C 839 35.23 64.16 -76.76
C ASP C 839 34.20 63.14 -77.17
N PRO C 840 33.18 63.51 -77.93
CA PRO C 840 32.11 62.58 -78.25
C PRO C 840 32.52 61.37 -79.12
N LYS C 841 33.72 61.34 -79.67
CA LYS C 841 34.21 60.22 -80.51
C LYS C 841 34.96 59.20 -79.66
N THR C 842 35.89 59.61 -78.82
CA THR C 842 36.69 58.61 -78.07
C THR C 842 36.18 58.36 -76.66
N GLY C 843 35.44 59.28 -76.05
CA GLY C 843 34.94 59.14 -74.67
C GLY C 843 35.98 59.55 -73.65
N LYS C 844 36.80 60.53 -73.98
CA LYS C 844 37.92 60.92 -73.09
C LYS C 844 37.70 62.30 -72.51
N ILE C 845 38.28 62.63 -71.38
CA ILE C 845 38.03 63.91 -70.65
C ILE C 845 39.32 64.71 -70.74
N ASP C 846 39.26 65.97 -71.14
CA ASP C 846 40.45 66.86 -71.15
C ASP C 846 40.49 67.44 -69.74
N MET C 847 41.50 67.15 -68.95
CA MET C 847 41.53 67.56 -67.52
C MET C 847 41.93 69.02 -67.48
N ASN C 848 42.52 69.54 -68.55
CA ASN C 848 42.91 70.97 -68.60
C ASN C 848 41.62 71.77 -68.59
N LEU C 849 40.47 71.20 -68.96
CA LEU C 849 39.18 71.92 -69.06
C LEU C 849 38.29 71.64 -67.84
N VAL C 850 38.68 70.81 -66.90
CA VAL C 850 37.85 70.44 -65.72
C VAL C 850 38.25 71.41 -64.63
N GLN C 851 37.48 72.45 -64.37
CA GLN C 851 37.89 73.51 -63.44
C GLN C 851 37.14 73.37 -62.12
N THR C 852 37.80 73.68 -61.01
CA THR C 852 37.27 73.60 -59.63
C THR C 852 36.75 75.00 -59.26
N SER D 2 9.54 -24.30 17.96
CA SER D 2 10.78 -24.03 17.16
C SER D 2 11.15 -25.23 16.30
N PHE D 3 10.28 -25.58 15.34
CA PHE D 3 10.43 -26.79 14.55
C PHE D 3 10.85 -26.46 13.12
N ASP D 4 10.95 -27.50 12.30
CA ASP D 4 11.55 -27.46 10.98
C ASP D 4 10.48 -27.53 9.89
N ARG D 5 10.95 -27.64 8.64
CA ARG D 5 10.12 -27.71 7.45
C ARG D 5 9.71 -29.14 7.17
N PRO D 6 8.41 -29.46 7.10
CA PRO D 6 8.00 -30.80 6.66
C PRO D 6 8.18 -30.98 5.16
N GLU D 7 8.31 -32.25 4.75
CA GLU D 7 8.61 -32.61 3.38
C GLU D 7 7.46 -33.39 2.75
N ILE D 8 7.44 -33.39 1.42
CA ILE D 8 6.55 -34.24 0.62
C ILE D 8 7.41 -35.04 -0.34
N TYR D 9 7.20 -36.34 -0.39
CA TYR D 9 7.95 -37.24 -1.26
C TYR D 9 7.07 -38.38 -1.72
N SER D 10 7.53 -39.10 -2.75
CA SER D 10 6.69 -40.06 -3.46
C SER D 10 7.50 -41.27 -3.89
N ALA D 11 6.81 -42.25 -4.49
CA ALA D 11 7.40 -43.49 -4.98
C ALA D 11 6.38 -44.28 -5.81
N PRO D 12 6.78 -44.93 -6.90
CA PRO D 12 5.79 -45.65 -7.72
C PRO D 12 5.33 -46.95 -7.08
N VAL D 13 4.05 -47.25 -7.24
CA VAL D 13 3.48 -48.47 -6.65
C VAL D 13 2.71 -49.30 -7.68
N LEU D 14 1.72 -48.70 -8.34
CA LEU D 14 0.77 -49.43 -9.17
C LEU D 14 0.70 -48.87 -10.58
N GLN D 15 -0.05 -49.56 -11.43
CA GLN D 15 -0.34 -49.11 -12.79
C GLN D 15 -1.62 -48.28 -12.75
N GLY D 16 -1.52 -47.01 -13.11
CA GLY D 16 -2.69 -46.16 -13.13
C GLY D 16 -3.58 -46.46 -14.32
N GLU D 17 -4.27 -45.44 -14.80
CA GLU D 17 -5.11 -45.61 -15.99
C GLU D 17 -4.23 -45.82 -17.22
N SER D 18 -4.73 -46.60 -18.17
CA SER D 18 -3.95 -46.87 -19.37
C SER D 18 -3.66 -45.57 -20.11
N PRO D 19 -2.52 -45.49 -20.79
CA PRO D 19 -2.05 -44.19 -21.26
C PRO D 19 -2.65 -43.74 -22.57
N ASN D 20 -3.18 -42.52 -22.60
CA ASN D 20 -3.62 -41.92 -23.84
C ASN D 20 -2.40 -41.44 -24.63
N ASP D 21 -2.45 -41.64 -25.94
CA ASP D 21 -1.29 -41.34 -26.79
C ASP D 21 -0.99 -39.85 -26.89
N ASP D 22 -1.96 -38.97 -26.65
CA ASP D 22 -1.70 -37.55 -26.62
C ASP D 22 -1.34 -37.06 -25.22
N ASP D 23 -0.82 -37.93 -24.37
CA ASP D 23 -0.32 -37.53 -23.07
C ASP D 23 1.06 -36.91 -23.21
N ASN D 24 1.38 -35.97 -22.32
CA ASN D 24 2.68 -35.30 -22.41
C ASN D 24 3.83 -36.27 -22.16
N THR D 25 3.69 -37.16 -21.18
CA THR D 25 4.77 -38.10 -20.89
C THR D 25 4.99 -39.07 -22.05
N GLU D 26 3.91 -39.52 -22.69
CA GLU D 26 4.08 -40.35 -23.86
C GLU D 26 4.74 -39.60 -25.01
N ILE D 27 4.46 -38.30 -25.14
CA ILE D 27 5.16 -37.50 -26.15
C ILE D 27 6.65 -37.46 -25.85
N ILE D 28 7.01 -37.24 -24.58
CA ILE D 28 8.42 -37.20 -24.20
C ILE D 28 9.09 -38.55 -24.48
N LYS D 29 8.42 -39.64 -24.13
CA LYS D 29 8.97 -40.97 -24.37
C LYS D 29 9.10 -41.31 -25.84
N SER D 30 8.10 -40.96 -26.67
CA SER D 30 8.21 -41.20 -28.10
C SER D 30 9.36 -40.42 -28.70
N PHE D 31 9.58 -39.20 -28.28
CA PHE D 31 10.65 -38.34 -28.81
C PHE D 31 11.99 -38.87 -28.29
N LYS D 32 12.08 -39.45 -27.09
CA LYS D 32 13.33 -40.03 -26.60
C LYS D 32 13.65 -41.34 -27.33
N ASN D 33 12.64 -42.14 -27.67
CA ASN D 33 12.86 -43.29 -28.54
C ASN D 33 13.38 -42.85 -29.89
N PHE D 34 12.76 -41.82 -30.47
CA PHE D 34 13.20 -41.33 -31.78
C PHE D 34 14.68 -40.97 -31.76
N ILE D 35 15.13 -40.29 -30.70
CA ILE D 35 16.50 -39.81 -30.70
C ILE D 35 17.50 -40.94 -30.82
N LEU D 36 17.32 -42.03 -30.05
CA LEU D 36 18.31 -43.10 -29.98
C LEU D 36 17.99 -44.26 -30.91
N GLU D 37 16.90 -44.17 -31.68
CA GLU D 37 16.53 -45.28 -32.56
C GLU D 37 16.66 -44.93 -34.03
N PHE D 38 16.13 -43.78 -34.43
CA PHE D 38 16.03 -43.42 -35.84
C PHE D 38 17.37 -43.58 -36.54
N ARG D 39 17.35 -44.28 -37.68
CA ARG D 39 18.55 -44.60 -38.44
C ARG D 39 18.42 -44.08 -39.86
N LEU D 40 19.54 -43.65 -40.43
CA LEU D 40 19.63 -43.30 -41.85
C LEU D 40 20.89 -43.96 -42.39
N ASP D 41 20.72 -44.88 -43.34
CA ASP D 41 21.79 -45.78 -43.75
C ASP D 41 22.04 -46.79 -42.64
N SER D 42 23.26 -46.83 -42.11
CA SER D 42 23.58 -47.68 -40.97
C SER D 42 24.16 -46.91 -39.79
N GLN D 43 24.09 -45.58 -39.80
CA GLN D 43 24.63 -44.75 -38.73
C GLN D 43 23.49 -44.10 -37.97
N PHE D 44 23.60 -44.10 -36.64
CA PHE D 44 22.60 -43.50 -35.77
C PHE D 44 22.99 -42.03 -35.58
N ILE D 45 22.44 -41.17 -36.43
CA ILE D 45 23.00 -39.81 -36.59
C ILE D 45 22.88 -39.01 -35.30
N TYR D 46 21.70 -39.04 -34.66
CA TYR D 46 21.42 -38.06 -33.62
C TYR D 46 22.14 -38.40 -32.31
N ARG D 47 22.28 -39.68 -31.97
CA ARG D 47 23.04 -40.03 -30.78
C ARG D 47 24.51 -39.62 -30.94
N ASP D 48 25.08 -39.88 -32.10
CA ASP D 48 26.46 -39.46 -32.37
C ASP D 48 26.58 -37.95 -32.31
N GLN D 49 25.62 -37.24 -32.90
CA GLN D 49 25.64 -35.78 -32.87
C GLN D 49 25.59 -35.26 -31.45
N LEU D 50 24.71 -35.83 -30.62
CA LEU D 50 24.57 -35.37 -29.25
C LEU D 50 25.85 -35.62 -28.46
N ARG D 51 26.45 -36.80 -28.64
CA ARG D 51 27.71 -37.08 -27.94
C ARG D 51 28.79 -36.08 -28.35
N ASN D 52 28.92 -35.83 -29.66
CA ASN D 52 29.95 -34.92 -30.14
C ASN D 52 29.71 -33.50 -29.63
N ASN D 53 28.46 -33.03 -29.67
CA ASN D 53 28.16 -31.70 -29.17
C ASN D 53 28.45 -31.56 -27.68
N ILE D 54 28.15 -32.60 -26.89
CA ILE D 54 28.46 -32.52 -25.47
C ILE D 54 29.96 -32.48 -25.26
N LEU D 55 30.74 -33.17 -26.09
CA LEU D 55 32.20 -33.08 -25.95
C LEU D 55 32.68 -31.64 -26.10
N VAL D 56 32.09 -30.87 -27.03
CA VAL D 56 32.55 -29.51 -27.30
C VAL D 56 31.70 -28.43 -26.66
N LYS D 57 30.85 -28.77 -25.70
CA LYS D 57 30.14 -27.79 -24.88
C LYS D 57 29.13 -26.96 -25.66
N ASN D 58 28.66 -27.45 -26.79
CA ASN D 58 27.54 -26.83 -27.49
C ASN D 58 26.27 -27.57 -27.07
N TYR D 59 25.44 -26.92 -26.25
CA TYR D 59 24.24 -27.55 -25.71
C TYR D 59 23.07 -27.32 -26.67
N SER D 60 23.11 -28.02 -27.81
CA SER D 60 22.09 -27.85 -28.83
C SER D 60 22.05 -29.08 -29.73
N LEU D 61 20.91 -29.27 -30.38
CA LEU D 61 20.72 -30.34 -31.37
C LEU D 61 19.99 -29.78 -32.57
N THR D 62 20.53 -30.03 -33.75
CA THR D 62 19.95 -29.55 -35.00
C THR D 62 19.21 -30.71 -35.67
N VAL D 63 17.90 -30.56 -35.85
CA VAL D 63 17.04 -31.62 -36.35
C VAL D 63 16.48 -31.19 -37.69
N ASN D 64 16.62 -32.05 -38.71
CA ASN D 64 16.02 -31.81 -40.00
C ASN D 64 14.55 -32.22 -39.92
N MET D 65 13.66 -31.31 -40.27
CA MET D 65 12.26 -31.46 -39.90
C MET D 65 11.59 -32.61 -40.66
N GLU D 66 12.02 -32.88 -41.89
CA GLU D 66 11.40 -33.91 -42.71
C GLU D 66 11.90 -35.31 -42.37
N HIS D 67 12.84 -35.45 -41.45
CA HIS D 67 13.25 -36.77 -40.97
C HIS D 67 12.21 -37.40 -40.06
N LEU D 68 11.30 -36.61 -39.49
CA LEU D 68 10.28 -37.10 -38.58
C LEU D 68 8.95 -37.39 -39.26
N ILE D 69 8.74 -36.91 -40.49
CA ILE D 69 7.48 -37.15 -41.19
C ILE D 69 7.53 -38.52 -41.85
N GLY D 70 8.59 -39.28 -41.57
CA GLY D 70 8.67 -40.66 -42.01
C GLY D 70 8.88 -41.61 -40.84
N TYR D 71 8.80 -41.08 -39.62
CA TYR D 71 8.92 -41.90 -38.42
C TYR D 71 7.63 -41.83 -37.59
N ASN D 72 7.14 -40.66 -37.26
CA ASN D 72 5.93 -40.48 -36.47
C ASN D 72 5.23 -39.22 -36.98
N GLU D 73 4.18 -39.41 -37.79
CA GLU D 73 3.50 -38.28 -38.39
C GLU D 73 2.61 -37.53 -37.39
N ASP D 74 2.13 -38.22 -36.35
CA ASP D 74 1.25 -37.58 -35.38
C ASP D 74 1.96 -36.45 -34.64
N ILE D 75 3.13 -36.78 -34.10
CA ILE D 75 3.95 -35.78 -33.35
C ILE D 75 4.44 -34.70 -34.32
N TYR D 76 4.56 -34.94 -35.62
CA TYR D 76 4.87 -33.91 -36.61
C TYR D 76 3.69 -32.96 -36.78
N LYS D 77 2.48 -33.49 -36.97
CA LYS D 77 1.31 -32.63 -37.09
C LYS D 77 1.15 -31.77 -35.85
N LYS D 78 1.30 -32.36 -34.67
CA LYS D 78 1.17 -31.59 -33.44
C LYS D 78 2.19 -30.48 -33.36
N LEU D 79 3.45 -30.76 -33.73
CA LEU D 79 4.48 -29.75 -33.67
C LEU D 79 4.22 -28.62 -34.65
N SER D 80 3.77 -28.92 -35.86
CA SER D 80 3.46 -27.87 -36.82
C SER D 80 2.17 -27.16 -36.49
N ASP D 81 1.36 -27.67 -35.57
CA ASP D 81 0.11 -27.04 -35.21
C ASP D 81 0.14 -26.26 -33.91
N GLU D 82 0.84 -26.75 -32.88
CA GLU D 82 0.91 -26.07 -31.57
C GLU D 82 2.36 -26.01 -31.09
N PRO D 83 3.23 -25.28 -31.79
CA PRO D 83 4.67 -25.38 -31.51
C PRO D 83 5.06 -25.00 -30.09
N SER D 84 4.40 -23.99 -29.51
CA SER D 84 4.80 -23.50 -28.20
C SER D 84 4.59 -24.53 -27.10
N ASP D 85 3.64 -25.45 -27.27
CA ASP D 85 3.38 -26.48 -26.27
C ASP D 85 4.29 -27.69 -26.45
N ILE D 86 4.70 -27.98 -27.69
CA ILE D 86 5.48 -29.19 -27.96
C ILE D 86 6.97 -28.94 -27.80
N ILE D 87 7.45 -27.75 -28.19
CA ILE D 87 8.89 -27.47 -28.12
C ILE D 87 9.41 -27.62 -26.70
N PRO D 88 8.76 -27.06 -25.67
CA PRO D 88 9.24 -27.29 -24.30
C PRO D 88 9.31 -28.77 -23.94
N LEU D 89 8.33 -29.56 -24.38
CA LEU D 89 8.35 -30.99 -24.12
C LEU D 89 9.50 -31.69 -24.83
N PHE D 90 9.78 -31.34 -26.09
CA PHE D 90 10.89 -31.96 -26.88
C PHE D 90 12.23 -31.51 -26.28
N GLU D 91 12.24 -30.43 -25.53
CA GLU D 91 13.46 -29.95 -24.89
C GLU D 91 13.78 -30.66 -23.59
N THR D 92 12.85 -31.47 -23.06
CA THR D 92 13.10 -32.24 -21.84
C THR D 92 13.81 -33.55 -22.15
N ALA D 93 13.43 -34.19 -23.25
CA ALA D 93 14.01 -35.48 -23.62
C ALA D 93 15.49 -35.36 -23.92
N ILE D 94 15.89 -34.30 -24.62
CA ILE D 94 17.30 -34.14 -24.97
C ILE D 94 18.13 -33.99 -23.70
N THR D 95 17.66 -33.19 -22.75
CA THR D 95 18.36 -33.05 -21.48
C THR D 95 18.45 -34.38 -20.76
N GLN D 96 17.35 -35.14 -20.75
CA GLN D 96 17.35 -36.42 -20.04
C GLN D 96 18.37 -37.38 -20.65
N VAL D 97 18.47 -37.42 -21.98
CA VAL D 97 19.43 -38.30 -22.63
C VAL D 97 20.85 -37.84 -22.35
N ALA D 98 21.11 -36.54 -22.52
CA ALA D 98 22.47 -36.04 -22.31
C ALA D 98 22.92 -36.22 -20.88
N LYS D 99 21.99 -36.22 -19.93
CA LYS D 99 22.33 -36.48 -18.54
C LYS D 99 22.98 -37.84 -18.39
N ARG D 100 22.35 -38.89 -18.94
CA ARG D 100 22.93 -40.22 -18.88
C ARG D 100 24.26 -40.28 -19.61
N ILE D 101 24.33 -39.64 -20.79
CA ILE D 101 25.56 -39.72 -21.58
C ILE D 101 26.74 -39.15 -20.80
N SER D 102 26.55 -37.98 -20.16
CA SER D 102 27.64 -37.38 -19.42
C SER D 102 28.06 -38.24 -18.23
N ILE D 103 27.08 -38.80 -17.51
CA ILE D 103 27.41 -39.58 -16.33
C ILE D 103 28.16 -40.86 -16.72
N LEU D 104 27.78 -41.51 -17.81
CA LEU D 104 28.45 -42.73 -18.21
C LEU D 104 29.76 -42.49 -18.96
N SER D 105 29.98 -41.29 -19.49
CA SER D 105 31.20 -40.98 -20.22
C SER D 105 32.18 -40.17 -19.38
N ARG D 106 32.23 -40.45 -18.08
CA ARG D 106 33.19 -39.78 -17.20
C ARG D 106 33.70 -40.75 -16.15
N SER D 131 25.34 -30.06 -13.58
CA SER D 131 24.94 -28.70 -13.92
C SER D 131 24.80 -28.53 -15.42
N LEU D 132 23.76 -29.14 -15.99
CA LEU D 132 23.49 -29.07 -17.41
C LEU D 132 22.19 -28.28 -17.64
N PRO D 133 22.24 -27.15 -18.34
CA PRO D 133 21.01 -26.36 -18.53
C PRO D 133 20.08 -27.02 -19.55
N THR D 134 18.93 -26.40 -19.72
CA THR D 134 18.00 -26.88 -20.74
C THR D 134 18.68 -26.81 -22.11
N PHE D 135 18.45 -27.83 -22.92
CA PHE D 135 19.09 -27.93 -24.22
C PHE D 135 18.26 -27.18 -25.26
N GLN D 136 18.94 -26.54 -26.21
CA GLN D 136 18.25 -25.79 -27.25
C GLN D 136 18.01 -26.65 -28.48
N LEU D 137 16.81 -26.56 -29.03
CA LEU D 137 16.44 -27.26 -30.25
C LEU D 137 16.46 -26.28 -31.40
N ILE D 138 17.32 -26.54 -32.38
CA ILE D 138 17.46 -25.71 -33.57
C ILE D 138 16.89 -26.50 -34.73
N LEU D 139 15.89 -25.95 -35.40
CA LEU D 139 15.22 -26.64 -36.49
C LEU D 139 15.76 -26.13 -37.82
N ASN D 140 16.11 -27.06 -38.71
CA ASN D 140 16.52 -26.73 -40.08
C ASN D 140 15.65 -27.53 -41.03
N SER D 141 15.18 -26.88 -42.09
CA SER D 141 14.21 -27.49 -42.99
C SER D 141 14.50 -27.10 -44.43
N ASN D 142 14.07 -27.97 -45.35
CA ASN D 142 14.12 -27.72 -46.80
C ASN D 142 12.74 -28.07 -47.36
N ALA D 143 11.87 -27.08 -47.44
CA ALA D 143 10.50 -27.32 -47.88
C ALA D 143 9.89 -25.99 -48.34
N ASN D 144 8.57 -26.00 -48.52
CA ASN D 144 7.82 -24.85 -48.99
C ASN D 144 8.28 -23.54 -48.34
N GLN D 145 8.27 -22.45 -49.10
CA GLN D 145 8.68 -21.14 -48.59
C GLN D 145 7.63 -20.11 -48.96
N ILE D 146 6.86 -19.69 -47.97
CA ILE D 146 5.88 -18.61 -48.14
C ILE D 146 6.62 -17.29 -48.33
N PRO D 147 6.25 -16.43 -49.26
CA PRO D 147 6.87 -15.11 -49.34
C PRO D 147 6.41 -14.21 -48.20
N LEU D 148 7.18 -13.15 -47.97
CA LEU D 148 6.92 -12.28 -46.82
C LEU D 148 5.59 -11.53 -46.95
N ARG D 149 5.10 -11.29 -48.17
CA ARG D 149 3.82 -10.62 -48.35
C ARG D 149 2.64 -11.57 -48.30
N ASP D 150 2.86 -12.88 -48.20
CA ASP D 150 1.79 -13.87 -48.16
C ASP D 150 1.46 -14.30 -46.73
N LEU D 151 1.57 -13.40 -45.77
CA LEU D 151 1.31 -13.70 -44.37
C LEU D 151 -0.02 -13.08 -43.96
N ASP D 152 -0.84 -13.87 -43.27
CA ASP D 152 -2.21 -13.47 -42.97
C ASP D 152 -2.55 -13.94 -41.55
N SER D 153 -3.84 -13.91 -41.22
CA SER D 153 -4.27 -14.33 -39.89
C SER D 153 -4.18 -15.84 -39.71
N GLU D 154 -4.15 -16.60 -40.82
CA GLU D 154 -4.12 -18.04 -40.71
C GLU D 154 -2.85 -18.53 -40.01
N HIS D 155 -1.70 -17.94 -40.31
CA HIS D 155 -0.41 -18.47 -39.90
C HIS D 155 -0.04 -18.10 -38.47
N VAL D 156 -0.95 -17.65 -37.60
CA VAL D 156 -0.68 -17.16 -36.22
C VAL D 156 -0.67 -18.33 -35.21
N SER D 157 0.45 -18.57 -34.54
CA SER D 157 0.75 -19.71 -33.61
C SER D 157 1.12 -20.92 -34.47
N LYS D 158 1.62 -20.72 -35.68
CA LYS D 158 1.98 -21.81 -36.61
C LYS D 158 3.40 -21.60 -37.16
N ILE D 159 4.04 -22.62 -37.72
CA ILE D 159 5.43 -22.63 -38.18
C ILE D 159 5.48 -22.31 -39.66
N VAL D 160 6.34 -21.38 -40.04
CA VAL D 160 6.47 -20.89 -41.40
C VAL D 160 7.93 -20.93 -41.82
N ARG D 161 8.18 -20.97 -43.13
CA ARG D 161 9.52 -20.96 -43.70
C ARG D 161 9.66 -19.74 -44.62
N LEU D 162 10.71 -18.95 -44.40
CA LEU D 162 10.82 -17.63 -45.02
C LEU D 162 12.25 -17.38 -45.52
N SER D 163 12.34 -16.59 -46.58
CA SER D 163 13.61 -16.19 -47.17
C SER D 163 13.68 -14.67 -47.24
N GLY D 164 14.89 -14.13 -47.22
CA GLY D 164 15.04 -12.69 -47.30
C GLY D 164 16.47 -12.26 -47.11
N ILE D 165 16.64 -10.97 -46.81
CA ILE D 165 17.94 -10.34 -46.63
C ILE D 165 17.94 -9.62 -45.29
N ILE D 166 19.08 -9.64 -44.60
CA ILE D 166 19.23 -9.02 -43.29
C ILE D 166 19.75 -7.61 -43.47
N ILE D 167 19.19 -6.67 -42.72
CA ILE D 167 19.58 -5.26 -42.83
C ILE D 167 19.93 -4.68 -41.46
N SER D 168 19.43 -5.29 -40.38
CA SER D 168 19.65 -4.81 -39.03
C SER D 168 20.07 -5.94 -38.11
N THR D 169 20.92 -5.62 -37.15
CA THR D 169 21.24 -6.52 -36.05
C THR D 169 21.56 -5.66 -34.83
N SER D 170 20.78 -5.81 -33.77
CA SER D 170 20.93 -4.95 -32.60
C SER D 170 22.11 -5.41 -31.75
N VAL D 171 22.23 -4.85 -30.55
CA VAL D 171 23.23 -5.28 -29.59
C VAL D 171 22.62 -6.36 -28.71
N LEU D 172 23.47 -7.23 -28.18
CA LEU D 172 22.98 -8.32 -27.34
C LEU D 172 22.49 -7.79 -26.01
N SER D 173 21.34 -8.28 -25.58
CA SER D 173 20.72 -7.89 -24.32
C SER D 173 20.82 -9.03 -23.33
N SER D 174 20.72 -8.70 -22.04
CA SER D 174 20.81 -9.68 -20.98
C SER D 174 19.42 -10.00 -20.44
N ARG D 175 19.13 -11.29 -20.32
CA ARG D 175 17.87 -11.77 -19.76
C ARG D 175 18.17 -12.87 -18.75
N ALA D 176 17.35 -12.94 -17.71
CA ALA D 176 17.58 -13.82 -16.59
C ALA D 176 17.08 -15.23 -16.90
N THR D 177 17.70 -16.21 -16.25
CA THR D 177 17.25 -17.59 -16.32
C THR D 177 17.02 -18.12 -14.91
N TYR D 178 17.89 -17.74 -13.97
CA TYR D 178 17.78 -18.13 -12.58
C TYR D 178 17.92 -16.90 -11.71
N LEU D 179 16.94 -16.66 -10.84
CA LEU D 179 16.88 -15.46 -10.00
C LEU D 179 16.79 -15.87 -8.54
N SER D 180 17.61 -15.24 -7.71
CA SER D 180 17.52 -15.38 -6.26
C SER D 180 17.16 -14.03 -5.65
N ILE D 181 16.21 -14.03 -4.73
CA ILE D 181 15.63 -12.78 -4.22
C ILE D 181 15.55 -12.84 -2.70
N MET D 182 15.34 -11.67 -2.11
CA MET D 182 15.21 -11.51 -0.66
C MET D 182 14.24 -10.37 -0.37
N CYS D 183 13.52 -10.44 0.76
CA CYS D 183 12.53 -9.42 1.25
C CYS D 183 13.25 -8.39 2.13
N ARG D 184 13.12 -7.11 1.84
CA ARG D 184 13.84 -6.05 2.52
C ARG D 184 13.32 -5.83 3.94
N ASN D 185 12.10 -6.22 4.33
CA ASN D 185 11.55 -6.10 5.71
C ASN D 185 11.85 -7.34 6.60
N CYS D 186 11.43 -8.54 6.24
CA CYS D 186 11.54 -9.78 7.07
C CYS D 186 12.74 -10.67 6.74
N ARG D 187 13.32 -10.58 5.55
CA ARG D 187 14.57 -11.31 5.10
C ARG D 187 14.25 -12.74 4.61
N HIS D 188 13.05 -12.98 4.12
CA HIS D 188 12.63 -14.28 3.50
C HIS D 188 13.33 -14.44 2.15
N THR D 189 13.81 -15.61 1.80
CA THR D 189 14.54 -15.90 0.57
C THR D 189 13.81 -16.97 -0.24
N THR D 190 13.93 -16.86 -1.57
CA THR D 190 13.36 -17.83 -2.48
C THR D 190 14.11 -17.75 -3.81
N SER D 191 13.60 -18.46 -4.82
CA SER D 191 14.26 -18.58 -6.10
C SER D 191 13.22 -18.55 -7.22
N ILE D 192 13.69 -18.31 -8.45
CA ILE D 192 12.84 -18.34 -9.63
C ILE D 192 13.64 -18.93 -10.79
N THR D 193 12.98 -19.75 -11.61
CA THR D 193 13.57 -20.37 -12.78
C THR D 193 12.72 -20.03 -14.01
N ILE D 194 13.37 -19.58 -15.08
CA ILE D 194 12.69 -19.22 -16.32
C ILE D 194 13.24 -20.09 -17.44
N ASN D 195 12.35 -20.73 -18.20
CA ASN D 195 12.71 -21.50 -19.38
C ASN D 195 11.81 -21.13 -20.57
N ASN D 196 11.36 -19.88 -20.63
CA ASN D 196 10.51 -19.39 -21.71
C ASN D 196 10.91 -17.94 -21.96
N PHE D 197 11.77 -17.72 -22.95
CA PHE D 197 12.35 -16.42 -23.24
C PHE D 197 11.83 -15.85 -24.56
N ASN D 198 10.74 -16.42 -25.08
CA ASN D 198 10.28 -16.11 -26.41
C ASN D 198 9.44 -14.84 -26.49
N SER D 199 8.96 -14.33 -25.36
CA SER D 199 8.00 -13.24 -25.39
C SER D 199 8.69 -11.89 -25.43
N ILE D 200 8.61 -11.22 -26.58
CA ILE D 200 9.06 -9.84 -26.71
C ILE D 200 8.65 -9.34 -28.09
N THR D 204 5.09 -12.93 -19.51
CA THR D 204 6.41 -12.81 -18.94
C THR D 204 6.38 -12.99 -17.43
N VAL D 205 7.46 -13.57 -16.88
CA VAL D 205 7.55 -13.72 -15.44
C VAL D 205 7.83 -12.36 -14.81
N SER D 206 7.40 -12.21 -13.56
CA SER D 206 7.57 -10.97 -12.81
C SER D 206 7.92 -11.31 -11.37
N LEU D 207 8.29 -10.28 -10.62
CA LEU D 207 8.62 -10.53 -9.21
C LEU D 207 7.35 -10.57 -8.38
N PRO D 208 7.28 -11.40 -7.34
CA PRO D 208 6.05 -11.47 -6.54
C PRO D 208 5.71 -10.12 -5.93
N ARG D 209 4.40 -9.85 -5.83
CA ARG D 209 3.96 -8.55 -5.33
C ARG D 209 3.84 -8.52 -3.82
N SER D 210 3.59 -9.66 -3.18
CA SER D 210 3.47 -9.75 -1.73
C SER D 210 4.45 -10.78 -1.20
N CYS D 211 4.84 -10.62 0.07
CA CYS D 211 5.80 -11.54 0.73
C CYS D 211 5.19 -12.95 0.82
N LEU D 212 5.92 -13.96 0.44
CA LEU D 212 5.43 -15.33 0.40
C LEU D 212 5.55 -16.03 1.74
N SER D 213 6.08 -15.38 2.76
CA SER D 213 6.26 -15.94 4.13
C SER D 213 4.90 -16.17 4.76
N THR D 214 3.92 -15.34 4.46
CA THR D 214 2.61 -15.49 5.07
C THR D 214 1.81 -16.64 4.45
N ILE D 215 1.83 -16.77 3.12
CA ILE D 215 1.07 -17.84 2.49
C ILE D 215 1.73 -19.19 2.68
N GLU D 216 3.04 -19.22 2.90
CA GLU D 216 3.74 -20.44 3.25
C GLU D 216 3.93 -20.50 4.76
N SER D 217 2.83 -20.73 5.47
CA SER D 217 2.90 -20.85 6.92
C SER D 217 3.59 -22.18 7.22
N GLU D 218 4.92 -22.17 7.23
CA GLU D 218 5.69 -23.40 7.05
C GLU D 218 6.17 -23.91 8.41
N SER D 219 6.87 -23.06 9.16
CA SER D 219 7.37 -23.45 10.47
C SER D 219 6.38 -23.05 11.56
N SER D 220 6.48 -23.74 12.70
CA SER D 220 5.63 -23.43 13.83
C SER D 220 6.07 -22.17 14.57
N MET D 221 7.34 -21.82 14.50
CA MET D 221 7.83 -20.57 15.06
C MET D 221 7.80 -19.44 14.05
N ALA D 222 7.69 -19.75 12.75
CA ALA D 222 7.58 -18.71 11.73
C ALA D 222 6.27 -17.96 11.81
N ASN D 223 5.15 -18.67 11.95
CA ASN D 223 3.88 -17.98 12.13
C ASN D 223 3.81 -17.24 13.45
N GLU D 224 4.71 -17.52 14.38
CA GLU D 224 4.81 -16.77 15.63
C GLU D 224 5.71 -15.55 15.51
N SER D 225 6.75 -15.61 14.68
CA SER D 225 7.54 -14.43 14.39
C SER D 225 6.77 -13.44 13.53
N ASN D 226 5.72 -13.91 12.86
CA ASN D 226 4.92 -13.04 12.00
C ASN D 226 3.99 -12.15 12.80
N ILE D 227 3.93 -12.32 14.12
CA ILE D 227 3.01 -11.55 14.95
C ILE D 227 3.83 -10.75 15.96
N GLY D 228 3.15 -10.01 16.83
CA GLY D 228 3.82 -9.17 17.78
C GLY D 228 3.54 -7.70 17.51
N ASP D 229 4.45 -6.85 17.98
CA ASP D 229 4.32 -5.40 17.83
C ASP D 229 2.97 -4.93 18.35
N GLU D 230 2.66 -5.34 19.58
CA GLU D 230 1.36 -5.07 20.21
C GLU D 230 0.29 -5.74 19.37
N SER D 231 -0.70 -5.02 18.84
CA SER D 231 -1.79 -5.61 18.07
C SER D 231 -1.72 -5.06 16.65
N THR D 232 -1.26 -5.88 15.72
CA THR D 232 -1.21 -5.53 14.29
C THR D 232 -0.78 -6.77 13.53
N LYS D 233 -0.81 -6.68 12.20
CA LYS D 233 -0.42 -7.77 11.32
C LYS D 233 0.84 -7.36 10.59
N LYS D 234 1.83 -8.25 10.51
CA LYS D 234 3.09 -8.00 9.78
C LYS D 234 2.72 -7.51 8.39
N ASN D 235 3.13 -6.34 8.01
CA ASN D 235 2.95 -5.83 6.66
C ASN D 235 4.31 -5.46 6.10
N CYS D 236 4.75 -6.23 5.10
CA CYS D 236 6.11 -6.07 4.53
C CYS D 236 6.09 -4.88 3.58
N GLY D 237 5.06 -4.70 2.80
CA GLY D 237 4.94 -3.51 1.93
C GLY D 237 4.34 -3.84 0.61
N PRO D 238 4.27 -2.89 -0.34
CA PRO D 238 3.60 -3.14 -1.59
C PRO D 238 4.38 -4.06 -2.55
N ASP D 239 5.70 -3.89 -2.66
CA ASP D 239 6.55 -4.78 -3.50
C ASP D 239 7.94 -4.83 -2.85
N PRO D 240 8.24 -5.82 -1.97
CA PRO D 240 9.51 -5.83 -1.22
C PRO D 240 10.62 -6.82 -1.62
N TYR D 241 10.77 -7.13 -2.92
CA TYR D 241 11.76 -8.17 -3.30
C TYR D 241 12.98 -7.55 -4.02
N ILE D 242 14.19 -7.84 -3.54
CA ILE D 242 15.44 -7.29 -4.13
C ILE D 242 16.16 -8.47 -4.79
N ILE D 243 16.79 -8.27 -5.93
CA ILE D 243 17.50 -9.32 -6.65
C ILE D 243 18.95 -9.34 -6.17
N ILE D 244 19.42 -10.53 -5.79
CA ILE D 244 20.83 -10.72 -5.43
C ILE D 244 21.55 -11.15 -6.71
N HIS D 245 22.33 -10.24 -7.28
CA HIS D 245 22.81 -10.41 -8.65
C HIS D 245 23.95 -11.42 -8.75
N GLU D 246 24.80 -11.51 -7.74
CA GLU D 246 25.93 -12.43 -7.82
C GLU D 246 25.48 -13.88 -7.80
N SER D 247 24.24 -14.14 -7.40
CA SER D 247 23.69 -15.49 -7.33
C SER D 247 22.75 -15.81 -8.47
N SER D 248 22.70 -14.98 -9.52
CA SER D 248 21.79 -15.17 -10.64
C SER D 248 22.56 -15.42 -11.93
N LYS D 249 21.87 -16.02 -12.91
CA LYS D 249 22.44 -16.41 -14.18
C LYS D 249 21.65 -15.77 -15.32
N PHE D 250 22.31 -15.56 -16.46
CA PHE D 250 21.74 -14.77 -17.55
C PHE D 250 22.07 -15.38 -18.91
N ILE D 251 21.33 -14.93 -19.93
CA ILE D 251 21.54 -15.34 -21.31
C ILE D 251 21.38 -14.15 -22.24
N ASP D 252 21.68 -14.38 -23.53
CA ASP D 252 21.76 -13.32 -24.52
C ASP D 252 20.56 -13.35 -25.47
N GLN D 253 20.13 -12.16 -25.90
CA GLN D 253 18.97 -12.01 -26.77
C GLN D 253 19.27 -10.95 -27.83
N GLN D 254 18.77 -11.15 -29.04
CA GLN D 254 19.06 -10.27 -30.17
C GLN D 254 17.79 -9.98 -30.97
N PHE D 255 17.81 -8.86 -31.69
CA PHE D 255 16.75 -8.46 -32.60
C PHE D 255 17.31 -8.32 -34.01
N LEU D 256 16.55 -8.80 -34.99
CA LEU D 256 16.92 -8.73 -36.40
C LEU D 256 15.74 -8.25 -37.21
N LYS D 257 16.02 -7.68 -38.38
CA LYS D 257 14.99 -7.33 -39.35
C LYS D 257 15.30 -7.96 -40.70
N LEU D 258 14.31 -8.66 -41.24
CA LEU D 258 14.37 -9.30 -42.54
C LEU D 258 13.61 -8.44 -43.55
N GLN D 259 14.15 -8.31 -44.74
CA GLN D 259 13.52 -7.56 -45.81
C GLN D 259 13.32 -8.44 -47.03
N GLU D 260 12.23 -8.20 -47.74
CA GLU D 260 11.99 -8.93 -48.98
C GLU D 260 13.08 -8.61 -49.99
N ILE D 261 13.30 -9.53 -50.93
CA ILE D 261 14.35 -9.36 -51.92
C ILE D 261 14.07 -8.04 -52.64
N PRO D 262 15.02 -7.11 -52.71
CA PRO D 262 14.71 -5.79 -53.28
C PRO D 262 14.38 -5.81 -54.76
N GLU D 263 14.32 -6.99 -55.38
CA GLU D 263 14.14 -7.08 -56.82
C GLU D 263 12.69 -7.39 -57.20
N LEU D 264 12.05 -8.34 -56.52
CA LEU D 264 10.68 -8.72 -56.83
C LEU D 264 9.70 -7.94 -55.97
N VAL D 265 9.78 -6.61 -56.06
CA VAL D 265 8.99 -5.71 -55.22
C VAL D 265 8.01 -4.97 -56.11
N PRO D 266 6.81 -4.64 -55.62
CA PRO D 266 5.90 -3.79 -56.41
C PRO D 266 6.55 -2.47 -56.78
N VAL D 267 6.26 -1.99 -57.99
CA VAL D 267 6.95 -0.81 -58.51
C VAL D 267 6.37 0.44 -57.86
N GLY D 268 7.21 1.20 -57.17
CA GLY D 268 6.78 2.43 -56.54
C GLY D 268 6.29 2.31 -55.11
N GLU D 269 6.60 1.21 -54.43
CA GLU D 269 6.21 1.03 -53.03
C GLU D 269 7.43 0.70 -52.20
N MET D 270 7.40 1.12 -50.94
CA MET D 270 8.51 0.84 -50.03
C MET D 270 8.52 -0.64 -49.66
N PRO D 271 9.68 -1.28 -49.64
CA PRO D 271 9.74 -2.69 -49.23
C PRO D 271 9.30 -2.88 -47.78
N ARG D 272 8.65 -4.00 -47.51
CA ARG D 272 8.18 -4.32 -46.18
C ARG D 272 9.18 -5.19 -45.44
N ASN D 273 9.20 -5.08 -44.11
CA ASN D 273 10.14 -5.80 -43.27
C ASN D 273 9.43 -6.37 -42.06
N LEU D 274 10.07 -7.31 -41.40
CA LEU D 274 9.54 -8.02 -40.21
C LEU D 274 10.60 -8.00 -39.11
N THR D 275 10.19 -8.10 -37.87
CA THR D 275 11.07 -8.08 -36.70
C THR D 275 11.17 -9.48 -36.12
N MET D 276 12.38 -9.96 -35.89
CA MET D 276 12.62 -11.35 -35.45
C MET D 276 13.44 -11.33 -34.16
N THR D 277 13.27 -12.31 -33.30
CA THR D 277 13.95 -12.44 -32.02
C THR D 277 14.60 -13.82 -31.91
N CYS D 278 15.81 -13.84 -31.36
CA CYS D 278 16.59 -15.07 -31.20
C CYS D 278 17.40 -14.97 -29.91
N ASP D 279 17.88 -16.12 -29.44
CA ASP D 279 18.66 -16.15 -28.21
C ASP D 279 19.56 -17.38 -28.17
N ARG D 280 20.33 -17.47 -27.09
CA ARG D 280 21.27 -18.55 -26.81
C ARG D 280 22.16 -18.86 -28.02
N TYR D 281 22.09 -20.07 -28.57
CA TYR D 281 23.09 -20.52 -29.52
C TYR D 281 22.80 -20.09 -30.95
N LEU D 282 21.98 -19.06 -31.15
CA LEU D 282 21.69 -18.54 -32.47
C LEU D 282 22.20 -17.11 -32.67
N THR D 283 22.88 -16.53 -31.69
CA THR D 283 23.29 -15.14 -31.77
C THR D 283 24.64 -15.01 -32.46
N ASN D 284 24.83 -13.89 -33.16
CA ASN D 284 26.07 -13.57 -33.86
C ASN D 284 26.38 -14.57 -34.97
N LYS D 285 25.36 -15.17 -35.56
CA LYS D 285 25.54 -16.15 -36.63
C LYS D 285 25.44 -15.54 -38.02
N VAL D 286 24.95 -14.31 -38.14
CA VAL D 286 24.76 -13.67 -39.44
C VAL D 286 25.22 -12.22 -39.36
N ILE D 287 25.42 -11.62 -40.53
CA ILE D 287 25.75 -10.21 -40.64
C ILE D 287 24.85 -9.57 -41.68
N PRO D 288 24.56 -8.27 -41.60
CA PRO D 288 23.71 -7.62 -42.60
C PRO D 288 24.31 -7.72 -44.00
N GLY D 289 23.46 -8.04 -44.97
CA GLY D 289 23.90 -8.23 -46.34
C GLY D 289 23.80 -9.67 -46.80
N THR D 290 23.35 -10.55 -45.90
CA THR D 290 23.28 -11.97 -46.16
C THR D 290 21.84 -12.37 -46.51
N ARG D 291 21.71 -13.33 -47.42
CA ARG D 291 20.42 -13.90 -47.77
C ARG D 291 20.24 -15.23 -47.05
N VAL D 292 19.15 -15.36 -46.29
CA VAL D 292 19.02 -16.40 -45.29
C VAL D 292 17.66 -17.07 -45.40
N THR D 293 17.58 -18.28 -44.86
CA THR D 293 16.33 -19.03 -44.71
C THR D 293 16.05 -19.18 -43.23
N ILE D 294 14.86 -18.76 -42.80
CA ILE D 294 14.47 -18.71 -41.40
C ILE D 294 13.25 -19.59 -41.20
N VAL D 295 13.26 -20.38 -40.12
CA VAL D 295 12.10 -21.15 -39.68
C VAL D 295 11.69 -20.63 -38.32
N GLY D 296 10.40 -20.31 -38.16
CA GLY D 296 9.99 -19.72 -36.90
C GLY D 296 8.49 -19.79 -36.68
N ILE D 297 8.06 -19.17 -35.59
CA ILE D 297 6.66 -19.11 -35.20
C ILE D 297 6.16 -17.67 -35.40
N TYR D 298 4.98 -17.54 -35.99
CA TYR D 298 4.37 -16.24 -36.24
C TYR D 298 3.49 -15.87 -35.05
N SER D 299 3.90 -14.85 -34.30
CA SER D 299 3.21 -14.42 -33.09
C SER D 299 3.05 -12.91 -33.10
N ILE D 300 2.46 -12.38 -32.03
CA ILE D 300 2.13 -10.96 -31.94
C ILE D 300 2.51 -10.42 -30.57
N TYR D 301 2.63 -9.10 -30.49
CA TYR D 301 2.76 -8.39 -29.23
C TYR D 301 2.07 -7.04 -29.33
N ASN D 302 1.73 -6.48 -28.16
CA ASN D 302 0.92 -5.27 -28.08
C ASN D 302 1.85 -4.06 -27.95
N SER D 303 1.62 -3.06 -28.79
CA SER D 303 2.41 -1.83 -28.74
C SER D 303 1.53 -0.61 -28.98
N SER D 319 -3.22 3.38 -34.27
CA SER D 319 -4.63 3.73 -34.07
C SER D 319 -5.52 2.61 -34.59
N GLY D 320 -6.59 2.33 -33.87
CA GLY D 320 -7.51 1.25 -34.18
C GLY D 320 -7.98 0.62 -32.89
N VAL D 321 -9.16 0.00 -32.97
CA VAL D 321 -9.81 -0.47 -31.74
C VAL D 321 -8.99 -1.57 -31.08
N ALA D 322 -8.53 -2.56 -31.86
CA ALA D 322 -7.75 -3.66 -31.29
C ALA D 322 -6.77 -4.19 -32.35
N ILE D 323 -5.56 -3.67 -32.31
CA ILE D 323 -4.54 -4.00 -33.30
C ILE D 323 -3.29 -4.50 -32.58
N ARG D 324 -2.64 -5.51 -33.17
CA ARG D 324 -1.44 -6.10 -32.61
C ARG D 324 -0.36 -6.16 -33.68
N THR D 325 0.89 -6.20 -33.23
CA THR D 325 2.06 -6.14 -34.11
C THR D 325 2.66 -7.52 -34.28
N PRO D 326 2.89 -8.00 -35.50
CA PRO D 326 3.43 -9.35 -35.68
C PRO D 326 4.95 -9.40 -35.56
N TYR D 327 5.44 -10.60 -35.25
CA TYR D 327 6.88 -10.86 -35.21
C TYR D 327 7.09 -12.36 -35.23
N ILE D 328 8.33 -12.76 -35.52
CA ILE D 328 8.69 -14.16 -35.70
C ILE D 328 9.70 -14.55 -34.63
N LYS D 329 9.49 -15.72 -34.01
CA LYS D 329 10.47 -16.32 -33.13
C LYS D 329 11.35 -17.27 -33.95
N ILE D 330 12.66 -17.02 -33.93
CA ILE D 330 13.60 -17.78 -34.74
C ILE D 330 13.71 -19.19 -34.19
N LEU D 331 13.71 -20.18 -35.08
CA LEU D 331 14.06 -21.54 -34.71
C LEU D 331 15.16 -22.14 -35.56
N GLY D 332 15.55 -21.49 -36.66
CA GLY D 332 16.65 -21.98 -37.47
C GLY D 332 17.18 -20.91 -38.39
N ILE D 333 18.45 -21.04 -38.73
CA ILE D 333 19.12 -20.13 -39.66
C ILE D 333 19.91 -20.97 -40.66
N GLN D 334 19.76 -20.64 -41.94
CA GLN D 334 20.58 -21.22 -43.00
C GLN D 334 20.86 -20.14 -44.03
N SER D 335 22.13 -19.96 -44.36
CA SER D 335 22.57 -18.90 -45.26
C SER D 335 22.83 -19.48 -46.64
N ASP D 336 22.31 -18.83 -47.67
CA ASP D 336 22.52 -19.28 -49.05
C ASP D 336 24.00 -19.48 -49.32
N VAL D 337 24.74 -18.38 -49.31
CA VAL D 337 26.20 -18.36 -49.37
C VAL D 337 26.65 -17.03 -48.80
N GLU D 338 27.77 -17.03 -48.10
CA GLU D 338 28.26 -15.82 -47.44
C GLU D 338 29.30 -15.13 -48.31
N THR D 339 29.45 -13.82 -48.10
CA THR D 339 30.45 -13.02 -48.79
C THR D 339 31.79 -13.23 -48.09
N SER D 340 32.69 -13.94 -48.74
CA SER D 340 33.95 -14.31 -48.10
C SER D 340 34.76 -13.05 -47.77
N SER D 341 35.44 -13.12 -46.63
CA SER D 341 36.25 -12.01 -46.14
C SER D 341 37.36 -12.61 -45.28
N ILE D 342 38.14 -11.73 -44.64
CA ILE D 342 39.33 -12.17 -43.93
C ILE D 342 38.98 -12.83 -42.60
N TRP D 343 37.72 -12.79 -42.18
CA TRP D 343 37.31 -13.39 -40.91
C TRP D 343 36.55 -14.70 -41.08
N ASN D 344 35.65 -14.79 -42.05
CA ASN D 344 34.86 -16.00 -42.25
C ASN D 344 35.48 -16.90 -43.32
N SER D 345 36.66 -17.42 -43.01
CA SER D 345 37.39 -18.31 -43.90
C SER D 345 37.83 -19.56 -43.14
N VAL D 346 38.04 -20.64 -43.87
CA VAL D 346 38.46 -21.90 -43.28
C VAL D 346 39.98 -21.99 -43.33
N THR D 347 40.60 -22.32 -42.20
CA THR D 347 42.03 -22.48 -42.10
C THR D 347 42.42 -23.83 -41.52
N MET D 348 41.60 -24.85 -41.76
CA MET D 348 41.92 -26.22 -41.38
C MET D 348 41.52 -27.14 -42.52
N PHE D 349 42.25 -28.25 -42.67
CA PHE D 349 42.16 -29.05 -43.87
C PHE D 349 41.89 -30.51 -43.54
N THR D 350 41.03 -31.12 -44.34
CA THR D 350 40.70 -32.53 -44.20
C THR D 350 41.83 -33.39 -44.76
N GLU D 351 42.06 -34.55 -44.12
CA GLU D 351 43.20 -35.38 -44.49
C GLU D 351 43.08 -35.89 -45.92
N GLU D 352 41.88 -36.25 -46.36
CA GLU D 352 41.72 -36.76 -47.72
C GLU D 352 42.03 -35.68 -48.75
N GLU D 353 41.54 -34.45 -48.53
CA GLU D 353 41.89 -33.36 -49.44
C GLU D 353 43.38 -33.06 -49.39
N GLU D 354 43.98 -33.15 -48.20
CA GLU D 354 45.42 -32.89 -48.11
C GLU D 354 46.20 -33.90 -48.94
N GLU D 355 45.83 -35.19 -48.84
CA GLU D 355 46.49 -36.20 -49.66
C GLU D 355 46.21 -35.99 -51.14
N GLU D 356 44.97 -35.61 -51.47
CA GLU D 356 44.62 -35.31 -52.85
C GLU D 356 45.55 -34.25 -53.43
N PHE D 357 45.74 -33.15 -52.71
CA PHE D 357 46.57 -32.07 -53.22
C PHE D 357 48.06 -32.39 -53.16
N LEU D 358 48.53 -33.18 -52.21
CA LEU D 358 49.96 -33.60 -52.19
C LEU D 358 50.20 -34.57 -53.36
N GLN D 359 49.20 -35.33 -53.84
CA GLN D 359 49.35 -36.13 -55.05
C GLN D 359 49.23 -35.29 -56.31
N LEU D 360 48.39 -34.26 -56.29
CA LEU D 360 48.29 -33.32 -57.41
C LEU D 360 49.54 -32.48 -57.58
N SER D 361 50.21 -32.12 -56.50
CA SER D 361 51.46 -31.38 -56.60
C SER D 361 52.52 -32.18 -57.33
N ARG D 362 52.58 -33.49 -57.08
CA ARG D 362 53.58 -34.32 -57.74
C ARG D 362 53.22 -34.62 -59.18
N ASN D 363 52.12 -34.04 -59.67
CA ASN D 363 51.74 -34.20 -61.07
C ASN D 363 52.88 -33.77 -61.96
N PRO D 364 53.33 -34.60 -62.90
CA PRO D 364 54.59 -34.29 -63.59
C PRO D 364 54.58 -32.96 -64.31
N LYS D 365 53.59 -32.69 -65.16
CA LYS D 365 53.47 -31.38 -65.84
C LYS D 365 52.18 -30.69 -65.36
N LEU D 366 52.17 -30.06 -64.19
CA LEU D 366 51.01 -29.40 -63.62
C LEU D 366 50.93 -27.95 -64.05
N TYR D 367 52.08 -27.32 -64.26
CA TYR D 367 52.18 -25.97 -64.78
C TYR D 367 51.22 -25.78 -65.94
N GLU D 368 51.35 -26.64 -66.93
CA GLU D 368 50.54 -26.55 -68.17
C GLU D 368 49.08 -26.87 -67.88
N ILE D 369 48.77 -27.75 -66.94
CA ILE D 369 47.37 -28.01 -66.61
C ILE D 369 46.73 -26.78 -66.01
N LEU D 370 47.41 -26.13 -65.05
CA LEU D 370 46.86 -24.92 -64.45
C LEU D 370 46.68 -23.84 -65.51
N THR D 371 47.72 -23.58 -66.29
CA THR D 371 47.61 -22.55 -67.31
C THR D 371 46.46 -22.86 -68.27
N ASN D 372 46.18 -24.14 -68.48
CA ASN D 372 45.02 -24.54 -69.28
C ASN D 372 43.71 -24.27 -68.57
N SER D 373 43.67 -24.39 -67.25
CA SER D 373 42.43 -24.21 -66.49
C SER D 373 42.06 -22.76 -66.26
N ILE D 374 43.03 -21.80 -66.16
CA ILE D 374 42.78 -20.30 -65.92
C ILE D 374 42.20 -19.72 -67.22
N ALA D 375 40.88 -19.69 -67.38
CA ALA D 375 40.22 -19.17 -68.58
C ALA D 375 40.49 -20.08 -69.76
N PRO D 376 39.95 -21.30 -69.76
CA PRO D 376 40.10 -22.18 -70.92
C PRO D 376 39.23 -21.79 -72.11
N SER D 377 38.30 -20.85 -71.94
CA SER D 377 37.48 -20.39 -73.04
C SER D 377 38.09 -19.23 -73.81
N ILE D 378 39.25 -18.74 -73.39
CA ILE D 378 39.96 -17.69 -74.11
C ILE D 378 40.85 -18.33 -75.16
N PHE D 379 40.87 -17.76 -76.36
CA PHE D 379 41.73 -18.21 -77.43
C PHE D 379 42.98 -17.33 -77.46
N GLY D 380 44.13 -17.97 -77.35
CA GLY D 380 45.40 -17.25 -77.25
C GLY D 380 45.64 -16.76 -75.84
N ASN D 381 46.54 -15.78 -75.75
CA ASN D 381 46.80 -15.11 -74.49
C ASN D 381 47.41 -16.04 -73.47
N GLU D 382 48.44 -16.78 -73.85
CA GLU D 382 49.09 -17.72 -72.94
C GLU D 382 50.07 -17.03 -71.99
N ASP D 383 50.86 -16.09 -72.51
CA ASP D 383 51.71 -15.28 -71.64
C ASP D 383 50.87 -14.54 -70.61
N ILE D 384 49.73 -14.01 -71.02
CA ILE D 384 48.85 -13.32 -70.08
C ILE D 384 48.38 -14.28 -68.99
N LYS D 385 48.00 -15.49 -69.39
CA LYS D 385 47.43 -16.43 -68.43
C LYS D 385 48.47 -16.91 -67.41
N LYS D 386 49.70 -17.18 -67.86
CA LYS D 386 50.73 -17.60 -66.92
C LYS D 386 51.02 -16.48 -65.91
N ALA D 387 50.95 -15.23 -66.37
CA ALA D 387 51.09 -14.11 -65.45
C ALA D 387 50.05 -14.18 -64.35
N ILE D 388 48.80 -14.51 -64.68
CA ILE D 388 47.76 -14.61 -63.66
C ILE D 388 47.98 -15.82 -62.74
N VAL D 389 48.45 -16.94 -63.31
CA VAL D 389 48.80 -18.08 -62.46
C VAL D 389 49.81 -17.66 -61.40
N CYS D 390 50.84 -16.94 -61.80
CA CYS D 390 51.81 -16.44 -60.83
C CYS D 390 51.20 -15.36 -59.94
N LEU D 391 50.24 -14.60 -60.45
CA LEU D 391 49.65 -13.50 -59.70
C LEU D 391 48.91 -14.01 -58.48
N LEU D 392 48.06 -15.02 -58.67
CA LEU D 392 47.18 -15.45 -57.59
C LEU D 392 47.94 -16.11 -56.45
N MET D 393 49.24 -16.32 -56.56
CA MET D 393 50.03 -17.05 -55.52
C MET D 393 50.83 -16.03 -54.73
N GLY D 394 51.15 -14.89 -55.33
CA GLY D 394 51.82 -13.84 -54.60
C GLY D 394 53.22 -14.23 -54.16
N GLY D 395 54.02 -13.20 -53.84
CA GLY D 395 55.36 -13.41 -53.36
C GLY D 395 55.41 -13.69 -51.88
N SER D 396 56.63 -13.87 -51.38
CA SER D 396 56.84 -14.21 -49.98
C SER D 396 56.91 -12.94 -49.15
N LYS D 397 56.03 -12.84 -48.17
CA LYS D 397 55.99 -11.68 -47.29
C LYS D 397 57.17 -11.75 -46.33
N LYS D 398 57.86 -10.63 -46.13
CA LYS D 398 59.06 -10.58 -45.32
C LYS D 398 59.01 -9.38 -44.39
N ILE D 399 59.11 -9.64 -43.10
CA ILE D 399 59.12 -8.62 -42.06
C ILE D 399 60.52 -8.60 -41.46
N LEU D 400 61.16 -7.44 -41.50
CA LEU D 400 62.56 -7.30 -41.14
C LEU D 400 62.71 -6.61 -39.79
N PRO D 401 63.86 -6.80 -39.12
CA PRO D 401 64.04 -6.27 -37.77
C PRO D 401 64.36 -4.79 -37.70
N ASP D 402 64.28 -4.09 -38.82
CA ASP D 402 64.52 -2.65 -38.88
C ASP D 402 63.20 -1.90 -38.83
N GLY D 403 62.12 -2.61 -38.53
CA GLY D 403 60.79 -2.05 -38.61
C GLY D 403 60.27 -2.06 -40.02
N MET D 404 61.17 -2.17 -41.01
CA MET D 404 60.85 -2.04 -42.44
C MET D 404 60.08 -3.26 -42.92
N ARG D 405 59.17 -3.13 -43.87
CA ARG D 405 58.26 -4.20 -44.30
C ARG D 405 58.39 -4.34 -45.80
N LEU D 406 59.10 -5.36 -46.29
CA LEU D 406 59.18 -5.65 -47.76
C LEU D 406 57.96 -6.47 -48.16
N ARG D 407 57.08 -6.00 -49.03
CA ARG D 407 55.84 -6.64 -49.40
C ARG D 407 56.09 -7.81 -50.33
N GLY D 408 55.12 -8.73 -50.36
CA GLY D 408 55.04 -9.65 -51.47
C GLY D 408 53.66 -9.66 -52.11
N ASP D 409 53.51 -9.07 -53.29
CA ASP D 409 52.28 -9.16 -54.09
C ASP D 409 52.66 -8.75 -55.51
N ILE D 410 51.84 -9.02 -56.52
CA ILE D 410 52.14 -8.92 -57.94
C ILE D 410 51.15 -7.95 -58.57
N ASN D 411 51.64 -7.03 -59.38
CA ASN D 411 50.84 -6.00 -60.02
C ASN D 411 51.01 -6.10 -61.54
N VAL D 412 49.89 -6.09 -62.27
CA VAL D 412 49.90 -6.28 -63.72
C VAL D 412 48.95 -5.28 -64.37
N LEU D 413 49.38 -4.73 -65.50
CA LEU D 413 48.58 -3.76 -66.26
C LEU D 413 48.26 -4.34 -67.63
N LEU D 414 47.00 -4.22 -68.04
CA LEU D 414 46.53 -4.70 -69.34
C LEU D 414 46.11 -3.49 -70.16
N LEU D 415 47.05 -2.97 -70.94
CA LEU D 415 46.83 -1.81 -71.80
C LEU D 415 46.71 -2.28 -73.24
N GLY D 416 45.66 -1.86 -73.93
CA GLY D 416 45.56 -2.26 -75.31
C GLY D 416 44.23 -1.91 -75.94
N ASP D 417 44.10 -2.33 -77.20
CA ASP D 417 42.99 -1.94 -78.03
C ASP D 417 41.67 -2.43 -77.44
N PRO D 418 40.55 -1.96 -77.98
CA PRO D 418 39.25 -2.51 -77.56
C PRO D 418 39.06 -3.93 -78.07
N GLY D 419 38.14 -4.64 -77.41
CA GLY D 419 37.74 -5.97 -77.83
C GLY D 419 38.87 -6.98 -77.87
N THR D 420 39.78 -6.92 -76.90
CA THR D 420 40.83 -7.91 -76.78
C THR D 420 40.53 -8.99 -75.73
N ALA D 421 39.37 -8.93 -75.07
CA ALA D 421 38.95 -9.95 -74.13
C ALA D 421 39.70 -9.84 -72.80
N LYS D 422 40.32 -8.69 -72.53
CA LYS D 422 41.01 -8.52 -71.27
C LYS D 422 40.05 -8.28 -70.11
N SER D 423 38.82 -7.87 -70.41
CA SER D 423 37.83 -7.67 -69.35
C SER D 423 37.30 -8.99 -68.82
N GLN D 424 37.06 -9.96 -69.71
CA GLN D 424 36.64 -11.28 -69.25
C GLN D 424 37.70 -11.92 -68.37
N LEU D 425 38.98 -11.65 -68.61
CA LEU D 425 40.02 -12.22 -67.75
C LEU D 425 39.87 -11.72 -66.33
N LEU D 426 39.61 -10.43 -66.15
CA LEU D 426 39.32 -9.89 -64.83
C LEU D 426 38.06 -10.50 -64.24
N LYS D 427 37.00 -10.64 -65.03
CA LYS D 427 35.76 -11.19 -64.50
C LYS D 427 35.92 -12.66 -64.10
N PHE D 428 36.86 -13.37 -64.71
CA PHE D 428 37.14 -14.75 -64.29
C PHE D 428 38.04 -14.77 -63.06
N VAL D 429 39.07 -13.91 -63.02
CA VAL D 429 39.93 -13.81 -61.86
C VAL D 429 39.11 -13.44 -60.63
N GLU D 430 38.04 -12.70 -60.80
CA GLU D 430 37.11 -12.47 -59.69
C GLU D 430 36.63 -13.79 -59.10
N LYS D 431 36.20 -14.71 -59.95
CA LYS D 431 35.51 -15.91 -59.47
C LYS D 431 36.44 -17.04 -59.10
N VAL D 432 37.65 -17.14 -59.67
CA VAL D 432 38.67 -18.17 -59.31
C VAL D 432 39.55 -17.74 -58.10
N SER D 433 39.29 -16.64 -57.37
CA SER D 433 40.12 -16.25 -56.24
C SER D 433 39.29 -16.25 -54.96
N PRO D 434 39.81 -16.80 -53.86
CA PRO D 434 38.98 -16.91 -52.64
C PRO D 434 38.46 -15.58 -52.13
N ILE D 435 39.25 -14.51 -52.21
CA ILE D 435 38.81 -13.17 -51.83
C ILE D 435 39.04 -12.25 -53.03
N ALA D 436 37.97 -11.63 -53.51
CA ALA D 436 38.08 -10.78 -54.70
C ALA D 436 36.96 -9.75 -54.70
N VAL D 437 37.20 -8.68 -55.46
CA VAL D 437 36.21 -7.61 -55.66
C VAL D 437 36.53 -6.92 -56.99
N TYR D 438 35.51 -6.73 -57.80
CA TYR D 438 35.66 -6.18 -59.15
C TYR D 438 35.10 -4.77 -59.15
N THR D 439 35.99 -3.79 -59.34
CA THR D 439 35.62 -2.39 -59.22
C THR D 439 36.18 -1.61 -60.40
N SER D 440 35.55 -0.48 -60.68
CA SER D 440 36.03 0.47 -61.69
C SER D 440 36.56 1.70 -60.98
N GLY D 441 37.54 2.35 -61.57
CA GLY D 441 37.92 3.68 -61.12
C GLY D 441 36.65 4.49 -60.94
N LYS D 442 36.63 5.40 -59.98
CA LYS D 442 35.42 6.13 -59.59
C LYS D 442 34.50 5.22 -58.77
N GLY D 443 35.05 4.15 -58.22
CA GLY D 443 34.31 3.28 -57.33
C GLY D 443 33.22 2.50 -58.05
N SER D 444 32.17 2.20 -57.29
CA SER D 444 31.00 1.50 -57.82
C SER D 444 29.74 2.32 -57.52
N SER D 445 28.56 1.74 -57.75
CA SER D 445 27.31 2.46 -57.60
C SER D 445 27.23 3.20 -56.26
N ALA D 446 27.33 2.47 -55.16
CA ALA D 446 27.27 3.06 -53.83
C ALA D 446 28.36 2.50 -52.93
N ALA D 447 29.45 2.01 -53.52
CA ALA D 447 30.59 1.52 -52.78
C ALA D 447 31.84 2.25 -53.26
N GLY D 448 32.64 2.70 -52.31
CA GLY D 448 33.83 3.48 -52.61
C GLY D 448 35.01 2.59 -53.02
N LEU D 449 36.11 3.25 -53.33
CA LEU D 449 37.34 2.58 -53.71
C LEU D 449 38.39 2.59 -52.59
N THR D 450 38.36 3.59 -51.72
CA THR D 450 39.30 3.70 -50.62
C THR D 450 38.53 3.89 -49.32
N ALA D 451 39.16 3.54 -48.20
CA ALA D 451 38.52 3.59 -46.89
C ALA D 451 37.72 4.87 -46.69
N SER D 452 36.48 4.74 -46.20
CA SER D 452 35.61 5.86 -45.90
C SER D 452 35.23 5.81 -44.44
N VAL D 453 35.21 6.97 -43.78
CA VAL D 453 34.97 7.07 -42.35
C VAL D 453 33.78 7.99 -42.12
N GLN D 454 32.77 7.49 -41.41
CA GLN D 454 31.56 8.25 -41.10
C GLN D 454 31.21 8.07 -39.63
N ARG D 455 30.25 8.88 -39.17
CA ARG D 455 29.85 8.89 -37.77
C ARG D 455 28.53 8.14 -37.63
N ASP D 456 28.46 7.25 -36.64
CA ASP D 456 27.34 6.33 -36.53
C ASP D 456 26.03 7.08 -36.35
N PRO D 457 24.98 6.71 -37.10
CA PRO D 457 23.69 7.39 -36.89
C PRO D 457 23.19 7.31 -35.45
N MET D 458 23.38 6.17 -34.78
CA MET D 458 22.85 6.00 -33.43
C MET D 458 23.77 6.63 -32.38
N THR D 459 25.01 6.12 -32.29
CA THR D 459 25.91 6.60 -31.25
C THR D 459 26.61 7.90 -31.65
N ARG D 460 26.69 8.19 -32.95
CA ARG D 460 27.43 9.34 -33.45
C ARG D 460 28.91 9.21 -33.13
N GLU D 461 29.48 8.07 -33.50
CA GLU D 461 30.90 7.79 -33.32
C GLU D 461 31.45 7.20 -34.61
N PHE D 462 32.77 7.06 -34.65
CA PHE D 462 33.48 6.82 -35.91
C PHE D 462 33.59 5.32 -36.18
N TYR D 463 33.15 4.91 -37.35
CA TYR D 463 33.31 3.54 -37.82
C TYR D 463 33.65 3.55 -39.30
N LEU D 464 34.27 2.46 -39.75
CA LEU D 464 34.69 2.32 -41.15
C LEU D 464 33.48 1.88 -41.97
N GLU D 465 33.01 2.75 -42.87
CA GLU D 465 31.81 2.42 -43.62
C GLU D 465 32.08 1.42 -44.74
N GLY D 466 33.25 1.47 -45.34
CA GLY D 466 33.54 0.56 -46.43
C GLY D 466 34.84 0.92 -47.09
N GLY D 467 34.94 0.55 -48.37
CA GLY D 467 36.16 0.74 -49.13
C GLY D 467 36.69 -0.58 -49.67
N ALA D 468 36.78 -0.66 -50.99
CA ALA D 468 37.16 -1.92 -51.63
C ALA D 468 38.53 -2.40 -51.16
N MET D 469 39.46 -1.47 -50.89
CA MET D 469 40.82 -1.87 -50.58
C MET D 469 40.92 -2.55 -49.22
N VAL D 470 40.10 -2.14 -48.25
CA VAL D 470 40.10 -2.81 -46.95
C VAL D 470 39.12 -3.99 -46.91
N LEU D 471 38.06 -3.96 -47.72
CA LEU D 471 37.14 -5.09 -47.79
C LEU D 471 37.77 -6.32 -48.44
N ALA D 472 38.73 -6.13 -49.33
CA ALA D 472 39.35 -7.21 -50.07
C ALA D 472 40.74 -7.52 -49.54
N ASP D 473 40.93 -7.38 -48.23
CA ASP D 473 42.21 -7.69 -47.62
C ASP D 473 42.52 -9.17 -47.78
N GLY D 474 43.75 -9.46 -48.20
CA GLY D 474 44.15 -10.82 -48.46
C GLY D 474 43.70 -11.38 -49.79
N GLY D 475 43.25 -10.53 -50.72
CA GLY D 475 42.72 -10.99 -51.98
C GLY D 475 43.16 -10.18 -53.19
N VAL D 476 42.30 -10.12 -54.21
CA VAL D 476 42.60 -9.45 -55.47
C VAL D 476 41.53 -8.40 -55.74
N VAL D 477 41.90 -7.21 -56.21
CA VAL D 477 40.99 -6.11 -56.63
C VAL D 477 41.35 -5.78 -58.07
N CYS D 478 40.43 -5.99 -58.99
CA CYS D 478 40.63 -5.72 -60.41
C CYS D 478 40.04 -4.35 -60.69
N ILE D 479 40.91 -3.39 -60.99
CA ILE D 479 40.51 -2.01 -61.23
C ILE D 479 40.36 -1.83 -62.73
N ASP D 480 39.12 -1.87 -63.20
CA ASP D 480 38.85 -1.68 -64.62
C ASP D 480 38.66 -0.20 -64.91
N GLU D 481 39.17 0.29 -66.01
CA GLU D 481 39.10 1.73 -66.38
C GLU D 481 39.99 2.46 -65.39
N PHE D 482 41.23 2.04 -65.22
CA PHE D 482 42.18 2.74 -64.37
C PHE D 482 42.42 4.16 -64.84
N ASP D 483 42.09 4.48 -66.09
CA ASP D 483 42.52 5.74 -66.69
C ASP D 483 41.89 6.94 -65.99
N LYS D 484 40.62 6.84 -65.60
CA LYS D 484 39.88 7.96 -65.04
C LYS D 484 39.54 7.67 -63.57
N MET D 485 40.32 8.24 -62.66
CA MET D 485 39.99 8.22 -61.24
C MET D 485 40.54 9.48 -60.58
N ARG D 486 39.97 9.81 -59.43
CA ARG D 486 40.22 11.11 -58.79
C ARG D 486 41.55 11.11 -58.07
N ASP D 487 42.10 12.33 -57.89
CA ASP D 487 43.42 12.48 -57.30
C ASP D 487 43.45 12.01 -55.85
N GLU D 488 42.44 12.35 -55.07
CA GLU D 488 42.35 11.86 -53.70
C GLU D 488 42.40 10.35 -53.63
N ASP D 489 41.76 9.66 -54.58
CA ASP D 489 41.82 8.22 -54.64
C ASP D 489 43.17 7.72 -55.12
N ARG D 490 43.77 8.40 -56.11
CA ARG D 490 45.07 7.97 -56.63
C ARG D 490 46.14 8.01 -55.55
N VAL D 491 46.14 9.07 -54.75
CA VAL D 491 47.19 9.23 -53.74
C VAL D 491 47.12 8.10 -52.72
N ALA D 492 45.92 7.68 -52.34
CA ALA D 492 45.78 6.57 -51.40
C ALA D 492 46.08 5.24 -52.05
N ILE D 493 45.68 5.07 -53.31
CA ILE D 493 45.98 3.83 -54.02
C ILE D 493 47.49 3.61 -54.07
N HIS D 494 48.25 4.68 -54.24
CA HIS D 494 49.71 4.52 -54.32
C HIS D 494 50.27 3.89 -53.05
N GLU D 495 49.94 4.47 -51.89
CA GLU D 495 50.43 3.92 -50.62
C GLU D 495 49.85 2.55 -50.33
N ALA D 496 48.62 2.27 -50.75
CA ALA D 496 48.08 0.92 -50.60
C ALA D 496 48.88 -0.09 -51.43
N MET D 497 49.24 0.30 -52.65
CA MET D 497 49.98 -0.58 -53.55
C MET D 497 51.42 -0.78 -53.12
N GLU D 498 52.01 0.16 -52.38
CA GLU D 498 53.41 -0.03 -52.00
C GLU D 498 53.56 -0.53 -50.57
N GLN D 499 53.02 0.17 -49.59
CA GLN D 499 53.22 -0.17 -48.19
C GLN D 499 52.11 -1.04 -47.61
N GLN D 500 51.08 -1.34 -48.39
CA GLN D 500 49.99 -2.22 -47.96
C GLN D 500 49.32 -1.72 -46.67
N THR D 501 49.05 -0.42 -46.64
CA THR D 501 48.32 0.19 -45.54
C THR D 501 47.62 1.45 -46.05
N ILE D 502 46.71 1.96 -45.25
CA ILE D 502 46.07 3.25 -45.49
C ILE D 502 46.05 4.02 -44.18
N SER D 503 46.28 5.32 -44.26
CA SER D 503 46.40 6.18 -43.09
C SER D 503 45.25 7.19 -43.08
N ILE D 504 44.60 7.31 -41.93
CA ILE D 504 43.44 8.17 -41.75
C ILE D 504 43.81 9.24 -40.71
N ALA D 505 43.45 10.49 -41.01
CA ALA D 505 43.68 11.60 -40.09
C ALA D 505 42.58 12.64 -40.32
N LYS D 506 41.61 12.69 -39.40
CA LYS D 506 40.56 13.69 -39.43
C LYS D 506 40.43 14.32 -38.05
N ALA D 507 39.35 15.07 -37.84
CA ALA D 507 39.20 15.79 -36.58
C ALA D 507 39.17 14.84 -35.39
N GLY D 508 38.46 13.72 -35.52
CA GLY D 508 38.29 12.82 -34.40
C GLY D 508 39.30 11.69 -34.31
N ILE D 509 39.54 11.00 -35.43
CA ILE D 509 40.17 9.68 -35.42
C ILE D 509 41.48 9.71 -36.20
N THR D 510 42.48 9.01 -35.67
CA THR D 510 43.74 8.76 -36.35
C THR D 510 44.05 7.27 -36.25
N THR D 511 44.51 6.67 -37.35
CA THR D 511 44.76 5.23 -37.35
C THR D 511 45.41 4.83 -38.67
N VAL D 512 46.10 3.69 -38.66
CA VAL D 512 46.72 3.12 -39.85
C VAL D 512 46.12 1.74 -40.10
N LEU D 513 45.59 1.55 -41.30
CA LEU D 513 44.84 0.36 -41.66
C LEU D 513 45.69 -0.61 -42.47
N ASN D 514 45.21 -1.84 -42.57
CA ASN D 514 45.88 -2.91 -43.30
C ASN D 514 45.10 -3.19 -44.58
N SER D 515 45.74 -2.98 -45.73
CA SER D 515 45.14 -3.25 -47.04
C SER D 515 46.15 -4.05 -47.85
N ARG D 516 46.12 -5.37 -47.69
CA ARG D 516 47.10 -6.26 -48.31
C ARG D 516 46.48 -6.95 -49.54
N THR D 517 46.41 -6.19 -50.62
CA THR D 517 45.68 -6.58 -51.83
C THR D 517 46.60 -6.60 -53.03
N SER D 518 46.18 -7.35 -54.05
CA SER D 518 46.87 -7.41 -55.34
C SER D 518 46.06 -6.64 -56.38
N VAL D 519 46.75 -5.98 -57.30
CA VAL D 519 46.13 -5.04 -58.23
C VAL D 519 46.27 -5.59 -59.65
N LEU D 520 45.15 -5.61 -60.37
CA LEU D 520 45.08 -6.01 -61.77
C LEU D 520 44.27 -4.95 -62.51
N ALA D 521 44.95 -4.14 -63.33
CA ALA D 521 44.36 -2.94 -63.91
C ALA D 521 44.25 -3.08 -65.43
N ALA D 522 43.18 -2.52 -65.98
CA ALA D 522 42.91 -2.57 -67.42
C ALA D 522 42.52 -1.18 -67.90
N ALA D 523 43.32 -0.62 -68.80
CA ALA D 523 43.12 0.72 -69.32
C ALA D 523 43.13 0.69 -70.84
N ASN D 524 42.24 1.47 -71.44
CA ASN D 524 42.21 1.62 -72.89
C ASN D 524 43.17 2.71 -73.35
N PRO D 525 43.65 2.63 -74.59
CA PRO D 525 44.47 3.73 -75.13
C PRO D 525 43.64 4.87 -75.68
N ILE D 526 44.16 6.08 -75.54
CA ILE D 526 43.54 7.29 -76.08
C ILE D 526 43.67 7.28 -77.60
N TYR D 527 42.93 8.15 -78.29
CA TYR D 527 42.92 8.20 -79.75
C TYR D 527 42.28 6.96 -80.36
N GLY D 528 41.34 6.34 -79.65
CA GLY D 528 40.67 5.16 -80.19
C GLY D 528 41.53 3.92 -80.09
N ARG D 529 42.63 3.87 -80.84
CA ARG D 529 43.53 2.73 -80.86
C ARG D 529 44.96 3.21 -80.64
N TYR D 530 45.88 2.25 -80.62
CA TYR D 530 47.27 2.49 -80.30
C TYR D 530 48.04 2.81 -81.57
N ASP D 531 48.57 4.03 -81.66
CA ASP D 531 49.41 4.41 -82.79
C ASP D 531 50.86 4.02 -82.50
N ASP D 532 51.44 3.23 -83.39
CA ASP D 532 52.83 2.80 -83.20
C ASP D 532 53.82 3.93 -83.39
N LEU D 533 53.44 5.02 -84.03
CA LEU D 533 54.31 6.16 -84.24
C LEU D 533 54.54 6.98 -82.98
N LYS D 534 53.82 6.68 -81.91
CA LYS D 534 53.82 7.50 -80.71
C LYS D 534 54.25 6.66 -79.52
N SER D 535 55.02 7.28 -78.63
CA SER D 535 55.57 6.56 -77.50
C SER D 535 54.43 6.00 -76.63
N PRO D 536 54.66 4.93 -75.89
CA PRO D 536 53.62 4.46 -74.96
C PRO D 536 53.23 5.51 -73.92
N GLY D 537 54.12 6.44 -73.58
CA GLY D 537 53.83 7.43 -72.58
C GLY D 537 52.69 8.35 -72.94
N ASP D 538 52.68 8.86 -74.17
CA ASP D 538 51.59 9.73 -74.59
C ASP D 538 50.42 8.94 -75.17
N ASN D 539 50.50 7.61 -75.15
CA ASN D 539 49.36 6.76 -75.48
C ASN D 539 48.44 6.51 -74.30
N ILE D 540 48.75 7.06 -73.12
CA ILE D 540 47.93 6.93 -71.93
C ILE D 540 47.49 8.31 -71.47
N ASP D 541 46.27 8.40 -70.99
CA ASP D 541 45.71 9.66 -70.51
C ASP D 541 45.91 9.83 -69.01
N PHE D 542 47.15 9.69 -68.53
CA PHE D 542 47.47 9.96 -67.14
C PHE D 542 48.99 10.11 -67.02
N GLN D 543 49.46 10.39 -65.82
CA GLN D 543 50.87 10.65 -65.60
C GLN D 543 51.71 9.38 -65.80
N THR D 544 52.94 9.57 -66.22
CA THR D 544 53.81 8.47 -66.61
C THR D 544 54.56 7.84 -65.44
N THR D 545 54.59 8.48 -64.27
CA THR D 545 55.19 7.86 -63.09
C THR D 545 54.34 6.75 -62.51
N ILE D 546 53.06 6.66 -62.89
CA ILE D 546 52.21 5.56 -62.44
C ILE D 546 52.70 4.22 -62.97
N LEU D 547 53.42 4.22 -64.10
CA LEU D 547 53.84 2.97 -64.69
C LEU D 547 54.91 2.28 -63.84
N SER D 548 55.74 3.06 -63.15
CA SER D 548 56.81 2.48 -62.35
C SER D 548 56.27 1.62 -61.22
N ARG D 549 54.99 1.78 -60.87
CA ARG D 549 54.42 1.04 -59.74
C ARG D 549 54.28 -0.45 -60.06
N PHE D 550 53.96 -0.79 -61.30
CA PHE D 550 53.61 -2.16 -61.66
C PHE D 550 54.84 -3.04 -61.80
N ASP D 551 54.61 -4.34 -62.00
CA ASP D 551 55.66 -5.33 -62.22
C ASP D 551 55.68 -5.90 -63.64
N MET D 552 54.53 -6.18 -64.24
CA MET D 552 54.44 -6.65 -65.62
C MET D 552 53.48 -5.75 -66.37
N ILE D 553 53.91 -5.26 -67.53
CA ILE D 553 53.12 -4.35 -68.36
C ILE D 553 52.82 -5.06 -69.67
N PHE D 554 51.57 -5.40 -69.90
CA PHE D 554 51.16 -6.20 -71.05
C PHE D 554 50.43 -5.30 -72.04
N ILE D 555 51.02 -5.12 -73.22
CA ILE D 555 50.43 -4.31 -74.28
C ILE D 555 49.90 -5.26 -75.35
N VAL D 556 48.59 -5.28 -75.52
CA VAL D 556 47.92 -6.16 -76.48
C VAL D 556 47.48 -5.33 -77.67
N LYS D 557 47.87 -5.76 -78.86
CA LYS D 557 47.60 -5.03 -80.09
C LYS D 557 46.71 -5.87 -80.99
N ASP D 558 45.62 -5.29 -81.46
CA ASP D 558 44.69 -5.98 -82.34
C ASP D 558 45.19 -5.94 -83.77
N ASP D 559 46.05 -6.90 -84.14
CA ASP D 559 46.61 -6.94 -85.49
C ASP D 559 45.72 -7.74 -86.41
N HIS D 560 45.51 -7.21 -87.62
CA HIS D 560 44.59 -7.80 -88.59
C HIS D 560 45.33 -8.86 -89.41
N ASN D 561 44.74 -10.04 -89.48
CA ASN D 561 45.34 -11.14 -90.24
C ASN D 561 44.26 -12.20 -90.43
N GLU D 562 44.05 -12.62 -91.69
CA GLU D 562 42.92 -13.48 -92.02
C GLU D 562 42.96 -14.83 -91.31
N GLU D 563 44.12 -15.47 -91.25
CA GLU D 563 44.18 -16.81 -90.67
C GLU D 563 43.81 -16.80 -89.19
N ARG D 564 44.27 -15.80 -88.44
CA ARG D 564 43.85 -15.70 -87.05
C ARG D 564 42.35 -15.46 -86.94
N ASP D 565 41.82 -14.64 -87.85
CA ASP D 565 40.39 -14.35 -87.80
C ASP D 565 39.56 -15.61 -87.97
N ILE D 566 39.95 -16.47 -88.91
CA ILE D 566 39.20 -17.70 -89.12
C ILE D 566 39.17 -18.53 -87.84
N SER D 567 40.33 -18.70 -87.20
CA SER D 567 40.41 -19.54 -86.00
C SER D 567 39.58 -18.96 -84.86
N ILE D 568 39.69 -17.65 -84.62
CA ILE D 568 38.95 -17.07 -83.50
C ILE D 568 37.45 -17.12 -83.78
N ALA D 569 37.03 -16.85 -85.01
CA ALA D 569 35.62 -16.93 -85.34
C ALA D 569 35.10 -18.35 -85.13
N ASN D 570 35.87 -19.36 -85.55
CA ASN D 570 35.44 -20.74 -85.35
C ASN D 570 35.33 -21.06 -83.87
N HIS D 571 36.26 -20.56 -83.06
CA HIS D 571 36.27 -20.78 -81.60
C HIS D 571 34.98 -20.23 -81.04
N VAL D 572 34.64 -19.01 -81.38
CA VAL D 572 33.47 -18.35 -80.81
C VAL D 572 32.20 -19.09 -81.23
N ILE D 573 32.12 -19.45 -82.51
CA ILE D 573 30.91 -20.08 -83.01
C ILE D 573 30.72 -21.47 -82.40
N ASN D 574 31.73 -22.26 -82.11
CA ASN D 574 31.59 -23.57 -81.41
C ASN D 574 31.08 -23.34 -79.97
N ILE D 575 31.62 -22.37 -79.25
CA ILE D 575 31.21 -22.08 -77.84
C ILE D 575 29.73 -21.77 -77.92
N HIS D 576 29.30 -20.93 -78.87
CA HIS D 576 27.86 -20.70 -78.92
C HIS D 576 27.10 -21.96 -79.35
N THR D 577 27.67 -22.91 -80.11
CA THR D 577 26.98 -24.21 -80.46
C THR D 577 26.71 -25.05 -79.21
N GLY D 578 27.75 -25.42 -78.47
CA GLY D 578 27.67 -26.27 -77.27
C GLY D 578 28.88 -27.17 -77.18
N ASN D 579 29.73 -27.21 -78.19
CA ASN D 579 30.91 -28.11 -78.29
C ASN D 579 31.81 -27.92 -77.08
N ALA D 580 32.18 -26.70 -76.73
CA ALA D 580 33.13 -26.45 -75.64
C ALA D 580 32.53 -26.89 -74.29
N ASN D 581 31.21 -26.98 -74.18
CA ASN D 581 30.57 -27.49 -72.93
C ASN D 581 30.84 -28.98 -72.80
N ALA D 582 31.05 -29.70 -73.90
CA ALA D 582 31.37 -31.15 -73.89
C ALA D 582 32.82 -31.41 -74.29
N MET D 583 33.65 -30.40 -74.46
CA MET D 583 35.12 -30.54 -74.74
C MET D 583 35.84 -30.06 -73.49
N GLN D 584 35.07 -29.71 -72.49
CA GLN D 584 35.60 -29.23 -71.22
C GLN D 584 35.08 -30.24 -70.22
N ASN D 585 33.79 -30.52 -70.19
CA ASN D 585 33.19 -31.52 -69.26
C ASN D 585 33.72 -32.92 -69.62
N GLN D 586 34.32 -33.13 -70.79
CA GLN D 586 34.90 -34.44 -71.21
C GLN D 586 36.38 -34.58 -70.86
N GLN D 587 37.27 -33.71 -71.35
CA GLN D 587 38.72 -33.76 -71.00
C GLN D 587 38.88 -33.33 -69.54
N GLU D 588 37.89 -32.70 -68.95
CA GLU D 588 37.94 -32.39 -67.51
C GLU D 588 38.14 -33.72 -66.80
N GLU D 589 37.45 -34.78 -67.22
CA GLU D 589 37.53 -36.10 -66.54
C GLU D 589 38.62 -36.95 -67.18
N ASN D 590 39.78 -36.37 -67.48
CA ASN D 590 40.95 -37.07 -68.05
C ASN D 590 42.22 -36.37 -67.54
N GLY D 591 42.16 -35.74 -66.37
CA GLY D 591 43.33 -35.10 -65.74
C GLY D 591 44.01 -34.12 -66.66
N SER D 592 43.33 -33.49 -67.61
CA SER D 592 43.92 -32.38 -68.41
C SER D 592 43.09 -31.13 -68.16
N GLU D 593 42.64 -30.91 -66.93
CA GLU D 593 41.99 -29.67 -66.49
C GLU D 593 41.53 -29.77 -65.02
N ILE D 594 41.89 -28.85 -64.12
CA ILE D 594 41.30 -28.72 -62.73
C ILE D 594 39.92 -28.04 -62.88
N SER D 595 38.98 -28.06 -61.92
CA SER D 595 37.60 -27.46 -61.95
C SER D 595 37.59 -26.06 -61.32
N ILE D 596 36.46 -25.35 -61.08
CA ILE D 596 36.54 -23.94 -60.55
C ILE D 596 36.62 -23.91 -59.01
N GLU D 597 35.91 -24.75 -58.26
CA GLU D 597 36.01 -24.81 -56.80
C GLU D 597 37.26 -25.55 -56.37
N LYS D 598 37.63 -26.60 -57.10
CA LYS D 598 38.84 -27.34 -56.75
C LYS D 598 40.07 -26.45 -56.81
N MET D 599 40.15 -25.66 -57.88
CA MET D 599 41.27 -24.72 -58.15
C MET D 599 41.30 -23.69 -57.06
N LYS D 600 40.15 -23.11 -56.74
CA LYS D 600 40.01 -22.11 -55.69
C LYS D 600 40.56 -22.65 -54.37
N ARG D 601 40.13 -23.85 -54.00
CA ARG D 601 40.64 -24.50 -52.79
C ARG D 601 42.15 -24.70 -52.87
N TYR D 602 42.65 -25.11 -54.04
CA TYR D 602 44.09 -25.34 -54.20
C TYR D 602 44.90 -24.07 -53.98
N ILE D 603 44.44 -22.97 -54.56
CA ILE D 603 45.16 -21.71 -54.39
C ILE D 603 45.13 -21.28 -52.94
N THR D 604 43.95 -21.34 -52.30
CA THR D 604 43.89 -21.06 -50.87
C THR D 604 44.91 -21.90 -50.11
N TYR D 605 45.00 -23.18 -50.45
CA TYR D 605 45.91 -24.11 -49.77
C TYR D 605 47.37 -23.67 -49.91
N CYS D 606 47.85 -23.59 -51.15
CA CYS D 606 49.26 -23.26 -51.35
C CYS D 606 49.58 -21.89 -50.76
N ARG D 607 48.64 -20.94 -50.84
CA ARG D 607 48.85 -19.65 -50.21
C ARG D 607 49.07 -19.83 -48.71
N LEU D 608 48.15 -20.51 -48.03
CA LEU D 608 48.25 -20.70 -46.59
C LEU D 608 48.93 -22.02 -46.28
N LYS D 609 50.03 -22.30 -46.99
CA LYS D 609 50.85 -23.44 -46.61
C LYS D 609 52.36 -23.22 -46.60
N CYS D 610 52.91 -22.56 -47.65
CA CYS D 610 54.39 -22.44 -47.89
C CYS D 610 54.87 -21.01 -48.09
N ALA D 611 56.15 -20.76 -48.03
CA ALA D 611 56.83 -19.48 -48.29
C ALA D 611 58.18 -19.74 -48.93
N PRO D 612 58.30 -19.64 -50.26
CA PRO D 612 59.59 -19.92 -50.90
C PRO D 612 60.68 -18.88 -50.63
N ARG D 613 61.91 -19.24 -50.27
CA ARG D 613 63.08 -18.32 -50.11
C ARG D 613 64.08 -18.82 -51.17
N LEU D 614 64.60 -17.99 -52.04
CA LEU D 614 65.37 -18.31 -53.23
C LEU D 614 66.65 -19.07 -52.90
N SER D 615 67.26 -19.65 -53.95
CA SER D 615 68.56 -20.38 -53.83
C SER D 615 69.73 -19.39 -54.00
N PRO D 616 70.79 -19.36 -53.17
CA PRO D 616 71.94 -18.48 -53.41
C PRO D 616 72.67 -18.78 -54.70
N GLN D 617 72.61 -20.01 -55.22
CA GLN D 617 73.26 -20.31 -56.48
C GLN D 617 72.58 -19.60 -57.64
N ALA D 618 71.42 -19.00 -57.40
CA ALA D 618 70.68 -18.31 -58.45
C ALA D 618 70.70 -16.80 -58.29
N ALA D 619 71.03 -16.28 -57.11
CA ALA D 619 70.91 -14.84 -56.86
C ALA D 619 71.74 -14.04 -57.84
N GLU D 620 73.01 -14.41 -58.02
CA GLU D 620 73.88 -13.62 -58.88
C GLU D 620 73.41 -13.64 -60.33
N LYS D 621 72.65 -14.65 -60.73
CA LYS D 621 72.07 -14.65 -62.07
C LYS D 621 71.11 -13.48 -62.25
N LEU D 622 70.15 -13.39 -61.32
CA LEU D 622 69.18 -12.27 -61.30
C LEU D 622 69.94 -10.93 -61.17
N SER D 623 71.07 -10.82 -60.41
CA SER D 623 71.82 -9.58 -60.24
C SER D 623 72.52 -9.17 -61.54
N SER D 624 73.16 -10.12 -62.22
CA SER D 624 73.80 -9.81 -63.50
C SER D 624 72.76 -9.42 -64.54
N ASN D 625 71.63 -10.12 -64.56
CA ASN D 625 70.57 -9.78 -65.50
C ASN D 625 70.14 -8.33 -65.35
N PHE D 626 69.98 -7.88 -64.10
CA PHE D 626 69.48 -6.52 -63.89
C PHE D 626 70.44 -5.47 -64.44
N VAL D 627 71.73 -5.66 -64.20
CA VAL D 627 72.71 -4.69 -64.69
C VAL D 627 72.80 -4.71 -66.20
N THR D 628 72.80 -5.90 -66.82
CA THR D 628 72.85 -5.93 -68.28
C THR D 628 71.60 -5.29 -68.87
N ILE D 629 70.47 -5.40 -68.17
CA ILE D 629 69.26 -4.73 -68.62
C ILE D 629 69.43 -3.22 -68.59
N ARG D 630 69.92 -2.68 -67.47
CA ARG D 630 69.94 -1.22 -67.32
C ARG D 630 71.05 -0.56 -68.15
N LYS D 631 72.12 -1.32 -68.44
CA LYS D 631 73.20 -0.74 -69.23
C LYS D 631 72.73 -0.29 -70.60
N GLN D 632 71.91 -1.12 -71.27
CA GLN D 632 71.44 -0.77 -72.60
C GLN D 632 70.57 0.48 -72.57
N LEU D 633 69.72 0.60 -71.54
CA LEU D 633 68.90 1.79 -71.42
C LEU D 633 69.76 3.03 -71.25
N LEU D 634 70.82 2.94 -70.43
CA LEU D 634 71.70 4.10 -70.31
C LEU D 634 72.38 4.43 -71.64
N ILE D 635 72.85 3.43 -72.37
CA ILE D 635 73.50 3.68 -73.65
C ILE D 635 72.56 4.43 -74.58
N ASN D 636 71.35 3.90 -74.73
CA ASN D 636 70.40 4.49 -75.66
C ASN D 636 69.99 5.89 -75.22
N GLU D 637 69.79 6.09 -73.92
CA GLU D 637 69.32 7.39 -73.45
C GLU D 637 70.41 8.45 -73.44
N LEU D 638 71.67 8.06 -73.39
CA LEU D 638 72.74 9.02 -73.60
C LEU D 638 72.98 9.28 -75.07
N GLU D 639 72.61 8.34 -75.95
CA GLU D 639 72.68 8.62 -77.38
C GLU D 639 71.74 9.75 -77.77
N SER D 640 70.55 9.78 -77.21
CA SER D 640 69.58 10.86 -77.42
C SER D 640 69.46 11.69 -76.16
N THR D 641 68.51 12.63 -76.16
CA THR D 641 68.35 13.57 -75.06
C THR D 641 67.09 13.28 -74.23
N GLU D 642 65.96 13.02 -74.87
CA GLU D 642 64.74 12.74 -74.14
C GLU D 642 64.86 11.43 -73.38
N ARG D 643 64.19 11.36 -72.23
CA ARG D 643 64.24 10.18 -71.39
C ARG D 643 63.13 9.20 -71.80
N SER D 644 63.27 7.96 -71.32
CA SER D 644 62.39 6.88 -71.77
C SER D 644 61.01 6.99 -71.13
N SER D 645 60.00 6.54 -71.86
CA SER D 645 58.64 6.55 -71.34
C SER D 645 58.44 5.44 -70.31
N ILE D 646 59.00 4.26 -70.56
CA ILE D 646 58.92 3.14 -69.63
C ILE D 646 60.29 3.02 -68.94
N PRO D 647 60.41 3.42 -67.69
CA PRO D 647 61.72 3.32 -67.03
C PRO D 647 61.89 2.02 -66.26
N ILE D 648 63.12 1.52 -66.26
CA ILE D 648 63.50 0.37 -65.44
C ILE D 648 64.05 0.91 -64.13
N THR D 649 63.40 0.56 -63.02
CA THR D 649 63.70 1.11 -61.72
C THR D 649 64.02 -0.01 -60.74
N ILE D 650 64.21 0.35 -59.48
CA ILE D 650 64.50 -0.64 -58.45
C ILE D 650 63.29 -1.48 -58.12
N ARG D 651 62.08 -1.00 -58.41
CA ARG D 651 60.89 -1.79 -58.15
C ARG D 651 60.81 -3.00 -59.07
N GLN D 652 61.39 -2.91 -60.25
CA GLN D 652 61.23 -3.95 -61.29
C GLN D 652 62.23 -5.08 -61.01
N LEU D 653 63.31 -4.88 -60.29
CA LEU D 653 64.15 -5.98 -59.82
C LEU D 653 63.39 -6.89 -58.87
N GLU D 654 62.68 -6.30 -57.92
CA GLU D 654 61.88 -7.06 -56.98
C GLU D 654 60.69 -7.73 -57.65
N ALA D 655 60.32 -7.28 -58.86
CA ALA D 655 59.37 -8.04 -59.67
C ALA D 655 59.91 -9.41 -60.05
N ILE D 656 61.13 -9.46 -60.51
CA ILE D 656 61.79 -10.73 -60.85
C ILE D 656 61.80 -11.50 -59.54
N ILE D 657 62.30 -10.89 -58.45
CA ILE D 657 62.48 -11.59 -57.18
C ILE D 657 61.18 -12.25 -56.75
N ARG D 658 60.08 -11.56 -56.90
CA ARG D 658 58.81 -12.09 -56.42
C ARG D 658 58.36 -13.18 -57.38
N ILE D 659 58.39 -12.97 -58.72
CA ILE D 659 57.87 -13.97 -59.65
C ILE D 659 58.65 -15.27 -59.57
N THR D 660 59.92 -15.26 -59.20
CA THR D 660 60.59 -16.52 -58.96
C THR D 660 59.91 -17.30 -57.84
N GLU D 661 59.63 -16.63 -56.73
CA GLU D 661 58.99 -17.26 -55.58
C GLU D 661 57.53 -17.62 -55.86
N SER D 662 56.83 -16.87 -56.65
CA SER D 662 55.46 -17.24 -57.05
C SER D 662 55.45 -18.59 -57.76
N LEU D 663 56.36 -18.85 -58.74
CA LEU D 663 56.46 -20.16 -59.37
C LEU D 663 57.03 -21.22 -58.44
N ALA D 664 57.84 -20.82 -57.46
CA ALA D 664 58.39 -21.78 -56.52
C ALA D 664 57.35 -22.40 -55.59
N LYS D 665 56.13 -21.85 -55.54
CA LYS D 665 55.19 -22.25 -54.50
C LYS D 665 54.26 -23.38 -54.93
N LEU D 666 53.71 -23.33 -56.15
CA LEU D 666 52.93 -24.48 -56.60
C LEU D 666 53.76 -25.75 -56.69
N GLU D 667 55.07 -25.65 -56.46
CA GLU D 667 55.93 -26.80 -56.23
C GLU D 667 56.05 -27.15 -54.75
N LEU D 668 55.36 -26.43 -53.87
CA LEU D 668 55.44 -26.55 -52.38
C LEU D 668 56.88 -26.50 -51.95
N SER D 669 57.73 -25.79 -52.68
CA SER D 669 59.15 -25.85 -52.40
C SER D 669 59.56 -24.75 -51.43
N PRO D 670 60.61 -25.00 -50.63
CA PRO D 670 61.23 -23.91 -49.88
C PRO D 670 62.32 -23.17 -50.65
N ILE D 671 62.87 -23.76 -51.71
CA ILE D 671 63.92 -23.14 -52.50
C ILE D 671 63.52 -23.18 -53.96
N ALA D 672 64.15 -22.31 -54.75
CA ALA D 672 63.95 -22.23 -56.18
C ALA D 672 65.27 -22.39 -56.90
N GLN D 673 65.31 -23.31 -57.87
CA GLN D 673 66.51 -23.55 -58.66
C GLN D 673 66.62 -22.50 -59.75
N GLU D 674 67.58 -22.66 -60.66
CA GLU D 674 67.79 -21.72 -61.74
C GLU D 674 66.66 -21.72 -62.76
N ARG D 675 65.88 -22.80 -62.82
CA ARG D 675 64.80 -22.86 -63.81
C ARG D 675 63.69 -21.86 -63.48
N HIS D 676 63.44 -21.62 -62.20
CA HIS D 676 62.49 -20.58 -61.83
C HIS D 676 62.95 -19.23 -62.34
N VAL D 677 64.24 -18.92 -62.18
CA VAL D 677 64.77 -17.66 -62.71
C VAL D 677 64.67 -17.63 -64.23
N ASP D 678 64.96 -18.74 -64.90
CA ASP D 678 64.86 -18.78 -66.35
C ASP D 678 63.45 -18.42 -66.82
N GLU D 679 62.45 -19.10 -66.26
CA GLU D 679 61.07 -18.81 -66.64
C GLU D 679 60.69 -17.39 -66.25
N ALA D 680 61.17 -16.92 -65.09
CA ALA D 680 60.84 -15.58 -64.64
C ALA D 680 61.35 -14.53 -65.63
N ILE D 681 62.59 -14.66 -66.07
CA ILE D 681 63.14 -13.69 -67.01
C ILE D 681 62.49 -13.82 -68.38
N ARG D 682 62.16 -15.04 -68.79
CA ARG D 682 61.39 -15.21 -70.02
C ARG D 682 60.10 -14.41 -69.98
N LEU D 683 59.32 -14.58 -68.91
CA LEU D 683 58.05 -13.89 -68.78
C LEU D 683 58.26 -12.39 -68.61
N PHE D 684 59.33 -11.99 -67.94
CA PHE D 684 59.67 -10.58 -67.78
C PHE D 684 59.89 -9.92 -69.14
N GLN D 685 60.73 -10.54 -69.98
CA GLN D 685 60.93 -10.01 -71.33
C GLN D 685 59.62 -9.96 -72.09
N ALA D 686 58.81 -11.03 -71.97
CA ALA D 686 57.52 -11.03 -72.64
C ALA D 686 56.64 -9.88 -72.20
N SER D 687 56.75 -9.44 -70.93
CA SER D 687 55.81 -8.47 -70.38
C SER D 687 56.44 -7.09 -70.35
N THR D 688 57.54 -6.88 -69.61
CA THR D 688 57.94 -5.51 -69.32
C THR D 688 58.83 -4.91 -70.39
N MET D 689 59.66 -5.73 -71.04
CA MET D 689 60.61 -5.20 -72.01
C MET D 689 60.01 -5.00 -73.39
N ASP D 690 58.68 -4.88 -73.47
CA ASP D 690 58.05 -4.35 -74.67
C ASP D 690 58.16 -2.83 -74.66
N ALA D 691 59.03 -2.30 -73.80
CA ALA D 691 59.59 -0.97 -73.98
C ALA D 691 60.43 -0.87 -75.25
N ALA D 692 60.62 -1.99 -75.98
CA ALA D 692 61.18 -1.94 -77.31
C ALA D 692 60.27 -1.24 -78.32
N SER D 693 59.01 -1.00 -77.96
CA SER D 693 58.11 -0.20 -78.78
C SER D 693 58.19 1.28 -78.45
N GLN D 694 59.31 1.72 -77.91
CA GLN D 694 59.45 3.06 -77.36
C GLN D 694 60.63 3.74 -78.03
N ASP D 695 60.52 5.05 -78.23
CA ASP D 695 61.40 5.72 -79.18
C ASP D 695 62.87 5.70 -78.75
N PRO D 696 63.28 6.37 -77.66
CA PRO D 696 64.68 6.26 -77.24
C PRO D 696 65.00 4.99 -76.46
N ILE D 697 64.52 3.85 -76.94
CA ILE D 697 65.05 2.55 -76.53
C ILE D 697 65.32 1.72 -77.78
N GLY D 698 64.80 2.17 -78.93
CA GLY D 698 65.11 1.52 -80.18
C GLY D 698 66.54 1.77 -80.60
N GLY D 699 67.36 0.72 -80.56
CA GLY D 699 68.76 0.84 -80.92
C GLY D 699 69.46 -0.52 -80.92
N HIS E 99 -39.72 24.78 -7.11
CA HIS E 99 -39.60 25.45 -8.43
C HIS E 99 -39.18 26.91 -8.27
N VAL E 100 -37.95 27.21 -8.65
CA VAL E 100 -37.42 28.56 -8.51
C VAL E 100 -37.91 29.41 -9.68
N LYS E 101 -38.10 30.70 -9.43
CA LYS E 101 -38.50 31.62 -10.48
C LYS E 101 -37.29 32.07 -11.27
N LYS E 102 -37.37 31.97 -12.59
CA LYS E 102 -36.29 32.43 -13.45
C LYS E 102 -36.43 33.93 -13.68
N VAL E 103 -35.31 34.64 -13.58
CA VAL E 103 -35.30 36.07 -13.81
C VAL E 103 -35.25 36.34 -15.31
N ASP E 104 -35.93 37.40 -15.73
CA ASP E 104 -36.05 37.75 -17.14
C ASP E 104 -35.44 39.11 -17.41
N ASP E 105 -34.87 39.27 -18.60
CA ASP E 105 -34.37 40.56 -19.06
C ASP E 105 -35.52 41.33 -19.67
N VAL E 106 -35.94 42.42 -19.02
CA VAL E 106 -37.09 43.17 -19.54
C VAL E 106 -36.77 43.74 -20.93
N THR E 107 -35.57 44.31 -21.08
CA THR E 107 -35.20 44.88 -22.38
C THR E 107 -35.09 43.80 -23.44
N GLY E 108 -34.68 42.59 -23.06
CA GLY E 108 -34.73 41.47 -23.99
C GLY E 108 -36.12 41.20 -24.50
N GLU E 109 -37.11 41.23 -23.61
CA GLU E 109 -38.49 41.04 -24.05
C GLU E 109 -38.94 42.16 -24.98
N LYS E 110 -38.60 43.40 -24.65
CA LYS E 110 -38.99 44.51 -25.52
C LYS E 110 -38.35 44.39 -26.90
N VAL E 111 -37.07 44.03 -26.97
CA VAL E 111 -36.42 43.88 -28.27
C VAL E 111 -36.99 42.70 -29.03
N ARG E 112 -37.38 41.63 -28.34
CA ARG E 112 -38.04 40.51 -29.02
C ARG E 112 -39.35 40.96 -29.65
N GLU E 113 -40.15 41.72 -28.90
CA GLU E 113 -41.42 42.22 -29.45
C GLU E 113 -41.19 43.15 -30.63
N ALA E 114 -40.20 44.03 -30.53
CA ALA E 114 -39.86 44.91 -31.64
C ALA E 114 -39.41 44.13 -32.87
N PHE E 115 -38.58 43.10 -32.70
CA PHE E 115 -38.15 42.31 -33.86
C PHE E 115 -39.32 41.52 -34.44
N GLU E 116 -40.21 41.04 -33.61
CA GLU E 116 -41.44 40.42 -34.12
C GLU E 116 -42.21 41.47 -34.97
N GLN E 117 -42.51 42.72 -34.53
CA GLN E 117 -43.16 43.72 -35.36
C GLN E 117 -42.38 44.01 -36.63
N PHE E 118 -41.05 44.07 -36.54
CA PHE E 118 -40.25 44.26 -37.74
C PHE E 118 -40.50 43.15 -38.75
N LEU E 119 -40.55 41.90 -38.28
CA LEU E 119 -40.74 40.79 -39.20
C LEU E 119 -42.12 40.81 -39.84
N GLU E 120 -43.13 41.06 -39.06
CA GLU E 120 -44.52 40.96 -39.52
C GLU E 120 -45.05 42.26 -40.11
N ASP E 121 -44.34 43.40 -40.15
CA ASP E 121 -44.94 44.65 -40.62
C ASP E 121 -43.95 45.51 -41.37
N PHE E 122 -43.25 44.95 -42.36
CA PHE E 122 -42.40 45.74 -43.25
C PHE E 122 -42.97 45.73 -44.65
N SER E 123 -42.99 46.91 -45.29
CA SER E 123 -43.59 47.10 -46.61
C SER E 123 -42.62 47.88 -47.49
N VAL E 124 -42.40 47.40 -48.71
CA VAL E 124 -41.63 48.09 -49.73
C VAL E 124 -42.45 48.14 -51.00
N GLN E 125 -42.22 49.18 -51.79
CA GLN E 125 -43.04 49.45 -52.98
C GLN E 125 -43.22 48.19 -53.83
N VAL E 132 -46.58 46.68 -53.39
CA VAL E 132 -46.38 46.67 -51.95
C VAL E 132 -46.53 45.25 -51.43
N GLU E 133 -45.65 44.83 -50.53
CA GLU E 133 -45.68 43.46 -50.04
C GLU E 133 -44.91 43.37 -48.73
N LYS E 134 -45.06 42.23 -48.06
CA LYS E 134 -44.27 41.89 -46.88
C LYS E 134 -43.17 40.91 -47.30
N VAL E 135 -42.01 41.48 -47.57
CA VAL E 135 -40.92 40.75 -48.21
C VAL E 135 -40.49 39.53 -47.40
N TYR E 136 -40.26 39.72 -46.10
CA TYR E 136 -39.80 38.62 -45.27
C TYR E 136 -40.85 37.52 -45.19
N ARG E 137 -42.12 37.89 -45.05
CA ARG E 137 -43.17 36.89 -45.07
C ARG E 137 -43.19 36.12 -46.39
N ALA E 138 -42.86 36.77 -47.50
CA ALA E 138 -42.76 36.05 -48.77
C ALA E 138 -41.61 35.06 -48.75
N GLN E 139 -40.46 35.48 -48.24
CA GLN E 139 -39.33 34.56 -48.13
C GLN E 139 -39.68 33.36 -47.25
N ILE E 140 -40.57 33.57 -46.28
CA ILE E 140 -40.91 32.47 -45.38
C ILE E 140 -41.52 31.31 -46.16
N GLU E 141 -42.49 31.61 -46.99
CA GLU E 141 -43.13 30.63 -47.89
C GLU E 141 -42.09 30.07 -48.83
N PHE E 142 -41.26 30.92 -49.41
CA PHE E 142 -40.20 30.48 -50.31
C PHE E 142 -39.37 29.37 -49.67
N MET E 143 -39.13 29.36 -48.36
CA MET E 143 -38.30 28.34 -47.65
C MET E 143 -39.08 27.01 -47.48
N LYS E 144 -40.42 26.98 -47.59
CA LYS E 144 -41.19 25.69 -47.54
C LYS E 144 -41.17 25.02 -48.93
N ILE E 145 -41.17 25.80 -49.97
CA ILE E 145 -41.18 25.26 -51.35
C ILE E 145 -39.82 24.56 -51.65
N TYR E 146 -38.70 24.81 -50.94
CA TYR E 146 -37.39 24.24 -51.22
C TYR E 146 -36.62 23.81 -49.98
N ASP E 147 -37.23 23.89 -48.80
CA ASP E 147 -36.61 23.35 -47.59
C ASP E 147 -35.24 23.95 -47.29
N LEU E 148 -35.21 25.24 -46.97
CA LEU E 148 -33.98 25.94 -46.60
C LEU E 148 -33.99 26.23 -45.12
N ASN E 149 -32.84 26.71 -44.60
CA ASN E 149 -32.67 26.94 -43.18
C ASN E 149 -32.28 28.36 -42.79
N THR E 150 -31.96 29.22 -43.75
CA THR E 150 -31.37 30.52 -43.44
C THR E 150 -32.28 31.65 -43.90
N ILE E 151 -32.30 32.73 -43.13
CA ILE E 151 -33.13 33.90 -43.39
C ILE E 151 -32.20 35.08 -43.64
N TYR E 152 -32.39 35.77 -44.76
CA TYR E 152 -31.56 36.90 -45.15
C TYR E 152 -32.34 38.19 -44.94
N ILE E 153 -31.89 39.01 -44.01
CA ILE E 153 -32.52 40.28 -43.72
C ILE E 153 -31.56 41.40 -44.14
N ASP E 154 -32.13 42.55 -44.47
CA ASP E 154 -31.36 43.70 -44.92
C ASP E 154 -31.29 44.74 -43.81
N TYR E 155 -30.07 45.18 -43.50
CA TYR E 155 -29.86 46.05 -42.35
C TYR E 155 -30.44 47.43 -42.56
N GLN E 156 -30.44 47.95 -43.78
CA GLN E 156 -31.04 49.26 -44.02
C GLN E 156 -32.52 49.27 -43.67
N HIS E 157 -33.19 48.12 -43.74
CA HIS E 157 -34.59 48.04 -43.33
C HIS E 157 -34.73 48.15 -41.82
N LEU E 158 -33.76 47.62 -41.07
CA LEU E 158 -33.85 47.65 -39.61
C LEU E 158 -33.81 49.09 -39.08
N SER E 159 -32.96 49.93 -39.68
CA SER E 159 -32.76 51.27 -39.14
C SER E 159 -34.03 52.12 -39.24
N MET E 160 -34.74 52.04 -40.36
CA MET E 160 -35.80 53.02 -40.62
C MET E 160 -36.91 52.93 -39.58
N ARG E 161 -37.34 51.72 -39.23
CA ARG E 161 -38.40 51.59 -38.23
C ARG E 161 -37.99 52.24 -36.92
N GLU E 162 -38.93 52.96 -36.30
CA GLU E 162 -38.68 53.55 -34.99
C GLU E 162 -37.38 54.33 -35.03
N ASN E 163 -37.34 55.42 -35.78
CA ASN E 163 -36.11 56.14 -36.09
C ASN E 163 -35.15 56.18 -34.90
N GLY E 164 -33.90 55.78 -35.14
CA GLY E 164 -32.88 55.82 -34.12
C GLY E 164 -33.10 54.86 -32.97
N ALA E 165 -33.43 53.55 -33.17
CA ALA E 165 -33.54 52.67 -31.96
C ALA E 165 -33.39 51.17 -32.17
N LEU E 166 -34.38 50.44 -32.62
CA LEU E 166 -34.27 48.95 -32.67
C LEU E 166 -32.86 48.59 -33.16
N ALA E 167 -32.44 49.04 -34.36
CA ALA E 167 -31.19 48.63 -35.03
C ALA E 167 -29.97 49.03 -34.22
N MET E 168 -29.99 50.20 -33.61
CA MET E 168 -28.85 50.69 -32.79
C MET E 168 -28.59 49.64 -31.72
N ALA E 169 -29.61 49.19 -31.01
CA ALA E 169 -29.49 48.31 -29.86
C ALA E 169 -29.07 46.91 -30.27
N ILE E 170 -29.65 46.37 -31.34
CA ILE E 170 -29.30 45.01 -31.75
C ILE E 170 -27.85 44.95 -32.23
N SER E 171 -27.40 45.94 -32.98
CA SER E 171 -26.00 45.96 -33.41
C SER E 171 -25.06 46.03 -32.22
N GLU E 172 -25.38 46.88 -31.23
CA GLU E 172 -24.44 47.13 -30.15
C GLU E 172 -24.40 46.02 -29.11
N GLN E 173 -25.43 45.18 -29.02
CA GLN E 173 -25.45 44.10 -28.05
C GLN E 173 -25.98 42.81 -28.69
N TYR E 174 -25.42 42.48 -29.85
CA TYR E 174 -25.88 41.32 -30.62
C TYR E 174 -25.77 40.02 -29.82
N TYR E 175 -24.64 39.81 -29.14
CA TYR E 175 -24.42 38.55 -28.46
C TYR E 175 -25.53 38.26 -27.46
N ARG E 176 -26.02 39.30 -26.77
CA ARG E 176 -27.13 39.11 -25.85
C ARG E 176 -28.43 38.80 -26.60
N PHE E 177 -28.73 39.57 -27.64
CA PHE E 177 -30.07 39.57 -28.21
C PHE E 177 -30.31 38.48 -29.24
N LEU E 178 -29.27 37.81 -29.71
CA LEU E 178 -29.46 36.79 -30.75
C LEU E 178 -30.44 35.70 -30.35
N PRO E 179 -30.37 35.09 -29.16
CA PRO E 179 -31.36 34.05 -28.82
C PRO E 179 -32.79 34.55 -28.84
N PHE E 180 -33.02 35.78 -28.40
CA PHE E 180 -34.38 36.31 -28.39
C PHE E 180 -34.90 36.51 -29.81
N LEU E 181 -34.05 37.00 -30.71
CA LEU E 181 -34.43 37.09 -32.11
C LEU E 181 -34.71 35.72 -32.71
N GLN E 182 -33.98 34.68 -32.26
CA GLN E 182 -34.29 33.33 -32.72
C GLN E 182 -35.66 32.87 -32.23
N LYS E 183 -35.99 33.17 -30.97
CA LYS E 183 -37.30 32.79 -30.44
C LYS E 183 -38.44 33.51 -31.17
N GLY E 184 -38.25 34.78 -31.49
CA GLY E 184 -39.26 35.51 -32.24
C GLY E 184 -39.52 34.89 -33.60
N LEU E 185 -38.43 34.55 -34.28
CA LEU E 185 -38.54 33.85 -35.56
C LEU E 185 -39.30 32.54 -35.38
N ARG E 186 -39.01 31.82 -34.30
CA ARG E 186 -39.70 30.56 -34.06
C ARG E 186 -41.20 30.76 -33.95
N ARG E 187 -41.65 31.82 -33.26
CA ARG E 187 -43.07 32.19 -33.05
C ARG E 187 -43.72 32.62 -34.37
N VAL E 188 -42.99 33.31 -35.22
CA VAL E 188 -43.53 33.68 -36.52
C VAL E 188 -43.69 32.44 -37.41
N VAL E 189 -42.74 31.52 -37.35
CA VAL E 189 -42.85 30.29 -38.12
C VAL E 189 -43.98 29.42 -37.58
N ARG E 190 -44.15 29.39 -36.26
CA ARG E 190 -45.28 28.69 -35.67
C ARG E 190 -46.59 29.21 -36.26
N LYS E 191 -46.68 30.52 -36.46
CA LYS E 191 -47.90 31.09 -36.99
C LYS E 191 -48.08 30.78 -38.48
N TYR E 192 -47.17 31.23 -39.32
CA TYR E 192 -47.38 31.16 -40.77
C TYR E 192 -46.60 30.02 -41.44
N ALA E 193 -45.95 29.14 -40.70
CA ALA E 193 -45.26 28.04 -41.35
C ALA E 193 -44.94 26.92 -40.37
N PRO E 194 -45.95 26.29 -39.76
CA PRO E 194 -45.68 25.30 -38.71
C PRO E 194 -45.06 24.00 -39.20
N GLU E 195 -45.25 23.67 -40.48
CA GLU E 195 -44.67 22.43 -41.09
C GLU E 195 -43.16 22.56 -41.26
N LEU E 196 -42.64 23.77 -41.38
CA LEU E 196 -41.21 23.97 -41.56
C LEU E 196 -40.43 23.73 -40.28
N LEU E 197 -41.10 23.73 -39.12
CA LEU E 197 -40.39 23.60 -37.85
C LEU E 197 -39.78 22.22 -37.66
N ASN E 198 -40.19 21.24 -38.45
CA ASN E 198 -39.68 19.88 -38.33
C ASN E 198 -38.80 19.53 -39.52
N THR E 199 -37.65 18.93 -39.24
CA THR E 199 -36.76 18.49 -40.29
C THR E 199 -37.44 17.39 -41.12
N SER E 200 -37.20 17.43 -42.42
CA SER E 200 -37.81 16.48 -43.34
C SER E 200 -37.29 15.07 -43.09
N GLN E 258 -37.69 13.76 -37.16
CA GLN E 258 -38.72 14.63 -36.61
C GLN E 258 -38.14 15.79 -35.84
N THR E 259 -36.82 15.78 -35.67
CA THR E 259 -36.15 16.79 -34.85
C THR E 259 -36.42 18.19 -35.38
N GLU E 260 -36.23 19.20 -34.53
CA GLU E 260 -36.40 20.59 -34.91
C GLU E 260 -35.28 21.01 -35.86
N ARG E 261 -35.59 21.97 -36.72
CA ARG E 261 -34.66 22.43 -37.73
C ARG E 261 -33.91 23.65 -37.21
N VAL E 262 -32.58 23.62 -37.34
CA VAL E 262 -31.75 24.72 -36.88
C VAL E 262 -31.96 25.92 -37.81
N PHE E 263 -32.17 27.09 -37.23
CA PHE E 263 -32.41 28.31 -37.97
C PHE E 263 -31.22 29.25 -37.84
N GLN E 264 -30.85 29.90 -38.94
CA GLN E 264 -29.75 30.84 -38.97
C GLN E 264 -30.19 32.16 -39.56
N ILE E 265 -29.79 33.26 -38.93
CA ILE E 265 -30.11 34.61 -39.37
C ILE E 265 -28.89 35.22 -40.01
N SER E 266 -29.11 36.07 -41.02
CA SER E 266 -28.02 36.66 -41.80
C SER E 266 -28.31 38.13 -42.04
N PHE E 267 -27.48 39.00 -41.47
CA PHE E 267 -27.54 40.43 -41.74
C PHE E 267 -26.48 40.80 -42.77
N PHE E 268 -26.78 41.81 -43.57
CA PHE E 268 -25.79 42.31 -44.52
C PHE E 268 -26.15 43.74 -44.92
N ASN E 269 -25.27 44.34 -45.70
CA ASN E 269 -25.43 45.71 -46.18
C ASN E 269 -25.43 46.70 -45.02
N LEU E 270 -24.33 46.67 -44.28
CA LEU E 270 -24.08 47.60 -43.20
C LEU E 270 -23.60 48.94 -43.75
N PRO E 271 -23.63 50.00 -42.95
CA PRO E 271 -23.15 51.29 -43.43
C PRO E 271 -21.66 51.32 -43.74
N THR E 272 -20.81 50.79 -42.87
CA THR E 272 -19.36 50.91 -43.01
C THR E 272 -18.68 49.56 -42.96
N VAL E 273 -17.52 49.47 -43.59
CA VAL E 273 -16.71 48.25 -43.61
C VAL E 273 -15.39 48.56 -42.91
N HIS E 274 -15.06 47.76 -41.90
CA HIS E 274 -13.87 48.03 -41.11
C HIS E 274 -12.65 47.31 -41.64
N ARG E 275 -11.51 47.97 -41.52
CA ARG E 275 -10.22 47.39 -41.85
C ARG E 275 -9.77 46.45 -40.75
N ILE E 276 -8.92 45.49 -41.14
CA ILE E 276 -8.43 44.53 -40.15
C ILE E 276 -7.55 45.22 -39.11
N ARG E 277 -6.79 46.24 -39.50
CA ARG E 277 -5.88 46.92 -38.60
C ARG E 277 -6.57 48.00 -37.79
N ASP E 278 -7.91 47.95 -37.66
CA ASP E 278 -8.65 48.91 -36.87
C ASP E 278 -9.60 48.25 -35.89
N ILE E 279 -9.50 46.93 -35.70
CA ILE E 279 -10.37 46.23 -34.77
C ILE E 279 -9.89 46.50 -33.35
N ARG E 280 -10.80 46.92 -32.49
CA ARG E 280 -10.51 47.18 -31.10
C ARG E 280 -11.33 46.26 -30.20
N SER E 281 -11.02 46.28 -28.91
CA SER E 281 -11.64 45.39 -27.95
C SER E 281 -12.91 45.97 -27.31
N GLU E 282 -13.27 47.21 -27.62
CA GLU E 282 -14.54 47.75 -27.16
C GLU E 282 -15.70 47.39 -28.09
N LYS E 283 -15.44 46.69 -29.19
CA LYS E 283 -16.46 46.22 -30.11
C LYS E 283 -16.71 44.72 -29.96
N ILE E 284 -16.26 44.13 -28.85
CA ILE E 284 -16.39 42.70 -28.64
C ILE E 284 -17.88 42.35 -28.49
N GLY E 285 -18.31 41.32 -29.19
CA GLY E 285 -19.69 40.88 -29.10
C GLY E 285 -20.69 41.77 -29.81
N SER E 286 -20.26 42.45 -30.87
CA SER E 286 -21.15 43.30 -31.66
C SER E 286 -21.08 42.86 -33.13
N LEU E 287 -21.88 43.52 -33.95
CA LEU E 287 -22.02 43.17 -35.36
C LEU E 287 -21.22 44.15 -36.21
N LEU E 288 -20.34 43.63 -37.04
CA LEU E 288 -19.47 44.45 -37.87
C LEU E 288 -19.13 43.69 -39.14
N SER E 289 -18.62 44.42 -40.12
CA SER E 289 -18.25 43.87 -41.42
C SER E 289 -16.79 44.21 -41.73
N ILE E 290 -16.03 43.21 -42.17
CA ILE E 290 -14.59 43.37 -42.39
C ILE E 290 -14.23 42.81 -43.76
N SER E 291 -13.03 43.18 -44.23
CA SER E 291 -12.53 42.79 -45.54
C SER E 291 -11.15 42.15 -45.41
N GLY E 292 -10.81 41.29 -46.37
CA GLY E 292 -9.53 40.61 -46.35
C GLY E 292 -9.38 39.67 -47.53
N THR E 293 -8.22 39.02 -47.57
CA THR E 293 -7.85 38.08 -48.63
C THR E 293 -7.67 36.69 -48.04
N VAL E 294 -8.23 35.69 -48.71
CA VAL E 294 -8.32 34.33 -48.17
C VAL E 294 -7.14 33.51 -48.67
N THR E 295 -6.50 32.79 -47.75
CA THR E 295 -5.33 31.99 -48.08
C THR E 295 -5.52 30.50 -47.84
N ARG E 296 -6.14 30.10 -46.73
CA ARG E 296 -6.18 28.71 -46.34
C ARG E 296 -7.58 28.33 -45.88
N THR E 297 -8.05 27.16 -46.33
CA THR E 297 -9.33 26.61 -45.92
C THR E 297 -9.14 25.17 -45.47
N SER E 298 -10.01 24.72 -44.58
CA SER E 298 -9.98 23.37 -44.04
C SER E 298 -11.22 22.61 -44.51
N GLU E 299 -11.22 21.30 -44.28
CA GLU E 299 -12.33 20.46 -44.68
C GLU E 299 -13.48 20.57 -43.68
N VAL E 300 -14.64 20.11 -44.11
CA VAL E 300 -15.85 20.26 -43.31
C VAL E 300 -15.92 19.11 -42.31
N ARG E 301 -16.12 19.45 -41.04
CA ARG E 301 -16.19 18.48 -39.97
C ARG E 301 -17.41 18.73 -39.10
N PRO E 302 -17.98 17.70 -38.49
CA PRO E 302 -19.15 17.90 -37.63
C PRO E 302 -18.78 18.53 -36.29
N GLU E 303 -19.74 19.26 -35.73
CA GLU E 303 -19.55 19.99 -34.49
C GLU E 303 -20.66 19.65 -33.50
N LEU E 304 -20.29 19.48 -32.24
CA LEU E 304 -21.25 19.16 -31.19
C LEU E 304 -22.07 20.40 -30.84
N TYR E 305 -23.40 20.26 -30.93
CA TYR E 305 -24.30 21.38 -30.72
C TYR E 305 -25.20 21.15 -29.50
N LYS E 306 -25.95 20.05 -29.48
CA LYS E 306 -26.82 19.71 -28.36
C LYS E 306 -26.64 18.23 -28.04
N ALA E 307 -26.09 17.95 -26.86
CA ALA E 307 -25.63 16.61 -26.50
C ALA E 307 -26.58 15.95 -25.51
N SER E 308 -26.48 14.62 -25.40
CA SER E 308 -27.23 13.75 -24.47
C SER E 308 -26.22 13.13 -23.50
N PHE E 309 -26.48 13.14 -22.20
CA PHE E 309 -25.59 12.59 -21.19
C PHE E 309 -26.35 11.60 -20.33
N THR E 310 -25.62 10.60 -19.83
CA THR E 310 -26.16 9.62 -18.88
C THR E 310 -25.44 9.74 -17.55
N CYS E 311 -26.20 9.55 -16.48
CA CYS E 311 -25.68 9.74 -15.11
C CYS E 311 -24.88 8.49 -14.81
N ASP E 312 -23.89 8.61 -13.96
CA ASP E 312 -23.11 7.45 -13.57
C ASP E 312 -23.48 6.89 -12.21
N MET E 313 -24.02 7.70 -11.33
CA MET E 313 -24.54 7.18 -10.06
C MET E 313 -25.84 6.48 -10.48
N CYS E 314 -26.88 7.21 -10.84
CA CYS E 314 -28.15 6.65 -11.38
C CYS E 314 -27.99 6.55 -12.89
N ARG E 315 -28.90 6.00 -13.67
CA ARG E 315 -28.93 6.07 -15.14
C ARG E 315 -30.19 6.80 -15.57
N ALA E 316 -30.06 8.11 -15.68
CA ALA E 316 -31.11 9.00 -16.19
C ALA E 316 -30.56 9.58 -17.48
N ILE E 317 -31.38 10.20 -18.33
CA ILE E 317 -31.01 10.77 -19.62
C ILE E 317 -31.28 12.26 -19.57
N VAL E 318 -30.27 13.06 -19.84
CA VAL E 318 -30.38 14.51 -19.96
C VAL E 318 -30.07 14.88 -21.39
N ASP E 319 -31.02 15.52 -22.06
CA ASP E 319 -30.92 15.82 -23.48
C ASP E 319 -30.91 17.32 -23.71
N ASN E 320 -30.38 17.70 -24.87
CA ASN E 320 -30.38 19.08 -25.34
C ASN E 320 -29.67 20.01 -24.35
N VAL E 321 -28.37 19.75 -24.21
CA VAL E 321 -27.48 20.59 -23.43
C VAL E 321 -26.77 21.53 -24.39
N GLU E 322 -26.83 22.83 -24.11
CA GLU E 322 -26.24 23.83 -24.99
C GLU E 322 -24.74 23.94 -24.72
N GLN E 323 -23.94 23.87 -25.77
CA GLN E 323 -22.49 23.85 -25.62
C GLN E 323 -21.86 25.24 -25.59
N SER E 324 -22.29 26.14 -26.46
CA SER E 324 -21.80 27.52 -26.44
C SER E 324 -20.27 27.59 -26.47
N PHE E 325 -19.67 27.15 -27.57
CA PHE E 325 -18.25 27.30 -27.89
C PHE E 325 -17.34 26.39 -27.07
N LYS E 326 -17.85 25.64 -26.11
CA LYS E 326 -17.02 24.77 -25.29
C LYS E 326 -17.79 23.49 -25.01
N TYR E 327 -17.08 22.52 -24.41
CA TYR E 327 -17.63 21.22 -24.06
C TYR E 327 -18.28 21.31 -22.68
N THR E 328 -19.52 21.78 -22.67
CA THR E 328 -20.25 21.96 -21.42
C THR E 328 -20.90 20.65 -20.99
N GLU E 329 -20.95 20.44 -19.68
CA GLU E 329 -21.63 19.30 -19.08
C GLU E 329 -22.72 19.77 -18.14
N PRO E 330 -23.73 18.94 -17.87
CA PRO E 330 -24.80 19.37 -16.95
C PRO E 330 -24.28 19.55 -15.54
N THR E 331 -24.91 20.46 -14.81
CA THR E 331 -24.46 20.82 -13.47
C THR E 331 -25.42 20.36 -12.39
N PHE E 332 -26.47 19.63 -12.74
CA PHE E 332 -27.35 19.06 -11.73
C PHE E 332 -28.26 17.99 -12.31
N CYS E 333 -28.24 16.78 -11.74
CA CYS E 333 -29.15 15.69 -12.14
C CYS E 333 -30.54 16.28 -11.98
N PRO E 334 -31.46 16.07 -12.90
CA PRO E 334 -32.84 16.59 -12.71
C PRO E 334 -33.65 15.82 -11.68
N ASN E 335 -33.39 14.52 -11.43
CA ASN E 335 -34.12 13.72 -10.39
C ASN E 335 -33.95 14.45 -9.06
N PRO E 336 -35.00 14.78 -8.29
CA PRO E 336 -34.90 15.37 -6.96
C PRO E 336 -34.19 14.50 -5.94
N SER E 337 -33.76 13.30 -6.32
CA SER E 337 -33.12 12.38 -5.38
C SER E 337 -31.63 12.30 -5.63
N CYS E 338 -31.23 11.95 -6.83
CA CYS E 338 -29.80 11.81 -7.15
C CYS E 338 -29.16 13.17 -6.94
N GLU E 339 -27.94 13.25 -6.45
CA GLU E 339 -27.20 14.46 -6.12
C GLU E 339 -25.90 14.47 -6.91
N ASN E 340 -25.97 14.01 -8.17
CA ASN E 340 -24.78 13.93 -9.04
C ASN E 340 -24.60 15.27 -9.69
N ARG E 341 -23.40 15.77 -9.76
CA ARG E 341 -23.11 17.03 -10.42
C ARG E 341 -21.82 17.02 -11.23
N ALA E 342 -21.09 15.91 -11.30
CA ALA E 342 -19.79 15.91 -11.96
C ALA E 342 -19.56 14.71 -12.88
N PHE E 343 -20.32 13.63 -12.71
CA PHE E 343 -20.04 12.37 -13.36
C PHE E 343 -21.07 12.09 -14.45
N TRP E 344 -20.64 12.11 -15.71
CA TRP E 344 -21.54 11.96 -16.83
C TRP E 344 -20.84 11.23 -17.96
N THR E 345 -21.63 10.62 -18.84
CA THR E 345 -21.12 9.94 -20.01
C THR E 345 -21.95 10.37 -21.22
N LEU E 346 -21.32 10.32 -22.39
CA LEU E 346 -21.86 10.92 -23.60
C LEU E 346 -22.38 9.84 -24.54
N ASN E 347 -23.61 9.99 -25.00
CA ASN E 347 -24.18 9.14 -26.04
C ASN E 347 -23.93 9.83 -27.38
N VAL E 348 -22.93 9.38 -28.11
CA VAL E 348 -22.57 10.00 -29.39
C VAL E 348 -23.55 9.53 -30.46
N THR E 349 -24.38 8.54 -30.20
CA THR E 349 -25.32 8.09 -31.23
C THR E 349 -26.53 9.02 -31.33
N ARG E 350 -26.99 9.56 -30.21
CA ARG E 350 -28.21 10.36 -30.18
C ARG E 350 -27.93 11.82 -29.81
N SER E 351 -26.88 12.39 -30.39
CA SER E 351 -26.55 13.80 -30.23
C SER E 351 -26.63 14.49 -31.59
N ARG E 352 -26.94 15.78 -31.56
CA ARG E 352 -27.19 16.62 -32.76
C ARG E 352 -25.94 17.45 -33.11
N PHE E 353 -25.46 17.42 -34.35
CA PHE E 353 -24.25 18.08 -34.80
C PHE E 353 -24.55 19.17 -35.84
N LEU E 354 -23.59 20.06 -36.03
CA LEU E 354 -23.57 21.04 -37.11
C LEU E 354 -22.29 20.87 -37.93
N ASP E 355 -22.23 21.59 -39.05
CA ASP E 355 -21.10 21.55 -39.96
C ASP E 355 -20.16 22.72 -39.66
N TRP E 356 -18.86 22.47 -39.73
CA TRP E 356 -17.86 23.39 -39.19
C TRP E 356 -16.67 23.47 -40.14
N GLN E 357 -16.26 24.69 -40.49
CA GLN E 357 -15.06 24.93 -41.30
C GLN E 357 -14.33 26.16 -40.76
N LYS E 358 -13.03 26.20 -41.01
CA LYS E 358 -12.17 27.29 -40.55
C LYS E 358 -11.47 27.91 -41.75
N VAL E 359 -11.42 29.24 -41.80
CA VAL E 359 -10.84 29.97 -42.91
C VAL E 359 -9.84 30.98 -42.38
N ARG E 360 -8.74 31.16 -43.12
CA ARG E 360 -7.67 32.08 -42.76
C ARG E 360 -7.67 33.25 -43.73
N ILE E 361 -7.57 34.46 -43.21
CA ILE E 361 -7.64 35.65 -44.04
C ILE E 361 -6.43 36.54 -43.77
N GLN E 362 -6.15 37.40 -44.74
CA GLN E 362 -4.99 38.28 -44.74
C GLN E 362 -5.43 39.66 -45.18
N GLU E 363 -4.64 40.66 -44.83
CA GLU E 363 -4.93 42.05 -45.16
C GLU E 363 -4.62 42.31 -46.62
N ASN E 364 -5.41 43.21 -47.23
CA ASN E 364 -5.24 43.54 -48.63
C ASN E 364 -4.01 44.40 -48.83
N ALA E 365 -3.44 44.33 -50.05
CA ALA E 365 -2.16 44.96 -50.31
C ALA E 365 -2.23 46.47 -50.14
N ASN E 366 -3.34 47.08 -50.57
CA ASN E 366 -3.44 48.53 -50.54
C ASN E 366 -3.72 49.08 -49.15
N GLU E 367 -4.01 48.22 -48.17
CA GLU E 367 -4.40 48.67 -46.84
C GLU E 367 -3.29 48.52 -45.80
N ILE E 368 -2.07 48.25 -46.21
CA ILE E 368 -0.96 48.02 -45.28
C ILE E 368 -0.28 49.35 -45.00
N PRO E 369 -0.01 49.68 -43.73
CA PRO E 369 0.68 50.95 -43.43
C PRO E 369 2.12 50.98 -43.92
N THR E 370 2.83 52.08 -43.63
CA THR E 370 4.18 52.30 -44.12
C THR E 370 5.18 51.54 -43.24
N GLY E 371 5.90 50.60 -43.84
CA GLY E 371 6.96 49.89 -43.16
C GLY E 371 6.55 48.67 -42.38
N SER E 372 5.29 48.25 -42.45
CA SER E 372 4.81 47.13 -41.66
C SER E 372 4.38 45.96 -42.54
N MET E 373 4.18 44.82 -41.89
CA MET E 373 3.86 43.55 -42.53
C MET E 373 2.37 43.22 -42.37
N PRO E 374 1.84 42.35 -43.22
CA PRO E 374 0.39 42.07 -43.16
C PRO E 374 -0.02 41.35 -41.89
N ARG E 375 -1.30 41.50 -41.56
CA ARG E 375 -1.91 40.88 -40.40
C ARG E 375 -2.88 39.77 -40.84
N THR E 376 -3.21 38.89 -39.89
CA THR E 376 -4.04 37.72 -40.17
C THR E 376 -5.15 37.61 -39.14
N LEU E 377 -6.14 36.77 -39.46
CA LEU E 377 -7.29 36.57 -38.60
C LEU E 377 -7.95 35.25 -38.98
N ASP E 378 -8.50 34.55 -37.98
CA ASP E 378 -9.14 33.26 -38.18
C ASP E 378 -10.65 33.45 -38.22
N VAL E 379 -11.30 32.88 -39.22
CA VAL E 379 -12.73 33.03 -39.44
C VAL E 379 -13.39 31.67 -39.31
N ILE E 380 -14.49 31.61 -38.57
CA ILE E 380 -15.23 30.39 -38.32
C ILE E 380 -16.53 30.45 -39.10
N LEU E 381 -16.86 29.35 -39.77
CA LEU E 381 -18.08 29.25 -40.55
C LEU E 381 -18.91 28.06 -40.05
N ARG E 382 -20.23 28.21 -40.10
CA ARG E 382 -21.15 27.20 -39.62
C ARG E 382 -22.26 26.99 -40.64
N GLY E 383 -22.88 25.82 -40.57
CA GLY E 383 -24.11 25.58 -41.32
C GLY E 383 -23.89 25.65 -42.81
N ASP E 384 -24.69 26.48 -43.47
CA ASP E 384 -24.71 26.54 -44.93
C ASP E 384 -23.71 27.53 -45.50
N SER E 385 -22.99 28.25 -44.66
CA SER E 385 -21.99 29.20 -45.13
C SER E 385 -20.65 28.54 -45.44
N VAL E 386 -20.49 27.26 -45.15
CA VAL E 386 -19.22 26.59 -45.38
C VAL E 386 -18.99 26.40 -46.87
N GLU E 387 -17.73 26.46 -47.28
CA GLU E 387 -17.31 26.20 -48.65
C GLU E 387 -17.87 27.25 -49.63
N ARG E 388 -17.78 28.52 -49.24
CA ARG E 388 -18.08 29.63 -50.14
C ARG E 388 -16.86 30.47 -50.45
N ALA E 389 -15.76 30.29 -49.73
CA ALA E 389 -14.55 31.08 -49.92
C ALA E 389 -13.45 30.17 -50.46
N LYS E 390 -12.85 30.58 -51.56
CA LYS E 390 -11.71 29.88 -52.11
C LYS E 390 -10.42 30.57 -51.74
N PRO E 391 -9.29 29.86 -51.74
CA PRO E 391 -8.01 30.52 -51.56
C PRO E 391 -7.77 31.54 -52.67
N GLY E 392 -7.13 32.66 -52.30
CA GLY E 392 -6.87 33.72 -53.24
C GLY E 392 -8.11 34.48 -53.66
N ASP E 393 -8.93 34.91 -52.71
CA ASP E 393 -10.11 35.71 -52.98
C ASP E 393 -10.15 36.92 -52.07
N ARG E 394 -10.84 37.96 -52.53
CA ARG E 394 -11.12 39.13 -51.71
C ARG E 394 -12.59 39.09 -51.32
N CYS E 395 -12.86 38.91 -50.03
CA CYS E 395 -14.20 38.71 -49.53
C CYS E 395 -14.52 39.71 -48.43
N LYS E 396 -15.81 39.96 -48.23
CA LYS E 396 -16.33 40.76 -47.14
C LYS E 396 -17.13 39.87 -46.20
N PHE E 397 -16.86 39.98 -44.90
CA PHE E 397 -17.47 39.13 -43.89
C PHE E 397 -18.32 40.00 -42.97
N THR E 398 -19.53 39.54 -42.69
CA THR E 398 -20.37 40.13 -41.64
C THR E 398 -20.57 39.11 -40.54
N GLY E 399 -20.33 39.50 -39.30
CA GLY E 399 -20.42 38.56 -38.20
C GLY E 399 -20.21 39.18 -36.84
N VAL E 400 -19.74 38.39 -35.90
CA VAL E 400 -19.62 38.79 -34.51
C VAL E 400 -18.17 38.60 -34.05
N GLU E 401 -17.69 39.55 -33.25
CA GLU E 401 -16.30 39.57 -32.79
C GLU E 401 -16.23 38.85 -31.45
N ILE E 402 -15.54 37.71 -31.42
CA ILE E 402 -15.52 36.83 -30.26
C ILE E 402 -14.09 36.67 -29.76
N VAL E 403 -13.96 36.02 -28.61
CA VAL E 403 -12.68 35.81 -27.94
C VAL E 403 -12.53 34.32 -27.66
N VAL E 404 -11.32 33.80 -27.84
CA VAL E 404 -11.04 32.38 -27.61
C VAL E 404 -9.79 32.27 -26.74
N PRO E 405 -9.65 31.16 -26.00
CA PRO E 405 -8.49 31.01 -25.12
C PRO E 405 -7.17 30.98 -25.91
N ASP E 406 -6.12 31.51 -25.28
CA ASP E 406 -4.82 31.69 -25.91
C ASP E 406 -3.73 31.43 -24.88
N VAL E 407 -3.04 30.29 -24.99
CA VAL E 407 -1.97 29.96 -24.06
C VAL E 407 -0.62 30.42 -24.54
N THR E 408 -0.54 31.11 -25.69
CA THR E 408 0.74 31.61 -26.17
C THR E 408 1.15 32.91 -25.49
N GLN E 409 0.24 33.56 -24.78
CA GLN E 409 0.52 34.84 -24.14
C GLN E 409 1.26 34.69 -22.82
N LEU E 410 1.47 33.48 -22.33
CA LEU E 410 2.16 33.26 -21.07
C LEU E 410 3.66 33.46 -21.31
N GLY E 411 4.13 34.68 -21.05
CA GLY E 411 5.51 35.02 -21.33
C GLY E 411 5.66 36.46 -21.81
N LEU E 412 4.55 37.05 -22.24
CA LEU E 412 4.55 38.44 -22.65
C LEU E 412 4.62 39.36 -21.43
N PRO E 413 5.26 40.52 -21.53
CA PRO E 413 5.31 41.42 -20.38
C PRO E 413 3.94 41.98 -20.03
N GLY E 414 3.81 42.40 -18.78
CA GLY E 414 2.57 42.98 -18.29
C GLY E 414 1.87 42.07 -17.30
N VAL E 415 0.78 42.60 -16.75
CA VAL E 415 -0.03 41.85 -15.80
C VAL E 415 -1.09 41.07 -16.56
N LYS E 416 -1.13 39.76 -16.33
CA LYS E 416 -2.06 38.89 -17.01
C LYS E 416 -3.16 38.48 -16.05
N PRO E 417 -4.43 38.80 -16.34
CA PRO E 417 -5.48 38.61 -15.32
C PRO E 417 -5.63 37.16 -14.91
N SER E 418 -6.06 36.98 -13.66
CA SER E 418 -6.18 35.66 -13.04
C SER E 418 -7.48 35.59 -12.24
N SER E 419 -7.96 34.39 -12.02
CA SER E 419 -9.25 34.13 -11.33
C SER E 419 -9.04 33.32 -10.08
N THR E 420 -9.84 33.55 -9.07
CA THR E 420 -9.80 32.82 -7.82
C THR E 420 -11.17 32.90 -7.15
N LEU E 421 -11.41 31.98 -6.23
CA LEU E 421 -12.69 31.87 -5.54
C LEU E 421 -12.62 32.60 -4.20
N ASP E 422 -13.72 33.24 -3.82
CA ASP E 422 -13.75 34.07 -2.63
C ASP E 422 -13.95 33.18 -1.39
N THR E 423 -13.01 33.27 -0.46
CA THR E 423 -13.05 32.49 0.77
C THR E 423 -13.65 33.25 1.94
N ARG E 424 -14.17 34.44 1.71
CA ARG E 424 -14.87 35.21 2.73
C ARG E 424 -16.33 34.78 2.71
N GLY E 425 -16.75 34.04 3.73
CA GLY E 425 -18.13 33.60 3.81
C GLY E 425 -18.28 32.09 3.91
N ILE E 426 -17.21 31.37 3.64
CA ILE E 426 -17.23 29.91 3.69
C ILE E 426 -16.86 29.46 5.10
N SER E 427 -17.64 28.52 5.64
CA SER E 427 -17.42 28.01 6.98
C SER E 427 -16.40 26.88 6.92
N LYS E 428 -15.32 27.01 7.67
CA LYS E 428 -14.20 26.08 7.63
C LYS E 428 -13.85 25.62 9.05
N THR E 429 -13.24 24.44 9.12
CA THR E 429 -12.84 23.87 10.40
C THR E 429 -11.32 23.67 10.44
N LEU E 443 -5.76 27.18 -5.39
CA LEU E 443 -6.87 26.29 -5.09
C LEU E 443 -7.95 26.40 -6.17
N GLY E 444 -7.53 26.39 -7.42
CA GLY E 444 -8.46 26.51 -8.53
C GLY E 444 -8.30 27.77 -9.34
N VAL E 445 -7.07 28.27 -9.43
CA VAL E 445 -6.78 29.49 -10.17
C VAL E 445 -6.80 29.16 -11.67
N ARG E 446 -7.52 29.98 -12.44
CA ARG E 446 -7.59 29.85 -13.88
C ARG E 446 -7.12 31.14 -14.55
N ASP E 447 -6.57 30.99 -15.75
CA ASP E 447 -5.95 32.10 -16.45
C ASP E 447 -6.92 32.71 -17.45
N LEU E 448 -7.03 34.04 -17.41
CA LEU E 448 -7.92 34.77 -18.32
C LEU E 448 -7.12 35.38 -19.47
N THR E 449 -6.63 34.53 -20.36
CA THR E 449 -5.90 34.95 -21.55
C THR E 449 -6.71 34.56 -22.80
N TYR E 450 -6.97 35.55 -23.66
CA TYR E 450 -7.81 35.36 -24.83
C TYR E 450 -7.22 36.10 -26.02
N LYS E 451 -7.63 35.69 -27.21
CA LYS E 451 -7.30 36.38 -28.45
C LYS E 451 -8.54 36.57 -29.30
N ILE E 452 -8.50 37.56 -30.17
CA ILE E 452 -9.69 38.00 -30.90
C ILE E 452 -9.86 37.15 -32.16
N SER E 453 -11.05 36.57 -32.33
CA SER E 453 -11.39 35.76 -33.47
C SER E 453 -12.71 36.27 -34.05
N PHE E 454 -13.15 35.66 -35.16
CA PHE E 454 -14.32 36.15 -35.89
C PHE E 454 -15.20 34.98 -36.32
N LEU E 455 -16.51 35.14 -36.10
CA LEU E 455 -17.51 34.16 -36.49
C LEU E 455 -18.47 34.82 -37.47
N ALA E 456 -18.67 34.19 -38.63
CA ALA E 456 -19.33 34.84 -39.76
C ALA E 456 -20.69 34.23 -40.02
N CYS E 457 -21.61 35.10 -40.47
CA CYS E 457 -22.94 34.70 -40.93
C CYS E 457 -23.17 34.98 -42.40
N HIS E 458 -22.48 35.95 -42.98
CA HIS E 458 -22.58 36.27 -44.40
C HIS E 458 -21.20 36.42 -45.01
N VAL E 459 -20.96 35.76 -46.13
CA VAL E 459 -19.70 35.82 -46.86
C VAL E 459 -20.01 36.17 -48.31
N ILE E 460 -19.33 37.19 -48.83
CA ILE E 460 -19.53 37.67 -50.19
C ILE E 460 -18.18 37.91 -50.82
N SER E 461 -18.04 37.57 -52.09
CA SER E 461 -16.77 37.71 -52.82
C SER E 461 -16.91 38.91 -53.76
N ILE E 462 -16.12 39.95 -53.48
CA ILE E 462 -16.19 41.22 -54.21
C ILE E 462 -14.84 41.48 -54.85
N GLY E 463 -14.86 41.82 -56.13
CA GLY E 463 -13.63 42.18 -56.84
C GLY E 463 -12.56 41.12 -56.72
N GLU E 512 -27.44 45.05 -71.26
CA GLU E 512 -26.12 44.45 -71.16
C GLU E 512 -25.80 43.59 -72.39
N ILE E 513 -26.76 42.79 -72.84
CA ILE E 513 -26.60 42.05 -74.08
C ILE E 513 -26.56 42.99 -75.27
N ASN E 514 -27.18 44.16 -75.14
CA ASN E 514 -27.17 45.14 -76.21
C ASN E 514 -25.74 45.48 -76.64
N GLU E 515 -24.86 45.69 -75.66
CA GLU E 515 -23.49 46.04 -75.97
C GLU E 515 -22.71 44.86 -76.53
N LEU E 516 -22.96 43.66 -76.00
CA LEU E 516 -22.24 42.48 -76.50
C LEU E 516 -22.58 42.20 -77.96
N LYS E 517 -23.86 42.20 -78.31
CA LYS E 517 -24.24 41.97 -79.70
C LYS E 517 -23.83 43.12 -80.61
N GLU E 518 -23.66 44.32 -80.06
CA GLU E 518 -23.10 45.41 -80.84
C GLU E 518 -21.62 45.17 -81.12
N MET E 519 -20.88 44.67 -80.12
CA MET E 519 -19.48 44.36 -80.32
C MET E 519 -19.30 43.27 -81.38
N VAL E 520 -20.09 42.20 -81.30
CA VAL E 520 -19.83 41.06 -82.18
C VAL E 520 -19.92 41.47 -83.64
N LYS E 521 -20.71 42.49 -83.96
CA LYS E 521 -20.97 42.81 -85.36
C LYS E 521 -19.80 43.57 -85.99
N ASP E 522 -19.30 44.60 -85.32
CA ASP E 522 -18.29 45.48 -85.90
C ASP E 522 -17.18 44.66 -86.54
N GLU E 523 -16.87 44.94 -87.80
CA GLU E 523 -15.89 44.18 -88.55
C GLU E 523 -14.47 44.77 -88.48
N HIS E 524 -14.22 45.69 -87.55
CA HIS E 524 -12.86 46.05 -87.14
C HIS E 524 -12.62 45.73 -85.68
N ILE E 525 -13.30 44.72 -85.14
CA ILE E 525 -13.25 44.47 -83.71
C ILE E 525 -11.86 44.01 -83.28
N TYR E 526 -11.19 43.23 -84.13
CA TYR E 526 -9.86 42.73 -83.80
C TYR E 526 -8.88 43.87 -83.58
N ASP E 527 -8.89 44.86 -84.47
CA ASP E 527 -7.95 45.97 -84.35
C ASP E 527 -8.26 46.83 -83.13
N LYS E 528 -9.54 47.05 -82.84
CA LYS E 528 -9.90 47.77 -81.63
C LYS E 528 -9.45 47.04 -80.38
N LEU E 529 -9.65 45.72 -80.34
CA LEU E 529 -9.20 44.94 -79.19
C LEU E 529 -7.69 45.04 -79.04
N VAL E 530 -6.95 44.98 -80.14
CA VAL E 530 -5.50 45.10 -80.06
C VAL E 530 -5.11 46.47 -79.52
N ARG E 531 -5.80 47.51 -79.97
CA ARG E 531 -5.48 48.88 -79.56
C ARG E 531 -6.00 49.23 -78.18
N SER E 532 -6.78 48.34 -77.55
CA SER E 532 -7.27 48.58 -76.20
C SER E 532 -6.41 47.97 -75.10
N ILE E 533 -5.36 47.22 -75.45
CA ILE E 533 -4.54 46.45 -74.47
C ILE E 533 -3.36 47.31 -74.04
N ALA E 534 -3.00 47.32 -72.78
CA ALA E 534 -1.88 48.06 -72.21
C ALA E 534 -1.80 49.46 -72.83
N PRO E 535 -2.84 50.26 -72.69
CA PRO E 535 -2.85 51.56 -73.39
C PRO E 535 -1.70 52.46 -72.99
N ALA E 536 -1.19 52.35 -71.76
CA ALA E 536 -0.11 53.21 -71.30
C ALA E 536 1.20 52.98 -72.05
N VAL E 537 1.39 51.81 -72.64
CA VAL E 537 2.62 51.50 -73.36
C VAL E 537 2.49 51.96 -74.80
N PHE E 538 3.60 52.39 -75.38
CA PHE E 538 3.59 52.97 -76.72
C PHE E 538 4.02 51.91 -77.74
N GLY E 539 3.15 51.62 -78.70
CA GLY E 539 3.54 50.71 -79.77
C GLY E 539 3.63 49.28 -79.29
N HIS E 540 4.50 48.50 -79.93
CA HIS E 540 4.70 47.09 -79.62
C HIS E 540 3.39 46.30 -79.80
N GLU E 541 2.89 46.28 -81.04
CA GLU E 541 1.60 45.66 -81.31
C GLU E 541 1.67 44.14 -81.30
N ALA E 542 2.83 43.56 -81.63
CA ALA E 542 2.95 42.11 -81.65
C ALA E 542 2.72 41.52 -80.26
N VAL E 543 3.32 42.13 -79.24
CA VAL E 543 3.13 41.65 -77.87
C VAL E 543 1.68 41.83 -77.46
N LYS E 544 1.04 42.92 -77.90
CA LYS E 544 -0.36 43.14 -77.57
C LYS E 544 -1.25 42.05 -78.17
N LYS E 545 -0.98 41.65 -79.40
CA LYS E 545 -1.73 40.54 -79.99
C LYS E 545 -1.49 39.25 -79.23
N GLY E 546 -0.23 38.97 -78.91
CA GLY E 546 0.10 37.73 -78.22
C GLY E 546 -0.61 37.62 -76.88
N ILE E 547 -0.65 38.72 -76.14
CA ILE E 547 -1.27 38.68 -74.81
C ILE E 547 -2.77 38.39 -74.93
N LEU E 548 -3.42 38.99 -75.93
CA LEU E 548 -4.84 38.71 -76.15
C LEU E 548 -5.06 37.24 -76.48
N LEU E 549 -4.27 36.71 -77.42
CA LEU E 549 -4.43 35.30 -77.78
C LEU E 549 -4.17 34.39 -76.57
N GLN E 550 -3.27 34.80 -75.68
CA GLN E 550 -3.02 34.04 -74.47
C GLN E 550 -4.16 34.13 -73.46
N MET E 551 -4.91 35.22 -73.43
CA MET E 551 -6.06 35.41 -72.52
C MET E 551 -7.25 34.65 -73.09
N LEU E 552 -7.28 34.37 -74.40
CA LEU E 552 -8.44 33.71 -74.96
C LEU E 552 -8.32 32.19 -74.86
N GLY E 553 -7.29 31.60 -75.47
CA GLY E 553 -7.01 30.19 -75.29
C GLY E 553 -7.30 29.31 -76.49
N GLY E 554 -6.94 28.03 -76.37
CA GLY E 554 -7.18 27.05 -77.41
C GLY E 554 -8.23 26.02 -77.02
N VAL E 555 -8.03 24.76 -77.40
CA VAL E 555 -8.97 23.69 -77.11
C VAL E 555 -8.21 22.53 -76.48
N HIS E 556 -8.84 21.86 -75.51
CA HIS E 556 -8.25 20.69 -74.85
C HIS E 556 -8.87 19.42 -75.43
N LYS E 557 -8.02 18.50 -75.88
CA LYS E 557 -8.45 17.29 -76.56
C LYS E 557 -7.83 16.07 -75.91
N SER E 558 -8.47 14.92 -76.10
CA SER E 558 -7.97 13.65 -75.59
C SER E 558 -8.16 12.56 -76.64
N THR E 559 -7.13 11.72 -76.80
CA THR E 559 -7.14 10.66 -77.80
C THR E 559 -7.68 9.37 -77.21
N VAL E 560 -7.76 8.35 -78.07
CA VAL E 560 -8.22 7.03 -77.62
C VAL E 560 -7.26 6.45 -76.60
N GLU E 561 -5.96 6.58 -76.84
CA GLU E 561 -4.94 6.02 -75.98
C GLU E 561 -4.70 6.83 -74.71
N GLY E 562 -5.56 7.79 -74.40
CA GLY E 562 -5.36 8.59 -73.21
C GLY E 562 -4.28 9.64 -73.33
N ILE E 563 -3.82 9.94 -74.53
CA ILE E 563 -2.84 11.00 -74.75
C ILE E 563 -3.58 12.33 -74.72
N LYS E 564 -3.03 13.29 -73.97
CA LYS E 564 -3.67 14.57 -73.74
C LYS E 564 -2.99 15.62 -74.62
N LEU E 565 -3.80 16.31 -75.42
CA LEU E 565 -3.30 17.37 -76.29
C LEU E 565 -3.51 18.71 -75.62
N ARG E 566 -2.42 19.44 -75.42
CA ARG E 566 -2.41 20.65 -74.61
C ARG E 566 -2.95 21.84 -75.39
N GLY E 567 -3.61 22.75 -74.66
CA GLY E 567 -4.27 23.87 -75.29
C GLY E 567 -4.05 25.21 -74.60
N ASP E 568 -2.88 25.41 -74.01
CA ASP E 568 -2.51 26.68 -73.41
C ASP E 568 -1.33 27.27 -74.18
N ILE E 569 -1.30 28.60 -74.29
CA ILE E 569 -0.23 29.29 -75.02
C ILE E 569 0.71 29.95 -74.02
N ASN E 570 2.01 29.75 -74.22
CA ASN E 570 3.04 30.25 -73.33
C ASN E 570 3.92 31.24 -74.08
N ILE E 571 4.17 32.39 -73.48
CA ILE E 571 4.86 33.50 -74.13
C ILE E 571 6.06 33.90 -73.29
N CYS E 572 7.14 34.31 -73.95
CA CYS E 572 8.33 34.86 -73.30
C CYS E 572 8.73 36.15 -74.01
N VAL E 573 8.96 37.20 -73.23
CA VAL E 573 9.38 38.50 -73.75
C VAL E 573 10.83 38.71 -73.33
N VAL E 574 11.69 39.02 -74.30
CA VAL E 574 13.13 39.11 -74.07
C VAL E 574 13.56 40.55 -74.31
N GLY E 575 14.23 41.12 -73.31
CA GLY E 575 14.74 42.47 -73.42
C GLY E 575 15.67 42.76 -72.27
N ASP E 576 16.45 43.83 -72.42
CA ASP E 576 17.39 44.24 -71.39
C ASP E 576 16.68 45.14 -70.39
N PRO E 577 17.33 45.47 -69.27
CA PRO E 577 16.67 46.30 -68.24
C PRO E 577 16.19 47.65 -68.74
N SER E 578 16.60 48.09 -69.92
CA SER E 578 16.14 49.36 -70.46
C SER E 578 14.71 49.30 -71.00
N THR E 579 14.28 48.15 -71.48
CA THR E 579 13.02 48.05 -72.20
C THR E 579 11.84 48.01 -71.23
N SER E 580 10.69 48.45 -71.72
CA SER E 580 9.48 48.54 -70.91
C SER E 580 8.70 47.24 -70.90
N LYS E 581 9.34 46.15 -70.47
CA LYS E 581 8.72 44.84 -70.55
C LYS E 581 7.92 44.47 -69.30
N SER E 582 8.14 45.13 -68.17
CA SER E 582 7.38 44.83 -66.97
C SER E 582 6.01 45.50 -66.94
N GLN E 583 5.79 46.54 -67.74
CA GLN E 583 4.49 47.17 -67.79
C GLN E 583 3.44 46.25 -68.41
N PHE E 584 3.84 45.42 -69.38
CA PHE E 584 2.91 44.42 -69.90
C PHE E 584 2.44 43.48 -68.79
N LEU E 585 3.35 42.98 -67.97
CA LEU E 585 2.98 42.08 -66.89
C LEU E 585 2.10 42.78 -65.86
N LYS E 586 2.44 44.01 -65.49
CA LYS E 586 1.61 44.73 -64.54
C LYS E 586 0.21 45.00 -65.09
N TYR E 587 0.09 45.18 -66.40
CA TYR E 587 -1.25 45.33 -66.98
C TYR E 587 -2.06 44.06 -66.82
N VAL E 588 -1.46 42.91 -67.10
CA VAL E 588 -2.19 41.66 -67.02
C VAL E 588 -2.57 41.31 -65.59
N VAL E 589 -1.69 41.57 -64.62
CA VAL E 589 -2.04 41.27 -63.23
C VAL E 589 -3.11 42.20 -62.69
N GLY E 590 -3.36 43.33 -63.34
CA GLY E 590 -4.43 44.22 -62.92
C GLY E 590 -5.73 43.96 -63.66
N PHE E 591 -5.65 43.30 -64.81
CA PHE E 591 -6.85 43.10 -65.64
C PHE E 591 -7.47 41.73 -65.41
N ALA E 592 -6.70 40.66 -65.65
CA ALA E 592 -7.24 39.31 -65.74
C ALA E 592 -7.83 38.83 -64.41
N PRO E 593 -8.81 37.92 -64.44
CA PRO E 593 -9.47 37.51 -63.19
C PRO E 593 -8.57 36.78 -62.21
N ARG E 594 -7.91 35.71 -62.65
CA ARG E 594 -7.06 34.89 -61.79
C ARG E 594 -5.63 34.98 -62.31
N SER E 595 -4.86 35.91 -61.74
CA SER E 595 -3.48 36.12 -62.14
C SER E 595 -2.64 36.41 -60.90
N VAL E 596 -1.37 36.05 -60.97
CA VAL E 596 -0.43 36.24 -59.86
C VAL E 596 0.87 36.77 -60.42
N TYR E 597 1.51 37.67 -59.68
CA TYR E 597 2.78 38.29 -60.06
C TYR E 597 3.85 37.83 -59.09
N THR E 598 4.91 37.21 -59.62
CA THR E 598 6.03 36.73 -58.82
C THR E 598 7.34 37.12 -59.50
N SER E 599 8.38 37.26 -58.69
CA SER E 599 9.70 37.65 -59.15
C SER E 599 10.71 36.54 -58.83
N GLY E 600 11.81 36.54 -59.58
CA GLY E 600 12.72 35.40 -59.54
C GLY E 600 13.34 35.16 -58.18
N LYS E 601 13.96 36.17 -57.57
CA LYS E 601 14.76 35.99 -56.32
C LYS E 601 13.92 36.27 -55.08
N ALA E 602 12.68 36.70 -55.21
CA ALA E 602 11.82 36.85 -54.03
C ALA E 602 10.85 35.69 -53.91
N SER E 603 11.11 34.58 -54.59
CA SER E 603 10.20 33.44 -54.62
C SER E 603 10.98 32.16 -54.34
N SER E 604 10.40 31.29 -53.54
CA SER E 604 10.96 29.98 -53.26
C SER E 604 10.11 28.90 -53.94
N ALA E 605 10.65 27.68 -53.97
CA ALA E 605 9.95 26.58 -54.62
C ALA E 605 8.63 26.27 -53.92
N ALA E 606 8.63 26.27 -52.59
CA ALA E 606 7.40 26.00 -51.86
C ALA E 606 6.34 27.07 -52.11
N GLY E 607 6.76 28.32 -52.34
CA GLY E 607 5.84 29.38 -52.64
C GLY E 607 5.28 29.36 -54.04
N LEU E 608 5.82 28.51 -54.91
CA LEU E 608 5.29 28.31 -56.25
C LEU E 608 4.40 27.07 -56.35
N THR E 609 4.86 25.93 -55.82
CA THR E 609 4.08 24.69 -55.92
C THR E 609 3.04 24.56 -54.82
N ALA E 610 3.46 24.37 -53.57
CA ALA E 610 2.52 24.15 -52.47
C ALA E 610 3.29 23.89 -51.18
N ALA E 611 2.57 23.94 -50.07
CA ALA E 611 3.12 23.67 -48.75
C ALA E 611 2.07 23.02 -47.87
N VAL E 612 2.51 22.19 -46.93
CA VAL E 612 1.62 21.41 -46.08
C VAL E 612 1.79 21.86 -44.63
N VAL E 613 0.66 22.14 -43.98
CA VAL E 613 0.63 22.57 -42.59
C VAL E 613 -0.38 21.73 -41.84
N ARG E 614 -0.21 21.62 -40.53
CA ARG E 614 -1.06 20.79 -39.70
C ARG E 614 -2.09 21.62 -38.93
N ASP E 615 -3.28 21.04 -38.76
CA ASP E 615 -4.35 21.70 -38.04
C ASP E 615 -4.13 21.57 -36.54
N GLU E 616 -4.51 22.64 -35.85
CA GLU E 616 -4.51 22.68 -34.38
C GLU E 616 -5.60 21.73 -33.91
N GLU E 617 -6.72 21.71 -34.60
CA GLU E 617 -7.81 20.82 -34.22
C GLU E 617 -7.35 19.37 -34.12
N GLY E 618 -6.35 19.01 -34.92
CA GLY E 618 -5.78 17.68 -34.85
C GLY E 618 -6.54 16.68 -35.67
N GLY E 619 -5.83 15.68 -36.20
CA GLY E 619 -6.43 14.61 -36.94
C GLY E 619 -6.32 14.69 -38.44
N ASP E 620 -5.95 15.84 -38.99
CA ASP E 620 -5.88 16.02 -40.44
C ASP E 620 -4.78 17.03 -40.75
N TYR E 621 -4.56 17.25 -42.04
CA TYR E 621 -3.59 18.22 -42.54
C TYR E 621 -4.25 19.06 -43.62
N THR E 622 -3.57 20.13 -44.01
CA THR E 622 -4.13 21.05 -44.99
C THR E 622 -3.04 21.48 -45.96
N ILE E 623 -3.43 21.66 -47.22
CA ILE E 623 -2.54 22.16 -48.25
C ILE E 623 -2.73 23.67 -48.37
N GLU E 624 -1.63 24.39 -48.56
CA GLU E 624 -1.65 25.83 -48.80
C GLU E 624 -1.16 26.11 -50.22
N ALA E 625 -1.95 26.87 -50.96
CA ALA E 625 -1.73 27.08 -52.38
C ALA E 625 -0.53 27.99 -52.63
N GLY E 626 0.11 27.78 -53.78
CA GLY E 626 1.20 28.62 -54.22
C GLY E 626 0.81 29.45 -55.42
N ALA E 627 1.79 30.06 -56.09
CA ALA E 627 1.48 30.92 -57.23
C ALA E 627 0.84 30.11 -58.36
N LEU E 628 1.35 28.92 -58.64
CA LEU E 628 0.83 28.12 -59.74
C LEU E 628 -0.58 27.59 -59.45
N MET E 629 -0.89 27.28 -58.20
CA MET E 629 -2.23 26.83 -57.87
C MET E 629 -3.24 27.98 -57.82
N LEU E 630 -2.81 29.17 -57.42
CA LEU E 630 -3.67 30.35 -57.43
C LEU E 630 -3.89 30.90 -58.82
N ALA E 631 -3.20 30.38 -59.82
CA ALA E 631 -3.40 30.78 -61.21
C ALA E 631 -3.99 29.64 -62.04
N ASP E 632 -4.71 28.72 -61.41
CA ASP E 632 -5.33 27.62 -62.13
C ASP E 632 -6.41 28.16 -63.07
N ASN E 633 -6.37 27.73 -64.32
CA ASN E 633 -7.14 28.34 -65.39
C ASN E 633 -6.96 29.86 -65.37
N GLY E 634 -5.71 30.27 -65.58
CA GLY E 634 -5.37 31.68 -65.56
C GLY E 634 -3.96 31.86 -66.07
N ILE E 635 -3.42 33.05 -65.83
CA ILE E 635 -2.10 33.43 -66.30
C ILE E 635 -1.22 33.71 -65.09
N CYS E 636 -0.08 33.04 -65.02
CA CYS E 636 0.94 33.32 -64.03
C CYS E 636 1.99 34.22 -64.65
N CYS E 637 2.32 35.30 -63.96
CA CYS E 637 3.31 36.26 -64.43
C CYS E 637 4.60 36.07 -63.65
N ILE E 638 5.70 35.89 -64.37
CA ILE E 638 7.02 35.74 -63.76
C ILE E 638 7.93 36.80 -64.37
N ASP E 639 8.46 37.67 -63.53
CA ASP E 639 9.46 38.65 -63.93
C ASP E 639 10.84 38.13 -63.60
N GLU E 640 11.80 38.42 -64.48
CA GLU E 640 13.16 37.91 -64.32
C GLU E 640 13.16 36.39 -64.29
N PHE E 641 12.78 35.78 -65.41
CA PHE E 641 12.80 34.33 -65.52
C PHE E 641 14.21 33.75 -65.48
N ASP E 642 15.23 34.56 -65.79
CA ASP E 642 16.58 34.02 -65.88
C ASP E 642 17.23 33.84 -64.51
N LYS E 643 16.67 34.46 -63.47
CA LYS E 643 17.16 34.29 -62.11
C LYS E 643 16.49 33.12 -61.39
N MET E 644 15.83 32.24 -62.13
CA MET E 644 15.20 31.06 -61.56
C MET E 644 16.23 29.95 -61.42
N ASP E 645 16.02 29.10 -60.42
CA ASP E 645 16.92 27.97 -60.19
C ASP E 645 16.49 26.76 -61.00
N ILE E 646 17.41 25.81 -61.15
CA ILE E 646 17.07 24.56 -61.83
C ILE E 646 15.96 23.83 -61.08
N SER E 647 15.99 23.88 -59.75
CA SER E 647 14.96 23.22 -58.95
C SER E 647 13.58 23.79 -59.24
N ASP E 648 13.47 25.12 -59.36
CA ASP E 648 12.20 25.72 -59.73
C ASP E 648 11.82 25.40 -61.16
N GLN E 649 12.81 25.33 -62.05
CA GLN E 649 12.52 25.13 -63.46
C GLN E 649 12.01 23.72 -63.74
N VAL E 650 12.43 22.73 -62.93
CA VAL E 650 11.95 21.33 -63.05
C VAL E 650 10.48 21.28 -62.62
N ALA E 651 10.03 22.10 -61.68
CA ALA E 651 8.62 22.19 -61.31
C ALA E 651 7.80 22.93 -62.38
N ILE E 652 8.37 24.00 -62.94
CA ILE E 652 7.67 24.70 -64.01
C ILE E 652 7.51 23.79 -65.23
N HIS E 653 8.54 22.99 -65.54
CA HIS E 653 8.42 22.04 -66.65
C HIS E 653 7.34 21.01 -66.37
N GLU E 654 7.25 20.53 -65.13
CA GLU E 654 6.18 19.59 -64.81
C GLU E 654 4.81 20.23 -65.00
N ALA E 655 4.66 21.49 -64.61
CA ALA E 655 3.39 22.18 -64.84
C ALA E 655 3.12 22.42 -66.32
N MET E 656 4.15 22.50 -67.16
CA MET E 656 3.96 22.77 -68.58
C MET E 656 3.68 21.51 -69.38
N GLU E 657 4.37 20.38 -69.20
CA GLU E 657 4.13 19.09 -69.92
C GLU E 657 2.92 18.42 -69.27
N GLN E 658 2.96 18.11 -68.00
CA GLN E 658 1.78 17.67 -67.27
C GLN E 658 1.08 18.90 -66.72
N GLN E 659 -0.15 18.72 -66.23
CA GLN E 659 -0.86 19.78 -65.54
C GLN E 659 -1.09 19.36 -64.09
N THR E 660 -0.04 18.82 -63.48
CA THR E 660 -0.11 18.30 -62.12
C THR E 660 1.10 18.78 -61.33
N ILE E 661 0.93 18.84 -60.02
CA ILE E 661 2.01 19.06 -59.06
C ILE E 661 2.00 17.91 -58.09
N SER E 662 3.16 17.32 -57.84
CA SER E 662 3.30 16.18 -56.96
C SER E 662 3.93 16.61 -55.64
N ILE E 663 3.32 16.22 -54.54
CA ILE E 663 3.77 16.56 -53.20
C ILE E 663 4.09 15.27 -52.46
N ALA E 664 5.30 15.17 -51.93
CA ALA E 664 5.69 14.05 -51.08
C ALA E 664 6.63 14.61 -50.00
N LYS E 665 6.05 14.99 -48.87
CA LYS E 665 6.81 15.53 -47.74
C LYS E 665 6.06 15.23 -46.46
N ALA E 666 6.77 14.68 -45.47
CA ALA E 666 6.21 14.40 -44.16
C ALA E 666 5.22 13.24 -44.22
N GLY E 667 5.31 12.42 -45.26
CA GLY E 667 4.43 11.28 -45.39
C GLY E 667 3.11 11.58 -46.07
N ILE E 668 2.97 12.74 -46.69
CA ILE E 668 1.74 13.13 -47.39
C ILE E 668 1.99 12.99 -48.89
N HIS E 669 1.12 12.24 -49.56
CA HIS E 669 1.12 12.14 -51.01
C HIS E 669 -0.12 12.82 -51.57
N ALA E 670 0.06 13.66 -52.59
CA ALA E 670 -1.05 14.37 -53.17
C ALA E 670 -0.71 14.83 -54.58
N THR E 671 -1.68 14.68 -55.49
CA THR E 671 -1.57 15.19 -56.84
C THR E 671 -2.52 16.36 -57.00
N LEU E 672 -2.01 17.49 -57.47
CA LEU E 672 -2.76 18.73 -57.52
C LEU E 672 -2.79 19.25 -58.95
N ASN E 673 -3.78 20.04 -59.25
CA ASN E 673 -4.01 20.51 -60.63
C ASN E 673 -3.38 21.89 -60.84
N ALA E 674 -2.58 22.05 -61.88
CA ALA E 674 -2.01 23.30 -62.33
C ALA E 674 -2.24 23.40 -63.84
N ARG E 675 -3.40 23.93 -64.22
CA ARG E 675 -3.72 24.17 -65.62
C ARG E 675 -3.61 25.68 -65.86
N THR E 676 -2.40 26.12 -66.15
CA THR E 676 -2.07 27.54 -66.13
C THR E 676 -1.18 27.89 -67.32
N SER E 677 -1.28 29.13 -67.77
CA SER E 677 -0.42 29.67 -68.81
C SER E 677 0.68 30.51 -68.18
N ILE E 678 1.81 30.60 -68.88
CA ILE E 678 3.02 31.24 -68.36
C ILE E 678 3.30 32.49 -69.18
N LEU E 679 3.36 33.63 -68.51
CA LEU E 679 3.92 34.86 -69.09
C LEU E 679 5.21 35.16 -68.35
N ALA E 680 6.30 35.27 -69.11
CA ALA E 680 7.63 35.34 -68.52
C ALA E 680 8.45 36.40 -69.24
N ALA E 681 9.23 37.14 -68.46
CA ALA E 681 10.15 38.15 -68.98
C ALA E 681 11.57 37.75 -68.61
N ALA E 682 12.46 37.74 -69.60
CA ALA E 682 13.83 37.29 -69.43
C ALA E 682 14.81 38.34 -69.92
N ASN E 683 15.89 38.50 -69.20
CA ASN E 683 16.96 39.40 -69.61
C ASN E 683 17.97 38.63 -70.46
N PRO E 684 18.51 39.22 -71.53
CA PRO E 684 19.60 38.55 -72.24
C PRO E 684 20.70 38.11 -71.29
N VAL E 685 21.54 37.16 -71.73
CA VAL E 685 22.52 36.59 -70.81
C VAL E 685 23.56 37.62 -70.41
N GLY E 686 23.96 38.48 -71.34
CA GLY E 686 24.99 39.46 -71.06
C GLY E 686 24.49 40.88 -71.03
N GLY E 687 23.32 41.09 -70.42
CA GLY E 687 22.75 42.42 -70.35
C GLY E 687 22.10 42.85 -71.64
N ARG E 688 22.86 42.84 -72.74
CA ARG E 688 22.40 43.26 -74.04
C ARG E 688 22.21 42.05 -74.95
N TYR E 689 21.43 42.24 -76.01
CA TYR E 689 21.13 41.17 -76.94
C TYR E 689 22.15 41.18 -78.07
N ASN E 690 22.76 40.04 -78.34
CA ASN E 690 23.75 39.91 -79.40
C ASN E 690 23.03 39.44 -80.67
N ARG E 691 22.95 40.31 -81.67
CA ARG E 691 22.26 39.97 -82.91
C ARG E 691 23.02 38.96 -83.74
N LYS E 692 24.29 38.70 -83.43
CA LYS E 692 25.08 37.74 -84.19
C LYS E 692 24.97 36.32 -83.67
N LEU E 693 24.42 36.13 -82.47
CA LEU E 693 24.18 34.80 -81.92
C LEU E 693 22.74 34.38 -82.19
N SER E 694 22.49 33.09 -82.03
CA SER E 694 21.15 32.56 -82.14
C SER E 694 20.37 32.85 -80.86
N LEU E 695 19.08 32.52 -80.87
CA LEU E 695 18.28 32.73 -79.67
C LEU E 695 18.80 31.88 -78.51
N ARG E 696 19.17 30.64 -78.78
CA ARG E 696 19.66 29.76 -77.72
C ARG E 696 20.93 30.32 -77.10
N GLY E 697 21.79 30.95 -77.90
CA GLY E 697 23.02 31.48 -77.37
C GLY E 697 22.82 32.65 -76.44
N ASN E 698 21.69 33.34 -76.55
CA ASN E 698 21.43 34.52 -75.75
C ASN E 698 20.66 34.24 -74.47
N LEU E 699 20.06 33.06 -74.34
CA LEU E 699 19.22 32.73 -73.20
C LEU E 699 19.91 31.70 -72.31
N ASN E 700 19.37 31.55 -71.10
CA ASN E 700 20.00 30.78 -70.03
C ASN E 700 19.07 29.68 -69.51
N MET E 701 18.20 29.17 -70.37
CA MET E 701 17.14 28.26 -69.96
C MET E 701 17.51 26.82 -70.28
N THR E 702 16.88 25.90 -69.55
CA THR E 702 17.05 24.48 -69.84
C THR E 702 16.34 24.13 -71.14
N ALA E 703 16.92 23.19 -71.89
CA ALA E 703 16.35 22.83 -73.18
C ALA E 703 14.90 22.40 -73.08
N PRO E 704 14.49 21.57 -72.11
CA PRO E 704 13.06 21.22 -72.01
C PRO E 704 12.14 22.43 -71.87
N ILE E 705 12.55 23.44 -71.12
CA ILE E 705 11.70 24.61 -70.93
C ILE E 705 11.59 25.43 -72.21
N MET E 706 12.72 25.64 -72.89
CA MET E 706 12.70 26.47 -74.10
C MET E 706 11.82 25.86 -75.18
N SER E 707 11.83 24.54 -75.30
CA SER E 707 11.12 23.90 -76.40
C SER E 707 9.62 24.17 -76.33
N ARG E 708 9.01 24.09 -75.15
CA ARG E 708 7.53 24.22 -74.94
C ARG E 708 7.03 25.67 -74.89
N PHE E 709 7.84 26.68 -75.16
CA PHE E 709 7.32 28.04 -75.28
C PHE E 709 6.86 28.25 -76.71
N ASP E 710 5.70 28.88 -76.88
CA ASP E 710 5.15 29.05 -78.22
C ASP E 710 5.80 30.23 -78.94
N LEU E 711 5.75 31.42 -78.34
CA LEU E 711 6.19 32.64 -78.98
C LEU E 711 7.32 33.27 -78.18
N PHE E 712 8.38 33.67 -78.88
CA PHE E 712 9.46 34.47 -78.32
C PHE E 712 9.43 35.84 -78.97
N PHE E 713 9.26 36.88 -78.16
CA PHE E 713 9.25 38.26 -78.64
C PHE E 713 10.50 38.96 -78.12
N VAL E 714 11.27 39.52 -79.03
CA VAL E 714 12.49 40.25 -78.68
C VAL E 714 12.25 41.73 -78.97
N ILE E 715 12.57 42.58 -78.00
CA ILE E 715 12.39 44.01 -78.11
C ILE E 715 13.77 44.62 -78.33
N LEU E 716 13.98 45.20 -79.47
CA LEU E 716 15.28 45.84 -79.81
C LEU E 716 15.02 47.33 -79.98
N ASP E 717 16.04 48.17 -79.76
CA ASP E 717 15.97 49.61 -79.82
C ASP E 717 16.40 50.12 -81.19
N ASP E 718 15.70 51.15 -81.66
CA ASP E 718 16.01 51.80 -82.93
C ASP E 718 16.11 53.30 -82.69
N CYS E 719 16.97 53.95 -83.45
CA CYS E 719 17.21 55.39 -83.32
C CYS E 719 16.56 56.09 -84.51
N ASN E 720 15.34 56.56 -84.31
CA ASN E 720 14.59 57.30 -85.33
C ASN E 720 14.01 58.55 -84.68
N GLU E 721 14.12 59.68 -85.37
CA GLU E 721 13.79 60.96 -84.75
C GLU E 721 12.28 61.13 -84.56
N LYS E 722 11.48 60.78 -85.57
CA LYS E 722 10.04 60.98 -85.47
C LYS E 722 9.44 60.11 -84.37
N ILE E 723 9.90 58.86 -84.26
CA ILE E 723 9.44 58.00 -83.18
C ILE E 723 9.80 58.59 -81.83
N ASP E 724 11.00 59.16 -81.69
CA ASP E 724 11.40 59.76 -80.43
C ASP E 724 10.51 60.95 -80.09
N THR E 725 10.19 61.78 -81.08
CA THR E 725 9.30 62.91 -80.83
C THR E 725 7.94 62.42 -80.34
N GLU E 726 7.37 61.42 -81.02
CA GLU E 726 6.07 60.90 -80.60
C GLU E 726 6.13 60.34 -79.18
N LEU E 727 7.16 59.55 -78.88
CA LEU E 727 7.29 58.92 -77.57
C LEU E 727 7.41 59.97 -76.47
N ALA E 728 8.25 60.97 -76.68
CA ALA E 728 8.41 62.02 -75.68
C ALA E 728 7.11 62.78 -75.47
N SER E 729 6.41 63.10 -76.55
CA SER E 729 5.13 63.77 -76.42
C SER E 729 4.19 62.96 -75.54
N HIS E 730 4.12 61.65 -75.80
CA HIS E 730 3.24 60.77 -75.02
C HIS E 730 3.61 60.78 -73.54
N ILE E 731 4.91 60.64 -73.25
CA ILE E 731 5.33 60.58 -71.85
C ILE E 731 5.01 61.87 -71.12
N VAL E 732 5.29 63.01 -71.75
CA VAL E 732 5.00 64.29 -71.09
C VAL E 732 3.49 64.50 -70.96
N ASP E 733 2.72 64.09 -71.97
CA ASP E 733 1.27 64.25 -71.90
C ASP E 733 0.70 63.53 -70.69
N LEU E 734 1.17 62.30 -70.45
CA LEU E 734 0.63 61.55 -69.31
C LEU E 734 0.88 62.29 -68.00
N HIS E 735 2.07 62.87 -67.82
CA HIS E 735 2.35 63.60 -66.59
C HIS E 735 1.53 64.88 -66.47
N MET E 736 1.34 65.60 -67.58
CA MET E 736 0.60 66.86 -67.50
C MET E 736 -0.91 66.63 -67.34
N LYS E 737 -1.46 65.68 -68.08
CA LYS E 737 -2.91 65.55 -68.19
C LYS E 737 -3.48 64.42 -67.34
N ARG E 738 -2.69 63.83 -66.46
CA ARG E 738 -3.13 62.71 -65.64
C ARG E 738 -3.65 61.57 -66.53
N ASP E 739 -4.91 61.18 -66.35
CA ASP E 739 -5.45 60.05 -67.09
C ASP E 739 -6.24 60.46 -68.32
N GLU E 740 -6.32 61.75 -68.62
CA GLU E 740 -7.01 62.22 -69.81
C GLU E 740 -6.02 62.29 -70.98
N ALA E 741 -5.35 61.17 -71.21
CA ALA E 741 -4.36 61.10 -72.28
C ALA E 741 -4.40 59.76 -72.99
N ILE E 742 -5.50 59.04 -72.93
CA ILE E 742 -5.55 57.65 -73.45
C ILE E 742 -6.71 57.53 -74.42
N GLU E 743 -7.93 57.76 -73.95
CA GLU E 743 -9.11 57.60 -74.79
C GLU E 743 -9.07 56.27 -75.52
N PRO E 744 -9.04 55.15 -74.81
CA PRO E 744 -9.00 53.85 -75.47
C PRO E 744 -10.33 53.53 -76.13
N PRO E 745 -10.35 52.64 -77.12
CA PRO E 745 -11.64 52.23 -77.70
C PRO E 745 -12.59 51.60 -76.69
N PHE E 746 -12.09 50.69 -75.83
CA PHE E 746 -12.94 50.00 -74.87
C PHE E 746 -12.38 50.15 -73.47
N SER E 747 -13.26 50.02 -72.49
CA SER E 747 -12.90 50.08 -71.08
C SER E 747 -12.66 48.68 -70.55
N ALA E 748 -12.11 48.61 -69.33
CA ALA E 748 -11.79 47.32 -68.74
C ALA E 748 -13.04 46.49 -68.46
N GLU E 749 -14.08 47.11 -67.90
CA GLU E 749 -15.30 46.36 -67.63
C GLU E 749 -15.94 45.87 -68.93
N GLN E 750 -15.86 46.67 -69.99
CA GLN E 750 -16.32 46.20 -71.29
C GLN E 750 -15.51 45.01 -71.78
N LEU E 751 -14.19 45.05 -71.61
CA LEU E 751 -13.33 44.03 -72.19
C LEU E 751 -13.43 42.70 -71.45
N ARG E 752 -13.59 42.72 -70.13
CA ARG E 752 -13.77 41.47 -69.39
C ARG E 752 -14.99 40.70 -69.88
N ARG E 753 -16.10 41.40 -70.11
CA ARG E 753 -17.32 40.73 -70.53
C ARG E 753 -17.14 40.06 -71.89
N TYR E 754 -16.48 40.76 -72.82
CA TYR E 754 -16.22 40.16 -74.12
C TYR E 754 -15.32 38.95 -74.02
N ILE E 755 -14.28 39.01 -73.18
CA ILE E 755 -13.41 37.85 -73.05
C ILE E 755 -14.17 36.66 -72.47
N LYS E 756 -14.98 36.90 -71.44
CA LYS E 756 -15.77 35.82 -70.87
C LYS E 756 -16.68 35.20 -71.91
N TYR E 757 -17.34 36.02 -72.71
CA TYR E 757 -18.21 35.49 -73.76
C TYR E 757 -17.41 34.70 -74.79
N ALA E 758 -16.24 35.21 -75.17
CA ALA E 758 -15.46 34.57 -76.23
C ALA E 758 -14.93 33.21 -75.81
N ARG E 759 -14.62 33.02 -74.53
CA ARG E 759 -14.02 31.75 -74.13
C ARG E 759 -14.98 30.57 -74.21
N THR E 760 -16.27 30.79 -74.44
CA THR E 760 -17.26 29.71 -74.45
C THR E 760 -17.56 29.18 -75.84
N PHE E 761 -16.70 29.43 -76.83
CA PHE E 761 -16.88 28.93 -78.19
C PHE E 761 -15.85 27.83 -78.43
N LYS E 762 -16.23 26.79 -79.16
CA LYS E 762 -15.36 25.64 -79.38
C LYS E 762 -15.16 25.43 -80.89
N PRO E 763 -14.16 26.04 -81.51
CA PRO E 763 -14.01 25.94 -82.96
C PRO E 763 -13.54 24.58 -83.43
N ILE E 764 -13.78 24.32 -84.72
CA ILE E 764 -13.36 23.09 -85.37
C ILE E 764 -12.66 23.46 -86.67
N LEU E 765 -11.81 22.55 -87.15
CA LEU E 765 -11.12 22.73 -88.42
C LEU E 765 -11.99 22.29 -89.58
N THR E 766 -11.69 22.85 -90.76
CA THR E 766 -12.43 22.61 -91.99
C THR E 766 -11.52 21.90 -92.99
N LYS E 767 -12.11 21.39 -94.07
CA LYS E 767 -11.34 20.63 -95.05
C LYS E 767 -10.38 21.51 -95.84
N GLU E 768 -10.75 22.76 -96.12
CA GLU E 768 -9.78 23.68 -96.72
C GLU E 768 -8.63 23.95 -95.78
N ALA E 769 -8.93 24.05 -94.49
CA ALA E 769 -7.90 24.38 -93.51
C ALA E 769 -6.81 23.33 -93.46
N ARG E 770 -7.19 22.06 -93.56
CA ARG E 770 -6.19 20.98 -93.49
C ARG E 770 -5.14 21.15 -94.57
N SER E 771 -5.60 21.27 -95.82
CA SER E 771 -4.69 21.35 -96.95
C SER E 771 -3.96 22.69 -97.01
N TYR E 772 -4.54 23.76 -96.46
CA TYR E 772 -3.79 25.00 -96.37
C TYR E 772 -2.67 24.89 -95.34
N LEU E 773 -2.95 24.25 -94.20
CA LEU E 773 -1.93 24.05 -93.17
C LEU E 773 -0.76 23.25 -93.72
N VAL E 774 -1.06 22.18 -94.47
CA VAL E 774 0.03 21.34 -94.95
C VAL E 774 1.02 22.16 -95.77
N GLU E 775 0.51 22.96 -96.71
CA GLU E 775 1.38 23.76 -97.57
C GLU E 775 2.08 24.88 -96.80
N LYS E 776 1.42 25.48 -95.81
CA LYS E 776 2.09 26.51 -95.03
C LYS E 776 3.26 25.93 -94.23
N TYR E 777 3.07 24.72 -93.69
CA TYR E 777 4.16 24.05 -92.99
C TYR E 777 5.31 23.75 -93.94
N LYS E 778 5.01 23.40 -95.17
CA LYS E 778 6.09 23.07 -96.14
C LYS E 778 6.74 24.38 -96.58
N GLU E 779 6.05 25.51 -96.56
CA GLU E 779 6.68 26.78 -96.87
C GLU E 779 7.65 27.19 -95.77
N LEU E 780 7.22 27.08 -94.51
CA LEU E 780 8.13 27.36 -93.41
C LEU E 780 9.37 26.49 -93.49
N ARG E 781 9.20 25.18 -93.64
CA ARG E 781 10.35 24.29 -93.58
C ARG E 781 11.32 24.60 -94.71
N LYS E 782 10.87 24.84 -95.93
CA LYS E 782 11.76 25.18 -97.07
C LYS E 782 12.42 26.54 -96.86
N ASP E 783 11.73 27.51 -96.26
CA ASP E 783 12.41 28.77 -95.97
C ASP E 783 13.47 28.63 -94.89
N ASP E 784 13.32 27.67 -93.98
CA ASP E 784 14.28 27.48 -92.91
C ASP E 784 15.54 26.75 -93.37
N ALA E 785 15.66 26.44 -94.65
CA ALA E 785 16.83 25.75 -95.16
C ALA E 785 17.28 26.36 -96.49
N SER E 791 19.04 31.68 -89.97
CA SER E 791 17.92 31.75 -89.04
C SER E 791 18.41 31.69 -87.60
N SER E 792 17.49 31.86 -86.65
CA SER E 792 17.82 31.84 -85.24
C SER E 792 17.04 30.79 -84.45
N TYR E 793 16.11 30.10 -85.08
CA TYR E 793 15.23 29.18 -84.37
C TYR E 793 14.63 28.24 -85.42
N ARG E 794 14.94 26.95 -85.32
CA ARG E 794 14.59 26.02 -86.36
C ARG E 794 13.16 25.50 -86.17
N ILE E 795 12.63 24.92 -87.24
CA ILE E 795 11.21 24.58 -87.31
C ILE E 795 11.06 23.08 -87.13
N THR E 796 10.18 22.69 -86.21
CA THR E 796 9.86 21.30 -85.94
C THR E 796 8.34 21.12 -85.98
N VAL E 797 7.90 19.90 -85.64
CA VAL E 797 6.47 19.62 -85.55
C VAL E 797 5.81 20.39 -84.43
N ARG E 798 6.58 20.72 -83.38
CA ARG E 798 6.07 21.58 -82.32
C ARG E 798 5.52 22.88 -82.88
N GLN E 799 6.17 23.44 -83.91
CA GLN E 799 5.67 24.66 -84.53
C GLN E 799 4.33 24.42 -85.23
N LEU E 800 4.13 23.24 -85.81
CA LEU E 800 2.83 22.93 -86.40
C LEU E 800 1.73 22.92 -85.33
N GLU E 801 2.01 22.28 -84.20
CA GLU E 801 1.01 22.25 -83.14
C GLU E 801 0.75 23.65 -82.59
N SER E 802 1.79 24.47 -82.46
CA SER E 802 1.60 25.85 -82.06
C SER E 802 0.75 26.61 -83.06
N MET E 803 0.96 26.34 -84.36
CA MET E 803 0.15 26.98 -85.39
C MET E 803 -1.32 26.64 -85.20
N ILE E 804 -1.64 25.38 -84.94
CA ILE E 804 -3.03 25.01 -84.72
C ILE E 804 -3.60 25.74 -83.51
N ARG E 805 -2.85 25.74 -82.39
CA ARG E 805 -3.34 26.40 -81.19
C ARG E 805 -3.63 27.87 -81.45
N LEU E 806 -2.70 28.56 -82.11
CA LEU E 806 -2.90 29.98 -82.41
C LEU E 806 -4.11 30.16 -83.31
N SER E 807 -4.37 29.22 -84.20
CA SER E 807 -5.53 29.31 -85.06
C SER E 807 -6.82 29.29 -84.25
N GLU E 808 -7.00 28.36 -83.36
CA GLU E 808 -8.18 28.33 -82.45
C GLU E 808 -8.20 29.60 -81.60
N ALA E 809 -7.06 30.19 -81.22
CA ALA E 809 -7.07 31.43 -80.45
C ALA E 809 -7.64 32.58 -81.27
N ILE E 810 -7.22 32.71 -82.53
CA ILE E 810 -7.74 33.79 -83.37
C ILE E 810 -9.21 33.57 -83.67
N ALA E 811 -9.62 32.32 -83.88
CA ALA E 811 -11.04 32.05 -84.09
C ALA E 811 -11.86 32.46 -82.89
N ARG E 812 -11.39 32.25 -81.66
CA ARG E 812 -12.10 32.71 -80.44
C ARG E 812 -12.09 34.24 -80.45
N ALA E 813 -11.00 34.86 -80.91
CA ALA E 813 -11.00 36.31 -80.96
C ALA E 813 -12.09 36.85 -81.88
N ASN E 814 -12.39 36.14 -82.97
CA ASN E 814 -13.44 36.58 -83.87
C ASN E 814 -14.84 36.10 -83.49
N CYS E 815 -14.97 35.27 -82.46
CA CYS E 815 -16.27 34.88 -81.93
C CYS E 815 -17.11 34.07 -82.91
N VAL E 816 -16.46 33.19 -83.69
CA VAL E 816 -17.17 32.30 -84.60
C VAL E 816 -16.92 30.87 -84.17
N ASP E 817 -17.50 29.90 -84.88
CA ASP E 817 -17.40 28.50 -84.48
C ASP E 817 -16.65 27.62 -85.46
N GLU E 818 -16.07 28.14 -86.53
CA GLU E 818 -15.26 27.29 -87.44
C GLU E 818 -14.06 28.09 -87.96
N ILE E 819 -12.90 27.47 -88.12
CA ILE E 819 -11.68 28.12 -88.56
C ILE E 819 -11.69 28.27 -90.07
N THR E 820 -11.22 29.41 -90.56
CA THR E 820 -11.13 29.71 -91.98
C THR E 820 -9.68 29.89 -92.41
N PRO E 821 -9.37 29.70 -93.68
CA PRO E 821 -7.97 29.89 -94.13
C PRO E 821 -7.43 31.29 -93.91
N SER E 822 -8.29 32.29 -93.75
CA SER E 822 -7.79 33.64 -93.49
C SER E 822 -7.10 33.73 -92.13
N PHE E 823 -7.63 33.04 -91.12
CA PHE E 823 -7.00 33.06 -89.81
C PHE E 823 -5.68 32.30 -89.80
N ILE E 824 -5.58 31.25 -90.61
CA ILE E 824 -4.31 30.54 -90.72
C ILE E 824 -3.24 31.48 -91.23
N ALA E 825 -3.59 32.40 -92.13
CA ALA E 825 -2.62 33.37 -92.62
C ALA E 825 -2.12 34.28 -91.50
N GLU E 826 -3.02 34.77 -90.65
CA GLU E 826 -2.58 35.62 -89.54
C GLU E 826 -1.69 34.85 -88.58
N ALA E 827 -2.06 33.61 -88.26
CA ALA E 827 -1.22 32.81 -87.37
C ALA E 827 0.17 32.61 -87.97
N TYR E 828 0.22 32.26 -89.26
CA TYR E 828 1.50 32.03 -89.92
C TYR E 828 2.34 33.30 -89.95
N ASP E 829 1.72 34.44 -90.25
CA ASP E 829 2.46 35.70 -90.28
C ASP E 829 2.98 36.07 -88.90
N LEU E 830 2.16 35.90 -87.87
CA LEU E 830 2.61 36.21 -86.52
C LEU E 830 3.82 35.37 -86.16
N LEU E 831 3.74 34.06 -86.40
CA LEU E 831 4.84 33.18 -86.05
C LEU E 831 6.09 33.53 -86.85
N ARG E 832 5.95 33.79 -88.15
CA ARG E 832 7.12 34.09 -88.97
C ARG E 832 7.76 35.40 -88.55
N GLN E 833 6.95 36.41 -88.21
CA GLN E 833 7.50 37.68 -87.77
C GLN E 833 8.22 37.54 -86.43
N SER E 834 7.73 36.67 -85.54
CA SER E 834 8.41 36.52 -84.26
C SER E 834 9.85 36.02 -84.44
N ILE E 835 10.17 35.44 -85.58
CA ILE E 835 11.51 34.91 -85.81
C ILE E 835 12.38 35.99 -86.45
N ILE E 836 13.65 36.01 -86.09
CA ILE E 836 14.58 37.03 -86.54
C ILE E 836 15.81 36.36 -87.14
N ARG E 837 16.53 37.11 -87.97
CA ARG E 837 17.65 36.59 -88.74
C ARG E 837 18.96 36.91 -88.01
N VAL E 838 19.86 35.93 -87.99
CA VAL E 838 21.15 36.11 -87.33
C VAL E 838 22.07 36.92 -88.25
N ASP E 839 22.67 37.97 -87.70
CA ASP E 839 23.57 38.81 -88.47
C ASP E 839 24.96 38.21 -88.48
N VAL E 840 25.61 38.23 -89.64
CA VAL E 840 26.94 37.68 -89.82
C VAL E 840 27.84 38.74 -90.42
N ASP E 841 29.13 38.68 -90.09
CA ASP E 841 30.08 39.66 -90.59
C ASP E 841 30.33 39.46 -92.08
N ASP E 842 30.93 40.47 -92.69
CA ASP E 842 31.23 40.45 -94.12
C ASP E 842 29.96 40.28 -94.94
N ALA F 3 20.87 8.92 18.36
CA ALA F 3 19.50 8.93 17.85
C ALA F 3 19.59 8.68 16.36
N ALA F 4 18.66 9.21 15.59
CA ALA F 4 18.80 9.13 14.14
C ALA F 4 19.65 10.31 13.71
N LEU F 5 19.75 11.36 14.50
CA LEU F 5 20.73 12.42 14.14
C LEU F 5 21.81 12.43 15.21
N PRO F 6 22.96 11.83 14.88
CA PRO F 6 24.08 11.86 15.81
C PRO F 6 24.80 13.22 15.84
N SER F 7 25.47 13.53 16.93
CA SER F 7 26.20 14.78 17.05
C SER F 7 27.69 14.53 17.14
N ILE F 8 28.47 15.53 16.72
CA ILE F 8 29.92 15.45 16.66
C ILE F 8 30.52 16.68 17.32
N GLN F 9 31.80 16.58 17.66
CA GLN F 9 32.52 17.64 18.37
C GLN F 9 33.65 18.17 17.50
N LEU F 10 33.71 19.49 17.35
CA LEU F 10 34.67 20.17 16.49
C LEU F 10 35.45 21.22 17.27
N PRO F 11 36.65 21.59 16.80
CA PRO F 11 37.50 22.54 17.56
C PRO F 11 37.24 24.00 17.20
N VAL F 12 36.00 24.44 17.41
CA VAL F 12 35.56 25.78 17.01
C VAL F 12 34.66 26.33 18.11
N ASP F 13 34.48 27.65 18.12
CA ASP F 13 33.49 28.27 19.00
C ASP F 13 33.10 29.61 18.43
N TYR F 14 31.80 29.79 18.17
CA TYR F 14 31.33 31.00 17.50
C TYR F 14 31.15 32.17 18.45
N ASN F 15 30.66 31.93 19.67
CA ASN F 15 30.57 33.02 20.64
C ASN F 15 31.95 33.58 20.96
N ASN F 16 32.98 32.73 20.90
CA ASN F 16 34.33 33.18 21.19
C ASN F 16 34.86 34.09 20.09
N LEU F 17 34.58 33.75 18.82
CA LEU F 17 35.11 34.55 17.72
C LEU F 17 34.24 35.76 17.41
N PHE F 18 32.98 35.78 17.85
CA PHE F 18 32.16 36.96 17.64
C PHE F 18 32.67 38.15 18.44
N ASN F 19 33.12 37.92 19.68
CA ASN F 19 33.73 38.99 20.46
C ASN F 19 34.98 39.53 19.77
N GLU F 20 35.75 38.64 19.15
CA GLU F 20 36.93 39.06 18.41
C GLU F 20 36.55 39.88 17.18
N ILE F 21 35.46 39.53 16.52
CA ILE F 21 34.97 40.35 15.41
C ILE F 21 34.61 41.74 15.90
N THR F 22 33.87 41.82 17.01
CA THR F 22 33.45 43.11 17.54
C THR F 22 34.66 43.95 17.93
N ASP F 23 35.63 43.35 18.61
CA ASP F 23 36.82 44.11 19.02
C ASP F 23 37.56 44.66 17.81
N PHE F 24 37.72 43.87 16.76
CA PHE F 24 38.34 44.34 15.54
C PHE F 24 37.59 45.50 14.92
N LEU F 25 36.27 45.41 14.85
CA LEU F 25 35.50 46.49 14.24
C LEU F 25 35.47 47.74 15.09
N VAL F 26 35.67 47.68 16.39
CA VAL F 26 35.63 48.85 17.31
C VAL F 26 37.03 49.01 17.88
N THR F 27 38.08 48.62 17.17
CA THR F 27 39.44 48.90 17.65
C THR F 27 40.38 49.34 16.54
N PHE F 28 40.21 48.81 15.34
CA PHE F 28 41.25 48.92 14.32
C PHE F 28 41.54 50.36 13.92
N LYS F 29 42.71 50.86 14.29
CA LYS F 29 43.24 52.13 13.78
C LYS F 29 44.48 51.81 12.97
N GLN F 30 44.42 52.06 11.66
CA GLN F 30 45.51 51.68 10.77
C GLN F 30 46.77 52.46 11.11
N ASP F 31 47.91 51.82 10.89
CA ASP F 31 49.21 52.41 11.20
C ASP F 31 49.35 53.79 10.59
N GLY F 60 40.10 59.32 13.49
CA GLY F 60 39.44 58.29 14.27
C GLY F 60 39.64 56.91 13.68
N PRO F 61 39.09 55.89 14.33
CA PRO F 61 39.28 54.53 13.85
C PRO F 61 38.79 54.34 12.42
N LYS F 62 39.53 53.53 11.67
CA LYS F 62 39.30 53.34 10.23
C LYS F 62 37.90 52.85 9.93
N TYR F 63 37.58 51.63 10.36
CA TYR F 63 36.29 51.05 10.01
C TYR F 63 35.14 51.83 10.62
N MET F 64 35.35 52.48 11.76
CA MET F 64 34.30 53.28 12.36
C MET F 64 34.13 54.64 11.69
N ALA F 65 35.08 55.04 10.83
CA ALA F 65 34.85 56.17 9.94
C ALA F 65 34.17 55.72 8.65
N MET F 66 34.56 54.56 8.13
CA MET F 66 33.80 53.96 7.04
C MET F 66 32.33 53.86 7.40
N LEU F 67 32.04 53.42 8.62
CA LEU F 67 30.67 53.28 9.08
C LEU F 67 29.97 54.62 9.27
N GLN F 68 30.69 55.65 9.69
CA GLN F 68 30.09 56.98 9.79
C GLN F 68 29.76 57.57 8.43
N LYS F 69 30.56 57.27 7.39
CA LYS F 69 30.16 57.61 6.03
C LYS F 69 28.99 56.75 5.55
N VAL F 70 28.95 55.49 5.99
CA VAL F 70 27.82 54.63 5.66
C VAL F 70 26.54 55.22 6.22
N ALA F 71 26.61 55.80 7.40
CA ALA F 71 25.41 56.32 8.05
C ALA F 71 24.73 57.39 7.20
N ASN F 72 25.51 58.34 6.68
CA ASN F 72 24.98 59.48 5.94
C ASN F 72 24.65 59.15 4.48
N ARG F 73 24.62 57.89 4.07
CA ARG F 73 24.26 57.51 2.70
C ARG F 73 25.35 57.93 1.71
N GLU F 74 26.62 57.73 2.08
CA GLU F 74 27.74 58.06 1.21
C GLU F 74 28.70 56.88 1.02
N LEU F 75 28.21 55.66 1.19
CA LEU F 75 28.97 54.47 0.83
C LEU F 75 28.01 53.29 0.77
N ASN F 76 28.19 52.43 -0.23
CA ASN F 76 27.25 51.35 -0.49
C ASN F 76 27.83 49.96 -0.28
N SER F 77 29.13 49.84 0.02
CA SER F 77 29.76 48.54 0.13
C SER F 77 30.86 48.57 1.18
N VAL F 78 30.99 47.48 1.93
CA VAL F 78 32.07 47.31 2.90
C VAL F 78 32.96 46.18 2.40
N ILE F 79 34.23 46.48 2.24
CA ILE F 79 35.22 45.50 1.78
C ILE F 79 36.09 45.15 2.98
N ILE F 80 36.02 43.91 3.42
CA ILE F 80 36.83 43.44 4.52
C ILE F 80 38.17 42.95 3.97
N ASP F 81 39.26 43.43 4.54
CA ASP F 81 40.60 43.02 4.17
C ASP F 81 41.15 42.14 5.29
N LEU F 82 41.57 40.93 4.93
CA LEU F 82 42.13 40.02 5.92
C LEU F 82 43.55 40.39 6.32
N ASP F 83 44.25 41.19 5.50
CA ASP F 83 45.54 41.71 5.94
C ASP F 83 45.38 42.63 7.15
N ASP F 84 44.17 43.16 7.37
CA ASP F 84 43.88 43.87 8.60
C ASP F 84 43.75 42.92 9.77
N ILE F 85 43.04 41.82 9.57
CA ILE F 85 42.84 40.83 10.64
C ILE F 85 44.18 40.27 11.08
N LEU F 86 45.08 40.01 10.13
CA LEU F 86 46.39 39.51 10.50
C LEU F 86 47.16 40.51 11.34
N GLN F 87 47.11 41.80 11.00
CA GLN F 87 47.82 42.78 11.81
C GLN F 87 47.24 42.86 13.21
N TYR F 88 45.91 42.78 13.33
CA TYR F 88 45.28 42.82 14.65
C TYR F 88 45.70 41.62 15.50
N GLN F 89 45.69 40.42 14.92
CA GLN F 89 46.06 39.24 15.70
C GLN F 89 47.55 39.20 16.02
N ASN F 90 48.41 39.73 15.15
CA ASN F 90 49.82 39.80 15.49
C ASN F 90 50.13 40.95 16.43
N GLU F 91 49.25 41.94 16.54
CA GLU F 91 49.32 42.91 17.62
C GLU F 91 48.87 42.34 18.96
N LYS F 92 47.93 41.41 18.95
CA LYS F 92 47.57 40.74 20.20
C LYS F 92 48.56 39.64 20.58
N PHE F 93 49.73 39.58 19.95
CA PHE F 93 50.74 38.61 20.32
C PHE F 93 52.03 39.22 20.80
N LEU F 94 52.41 40.40 20.30
CA LEU F 94 53.58 41.09 20.85
C LEU F 94 53.29 41.67 22.22
N GLN F 95 52.07 42.19 22.41
CA GLN F 95 51.67 42.68 23.71
C GLN F 95 51.39 41.54 24.69
N GLY F 96 51.26 40.31 24.19
CA GLY F 96 51.21 39.15 25.05
C GLY F 96 49.84 38.65 25.44
N THR F 97 48.76 39.24 24.94
CA THR F 97 47.38 38.74 25.23
C THR F 97 47.15 37.45 24.44
N GLN F 98 45.99 36.84 24.53
CA GLN F 98 45.58 35.66 23.78
C GLN F 98 44.67 36.06 22.62
N ALA F 99 44.44 35.13 21.71
CA ALA F 99 43.63 35.42 20.53
C ALA F 99 43.15 34.11 19.92
N ASP F 100 42.51 34.19 18.77
CA ASP F 100 42.11 32.96 18.05
C ASP F 100 42.57 33.06 16.59
N ASP F 101 42.72 31.94 15.89
CA ASP F 101 43.15 31.86 14.50
C ASP F 101 41.95 32.14 13.62
N LEU F 102 41.59 33.43 13.54
CA LEU F 102 40.39 33.82 12.82
C LEU F 102 40.58 33.73 11.31
N VAL F 103 41.81 33.90 10.83
CA VAL F 103 42.05 33.94 9.39
C VAL F 103 41.77 32.58 8.77
N SER F 104 42.25 31.49 9.38
CA SER F 104 42.04 30.17 8.81
C SER F 104 40.57 29.76 8.86
N ALA F 105 39.86 30.11 9.94
CA ALA F 105 38.44 29.83 10.01
C ALA F 105 37.66 30.64 8.97
N ILE F 106 38.06 31.88 8.73
CA ILE F 106 37.45 32.65 7.65
C ILE F 106 37.75 32.04 6.29
N GLN F 107 38.94 31.48 6.12
CA GLN F 107 39.35 30.92 4.84
C GLN F 107 38.60 29.63 4.51
N GLN F 108 38.49 28.70 5.44
CA GLN F 108 38.00 27.36 5.13
C GLN F 108 36.49 27.20 5.29
N ASN F 109 35.81 28.16 5.91
CA ASN F 109 34.36 28.06 6.06
C ASN F 109 33.70 29.42 5.83
N ALA F 110 34.06 30.09 4.73
CA ALA F 110 33.81 31.51 4.57
C ALA F 110 32.33 31.89 4.49
N ASN F 111 31.40 30.94 4.35
CA ASN F 111 30.01 31.30 4.13
C ASN F 111 29.26 31.68 5.41
N HIS F 112 29.80 31.35 6.58
CA HIS F 112 29.15 31.70 7.85
C HIS F 112 29.60 33.08 8.35
N PHE F 113 30.83 33.45 8.03
CA PHE F 113 31.38 34.67 8.58
C PHE F 113 30.80 35.90 7.92
N THR F 114 30.23 35.76 6.72
CA THR F 114 29.48 36.86 6.14
C THR F 114 28.40 37.34 7.12
N GLU F 115 27.57 36.42 7.61
CA GLU F 115 26.50 36.79 8.53
C GLU F 115 27.01 37.15 9.91
N LEU F 116 28.02 36.43 10.42
CA LEU F 116 28.59 36.83 11.70
C LEU F 116 29.04 38.29 11.67
N PHE F 117 29.83 38.66 10.66
CA PHE F 117 30.28 40.04 10.51
C PHE F 117 29.10 40.97 10.32
N CYS F 118 28.13 40.57 9.49
CA CYS F 118 27.02 41.45 9.16
C CYS F 118 26.26 41.87 10.41
N ARG F 119 25.98 40.92 11.31
CA ARG F 119 25.25 41.29 12.52
C ARG F 119 26.15 41.98 13.55
N ALA F 120 27.42 41.57 13.66
CA ALA F 120 28.32 42.30 14.54
C ALA F 120 28.37 43.77 14.17
N ILE F 121 28.29 44.09 12.88
CA ILE F 121 28.36 45.48 12.45
C ILE F 121 27.03 46.20 12.67
N ASP F 122 25.90 45.49 12.60
CA ASP F 122 24.65 46.13 12.99
C ASP F 122 24.66 46.53 14.45
N ASN F 123 25.22 45.68 15.32
CA ASN F 123 25.29 46.04 16.73
C ASN F 123 26.16 47.28 16.95
N ASN F 124 27.27 47.38 16.22
CA ASN F 124 28.15 48.55 16.28
C ASN F 124 27.86 49.45 15.09
N MET F 125 27.12 50.53 15.32
CA MET F 125 26.72 51.43 14.24
C MET F 125 26.62 52.86 14.78
N PRO F 126 27.26 53.82 14.13
CA PRO F 126 27.09 55.22 14.53
C PRO F 126 25.74 55.78 14.11
N LEU F 127 25.57 57.07 14.33
CA LEU F 127 24.30 57.74 14.09
C LEU F 127 24.33 58.53 12.78
N PRO F 128 23.18 58.74 12.15
CA PRO F 128 23.14 59.60 10.96
C PRO F 128 23.21 61.07 11.31
N THR F 129 23.82 61.85 10.43
CA THR F 129 24.01 63.29 10.63
C THR F 129 23.64 64.06 9.37
N LYS F 130 22.57 63.61 8.69
CA LYS F 130 21.99 64.37 7.61
C LYS F 130 20.50 64.09 7.51
N GLU F 131 19.68 64.99 8.07
CA GLU F 131 18.23 64.82 8.05
C GLU F 131 17.75 64.46 6.65
N ILE F 132 16.94 63.42 6.54
CA ILE F 132 16.46 62.95 5.25
C ILE F 132 15.86 64.10 4.48
N ASP F 133 16.31 64.31 3.25
CA ASP F 133 15.83 65.38 2.40
C ASP F 133 15.17 64.81 1.15
N TYR F 134 14.84 65.69 0.22
CA TYR F 134 14.17 65.31 -1.01
C TYR F 134 15.12 64.82 -2.09
N LYS F 135 16.43 64.85 -1.84
CA LYS F 135 17.43 64.37 -2.79
C LYS F 135 18.04 63.06 -2.31
N ASP F 136 17.23 62.22 -1.69
CA ASP F 136 17.67 60.93 -1.18
C ASP F 136 16.96 59.81 -1.91
N ASP F 137 17.62 58.65 -1.97
CA ASP F 137 17.14 57.54 -2.77
C ASP F 137 15.79 57.03 -2.27
N VAL F 138 15.06 56.38 -3.18
CA VAL F 138 13.76 55.82 -2.82
C VAL F 138 13.92 54.74 -1.76
N LEU F 139 14.99 53.95 -1.85
CA LEU F 139 15.23 52.87 -0.89
C LEU F 139 15.37 53.43 0.53
N ASP F 140 16.15 54.51 0.67
CA ASP F 140 16.45 55.04 1.98
C ASP F 140 15.21 55.58 2.69
N VAL F 141 14.23 56.09 1.94
CA VAL F 141 13.00 56.55 2.57
C VAL F 141 12.33 55.41 3.34
N ILE F 142 12.16 54.27 2.69
CA ILE F 142 11.53 53.12 3.35
C ILE F 142 12.39 52.57 4.46
N LEU F 143 13.71 52.48 4.25
CA LEU F 143 14.57 51.97 5.32
C LEU F 143 14.51 52.86 6.56
N ASN F 144 14.55 54.18 6.38
CA ASN F 144 14.44 55.08 7.52
C ASN F 144 13.07 54.99 8.16
N GLN F 145 12.01 54.88 7.35
CA GLN F 145 10.66 54.82 7.90
C GLN F 145 10.49 53.61 8.81
N ARG F 146 11.04 52.47 8.40
CA ARG F 146 10.79 51.25 9.15
C ARG F 146 11.43 51.26 10.53
N ARG F 147 12.55 51.97 10.74
CA ARG F 147 13.13 52.03 12.07
C ARG F 147 12.30 52.88 13.02
N LEU F 148 11.72 53.97 12.52
CA LEU F 148 10.76 54.74 13.29
C LEU F 148 9.54 53.89 13.65
N ARG F 149 9.01 53.16 12.67
CA ARG F 149 7.89 52.27 12.97
C ARG F 149 8.29 51.22 14.00
N ASN F 150 9.54 50.77 13.96
CA ASN F 150 10.03 49.84 14.96
C ASN F 150 9.95 50.44 16.35
N GLU F 151 10.66 51.54 16.57
CA GLU F 151 10.75 52.10 17.92
C GLU F 151 9.38 52.50 18.46
N ARG F 152 8.48 52.90 17.55
CA ARG F 152 7.15 53.32 17.99
C ARG F 152 6.46 52.21 18.77
N MET F 153 6.52 50.98 18.26
CA MET F 153 5.77 49.89 18.89
C MET F 153 6.37 49.50 20.24
N LEU F 154 7.69 49.53 20.38
CA LEU F 154 8.28 49.25 21.70
C LEU F 154 7.84 50.29 22.72
N SER F 155 7.90 51.57 22.35
CA SER F 155 7.41 52.60 23.28
C SER F 155 5.94 52.39 23.61
N ASP F 156 5.13 52.14 22.58
CA ASP F 156 3.69 51.91 22.75
C ASP F 156 3.42 50.81 23.76
N ARG F 157 4.06 49.67 23.58
CA ARG F 157 3.77 48.54 24.45
C ARG F 157 4.33 48.74 25.85
N THR F 158 5.46 49.44 26.00
CA THR F 158 5.91 49.75 27.35
C THR F 158 4.88 50.60 28.08
N ASN F 159 4.31 51.59 27.40
CA ASN F 159 3.24 52.38 28.02
C ASN F 159 2.05 51.51 28.39
N GLU F 160 1.61 50.65 27.46
CA GLU F 160 0.41 49.86 27.73
C GLU F 160 0.66 48.84 28.84
N ILE F 161 1.87 48.30 28.95
CA ILE F 161 2.20 47.39 30.03
C ILE F 161 2.26 48.13 31.36
N ARG F 162 2.79 49.35 31.37
CA ARG F 162 2.76 50.14 32.60
C ARG F 162 1.34 50.49 33.00
N SER F 163 0.41 50.53 32.05
CA SER F 163 -0.96 50.93 32.37
C SER F 163 -1.59 50.01 33.41
N GLU F 164 -1.57 48.68 33.18
CA GLU F 164 -2.26 47.74 34.06
C GLU F 164 -1.46 47.41 35.31
N ASN F 165 -0.21 47.84 35.40
CA ASN F 165 0.55 47.71 36.64
C ASN F 165 0.51 46.31 37.20
N LEU F 166 0.75 45.31 36.36
CA LEU F 166 0.69 43.91 36.78
C LEU F 166 1.50 43.67 38.05
N ASN F 178 12.98 47.79 35.95
CA ASN F 178 13.18 48.38 34.63
C ASN F 178 14.02 47.47 33.74
N ASP F 179 14.26 46.24 34.19
CA ASP F 179 15.03 45.27 33.42
C ASP F 179 14.15 44.18 32.81
N ALA F 180 13.35 43.50 33.62
CA ALA F 180 12.44 42.48 33.09
C ALA F 180 11.39 43.08 32.18
N LEU F 181 11.10 44.37 32.34
CA LEU F 181 10.18 45.05 31.44
C LEU F 181 10.66 44.95 30.00
N ARG F 182 11.98 45.11 29.81
CA ARG F 182 12.55 44.98 28.47
C ARG F 182 12.34 43.58 27.90
N GLU F 183 12.59 42.55 28.71
CA GLU F 183 12.46 41.18 28.22
C GLU F 183 11.01 40.83 27.93
N VAL F 184 10.08 41.41 28.69
CA VAL F 184 8.67 41.23 28.37
C VAL F 184 8.34 41.88 27.03
N VAL F 185 8.71 43.14 26.87
CA VAL F 185 8.34 43.86 25.65
C VAL F 185 8.96 43.20 24.43
N GLU F 186 10.22 42.79 24.54
CA GLU F 186 10.92 42.16 23.42
C GLU F 186 10.10 41.01 22.84
N ASP F 187 9.67 40.09 23.71
CA ASP F 187 8.95 38.90 23.27
C ASP F 187 7.52 39.21 22.86
N GLU F 188 6.88 40.18 23.51
CA GLU F 188 5.48 40.46 23.25
C GLU F 188 5.24 41.05 21.85
N THR F 189 6.26 41.63 21.21
CA THR F 189 6.07 42.46 20.03
C THR F 189 6.68 41.81 18.79
N GLU F 190 6.24 42.29 17.63
CA GLU F 190 6.69 41.82 16.32
C GLU F 190 7.37 42.99 15.60
N LEU F 191 8.59 42.79 15.16
CA LEU F 191 9.40 43.89 14.58
C LEU F 191 9.97 43.47 13.24
N PHE F 192 10.47 44.39 12.46
CA PHE F 192 11.20 44.13 11.21
C PHE F 192 12.58 43.57 11.55
N PRO F 193 12.96 42.42 10.99
CA PRO F 193 14.26 41.84 11.35
C PRO F 193 15.41 42.67 10.81
N PRO F 194 16.64 42.34 11.17
CA PRO F 194 17.79 43.15 10.74
C PRO F 194 17.93 43.29 9.23
N ASN F 195 17.64 42.21 8.49
CA ASN F 195 17.97 42.19 7.06
C ASN F 195 17.20 43.26 6.30
N LEU F 196 15.93 43.46 6.64
CA LEU F 196 15.11 44.44 5.93
C LEU F 196 15.31 45.86 6.45
N THR F 197 16.41 46.11 7.16
CA THR F 197 16.79 47.45 7.55
C THR F 197 18.25 47.75 7.28
N ARG F 198 19.01 46.81 6.73
CA ARG F 198 20.36 47.09 6.27
C ARG F 198 20.34 47.73 4.90
N ARG F 199 21.45 48.38 4.55
CA ARG F 199 21.63 48.94 3.23
C ARG F 199 23.05 48.76 2.69
N TYR F 200 23.93 48.07 3.41
CA TYR F 200 25.31 47.90 2.99
C TYR F 200 25.58 46.46 2.56
N PHE F 201 26.68 46.29 1.84
CA PHE F 201 27.12 44.99 1.36
C PHE F 201 28.46 44.68 1.99
N LEU F 202 28.81 43.40 2.05
CA LEU F 202 30.03 42.97 2.73
C LEU F 202 30.73 41.93 1.88
N TYR F 203 31.99 42.21 1.53
CA TYR F 203 32.82 41.33 0.73
C TYR F 203 34.14 41.10 1.47
N PHE F 204 34.86 40.07 1.04
CA PHE F 204 36.14 39.72 1.64
C PHE F 204 37.25 39.87 0.61
N LYS F 205 38.36 40.46 1.02
CA LYS F 205 39.50 40.68 0.15
C LYS F 205 40.59 39.68 0.50
N PRO F 206 41.10 38.91 -0.46
CA PRO F 206 41.98 37.79 -0.11
C PRO F 206 43.20 38.26 0.65
N LEU F 207 43.92 37.28 1.20
CA LEU F 207 45.13 37.57 1.96
C LEU F 207 46.28 37.81 0.98
N SER F 208 46.84 39.00 1.01
CA SER F 208 47.96 39.33 0.12
C SER F 208 49.15 38.43 0.41
N GLN F 209 49.89 38.09 -0.63
CA GLN F 209 51.12 37.34 -0.47
C GLN F 209 52.23 38.16 0.20
N ASN F 210 52.28 39.46 -0.08
CA ASN F 210 53.29 40.30 0.55
C ASN F 210 53.14 40.30 2.07
N CYS F 211 51.92 40.42 2.56
CA CYS F 211 51.69 40.43 4.00
C CYS F 211 51.94 39.06 4.62
N ALA F 212 51.64 37.99 3.91
CA ALA F 212 51.85 36.64 4.41
C ALA F 212 53.32 36.23 4.41
N ARG F 213 54.14 36.87 3.59
CA ARG F 213 55.57 36.59 3.60
C ARG F 213 56.33 37.40 4.64
N ARG F 214 55.69 38.40 5.25
CA ARG F 214 56.34 39.21 6.27
C ARG F 214 56.21 38.56 7.64
N TYR F 215 54.98 38.30 8.08
CA TYR F 215 54.76 37.66 9.38
C TYR F 215 54.95 36.15 9.34
N ARG F 216 55.50 35.60 8.25
CA ARG F 216 55.72 34.17 8.14
C ARG F 216 54.41 33.38 8.21
N LYS F 217 53.55 33.55 7.21
CA LYS F 217 52.32 32.76 7.08
C LYS F 217 52.17 32.32 5.62
N LYS F 218 51.43 31.24 5.39
CA LYS F 218 51.28 30.64 4.06
C LYS F 218 49.88 30.95 3.54
N ALA F 219 49.81 31.74 2.47
CA ALA F 219 48.54 32.28 1.99
C ALA F 219 47.93 31.34 0.96
N ILE F 220 46.99 30.51 1.40
CA ILE F 220 46.26 29.66 0.47
C ILE F 220 45.30 30.47 -0.41
N SER F 221 44.91 31.67 0.03
CA SER F 221 43.88 32.42 -0.66
C SER F 221 44.42 33.15 -1.88
N SER F 222 45.50 33.93 -1.76
CA SER F 222 46.07 34.72 -2.89
C SER F 222 46.84 33.82 -3.85
N LYS F 223 46.97 32.52 -3.62
CA LYS F 223 47.56 31.67 -4.64
C LYS F 223 46.57 31.45 -5.77
N PRO F 224 46.92 31.78 -7.02
CA PRO F 224 46.00 31.53 -8.14
C PRO F 224 45.89 30.05 -8.42
N LEU F 225 44.91 29.70 -9.26
CA LEU F 225 44.68 28.29 -9.59
C LEU F 225 44.09 28.19 -10.98
N SER F 226 44.33 27.05 -11.62
CA SER F 226 43.73 26.76 -12.92
C SER F 226 42.28 26.31 -12.72
N VAL F 227 41.67 25.83 -13.80
CA VAL F 227 40.33 25.28 -13.72
C VAL F 227 40.36 23.78 -13.45
N ARG F 228 41.37 23.09 -13.89
CA ARG F 228 41.54 21.65 -13.62
C ARG F 228 41.84 21.44 -12.14
N GLN F 229 42.60 22.30 -11.47
CA GLN F 229 43.12 22.02 -10.14
C GLN F 229 42.04 22.12 -9.06
N ILE F 230 40.85 22.61 -9.39
CA ILE F 230 39.80 22.88 -8.41
C ILE F 230 38.91 21.64 -8.34
N LYS F 231 39.07 20.86 -7.27
CA LYS F 231 38.38 19.59 -7.08
C LYS F 231 37.42 19.68 -5.90
N GLY F 232 36.84 18.54 -5.53
CA GLY F 232 35.89 18.47 -4.44
C GLY F 232 36.46 18.82 -3.08
N ASP F 233 37.78 18.77 -2.92
CA ASP F 233 38.40 19.17 -1.67
C ASP F 233 38.27 20.67 -1.40
N PHE F 234 37.94 21.45 -2.43
CA PHE F 234 38.00 22.91 -2.36
C PHE F 234 36.63 23.55 -2.14
N LEU F 235 35.60 22.76 -1.86
CA LEU F 235 34.25 23.29 -1.70
C LEU F 235 34.10 23.93 -0.33
N GLY F 236 33.55 25.14 -0.31
CA GLY F 236 33.37 25.88 0.92
C GLY F 236 34.55 26.69 1.38
N GLN F 237 35.53 26.93 0.51
CA GLN F 237 36.75 27.64 0.86
C GLN F 237 36.79 28.98 0.11
N LEU F 238 37.75 29.82 0.51
CA LEU F 238 38.02 31.09 -0.15
C LEU F 238 39.24 30.91 -1.04
N ILE F 239 39.06 31.02 -2.34
CA ILE F 239 40.10 30.71 -3.32
C ILE F 239 40.15 31.80 -4.39
N THR F 240 41.29 31.87 -5.07
CA THR F 240 41.51 32.79 -6.17
C THR F 240 41.81 31.99 -7.44
N VAL F 241 41.37 32.52 -8.58
CA VAL F 241 41.50 31.84 -9.86
C VAL F 241 42.20 32.75 -10.85
N ARG F 242 42.75 32.15 -11.89
CA ARG F 242 43.36 32.87 -13.01
C ARG F 242 42.80 32.29 -14.31
N GLY F 243 42.25 33.15 -15.16
CA GLY F 243 41.65 32.70 -16.39
C GLY F 243 41.33 33.85 -17.32
N ILE F 244 40.56 33.56 -18.35
CA ILE F 244 40.16 34.55 -19.34
C ILE F 244 38.64 34.47 -19.49
N ILE F 245 38.00 35.64 -19.60
CA ILE F 245 36.55 35.73 -19.58
C ILE F 245 36.03 35.54 -21.00
N THR F 246 35.07 34.63 -21.15
CA THR F 246 34.51 34.29 -22.45
C THR F 246 33.12 34.88 -22.68
N ARG F 247 32.27 34.92 -21.65
CA ARG F 247 30.94 35.48 -21.80
C ARG F 247 30.52 36.13 -20.49
N VAL F 248 29.76 37.22 -20.61
CA VAL F 248 29.22 37.95 -19.47
C VAL F 248 27.75 38.26 -19.76
N SER F 249 26.88 38.02 -18.78
CA SER F 249 25.46 38.24 -18.97
C SER F 249 25.05 39.63 -18.49
N ASP F 250 23.88 40.06 -18.95
CA ASP F 250 23.35 41.36 -18.57
C ASP F 250 23.02 41.40 -17.08
N VAL F 251 22.55 42.55 -16.63
CA VAL F 251 22.16 42.72 -15.23
C VAL F 251 20.65 42.61 -15.13
N LYS F 252 20.19 41.68 -14.30
CA LYS F 252 18.78 41.46 -14.06
C LYS F 252 18.54 41.29 -12.57
N PRO F 253 17.33 41.57 -12.09
CA PRO F 253 17.07 41.46 -10.65
C PRO F 253 16.87 40.02 -10.20
N ALA F 254 17.42 39.71 -9.03
CA ALA F 254 17.25 38.40 -8.40
C ALA F 254 16.55 38.60 -7.07
N VAL F 255 15.45 37.88 -6.88
CA VAL F 255 14.62 38.07 -5.70
C VAL F 255 15.16 37.23 -4.55
N GLU F 256 15.25 37.85 -3.38
CA GLU F 256 15.76 37.22 -2.17
C GLU F 256 14.70 37.11 -1.08
N VAL F 257 13.83 38.11 -0.95
CA VAL F 257 12.72 38.10 -0.01
C VAL F 257 11.55 38.81 -0.67
N ILE F 258 10.41 38.15 -0.75
CA ILE F 258 9.22 38.72 -1.37
C ILE F 258 8.32 39.30 -0.28
N ALA F 259 7.67 40.41 -0.60
CA ALA F 259 6.84 41.14 0.35
C ALA F 259 5.38 41.06 -0.07
N TYR F 260 4.51 40.88 0.92
CA TYR F 260 3.07 40.76 0.70
C TYR F 260 2.34 41.70 1.66
N THR F 261 1.14 42.12 1.25
CA THR F 261 0.31 43.00 2.07
C THR F 261 -1.09 42.42 2.17
N CYS F 262 -1.59 42.28 3.40
CA CYS F 262 -2.94 41.78 3.72
C CYS F 262 -3.88 42.96 4.02
N ASP F 263 -4.99 43.09 3.30
CA ASP F 263 -5.98 44.13 3.55
C ASP F 263 -6.84 43.86 4.78
N GLN F 264 -6.94 42.65 5.28
CA GLN F 264 -7.84 42.32 6.39
C GLN F 264 -7.17 42.76 7.69
N CYS F 265 -5.90 42.47 7.90
CA CYS F 265 -5.18 42.74 9.18
C CYS F 265 -4.28 43.97 9.11
N GLY F 266 -3.58 44.19 8.01
CA GLY F 266 -2.65 45.29 7.86
C GLY F 266 -1.24 44.92 8.31
N TYR F 267 -0.83 43.68 8.16
CA TYR F 267 0.51 43.19 8.56
C TYR F 267 1.32 43.13 7.27
N GLU F 268 2.49 42.54 7.24
CA GLU F 268 3.36 42.40 6.08
C GLU F 268 4.11 41.07 6.21
N VAL F 269 3.94 40.21 5.21
CA VAL F 269 4.49 38.85 5.22
C VAL F 269 5.71 38.83 4.31
N PHE F 270 6.78 38.21 4.79
CA PHE F 270 8.07 38.19 4.09
C PHE F 270 8.49 36.75 3.83
N GLN F 271 8.57 36.39 2.56
CA GLN F 271 8.88 35.04 2.12
C GLN F 271 10.32 34.97 1.61
N GLU F 272 11.05 33.96 2.05
CA GLU F 272 12.46 33.80 1.68
C GLU F 272 12.58 32.88 0.48
N VAL F 273 13.48 33.24 -0.43
CA VAL F 273 13.73 32.49 -1.66
C VAL F 273 15.21 32.21 -1.76
N ASN F 274 15.58 30.96 -1.95
CA ASN F 274 16.96 30.57 -2.20
C ASN F 274 17.10 29.48 -3.26
N SER F 275 16.08 29.27 -4.08
CA SER F 275 16.08 28.32 -5.18
C SER F 275 16.04 29.09 -6.50
N ARG F 276 16.11 28.34 -7.61
CA ARG F 276 15.89 28.93 -8.92
C ARG F 276 14.43 28.96 -9.34
N THR F 277 13.58 28.18 -8.69
CA THR F 277 12.11 28.28 -8.87
C THR F 277 11.48 28.32 -7.46
N PHE F 278 10.39 29.07 -7.24
CA PHE F 278 9.69 29.14 -5.97
C PHE F 278 8.18 29.15 -6.23
N THR F 279 7.41 28.95 -5.15
CA THR F 279 5.97 28.96 -5.22
C THR F 279 5.41 30.11 -4.40
N PRO F 280 4.62 31.01 -4.99
CA PRO F 280 4.12 32.15 -4.23
C PRO F 280 3.07 31.74 -3.21
N LEU F 281 3.01 32.52 -2.12
CA LEU F 281 2.00 32.29 -1.09
C LEU F 281 0.63 32.75 -1.57
N SER F 282 -0.41 32.17 -0.98
CA SER F 282 -1.78 32.53 -1.31
C SER F 282 -2.55 33.15 -0.15
N GLU F 283 -2.58 32.49 1.00
CA GLU F 283 -3.35 32.95 2.15
C GLU F 283 -2.44 33.64 3.16
N CYS F 284 -3.09 34.34 4.08
CA CYS F 284 -2.36 35.10 5.12
C CYS F 284 -1.79 34.20 6.20
N THR F 285 -0.61 34.55 6.70
CA THR F 285 0.07 33.76 7.74
C THR F 285 0.30 34.69 8.94
N SER F 286 -0.41 35.78 9.07
CA SER F 286 -0.26 36.74 10.20
C SER F 286 -0.79 36.08 11.44
N GLU F 287 -0.55 36.59 12.61
CA GLU F 287 -1.13 36.11 13.85
C GLU F 287 -2.64 36.33 13.88
N GLU F 288 -3.08 37.55 13.57
CA GLU F 288 -4.50 37.85 13.59
C GLU F 288 -5.26 36.98 12.62
N CYS F 289 -4.81 36.89 11.38
CA CYS F 289 -5.52 36.13 10.35
C CYS F 289 -5.38 34.67 10.78
N SER F 290 -4.24 34.22 11.27
CA SER F 290 -4.07 32.83 11.69
C SER F 290 -5.09 32.45 12.75
N GLN F 291 -5.48 33.38 13.62
CA GLN F 291 -6.47 33.09 14.65
C GLN F 291 -7.90 33.15 14.10
N ASN F 292 -8.30 34.32 13.60
CA ASN F 292 -9.67 34.49 13.14
C ASN F 292 -9.97 33.56 11.97
N GLN F 293 -11.23 33.14 11.86
CA GLN F 293 -11.62 32.28 10.75
C GLN F 293 -11.46 33.00 9.42
N THR F 294 -11.89 34.26 9.35
CA THR F 294 -11.73 35.05 8.14
C THR F 294 -10.25 35.36 7.93
N LYS F 295 -9.69 34.88 6.83
CA LYS F 295 -8.28 35.08 6.51
C LYS F 295 -8.18 35.84 5.19
N GLY F 296 -7.39 36.88 5.19
CA GLY F 296 -7.29 37.77 4.03
C GLY F 296 -6.48 37.19 2.92
N GLN F 297 -6.46 37.83 1.78
CA GLN F 297 -5.76 37.37 0.58
C GLN F 297 -4.52 38.22 0.36
N LEU F 298 -3.46 37.59 -0.15
CA LEU F 298 -2.17 38.24 -0.29
C LEU F 298 -1.99 38.83 -1.68
N PHE F 299 -1.31 39.96 -1.75
CA PHE F 299 -0.90 40.57 -3.01
C PHE F 299 0.55 41.01 -2.91
N MET F 300 1.27 40.95 -4.04
CA MET F 300 2.68 41.27 -4.07
C MET F 300 2.91 42.77 -4.19
N SER F 301 3.80 43.28 -3.35
CA SER F 301 4.22 44.68 -3.38
C SER F 301 5.66 44.71 -3.88
N THR F 302 5.84 45.15 -5.13
CA THR F 302 7.16 45.07 -5.76
C THR F 302 8.19 45.93 -5.04
N ARG F 303 7.79 47.10 -4.55
CA ARG F 303 8.77 48.06 -4.04
C ARG F 303 9.41 47.57 -2.74
N ALA F 304 8.64 46.93 -1.86
CA ALA F 304 9.19 46.52 -0.58
C ALA F 304 10.13 45.33 -0.69
N SER F 305 10.03 44.57 -1.76
CA SER F 305 10.73 43.30 -1.85
C SER F 305 12.23 43.48 -1.74
N LYS F 306 12.93 42.36 -1.55
CA LYS F 306 14.39 42.33 -1.46
C LYS F 306 14.93 41.86 -2.81
N PHE F 307 15.73 42.70 -3.46
CA PHE F 307 16.26 42.43 -4.78
C PHE F 307 17.77 42.59 -4.78
N SER F 308 18.43 41.83 -5.64
CA SER F 308 19.88 41.88 -5.79
C SER F 308 20.22 41.92 -7.27
N ALA F 309 21.38 42.50 -7.58
CA ALA F 309 21.89 42.58 -8.93
C ALA F 309 22.71 41.34 -9.23
N PHE F 310 22.42 40.68 -10.34
CA PHE F 310 22.94 39.35 -10.64
C PHE F 310 23.60 39.30 -12.00
N GLN F 311 24.78 38.67 -12.07
CA GLN F 311 25.49 38.44 -13.33
C GLN F 311 26.22 37.11 -13.24
N GLU F 312 26.41 36.46 -14.38
CA GLU F 312 27.01 35.13 -14.46
C GLU F 312 28.05 35.09 -15.56
N CYS F 313 29.26 34.66 -15.22
CA CYS F 313 30.41 34.77 -16.11
C CYS F 313 31.06 33.40 -16.28
N LYS F 314 31.60 33.18 -17.48
CA LYS F 314 32.32 31.96 -17.82
C LYS F 314 33.80 32.28 -17.96
N ILE F 315 34.64 31.46 -17.36
CA ILE F 315 36.08 31.69 -17.33
C ILE F 315 36.78 30.45 -17.86
N GLN F 316 37.82 30.68 -18.66
CA GLN F 316 38.50 29.63 -19.42
C GLN F 316 39.98 29.65 -19.09
N GLU F 317 40.64 28.52 -19.33
CA GLU F 317 42.05 28.37 -18.99
C GLU F 317 42.94 29.18 -19.92
N LEU F 318 44.07 29.62 -19.38
CA LEU F 318 45.11 30.22 -20.22
C LEU F 318 45.86 29.14 -20.98
N SER F 319 46.47 29.55 -22.10
CA SER F 319 47.17 28.61 -22.94
C SER F 319 48.36 27.97 -22.22
N GLN F 320 49.03 28.73 -21.36
CA GLN F 320 50.23 28.22 -20.71
C GLN F 320 49.93 27.27 -19.56
N GLN F 321 48.67 27.05 -19.22
CA GLN F 321 48.30 26.14 -18.15
C GLN F 321 47.75 24.80 -18.63
N VAL F 322 47.37 24.69 -19.89
CA VAL F 322 46.77 23.45 -20.39
C VAL F 322 47.85 22.38 -20.54
N PRO F 323 47.62 21.15 -20.08
CA PRO F 323 48.62 20.10 -20.28
C PRO F 323 48.89 19.86 -21.75
N VAL F 324 49.89 19.01 -22.01
CA VAL F 324 50.24 18.70 -23.39
C VAL F 324 49.18 17.79 -23.98
N GLY F 325 48.53 18.24 -25.05
CA GLY F 325 47.62 17.42 -25.83
C GLY F 325 46.15 17.56 -25.48
N HIS F 326 45.82 18.22 -24.37
CA HIS F 326 44.44 18.37 -23.93
C HIS F 326 43.86 19.70 -24.38
N ILE F 327 42.56 19.86 -24.16
CA ILE F 327 41.83 21.06 -24.54
C ILE F 327 41.56 21.87 -23.27
N PRO F 328 41.51 23.20 -23.33
CA PRO F 328 41.22 23.98 -22.11
C PRO F 328 39.79 23.78 -21.61
N ARG F 329 39.63 23.84 -20.29
CA ARG F 329 38.34 23.65 -19.58
C ARG F 329 37.76 24.99 -19.10
N SER F 330 36.58 25.03 -18.50
CA SER F 330 35.80 26.22 -18.17
C SER F 330 35.25 26.12 -16.75
N LEU F 331 34.63 27.22 -16.31
CA LEU F 331 34.07 27.32 -14.96
C LEU F 331 33.09 28.48 -14.90
N ASN F 332 32.21 28.46 -13.90
CA ASN F 332 31.14 29.45 -13.74
C ASN F 332 31.41 30.34 -12.55
N ILE F 333 31.12 31.64 -12.69
CA ILE F 333 31.32 32.63 -11.64
C ILE F 333 30.03 33.43 -11.48
N HIS F 334 29.68 33.73 -10.22
CA HIS F 334 28.50 34.53 -9.90
C HIS F 334 28.93 35.83 -9.24
N VAL F 335 28.15 36.89 -9.48
CA VAL F 335 28.45 38.23 -8.99
C VAL F 335 27.18 38.84 -8.45
N ASN F 336 27.26 39.45 -7.27
CA ASN F 336 26.11 40.09 -6.64
C ASN F 336 26.52 41.42 -6.02
N GLY F 337 25.57 42.36 -5.99
CA GLY F 337 25.76 43.61 -5.28
C GLY F 337 26.34 44.69 -6.16
N THR F 338 27.30 45.45 -5.60
CA THR F 338 27.95 46.53 -6.33
C THR F 338 29.20 46.07 -7.08
N LEU F 339 29.38 44.76 -7.22
CA LEU F 339 30.49 44.20 -7.96
C LEU F 339 30.10 43.84 -9.40
N VAL F 340 28.91 44.23 -9.85
CA VAL F 340 28.46 43.93 -11.20
C VAL F 340 29.03 44.96 -12.17
N ARG F 341 29.07 44.57 -13.45
CA ARG F 341 29.59 45.42 -14.52
C ARG F 341 31.09 45.71 -14.36
N SER F 342 31.82 44.79 -13.73
CA SER F 342 33.26 44.94 -13.54
C SER F 342 34.08 44.03 -14.43
N LEU F 343 33.53 42.90 -14.85
CA LEU F 343 34.19 41.99 -15.78
C LEU F 343 33.60 42.18 -17.16
N SER F 344 34.46 42.24 -18.17
CA SER F 344 34.02 42.33 -19.55
C SER F 344 34.66 41.23 -20.38
N PRO F 345 34.05 40.81 -21.48
CA PRO F 345 34.60 39.72 -22.27
C PRO F 345 36.00 40.04 -22.79
N GLY F 346 36.87 39.05 -22.75
CA GLY F 346 38.22 39.18 -23.25
C GLY F 346 39.25 39.68 -22.26
N ASP F 347 38.97 39.61 -20.96
CA ASP F 347 39.88 40.10 -19.93
C ASP F 347 40.64 38.95 -19.28
N ILE F 348 41.87 39.20 -18.90
CA ILE F 348 42.64 38.31 -18.04
C ILE F 348 42.59 38.86 -16.62
N VAL F 349 42.11 38.04 -15.69
CA VAL F 349 41.76 38.51 -14.35
C VAL F 349 42.20 37.48 -13.31
N ASP F 350 42.17 37.90 -12.05
CA ASP F 350 42.27 37.03 -10.89
C ASP F 350 41.07 37.33 -10.00
N VAL F 351 40.23 36.32 -9.77
CA VAL F 351 38.95 36.49 -9.10
C VAL F 351 39.02 35.77 -7.75
N THR F 352 38.63 36.48 -6.69
CA THR F 352 38.50 35.87 -5.36
C THR F 352 37.04 35.48 -5.16
N GLY F 353 36.79 34.23 -4.78
CA GLY F 353 35.44 33.75 -4.60
C GLY F 353 35.35 32.63 -3.59
N ILE F 354 34.12 32.24 -3.30
CA ILE F 354 33.80 31.15 -2.38
C ILE F 354 33.22 30.01 -3.21
N PHE F 355 33.79 28.82 -3.08
CA PHE F 355 33.46 27.69 -3.94
C PHE F 355 32.32 26.89 -3.31
N LEU F 356 31.15 26.91 -3.95
CA LEU F 356 29.94 26.37 -3.34
C LEU F 356 29.20 25.47 -4.32
N PRO F 357 28.46 24.47 -3.81
CA PRO F 357 27.78 23.51 -4.67
C PRO F 357 26.35 23.91 -5.03
N ALA F 358 25.86 23.29 -6.09
CA ALA F 358 24.52 23.51 -6.61
C ALA F 358 23.90 22.18 -6.99
N PRO F 359 22.58 22.12 -7.12
CA PRO F 359 21.94 20.85 -7.46
C PRO F 359 22.27 20.37 -8.87
N TYR F 360 22.20 19.05 -9.04
CA TYR F 360 22.60 18.38 -10.27
C TYR F 360 21.62 18.68 -11.40
N THR F 361 22.17 18.84 -12.62
CA THR F 361 21.38 19.23 -13.78
C THR F 361 21.63 18.35 -15.00
N GLY F 362 22.17 17.15 -14.82
CA GLY F 362 22.44 16.25 -15.92
C GLY F 362 21.28 15.31 -16.21
N PHE F 363 21.59 14.20 -16.87
CA PHE F 363 20.59 13.19 -17.23
C PHE F 363 20.28 12.31 -16.03
N LYS F 364 18.99 11.96 -15.87
CA LYS F 364 18.61 11.12 -14.74
C LYS F 364 19.22 9.73 -14.85
N ALA F 365 19.24 9.16 -16.06
CA ALA F 365 19.70 7.79 -16.21
C ALA F 365 21.17 7.64 -15.83
N LEU F 366 21.94 8.74 -15.84
CA LEU F 366 23.36 8.70 -15.54
C LEU F 366 23.67 9.22 -14.14
N LYS F 367 22.71 9.15 -13.22
CA LYS F 367 22.87 9.66 -11.86
C LYS F 367 23.16 8.49 -10.93
N ALA F 368 24.25 8.61 -10.16
CA ALA F 368 24.65 7.59 -9.21
C ALA F 368 25.09 8.31 -7.92
N GLY F 369 24.18 8.41 -6.97
CA GLY F 369 24.46 9.03 -5.70
C GLY F 369 23.94 10.45 -5.64
N LEU F 370 24.51 11.22 -4.72
CA LEU F 370 24.16 12.64 -4.56
C LEU F 370 25.23 13.48 -5.25
N LEU F 371 25.11 13.56 -6.57
CA LEU F 371 26.02 14.33 -7.40
C LEU F 371 25.59 15.80 -7.39
N THR F 372 26.57 16.69 -7.48
CA THR F 372 26.33 18.12 -7.43
C THR F 372 27.20 18.84 -8.45
N GLU F 373 26.84 20.09 -8.75
CA GLU F 373 27.56 20.99 -9.68
C GLU F 373 28.25 22.07 -8.82
N THR F 374 29.23 22.80 -9.31
CA THR F 374 30.02 23.80 -8.60
C THR F 374 29.91 25.17 -9.28
N TYR F 375 30.00 26.22 -8.46
CA TYR F 375 30.04 27.58 -8.96
C TYR F 375 30.84 28.43 -7.97
N LEU F 376 31.24 29.62 -8.42
CA LEU F 376 32.12 30.49 -7.66
C LEU F 376 31.40 31.80 -7.36
N GLU F 377 31.55 32.29 -6.13
CA GLU F 377 30.85 33.48 -5.66
C GLU F 377 31.84 34.63 -5.52
N ALA F 378 31.73 35.62 -6.40
CA ALA F 378 32.78 36.63 -6.54
C ALA F 378 32.80 37.58 -5.34
N GLN F 379 34.02 37.95 -4.94
CA GLN F 379 34.24 38.91 -3.86
C GLN F 379 35.25 40.01 -4.18
N PHE F 380 36.19 39.79 -5.09
CA PHE F 380 37.23 40.79 -5.37
C PHE F 380 37.89 40.46 -6.70
N VAL F 381 37.96 41.43 -7.60
CA VAL F 381 38.44 41.22 -8.96
C VAL F 381 39.73 42.01 -9.16
N ARG F 382 40.74 41.37 -9.74
CA ARG F 382 41.96 42.03 -10.17
C ARG F 382 42.15 41.83 -11.67
N GLN F 383 42.62 42.87 -12.34
CA GLN F 383 42.88 42.85 -13.77
C GLN F 383 44.37 43.09 -13.99
N HIS F 384 44.98 42.29 -14.87
CA HIS F 384 46.41 42.39 -15.09
C HIS F 384 46.81 43.59 -15.94
N LYS F 385 45.90 44.17 -16.69
CA LYS F 385 46.15 45.36 -17.50
C LYS F 385 45.09 46.39 -17.17
N LYS F 386 45.48 47.49 -16.55
CA LYS F 386 44.52 48.48 -16.11
C LYS F 386 44.05 49.32 -17.30
N LYS F 387 42.74 49.52 -17.38
CA LYS F 387 42.17 50.28 -18.49
C LYS F 387 42.47 51.76 -18.36
N PHE F 388 42.47 52.44 -19.50
CA PHE F 388 42.79 53.87 -19.55
C PHE F 388 41.65 54.73 -19.03
N ALA F 389 40.41 54.26 -19.11
CA ALA F 389 39.27 55.05 -18.64
C ALA F 389 39.36 55.29 -17.14
N SER F 390 39.82 54.29 -16.39
CA SER F 390 39.84 54.39 -14.93
C SER F 390 40.79 55.45 -14.44
N PHE F 391 41.68 55.96 -15.29
CA PHE F 391 42.79 56.79 -14.82
C PHE F 391 42.29 57.95 -13.97
N SER F 392 42.75 57.97 -12.72
CA SER F 392 42.51 59.09 -11.82
C SER F 392 43.86 59.48 -11.21
N LEU F 393 44.22 60.75 -11.33
CA LEU F 393 45.57 61.16 -10.98
C LEU F 393 45.74 61.29 -9.47
N THR F 394 46.26 60.25 -8.83
CA THR F 394 46.57 60.28 -7.41
C THR F 394 48.03 60.71 -7.23
N SER F 395 48.64 60.48 -6.05
CA SER F 395 50.00 61.01 -5.72
C SER F 395 51.11 60.01 -6.05
N ASP F 396 50.86 58.72 -6.12
CA ASP F 396 51.93 57.79 -6.56
C ASP F 396 51.95 57.79 -8.09
N VAL F 397 50.84 58.07 -8.79
CA VAL F 397 50.92 58.18 -10.28
C VAL F 397 51.75 59.44 -10.53
N GLU F 398 51.56 60.48 -9.73
CA GLU F 398 52.37 61.70 -9.81
C GLU F 398 53.84 61.34 -9.65
N GLU F 399 54.18 60.58 -8.64
CA GLU F 399 55.59 60.27 -8.32
C GLU F 399 56.33 59.64 -9.50
N ARG F 400 55.80 58.58 -10.09
CA ARG F 400 56.53 57.84 -11.13
C ARG F 400 56.43 58.53 -12.50
N VAL F 401 55.31 59.13 -12.88
CA VAL F 401 55.24 59.94 -14.13
C VAL F 401 56.13 61.18 -13.92
N MET F 402 56.31 61.73 -12.71
CA MET F 402 57.25 62.88 -12.44
C MET F 402 58.72 62.43 -12.55
N GLU F 403 59.10 61.20 -12.21
CA GLU F 403 60.47 60.69 -12.48
C GLU F 403 60.64 60.43 -13.97
N LEU F 404 59.62 59.92 -14.65
CA LEU F 404 59.78 59.53 -16.07
C LEU F 404 60.15 60.81 -16.78
N ILE F 405 59.47 61.89 -16.47
CA ILE F 405 59.75 63.07 -17.27
C ILE F 405 61.09 63.68 -16.89
N THR F 406 61.55 63.57 -15.65
CA THR F 406 62.80 64.27 -15.20
C THR F 406 64.01 63.74 -15.96
N SER F 407 63.92 62.57 -16.57
CA SER F 407 65.05 62.07 -17.34
C SER F 407 64.94 62.40 -18.83
N GLY F 408 63.89 63.08 -19.26
CA GLY F 408 63.79 63.58 -20.62
C GLY F 408 63.91 62.51 -21.68
N ASP F 409 63.92 62.91 -22.95
CA ASP F 409 64.12 61.98 -24.05
C ASP F 409 63.00 60.95 -24.14
N VAL F 410 61.79 61.35 -23.74
CA VAL F 410 60.72 60.38 -23.55
C VAL F 410 60.36 59.71 -24.87
N TYR F 411 60.34 60.46 -25.97
CA TYR F 411 59.89 59.90 -27.24
C TYR F 411 60.76 58.72 -27.65
N ASN F 412 62.09 58.92 -27.70
CA ASN F 412 62.99 57.83 -28.06
C ASN F 412 63.00 56.74 -26.98
N ARG F 413 62.95 57.16 -25.71
CA ARG F 413 63.01 56.19 -24.62
C ARG F 413 61.87 55.18 -24.72
N LEU F 414 60.66 55.66 -24.98
CA LEU F 414 59.51 54.78 -25.10
C LEU F 414 59.32 54.21 -26.50
N ALA F 415 60.02 54.74 -27.51
CA ALA F 415 60.03 54.09 -28.82
C ALA F 415 60.93 52.87 -28.86
N LYS F 416 62.08 52.91 -28.19
CA LYS F 416 62.94 51.74 -28.10
C LYS F 416 62.47 50.73 -27.06
N SER F 417 61.52 51.06 -26.19
CA SER F 417 60.91 50.15 -25.17
C SER F 417 59.81 49.26 -25.78
N ILE F 418 59.61 49.23 -27.11
CA ILE F 418 58.71 48.27 -27.75
C ILE F 418 59.56 47.14 -28.31
N ALA F 419 59.42 45.94 -27.75
CA ALA F 419 60.12 44.77 -28.25
C ALA F 419 61.62 44.99 -28.29
N PRO F 420 62.28 45.16 -27.14
CA PRO F 420 63.73 45.41 -27.14
C PRO F 420 64.58 44.22 -27.57
N GLU F 421 63.97 43.12 -28.01
CA GLU F 421 64.71 42.01 -28.57
C GLU F 421 64.74 42.01 -30.10
N ILE F 422 63.99 42.90 -30.74
CA ILE F 422 63.98 43.00 -32.20
C ILE F 422 64.98 44.08 -32.60
N TYR F 423 65.96 43.71 -33.41
CA TYR F 423 66.99 44.67 -33.81
C TYR F 423 66.43 45.67 -34.82
N GLY F 424 66.91 46.91 -34.74
CA GLY F 424 66.61 47.90 -35.75
C GLY F 424 65.16 48.33 -35.74
N ASN F 425 64.78 48.98 -36.84
CA ASN F 425 63.40 49.41 -37.06
C ASN F 425 62.97 50.45 -36.02
N LEU F 426 63.74 51.52 -35.86
CA LEU F 426 63.34 52.56 -34.90
C LEU F 426 62.18 53.40 -35.42
N ASP F 427 62.16 53.62 -36.75
CA ASP F 427 61.12 54.52 -37.34
C ASP F 427 59.78 53.79 -37.26
N VAL F 428 59.73 52.48 -37.42
CA VAL F 428 58.50 51.70 -37.30
C VAL F 428 57.97 51.78 -35.87
N LYS F 429 58.86 51.69 -34.89
CA LYS F 429 58.45 51.75 -33.49
C LYS F 429 58.01 53.15 -33.08
N LYS F 430 58.61 54.18 -33.67
CA LYS F 430 58.13 55.54 -33.44
C LYS F 430 56.70 55.70 -33.94
N ALA F 431 56.40 55.14 -35.11
CA ALA F 431 55.01 55.16 -35.59
C ALA F 431 54.09 54.32 -34.70
N LEU F 432 54.59 53.18 -34.20
CA LEU F 432 53.79 52.33 -33.33
C LEU F 432 53.40 53.07 -32.06
N LEU F 433 54.33 53.80 -31.46
CA LEU F 433 54.00 54.53 -30.24
C LEU F 433 52.89 55.53 -30.49
N LEU F 434 52.94 56.24 -31.61
CA LEU F 434 51.90 57.22 -31.91
C LEU F 434 50.56 56.55 -32.17
N LEU F 435 50.55 55.40 -32.82
CA LEU F 435 49.31 54.63 -32.93
C LEU F 435 48.80 54.19 -31.57
N LEU F 436 49.68 53.99 -30.60
CA LEU F 436 49.27 53.68 -29.23
C LEU F 436 48.71 54.90 -28.51
N VAL F 437 49.23 56.09 -28.80
CA VAL F 437 48.73 57.29 -28.14
C VAL F 437 47.46 57.79 -28.82
N GLY F 438 47.53 58.08 -30.12
CA GLY F 438 46.36 58.49 -30.87
C GLY F 438 46.31 59.97 -31.20
N GLY F 439 45.12 60.51 -31.39
CA GLY F 439 44.95 61.91 -31.76
C GLY F 439 43.76 62.56 -31.09
N VAL F 440 43.00 63.36 -31.83
CA VAL F 440 41.87 64.09 -31.28
C VAL F 440 40.67 63.91 -32.20
N ASP F 441 39.52 63.59 -31.60
CA ASP F 441 38.27 63.43 -32.34
C ASP F 441 37.45 64.72 -32.24
N LYS F 442 36.84 65.10 -33.36
CA LYS F 442 36.24 66.43 -33.51
C LYS F 442 34.78 66.27 -33.91
N ARG F 443 33.88 66.70 -33.03
CA ARG F 443 32.48 66.85 -33.38
C ARG F 443 32.30 68.20 -34.08
N VAL F 444 32.41 68.19 -35.41
CA VAL F 444 32.54 69.44 -36.15
C VAL F 444 31.31 70.33 -36.04
N GLY F 445 30.17 69.77 -35.66
CA GLY F 445 28.91 70.48 -35.75
C GLY F 445 27.97 69.70 -36.63
N ASP F 446 26.68 69.74 -36.33
CA ASP F 446 25.67 68.87 -36.92
C ASP F 446 25.85 67.43 -36.45
N GLY F 447 26.64 67.21 -35.41
CA GLY F 447 26.85 65.86 -34.93
C GLY F 447 27.63 65.00 -35.89
N MET F 448 28.57 65.59 -36.61
CA MET F 448 29.43 64.86 -37.53
C MET F 448 30.83 64.74 -36.94
N LYS F 449 31.44 63.57 -37.04
CA LYS F 449 32.75 63.28 -36.40
C LYS F 449 33.93 63.10 -37.36
N ILE F 450 35.18 63.38 -36.95
CA ILE F 450 36.48 63.11 -37.64
C ILE F 450 37.14 62.12 -36.64
N ARG F 451 37.89 61.10 -37.04
CA ARG F 451 38.22 59.92 -36.19
C ARG F 451 39.36 60.06 -35.16
N GLY F 452 40.35 60.89 -35.30
CA GLY F 452 41.38 60.97 -34.26
C GLY F 452 41.94 59.63 -33.75
N ASP F 453 42.26 58.68 -34.59
CA ASP F 453 42.97 57.41 -34.22
C ASP F 453 43.69 56.95 -35.49
N ILE F 454 44.93 56.49 -35.45
CA ILE F 454 45.78 56.25 -36.66
C ILE F 454 45.80 54.78 -37.06
N ASN F 455 45.79 54.41 -38.35
CA ASN F 455 45.87 53.00 -38.88
C ASN F 455 47.23 52.74 -39.59
N VAL F 456 48.05 51.71 -39.27
CA VAL F 456 49.39 51.47 -39.78
C VAL F 456 49.44 50.09 -40.45
N CYS F 457 50.17 50.01 -41.57
CA CYS F 457 50.29 48.78 -42.34
C CYS F 457 51.76 48.50 -42.60
N LEU F 458 52.16 47.23 -42.49
CA LEU F 458 53.54 46.82 -42.68
C LEU F 458 53.64 45.83 -43.84
N MET F 459 54.55 46.03 -44.75
CA MET F 459 54.81 45.12 -45.89
C MET F 459 56.28 44.74 -45.76
N GLY F 460 56.74 43.60 -46.21
CA GLY F 460 58.14 43.21 -46.23
C GLY F 460 58.33 41.80 -46.72
N ASP F 461 59.60 41.46 -46.89
CA ASP F 461 60.02 40.13 -47.30
C ASP F 461 59.99 39.19 -46.10
N PRO F 462 60.08 37.89 -46.33
CA PRO F 462 60.01 36.94 -45.22
C PRO F 462 61.14 37.14 -44.23
N GLY F 463 60.87 36.80 -42.97
CA GLY F 463 61.88 36.86 -41.93
C GLY F 463 62.39 38.25 -41.62
N VAL F 464 61.48 39.19 -41.37
CA VAL F 464 61.83 40.53 -40.91
C VAL F 464 61.14 40.89 -39.60
N ALA F 465 60.45 39.94 -38.95
CA ALA F 465 59.90 40.10 -37.61
C ALA F 465 58.62 40.92 -37.53
N LYS F 466 57.81 40.93 -38.60
CA LYS F 466 56.55 41.66 -38.56
C LYS F 466 55.59 41.05 -37.55
N SER F 467 55.45 39.72 -37.56
CA SER F 467 54.52 39.07 -36.66
C SER F 467 54.91 39.25 -35.20
N GLN F 468 56.21 39.27 -34.90
CA GLN F 468 56.64 39.51 -33.53
C GLN F 468 56.21 40.90 -33.08
N LEU F 469 56.30 41.88 -33.97
CA LEU F 469 55.81 43.22 -33.63
C LEU F 469 54.31 43.22 -33.38
N LEU F 470 53.53 42.49 -34.20
CA LEU F 470 52.10 42.43 -33.94
C LEU F 470 51.80 41.80 -32.59
N LYS F 471 52.49 40.70 -32.26
CA LYS F 471 52.30 40.06 -30.97
C LYS F 471 52.63 41.02 -29.83
N ALA F 472 53.74 41.73 -29.94
CA ALA F 472 54.15 42.65 -28.90
C ALA F 472 53.13 43.76 -28.70
N ILE F 473 52.66 44.35 -29.80
CA ILE F 473 51.73 45.46 -29.69
C ILE F 473 50.37 45.00 -29.17
N CYS F 474 49.97 43.76 -29.47
CA CYS F 474 48.79 43.20 -28.83
C CYS F 474 49.01 42.91 -27.35
N LYS F 475 50.21 42.62 -26.85
CA LYS F 475 50.50 42.40 -25.39
C LYS F 475 50.59 43.74 -24.66
N ILE F 476 50.99 44.81 -25.33
CA ILE F 476 51.09 46.05 -24.57
C ILE F 476 49.76 46.78 -24.41
N SER F 477 48.83 46.62 -25.34
CA SER F 477 47.59 47.40 -25.28
C SER F 477 46.67 46.82 -24.21
N PRO F 478 45.89 47.66 -23.50
CA PRO F 478 44.91 47.12 -22.54
C PRO F 478 43.86 46.24 -23.21
N ARG F 479 43.27 46.72 -24.30
CA ARG F 479 42.42 45.89 -25.16
C ARG F 479 43.12 45.72 -26.50
N GLY F 480 43.32 44.48 -26.91
CA GLY F 480 44.00 44.20 -28.16
C GLY F 480 43.87 42.75 -28.54
N VAL F 481 43.62 42.47 -29.83
CA VAL F 481 43.33 41.13 -30.30
C VAL F 481 44.26 40.79 -31.46
N TYR F 482 44.75 39.55 -31.47
CA TYR F 482 45.61 39.04 -32.52
C TYR F 482 44.86 37.99 -33.33
N THR F 483 44.79 38.18 -34.65
CA THR F 483 44.08 37.26 -35.52
C THR F 483 44.88 37.02 -36.80
N THR F 484 44.67 35.84 -37.38
CA THR F 484 45.35 35.42 -38.60
C THR F 484 44.33 35.29 -39.71
N GLY F 485 44.81 35.34 -40.95
CA GLY F 485 43.95 35.53 -42.11
C GLY F 485 42.73 34.64 -42.23
N LYS F 486 42.90 33.35 -42.48
CA LYS F 486 41.77 32.48 -42.79
C LYS F 486 41.19 31.77 -41.58
N GLY F 487 41.84 31.84 -40.42
CA GLY F 487 41.30 31.24 -39.21
C GLY F 487 40.23 32.04 -38.54
N SER F 488 40.03 33.29 -38.96
CA SER F 488 39.01 34.17 -38.41
C SER F 488 38.21 34.76 -39.57
N SER F 489 37.18 34.06 -40.00
CA SER F 489 36.41 34.41 -41.19
C SER F 489 34.93 34.41 -40.87
N GLY F 490 34.21 35.35 -41.48
CA GLY F 490 32.76 35.40 -41.34
C GLY F 490 32.30 35.98 -40.03
N VAL F 491 31.49 35.23 -39.29
CA VAL F 491 30.94 35.72 -38.04
C VAL F 491 31.98 35.82 -36.94
N GLY F 492 33.17 35.29 -37.15
CA GLY F 492 34.26 35.46 -36.21
C GLY F 492 34.84 36.86 -36.20
N LEU F 493 34.46 37.69 -37.16
CA LEU F 493 34.85 39.10 -37.17
C LEU F 493 33.73 40.03 -36.72
N THR F 494 32.55 39.95 -37.34
CA THR F 494 31.51 40.93 -37.07
C THR F 494 30.66 40.61 -35.85
N ALA F 495 29.82 39.57 -35.91
CA ALA F 495 28.90 39.27 -34.82
C ALA F 495 28.02 38.09 -35.22
N ALA F 496 27.43 37.46 -34.20
CA ALA F 496 26.61 36.27 -34.38
C ALA F 496 25.36 36.35 -33.49
N VAL F 497 24.35 35.58 -33.87
CA VAL F 497 23.08 35.53 -33.14
C VAL F 497 23.02 34.23 -32.33
N MET F 498 22.89 34.37 -31.01
CA MET F 498 22.79 33.24 -30.11
C MET F 498 21.73 33.53 -29.05
N LYS F 499 21.22 32.51 -28.39
CA LYS F 499 20.21 32.64 -27.31
C LYS F 499 20.95 32.56 -25.98
N ASP F 500 20.67 33.42 -25.04
CA ASP F 500 21.34 33.50 -23.73
C ASP F 500 20.81 32.40 -22.83
N PRO F 501 21.67 31.50 -22.32
CA PRO F 501 21.17 30.47 -21.40
C PRO F 501 20.55 31.03 -20.13
N VAL F 502 21.08 32.15 -19.63
CA VAL F 502 20.71 32.61 -18.29
C VAL F 502 19.45 33.47 -18.33
N THR F 503 19.41 34.47 -19.20
CA THR F 503 18.30 35.41 -19.26
C THR F 503 17.23 35.02 -20.27
N ASP F 504 17.45 33.98 -21.07
CA ASP F 504 16.52 33.58 -22.13
C ASP F 504 16.20 34.75 -23.05
N GLU F 505 17.24 35.35 -23.61
CA GLU F 505 17.10 36.46 -24.53
C GLU F 505 18.02 36.25 -25.72
N MET F 506 17.70 36.93 -26.81
CA MET F 506 18.47 36.85 -28.05
C MET F 506 19.55 37.92 -28.01
N ILE F 507 20.81 37.49 -27.99
CA ILE F 507 21.94 38.40 -27.90
C ILE F 507 22.74 38.35 -29.19
N LEU F 508 23.66 39.30 -29.30
CA LEU F 508 24.63 39.33 -30.39
C LEU F 508 26.01 39.11 -29.77
N GLU F 509 26.69 38.06 -30.20
CA GLU F 509 28.03 37.76 -29.73
C GLU F 509 29.04 38.48 -30.60
N GLY F 510 29.98 39.15 -29.96
CA GLY F 510 30.95 39.94 -30.68
C GLY F 510 32.12 39.13 -31.21
N GLY F 511 32.64 39.58 -32.35
CA GLY F 511 33.82 39.02 -32.95
C GLY F 511 35.08 39.75 -32.51
N ALA F 512 36.15 39.54 -33.27
CA ALA F 512 37.42 40.18 -32.93
C ALA F 512 37.31 41.69 -32.95
N LEU F 513 36.64 42.24 -33.97
CA LEU F 513 36.52 43.69 -34.09
C LEU F 513 35.71 44.28 -32.95
N VAL F 514 34.73 43.55 -32.43
CA VAL F 514 33.91 44.06 -31.33
C VAL F 514 34.61 43.88 -29.98
N LEU F 515 35.52 42.92 -29.87
CA LEU F 515 36.29 42.76 -28.64
C LEU F 515 37.38 43.81 -28.49
N ALA F 516 37.82 44.43 -29.57
CA ALA F 516 38.91 45.40 -29.55
C ALA F 516 38.44 46.83 -29.56
N ASP F 517 37.14 47.07 -29.35
CA ASP F 517 36.63 48.43 -29.32
C ASP F 517 37.37 49.24 -28.27
N ASN F 518 37.77 50.45 -28.64
CA ASN F 518 38.67 51.27 -27.82
C ASN F 518 39.98 50.53 -27.59
N GLY F 519 40.51 49.92 -28.64
CA GLY F 519 41.78 49.22 -28.54
C GLY F 519 42.44 49.12 -29.89
N ILE F 520 43.34 48.15 -30.01
CA ILE F 520 44.11 47.93 -31.24
C ILE F 520 43.82 46.54 -31.75
N CYS F 521 43.52 46.42 -33.04
CA CYS F 521 43.33 45.13 -33.68
C CYS F 521 44.54 44.79 -34.54
N CYS F 522 45.00 43.55 -34.45
CA CYS F 522 46.21 43.09 -35.13
C CYS F 522 45.84 41.94 -36.07
N ILE F 523 45.97 42.16 -37.37
CA ILE F 523 45.63 41.17 -38.39
C ILE F 523 46.91 40.74 -39.09
N ASP F 524 47.07 39.44 -39.29
CA ASP F 524 48.25 38.86 -39.91
C ASP F 524 47.86 38.19 -41.22
N GLU F 525 48.79 38.21 -42.18
CA GLU F 525 48.52 37.68 -43.51
C GLU F 525 47.34 38.41 -44.13
N PHE F 526 47.49 39.72 -44.33
CA PHE F 526 46.38 40.56 -44.77
C PHE F 526 45.92 40.22 -46.18
N ASP F 527 46.83 39.80 -47.03
CA ASP F 527 46.56 39.55 -48.46
C ASP F 527 45.68 38.32 -48.70
N LYS F 528 45.54 37.41 -47.73
CA LYS F 528 44.87 36.13 -47.92
C LYS F 528 43.39 36.16 -47.54
N MET F 529 42.89 37.28 -47.03
CA MET F 529 41.52 37.31 -46.52
C MET F 529 40.51 37.32 -47.66
N ASP F 530 39.29 36.94 -47.32
CA ASP F 530 38.20 36.97 -48.28
C ASP F 530 37.81 38.41 -48.60
N GLU F 531 37.09 38.56 -49.70
CA GLU F 531 36.57 39.87 -50.08
C GLU F 531 35.54 40.37 -49.07
N SER F 532 34.69 39.47 -48.58
CA SER F 532 33.70 39.85 -47.57
C SER F 532 34.37 40.38 -46.31
N ASP F 533 35.44 39.72 -45.87
CA ASP F 533 36.16 40.21 -44.69
C ASP F 533 36.84 41.54 -44.95
N ARG F 534 37.31 41.78 -46.18
CA ARG F 534 38.00 43.02 -46.48
C ARG F 534 37.03 44.20 -46.53
N THR F 535 35.79 43.97 -46.96
CA THR F 535 34.80 45.04 -46.96
C THR F 535 34.58 45.58 -45.55
N ALA F 536 34.49 44.68 -44.56
CA ALA F 536 34.27 45.11 -43.18
C ALA F 536 35.42 45.96 -42.67
N ILE F 537 36.66 45.57 -42.99
CA ILE F 537 37.82 46.36 -42.59
C ILE F 537 37.76 47.73 -43.24
N HIS F 538 37.41 47.78 -44.52
CA HIS F 538 37.22 49.04 -45.21
C HIS F 538 36.27 49.95 -44.43
N GLU F 539 35.11 49.42 -44.07
CA GLU F 539 34.09 50.23 -43.39
C GLU F 539 34.58 50.69 -42.02
N VAL F 540 35.21 49.79 -41.27
CA VAL F 540 35.65 50.13 -39.92
C VAL F 540 36.70 51.23 -39.97
N MET F 541 37.65 51.13 -40.90
CA MET F 541 38.66 52.18 -41.02
C MET F 541 38.07 53.49 -41.52
N GLU F 542 36.95 53.55 -42.21
CA GLU F 542 36.43 54.82 -42.76
C GLU F 542 35.54 55.48 -41.72
N GLN F 543 34.52 54.77 -41.23
CA GLN F 543 33.59 55.47 -40.35
C GLN F 543 33.41 54.83 -38.99
N GLN F 544 34.04 53.68 -38.75
CA GLN F 544 34.02 53.05 -37.42
C GLN F 544 32.63 52.54 -37.05
N THR F 545 31.99 51.89 -38.02
CA THR F 545 30.73 51.19 -37.77
C THR F 545 30.59 50.08 -38.80
N ILE F 546 29.91 49.00 -38.41
CA ILE F 546 29.73 47.82 -39.25
C ILE F 546 28.24 47.63 -39.48
N SER F 547 27.84 47.58 -40.75
CA SER F 547 26.44 47.46 -41.13
C SER F 547 26.19 46.03 -41.64
N ILE F 548 25.19 45.37 -41.07
CA ILE F 548 24.85 44.00 -41.41
C ILE F 548 23.38 43.95 -41.78
N SER F 549 23.08 43.38 -42.94
CA SER F 549 21.71 43.22 -43.42
C SER F 549 21.55 41.78 -43.90
N LYS F 550 21.33 40.84 -42.97
CA LYS F 550 21.20 39.39 -43.28
C LYS F 550 19.91 38.90 -42.63
N ALA F 551 19.57 37.63 -42.73
CA ALA F 551 18.27 37.11 -42.23
C ALA F 551 18.27 37.19 -40.70
N GLY F 552 17.38 37.95 -40.11
CA GLY F 552 17.33 38.10 -38.67
C GLY F 552 18.15 39.25 -38.12
N ILE F 553 18.85 40.00 -38.98
CA ILE F 553 19.72 41.08 -38.52
C ILE F 553 19.54 42.32 -39.39
N ASN F 554 19.21 43.44 -38.77
CA ASN F 554 19.34 44.77 -39.37
C ASN F 554 19.80 45.69 -38.25
N THR F 555 21.12 45.86 -38.12
CA THR F 555 21.69 46.66 -37.05
C THR F 555 22.95 47.34 -37.55
N THR F 556 23.54 48.17 -36.69
CA THR F 556 24.81 48.83 -36.96
C THR F 556 25.64 48.74 -35.68
N LEU F 557 26.81 48.11 -35.78
CA LEU F 557 27.67 47.92 -34.63
C LEU F 557 28.60 49.12 -34.46
N ASN F 558 28.84 49.49 -33.21
CA ASN F 558 29.73 50.61 -32.88
C ASN F 558 31.12 50.03 -32.59
N ALA F 559 32.07 50.29 -33.48
CA ALA F 559 33.40 49.69 -33.43
C ALA F 559 34.45 50.78 -33.57
N ARG F 560 35.01 51.22 -32.45
CA ARG F 560 36.06 52.22 -32.42
C ARG F 560 37.40 51.52 -32.20
N THR F 561 38.06 51.17 -33.31
CA THR F 561 39.23 50.32 -33.30
C THR F 561 40.30 50.87 -34.23
N SER F 562 41.55 50.63 -33.87
CA SER F 562 42.70 50.94 -34.71
C SER F 562 43.24 49.65 -35.32
N ILE F 563 43.67 49.71 -36.57
CA ILE F 563 44.05 48.54 -37.35
C ILE F 563 45.56 48.53 -37.53
N LEU F 564 46.19 47.41 -37.20
CA LEU F 564 47.58 47.14 -37.54
C LEU F 564 47.63 45.87 -38.39
N ALA F 565 48.29 45.94 -39.54
CA ALA F 565 48.24 44.87 -40.52
C ALA F 565 49.63 44.56 -41.06
N ALA F 566 49.83 43.32 -41.48
CA ALA F 566 51.07 42.85 -42.08
C ALA F 566 50.77 42.06 -43.34
N ALA F 567 51.62 42.20 -44.35
CA ALA F 567 51.39 41.52 -45.62
C ALA F 567 52.71 41.32 -46.36
N ASN F 568 52.80 40.22 -47.10
CA ASN F 568 53.96 39.92 -47.92
C ASN F 568 53.71 40.36 -49.36
N PRO F 569 54.75 40.71 -50.13
CA PRO F 569 54.55 41.00 -51.55
C PRO F 569 54.01 39.80 -52.30
N LEU F 570 53.43 40.03 -53.48
CA LEU F 570 52.69 38.98 -54.16
C LEU F 570 53.59 37.80 -54.50
N TYR F 571 54.81 38.07 -54.98
CA TYR F 571 55.69 37.02 -55.44
C TYR F 571 56.69 36.56 -54.37
N GLY F 572 56.39 36.79 -53.10
CA GLY F 572 57.29 36.41 -52.03
C GLY F 572 58.31 37.48 -51.74
N ARG F 573 59.16 37.77 -52.72
CA ARG F 573 60.14 38.84 -52.64
C ARG F 573 59.68 40.04 -53.45
N TYR F 574 60.33 41.18 -53.22
CA TYR F 574 60.02 42.37 -53.99
C TYR F 574 60.79 42.34 -55.29
N ASN F 575 60.09 42.58 -56.39
CA ASN F 575 60.70 42.64 -57.72
C ASN F 575 60.85 44.10 -58.14
N PRO F 576 62.03 44.71 -57.96
CA PRO F 576 62.19 46.11 -58.38
C PRO F 576 62.00 46.30 -59.87
N ARG F 577 62.09 45.23 -60.67
CA ARG F 577 61.78 45.33 -62.09
C ARG F 577 60.31 45.65 -62.30
N LEU F 578 59.43 45.16 -61.41
CA LEU F 578 58.01 45.42 -61.53
C LEU F 578 57.63 46.70 -60.79
N SER F 579 56.45 47.21 -61.13
CA SER F 579 55.95 48.43 -60.54
C SER F 579 55.62 48.21 -59.06
N PRO F 580 55.62 49.29 -58.26
CA PRO F 580 55.30 49.10 -56.83
C PRO F 580 53.97 48.44 -56.55
N LEU F 581 52.92 48.78 -57.30
CA LEU F 581 51.62 48.17 -57.08
C LEU F 581 51.47 46.81 -57.72
N ASP F 582 52.35 46.43 -58.64
CA ASP F 582 52.34 45.08 -59.16
C ASP F 582 52.84 44.07 -58.14
N ASN F 583 53.58 44.53 -57.12
CA ASN F 583 54.12 43.64 -56.10
C ASN F 583 53.17 43.42 -54.93
N ILE F 584 52.14 44.23 -54.75
CA ILE F 584 51.16 44.16 -53.62
C ILE F 584 49.81 43.66 -54.17
N ASN F 585 49.18 42.71 -53.51
CA ASN F 585 47.91 42.14 -53.93
C ASN F 585 46.76 43.10 -53.67
N LEU F 586 46.80 43.84 -52.56
CA LEU F 586 45.65 44.62 -52.13
C LEU F 586 45.39 45.77 -53.11
N PRO F 587 44.13 46.22 -53.21
CA PRO F 587 43.84 47.38 -54.03
C PRO F 587 44.42 48.66 -53.45
N ALA F 588 44.73 49.60 -54.34
CA ALA F 588 45.33 50.86 -53.92
C ALA F 588 44.38 51.70 -53.09
N ALA F 589 43.06 51.55 -53.28
CA ALA F 589 42.10 52.29 -52.48
C ALA F 589 42.15 51.91 -51.01
N LEU F 590 42.42 50.64 -50.71
CA LEU F 590 42.61 50.25 -49.31
C LEU F 590 43.86 50.89 -48.73
N LEU F 591 44.97 50.86 -49.47
CA LEU F 591 46.21 51.44 -48.99
C LEU F 591 46.16 52.97 -48.93
N SER F 592 45.20 53.60 -49.59
CA SER F 592 44.99 55.03 -49.44
C SER F 592 44.33 55.39 -48.11
N ARG F 593 43.82 54.40 -47.39
CA ARG F 593 43.16 54.67 -46.11
C ARG F 593 44.10 54.53 -44.92
N PHE F 594 45.20 53.81 -45.06
CA PHE F 594 46.17 53.69 -44.00
C PHE F 594 46.96 54.99 -43.90
N ASP F 595 47.12 55.48 -42.66
CA ASP F 595 47.82 56.74 -42.46
C ASP F 595 49.28 56.63 -42.88
N ILE F 596 49.98 55.62 -42.38
CA ILE F 596 51.40 55.40 -42.69
C ILE F 596 51.58 53.98 -43.18
N LEU F 597 52.28 53.83 -44.29
CA LEU F 597 52.54 52.53 -44.91
C LEU F 597 54.04 52.31 -44.96
N PHE F 598 54.51 51.27 -44.28
CA PHE F 598 55.93 50.95 -44.20
C PHE F 598 56.25 49.73 -45.07
N LEU F 599 57.32 49.85 -45.84
CA LEU F 599 57.79 48.79 -46.71
C LEU F 599 59.13 48.31 -46.16
N MET F 600 59.19 47.07 -45.70
CA MET F 600 60.34 46.52 -45.00
C MET F 600 61.00 45.46 -45.90
N LEU F 601 61.95 45.88 -46.72
CA LEU F 601 62.59 44.98 -47.66
C LEU F 601 63.90 44.45 -47.08
N ASP F 602 64.40 43.38 -47.68
CA ASP F 602 65.62 42.71 -47.24
C ASP F 602 66.62 42.75 -48.37
N ILE F 603 67.44 43.79 -48.41
CA ILE F 603 68.54 43.90 -49.36
C ILE F 603 69.82 43.49 -48.64
N PRO F 604 70.48 42.41 -49.06
CA PRO F 604 71.66 41.95 -48.32
C PRO F 604 72.74 43.02 -48.27
N SER F 605 73.15 43.36 -47.04
CA SER F 605 74.27 44.26 -46.82
C SER F 605 75.24 43.57 -45.87
N ARG F 606 76.50 43.49 -46.28
CA ARG F 606 77.47 42.71 -45.52
C ARG F 606 77.65 43.25 -44.11
N ASP F 607 77.75 44.58 -43.98
CA ASP F 607 78.08 45.17 -42.68
C ASP F 607 76.92 45.04 -41.68
N ASP F 608 75.70 45.38 -42.10
CA ASP F 608 74.57 45.38 -41.17
C ASP F 608 74.26 43.98 -40.67
N ASP F 609 74.59 42.96 -41.46
CA ASP F 609 74.23 41.60 -41.11
C ASP F 609 74.96 41.15 -39.84
N GLU F 610 76.18 41.61 -39.64
CA GLU F 610 76.98 41.18 -38.46
C GLU F 610 76.43 41.87 -37.21
N LYS F 611 75.78 43.03 -37.32
CA LYS F 611 75.15 43.66 -36.17
C LYS F 611 73.78 43.03 -35.87
N LEU F 612 73.06 42.59 -36.89
CA LEU F 612 71.81 41.86 -36.64
C LEU F 612 72.10 40.49 -36.01
N ALA F 613 73.07 39.76 -36.55
CA ALA F 613 73.40 38.44 -36.04
C ALA F 613 73.90 38.51 -34.60
N GLU F 614 74.72 39.51 -34.31
CA GLU F 614 75.16 39.73 -32.93
C GLU F 614 73.98 39.77 -32.00
N HIS F 615 72.99 40.59 -32.33
CA HIS F 615 71.84 40.77 -31.45
C HIS F 615 71.09 39.46 -31.27
N VAL F 616 70.79 38.77 -32.38
CA VAL F 616 69.97 37.56 -32.29
C VAL F 616 70.71 36.48 -31.51
N THR F 617 71.98 36.25 -31.82
CA THR F 617 72.73 35.19 -31.16
C THR F 617 73.00 35.52 -29.70
N TYR F 618 73.20 36.80 -29.38
CA TYR F 618 73.27 37.23 -27.99
C TYR F 618 71.98 36.93 -27.26
N VAL F 619 70.84 37.23 -27.89
CA VAL F 619 69.55 36.99 -27.27
C VAL F 619 69.37 35.52 -26.98
N HIS F 620 69.77 34.65 -27.90
CA HIS F 620 69.59 33.22 -27.68
C HIS F 620 70.50 32.69 -26.58
N MET F 621 71.55 33.43 -26.22
CA MET F 621 72.47 33.00 -25.17
C MET F 621 72.10 33.60 -23.82
N HIS F 622 71.74 34.89 -23.81
CA HIS F 622 71.25 35.58 -22.62
C HIS F 622 69.79 35.93 -22.87
N ASN F 623 68.95 35.77 -21.86
CA ASN F 623 67.52 36.07 -22.04
C ASN F 623 67.23 37.56 -21.87
N LYS F 624 68.23 38.41 -22.08
CA LYS F 624 68.10 39.85 -21.96
C LYS F 624 68.62 40.54 -23.21
N GLN F 625 68.23 41.80 -23.37
CA GLN F 625 68.68 42.63 -24.47
C GLN F 625 70.12 43.10 -24.26
N PRO F 626 70.84 43.42 -25.35
CA PRO F 626 72.30 43.52 -25.25
C PRO F 626 72.84 44.91 -24.89
N ASP F 627 71.98 45.84 -24.51
CA ASP F 627 72.39 47.22 -24.33
C ASP F 627 72.42 47.55 -22.85
N LEU F 628 73.57 48.00 -22.37
CA LEU F 628 73.75 48.31 -20.96
C LEU F 628 73.65 49.79 -20.65
N ASP F 629 73.49 50.64 -21.66
CA ASP F 629 73.34 52.08 -21.46
C ASP F 629 71.92 52.52 -21.84
N PHE F 630 70.93 51.70 -21.48
CA PHE F 630 69.56 51.99 -21.84
C PHE F 630 68.64 51.21 -20.91
N THR F 631 67.63 51.90 -20.39
CA THR F 631 66.69 51.28 -19.47
C THR F 631 65.38 50.98 -20.20
N PRO F 632 64.91 49.74 -20.21
CA PRO F 632 63.61 49.43 -20.84
C PRO F 632 62.46 49.71 -19.89
N VAL F 633 61.58 50.64 -20.29
CA VAL F 633 60.45 50.99 -19.45
C VAL F 633 59.52 49.80 -19.33
N GLU F 634 59.06 49.55 -18.11
CA GLU F 634 58.15 48.43 -17.88
C GLU F 634 56.81 48.71 -18.56
N PRO F 635 56.07 47.67 -18.95
CA PRO F 635 54.78 47.90 -19.60
C PRO F 635 53.79 48.69 -18.76
N SER F 636 53.76 48.46 -17.44
CA SER F 636 52.82 49.19 -16.60
C SER F 636 53.11 50.69 -16.59
N LYS F 637 54.35 51.02 -16.36
CA LYS F 637 54.74 52.43 -16.39
C LYS F 637 54.45 53.03 -17.79
N MET F 638 54.63 52.36 -18.94
CA MET F 638 54.27 52.86 -20.26
C MET F 638 52.76 53.09 -20.35
N ARG F 639 51.97 52.16 -19.82
CA ARG F 639 50.52 52.35 -19.83
C ARG F 639 50.10 53.57 -19.03
N GLU F 640 50.74 53.81 -17.88
CA GLU F 640 50.42 55.01 -17.10
C GLU F 640 50.73 56.28 -17.88
N TYR F 641 51.92 56.38 -18.47
CA TYR F 641 52.26 57.59 -19.20
C TYR F 641 51.35 57.78 -20.41
N ILE F 642 50.99 56.69 -21.08
CA ILE F 642 50.08 56.81 -22.22
C ILE F 642 48.69 57.27 -21.77
N ALA F 643 48.19 56.80 -20.63
CA ALA F 643 46.89 57.27 -20.16
C ALA F 643 46.93 58.75 -19.81
N TYR F 644 47.95 59.18 -19.07
CA TYR F 644 48.04 60.60 -18.75
C TYR F 644 48.16 61.44 -20.01
N ALA F 645 48.90 60.97 -21.01
CA ALA F 645 48.94 61.68 -22.27
C ALA F 645 47.57 61.73 -22.93
N LYS F 646 46.82 60.64 -22.88
CA LYS F 646 45.50 60.59 -23.49
C LYS F 646 44.49 61.47 -22.78
N THR F 647 44.78 61.94 -21.57
CA THR F 647 43.89 62.89 -20.89
C THR F 647 44.19 64.35 -21.25
N LYS F 648 44.76 64.62 -22.43
CA LYS F 648 45.06 65.98 -22.86
C LYS F 648 44.56 66.18 -24.28
N ARG F 649 44.15 67.42 -24.60
CA ARG F 649 43.65 67.79 -25.92
C ARG F 649 44.32 69.08 -26.39
N PRO F 650 45.47 69.01 -27.07
CA PRO F 650 46.09 70.23 -27.58
C PRO F 650 45.33 70.79 -28.77
N VAL F 651 45.59 72.07 -29.07
CA VAL F 651 44.88 72.80 -30.11
C VAL F 651 45.88 73.54 -30.99
N MET F 652 45.43 73.90 -32.19
CA MET F 652 46.29 74.46 -33.23
C MET F 652 46.02 75.95 -33.40
N SER F 653 47.08 76.72 -33.59
CA SER F 653 46.97 78.15 -33.85
C SER F 653 47.16 78.44 -35.34
N GLU F 654 47.17 79.72 -35.70
CA GLU F 654 47.26 80.12 -37.10
C GLU F 654 48.66 79.97 -37.67
N ALA F 655 49.69 80.26 -36.87
CA ALA F 655 51.06 80.16 -37.35
C ALA F 655 51.39 78.73 -37.75
N VAL F 656 50.95 77.76 -36.94
CA VAL F 656 51.16 76.36 -37.29
C VAL F 656 50.32 75.97 -38.50
N ASN F 657 49.17 76.63 -38.68
CA ASN F 657 48.35 76.34 -39.85
C ASN F 657 49.07 76.75 -41.14
N ASP F 658 49.75 77.90 -41.12
CA ASP F 658 50.48 78.34 -42.31
C ASP F 658 51.47 77.28 -42.77
N TYR F 659 52.24 76.79 -41.82
CA TYR F 659 53.26 75.75 -42.13
C TYR F 659 52.55 74.60 -42.84
N VAL F 660 51.50 74.04 -42.28
CA VAL F 660 50.85 72.84 -42.83
C VAL F 660 50.33 73.11 -44.23
N VAL F 661 49.68 74.26 -44.43
CA VAL F 661 49.19 74.60 -45.76
C VAL F 661 50.34 74.59 -46.76
N GLN F 662 51.44 75.25 -46.40
CA GLN F 662 52.56 75.38 -47.32
C GLN F 662 53.18 74.02 -47.65
N ALA F 663 53.31 73.15 -46.66
CA ALA F 663 53.87 71.82 -46.92
C ALA F 663 52.95 70.99 -47.81
N TYR F 664 51.64 71.08 -47.57
CA TYR F 664 50.70 70.32 -48.38
C TYR F 664 50.75 70.75 -49.83
N ILE F 665 50.90 72.05 -50.08
CA ILE F 665 50.97 72.52 -51.46
C ILE F 665 52.10 71.82 -52.22
N ARG F 666 53.29 71.79 -51.61
CA ARG F 666 54.45 71.23 -52.30
C ARG F 666 54.33 69.72 -52.45
N LEU F 667 53.83 69.02 -51.42
CA LEU F 667 53.65 67.58 -51.54
C LEU F 667 52.67 67.25 -52.66
N ARG F 668 51.63 68.01 -52.85
CA ARG F 668 50.59 67.72 -53.87
C ARG F 668 51.26 68.03 -55.20
N GLN F 669 52.06 69.09 -55.29
CA GLN F 669 52.76 69.36 -56.55
C GLN F 669 53.71 68.24 -56.95
N ASP F 670 54.37 67.60 -55.99
CA ASP F 670 55.36 66.57 -56.30
C ASP F 670 54.79 65.18 -56.56
N SER F 671 53.69 64.80 -55.91
CA SER F 671 53.19 63.44 -56.05
C SER F 671 52.76 63.09 -57.49
N LYS F 672 52.29 64.07 -58.25
CA LYS F 672 51.76 63.78 -59.58
C LYS F 672 52.86 63.29 -60.52
N ARG F 673 54.03 63.92 -60.49
CA ARG F 673 55.11 63.48 -61.38
C ARG F 673 55.59 62.08 -61.06
N GLU F 674 55.53 61.66 -59.80
CA GLU F 674 55.88 60.28 -59.46
C GLU F 674 54.81 59.31 -59.91
N MET F 675 53.54 59.63 -59.68
CA MET F 675 52.49 58.70 -60.08
C MET F 675 52.34 58.60 -61.59
N ASP F 676 52.77 59.62 -62.34
CA ASP F 676 52.69 59.55 -63.79
C ASP F 676 53.62 58.48 -64.35
N SER F 677 54.81 58.34 -63.76
CA SER F 677 55.78 57.36 -64.22
C SER F 677 55.57 55.98 -63.61
N LYS F 678 54.52 55.78 -62.83
CA LYS F 678 54.20 54.48 -62.24
C LYS F 678 55.25 54.06 -61.23
N PHE F 679 55.65 54.96 -60.34
CA PHE F 679 56.62 54.67 -59.30
C PHE F 679 56.16 55.23 -57.96
N SER F 680 54.91 54.95 -57.62
CA SER F 680 54.40 55.34 -56.31
C SER F 680 53.24 54.44 -55.93
N PHE F 681 53.07 54.22 -54.63
CA PHE F 681 51.90 53.53 -54.13
C PHE F 681 50.67 54.41 -54.11
N GLY F 682 50.84 55.72 -54.16
CA GLY F 682 49.69 56.61 -54.04
C GLY F 682 49.97 58.07 -54.31
N GLN F 683 49.06 58.70 -55.04
CA GLN F 683 49.06 60.14 -55.24
C GLN F 683 48.55 60.82 -53.97
N ALA F 684 49.14 61.96 -53.64
CA ALA F 684 48.78 62.66 -52.41
C ALA F 684 47.30 63.05 -52.42
N THR F 685 46.69 63.02 -51.24
CA THR F 685 45.26 63.29 -51.11
C THR F 685 44.99 64.10 -49.85
N PRO F 686 43.75 64.57 -49.64
CA PRO F 686 43.43 65.24 -48.37
C PRO F 686 43.66 64.35 -47.16
N ARG F 687 43.46 63.04 -47.31
CA ARG F 687 43.70 62.13 -46.22
C ARG F 687 45.14 62.18 -45.72
N THR F 688 46.09 62.49 -46.59
CA THR F 688 47.47 62.70 -46.13
C THR F 688 47.57 63.90 -45.21
N LEU F 689 46.86 64.99 -45.51
CA LEU F 689 46.79 66.15 -44.63
C LEU F 689 46.16 65.78 -43.28
N LEU F 690 45.07 65.02 -43.31
CA LEU F 690 44.46 64.59 -42.05
C LEU F 690 45.42 63.72 -41.25
N GLY F 691 46.17 62.84 -41.92
CA GLY F 691 47.16 62.04 -41.21
C GLY F 691 48.24 62.89 -40.59
N ILE F 692 48.71 63.91 -41.33
CA ILE F 692 49.74 64.80 -40.77
C ILE F 692 49.21 65.49 -39.52
N ILE F 693 47.98 65.98 -39.58
CA ILE F 693 47.39 66.64 -38.42
C ILE F 693 47.32 65.68 -37.24
N ARG F 694 46.88 64.46 -37.49
CA ARG F 694 46.75 63.48 -36.39
C ARG F 694 48.12 63.14 -35.79
N LEU F 695 49.15 63.01 -36.63
CA LEU F 695 50.48 62.69 -36.12
C LEU F 695 51.02 63.84 -35.26
N SER F 696 50.86 65.07 -35.73
CA SER F 696 51.28 66.21 -34.92
C SER F 696 50.53 66.26 -33.60
N GLN F 697 49.22 65.95 -33.62
CA GLN F 697 48.45 65.93 -32.39
C GLN F 697 48.98 64.87 -31.43
N ALA F 698 49.34 63.70 -31.96
CA ALA F 698 49.89 62.64 -31.11
C ALA F 698 51.19 63.09 -30.45
N LEU F 699 52.09 63.70 -31.22
CA LEU F 699 53.35 64.16 -30.63
C LEU F 699 53.11 65.25 -29.58
N ALA F 700 52.18 66.16 -29.84
CA ALA F 700 51.84 67.16 -28.85
C ALA F 700 51.32 66.52 -27.57
N LYS F 701 50.46 65.52 -27.70
CA LYS F 701 49.96 64.81 -26.52
C LYS F 701 51.10 64.13 -25.77
N LEU F 702 52.13 63.63 -26.44
CA LEU F 702 53.30 63.03 -25.76
C LEU F 702 54.05 64.15 -25.03
N ARG F 703 54.12 65.38 -25.44
CA ARG F 703 54.89 66.38 -24.63
C ARG F 703 54.00 66.83 -23.48
N LEU F 704 52.70 66.50 -23.48
CA LEU F 704 51.81 67.03 -22.46
C LEU F 704 51.68 68.54 -22.61
N ALA F 705 51.29 68.99 -23.80
CA ALA F 705 51.19 70.39 -24.12
C ALA F 705 49.73 70.76 -24.36
N ASP F 706 49.52 72.05 -24.65
CA ASP F 706 48.22 72.54 -25.08
C ASP F 706 48.23 73.14 -26.48
N MET F 707 49.33 73.76 -26.90
CA MET F 707 49.49 74.25 -28.26
C MET F 707 50.31 73.24 -29.06
N VAL F 708 50.04 73.21 -30.36
CA VAL F 708 50.79 72.37 -31.29
C VAL F 708 51.90 73.21 -31.91
N ASP F 709 53.06 72.61 -32.12
CA ASP F 709 54.25 73.32 -32.56
C ASP F 709 54.60 72.97 -34.01
N ILE F 710 55.68 73.57 -34.50
CA ILE F 710 56.15 73.32 -35.87
C ILE F 710 57.18 72.20 -35.95
N ASP F 711 57.97 72.03 -34.89
CA ASP F 711 58.90 70.89 -34.74
C ASP F 711 58.09 69.59 -34.69
N ASP F 712 56.88 69.59 -34.21
CA ASP F 712 55.99 68.43 -34.26
C ASP F 712 55.56 68.11 -35.68
N VAL F 713 55.24 69.14 -36.47
CA VAL F 713 54.86 68.90 -37.86
C VAL F 713 56.05 68.38 -38.65
N GLU F 714 57.25 68.90 -38.37
CA GLU F 714 58.44 68.41 -39.06
C GLU F 714 58.67 66.93 -38.78
N GLU F 715 58.45 66.49 -37.55
CA GLU F 715 58.62 65.06 -37.17
C GLU F 715 57.62 64.22 -38.00
N ALA F 716 56.38 64.63 -38.18
CA ALA F 716 55.42 63.86 -38.97
C ALA F 716 55.80 63.84 -40.45
N LEU F 717 56.27 64.97 -40.98
CA LEU F 717 56.72 64.98 -42.37
C LEU F 717 57.90 64.04 -42.57
N ARG F 718 58.89 64.01 -41.69
CA ARG F 718 60.03 63.07 -41.74
C ARG F 718 59.53 61.63 -41.62
N LEU F 719 58.51 61.31 -40.85
CA LEU F 719 58.01 59.94 -40.82
C LEU F 719 57.34 59.55 -42.13
N VAL F 720 56.49 60.43 -42.65
CA VAL F 720 55.80 60.12 -43.91
C VAL F 720 56.79 59.98 -45.04
N ARG F 721 57.86 60.76 -45.04
CA ARG F 721 58.88 60.64 -46.08
C ARG F 721 59.76 59.42 -45.91
N VAL F 722 60.09 59.05 -44.68
CA VAL F 722 60.98 57.90 -44.36
C VAL F 722 60.22 56.60 -44.67
N SER F 723 58.91 56.59 -44.66
CA SER F 723 58.19 55.32 -44.81
C SER F 723 58.53 54.61 -46.12
N LYS F 724 58.90 55.35 -47.18
CA LYS F 724 59.07 54.77 -48.51
C LYS F 724 60.50 54.86 -49.03
N GLU F 725 61.52 54.91 -48.22
CA GLU F 725 62.94 55.14 -48.66
C GLU F 725 63.66 53.84 -49.04
N SER F 726 63.04 52.68 -48.81
CA SER F 726 63.72 51.47 -49.27
C SER F 726 63.57 51.29 -50.77
N LEU F 727 62.64 51.99 -51.40
CA LEU F 727 62.45 51.90 -52.84
C LEU F 727 63.52 52.63 -53.64
N TYR F 728 64.36 53.43 -53.00
CA TYR F 728 65.36 54.23 -53.70
C TYR F 728 66.78 53.74 -53.48
N GLN F 729 66.90 52.49 -53.08
CA GLN F 729 68.21 51.95 -52.70
C GLN F 729 68.85 51.20 -53.85
N GLU F 730 69.81 51.80 -54.49
CA GLU F 730 70.44 51.15 -55.65
C GLU F 730 71.56 50.27 -55.11
N PRO F 740 73.43 54.38 -66.29
CA PRO F 740 72.14 53.93 -66.71
C PRO F 740 71.31 55.03 -67.36
N THR F 741 71.56 56.30 -67.03
CA THR F 741 70.64 57.26 -67.62
C THR F 741 70.86 57.37 -69.13
N THR F 742 72.12 57.42 -69.55
CA THR F 742 72.42 57.55 -70.97
C THR F 742 72.06 56.30 -71.76
N LYS F 743 72.26 55.12 -71.18
CA LYS F 743 71.95 53.88 -71.89
C LYS F 743 70.46 53.75 -72.16
N ILE F 744 69.62 54.12 -71.19
CA ILE F 744 68.18 54.17 -71.43
C ILE F 744 67.85 55.27 -72.42
N PHE F 745 68.50 56.42 -72.34
CA PHE F 745 68.29 57.49 -73.36
C PHE F 745 68.63 57.02 -74.77
N THR F 746 69.72 56.31 -74.93
CA THR F 746 70.01 55.83 -76.27
C THR F 746 68.95 54.86 -76.75
N ILE F 747 68.43 54.01 -75.86
CA ILE F 747 67.43 53.03 -76.26
C ILE F 747 66.14 53.72 -76.68
N ILE F 748 65.74 54.77 -75.97
CA ILE F 748 64.46 55.41 -76.26
C ILE F 748 64.51 56.14 -77.61
N LYS F 749 65.64 56.74 -77.93
CA LYS F 749 65.84 57.52 -79.18
C LYS F 749 65.94 56.52 -80.34
N LYS F 750 66.34 55.29 -80.11
CA LYS F 750 66.36 54.26 -81.15
C LYS F 750 64.95 53.90 -81.59
N MET F 751 64.02 53.79 -80.65
CA MET F 751 62.66 53.40 -80.99
C MET F 751 61.79 54.58 -81.41
N LEU F 752 62.24 55.84 -81.23
CA LEU F 752 61.55 57.04 -81.80
C LEU F 752 61.83 57.01 -83.28
N GLN F 753 63.08 56.82 -83.67
CA GLN F 753 63.40 56.51 -85.08
C GLN F 753 62.80 55.11 -85.20
N GLU F 754 62.54 54.58 -86.37
CA GLU F 754 61.81 53.29 -86.44
C GLU F 754 60.42 53.58 -85.86
N THR F 755 59.78 54.65 -86.31
CA THR F 755 58.42 55.07 -85.87
C THR F 755 58.05 56.33 -86.69
N GLY F 756 58.65 57.50 -86.43
CA GLY F 756 58.49 58.67 -87.26
C GLY F 756 58.01 59.93 -86.56
N LYS F 757 57.03 59.80 -85.66
CA LYS F 757 56.38 60.97 -85.09
C LYS F 757 57.03 61.34 -83.75
N ASN F 758 56.53 62.41 -83.12
CA ASN F 758 57.06 62.87 -81.84
C ASN F 758 56.41 62.20 -80.64
N THR F 759 55.33 61.45 -80.84
CA THR F 759 54.64 60.78 -79.75
C THR F 759 55.13 59.34 -79.65
N LEU F 760 55.05 58.80 -78.43
CA LEU F 760 55.54 57.46 -78.15
C LEU F 760 54.83 56.94 -76.92
N SER F 761 54.12 55.82 -77.07
CA SER F 761 53.33 55.29 -75.97
C SER F 761 54.21 54.91 -74.80
N TYR F 762 53.79 55.30 -73.60
CA TYR F 762 54.60 55.02 -72.41
C TYR F 762 54.57 53.54 -72.04
N GLU F 763 53.47 52.85 -72.31
CA GLU F 763 53.40 51.43 -71.98
C GLU F 763 54.43 50.63 -72.77
N ASN F 764 54.62 50.98 -74.04
CA ASN F 764 55.64 50.29 -74.84
C ASN F 764 57.03 50.59 -74.31
N ILE F 765 57.28 51.83 -73.86
CA ILE F 765 58.58 52.16 -73.31
C ILE F 765 58.90 51.27 -72.12
N VAL F 766 57.94 51.11 -71.22
CA VAL F 766 58.17 50.29 -70.03
C VAL F 766 58.46 48.85 -70.42
N LYS F 767 57.66 48.31 -71.36
CA LYS F 767 57.83 46.91 -71.74
C LYS F 767 59.17 46.67 -72.40
N THR F 768 59.56 47.53 -73.34
CA THR F 768 60.83 47.35 -74.03
C THR F 768 62.01 47.49 -73.09
N VAL F 769 61.96 48.48 -72.20
CA VAL F 769 63.08 48.69 -71.29
C VAL F 769 63.22 47.54 -70.31
N ARG F 770 62.11 46.94 -69.88
CA ARG F 770 62.17 45.82 -68.95
C ARG F 770 62.87 44.62 -69.58
N LEU F 771 62.55 44.32 -70.83
CA LEU F 771 63.16 43.17 -71.49
C LEU F 771 64.67 43.31 -71.59
N ARG F 772 65.18 44.53 -71.75
CA ARG F 772 66.62 44.75 -71.79
C ARG F 772 67.22 44.42 -70.42
N GLY F 773 66.53 44.79 -69.36
CA GLY F 773 66.98 44.49 -68.01
C GLY F 773 67.37 45.73 -67.24
N PHE F 774 66.45 46.25 -66.44
CA PHE F 774 66.64 47.48 -65.68
C PHE F 774 65.66 47.46 -64.52
N THR F 775 65.67 48.54 -63.74
CA THR F 775 64.73 48.73 -62.65
C THR F 775 63.79 49.89 -62.97
N MET F 776 62.62 49.85 -62.35
CA MET F 776 61.63 50.90 -62.57
C MET F 776 62.03 52.22 -61.92
N LEU F 777 62.84 52.17 -60.87
CA LEU F 777 63.42 53.39 -60.32
C LEU F 777 64.33 54.06 -61.34
N GLN F 778 65.13 53.27 -62.06
CA GLN F 778 66.04 53.83 -63.05
C GLN F 778 65.28 54.61 -64.12
N LEU F 779 64.16 54.06 -64.59
CA LEU F 779 63.39 54.75 -65.61
C LEU F 779 62.80 56.05 -65.08
N SER F 780 62.32 56.04 -63.83
CA SER F 780 61.76 57.26 -63.25
C SER F 780 62.82 58.35 -63.12
N ASN F 781 64.02 57.99 -62.65
CA ASN F 781 65.09 58.96 -62.53
C ASN F 781 65.44 59.54 -63.90
N CYS F 782 65.36 58.72 -64.94
CA CYS F 782 65.72 59.18 -66.28
C CYS F 782 64.69 60.15 -66.83
N ILE F 783 63.41 59.84 -66.70
CA ILE F 783 62.37 60.69 -67.26
C ILE F 783 62.41 62.07 -66.62
N GLN F 784 62.53 62.13 -65.30
CA GLN F 784 62.49 63.42 -64.61
C GLN F 784 63.66 64.32 -64.98
N GLU F 785 64.88 63.73 -64.93
CA GLU F 785 66.15 64.46 -65.19
C GLU F 785 66.11 65.14 -66.53
N TYR F 786 65.88 64.38 -67.58
CA TYR F 786 65.78 64.95 -68.92
C TYR F 786 64.43 65.62 -69.17
N SER F 787 63.50 65.59 -68.22
CA SER F 787 62.36 66.49 -68.27
C SER F 787 62.70 67.89 -67.78
N TYR F 788 63.73 68.02 -66.95
CA TYR F 788 64.17 69.33 -66.47
C TYR F 788 65.14 69.99 -67.43
N LEU F 789 65.82 69.19 -68.25
CA LEU F 789 66.71 69.72 -69.30
C LEU F 789 65.86 70.14 -70.50
N ASN F 790 64.54 70.08 -70.42
CA ASN F 790 63.59 70.59 -71.46
C ASN F 790 63.76 69.79 -72.74
N VAL F 791 63.99 68.48 -72.68
CA VAL F 791 64.05 67.68 -73.89
C VAL F 791 62.68 67.07 -74.19
N TRP F 792 62.05 66.44 -73.19
CA TRP F 792 60.70 65.93 -73.35
C TRP F 792 59.84 66.23 -72.14
N HIS F 793 58.55 65.94 -72.32
CA HIS F 793 57.53 66.08 -71.29
C HIS F 793 56.59 64.89 -71.37
N LEU F 794 56.02 64.52 -70.23
CA LEU F 794 55.09 63.40 -70.13
C LEU F 794 53.69 63.96 -69.96
N ILE F 795 52.83 63.72 -70.94
CA ILE F 795 51.52 64.36 -70.99
C ILE F 795 50.43 63.31 -70.88
N ASN F 796 49.19 63.81 -70.75
CA ASN F 796 47.99 62.96 -70.69
C ASN F 796 48.00 62.05 -69.47
N GLU F 797 48.53 62.54 -68.34
CA GLU F 797 48.60 61.77 -67.10
C GLU F 797 49.42 60.51 -67.25
N GLY F 798 50.56 60.59 -67.94
CA GLY F 798 51.46 59.48 -68.06
C GLY F 798 51.16 58.51 -69.17
N ASN F 799 50.50 58.96 -70.24
CA ASN F 799 50.10 58.07 -71.32
C ASN F 799 50.99 58.16 -72.55
N THR F 800 51.50 59.34 -72.88
CA THR F 800 52.32 59.52 -74.07
C THR F 800 53.55 60.35 -73.76
N LEU F 801 54.62 60.11 -74.53
CA LEU F 801 55.87 60.84 -74.39
C LEU F 801 56.08 61.69 -75.63
N LYS F 802 56.34 62.97 -75.43
CA LYS F 802 56.46 63.93 -76.53
C LYS F 802 57.79 64.65 -76.41
N PHE F 803 58.55 64.68 -77.49
CA PHE F 803 59.87 65.35 -77.53
C PHE F 803 59.64 66.78 -78.04
N VAL F 804 60.07 67.83 -77.35
CA VAL F 804 59.89 69.27 -77.71
C VAL F 804 60.77 69.56 -78.91
N ASP F 805 60.23 69.71 -80.12
CA ASP F 805 61.02 69.95 -81.33
C ASP F 805 62.12 68.90 -81.47
N LEU I 181 -55.57 18.17 -11.81
CA LEU I 181 -56.64 17.11 -11.77
C LEU I 181 -57.75 17.49 -10.79
N THR I 182 -58.82 16.71 -10.65
CA THR I 182 -59.91 16.91 -9.71
C THR I 182 -59.97 15.74 -8.73
N LEU I 183 -60.89 15.77 -7.78
CA LEU I 183 -60.96 14.74 -6.70
C LEU I 183 -61.51 13.45 -7.27
N GLU I 184 -62.55 13.50 -8.07
CA GLU I 184 -63.04 12.26 -8.67
C GLU I 184 -62.11 11.74 -9.76
N SER I 185 -61.14 12.53 -10.21
CA SER I 185 -60.15 12.05 -11.16
C SER I 185 -59.11 11.16 -10.50
N LEU I 186 -58.75 11.47 -9.25
CA LEU I 186 -57.71 10.71 -8.57
C LEU I 186 -58.15 9.27 -8.31
N SER I 187 -59.45 9.02 -8.16
CA SER I 187 -59.92 7.69 -7.79
C SER I 187 -59.87 6.70 -8.95
N ASN I 188 -59.26 7.04 -10.08
CA ASN I 188 -58.95 6.11 -11.17
C ASN I 188 -57.42 6.05 -11.19
N VAL I 189 -56.84 5.07 -10.53
CA VAL I 189 -55.36 4.90 -10.46
C VAL I 189 -54.91 4.52 -11.86
N LYS I 190 -53.84 5.11 -12.36
CA LYS I 190 -53.29 4.71 -13.66
C LYS I 190 -51.82 4.37 -13.46
N ALA I 191 -51.49 3.58 -12.43
CA ALA I 191 -50.11 3.19 -12.18
C ALA I 191 -50.08 1.74 -11.73
N ASN I 192 -48.87 1.22 -11.53
CA ASN I 192 -48.72 -0.15 -11.05
C ASN I 192 -49.30 -0.33 -9.65
N SER I 193 -49.07 0.61 -8.76
CA SER I 193 -49.54 0.48 -7.39
C SER I 193 -49.83 1.86 -6.81
N TYR I 194 -50.35 1.85 -5.59
CA TYR I 194 -50.71 3.10 -4.92
C TYR I 194 -49.48 3.97 -4.69
N SER I 195 -48.36 3.35 -4.32
CA SER I 195 -47.18 4.11 -3.94
C SER I 195 -46.66 4.95 -5.10
N GLU I 196 -46.70 4.40 -6.30
CA GLU I 196 -46.15 5.05 -7.51
C GLU I 196 -47.16 6.09 -7.99
N TRP I 197 -48.45 5.88 -7.71
CA TRP I 197 -49.47 6.86 -8.02
C TRP I 197 -49.31 8.11 -7.16
N ILE I 198 -49.06 7.93 -5.86
CA ILE I 198 -48.99 9.08 -4.97
C ILE I 198 -47.74 9.92 -5.19
N THR I 199 -46.69 9.36 -5.77
CA THR I 199 -45.43 10.09 -5.91
C THR I 199 -45.36 10.95 -7.17
N GLN I 200 -46.29 10.79 -8.11
CA GLN I 200 -46.28 11.61 -9.31
C GLN I 200 -46.52 13.08 -8.92
N PRO I 201 -45.79 14.03 -9.50
CA PRO I 201 -45.92 15.42 -9.04
C PRO I 201 -47.32 16.00 -9.14
N ASN I 202 -48.01 15.70 -10.23
CA ASN I 202 -49.37 16.25 -10.52
C ASN I 202 -50.39 15.85 -9.47
N VAL I 203 -50.30 14.61 -8.99
CA VAL I 203 -51.25 14.05 -7.99
C VAL I 203 -50.84 14.57 -6.61
N SER I 204 -49.58 14.83 -6.35
CA SER I 204 -49.12 15.41 -5.09
C SER I 204 -49.58 16.84 -4.95
N ARG I 205 -49.47 17.63 -6.02
CA ARG I 205 -49.97 19.00 -5.99
C ARG I 205 -51.48 19.04 -5.75
N THR I 206 -52.21 18.15 -6.43
CA THR I 206 -53.66 18.08 -6.25
C THR I 206 -54.01 17.84 -4.79
N ILE I 207 -53.38 16.87 -4.17
CA ILE I 207 -53.74 16.46 -2.80
C ILE I 207 -53.25 17.53 -1.84
N ALA I 208 -52.17 18.23 -2.12
CA ALA I 208 -51.76 19.32 -1.24
C ALA I 208 -52.78 20.44 -1.24
N ARG I 209 -53.26 20.83 -2.43
CA ARG I 209 -54.29 21.86 -2.50
C ARG I 209 -55.57 21.41 -1.78
N GLU I 210 -55.96 20.17 -1.95
CA GLU I 210 -57.22 19.65 -1.38
C GLU I 210 -57.05 19.51 0.14
N LEU I 211 -55.85 19.29 0.65
CA LEU I 211 -55.61 19.31 2.10
C LEU I 211 -55.68 20.71 2.65
N LYS I 212 -55.19 21.71 1.92
CA LYS I 212 -55.38 23.09 2.34
C LYS I 212 -56.86 23.41 2.44
N SER I 213 -57.65 23.03 1.47
CA SER I 213 -59.13 23.19 1.51
C SER I 213 -59.72 22.49 2.73
N PHE I 214 -59.28 21.29 3.08
CA PHE I 214 -59.83 20.63 4.27
C PHE I 214 -59.47 21.42 5.51
N LEU I 215 -58.22 21.89 5.61
CA LEU I 215 -57.80 22.63 6.79
C LEU I 215 -58.63 23.89 6.98
N LEU I 216 -58.84 24.65 5.92
CA LEU I 216 -59.44 25.98 6.10
C LEU I 216 -60.92 26.06 5.73
N GLU I 217 -61.64 24.94 5.63
CA GLU I 217 -63.10 24.93 5.32
C GLU I 217 -63.90 23.92 6.14
N TYR I 218 -63.55 23.64 7.39
CA TYR I 218 -64.37 22.73 8.17
C TYR I 218 -65.29 23.48 9.13
N THR I 219 -66.36 22.81 9.54
CA THR I 219 -67.38 23.38 10.41
C THR I 219 -68.11 22.27 11.16
N ASP I 220 -68.23 22.43 12.46
CA ASP I 220 -68.88 21.43 13.33
C ASP I 220 -70.38 21.53 13.19
N GLU I 221 -71.16 20.86 14.03
CA GLU I 221 -72.64 20.98 14.08
C GLU I 221 -72.94 22.47 14.14
N THR I 222 -72.56 23.11 15.23
CA THR I 222 -72.82 24.54 15.36
C THR I 222 -72.15 25.32 14.25
N GLY I 223 -70.99 24.86 13.80
CA GLY I 223 -70.23 25.53 12.76
C GLY I 223 -68.88 26.04 13.21
N ARG I 224 -68.56 25.85 14.48
CA ARG I 224 -67.29 26.38 15.04
C ARG I 224 -66.10 25.86 14.20
N SER I 225 -65.02 26.64 14.01
CA SER I 225 -63.82 26.20 13.30
C SER I 225 -63.04 25.22 14.16
N VAL I 226 -63.34 23.93 14.01
CA VAL I 226 -62.71 22.94 14.87
C VAL I 226 -61.20 23.01 14.77
N TYR I 227 -60.68 23.20 13.56
CA TYR I 227 -59.23 23.26 13.39
C TYR I 227 -58.70 24.68 13.55
N GLY I 228 -59.54 25.69 13.33
CA GLY I 228 -59.10 27.05 13.57
C GLY I 228 -58.73 27.30 15.02
N ALA I 229 -59.59 26.88 15.94
CA ALA I 229 -59.29 27.04 17.36
C ALA I 229 -58.11 26.19 17.81
N ARG I 230 -57.96 25.00 17.24
CA ARG I 230 -56.80 24.19 17.55
C ARG I 230 -55.51 24.86 17.08
N ILE I 231 -55.53 25.46 15.89
CA ILE I 231 -54.35 26.19 15.42
C ILE I 231 -54.12 27.47 16.20
N ARG I 232 -55.08 28.10 16.86
CA ARG I 232 -54.75 29.26 17.74
C ARG I 232 -54.27 28.74 19.11
N THR I 233 -54.78 27.63 19.66
CA THR I 233 -54.14 27.12 20.87
C THR I 233 -52.77 26.54 20.59
N LEU I 234 -52.46 26.24 19.34
CA LEU I 234 -51.09 25.92 18.96
C LEU I 234 -50.16 27.08 19.30
N GLY I 235 -50.63 28.31 19.11
CA GLY I 235 -49.77 29.47 19.33
C GLY I 235 -49.39 29.65 20.79
N GLU I 236 -50.36 29.49 21.69
CA GLU I 236 -50.13 29.84 23.09
C GLU I 236 -49.08 28.93 23.72
N MET I 237 -49.32 27.62 23.74
CA MET I 237 -48.31 26.70 24.25
C MET I 237 -47.16 26.51 23.28
N ASN I 238 -47.34 26.85 22.01
CA ASN I 238 -46.28 26.81 21.00
C ASN I 238 -45.88 25.37 20.69
N SER I 239 -46.89 24.49 20.60
CA SER I 239 -46.62 23.08 20.43
C SER I 239 -46.23 22.77 18.99
N GLU I 240 -45.68 21.57 18.79
CA GLU I 240 -45.18 21.15 17.48
C GLU I 240 -45.98 19.99 16.90
N SER I 241 -47.15 19.68 17.46
CA SER I 241 -47.93 18.54 17.02
C SER I 241 -49.40 18.94 16.88
N LEU I 242 -50.07 18.36 15.89
CA LEU I 242 -51.45 18.68 15.59
C LEU I 242 -52.28 17.40 15.55
N GLU I 243 -53.50 17.48 16.07
CA GLU I 243 -54.39 16.34 16.17
C GLU I 243 -55.45 16.42 15.08
N VAL I 244 -55.60 15.33 14.33
CA VAL I 244 -56.59 15.24 13.26
C VAL I 244 -57.45 14.02 13.52
N ASN I 245 -58.70 14.09 13.08
CA ASN I 245 -59.69 13.03 13.31
C ASN I 245 -60.02 12.38 11.97
N TYR I 246 -59.84 11.05 11.92
CA TYR I 246 -60.09 10.30 10.70
C TYR I 246 -61.55 10.36 10.27
N ARG I 247 -62.46 10.46 11.25
CA ARG I 247 -63.88 10.53 10.93
C ARG I 247 -64.22 11.74 10.06
N HIS I 248 -63.64 12.89 10.36
CA HIS I 248 -63.86 14.09 9.56
C HIS I 248 -63.31 13.98 8.15
N LEU I 249 -62.12 13.40 8.00
CA LEU I 249 -61.53 13.21 6.69
C LEU I 249 -62.25 12.17 5.86
N ALA I 250 -62.87 11.17 6.49
CA ALA I 250 -63.77 10.27 5.79
C ALA I 250 -65.10 10.93 5.45
N GLU I 251 -65.58 11.81 6.32
CA GLU I 251 -66.78 12.58 6.03
C GLU I 251 -66.62 13.44 4.78
N SER I 252 -65.52 14.18 4.70
CA SER I 252 -65.34 15.12 3.61
C SER I 252 -64.89 14.43 2.32
N LYS I 253 -63.71 13.81 2.36
CA LYS I 253 -63.02 13.39 1.14
C LYS I 253 -62.52 11.96 1.33
N ALA I 254 -63.09 11.02 0.58
CA ALA I 254 -62.90 9.60 0.86
C ALA I 254 -61.65 9.00 0.23
N ILE I 255 -61.27 9.43 -0.98
CA ILE I 255 -60.07 8.88 -1.59
C ILE I 255 -58.85 9.19 -0.73
N LEU I 256 -58.83 10.36 -0.10
CA LEU I 256 -57.76 10.67 0.84
C LEU I 256 -57.72 9.68 1.99
N ALA I 257 -58.89 9.28 2.50
CA ALA I 257 -58.93 8.31 3.59
C ALA I 257 -58.40 6.95 3.13
N LEU I 258 -58.77 6.52 1.92
CA LEU I 258 -58.23 5.26 1.41
C LEU I 258 -56.71 5.30 1.28
N PHE I 259 -56.17 6.39 0.73
CA PHE I 259 -54.73 6.52 0.61
C PHE I 259 -54.05 6.60 1.96
N LEU I 260 -54.71 7.23 2.95
CA LEU I 260 -54.17 7.24 4.30
C LEU I 260 -54.12 5.84 4.89
N ALA I 261 -55.13 5.02 4.63
CA ALA I 261 -55.09 3.63 5.07
C ALA I 261 -53.99 2.83 4.40
N LYS I 262 -53.79 3.01 3.08
CA LYS I 262 -52.91 2.11 2.35
C LYS I 262 -51.44 2.55 2.36
N CYS I 263 -51.17 3.82 2.08
CA CYS I 263 -49.80 4.30 2.00
C CYS I 263 -49.63 5.52 2.89
N PRO I 264 -49.73 5.36 4.21
CA PRO I 264 -49.65 6.53 5.10
C PRO I 264 -48.30 7.25 5.06
N GLU I 265 -47.21 6.55 4.77
CA GLU I 265 -45.89 7.18 4.85
C GLU I 265 -45.78 8.33 3.87
N GLU I 266 -46.21 8.13 2.62
CA GLU I 266 -46.14 9.20 1.64
C GLU I 266 -47.13 10.31 1.94
N MET I 267 -48.32 9.96 2.41
CA MET I 267 -49.34 10.95 2.71
C MET I 267 -48.93 11.90 3.83
N LEU I 268 -48.29 11.39 4.88
CA LEU I 268 -48.02 12.19 6.06
C LEU I 268 -47.03 13.32 5.83
N LYS I 269 -46.02 13.13 4.97
CA LYS I 269 -45.11 14.22 4.65
C LYS I 269 -45.86 15.40 4.02
N ILE I 270 -46.74 15.07 3.10
CA ILE I 270 -47.53 16.07 2.30
C ILE I 270 -48.42 16.77 3.30
N PHE I 271 -49.02 16.05 4.20
CA PHE I 271 -50.02 16.54 5.18
C PHE I 271 -49.33 17.41 6.22
N ASP I 272 -48.07 17.12 6.52
CA ASP I 272 -47.28 17.88 7.53
C ASP I 272 -46.79 19.19 6.92
N LEU I 273 -46.43 19.22 5.65
CA LEU I 273 -46.09 20.49 5.00
C LEU I 273 -47.31 21.40 4.89
N VAL I 274 -48.46 20.81 4.54
CA VAL I 274 -49.69 21.59 4.47
C VAL I 274 -50.02 22.22 5.82
N ALA I 275 -49.89 21.45 6.89
CA ALA I 275 -50.18 21.99 8.22
C ALA I 275 -49.24 23.14 8.57
N MET I 276 -47.95 22.99 8.26
CA MET I 276 -47.00 24.03 8.61
C MET I 276 -47.31 25.32 7.86
N GLU I 277 -47.61 25.22 6.57
CA GLU I 277 -47.95 26.41 5.80
C GLU I 277 -49.22 27.07 6.34
N ALA I 278 -50.24 26.27 6.65
CA ALA I 278 -51.48 26.82 7.19
C ALA I 278 -51.22 27.54 8.50
N THR I 279 -50.40 26.96 9.37
CA THR I 279 -50.09 27.61 10.64
C THR I 279 -49.39 28.94 10.43
N GLU I 280 -48.37 28.97 9.57
CA GLU I 280 -47.73 30.25 9.27
C GLU I 280 -48.72 31.26 8.74
N LEU I 281 -49.73 30.82 8.00
CA LEU I 281 -50.71 31.76 7.46
C LEU I 281 -51.49 32.47 8.56
N HIS I 282 -51.56 31.93 9.79
CA HIS I 282 -52.27 32.48 10.98
C HIS I 282 -51.29 32.94 12.09
N TYR I 283 -50.02 32.53 12.15
CA TYR I 283 -49.03 32.96 13.18
C TYR I 283 -47.71 33.27 12.47
N PRO I 284 -47.38 34.51 12.07
CA PRO I 284 -46.17 34.78 11.25
C PRO I 284 -44.89 34.47 12.04
N ASP I 285 -43.77 34.09 11.44
CA ASP I 285 -42.49 33.90 12.19
C ASP I 285 -42.56 32.79 13.24
N TYR I 286 -43.44 31.82 13.10
CA TYR I 286 -43.53 30.62 13.98
C TYR I 286 -42.57 29.55 13.45
N ALA I 287 -41.92 29.75 12.31
CA ALA I 287 -40.96 28.78 11.70
C ALA I 287 -39.66 28.86 12.47
N ARG I 288 -39.52 29.85 13.33
CA ARG I 288 -38.34 30.03 14.18
C ARG I 288 -38.66 29.30 15.48
N ILE I 289 -39.76 29.63 16.13
CA ILE I 289 -40.10 29.03 17.45
C ILE I 289 -40.30 27.54 17.21
N HIS I 290 -40.60 27.09 16.00
CA HIS I 290 -40.65 25.67 15.70
C HIS I 290 -40.58 25.48 14.20
N SER I 291 -39.85 24.44 13.77
CA SER I 291 -39.48 24.27 12.38
C SER I 291 -40.27 23.18 11.65
N GLU I 292 -41.20 22.51 12.32
CA GLU I 292 -41.96 21.45 11.66
C GLU I 292 -43.11 21.04 12.56
N ILE I 293 -44.28 20.80 11.97
CA ILE I 293 -45.49 20.43 12.71
C ILE I 293 -45.83 19.00 12.37
N HIS I 294 -46.10 18.19 13.39
CA HIS I 294 -46.34 16.77 13.24
C HIS I 294 -47.84 16.50 13.29
N VAL I 295 -48.31 15.62 12.41
CA VAL I 295 -49.72 15.24 12.36
C VAL I 295 -49.87 13.89 13.07
N ARG I 296 -50.87 13.80 13.91
CA ARG I 296 -51.20 12.56 14.61
C ARG I 296 -52.69 12.29 14.39
N ILE I 297 -52.99 11.15 13.78
CA ILE I 297 -54.38 10.78 13.55
C ILE I 297 -54.97 10.23 14.84
N SER I 298 -56.18 10.69 15.18
CA SER I 298 -56.76 10.39 16.48
C SER I 298 -57.62 9.13 16.45
N ASP I 299 -58.67 9.12 15.63
CA ASP I 299 -59.54 7.95 15.58
C ASP I 299 -59.31 7.17 14.30
N PHE I 300 -59.65 5.87 14.34
CA PHE I 300 -59.39 4.98 13.22
C PHE I 300 -60.19 3.70 13.46
N PRO I 301 -60.97 3.23 12.50
CA PRO I 301 -61.95 2.16 12.80
C PRO I 301 -61.37 0.87 13.34
N THR I 302 -60.48 0.22 12.58
CA THR I 302 -60.14 -1.18 12.84
C THR I 302 -59.10 -1.29 13.95
N ILE I 303 -59.39 -2.15 14.92
CA ILE I 303 -58.53 -2.34 16.09
C ILE I 303 -58.15 -3.81 16.14
N TYR I 304 -56.85 -4.09 16.18
CA TYR I 304 -56.31 -5.43 16.12
C TYR I 304 -55.73 -5.85 17.46
N SER I 305 -55.71 -7.15 17.70
CA SER I 305 -54.87 -7.73 18.74
C SER I 305 -53.55 -8.17 18.10
N LEU I 306 -52.51 -8.29 18.93
CA LEU I 306 -51.18 -8.56 18.41
C LEU I 306 -51.07 -9.91 17.72
N ARG I 307 -51.97 -10.85 18.00
CA ARG I 307 -51.87 -12.19 17.44
C ARG I 307 -52.57 -12.31 16.08
N GLU I 308 -53.38 -11.33 15.70
CA GLU I 308 -54.11 -11.40 14.44
C GLU I 308 -53.27 -10.94 13.25
N LEU I 309 -52.18 -10.23 13.48
CA LEU I 309 -51.44 -9.60 12.39
C LEU I 309 -50.84 -10.65 11.47
N ARG I 310 -50.88 -10.38 10.15
CA ARG I 310 -50.26 -11.26 9.18
C ARG I 310 -49.47 -10.47 8.14
N GLU I 311 -48.95 -11.15 7.12
CA GLU I 311 -48.13 -10.48 6.11
C GLU I 311 -48.96 -9.67 5.12
N SER I 312 -50.29 -9.75 5.19
CA SER I 312 -51.11 -8.86 4.38
C SER I 312 -51.21 -7.47 4.98
N ASN I 313 -50.74 -7.30 6.23
CA ASN I 313 -50.84 -6.03 6.93
C ASN I 313 -49.56 -5.20 6.84
N LEU I 314 -48.60 -5.61 6.03
CA LEU I 314 -47.30 -4.96 6.00
C LEU I 314 -47.37 -3.61 5.28
N SER I 315 -46.71 -2.60 5.79
CA SER I 315 -46.72 -1.20 5.27
C SER I 315 -48.15 -0.66 5.22
N SER I 316 -48.89 -0.69 6.32
CA SER I 316 -50.27 -0.24 6.38
C SER I 316 -50.49 0.42 7.73
N LEU I 317 -51.57 1.19 7.83
CA LEU I 317 -51.92 1.84 9.07
C LEU I 317 -52.72 0.88 9.95
N VAL I 318 -52.32 0.78 11.22
CA VAL I 318 -52.91 -0.15 12.16
C VAL I 318 -53.18 0.57 13.48
N ARG I 319 -54.05 -0.03 14.28
CA ARG I 319 -54.35 0.43 15.63
C ARG I 319 -54.43 -0.79 16.53
N VAL I 320 -53.68 -0.78 17.63
CA VAL I 320 -53.54 -1.97 18.48
C VAL I 320 -53.67 -1.59 19.94
N THR I 321 -53.96 -2.59 20.76
CA THR I 321 -53.98 -2.49 22.21
C THR I 321 -52.90 -3.37 22.80
N GLY I 322 -52.60 -3.16 24.07
CA GLY I 322 -51.59 -3.95 24.74
C GLY I 322 -51.18 -3.33 26.06
N VAL I 323 -50.17 -3.94 26.67
CA VAL I 323 -49.63 -3.51 27.95
C VAL I 323 -48.14 -3.27 27.78
N VAL I 324 -47.63 -2.23 28.42
CA VAL I 324 -46.23 -1.83 28.30
C VAL I 324 -45.42 -2.58 29.34
N THR I 325 -44.44 -3.36 28.87
CA THR I 325 -43.62 -4.20 29.73
C THR I 325 -42.19 -3.73 29.88
N ARG I 326 -41.63 -3.06 28.88
CA ARG I 326 -40.26 -2.57 28.97
C ARG I 326 -40.17 -1.20 28.33
N ARG I 327 -39.15 -0.45 28.71
CA ARG I 327 -38.92 0.90 28.23
C ARG I 327 -37.42 1.18 28.21
N THR I 328 -36.98 1.91 27.20
CA THR I 328 -35.58 2.33 27.11
C THR I 328 -35.46 3.83 27.38
N GLY I 329 -34.22 4.30 27.40
CA GLY I 329 -33.95 5.71 27.60
C GLY I 329 -34.08 6.51 26.32
N VAL I 330 -33.83 7.80 26.44
CA VAL I 330 -33.97 8.72 25.31
C VAL I 330 -32.61 8.83 24.62
N PHE I 331 -32.56 8.38 23.37
CA PHE I 331 -31.36 8.52 22.55
C PHE I 331 -31.60 9.55 21.45
N PRO I 332 -30.56 10.29 21.04
CA PRO I 332 -30.73 11.22 19.92
C PRO I 332 -30.54 10.56 18.56
N GLN I 333 -31.32 11.04 17.59
CA GLN I 333 -31.28 10.55 16.22
C GLN I 333 -31.00 11.72 15.29
N LEU I 334 -30.27 11.44 14.21
CA LEU I 334 -29.83 12.50 13.30
C LEU I 334 -31.00 13.05 12.51
N LYS I 335 -31.13 14.39 12.49
CA LYS I 335 -32.19 15.06 11.74
C LYS I 335 -31.65 15.93 10.62
N TYR I 336 -30.77 16.89 10.92
CA TYR I 336 -30.16 17.77 9.93
C TYR I 336 -28.64 17.64 10.06
N VAL I 337 -28.02 16.95 9.11
CA VAL I 337 -26.65 16.46 9.25
C VAL I 337 -25.70 17.34 8.44
N LYS I 338 -24.56 17.67 9.05
CA LYS I 338 -23.51 18.44 8.40
C LYS I 338 -22.23 17.62 8.34
N PHE I 339 -21.58 17.63 7.17
CA PHE I 339 -20.42 16.80 6.89
C PHE I 339 -19.19 17.68 6.75
N ASN I 340 -18.02 17.10 7.05
CA ASN I 340 -16.74 17.76 6.88
C ASN I 340 -15.99 17.15 5.72
N CYS I 341 -15.32 17.94 4.92
CA CYS I 341 -14.42 17.44 3.84
C CYS I 341 -13.04 17.51 4.47
N LEU I 342 -12.34 16.42 4.64
CA LEU I 342 -11.06 16.37 5.38
C LEU I 342 -9.85 16.72 4.49
N LYS I 343 -10.05 17.36 3.34
CA LYS I 343 -8.96 17.89 2.47
C LYS I 343 -8.96 19.43 2.52
N CYS I 344 -10.11 20.07 2.38
CA CYS I 344 -10.31 21.55 2.32
C CYS I 344 -11.06 22.08 3.54
N GLY I 345 -11.35 21.27 4.54
CA GLY I 345 -11.99 21.68 5.80
C GLY I 345 -13.21 22.53 5.55
N SER I 346 -14.26 21.98 4.96
CA SER I 346 -15.51 22.72 4.69
C SER I 346 -16.69 22.03 5.38
N ILE I 347 -17.75 22.75 5.72
CA ILE I 347 -18.97 22.20 6.35
C ILE I 347 -20.05 22.15 5.26
N LEU I 348 -20.49 20.96 4.82
CA LEU I 348 -21.51 20.81 3.80
C LEU I 348 -22.89 20.88 4.43
N GLY I 349 -23.82 21.52 3.72
CA GLY I 349 -25.02 22.03 4.33
C GLY I 349 -26.03 20.99 4.77
N PRO I 350 -27.13 21.46 5.35
CA PRO I 350 -28.14 20.53 5.90
C PRO I 350 -28.61 19.47 4.92
N PHE I 351 -28.56 18.22 5.37
CA PHE I 351 -29.12 17.08 4.65
C PHE I 351 -30.10 16.38 5.59
N PHE I 352 -31.17 15.83 5.04
CA PHE I 352 -32.28 15.32 5.82
C PHE I 352 -32.19 13.81 5.97
N GLN I 353 -32.64 13.30 7.11
CA GLN I 353 -32.58 11.88 7.43
C GLN I 353 -34.00 11.33 7.44
N ASP I 354 -34.21 10.21 6.74
CA ASP I 354 -35.56 9.78 6.39
C ASP I 354 -36.13 8.81 7.42
N SER I 355 -35.32 8.34 8.35
CA SER I 355 -35.73 7.34 9.32
C SER I 355 -35.84 5.96 8.69
N ASN I 356 -35.19 5.76 7.55
CA ASN I 356 -35.12 4.44 6.90
C ASN I 356 -33.69 3.92 6.84
N GLU I 357 -32.76 4.67 6.26
CA GLU I 357 -31.39 4.21 6.11
C GLU I 357 -30.46 5.41 6.17
N GLU I 358 -29.23 5.17 6.61
CA GLU I 358 -28.28 6.26 6.85
C GLU I 358 -27.87 6.91 5.53
N ILE I 359 -27.66 8.22 5.57
CA ILE I 359 -27.35 9.00 4.38
C ILE I 359 -25.85 9.26 4.33
N ARG I 360 -25.27 9.16 3.13
CA ARG I 360 -23.85 9.38 2.92
C ARG I 360 -23.65 10.23 1.66
N ILE I 361 -22.69 11.15 1.72
CA ILE I 361 -22.41 12.04 0.60
C ILE I 361 -21.17 11.56 -0.13
N SER I 362 -20.96 12.11 -1.32
CA SER I 362 -19.87 11.66 -2.19
C SER I 362 -19.11 12.77 -2.91
N PHE I 363 -19.55 14.02 -2.90
CA PHE I 363 -18.93 15.06 -3.71
C PHE I 363 -18.76 16.35 -2.91
N CYS I 364 -17.56 16.95 -2.93
CA CYS I 364 -17.27 18.29 -2.32
C CYS I 364 -17.42 19.33 -3.42
N THR I 365 -18.26 20.31 -3.25
CA THR I 365 -18.51 21.30 -4.29
C THR I 365 -17.35 22.29 -4.42
N ASN I 366 -16.64 22.63 -3.36
CA ASN I 366 -15.51 23.61 -3.38
C ASN I 366 -14.23 22.99 -3.98
N CYS I 367 -13.75 21.84 -3.53
CA CYS I 367 -12.47 21.19 -3.96
C CYS I 367 -12.75 20.06 -4.96
N LYS I 368 -13.96 19.56 -5.14
CA LYS I 368 -14.34 18.61 -6.23
C LYS I 368 -13.66 17.29 -5.92
N SER I 369 -14.08 16.57 -4.88
CA SER I 369 -13.43 15.33 -4.38
C SER I 369 -14.45 14.30 -3.95
N LYS I 370 -14.07 13.04 -3.83
CA LYS I 370 -14.96 11.99 -3.23
C LYS I 370 -14.20 11.43 -2.05
N GLY I 371 -13.42 12.23 -1.36
CA GLY I 371 -12.52 11.72 -0.33
C GLY I 371 -13.19 11.36 0.94
N PRO I 372 -12.43 11.18 2.03
CA PRO I 372 -13.07 10.95 3.32
C PRO I 372 -14.05 12.06 3.70
N PHE I 373 -15.15 11.75 4.39
CA PHE I 373 -16.18 12.72 4.85
C PHE I 373 -16.72 12.28 6.25
N ARG I 374 -16.87 13.14 7.28
CA ARG I 374 -17.28 12.79 8.62
C ARG I 374 -18.33 13.78 9.11
N VAL I 375 -19.23 13.29 9.95
CA VAL I 375 -20.37 14.07 10.41
C VAL I 375 -19.92 15.04 11.50
N ASN I 376 -20.40 16.28 11.42
CA ASN I 376 -20.07 17.31 12.41
C ASN I 376 -21.09 17.22 13.53
N GLY I 377 -20.68 16.64 14.66
CA GLY I 377 -21.61 16.49 15.78
C GLY I 377 -22.08 17.82 16.34
N GLU I 378 -21.22 18.82 16.34
CA GLU I 378 -21.57 20.09 16.98
C GLU I 378 -22.62 20.86 16.19
N LYS I 379 -22.59 20.80 14.86
CA LYS I 379 -23.48 21.59 14.02
C LYS I 379 -24.71 20.80 13.57
N THR I 380 -24.90 19.60 14.08
CA THR I 380 -26.02 18.75 13.72
C THR I 380 -27.19 18.98 14.69
N VAL I 381 -28.40 18.76 14.19
CA VAL I 381 -29.61 18.84 14.99
C VAL I 381 -30.23 17.45 15.06
N TYR I 382 -30.66 17.06 16.26
CA TYR I 382 -31.04 15.68 16.53
C TYR I 382 -32.52 15.59 16.89
N ARG I 383 -32.98 14.35 17.07
CA ARG I 383 -34.38 14.01 17.30
C ARG I 383 -34.47 13.00 18.44
N ASN I 384 -35.62 12.98 19.10
CA ASN I 384 -35.84 12.12 20.25
C ASN I 384 -36.27 10.72 19.80
N TYR I 385 -35.77 9.70 20.51
CA TYR I 385 -35.96 8.30 20.12
C TYR I 385 -36.13 7.44 21.36
N GLN I 386 -37.06 6.49 21.30
CA GLN I 386 -37.32 5.57 22.40
C GLN I 386 -38.05 4.34 21.86
N ARG I 387 -37.82 3.20 22.50
CA ARG I 387 -38.41 1.92 22.09
C ARG I 387 -39.16 1.26 23.24
N VAL I 388 -40.27 0.61 22.92
CA VAL I 388 -41.17 0.02 23.91
C VAL I 388 -41.62 -1.36 23.43
N THR I 389 -41.95 -2.22 24.39
CA THR I 389 -42.42 -3.57 24.11
C THR I 389 -43.87 -3.69 24.56
N LEU I 390 -44.74 -4.11 23.65
CA LEU I 390 -46.17 -4.23 23.92
C LEU I 390 -46.56 -5.70 23.98
N GLN I 391 -47.29 -6.07 25.02
CA GLN I 391 -47.72 -7.44 25.24
C GLN I 391 -49.25 -7.49 25.28
N GLU I 392 -49.79 -8.59 24.78
CA GLU I 392 -51.24 -8.78 24.85
C GLU I 392 -51.69 -8.76 26.31
N ALA I 393 -52.75 -8.02 26.58
CA ALA I 393 -53.29 -7.99 27.93
C ALA I 393 -53.71 -9.39 28.34
N PRO I 394 -53.34 -9.85 29.54
CA PRO I 394 -53.61 -11.26 29.89
C PRO I 394 -55.08 -11.63 29.82
N GLY I 395 -55.96 -10.71 30.20
CA GLY I 395 -57.38 -11.00 30.27
C GLY I 395 -57.99 -11.49 28.96
N THR I 396 -57.57 -10.93 27.84
CA THR I 396 -58.23 -11.19 26.56
C THR I 396 -57.73 -12.47 25.89
N VAL I 397 -56.61 -13.04 26.33
CA VAL I 397 -56.00 -14.16 25.63
C VAL I 397 -56.92 -15.37 25.70
N PRO I 398 -57.24 -16.02 24.58
CA PRO I 398 -58.15 -17.17 24.61
C PRO I 398 -57.53 -18.32 25.40
N PRO I 399 -58.36 -19.16 26.03
CA PRO I 399 -57.81 -20.22 26.89
C PRO I 399 -56.81 -21.12 26.19
N GLY I 400 -55.71 -21.44 26.87
CA GLY I 400 -54.74 -22.40 26.40
C GLY I 400 -53.56 -21.80 25.66
N ARG I 401 -53.71 -20.60 25.13
CA ARG I 401 -52.65 -19.96 24.36
C ARG I 401 -51.90 -18.93 25.20
N LEU I 402 -50.79 -18.48 24.67
CA LEU I 402 -49.89 -17.57 25.36
C LEU I 402 -49.94 -16.18 24.74
N PRO I 403 -49.66 -15.13 25.52
CA PRO I 403 -49.64 -13.78 24.96
C PRO I 403 -48.52 -13.60 23.95
N ARG I 404 -48.79 -12.79 22.92
CA ARG I 404 -47.80 -12.40 21.94
C ARG I 404 -47.33 -10.98 22.23
N HIS I 405 -46.25 -10.58 21.56
CA HIS I 405 -45.64 -9.28 21.82
C HIS I 405 -45.11 -8.69 20.52
N ARG I 406 -44.93 -7.36 20.54
CA ARG I 406 -44.35 -6.62 19.43
C ARG I 406 -43.61 -5.41 19.97
N GLU I 407 -42.80 -4.79 19.10
CA GLU I 407 -41.97 -3.65 19.46
C GLU I 407 -42.47 -2.38 18.79
N VAL I 408 -42.33 -1.26 19.49
CA VAL I 408 -42.86 0.03 19.06
C VAL I 408 -41.77 1.08 19.19
N ILE I 409 -41.68 1.97 18.21
CA ILE I 409 -40.67 3.02 18.17
C ILE I 409 -41.38 4.37 18.21
N LEU I 410 -41.00 5.21 19.17
CA LEU I 410 -41.60 6.52 19.38
C LEU I 410 -40.58 7.62 19.11
N LEU I 411 -40.99 8.63 18.36
CA LEU I 411 -40.11 9.74 17.92
C LEU I 411 -40.64 11.13 18.32
N ALA I 412 -39.80 12.00 18.86
CA ALA I 412 -40.06 13.44 19.17
C ALA I 412 -40.95 13.62 20.41
N ASP I 413 -42.09 14.26 20.33
CA ASP I 413 -42.92 14.59 21.51
C ASP I 413 -43.57 13.34 22.12
N LEU I 414 -43.42 12.13 21.56
CA LEU I 414 -44.07 10.96 22.12
C LEU I 414 -43.22 10.22 23.14
N VAL I 415 -41.98 10.64 23.36
CA VAL I 415 -41.08 9.90 24.25
C VAL I 415 -41.47 10.16 25.69
N ASP I 416 -41.43 9.11 26.51
CA ASP I 416 -41.73 9.18 27.93
C ASP I 416 -43.15 9.65 28.20
N VAL I 417 -44.13 8.88 27.75
CA VAL I 417 -45.54 9.14 28.03
C VAL I 417 -46.15 8.01 28.86
N SER I 418 -45.94 6.77 28.44
CA SER I 418 -46.54 5.61 29.09
C SER I 418 -45.45 4.89 29.89
N LYS I 419 -45.61 4.86 31.20
CA LYS I 419 -44.65 4.16 32.03
C LYS I 419 -44.97 2.67 32.08
N PRO I 420 -44.01 1.81 32.39
CA PRO I 420 -44.28 0.36 32.38
C PRO I 420 -45.42 -0.01 33.31
N GLY I 421 -46.28 -0.90 32.83
CA GLY I 421 -47.40 -1.40 33.61
C GLY I 421 -48.75 -0.83 33.23
N GLU I 422 -48.86 -0.01 32.18
CA GLU I 422 -50.12 0.61 31.80
C GLU I 422 -50.62 0.06 30.47
N GLU I 423 -51.91 0.28 30.23
CA GLU I 423 -52.57 -0.17 29.00
C GLU I 423 -52.75 1.03 28.07
N VAL I 424 -52.35 0.86 26.82
CA VAL I 424 -52.24 1.96 25.87
C VAL I 424 -52.92 1.59 24.56
N GLU I 425 -53.22 2.55 23.69
CA GLU I 425 -53.78 2.37 22.33
C GLU I 425 -52.81 3.07 21.37
N VAL I 426 -52.29 2.38 20.37
CA VAL I 426 -51.21 2.80 19.48
C VAL I 426 -51.73 2.86 18.07
N THR I 427 -51.46 3.97 17.37
CA THR I 427 -51.76 4.12 15.96
C THR I 427 -50.43 4.30 15.20
N GLY I 428 -50.17 3.43 14.24
CA GLY I 428 -48.87 3.47 13.59
C GLY I 428 -48.83 2.60 12.35
N ILE I 429 -47.60 2.33 11.90
CA ILE I 429 -47.34 1.66 10.64
C ILE I 429 -46.58 0.36 10.91
N TYR I 430 -46.93 -0.69 10.19
CA TYR I 430 -46.38 -2.04 10.40
C TYR I 430 -45.33 -2.31 9.35
N LYS I 431 -44.08 -2.55 9.78
CA LYS I 431 -42.93 -2.57 8.89
C LYS I 431 -42.08 -3.80 9.14
N ASN I 432 -41.19 -4.07 8.19
CA ASN I 432 -40.17 -5.12 8.34
C ASN I 432 -38.84 -4.49 8.70
N ASN I 433 -38.14 -5.10 9.65
CA ASN I 433 -36.73 -4.78 9.86
C ASN I 433 -35.93 -5.40 8.74
N TYR I 434 -35.33 -4.61 7.86
CA TYR I 434 -34.42 -5.12 6.82
C TYR I 434 -33.18 -5.55 7.62
N ASP I 435 -33.27 -6.67 8.32
CA ASP I 435 -32.31 -7.29 9.24
C ASP I 435 -30.87 -6.91 8.93
N GLY I 436 -30.35 -7.55 7.93
CA GLY I 436 -28.96 -7.46 7.54
C GLY I 436 -28.68 -8.17 6.25
N ASN I 437 -27.66 -9.00 6.28
CA ASN I 437 -27.22 -9.74 5.09
C ASN I 437 -28.08 -10.98 5.06
N LEU I 438 -28.99 -11.10 4.11
CA LEU I 438 -29.72 -12.35 3.98
C LEU I 438 -28.81 -13.49 3.52
N ASN I 439 -27.67 -13.19 2.92
CA ASN I 439 -26.68 -14.23 2.68
C ASN I 439 -26.23 -14.80 4.03
N ALA I 440 -25.47 -15.89 3.97
CA ALA I 440 -25.19 -16.68 5.17
C ALA I 440 -26.54 -17.00 5.77
N LYS I 441 -26.75 -16.83 7.08
CA LYS I 441 -28.05 -17.02 7.70
C LYS I 441 -28.75 -18.24 7.12
N ASN I 442 -28.09 -19.39 7.15
CA ASN I 442 -28.68 -20.57 6.55
C ASN I 442 -29.97 -20.95 7.27
N GLY I 443 -30.90 -21.52 6.52
CA GLY I 443 -32.24 -21.78 6.98
C GLY I 443 -33.25 -21.03 6.13
N PHE I 444 -34.50 -21.11 6.57
CA PHE I 444 -35.58 -20.48 5.83
C PHE I 444 -35.44 -18.96 5.88
N PRO I 445 -35.82 -18.26 4.81
CA PRO I 445 -35.72 -16.79 4.81
C PRO I 445 -36.89 -16.08 5.48
N VAL I 446 -36.79 -15.90 6.80
CA VAL I 446 -37.83 -15.26 7.59
C VAL I 446 -37.41 -13.84 7.93
N PHE I 447 -38.40 -12.97 8.18
CA PHE I 447 -38.16 -11.56 8.47
C PHE I 447 -38.84 -11.17 9.78
N ALA I 448 -38.34 -10.10 10.39
CA ALA I 448 -38.86 -9.58 11.64
C ALA I 448 -39.58 -8.26 11.41
N THR I 449 -40.49 -7.91 12.33
CA THR I 449 -41.41 -6.80 12.16
C THR I 449 -41.39 -5.87 13.37
N ILE I 450 -41.72 -4.60 13.13
CA ILE I 450 -41.85 -3.58 14.17
C ILE I 450 -43.06 -2.71 13.87
N ILE I 451 -43.37 -1.83 14.81
CA ILE I 451 -44.43 -0.83 14.65
C ILE I 451 -43.82 0.54 14.90
N GLU I 452 -44.08 1.47 14.00
CA GLU I 452 -43.61 2.85 14.11
C GLU I 452 -44.81 3.72 14.47
N ALA I 453 -44.72 4.45 15.57
CA ALA I 453 -45.88 5.02 16.23
C ALA I 453 -46.25 6.39 15.66
N ASN I 454 -47.51 6.76 15.86
CA ASN I 454 -48.04 8.05 15.44
C ASN I 454 -48.79 8.71 16.57
N SER I 455 -49.42 7.93 17.45
CA SER I 455 -50.22 8.47 18.54
C SER I 455 -50.36 7.43 19.63
N ILE I 456 -50.32 7.89 20.88
CA ILE I 456 -50.47 7.01 22.04
C ILE I 456 -51.45 7.67 23.00
N LYS I 457 -52.39 6.90 23.52
CA LYS I 457 -53.35 7.38 24.51
C LYS I 457 -53.62 6.29 25.55
N ARG I 458 -54.07 6.72 26.72
CA ARG I 458 -54.32 5.82 27.84
C ARG I 458 -55.76 5.34 27.85
N ARG I 459 -55.98 4.07 28.03
CA ARG I 459 -57.35 3.49 28.02
C ARG I 459 -57.63 2.90 29.40
N VAL I 473 -55.37 12.74 39.46
CA VAL I 473 -54.22 13.60 39.71
C VAL I 473 -54.50 14.44 40.95
N PHE I 474 -53.44 14.98 41.56
CA PHE I 474 -53.56 15.72 42.81
C PHE I 474 -53.43 17.23 42.65
N SER I 475 -52.94 17.72 41.52
CA SER I 475 -52.83 19.15 41.33
C SER I 475 -54.20 19.81 41.38
N TRP I 476 -54.28 20.96 42.03
CA TRP I 476 -55.53 21.67 42.23
C TRP I 476 -55.47 23.02 41.52
N THR I 477 -56.51 23.82 41.73
CA THR I 477 -56.66 25.10 41.04
C THR I 477 -57.46 26.04 41.91
N GLU I 478 -57.56 27.32 41.51
CA GLU I 478 -58.21 28.36 42.36
C GLU I 478 -59.71 28.14 42.36
N GLU I 479 -60.22 27.33 41.46
CA GLU I 479 -61.66 26.97 41.49
C GLU I 479 -61.91 26.12 42.72
N GLU I 480 -61.06 25.15 43.02
CA GLU I 480 -61.31 24.21 44.09
C GLU I 480 -60.81 24.68 45.45
N GLU I 481 -59.99 25.73 45.49
CA GLU I 481 -59.41 26.17 46.75
C GLU I 481 -60.48 26.75 47.69
N ARG I 482 -61.41 27.50 47.13
CA ARG I 482 -62.49 28.14 47.94
C ARG I 482 -63.51 27.05 48.32
N GLU I 483 -63.62 25.95 47.57
CA GLU I 483 -64.42 24.82 48.00
C GLU I 483 -63.75 24.07 49.15
N PHE I 484 -62.43 23.89 49.08
CA PHE I 484 -61.70 23.38 50.25
C PHE I 484 -62.05 24.19 51.49
N ARG I 485 -61.80 25.50 51.42
CA ARG I 485 -62.03 26.35 52.58
C ARG I 485 -63.47 26.29 53.06
N LYS I 486 -64.42 26.15 52.14
CA LYS I 486 -65.83 26.07 52.51
C LYS I 486 -66.12 24.80 53.28
N ILE I 487 -65.68 23.64 52.76
CA ILE I 487 -65.90 22.40 53.47
C ILE I 487 -65.20 22.41 54.82
N SER I 488 -64.11 23.16 54.94
CA SER I 488 -63.38 23.21 56.20
C SER I 488 -64.14 23.92 57.32
N ARG I 489 -65.12 24.75 56.99
CA ARG I 489 -65.86 25.51 58.00
C ARG I 489 -67.05 24.76 58.56
N ASP I 490 -67.38 23.59 58.03
CA ASP I 490 -68.50 22.80 58.53
C ASP I 490 -68.04 22.03 59.76
N ARG I 491 -68.63 22.33 60.91
CA ARG I 491 -68.26 21.63 62.13
C ARG I 491 -68.45 20.13 61.95
N GLY I 492 -67.43 19.37 62.34
CA GLY I 492 -67.48 17.93 62.26
C GLY I 492 -66.96 17.33 60.98
N ILE I 493 -66.04 18.06 60.32
CA ILE I 493 -65.30 17.56 59.13
C ILE I 493 -64.51 16.31 59.51
N ILE I 494 -64.22 16.11 60.78
CA ILE I 494 -63.40 14.99 61.24
C ILE I 494 -64.15 13.68 61.05
N ASP I 495 -65.41 13.63 61.47
CA ASP I 495 -66.18 12.39 61.34
C ASP I 495 -66.60 12.13 59.90
N LYS I 496 -66.68 13.16 59.06
CA LYS I 496 -66.87 12.92 57.63
C LYS I 496 -65.65 12.23 57.04
N ILE I 497 -64.46 12.73 57.36
CA ILE I 497 -63.23 12.11 56.86
C ILE I 497 -63.12 10.68 57.37
N ILE I 498 -63.38 10.47 58.65
CA ILE I 498 -63.24 9.13 59.22
C ILE I 498 -64.18 8.12 58.58
N SER I 499 -65.22 8.47 57.84
CA SER I 499 -66.21 7.56 57.21
C SER I 499 -66.07 7.56 55.70
N SER I 500 -65.19 8.37 55.15
CA SER I 500 -64.85 8.43 53.72
C SER I 500 -63.64 7.49 53.49
N MET I 501 -62.98 6.98 54.53
CA MET I 501 -61.80 6.05 54.45
C MET I 501 -62.31 4.67 54.01
N ALA I 502 -61.49 3.64 53.90
CA ALA I 502 -61.85 2.32 53.30
C ALA I 502 -63.34 2.28 53.12
N PRO I 503 -63.91 2.67 51.97
CA PRO I 503 -65.35 2.78 51.89
C PRO I 503 -66.01 1.46 51.48
N SER I 504 -65.44 0.32 51.82
CA SER I 504 -65.99 -1.01 51.46
C SER I 504 -65.59 -2.09 52.48
N ILE I 505 -65.30 -1.77 53.73
CA ILE I 505 -65.02 -2.75 54.82
C ILE I 505 -65.99 -2.35 55.94
N TYR I 506 -66.66 -3.26 56.64
CA TYR I 506 -67.72 -2.98 57.60
C TYR I 506 -67.13 -2.68 58.97
N GLY I 507 -67.57 -1.59 59.59
CA GLY I 507 -67.19 -1.31 60.96
C GLY I 507 -65.71 -0.96 61.08
N HIS I 508 -65.13 -1.30 62.23
CA HIS I 508 -63.73 -1.01 62.53
C HIS I 508 -63.46 0.48 62.47
N ARG I 509 -64.20 1.25 63.29
CA ARG I 509 -64.04 2.69 63.28
C ARG I 509 -62.67 3.11 63.81
N ASP I 510 -62.15 2.41 64.82
CA ASP I 510 -60.88 2.84 65.42
C ASP I 510 -59.74 2.76 64.42
N ILE I 511 -59.69 1.67 63.63
CA ILE I 511 -58.65 1.56 62.63
C ILE I 511 -58.81 2.62 61.55
N LYS I 512 -60.04 2.97 61.20
CA LYS I 512 -60.23 4.03 60.21
C LYS I 512 -59.81 5.39 60.76
N THR I 513 -60.05 5.65 62.03
CA THR I 513 -59.56 6.87 62.66
C THR I 513 -58.04 6.92 62.64
N ALA I 514 -57.39 5.80 62.98
CA ALA I 514 -55.93 5.75 62.93
C ALA I 514 -55.42 5.92 61.51
N VAL I 515 -56.13 5.35 60.52
CA VAL I 515 -55.73 5.50 59.13
C VAL I 515 -55.79 6.96 58.72
N ALA I 516 -56.86 7.66 59.10
CA ALA I 516 -56.93 9.09 58.78
C ALA I 516 -55.79 9.85 59.45
N CYS I 517 -55.54 9.57 60.73
CA CYS I 517 -54.47 10.27 61.43
C CYS I 517 -53.13 10.08 60.74
N SER I 518 -52.79 8.84 60.39
CA SER I 518 -51.51 8.57 59.75
C SER I 518 -51.48 8.98 58.28
N LEU I 519 -52.64 9.22 57.67
CA LEU I 519 -52.71 9.67 56.29
C LEU I 519 -52.74 11.19 56.17
N PHE I 520 -52.87 11.91 57.28
CA PHE I 520 -52.68 13.36 57.29
C PHE I 520 -51.30 13.75 57.81
N GLY I 521 -50.94 13.35 59.03
CA GLY I 521 -49.57 13.52 59.48
C GLY I 521 -49.37 14.47 60.64
N GLY I 522 -48.49 15.45 60.45
CA GLY I 522 -48.07 16.30 61.55
C GLY I 522 -46.98 17.24 61.08
N VAL I 523 -46.20 17.73 62.05
CA VAL I 523 -45.17 18.74 61.78
C VAL I 523 -43.83 18.20 62.27
N PRO I 524 -42.85 17.97 61.39
CA PRO I 524 -41.48 17.71 61.86
C PRO I 524 -40.87 18.95 62.47
N LYS I 525 -39.90 18.73 63.37
CA LYS I 525 -39.38 19.79 64.22
C LYS I 525 -37.86 19.69 64.33
N ASN I 526 -37.16 20.82 64.23
CA ASN I 526 -35.71 20.89 64.54
C ASN I 526 -35.52 22.08 65.49
N VAL I 527 -35.00 21.87 66.68
CA VAL I 527 -34.76 22.88 67.70
C VAL I 527 -33.33 23.37 67.53
N ASN I 528 -33.16 24.42 66.72
CA ASN I 528 -31.85 25.03 66.49
C ASN I 528 -30.85 23.99 66.00
N GLY I 529 -31.28 23.18 65.05
CA GLY I 529 -30.39 22.24 64.39
C GLY I 529 -29.67 21.31 65.34
N LYS I 530 -30.30 20.99 66.48
CA LYS I 530 -29.67 20.05 67.40
C LYS I 530 -30.67 19.10 68.07
N HIS I 531 -31.90 19.00 67.57
CA HIS I 531 -32.88 18.09 68.18
C HIS I 531 -34.08 17.91 67.25
N SER I 532 -34.40 16.67 66.91
CA SER I 532 -35.43 16.37 65.92
C SER I 532 -36.50 15.48 66.52
N ILE I 533 -37.75 15.85 66.32
CA ILE I 533 -38.91 15.04 66.70
C ILE I 533 -39.70 14.77 65.43
N ARG I 534 -39.92 13.49 65.13
CA ARG I 534 -40.53 13.12 63.85
C ARG I 534 -41.96 13.62 63.77
N GLY I 535 -42.57 13.52 62.59
CA GLY I 535 -43.91 14.05 62.39
C GLY I 535 -44.92 12.98 62.04
N ASP I 536 -44.47 11.93 61.36
CA ASP I 536 -45.38 10.87 60.94
C ASP I 536 -45.75 9.98 62.12
N ILE I 537 -46.92 9.36 62.02
CA ILE I 537 -47.46 8.52 63.09
C ILE I 537 -47.59 7.10 62.53
N ASN I 538 -46.93 6.15 63.18
CA ASN I 538 -46.95 4.77 62.71
C ASN I 538 -48.14 4.02 63.26
N VAL I 539 -48.64 3.05 62.49
CA VAL I 539 -49.83 2.28 62.85
C VAL I 539 -49.53 0.81 62.62
N LEU I 540 -49.72 0.00 63.66
CA LEU I 540 -49.61 -1.45 63.57
C LEU I 540 -50.98 -2.08 63.67
N LEU I 541 -51.21 -3.11 62.85
CA LEU I 541 -52.45 -3.89 62.89
C LEU I 541 -52.11 -5.30 63.30
N LEU I 542 -52.74 -5.78 64.37
CA LEU I 542 -52.63 -7.16 64.81
C LEU I 542 -54.04 -7.74 64.87
N GLY I 543 -54.31 -8.72 64.03
CA GLY I 543 -55.67 -9.22 63.88
C GLY I 543 -55.70 -10.67 63.45
N ASP I 544 -56.82 -11.33 63.75
CA ASP I 544 -56.99 -12.74 63.47
C ASP I 544 -57.22 -12.94 61.97
N PRO I 545 -57.07 -14.18 61.49
CA PRO I 545 -57.27 -14.45 60.05
C PRO I 545 -58.72 -14.17 59.66
N GLY I 546 -58.89 -13.33 58.65
CA GLY I 546 -60.20 -13.02 58.12
C GLY I 546 -60.83 -11.74 58.65
N THR I 547 -60.06 -10.67 58.84
CA THR I 547 -60.59 -9.42 59.35
C THR I 547 -60.33 -8.25 58.40
N ALA I 548 -59.91 -8.53 57.16
CA ALA I 548 -59.75 -7.51 56.13
C ALA I 548 -58.71 -6.47 56.48
N LYS I 549 -57.48 -6.88 56.73
CA LYS I 549 -56.40 -5.91 56.92
C LYS I 549 -55.76 -5.56 55.58
N SER I 550 -55.58 -6.56 54.72
CA SER I 550 -55.01 -6.32 53.40
C SER I 550 -55.89 -5.39 52.57
N GLN I 551 -57.21 -5.43 52.78
CA GLN I 551 -58.09 -4.52 52.05
C GLN I 551 -57.82 -3.05 52.42
N ILE I 552 -57.63 -2.77 53.71
CA ILE I 552 -57.29 -1.41 54.11
C ILE I 552 -55.92 -1.02 53.55
N LEU I 553 -54.97 -1.94 53.58
CA LEU I 553 -53.66 -1.64 53.01
C LEU I 553 -53.77 -1.33 51.53
N LYS I 554 -54.65 -2.03 50.81
CA LYS I 554 -54.88 -1.72 49.40
C LYS I 554 -55.47 -0.33 49.24
N TYR I 555 -56.47 0.01 50.06
CA TYR I 555 -57.09 1.33 49.95
C TYR I 555 -56.07 2.44 50.13
N VAL I 556 -55.20 2.31 51.13
CA VAL I 556 -54.24 3.36 51.42
C VAL I 556 -53.39 3.65 50.19
N GLU I 557 -53.12 2.64 49.37
CA GLU I 557 -52.26 2.81 48.21
C GLU I 557 -52.96 3.50 47.05
N LYS I 558 -54.26 3.29 46.88
CA LYS I 558 -55.01 4.05 45.89
C LYS I 558 -55.27 5.49 46.33
N THR I 559 -55.32 5.75 47.63
CA THR I 559 -55.66 7.07 48.12
C THR I 559 -54.48 8.01 48.25
N ALA I 560 -53.25 7.50 48.33
CA ALA I 560 -52.11 8.30 48.72
C ALA I 560 -51.31 8.76 47.50
N HIS I 561 -50.44 9.74 47.74
CA HIS I 561 -49.55 10.28 46.71
C HIS I 561 -48.31 9.40 46.56
N ARG I 562 -47.57 9.21 47.65
CA ARG I 562 -46.31 8.49 47.63
C ARG I 562 -46.43 7.31 48.58
N ALA I 563 -46.85 6.16 48.05
CA ALA I 563 -47.06 4.96 48.84
C ALA I 563 -46.45 3.78 48.11
N VAL I 564 -45.79 2.89 48.84
CA VAL I 564 -45.11 1.74 48.27
C VAL I 564 -45.52 0.48 49.02
N PHE I 565 -45.50 -0.66 48.33
CA PHE I 565 -45.95 -1.93 48.86
C PHE I 565 -44.81 -2.94 48.83
N ALA I 566 -44.59 -3.60 49.96
CA ALA I 566 -43.61 -4.68 50.03
C ALA I 566 -44.18 -5.78 50.91
N THR I 567 -43.71 -7.01 50.68
CA THR I 567 -44.24 -8.18 51.36
C THR I 567 -43.12 -8.86 52.14
N GLY I 568 -43.49 -9.42 53.28
CA GLY I 568 -42.53 -10.09 54.14
C GLY I 568 -42.20 -11.49 53.66
N GLN I 569 -43.23 -12.30 53.44
CA GLN I 569 -43.10 -13.68 52.99
C GLN I 569 -43.98 -13.85 51.76
N GLY I 570 -43.43 -13.53 50.60
CA GLY I 570 -44.18 -13.59 49.36
C GLY I 570 -43.32 -13.16 48.19
N ALA I 571 -43.99 -12.78 47.11
CA ALA I 571 -43.33 -12.34 45.88
C ALA I 571 -43.79 -10.92 45.58
N SER I 572 -42.86 -9.97 45.66
CA SER I 572 -43.14 -8.56 45.45
C SER I 572 -42.11 -7.97 44.51
N ALA I 573 -42.47 -6.83 43.91
CA ALA I 573 -41.60 -6.16 42.96
C ALA I 573 -40.54 -5.30 43.63
N VAL I 574 -40.53 -5.22 44.96
CA VAL I 574 -39.56 -4.41 45.67
C VAL I 574 -39.29 -5.05 47.01
N GLY I 575 -38.02 -5.02 47.43
CA GLY I 575 -37.61 -5.52 48.72
C GLY I 575 -37.45 -4.39 49.74
N LEU I 576 -36.92 -4.76 50.90
CA LEU I 576 -36.71 -3.81 51.98
C LEU I 576 -35.24 -3.44 52.20
N THR I 577 -34.31 -4.18 51.61
CA THR I 577 -32.89 -3.93 51.83
C THR I 577 -32.29 -3.23 50.61
N ALA I 578 -31.38 -2.30 50.86
CA ALA I 578 -30.64 -1.63 49.81
C ALA I 578 -29.57 -2.55 49.25
N SER I 579 -29.22 -2.34 47.98
CA SER I 579 -28.28 -3.24 47.34
C SER I 579 -27.76 -2.61 46.04
N VAL I 580 -26.68 -3.20 45.54
CA VAL I 580 -26.12 -2.88 44.24
C VAL I 580 -26.22 -4.15 43.40
N ARG I 581 -26.96 -4.08 42.29
CA ARG I 581 -27.16 -5.21 41.40
C ARG I 581 -26.88 -4.77 39.97
N LYS I 582 -27.07 -5.69 39.03
CA LYS I 582 -26.81 -5.43 37.62
C LYS I 582 -28.12 -5.32 36.85
N ASP I 583 -28.18 -4.36 35.95
CA ASP I 583 -29.36 -4.13 35.13
C ASP I 583 -29.39 -5.13 33.99
N PRO I 584 -30.42 -5.97 33.89
CA PRO I 584 -30.43 -6.98 32.82
C PRO I 584 -30.38 -6.37 31.42
N ILE I 585 -30.98 -5.21 31.23
CA ILE I 585 -31.10 -4.63 29.89
C ILE I 585 -29.80 -3.93 29.49
N THR I 586 -29.42 -2.90 30.25
CA THR I 586 -28.28 -2.08 29.87
C THR I 586 -26.94 -2.68 30.26
N LYS I 587 -26.94 -3.70 31.13
CA LYS I 587 -25.69 -4.31 31.59
C LYS I 587 -24.88 -3.33 32.43
N GLU I 588 -25.53 -2.67 33.38
CA GLU I 588 -24.90 -1.66 34.21
C GLU I 588 -25.15 -1.96 35.68
N TRP I 589 -24.27 -1.44 36.53
CA TRP I 589 -24.42 -1.55 37.97
C TRP I 589 -25.23 -0.36 38.48
N THR I 590 -26.19 -0.64 39.36
CA THR I 590 -27.13 0.36 39.83
C THR I 590 -27.20 0.34 41.35
N LEU I 591 -27.47 1.51 41.93
CA LEU I 591 -27.75 1.63 43.36
C LEU I 591 -29.26 1.67 43.53
N GLU I 592 -29.80 0.70 44.24
CA GLU I 592 -31.23 0.63 44.52
C GLU I 592 -31.45 0.61 46.03
N GLY I 593 -32.40 1.41 46.49
CA GLY I 593 -32.86 1.33 47.85
C GLY I 593 -34.09 0.46 47.98
N GLY I 594 -34.47 0.18 49.22
CA GLY I 594 -35.67 -0.58 49.48
C GLY I 594 -36.90 0.27 49.33
N ALA I 595 -38.04 -0.30 49.68
CA ALA I 595 -39.27 0.47 49.68
C ALA I 595 -39.21 1.61 50.68
N LEU I 596 -38.47 1.43 51.78
CA LEU I 596 -38.34 2.49 52.76
C LEU I 596 -37.69 3.74 52.17
N VAL I 597 -36.62 3.57 51.40
CA VAL I 597 -35.96 4.70 50.76
C VAL I 597 -36.81 5.27 49.64
N LEU I 598 -37.44 4.39 48.85
CA LEU I 598 -38.22 4.82 47.70
C LEU I 598 -39.49 5.54 48.11
N ALA I 599 -39.92 5.42 49.36
CA ALA I 599 -41.16 6.01 49.84
C ALA I 599 -40.91 7.18 50.79
N ASP I 600 -39.85 7.94 50.56
CA ASP I 600 -39.53 9.06 51.42
C ASP I 600 -40.64 10.11 51.34
N LYS I 601 -41.03 10.63 52.49
CA LYS I 601 -42.14 11.59 52.59
C LYS I 601 -43.41 11.01 51.95
N GLY I 602 -43.87 9.92 52.57
CA GLY I 602 -45.00 9.17 52.07
C GLY I 602 -45.41 8.12 53.08
N VAL I 603 -45.68 6.90 52.62
CA VAL I 603 -46.05 5.80 53.50
C VAL I 603 -45.51 4.49 52.93
N CYS I 604 -45.09 3.60 53.80
CA CYS I 604 -44.65 2.26 53.42
C CYS I 604 -45.62 1.23 53.98
N LEU I 605 -46.01 0.28 53.14
CA LEU I 605 -46.99 -0.74 53.50
C LEU I 605 -46.31 -2.11 53.48
N ILE I 606 -46.08 -2.67 54.66
CA ILE I 606 -45.49 -3.99 54.82
C ILE I 606 -46.60 -4.97 55.16
N ASP I 607 -46.83 -5.94 54.30
CA ASP I 607 -47.80 -6.99 54.56
C ASP I 607 -47.11 -8.20 55.19
N GLU I 608 -47.84 -8.89 56.05
CA GLU I 608 -47.32 -10.07 56.75
C GLU I 608 -46.04 -9.72 57.52
N PHE I 609 -46.21 -8.83 58.50
CA PHE I 609 -45.10 -8.22 59.19
C PHE I 609 -44.35 -9.18 60.11
N ASP I 610 -44.94 -10.33 60.46
CA ASP I 610 -44.34 -11.20 61.47
C ASP I 610 -43.42 -12.26 60.88
N LYS I 611 -43.30 -12.37 59.56
CA LYS I 611 -42.51 -13.42 58.92
C LYS I 611 -41.26 -12.89 58.26
N MET I 612 -40.62 -11.86 58.82
CA MET I 612 -39.44 -11.28 58.21
C MET I 612 -38.20 -12.07 58.59
N ASN I 613 -37.23 -12.07 57.70
CA ASN I 613 -35.92 -12.62 58.02
C ASN I 613 -35.07 -11.55 58.71
N ASP I 614 -33.92 -11.97 59.22
CA ASP I 614 -33.09 -11.09 60.03
C ASP I 614 -32.71 -9.82 59.28
N GLN I 615 -32.42 -9.94 57.99
CA GLN I 615 -31.98 -8.78 57.20
C GLN I 615 -33.07 -7.72 57.12
N ASP I 616 -34.30 -8.13 56.78
CA ASP I 616 -35.40 -7.18 56.69
C ASP I 616 -35.67 -6.53 58.04
N ARG I 617 -35.58 -7.30 59.12
CA ARG I 617 -35.80 -6.77 60.46
C ARG I 617 -34.75 -5.72 60.83
N THR I 618 -33.48 -5.96 60.50
CA THR I 618 -32.46 -4.96 60.75
C THR I 618 -32.73 -3.68 59.96
N SER I 619 -33.12 -3.82 58.69
CA SER I 619 -33.44 -2.64 57.89
C SER I 619 -34.59 -1.85 58.49
N ILE I 620 -35.66 -2.55 58.89
CA ILE I 620 -36.82 -1.88 59.47
C ILE I 620 -36.43 -1.14 60.74
N HIS I 621 -35.67 -1.81 61.61
CA HIS I 621 -35.26 -1.17 62.85
C HIS I 621 -34.46 0.11 62.59
N GLU I 622 -33.49 0.02 61.68
CA GLU I 622 -32.70 1.21 61.38
C GLU I 622 -33.58 2.34 60.87
N ALA I 623 -34.46 2.03 59.92
CA ALA I 623 -35.30 3.07 59.34
C ALA I 623 -36.16 3.74 60.41
N MET I 624 -36.80 2.94 61.26
CA MET I 624 -37.73 3.51 62.23
C MET I 624 -36.99 4.29 63.31
N GLU I 625 -35.81 3.82 63.71
CA GLU I 625 -35.08 4.47 64.80
C GLU I 625 -34.39 5.73 64.32
N GLN I 626 -33.51 5.61 63.33
CA GLN I 626 -32.67 6.73 62.93
C GLN I 626 -33.24 7.49 61.75
N GLN I 627 -34.14 6.87 60.97
CA GLN I 627 -34.72 7.51 59.80
C GLN I 627 -33.66 7.83 58.75
N SER I 628 -32.80 6.85 58.46
CA SER I 628 -31.84 6.98 57.37
C SER I 628 -31.19 5.62 57.16
N ILE I 629 -30.96 5.26 55.90
CA ILE I 629 -30.45 3.95 55.51
C ILE I 629 -28.98 4.07 55.17
N SER I 630 -28.17 3.18 55.71
CA SER I 630 -26.73 3.16 55.50
C SER I 630 -26.33 1.96 54.67
N ILE I 631 -25.36 2.14 53.78
CA ILE I 631 -24.90 1.08 52.90
C ILE I 631 -23.40 1.22 52.70
N SER I 632 -22.69 0.08 52.74
CA SER I 632 -21.27 0.02 52.45
C SER I 632 -21.02 -1.22 51.57
N LYS I 633 -21.16 -1.05 50.25
CA LYS I 633 -21.04 -2.15 49.31
C LYS I 633 -20.40 -1.67 48.03
N ALA I 634 -19.44 -2.45 47.50
CA ALA I 634 -18.87 -2.22 46.18
C ALA I 634 -18.32 -0.81 46.03
N GLY I 635 -17.63 -0.33 47.07
CA GLY I 635 -16.99 0.96 47.02
C GLY I 635 -17.89 2.14 47.29
N ILE I 636 -19.16 1.91 47.62
CA ILE I 636 -20.13 2.98 47.83
C ILE I 636 -20.39 3.04 49.33
N VAL I 637 -20.09 4.18 49.94
CA VAL I 637 -20.41 4.44 51.34
C VAL I 637 -21.31 5.67 51.36
N THR I 638 -22.54 5.51 51.84
CA THR I 638 -23.49 6.62 51.81
C THR I 638 -24.57 6.39 52.87
N THR I 639 -25.30 7.47 53.15
CA THR I 639 -26.49 7.45 54.00
C THR I 639 -27.63 8.08 53.23
N LEU I 640 -28.80 7.43 53.24
CA LEU I 640 -29.96 7.90 52.50
C LEU I 640 -31.10 8.24 53.45
N GLN I 641 -32.02 9.06 52.97
CA GLN I 641 -33.11 9.59 53.78
C GLN I 641 -34.34 8.69 53.71
N ALA I 642 -34.90 8.36 54.88
CA ALA I 642 -36.00 7.41 55.01
C ALA I 642 -37.07 7.99 55.93
N ARG I 643 -37.48 9.23 55.67
CA ARG I 643 -38.56 9.88 56.43
C ARG I 643 -39.90 9.39 55.87
N CYS I 644 -40.36 8.26 56.41
CA CYS I 644 -41.51 7.55 55.88
C CYS I 644 -42.43 7.12 57.02
N SER I 645 -43.69 6.90 56.67
CA SER I 645 -44.69 6.38 57.60
C SER I 645 -44.86 4.89 57.37
N ILE I 646 -44.94 4.13 58.46
CA ILE I 646 -45.06 2.68 58.40
C ILE I 646 -46.46 2.28 58.81
N ILE I 647 -47.11 1.45 58.00
CA ILE I 647 -48.32 0.73 58.36
C ILE I 647 -48.07 -0.75 58.11
N ALA I 648 -48.37 -1.59 59.10
CA ALA I 648 -48.03 -3.00 59.04
C ALA I 648 -49.19 -3.84 59.55
N ALA I 649 -49.22 -5.10 59.09
CA ALA I 649 -50.23 -6.07 59.50
C ALA I 649 -49.54 -7.37 59.90
N ALA I 650 -50.04 -8.02 60.94
CA ALA I 650 -49.42 -9.23 61.45
C ALA I 650 -50.47 -10.13 62.09
N ASN I 651 -50.14 -11.43 62.17
CA ASN I 651 -50.97 -12.45 62.79
C ASN I 651 -50.35 -12.94 64.09
N PRO I 652 -51.13 -13.18 65.13
CA PRO I 652 -50.56 -13.63 66.40
C PRO I 652 -49.90 -15.00 66.27
N ASN I 653 -49.26 -15.42 67.35
CA ASN I 653 -48.73 -16.77 67.41
C ASN I 653 -49.87 -17.78 67.49
N GLY I 654 -49.65 -18.95 66.89
CA GLY I 654 -50.68 -19.97 66.90
C GLY I 654 -51.72 -19.73 65.83
N GLY I 655 -52.34 -18.55 65.88
CA GLY I 655 -53.34 -18.19 64.90
C GLY I 655 -54.49 -17.40 65.48
N ARG I 656 -54.65 -17.43 66.80
CA ARG I 656 -55.73 -16.73 67.48
C ARG I 656 -55.15 -15.94 68.64
N TYR I 657 -55.92 -14.95 69.10
CA TYR I 657 -55.45 -14.01 70.12
C TYR I 657 -55.64 -14.59 71.51
N ASN I 658 -54.63 -14.42 72.36
CA ASN I 658 -54.65 -14.90 73.75
C ASN I 658 -54.84 -13.70 74.66
N SER I 659 -56.04 -13.52 75.18
CA SER I 659 -56.35 -12.36 76.00
C SER I 659 -55.80 -12.46 77.41
N THR I 660 -55.39 -13.64 77.85
CA THR I 660 -54.89 -13.81 79.21
C THR I 660 -53.43 -13.44 79.37
N LEU I 661 -52.75 -13.10 78.29
CA LEU I 661 -51.36 -12.66 78.31
C LEU I 661 -51.23 -11.30 77.66
N PRO I 662 -50.18 -10.54 77.99
CA PRO I 662 -50.03 -9.20 77.40
C PRO I 662 -49.74 -9.24 75.90
N LEU I 663 -49.59 -8.07 75.29
CA LEU I 663 -49.34 -8.01 73.86
C LEU I 663 -48.00 -8.64 73.50
N ALA I 664 -46.97 -8.39 74.31
CA ALA I 664 -45.63 -8.84 73.97
C ALA I 664 -45.52 -10.36 73.94
N GLN I 665 -46.49 -11.08 74.50
CA GLN I 665 -46.45 -12.53 74.55
C GLN I 665 -47.40 -13.20 73.57
N ASN I 666 -48.13 -12.42 72.76
CA ASN I 666 -48.94 -12.98 71.68
C ASN I 666 -48.28 -12.89 70.33
N VAL I 667 -47.36 -11.96 70.13
CA VAL I 667 -46.75 -11.71 68.83
C VAL I 667 -45.26 -11.96 68.92
N SER I 668 -44.64 -12.24 67.78
CA SER I 668 -43.24 -12.59 67.70
C SER I 668 -42.33 -11.38 67.60
N LEU I 669 -42.87 -10.17 67.50
CA LEU I 669 -42.06 -8.97 67.48
C LEU I 669 -41.58 -8.64 68.89
N THR I 670 -40.50 -7.86 68.96
CA THR I 670 -39.86 -7.54 70.23
C THR I 670 -40.18 -6.12 70.65
N GLU I 671 -40.01 -5.86 71.93
CA GLU I 671 -40.36 -4.55 72.49
C GLU I 671 -39.63 -3.40 71.80
N PRO I 672 -38.35 -3.50 71.43
CA PRO I 672 -37.71 -2.40 70.71
C PRO I 672 -38.48 -1.97 69.47
N ILE I 673 -39.03 -2.93 68.73
CA ILE I 673 -39.76 -2.59 67.51
C ILE I 673 -41.16 -2.10 67.84
N LEU I 674 -41.85 -2.77 68.76
CA LEU I 674 -43.20 -2.36 69.10
C LEU I 674 -43.24 -0.95 69.66
N SER I 675 -42.28 -0.59 70.50
CA SER I 675 -42.27 0.73 71.13
C SER I 675 -42.09 1.86 70.13
N ARG I 676 -41.67 1.57 68.91
CA ARG I 676 -41.51 2.59 67.87
C ARG I 676 -42.78 2.83 67.09
N PHE I 677 -43.90 2.23 67.48
CA PHE I 677 -45.20 2.47 66.88
C PHE I 677 -46.03 3.33 67.81
N ASP I 678 -46.74 4.31 67.24
CA ASP I 678 -47.57 5.19 68.06
C ASP I 678 -48.89 4.52 68.44
N ILE I 679 -49.61 3.99 67.46
CA ILE I 679 -50.93 3.42 67.66
C ILE I 679 -50.89 1.93 67.35
N LEU I 680 -51.42 1.12 68.27
CA LEU I 680 -51.54 -0.31 68.10
C LEU I 680 -53.02 -0.67 68.04
N CYS I 681 -53.42 -1.39 66.99
CA CYS I 681 -54.80 -1.81 66.81
C CYS I 681 -54.88 -3.33 66.93
N VAL I 682 -55.79 -3.81 67.76
CA VAL I 682 -55.97 -5.25 67.99
C VAL I 682 -57.36 -5.60 67.47
N VAL I 683 -57.41 -6.45 66.45
CA VAL I 683 -58.66 -6.93 65.88
C VAL I 683 -58.90 -8.32 66.42
N ARG I 684 -59.99 -8.49 67.16
CA ARG I 684 -60.30 -9.72 67.85
C ARG I 684 -61.56 -10.31 67.24
N ASP I 685 -61.51 -11.59 66.89
CA ASP I 685 -62.65 -12.29 66.31
C ASP I 685 -63.49 -12.84 67.45
N LEU I 686 -64.24 -11.96 68.09
CA LEU I 686 -65.15 -12.35 69.16
C LEU I 686 -66.45 -12.84 68.52
N VAL I 687 -66.87 -14.06 68.86
CA VAL I 687 -68.13 -14.67 68.34
C VAL I 687 -69.32 -13.96 68.98
N ASP I 688 -69.88 -12.99 68.32
CA ASP I 688 -71.05 -12.26 68.79
C ASP I 688 -72.20 -12.52 67.84
N GLU I 689 -73.38 -12.83 68.30
CA GLU I 689 -74.47 -13.26 67.39
C GLU I 689 -74.96 -12.05 66.60
N GLU I 690 -75.09 -10.87 67.19
CA GLU I 690 -75.72 -9.81 66.41
C GLU I 690 -74.82 -9.30 65.30
N ALA I 691 -73.51 -9.23 65.55
CA ALA I 691 -72.60 -8.65 64.56
C ALA I 691 -72.54 -9.48 63.29
N ASP I 692 -72.63 -10.81 63.42
CA ASP I 692 -72.55 -11.68 62.27
C ASP I 692 -73.69 -11.44 61.29
N GLU I 693 -74.80 -10.99 61.82
CA GLU I 693 -75.95 -10.75 60.97
C GLU I 693 -75.51 -9.68 59.97
N ARG I 694 -75.02 -8.52 60.40
CA ARG I 694 -74.66 -7.42 59.52
C ARG I 694 -73.43 -7.71 58.69
N LEU I 695 -72.44 -8.41 59.24
CA LEU I 695 -71.27 -8.76 58.45
C LEU I 695 -71.66 -9.63 57.25
N ALA I 696 -72.40 -10.72 57.52
CA ALA I 696 -72.80 -11.61 56.43
C ALA I 696 -73.72 -10.91 55.45
N THR I 697 -74.61 -10.04 55.96
CA THR I 697 -75.48 -9.28 55.07
C THR I 697 -74.65 -8.47 54.07
N PHE I 698 -73.68 -7.73 54.58
CA PHE I 698 -72.82 -6.92 53.73
C PHE I 698 -72.08 -7.79 52.70
N VAL I 699 -71.48 -8.88 53.17
CA VAL I 699 -70.68 -9.71 52.27
C VAL I 699 -71.55 -10.33 51.18
N VAL I 700 -72.73 -10.85 51.54
CA VAL I 700 -73.59 -11.46 50.54
C VAL I 700 -74.11 -10.42 49.57
N ASP I 701 -74.40 -9.21 50.05
CA ASP I 701 -74.82 -8.15 49.15
C ASP I 701 -73.76 -7.86 48.11
N SER I 702 -72.48 -7.91 48.52
CA SER I 702 -71.41 -7.70 47.54
C SER I 702 -71.53 -8.66 46.36
N HIS I 703 -71.61 -9.95 46.63
CA HIS I 703 -71.70 -10.94 45.56
C HIS I 703 -72.98 -10.77 44.76
N VAL I 704 -74.10 -10.51 45.44
CA VAL I 704 -75.37 -10.35 44.75
C VAL I 704 -75.30 -9.19 43.76
N ARG I 705 -74.64 -8.10 44.14
CA ARG I 705 -74.57 -6.91 43.31
C ARG I 705 -73.49 -6.99 42.23
N SER I 706 -72.52 -7.89 42.36
CA SER I 706 -71.40 -7.96 41.43
C SER I 706 -71.59 -8.99 40.32
N HIS I 707 -72.76 -9.62 40.22
CA HIS I 707 -72.95 -10.69 39.25
C HIS I 707 -72.91 -10.13 37.83
N PRO I 708 -72.29 -10.86 36.88
CA PRO I 708 -72.37 -10.48 35.47
C PRO I 708 -73.79 -10.50 34.92
N SER I 756 -72.62 12.07 54.43
CA SER I 756 -71.29 12.08 55.03
C SER I 756 -70.19 11.86 54.00
N PRO I 757 -70.33 10.82 53.15
CA PRO I 757 -69.25 10.51 52.21
C PRO I 757 -68.78 11.70 51.38
N ILE I 758 -67.54 12.13 51.61
CA ILE I 758 -66.92 13.06 50.67
C ILE I 758 -66.48 12.27 49.45
N PRO I 759 -66.58 12.81 48.23
CA PRO I 759 -66.12 12.03 47.07
C PRO I 759 -64.61 11.83 47.13
N GLN I 760 -64.17 10.63 46.72
CA GLN I 760 -62.77 10.27 46.86
C GLN I 760 -61.86 11.22 46.09
N GLU I 761 -62.32 11.67 44.93
CA GLU I 761 -61.48 12.52 44.03
C GLU I 761 -61.15 13.84 44.76
N LEU I 762 -62.09 14.43 45.47
CA LEU I 762 -61.81 15.66 46.19
C LEU I 762 -60.99 15.40 47.45
N LEU I 763 -61.23 14.27 48.11
CA LEU I 763 -60.44 13.94 49.30
C LEU I 763 -58.97 13.78 48.94
N MET I 764 -58.69 13.15 47.81
CA MET I 764 -57.31 12.95 47.38
C MET I 764 -56.56 14.27 47.28
N LYS I 765 -57.20 15.30 46.72
CA LYS I 765 -56.57 16.61 46.56
C LYS I 765 -56.56 17.44 47.83
N TYR I 766 -57.60 17.31 48.66
CA TYR I 766 -57.62 17.97 49.95
C TYR I 766 -56.48 17.49 50.82
N ILE I 767 -56.19 16.18 50.77
CA ILE I 767 -55.05 15.62 51.49
C ILE I 767 -53.72 16.21 51.07
N HIS I 768 -53.53 16.49 49.79
CA HIS I 768 -52.28 17.08 49.33
C HIS I 768 -52.16 18.56 49.66
N TYR I 769 -53.23 19.33 49.46
CA TYR I 769 -53.17 20.75 49.83
C TYR I 769 -52.94 20.93 51.32
N ALA I 770 -53.68 20.18 52.15
CA ALA I 770 -53.56 20.35 53.59
C ALA I 770 -52.14 20.05 54.05
N ARG I 771 -51.55 18.98 53.52
CA ARG I 771 -50.23 18.56 53.93
C ARG I 771 -49.13 19.37 53.26
N THR I 772 -49.46 20.15 52.24
CA THR I 772 -48.52 21.08 51.63
C THR I 772 -48.44 22.43 52.32
N LYS I 773 -49.57 23.00 52.74
CA LYS I 773 -49.56 24.37 53.23
C LYS I 773 -50.01 24.53 54.69
N ILE I 774 -50.43 23.47 55.37
CA ILE I 774 -51.01 23.62 56.70
C ILE I 774 -50.03 23.15 57.77
N TYR I 775 -49.46 24.04 58.55
CA TYR I 775 -48.48 23.74 59.62
C TYR I 775 -49.10 24.27 60.90
N PRO I 776 -50.06 23.58 61.53
CA PRO I 776 -50.78 24.16 62.68
C PRO I 776 -49.88 24.57 63.86
N LYS I 777 -50.36 25.37 64.81
CA LYS I 777 -49.54 25.94 65.91
C LYS I 777 -49.92 25.35 67.27
N LEU I 778 -49.06 25.50 68.29
CA LEU I 778 -49.24 24.96 69.68
C LEU I 778 -49.17 26.06 70.77
N HIS I 779 -49.93 27.17 70.68
CA HIS I 779 -49.87 28.31 71.65
C HIS I 779 -50.11 27.70 73.03
N GLN I 780 -49.29 28.00 74.02
CA GLN I 780 -49.22 27.24 75.29
C GLN I 780 -50.21 27.63 76.36
N MET I 781 -51.24 28.37 76.03
CA MET I 781 -52.30 28.60 77.03
C MET I 781 -52.74 27.21 77.44
N ASP I 782 -52.81 26.27 76.49
CA ASP I 782 -53.34 24.89 76.73
C ASP I 782 -52.22 23.92 77.19
N MET I 783 -51.46 24.26 78.22
CA MET I 783 -50.43 23.35 78.78
C MET I 783 -50.92 22.81 80.12
N ASP I 784 -51.77 23.52 80.85
CA ASP I 784 -52.14 23.12 82.23
C ASP I 784 -52.82 21.75 82.24
N LYS I 785 -53.73 21.49 81.32
CA LYS I 785 -54.52 20.26 81.26
C LYS I 785 -53.63 19.04 81.08
N VAL I 786 -52.77 19.07 80.07
CA VAL I 786 -51.99 17.90 79.72
C VAL I 786 -50.96 17.55 80.78
N SER I 787 -50.36 18.54 81.46
CA SER I 787 -49.44 18.20 82.53
C SER I 787 -50.10 17.27 83.55
N ARG I 788 -51.30 17.63 83.98
CA ARG I 788 -52.06 16.94 85.04
C ARG I 788 -52.67 15.66 84.52
N VAL I 789 -53.00 15.56 83.25
CA VAL I 789 -53.44 14.30 82.64
C VAL I 789 -52.30 13.29 82.63
N TYR I 790 -51.12 13.71 82.19
CA TYR I 790 -49.97 12.82 82.17
C TYR I 790 -49.60 12.38 83.58
N ALA I 791 -49.66 13.30 84.54
CA ALA I 791 -49.37 12.94 85.92
C ALA I 791 -50.29 11.82 86.42
N ASP I 792 -51.59 11.94 86.15
CA ASP I 792 -52.53 10.92 86.60
C ASP I 792 -52.27 9.59 85.91
N LEU I 793 -52.04 9.58 84.61
CA LEU I 793 -51.85 8.30 83.86
C LEU I 793 -50.50 7.68 84.28
N ARG I 794 -49.51 8.46 84.74
CA ARG I 794 -48.29 7.87 85.27
C ARG I 794 -48.52 7.30 86.66
N ARG I 795 -49.24 8.01 87.52
CA ARG I 795 -49.43 7.51 88.87
C ARG I 795 -50.23 6.22 88.87
N GLU I 796 -51.20 6.10 87.93
CA GLU I 796 -52.11 4.92 87.79
C GLU I 796 -51.39 3.73 87.18
N SER I 797 -50.46 3.95 86.25
CA SER I 797 -49.85 2.83 85.55
C SER I 797 -48.98 1.98 86.48
N ILE I 798 -48.18 2.63 87.32
CA ILE I 798 -47.35 1.89 88.27
C ILE I 798 -48.18 1.21 89.35
N SER I 799 -49.26 1.85 89.80
CA SER I 799 -50.10 1.24 90.83
C SER I 799 -50.72 -0.06 90.33
N THR I 800 -51.17 -0.08 89.08
CA THR I 800 -51.85 -1.26 88.56
C THR I 800 -50.90 -2.38 88.14
N GLY I 801 -49.60 -2.11 88.00
CA GLY I 801 -48.65 -3.15 87.66
C GLY I 801 -48.75 -3.65 86.23
N SER I 802 -48.39 -2.81 85.27
CA SER I 802 -48.52 -3.13 83.85
C SER I 802 -47.42 -2.40 83.09
N PHE I 803 -47.59 -2.28 81.78
CA PHE I 803 -46.65 -1.54 80.95
C PHE I 803 -46.29 -0.22 81.63
N PRO I 804 -45.05 0.25 81.50
CA PRO I 804 -44.72 1.61 81.95
C PRO I 804 -45.27 2.66 81.00
N ILE I 805 -45.48 3.86 81.53
CA ILE I 805 -45.85 5.02 80.72
C ILE I 805 -44.65 5.95 80.67
N THR I 806 -44.16 6.22 79.47
CA THR I 806 -43.04 7.11 79.24
C THR I 806 -43.51 8.33 78.45
N VAL I 807 -42.61 9.30 78.26
CA VAL I 807 -42.98 10.55 77.61
C VAL I 807 -43.28 10.38 76.13
N ARG I 808 -42.92 9.25 75.54
CA ARG I 808 -43.32 8.96 74.17
C ARG I 808 -44.84 8.98 74.03
N HIS I 809 -45.57 8.59 75.07
CA HIS I 809 -47.03 8.66 75.03
C HIS I 809 -47.51 10.10 74.91
N LEU I 810 -46.92 11.02 75.68
CA LEU I 810 -47.31 12.43 75.57
C LEU I 810 -46.89 13.03 74.24
N GLU I 811 -45.71 12.65 73.73
CA GLU I 811 -45.30 13.11 72.41
C GLU I 811 -46.28 12.66 71.35
N SER I 812 -46.73 11.41 71.45
CA SER I 812 -47.78 10.92 70.55
C SER I 812 -49.05 11.73 70.70
N ILE I 813 -49.41 12.07 71.95
CA ILE I 813 -50.63 12.86 72.17
C ILE I 813 -50.55 14.17 71.40
N LEU I 814 -49.44 14.90 71.56
CA LEU I 814 -49.30 16.18 70.88
C LEU I 814 -49.22 16.02 69.35
N ARG I 815 -48.51 15.00 68.88
CA ARG I 815 -48.37 14.80 67.44
C ARG I 815 -49.68 14.41 66.79
N ILE I 816 -50.54 13.69 67.51
CA ILE I 816 -51.88 13.36 67.00
C ILE I 816 -52.79 14.58 67.07
N ALA I 817 -52.62 15.40 68.10
CA ALA I 817 -53.39 16.63 68.18
C ALA I 817 -53.08 17.52 66.98
N GLU I 818 -51.83 17.54 66.54
CA GLU I 818 -51.48 18.29 65.34
C GLU I 818 -52.30 17.84 64.15
N SER I 819 -52.49 16.52 63.99
CA SER I 819 -53.23 16.01 62.84
C SER I 819 -54.70 16.38 62.94
N PHE I 820 -55.31 16.13 64.10
CA PHE I 820 -56.71 16.53 64.27
C PHE I 820 -56.92 18.02 64.02
N ALA I 821 -55.99 18.87 64.45
CA ALA I 821 -56.10 20.29 64.13
C ALA I 821 -55.95 20.56 62.64
N LYS I 822 -54.95 19.97 61.99
CA LYS I 822 -54.74 20.18 60.57
C LYS I 822 -55.93 19.71 59.74
N MET I 823 -56.74 18.80 60.27
CA MET I 823 -57.95 18.40 59.57
C MET I 823 -58.85 19.59 59.28
N ARG I 824 -58.91 20.56 60.19
CA ARG I 824 -59.77 21.74 60.08
C ARG I 824 -59.04 22.91 59.43
N LEU I 825 -57.98 22.60 58.68
CA LEU I 825 -57.15 23.62 58.04
C LEU I 825 -56.90 24.75 59.03
N SER I 826 -56.68 24.38 60.29
CA SER I 826 -56.82 25.32 61.39
C SER I 826 -55.61 26.23 61.50
N GLU I 827 -55.67 27.12 62.49
CA GLU I 827 -54.58 28.06 62.78
C GLU I 827 -54.09 27.99 64.21
N PHE I 828 -54.80 27.35 65.13
CA PHE I 828 -54.26 27.22 66.51
C PHE I 828 -54.83 25.92 67.15
N VAL I 829 -53.99 24.88 67.39
CA VAL I 829 -54.47 23.59 67.96
C VAL I 829 -55.53 23.92 69.02
N SER I 830 -56.76 23.41 68.91
CA SER I 830 -57.84 23.62 69.87
C SER I 830 -57.75 22.59 71.00
N SER I 831 -58.52 22.84 72.06
CA SER I 831 -58.69 21.86 73.12
C SER I 831 -59.59 20.71 72.70
N TYR I 832 -60.51 20.94 71.77
CA TYR I 832 -61.33 19.86 71.22
C TYR I 832 -60.44 18.83 70.53
N ASP I 833 -59.46 19.30 69.74
CA ASP I 833 -58.54 18.38 69.08
C ASP I 833 -57.72 17.61 70.08
N LEU I 834 -57.24 18.27 71.14
CA LEU I 834 -56.49 17.56 72.17
C LEU I 834 -57.35 16.48 72.82
N ASP I 835 -58.60 16.80 73.13
CA ASP I 835 -59.49 15.82 73.74
C ASP I 835 -59.80 14.66 72.81
N ARG I 836 -59.99 14.92 71.51
CA ARG I 836 -60.16 13.83 70.57
C ARG I 836 -58.91 12.95 70.52
N ALA I 837 -57.73 13.56 70.52
CA ALA I 837 -56.50 12.79 70.47
C ALA I 837 -56.35 11.89 71.69
N ILE I 838 -56.67 12.43 72.88
CA ILE I 838 -56.40 11.70 74.12
C ILE I 838 -57.06 10.32 74.09
N LYS I 839 -58.25 10.22 73.48
CA LYS I 839 -58.96 8.95 73.46
C LYS I 839 -58.15 7.88 72.76
N VAL I 840 -57.50 8.23 71.64
CA VAL I 840 -56.79 7.23 70.85
C VAL I 840 -55.70 6.56 71.67
N VAL I 841 -54.83 7.37 72.30
CA VAL I 841 -53.73 6.80 73.06
C VAL I 841 -54.24 6.06 74.28
N VAL I 842 -55.20 6.64 75.02
CA VAL I 842 -55.66 5.96 76.22
C VAL I 842 -56.34 4.64 75.85
N ASP I 843 -57.14 4.62 74.79
CA ASP I 843 -57.79 3.38 74.38
C ASP I 843 -56.78 2.34 73.93
N SER I 844 -55.77 2.74 73.17
CA SER I 844 -54.73 1.79 72.75
C SER I 844 -54.08 1.15 73.97
N PHE I 845 -53.64 1.97 74.92
CA PHE I 845 -52.99 1.44 76.10
C PHE I 845 -53.93 0.50 76.87
N VAL I 846 -55.17 0.91 77.05
CA VAL I 846 -56.09 0.11 77.86
C VAL I 846 -56.40 -1.21 77.17
N ASP I 847 -56.56 -1.20 75.85
CA ASP I 847 -56.96 -2.39 75.12
C ASP I 847 -55.81 -3.31 74.77
N ALA I 848 -54.56 -2.90 74.98
CA ALA I 848 -53.42 -3.78 74.77
C ALA I 848 -52.92 -4.42 76.07
N GLN I 849 -53.81 -4.64 77.04
CA GLN I 849 -53.43 -5.12 78.37
C GLN I 849 -54.18 -6.38 78.74
N LYS I 850 -53.66 -7.09 79.73
CA LYS I 850 -54.27 -8.32 80.23
C LYS I 850 -55.69 -8.08 80.72
N VAL I 851 -56.46 -9.15 80.91
CA VAL I 851 -57.88 -9.01 81.22
C VAL I 851 -58.08 -8.34 82.57
N SER I 852 -57.35 -8.76 83.60
CA SER I 852 -57.52 -8.19 84.93
C SER I 852 -57.09 -6.73 84.97
N VAL I 853 -55.88 -6.45 84.47
CA VAL I 853 -55.42 -5.08 84.39
C VAL I 853 -56.40 -4.25 83.57
N ARG I 854 -56.93 -4.84 82.50
CA ARG I 854 -57.83 -4.10 81.62
C ARG I 854 -59.11 -3.73 82.35
N ARG I 855 -59.67 -4.65 83.14
CA ARG I 855 -60.86 -4.30 83.91
C ARG I 855 -60.58 -3.22 84.92
N GLN I 856 -59.42 -3.26 85.59
CA GLN I 856 -59.07 -2.16 86.49
C GLN I 856 -59.04 -0.83 85.75
N LEU I 857 -58.29 -0.79 84.65
CA LEU I 857 -58.04 0.47 83.97
C LEU I 857 -59.28 1.04 83.29
N ARG I 858 -60.12 0.18 82.70
CA ARG I 858 -61.30 0.66 82.00
C ARG I 858 -62.25 1.39 82.94
N ARG I 859 -62.15 1.16 84.24
CA ARG I 859 -62.89 1.92 85.24
C ARG I 859 -62.12 3.12 85.74
N SER I 860 -60.80 2.99 85.91
CA SER I 860 -60.03 4.12 86.41
C SER I 860 -60.01 5.28 85.42
N PHE I 861 -59.87 5.00 84.13
CA PHE I 861 -59.74 6.03 83.09
C PHE I 861 -61.07 6.43 82.48
N ALA I 862 -62.17 6.27 83.20
CA ALA I 862 -63.48 6.50 82.63
C ALA I 862 -63.71 7.94 82.21
N ILE I 863 -62.97 8.89 82.77
CA ILE I 863 -63.26 10.30 82.51
C ILE I 863 -62.68 10.73 81.16
N TYR I 864 -61.54 10.19 80.76
CA TYR I 864 -60.93 10.57 79.49
C TYR I 864 -61.56 9.82 78.32
N ALA J 51 26.55 5.57 14.95
CA ALA J 51 27.92 6.09 15.14
C ALA J 51 28.03 6.85 16.46
N PRO J 52 29.25 7.04 16.96
CA PRO J 52 29.42 7.65 18.29
C PRO J 52 28.77 9.01 18.44
N ASP J 53 28.11 9.24 19.57
CA ASP J 53 27.57 10.56 19.92
C ASP J 53 28.48 11.22 20.93
N ALA J 54 28.69 12.54 20.76
CA ALA J 54 29.49 13.27 21.74
C ALA J 54 28.84 13.29 23.11
N VAL J 55 27.52 13.49 23.17
CA VAL J 55 26.83 13.56 24.45
C VAL J 55 26.92 12.23 25.19
N PHE J 56 26.73 11.13 24.46
CA PHE J 56 26.88 9.80 25.05
C PHE J 56 28.30 9.62 25.59
N GLY J 57 29.30 10.06 24.83
CA GLY J 57 30.67 9.92 25.28
C GLY J 57 30.96 10.70 26.55
N ASP J 58 30.51 11.95 26.61
CA ASP J 58 30.75 12.73 27.83
C ASP J 58 30.00 12.17 29.02
N ARG J 59 28.77 11.70 28.81
CA ARG J 59 28.03 11.11 29.93
C ARG J 59 28.71 9.83 30.42
N VAL J 60 29.32 9.07 29.51
CA VAL J 60 30.09 7.91 29.93
C VAL J 60 31.34 8.34 30.72
N ARG J 61 32.01 9.39 30.24
CA ARG J 61 33.25 9.83 30.89
C ARG J 61 33.00 10.29 32.32
N ARG J 62 31.94 11.09 32.51
CA ARG J 62 31.67 11.59 33.85
C ARG J 62 31.33 10.46 34.82
N PHE J 63 30.67 9.41 34.34
CA PHE J 63 30.27 8.25 35.20
C PHE J 63 31.53 7.40 35.40
N GLN J 64 32.51 7.41 34.53
CA GLN J 64 33.78 6.79 34.85
C GLN J 64 34.46 7.52 35.99
N GLU J 65 34.45 8.84 35.97
CA GLU J 65 35.00 9.59 37.10
C GLU J 65 34.25 9.32 38.40
N PHE J 66 32.92 9.23 38.34
CA PHE J 66 32.13 8.93 39.53
C PHE J 66 32.50 7.56 40.11
N LEU J 67 32.56 6.54 39.26
CA LEU J 67 32.96 5.21 39.71
C LEU J 67 34.41 5.18 40.20
N ASP J 68 35.24 6.13 39.78
CA ASP J 68 36.62 6.19 40.25
C ASP J 68 36.75 6.88 41.61
N THR J 69 35.95 7.90 41.89
CA THR J 69 36.10 8.63 43.15
C THR J 69 35.66 7.80 44.35
N PHE J 70 34.49 7.16 44.25
CA PHE J 70 33.97 6.27 45.30
C PHE J 70 34.29 4.84 44.89
N THR J 71 35.36 4.28 45.43
CA THR J 71 35.91 3.02 44.96
C THR J 71 35.27 1.80 45.64
N SER J 72 34.19 2.01 46.39
CA SER J 72 33.50 0.89 47.04
C SER J 72 32.71 0.03 46.07
N TYR J 73 32.52 0.47 44.83
CA TYR J 73 31.79 -0.30 43.83
C TYR J 73 32.69 -1.11 42.91
N ARG J 74 33.97 -0.76 42.80
CA ARG J 74 34.88 -1.52 41.96
C ARG J 74 35.18 -2.89 42.57
N ASP J 75 35.52 -2.91 43.87
CA ASP J 75 35.83 -4.17 44.53
C ASP J 75 34.61 -5.08 44.60
N SER J 76 33.41 -4.52 44.66
CA SER J 76 32.22 -5.36 44.59
C SER J 76 32.13 -6.09 43.25
N VAL J 77 32.48 -5.41 42.16
CA VAL J 77 32.53 -6.07 40.86
C VAL J 77 33.63 -7.12 40.84
N ARG J 78 34.79 -6.79 41.41
CA ARG J 78 35.87 -7.78 41.51
C ARG J 78 35.36 -9.06 42.16
N SER J 79 34.56 -8.91 43.22
CA SER J 79 34.16 -10.05 44.01
C SER J 79 33.35 -11.06 43.21
N ILE J 80 32.49 -10.60 42.31
CA ILE J 80 31.66 -11.53 41.55
C ILE J 80 32.47 -12.35 40.55
N GLN J 81 33.44 -11.74 39.88
CA GLN J 81 34.34 -12.51 39.02
C GLN J 81 35.19 -13.48 39.84
N VAL J 82 35.68 -13.04 40.99
CA VAL J 82 36.41 -13.94 41.88
C VAL J 82 35.55 -15.15 42.21
N TYR J 83 34.28 -14.92 42.53
CA TYR J 83 33.37 -16.01 42.86
C TYR J 83 33.16 -16.95 41.67
N ASN J 84 32.79 -16.40 40.52
CA ASN J 84 32.46 -17.25 39.38
C ASN J 84 33.66 -17.99 38.80
N SER J 85 34.89 -17.53 39.05
CA SER J 85 36.07 -18.26 38.63
C SER J 85 36.52 -19.27 39.68
N ASN J 86 36.62 -18.84 40.95
CA ASN J 86 37.09 -19.74 42.00
C ASN J 86 36.10 -20.88 42.23
N ASN J 87 34.82 -20.64 41.97
CA ASN J 87 33.76 -21.60 42.27
C ASN J 87 33.38 -22.40 41.02
N ALA J 88 34.37 -22.70 40.18
CA ALA J 88 34.13 -23.48 38.98
C ALA J 88 35.45 -23.86 38.31
N ASN J 125 27.19 -22.36 41.81
CA ASN J 125 26.16 -21.33 41.74
C ASN J 125 26.75 -20.03 41.20
N ILE J 126 26.64 -19.84 39.88
CA ILE J 126 27.17 -18.64 39.25
C ILE J 126 26.34 -17.45 39.67
N LEU J 127 27.01 -16.35 40.03
CA LEU J 127 26.30 -15.16 40.45
C LEU J 127 25.96 -14.27 39.26
N PRO J 128 24.90 -13.47 39.37
CA PRO J 128 24.57 -12.53 38.29
C PRO J 128 25.45 -11.29 38.31
N HIS J 129 25.53 -10.64 37.15
CA HIS J 129 26.44 -9.52 36.91
C HIS J 129 25.71 -8.21 37.21
N ARG J 130 25.76 -7.79 38.47
CA ARG J 130 24.99 -6.62 38.90
C ARG J 130 25.63 -6.00 40.13
N ILE J 131 25.39 -4.71 40.33
CA ILE J 131 25.81 -4.00 41.53
C ILE J 131 24.75 -2.99 41.91
N ILE J 132 24.93 -2.36 43.07
CA ILE J 132 23.96 -1.42 43.63
C ILE J 132 24.65 -0.10 43.91
N ILE J 133 23.99 0.99 43.52
CA ILE J 133 24.53 2.35 43.64
C ILE J 133 23.64 3.13 44.60
N SER J 134 24.25 4.08 45.30
CA SER J 134 23.52 4.95 46.22
C SER J 134 23.22 6.29 45.55
N LEU J 135 21.94 6.67 45.55
CA LEU J 135 21.55 7.97 45.03
C LEU J 135 21.95 9.11 45.97
N ASP J 136 22.38 8.80 47.19
CA ASP J 136 22.94 9.81 48.07
C ASP J 136 24.36 10.17 47.68
N ASP J 137 25.16 9.17 47.25
CA ASP J 137 26.51 9.46 46.79
C ASP J 137 26.49 10.33 45.54
N LEU J 138 25.53 10.09 44.65
CA LEU J 138 25.46 10.85 43.41
C LEU J 138 25.22 12.33 43.68
N ARG J 139 24.48 12.67 44.72
CA ARG J 139 24.12 14.08 44.98
C ARG J 139 25.36 14.81 45.44
N GLU J 140 26.16 14.12 46.25
CA GLU J 140 27.39 14.73 46.71
C GLU J 140 28.41 14.86 45.58
N PHE J 141 28.58 13.81 44.79
CA PHE J 141 29.57 13.88 43.70
C PHE J 141 29.13 14.88 42.62
N ASP J 142 27.95 14.65 41.97
CA ASP J 142 27.39 15.59 40.93
C ASP J 142 25.88 15.81 41.06
N ARG J 143 25.41 17.05 41.10
CA ARG J 143 23.99 17.31 41.27
C ARG J 143 23.22 17.18 39.97
N SER J 144 23.74 17.70 38.87
CA SER J 144 23.03 17.60 37.59
C SER J 144 22.87 16.17 37.12
N PHE J 145 23.84 15.27 37.39
CA PHE J 145 23.85 13.86 36.89
C PHE J 145 22.78 13.14 37.71
N TRP J 146 22.71 13.41 38.99
CA TRP J 146 21.67 12.93 39.88
C TRP J 146 20.27 13.35 39.41
N SER J 147 20.11 14.65 39.16
CA SER J 147 18.83 15.15 38.68
C SER J 147 18.47 14.52 37.34
N GLY J 148 19.46 14.22 36.51
CA GLY J 148 19.19 13.61 35.23
C GLY J 148 18.73 12.18 35.31
N ILE J 149 19.31 11.38 36.20
CA ILE J 149 18.79 10.02 36.37
C ILE J 149 17.39 10.07 36.99
N LEU J 150 17.16 10.97 37.93
CA LEU J 150 15.80 11.06 38.47
C LEU J 150 14.81 11.47 37.38
N VAL J 151 15.21 12.40 36.52
CA VAL J 151 14.27 13.00 35.57
C VAL J 151 14.39 12.36 34.18
N GLU J 152 15.61 12.03 33.75
CA GLU J 152 15.86 11.53 32.40
C GLU J 152 16.64 10.23 32.45
N PRO J 153 16.04 9.15 32.96
CA PRO J 153 16.74 7.87 32.98
C PRO J 153 17.12 7.36 31.60
N ALA J 154 16.26 7.57 30.60
CA ALA J 154 16.45 7.01 29.27
C ALA J 154 17.62 7.64 28.52
N TYR J 155 18.32 8.57 29.14
CA TYR J 155 19.53 9.14 28.55
C TYR J 155 20.77 8.94 29.39
N PHE J 156 20.65 8.74 30.73
CA PHE J 156 21.81 8.59 31.66
C PHE J 156 21.97 7.12 32.14
N ILE J 157 21.06 6.19 31.88
CA ILE J 157 21.24 4.84 32.39
C ILE J 157 22.09 4.01 31.44
N PRO J 158 21.82 3.99 30.13
CA PRO J 158 22.68 3.20 29.21
C PRO J 158 24.12 3.66 29.27
N PRO J 159 24.38 4.98 29.34
CA PRO J 159 25.77 5.41 29.53
C PRO J 159 26.43 4.85 30.77
N ALA J 160 25.74 4.87 31.91
CA ALA J 160 26.33 4.34 33.14
C ALA J 160 26.57 2.84 33.03
N GLU J 161 25.63 2.12 32.42
CA GLU J 161 25.81 0.68 32.26
C GLU J 161 27.02 0.37 31.40
N LYS J 162 27.19 1.11 30.30
CA LYS J 162 28.36 0.90 29.46
C LYS J 162 29.64 1.25 30.21
N ALA J 163 29.62 2.31 31.00
CA ALA J 163 30.79 2.67 31.79
C ALA J 163 31.15 1.55 32.76
N LEU J 164 30.16 0.94 33.39
CA LEU J 164 30.39 -0.18 34.29
C LEU J 164 30.96 -1.38 33.55
N THR J 165 30.41 -1.68 32.36
CA THR J 165 30.92 -2.80 31.58
C THR J 165 32.37 -2.58 31.20
N ASP J 166 32.75 -1.34 30.89
CA ASP J 166 34.15 -1.07 30.58
C ASP J 166 35.07 -1.39 31.76
N LEU J 167 34.71 -0.97 32.97
CA LEU J 167 35.53 -1.27 34.14
C LEU J 167 35.60 -2.77 34.39
N ALA J 168 34.47 -3.46 34.24
CA ALA J 168 34.46 -4.90 34.42
C ALA J 168 35.43 -5.57 33.45
N ASP J 169 35.35 -5.22 32.18
CA ASP J 169 36.29 -5.77 31.20
C ASP J 169 37.71 -5.28 31.40
N SER J 170 37.91 -4.18 32.13
CA SER J 170 39.24 -3.70 32.46
C SER J 170 39.91 -4.60 33.50
N MET J 171 39.28 -4.78 34.65
CA MET J 171 39.89 -5.62 35.67
C MET J 171 39.97 -7.08 35.27
N ASP J 172 39.25 -7.48 34.24
CA ASP J 172 39.26 -8.88 33.81
C ASP J 172 40.67 -9.29 33.41
N ASP J 173 41.11 -10.43 33.92
CA ASP J 173 42.45 -10.94 33.64
C ASP J 173 42.65 -11.16 32.15
N HIS J 186 29.73 -10.60 28.85
CA HIS J 186 28.31 -10.59 29.13
C HIS J 186 27.95 -9.29 29.86
N PRO J 187 26.97 -8.54 29.36
CA PRO J 187 26.75 -7.17 29.88
C PRO J 187 26.50 -7.13 31.37
N TRP J 188 26.58 -5.92 31.92
CA TRP J 188 26.40 -5.66 33.34
C TRP J 188 25.33 -4.58 33.53
N LYS J 189 24.66 -4.61 34.68
CA LYS J 189 23.52 -3.75 34.93
C LYS J 189 23.51 -3.24 36.37
N LEU J 190 22.71 -2.20 36.61
CA LEU J 190 22.76 -1.42 37.84
C LEU J 190 21.50 -1.56 38.67
N SER J 191 21.63 -1.18 39.94
CA SER J 191 20.53 -1.11 40.89
C SER J 191 20.62 0.20 41.67
N PHE J 192 19.50 0.63 42.23
CA PHE J 192 19.36 1.97 42.80
C PHE J 192 18.83 1.89 44.22
N LYS J 193 19.45 2.63 45.13
CA LYS J 193 18.98 2.78 46.50
C LYS J 193 19.34 4.16 47.01
N GLY J 194 18.90 4.46 48.22
CA GLY J 194 19.01 5.78 48.79
C GLY J 194 17.65 6.45 48.92
N SER J 195 17.68 7.75 49.16
CA SER J 195 16.46 8.52 49.31
C SER J 195 16.04 9.09 47.96
N PHE J 196 14.80 8.83 47.57
CA PHE J 196 14.28 9.27 46.28
C PHE J 196 13.55 10.61 46.35
N GLY J 197 12.78 10.84 47.40
CA GLY J 197 12.08 12.10 47.56
C GLY J 197 10.67 12.08 47.02
N ALA J 198 10.39 12.97 46.06
CA ALA J 198 9.08 13.00 45.43
C ALA J 198 8.83 11.81 44.51
N HIS J 199 9.86 11.01 44.23
CA HIS J 199 9.73 9.79 43.44
C HIS J 199 9.63 8.56 44.31
N ALA J 200 9.00 8.68 45.48
CA ALA J 200 8.63 7.58 46.35
C ALA J 200 7.11 7.59 46.46
N LEU J 201 6.46 6.88 45.56
CA LEU J 201 5.03 7.00 45.32
C LEU J 201 4.33 5.67 45.63
N SER J 202 3.01 5.69 45.54
CA SER J 202 2.21 4.48 45.68
C SER J 202 1.36 4.32 44.42
N PRO J 203 0.75 3.16 44.20
CA PRO J 203 -0.04 2.97 42.97
C PRO J 203 -1.19 3.93 42.82
N ARG J 204 -1.63 4.58 43.88
CA ARG J 204 -2.71 5.56 43.78
C ARG J 204 -2.21 6.95 43.39
N THR J 205 -1.07 7.38 43.93
CA THR J 205 -0.52 8.71 43.67
C THR J 205 0.43 8.73 42.49
N LEU J 206 0.54 7.65 41.73
CA LEU J 206 1.37 7.61 40.53
C LEU J 206 0.54 8.00 39.32
N THR J 207 0.89 9.12 38.69
CA THR J 207 0.06 9.74 37.68
C THR J 207 0.83 9.89 36.37
N ALA J 208 0.21 10.56 35.40
CA ALA J 208 0.78 10.69 34.07
C ALA J 208 1.87 11.75 33.98
N GLN J 209 2.11 12.52 35.04
CA GLN J 209 3.21 13.48 35.06
C GLN J 209 4.53 12.85 35.48
N HIS J 210 4.52 11.60 35.93
CA HIS J 210 5.73 10.89 36.32
C HIS J 210 6.20 9.89 35.26
N LEU J 211 5.56 9.84 34.10
CA LEU J 211 6.01 8.94 33.04
C LEU J 211 7.42 9.30 32.60
N ASN J 212 8.20 8.27 32.25
CA ASN J 212 9.57 8.39 31.77
C ASN J 212 10.53 8.80 32.87
N LYS J 213 10.23 8.49 34.13
CA LYS J 213 11.14 8.76 35.24
C LYS J 213 11.24 7.54 36.13
N LEU J 214 12.31 7.50 36.92
CA LEU J 214 12.56 6.41 37.85
C LEU J 214 11.78 6.63 39.14
N VAL J 215 11.02 5.63 39.57
CA VAL J 215 10.10 5.76 40.70
C VAL J 215 10.27 4.58 41.65
N SER J 216 9.80 4.78 42.89
CA SER J 216 9.71 3.73 43.89
C SER J 216 8.23 3.54 44.23
N VAL J 217 7.77 2.29 44.23
CA VAL J 217 6.37 1.96 44.43
C VAL J 217 6.24 0.95 45.56
N GLU J 218 5.28 1.20 46.44
CA GLU J 218 4.99 0.32 47.58
C GLU J 218 3.65 -0.36 47.35
N GLY J 219 3.49 -1.54 47.93
CA GLY J 219 2.25 -2.25 47.77
C GLY J 219 2.41 -3.73 48.09
N ILE J 220 1.43 -4.50 47.64
CA ILE J 220 1.35 -5.94 47.89
C ILE J 220 1.30 -6.66 46.55
N VAL J 221 2.05 -7.76 46.45
CA VAL J 221 2.05 -8.58 45.24
C VAL J 221 0.80 -9.45 45.26
N THR J 222 0.01 -9.38 44.19
CA THR J 222 -1.25 -10.09 44.14
C THR J 222 -1.26 -11.28 43.18
N LYS J 223 -0.35 -11.33 42.21
CA LYS J 223 -0.33 -12.45 41.28
C LYS J 223 0.97 -12.45 40.48
N THR J 224 1.52 -13.65 40.27
CA THR J 224 2.71 -13.86 39.46
C THR J 224 2.41 -14.88 38.37
N SER J 225 3.09 -14.76 37.25
CA SER J 225 2.86 -15.61 36.10
C SER J 225 3.93 -16.69 36.03
N LEU J 226 3.81 -17.55 35.03
CA LEU J 226 4.74 -18.65 34.84
C LEU J 226 6.02 -18.14 34.18
N VAL J 227 7.16 -18.65 34.65
CA VAL J 227 8.44 -18.26 34.07
C VAL J 227 8.59 -18.97 32.73
N ARG J 228 8.74 -18.20 31.68
CA ARG J 228 8.81 -18.71 30.33
C ARG J 228 10.16 -18.39 29.70
N PRO J 229 10.72 -19.27 28.87
CA PRO J 229 11.92 -18.92 28.12
C PRO J 229 11.64 -17.97 26.97
N LYS J 230 12.67 -17.19 26.62
CA LYS J 230 12.63 -16.26 25.50
C LYS J 230 13.82 -16.51 24.59
N LEU J 231 13.57 -16.62 23.29
CA LEU J 231 14.59 -17.00 22.32
C LEU J 231 15.32 -15.75 21.82
N ILE J 232 16.64 -15.77 21.89
CA ILE J 232 17.46 -14.64 21.48
C ILE J 232 18.24 -15.00 20.21
N ARG J 233 19.02 -16.06 20.26
CA ARG J 233 19.85 -16.50 19.14
C ARG J 233 19.59 -17.98 18.85
N SER J 234 19.37 -18.30 17.58
CA SER J 234 19.05 -19.66 17.14
C SER J 234 20.09 -20.12 16.12
N VAL J 235 20.57 -21.36 16.28
CA VAL J 235 21.63 -21.93 15.47
C VAL J 235 21.10 -23.10 14.66
N HIS J 236 21.64 -23.30 13.47
CA HIS J 236 21.15 -24.30 12.52
C HIS J 236 22.31 -25.07 11.91
N TYR J 237 21.97 -26.13 11.17
CA TYR J 237 22.93 -27.00 10.51
C TYR J 237 22.44 -27.37 9.12
N ALA J 238 23.36 -27.39 8.16
CA ALA J 238 23.08 -27.80 6.79
C ALA J 238 23.91 -29.04 6.48
N ALA J 239 23.24 -30.15 6.20
CA ALA J 239 23.92 -31.40 5.93
C ALA J 239 24.53 -31.45 4.54
N LYS J 240 24.14 -30.54 3.65
CA LYS J 240 24.68 -30.52 2.30
C LYS J 240 25.92 -29.64 2.17
N THR J 241 26.25 -28.88 3.21
CA THR J 241 27.44 -28.02 3.18
C THR J 241 28.25 -28.10 4.47
N GLY J 242 27.76 -28.78 5.50
CA GLY J 242 28.50 -28.90 6.74
C GLY J 242 28.75 -27.60 7.46
N ARG J 243 27.81 -26.65 7.38
CA ARG J 243 27.99 -25.33 7.94
C ARG J 243 26.83 -24.98 8.87
N PHE J 244 27.11 -24.15 9.85
CA PHE J 244 26.14 -23.72 10.85
C PHE J 244 25.84 -22.24 10.69
N HIS J 245 24.56 -21.89 10.82
CA HIS J 245 24.10 -20.52 10.64
C HIS J 245 23.31 -20.08 11.87
N TYR J 246 23.29 -18.76 12.11
CA TYR J 246 22.59 -18.20 13.27
C TYR J 246 21.84 -16.92 12.91
N ARG J 247 20.99 -16.49 13.83
CA ARG J 247 20.21 -15.26 13.69
C ARG J 247 19.93 -14.69 15.08
N ASP J 248 19.58 -13.41 15.12
CA ASP J 248 19.31 -12.70 16.37
C ASP J 248 17.89 -12.13 16.37
N TYR J 249 17.30 -12.04 17.55
CA TYR J 249 15.97 -11.48 17.73
C TYR J 249 15.95 -10.50 18.89
N THR J 250 15.09 -9.48 18.80
CA THR J 250 14.98 -8.46 19.83
C THR J 250 13.56 -7.93 19.86
N ASP J 251 13.22 -7.23 20.94
CA ASP J 251 11.91 -6.64 21.12
C ASP J 251 12.02 -5.31 21.87
N ALA J 252 10.86 -4.68 22.08
CA ALA J 252 10.81 -3.30 22.57
C ALA J 252 11.05 -3.18 24.07
N THR J 253 11.01 -4.28 24.81
CA THR J 253 11.17 -4.24 26.26
C THR J 253 12.58 -4.60 26.72
N THR J 254 13.60 -4.34 25.89
CA THR J 254 14.99 -4.61 26.27
C THR J 254 15.92 -3.41 26.16
N THR J 255 15.50 -2.34 25.50
CA THR J 255 16.31 -1.13 25.40
C THR J 255 15.45 0.05 25.82
N LEU J 256 16.00 0.92 26.66
CA LEU J 256 15.21 2.01 27.22
C LEU J 256 14.85 3.08 26.19
N THR J 257 15.58 3.15 25.07
CA THR J 257 15.30 4.13 24.03
C THR J 257 14.61 3.45 22.84
N THR J 258 13.86 4.24 22.09
CA THR J 258 13.11 3.73 20.96
C THR J 258 14.05 3.48 19.79
N ARG J 259 13.90 2.31 19.16
CA ARG J 259 14.64 1.95 17.96
C ARG J 259 13.67 1.74 16.82
N ILE J 260 14.22 1.66 15.61
CA ILE J 260 13.43 1.33 14.42
C ILE J 260 13.28 -0.19 14.40
N PRO J 261 12.05 -0.73 14.34
CA PRO J 261 11.88 -2.18 14.44
C PRO J 261 12.59 -2.93 13.32
N THR J 262 13.10 -4.12 13.66
CA THR J 262 13.62 -5.06 12.67
C THR J 262 12.90 -6.39 12.83
N PRO J 263 11.86 -6.67 12.04
CA PRO J 263 11.15 -7.95 12.18
C PRO J 263 11.75 -9.08 11.35
N ALA J 264 12.81 -9.70 11.85
CA ALA J 264 13.43 -10.83 11.15
C ALA J 264 12.58 -12.08 11.30
N ILE J 265 12.85 -13.06 10.45
CA ILE J 265 12.02 -14.25 10.34
C ILE J 265 12.82 -15.47 10.75
N TYR J 266 12.12 -16.58 10.99
CA TYR J 266 12.77 -17.80 11.45
C TYR J 266 13.32 -18.57 10.26
N PRO J 267 14.64 -18.81 10.19
CA PRO J 267 15.21 -19.43 8.98
C PRO J 267 15.01 -20.94 8.97
N THR J 268 14.44 -21.44 7.88
CA THR J 268 14.34 -22.86 7.60
C THR J 268 15.17 -23.28 6.39
N GLU J 269 15.73 -22.33 5.65
CA GLU J 269 16.29 -22.58 4.33
C GLU J 269 17.59 -21.80 4.20
N ASP J 270 18.50 -22.34 3.41
CA ASP J 270 19.83 -21.79 3.24
C ASP J 270 19.80 -20.78 2.09
N THR J 271 20.91 -20.07 1.89
CA THR J 271 20.99 -19.11 0.81
C THR J 271 20.99 -19.76 -0.57
N GLU J 272 21.19 -21.07 -0.65
CA GLU J 272 21.05 -21.81 -1.90
C GLU J 272 19.77 -22.65 -1.97
N GLY J 273 19.15 -22.95 -0.83
CA GLY J 273 17.98 -23.80 -0.79
C GLY J 273 18.15 -25.04 0.07
N ASN J 274 19.30 -25.25 0.69
CA ASN J 274 19.54 -26.43 1.51
C ASN J 274 18.70 -26.38 2.78
N LYS J 275 18.18 -27.54 3.18
CA LYS J 275 17.34 -27.63 4.36
C LYS J 275 18.20 -27.65 5.62
N LEU J 276 17.72 -26.95 6.65
CA LEU J 276 18.47 -26.76 7.88
C LEU J 276 17.83 -27.48 9.05
N THR J 277 18.65 -28.15 9.84
CA THR J 277 18.22 -28.75 11.10
C THR J 277 18.40 -27.74 12.23
N THR J 278 17.44 -27.72 13.15
CA THR J 278 17.45 -26.78 14.26
C THR J 278 18.17 -27.40 15.45
N GLU J 279 19.13 -26.66 16.00
CA GLU J 279 19.98 -27.16 17.09
C GLU J 279 19.53 -26.52 18.39
N TYR J 280 18.60 -27.19 19.08
CA TYR J 280 18.01 -26.61 20.28
C TYR J 280 19.01 -26.41 21.41
N GLY J 281 20.04 -27.24 21.49
CA GLY J 281 21.00 -27.14 22.57
C GLY J 281 22.01 -26.03 22.38
N TYR J 282 22.14 -25.54 21.14
CA TYR J 282 23.12 -24.51 20.85
C TYR J 282 22.49 -23.11 20.81
N SER J 283 21.17 -23.01 20.82
CA SER J 283 20.51 -21.72 20.88
C SER J 283 20.55 -21.16 22.30
N THR J 284 20.29 -19.86 22.43
CA THR J 284 20.29 -19.17 23.70
C THR J 284 18.87 -18.75 24.06
N PHE J 285 18.45 -19.04 25.30
CA PHE J 285 17.15 -18.66 25.81
C PHE J 285 17.30 -17.87 27.11
N ILE J 286 16.53 -16.82 27.39
CA ILE J 286 16.58 -15.96 28.62
C ILE J 286 15.16 -15.96 29.23
N ASP J 287 14.99 -16.06 30.52
CA ASP J 287 13.66 -16.28 31.17
C ASP J 287 12.82 -14.99 31.31
N HIS J 288 11.52 -15.05 31.56
CA HIS J 288 10.58 -13.93 31.57
C HIS J 288 9.51 -14.17 32.62
N GLN J 289 9.06 -13.10 33.28
CA GLN J 289 7.95 -13.18 34.21
C GLN J 289 7.29 -11.81 34.36
N ARG J 290 6.00 -11.81 34.67
CA ARG J 290 5.21 -10.61 34.90
C ARG J 290 4.49 -10.71 36.25
N ILE J 291 4.46 -9.60 37.00
CA ILE J 291 3.77 -9.56 38.28
C ILE J 291 2.94 -8.27 38.39
N THR J 292 1.92 -8.32 39.25
CA THR J 292 1.02 -7.21 39.49
C THR J 292 1.13 -6.75 40.95
N VAL J 293 1.13 -5.43 41.15
CA VAL J 293 1.27 -4.83 42.48
C VAL J 293 0.04 -4.00 42.78
N GLN J 294 -0.31 -3.93 44.06
CA GLN J 294 -1.49 -3.23 44.54
C GLN J 294 -1.16 -2.58 45.87
N GLU J 295 -1.94 -1.56 46.24
CA GLU J 295 -1.67 -0.80 47.45
C GLU J 295 -1.99 -1.62 48.69
N MET J 296 -1.14 -1.50 49.71
CA MET J 296 -1.26 -2.33 50.90
C MET J 296 -2.59 -2.05 51.61
N PRO J 297 -3.21 -3.07 52.21
CA PRO J 297 -4.53 -2.87 52.82
C PRO J 297 -4.54 -1.92 54.00
N GLU J 298 -3.42 -1.76 54.72
CA GLU J 298 -3.40 -0.86 55.86
C GLU J 298 -2.90 0.54 55.53
N MET J 299 -2.60 0.83 54.27
CA MET J 299 -2.42 2.21 53.82
C MET J 299 -3.52 2.68 52.87
N ALA J 300 -4.45 1.80 52.49
CA ALA J 300 -5.46 2.19 51.50
C ALA J 300 -6.69 2.78 52.18
N PRO J 301 -7.44 3.64 51.48
CA PRO J 301 -8.67 4.19 52.07
C PRO J 301 -9.75 3.13 52.19
N ALA J 302 -10.41 3.12 53.35
CA ALA J 302 -11.40 2.09 53.65
C ALA J 302 -12.65 2.26 52.80
N GLY J 303 -13.17 1.13 52.32
CA GLY J 303 -14.37 1.14 51.51
C GLY J 303 -14.20 1.64 50.10
N GLN J 304 -12.97 1.68 49.58
CA GLN J 304 -12.69 2.19 48.25
C GLN J 304 -11.93 1.16 47.45
N LEU J 305 -12.23 1.07 46.15
CA LEU J 305 -11.61 0.06 45.31
C LEU J 305 -10.12 0.38 45.10
N PRO J 306 -9.28 -0.64 44.94
CA PRO J 306 -7.83 -0.42 44.93
C PRO J 306 -7.24 -0.20 43.54
N ARG J 307 -6.01 0.31 43.54
CA ARG J 307 -5.28 0.61 42.33
C ARG J 307 -4.06 -0.30 42.20
N SER J 308 -3.72 -0.63 40.95
CA SER J 308 -2.72 -1.66 40.67
C SER J 308 -1.82 -1.22 39.51
N ILE J 309 -0.68 -1.89 39.40
CA ILE J 309 0.33 -1.54 38.40
C ILE J 309 1.07 -2.82 38.00
N ASP J 310 1.51 -2.88 36.75
CA ASP J 310 2.14 -4.07 36.18
C ASP J 310 3.65 -3.87 36.11
N VAL J 311 4.39 -4.90 36.53
CA VAL J 311 5.85 -4.88 36.55
C VAL J 311 6.37 -6.04 35.72
N ILE J 312 7.32 -5.76 34.83
CA ILE J 312 7.92 -6.77 33.97
C ILE J 312 9.33 -7.03 34.46
N LEU J 313 9.64 -8.31 34.70
CA LEU J 313 10.93 -8.74 35.19
C LEU J 313 11.52 -9.75 34.21
N ASP J 314 12.83 -9.76 34.08
CA ASP J 314 13.51 -10.64 33.13
C ASP J 314 14.78 -11.20 33.74
N ASP J 315 15.16 -12.37 33.23
CA ASP J 315 16.44 -12.99 33.57
C ASP J 315 16.58 -13.25 35.07
N ASP J 316 17.43 -12.50 35.77
CA ASP J 316 17.82 -12.91 37.12
C ASP J 316 16.79 -12.50 38.18
N LEU J 317 15.99 -11.47 37.90
CA LEU J 317 15.01 -10.97 38.85
C LEU J 317 13.66 -11.67 38.71
N VAL J 318 13.66 -12.92 38.23
CA VAL J 318 12.45 -13.53 37.70
C VAL J 318 11.65 -14.31 38.73
N ASP J 319 12.26 -14.71 39.85
CA ASP J 319 11.55 -15.55 40.81
C ASP J 319 11.84 -15.10 42.25
N LYS J 320 11.78 -13.80 42.50
CA LYS J 320 12.15 -13.26 43.81
C LYS J 320 11.01 -13.16 44.80
N THR J 321 9.76 -13.24 44.36
CA THR J 321 8.62 -13.02 45.24
C THR J 321 7.50 -14.00 44.92
N LYS J 322 6.52 -14.04 45.81
CA LYS J 322 5.36 -14.89 45.72
C LYS J 322 4.11 -14.05 45.99
N PRO J 323 2.94 -14.52 45.57
CA PRO J 323 1.71 -13.76 45.85
C PRO J 323 1.52 -13.53 47.34
N GLY J 324 1.04 -12.35 47.69
CA GLY J 324 0.76 -12.02 49.07
C GLY J 324 1.98 -11.58 49.85
N ASP J 325 2.76 -10.66 49.27
CA ASP J 325 3.98 -10.18 49.90
C ASP J 325 4.00 -8.66 49.88
N ARG J 326 4.60 -8.08 50.91
CA ARG J 326 4.90 -6.65 50.88
C ARG J 326 6.19 -6.42 50.12
N VAL J 327 6.17 -5.48 49.19
CA VAL J 327 7.26 -5.31 48.25
C VAL J 327 7.48 -3.83 47.98
N ASN J 328 8.72 -3.49 47.61
CA ASN J 328 9.09 -2.17 47.11
C ASN J 328 9.85 -2.38 45.81
N VAL J 329 9.41 -1.72 44.75
CA VAL J 329 9.96 -1.91 43.41
C VAL J 329 10.43 -0.57 42.87
N VAL J 330 11.56 -0.58 42.19
CA VAL J 330 12.12 0.61 41.53
C VAL J 330 12.33 0.28 40.06
N GLY J 331 11.95 1.21 39.20
CA GLY J 331 12.07 0.98 37.77
C GLY J 331 11.56 2.17 37.00
N VAL J 332 11.53 2.02 35.68
CA VAL J 332 11.12 3.09 34.77
C VAL J 332 9.66 2.88 34.40
N PHE J 333 8.89 3.95 34.48
CA PHE J 333 7.47 3.94 34.15
C PHE J 333 7.33 4.29 32.67
N LYS J 334 7.05 3.28 31.84
CA LYS J 334 7.17 3.37 30.39
C LYS J 334 5.80 3.36 29.71
N SER J 335 5.67 4.20 28.69
CA SER J 335 4.55 4.15 27.76
C SER J 335 4.98 3.37 26.53
N LEU J 336 4.10 2.49 26.06
CA LEU J 336 4.44 1.56 24.99
C LEU J 336 3.42 1.66 23.86
N GLY J 337 3.89 1.37 22.65
CA GLY J 337 3.04 1.25 21.48
C GLY J 337 2.43 2.59 21.05
N ALA J 338 1.32 2.47 20.34
CA ALA J 338 0.52 3.62 19.93
C ALA J 338 -0.89 3.45 20.48
N GLY J 339 -1.37 4.48 21.17
CA GLY J 339 -2.67 4.39 21.82
C GLY J 339 -3.84 4.56 20.88
N GLY J 340 -3.89 3.76 19.83
CA GLY J 340 -4.99 3.79 18.90
C GLY J 340 -4.91 4.86 17.83
N MET J 341 -3.79 5.58 17.73
CA MET J 341 -3.65 6.61 16.71
C MET J 341 -3.25 6.05 15.35
N ASN J 342 -2.90 4.76 15.26
CA ASN J 342 -2.69 4.12 13.97
C ASN J 342 -3.99 3.86 13.22
N GLN J 343 -5.12 3.90 13.90
CA GLN J 343 -6.38 3.48 13.32
C GLN J 343 -7.33 4.66 13.10
N ILE J 350 -9.70 3.71 25.16
CA ILE J 350 -8.62 3.71 26.15
C ILE J 350 -7.36 4.31 25.54
N GLY J 351 -6.36 4.55 26.39
CA GLY J 351 -5.15 5.23 25.96
C GLY J 351 -3.93 4.36 25.85
N PHE J 352 -2.79 4.88 26.29
CA PHE J 352 -1.51 4.22 26.08
C PHE J 352 -1.28 3.11 27.09
N LYS J 353 -0.39 2.19 26.72
CA LYS J 353 -0.07 1.03 27.53
C LYS J 353 1.09 1.40 28.46
N THR J 354 0.85 1.33 29.77
CA THR J 354 1.83 1.76 30.76
C THR J 354 2.22 0.59 31.64
N LEU J 355 3.52 0.50 31.94
CA LEU J 355 4.04 -0.54 32.80
C LEU J 355 5.41 -0.13 33.32
N ILE J 356 5.87 -0.85 34.34
CA ILE J 356 7.19 -0.61 34.92
C ILE J 356 8.13 -1.71 34.48
N LEU J 357 9.31 -1.34 33.97
CA LEU J 357 10.36 -2.28 33.63
C LEU J 357 11.28 -2.38 34.84
N GLY J 358 11.11 -3.44 35.62
CA GLY J 358 11.78 -3.51 36.92
C GLY J 358 13.29 -3.58 36.79
N ASN J 359 13.98 -2.97 37.74
CA ASN J 359 15.41 -3.14 37.94
C ASN J 359 15.76 -3.53 39.37
N THR J 360 14.96 -3.12 40.34
CA THR J 360 15.17 -3.45 41.74
C THR J 360 13.86 -3.95 42.35
N VAL J 361 13.95 -5.03 43.13
CA VAL J 361 12.79 -5.61 43.80
C VAL J 361 13.20 -5.96 45.23
N TYR J 362 12.63 -5.27 46.21
CA TYR J 362 12.97 -5.47 47.62
C TYR J 362 11.81 -6.12 48.35
N PRO J 363 12.01 -7.26 49.00
CA PRO J 363 10.98 -7.78 49.92
C PRO J 363 11.01 -7.02 51.24
N LEU J 364 9.82 -6.81 51.81
CA LEU J 364 9.65 -6.08 53.06
C LEU J 364 8.84 -6.91 54.04
N HIS J 365 9.07 -6.70 55.32
CA HIS J 365 8.39 -7.46 56.37
C HIS J 365 7.40 -6.58 57.11
N ALA J 366 6.24 -7.15 57.43
CA ALA J 366 5.19 -6.46 58.16
C ALA J 366 4.52 -7.43 59.12
N ARG J 367 3.82 -6.86 60.11
CA ARG J 367 3.11 -7.70 61.07
C ARG J 367 2.07 -8.55 60.36
N SER J 368 2.00 -9.82 60.75
CA SER J 368 1.02 -10.76 60.20
C SER J 368 1.19 -10.90 58.69
N THR J 369 2.38 -11.34 58.28
CA THR J 369 2.68 -11.53 56.86
C THR J 369 3.70 -12.65 56.72
N GLY J 370 3.74 -13.24 55.53
CA GLY J 370 4.55 -14.42 55.26
C GLY J 370 6.00 -14.17 54.95
N VAL J 371 6.45 -12.92 54.96
CA VAL J 371 7.85 -12.60 54.71
C VAL J 371 8.55 -12.46 56.06
N ALA J 372 9.64 -13.21 56.24
CA ALA J 372 10.37 -13.20 57.50
C ALA J 372 11.22 -11.94 57.62
N ALA J 373 11.68 -11.69 58.84
CA ALA J 373 12.56 -10.56 59.13
C ALA J 373 13.93 -11.09 59.54
N ARG J 374 14.97 -10.65 58.85
CA ARG J 374 16.35 -10.94 59.22
C ARG J 374 17.18 -9.68 59.18
N GLN J 375 18.19 -9.63 60.05
CA GLN J 375 19.12 -8.51 60.13
C GLN J 375 20.53 -8.99 59.87
N MET J 376 21.36 -8.08 59.38
CA MET J 376 22.77 -8.37 59.17
C MET J 376 23.53 -8.18 60.48
N LEU J 377 24.32 -9.17 60.85
CA LEU J 377 25.04 -9.14 62.13
C LEU J 377 26.43 -8.56 61.93
N THR J 378 26.74 -7.52 62.69
CA THR J 378 28.09 -6.98 62.71
C THR J 378 28.95 -7.78 63.68
N ASP J 379 30.26 -7.77 63.44
CA ASP J 379 31.16 -8.45 64.37
C ASP J 379 31.07 -7.84 65.76
N PHE J 380 30.86 -6.53 65.86
CA PHE J 380 30.62 -5.92 67.16
C PHE J 380 29.38 -6.51 67.81
N ASP J 381 28.31 -6.70 67.03
CA ASP J 381 27.11 -7.33 67.57
C ASP J 381 27.41 -8.74 68.08
N ILE J 382 28.16 -9.50 67.28
CA ILE J 382 28.49 -10.86 67.66
C ILE J 382 29.25 -10.86 68.98
N ARG J 383 30.14 -9.89 69.17
CA ARG J 383 30.94 -9.88 70.40
C ARG J 383 30.07 -9.71 71.63
N ASN J 384 29.08 -8.81 71.58
CA ASN J 384 28.16 -8.68 72.71
C ASN J 384 27.32 -9.94 72.89
N ILE J 385 26.83 -10.52 71.79
CA ILE J 385 25.99 -11.72 71.89
C ILE J 385 26.76 -12.84 72.57
N ASN J 386 28.03 -13.01 72.21
CA ASN J 386 28.84 -14.08 72.78
C ASN J 386 29.32 -13.75 74.19
N LYS J 387 29.58 -12.46 74.46
CA LYS J 387 29.97 -12.06 75.82
C LYS J 387 28.85 -12.33 76.81
N LEU J 388 27.61 -12.10 76.42
CA LEU J 388 26.49 -12.18 77.38
C LEU J 388 26.38 -13.62 77.87
N SER J 389 26.81 -14.59 77.08
CA SER J 389 26.49 -15.98 77.39
C SER J 389 27.16 -16.44 78.68
N LYS J 390 28.43 -16.07 78.88
CA LYS J 390 29.20 -16.66 79.99
C LYS J 390 28.55 -16.37 81.34
N LYS J 391 27.99 -15.19 81.53
CA LYS J 391 27.34 -14.87 82.79
C LYS J 391 26.17 -15.81 83.02
N LYS J 392 26.12 -16.43 84.20
CA LYS J 392 25.14 -17.49 84.47
C LYS J 392 23.86 -16.93 85.06
N ASP J 393 23.32 -15.90 84.42
CA ASP J 393 21.95 -15.47 84.68
C ASP J 393 21.31 -14.99 83.39
N ILE J 394 21.85 -15.41 82.24
CA ILE J 394 21.33 -15.19 80.86
C ILE J 394 19.81 -15.39 80.81
N PHE J 395 19.31 -16.47 81.36
CA PHE J 395 17.88 -16.78 81.28
C PHE J 395 17.06 -15.70 81.98
N ASP J 396 17.49 -15.27 83.17
CA ASP J 396 16.72 -14.27 83.92
C ASP J 396 16.74 -12.92 83.22
N ILE J 397 17.90 -12.47 82.75
CA ILE J 397 17.99 -11.17 82.11
C ILE J 397 17.14 -11.15 80.84
N LEU J 398 17.20 -12.22 80.04
CA LEU J 398 16.42 -12.25 78.81
C LEU J 398 14.94 -12.42 79.11
N SER J 399 14.60 -13.12 80.20
CA SER J 399 13.21 -13.37 80.52
C SER J 399 12.51 -12.13 81.04
N GLN J 400 13.19 -11.36 81.91
CA GLN J 400 12.56 -10.17 82.48
C GLN J 400 12.40 -9.06 81.45
N SER J 401 13.13 -9.09 80.35
CA SER J 401 13.00 -8.07 79.32
C SER J 401 11.88 -8.37 78.34
N LEU J 402 11.10 -9.43 78.56
CA LEU J 402 10.02 -9.81 77.66
C LEU J 402 8.77 -9.06 78.09
N ALA J 403 8.48 -7.95 77.40
CA ALA J 403 7.35 -7.09 77.73
C ALA J 403 7.40 -6.76 79.22
N PRO J 404 8.40 -5.97 79.65
CA PRO J 404 8.55 -5.72 81.09
C PRO J 404 7.38 -4.98 81.71
N SER J 405 6.56 -4.35 80.89
CA SER J 405 5.44 -3.52 81.37
C SER J 405 4.33 -4.33 82.02
N ILE J 406 4.08 -5.55 81.58
CA ILE J 406 3.19 -6.45 82.27
C ILE J 406 3.88 -6.94 83.53
N TYR J 407 3.12 -7.12 84.60
CA TYR J 407 3.69 -7.35 85.92
C TYR J 407 3.68 -8.83 86.27
N GLY J 408 4.79 -9.31 86.82
CA GLY J 408 4.88 -10.71 87.20
C GLY J 408 4.82 -11.61 85.97
N HIS J 409 4.16 -12.76 86.13
CA HIS J 409 4.03 -13.76 85.07
C HIS J 409 5.40 -14.17 84.55
N ASP J 410 6.31 -14.41 85.49
CA ASP J 410 7.69 -14.69 85.14
C ASP J 410 7.87 -16.07 84.51
N HIS J 411 7.11 -17.07 84.96
CA HIS J 411 7.23 -18.39 84.38
C HIS J 411 6.69 -18.43 82.94
N ILE J 412 5.61 -17.69 82.65
CA ILE J 412 5.20 -17.54 81.26
C ILE J 412 6.23 -16.76 80.46
N LYS J 413 6.90 -15.77 81.07
CA LYS J 413 8.01 -15.10 80.39
C LYS J 413 9.09 -16.10 79.99
N LYS J 414 9.40 -17.05 80.87
CA LYS J 414 10.36 -18.10 80.53
C LYS J 414 9.83 -18.97 79.40
N ALA J 415 8.57 -19.40 79.50
CA ALA J 415 8.02 -20.34 78.53
C ALA J 415 7.99 -19.75 77.13
N ILE J 416 7.69 -18.45 77.02
CA ILE J 416 7.65 -17.83 75.71
C ILE J 416 9.03 -17.85 75.06
N LEU J 417 10.09 -17.56 75.82
CA LEU J 417 11.44 -17.63 75.26
C LEU J 417 11.78 -19.06 74.83
N LEU J 418 11.41 -20.04 75.66
CA LEU J 418 11.66 -21.43 75.30
C LEU J 418 10.98 -21.79 73.99
N MET J 419 9.75 -21.32 73.78
CA MET J 419 9.09 -21.54 72.50
C MET J 419 9.78 -20.78 71.37
N LEU J 420 10.24 -19.56 71.63
CA LEU J 420 10.86 -18.76 70.58
C LEU J 420 12.15 -19.37 70.06
N MET J 421 12.89 -20.16 70.82
CA MET J 421 14.17 -20.76 70.42
C MET J 421 13.87 -22.19 69.96
N GLY J 422 13.22 -23.04 70.77
CA GLY J 422 12.81 -24.35 70.34
C GLY J 422 13.95 -25.33 70.21
N GLY J 423 13.60 -26.62 70.21
CA GLY J 423 14.59 -27.68 70.19
C GLY J 423 15.11 -28.03 68.82
N VAL J 424 15.27 -29.31 68.55
CA VAL J 424 15.80 -29.81 67.28
C VAL J 424 14.94 -30.97 66.81
N GLU J 425 14.65 -31.02 65.51
CA GLU J 425 13.92 -32.14 64.94
C GLU J 425 14.87 -33.06 64.19
N LYS J 426 14.43 -34.31 64.00
CA LYS J 426 15.30 -35.40 63.61
C LYS J 426 14.61 -36.26 62.58
N ASN J 427 15.35 -36.64 61.53
CA ASN J 427 14.84 -37.53 60.49
C ASN J 427 15.72 -38.76 60.40
N LEU J 428 15.09 -39.93 60.37
CA LEU J 428 15.80 -41.20 60.33
C LEU J 428 15.84 -41.74 58.90
N GLU J 429 16.77 -42.67 58.66
CA GLU J 429 16.87 -43.29 57.34
C GLU J 429 15.55 -43.91 56.95
N ASN J 430 14.91 -44.61 57.89
CA ASN J 430 13.60 -45.22 57.70
C ASN J 430 12.67 -44.28 56.94
N GLY J 431 12.61 -43.03 57.36
CA GLY J 431 11.70 -42.07 56.77
C GLY J 431 10.82 -41.42 57.83
N SER J 432 11.23 -41.54 59.09
CA SER J 432 10.43 -41.07 60.21
C SER J 432 10.80 -39.64 60.58
N HIS J 433 9.79 -38.86 60.97
CA HIS J 433 9.97 -37.49 61.40
C HIS J 433 9.54 -37.36 62.86
N LEU J 434 10.36 -36.71 63.66
CA LEU J 434 10.10 -36.51 65.09
C LEU J 434 10.07 -35.02 65.40
N ARG J 435 9.04 -34.60 66.09
CA ARG J 435 8.71 -33.18 66.22
C ARG J 435 9.70 -32.46 67.14
N GLY J 436 9.80 -31.14 66.96
CA GLY J 436 10.70 -30.33 67.75
C GLY J 436 10.16 -28.95 68.07
N ASP J 437 8.84 -28.75 67.96
CA ASP J 437 8.21 -27.47 68.26
C ASP J 437 7.59 -27.51 69.64
N ILE J 438 7.52 -26.36 70.29
CA ILE J 438 6.89 -26.22 71.61
C ILE J 438 5.60 -25.44 71.45
N ASN J 439 4.59 -25.81 72.22
CA ASN J 439 3.29 -25.15 72.18
C ASN J 439 2.84 -24.80 73.61
N ILE J 440 2.17 -23.66 73.75
CA ILE J 440 1.79 -23.11 75.04
C ILE J 440 0.31 -22.78 75.04
N LEU J 441 -0.35 -23.00 76.18
CA LEU J 441 -1.73 -22.58 76.40
C LEU J 441 -1.83 -21.88 77.75
N MET J 442 -2.73 -20.89 77.81
CA MET J 442 -2.88 -20.04 78.99
C MET J 442 -4.36 -19.91 79.32
N VAL J 443 -4.70 -20.17 80.58
CA VAL J 443 -6.05 -19.99 81.10
C VAL J 443 -5.98 -19.10 82.32
N GLY J 444 -6.79 -18.06 82.36
CA GLY J 444 -6.76 -17.11 83.46
C GLY J 444 -7.99 -16.23 83.47
N ASP J 445 -7.97 -15.23 84.34
CA ASP J 445 -9.10 -14.36 84.60
C ASP J 445 -9.18 -13.24 83.57
N PRO J 446 -10.33 -12.56 83.49
CA PRO J 446 -10.57 -11.62 82.38
C PRO J 446 -9.87 -10.27 82.47
N SER J 447 -8.90 -10.09 83.37
CA SER J 447 -8.12 -8.87 83.39
C SER J 447 -6.65 -9.16 83.68
N THR J 448 -6.12 -10.23 83.14
CA THR J 448 -4.75 -10.69 83.42
C THR J 448 -3.81 -10.46 82.21
N ALA J 449 -4.09 -9.54 81.27
CA ALA J 449 -3.15 -9.13 80.21
C ALA J 449 -2.74 -10.29 79.32
N LYS J 450 -3.69 -11.17 79.00
CA LYS J 450 -3.40 -12.25 78.07
C LYS J 450 -3.11 -11.70 76.68
N SER J 451 -3.97 -10.80 76.20
CA SER J 451 -3.84 -10.26 74.86
C SER J 451 -2.61 -9.38 74.68
N GLN J 452 -2.17 -8.69 75.73
CA GLN J 452 -0.89 -7.99 75.66
C GLN J 452 0.28 -8.93 75.46
N LEU J 453 0.28 -10.07 76.16
CA LEU J 453 1.31 -11.07 75.94
C LEU J 453 1.26 -11.60 74.51
N LEU J 454 0.07 -11.89 73.99
CA LEU J 454 0.00 -12.37 72.61
C LEU J 454 0.50 -11.32 71.62
N ARG J 455 0.08 -10.06 71.81
CA ARG J 455 0.46 -9.04 70.85
C ARG J 455 1.96 -8.76 70.91
N PHE J 456 2.57 -8.88 72.08
CA PHE J 456 4.02 -8.74 72.18
C PHE J 456 4.74 -9.81 71.37
N VAL J 457 4.27 -11.05 71.46
CA VAL J 457 4.88 -12.12 70.67
C VAL J 457 4.68 -11.87 69.18
N LEU J 458 3.51 -11.35 68.81
CA LEU J 458 3.29 -11.00 67.40
C LEU J 458 4.27 -9.91 66.94
N ASN J 459 4.54 -8.92 67.79
CA ASN J 459 5.41 -7.82 67.41
C ASN J 459 6.89 -8.22 67.37
N THR J 460 7.31 -9.15 68.23
CA THR J 460 8.72 -9.48 68.36
C THR J 460 9.16 -10.64 67.47
N ALA J 461 8.30 -11.63 67.26
CA ALA J 461 8.70 -12.82 66.51
C ALA J 461 9.02 -12.46 65.06
N SER J 462 9.94 -13.23 64.47
CA SER J 462 10.37 -12.96 63.11
C SER J 462 9.26 -13.22 62.10
N LEU J 463 8.45 -14.25 62.34
CA LEU J 463 7.33 -14.57 61.46
C LEU J 463 6.17 -15.07 62.32
N ALA J 464 5.05 -14.36 62.29
CA ALA J 464 3.91 -14.66 63.14
C ALA J 464 2.62 -14.26 62.45
N ILE J 465 1.56 -15.01 62.70
CA ILE J 465 0.24 -14.74 62.15
C ILE J 465 -0.77 -14.75 63.29
N ALA J 466 -1.68 -13.79 63.27
CA ALA J 466 -2.66 -13.58 64.34
C ALA J 466 -4.03 -14.06 63.91
N THR J 467 -4.65 -14.90 64.73
CA THR J 467 -5.98 -15.44 64.49
C THR J 467 -6.77 -15.34 65.79
N THR J 468 -8.06 -14.99 65.74
CA THR J 468 -8.92 -14.75 66.94
C THR J 468 -10.17 -15.62 66.94
N GLY J 469 -10.20 -16.74 67.62
CA GLY J 469 -11.38 -17.57 67.79
C GLY J 469 -12.07 -17.97 66.51
N ARG J 470 -13.33 -17.54 66.35
CA ARG J 470 -14.11 -17.92 65.19
C ARG J 470 -13.70 -17.15 63.94
N GLY J 471 -12.79 -16.19 64.07
CA GLY J 471 -12.35 -15.40 62.95
C GLY J 471 -11.93 -16.23 61.75
N SER J 472 -11.07 -17.21 61.96
CA SER J 472 -10.60 -18.09 60.90
C SER J 472 -11.28 -19.45 61.02
N SER J 473 -11.86 -19.92 59.92
CA SER J 473 -12.66 -21.14 59.93
C SER J 473 -12.43 -21.93 58.66
N GLY J 474 -12.26 -23.24 58.79
CA GLY J 474 -12.20 -24.12 57.66
C GLY J 474 -10.99 -23.93 56.77
N VAL J 475 -11.22 -23.52 55.52
CA VAL J 475 -10.13 -23.35 54.58
C VAL J 475 -9.21 -22.21 54.98
N GLY J 476 -9.69 -21.27 55.80
CA GLY J 476 -8.88 -20.14 56.19
C GLY J 476 -7.64 -20.50 56.99
N LEU J 477 -7.62 -21.69 57.58
CA LEU J 477 -6.46 -22.15 58.33
C LEU J 477 -5.56 -23.09 57.55
N THR J 478 -6.11 -23.96 56.71
CA THR J 478 -5.30 -24.95 56.02
C THR J 478 -4.92 -24.54 54.60
N ALA J 479 -5.88 -24.45 53.68
CA ALA J 479 -5.60 -24.16 52.28
C ALA J 479 -6.89 -24.18 51.48
N ALA J 480 -6.84 -23.60 50.28
CA ALA J 480 -8.00 -23.52 49.40
C ALA J 480 -7.57 -23.69 47.95
N VAL J 481 -8.51 -24.09 47.11
CA VAL J 481 -8.25 -24.40 45.71
C VAL J 481 -8.82 -23.29 44.83
N THR J 482 -8.01 -22.83 43.88
CA THR J 482 -8.43 -21.83 42.90
C THR J 482 -8.10 -22.31 41.49
N THR J 483 -8.54 -21.54 40.51
CA THR J 483 -8.36 -21.86 39.10
C THR J 483 -7.59 -20.73 38.44
N ASP J 484 -6.67 -21.09 37.55
CA ASP J 484 -5.87 -20.12 36.83
C ASP J 484 -6.48 -19.86 35.45
N ARG J 485 -6.73 -18.58 35.15
CA ARG J 485 -7.46 -18.25 33.93
C ARG J 485 -6.70 -18.68 32.68
N GLU J 486 -5.39 -18.47 32.66
CA GLU J 486 -4.62 -18.72 31.45
C GLU J 486 -4.46 -20.22 31.19
N THR J 487 -3.81 -20.93 32.10
CA THR J 487 -3.53 -22.34 31.86
C THR J 487 -4.69 -23.25 32.21
N GLY J 488 -5.60 -22.80 33.08
CA GLY J 488 -6.79 -23.56 33.40
C GLY J 488 -6.63 -24.65 34.43
N GLU J 489 -5.50 -24.68 35.13
CA GLU J 489 -5.25 -25.73 36.12
C GLU J 489 -5.72 -25.29 37.50
N ARG J 490 -5.97 -26.28 38.35
CA ARG J 490 -6.43 -26.04 39.72
C ARG J 490 -5.20 -25.95 40.62
N ARG J 491 -5.10 -24.85 41.37
CA ARG J 491 -3.94 -24.57 42.21
C ARG J 491 -4.37 -24.39 43.65
N LEU J 492 -3.37 -24.26 44.53
CA LEU J 492 -3.58 -24.10 45.95
C LEU J 492 -3.03 -22.75 46.40
N GLU J 493 -3.77 -22.07 47.26
CA GLU J 493 -3.31 -20.85 47.91
C GLU J 493 -3.34 -21.08 49.41
N ALA J 494 -2.27 -20.69 50.08
CA ALA J 494 -1.99 -21.17 51.43
C ALA J 494 -2.85 -20.49 52.48
N GLY J 495 -3.26 -21.27 53.48
CA GLY J 495 -3.94 -20.73 54.64
C GLY J 495 -2.95 -20.21 55.66
N ALA J 496 -3.49 -19.89 56.85
CA ALA J 496 -2.68 -19.26 57.88
C ALA J 496 -1.52 -20.15 58.33
N MET J 497 -1.80 -21.42 58.60
CA MET J 497 -0.78 -22.30 59.17
C MET J 497 0.21 -22.80 58.12
N VAL J 498 -0.19 -22.90 56.86
CA VAL J 498 0.77 -23.23 55.82
C VAL J 498 1.75 -22.09 55.61
N LEU J 499 1.30 -20.85 55.76
CA LEU J 499 2.18 -19.69 55.63
C LEU J 499 3.15 -19.57 56.80
N ALA J 500 2.71 -19.90 58.01
CA ALA J 500 3.52 -19.76 59.21
C ALA J 500 4.39 -21.00 59.45
N ASP J 501 5.15 -21.39 58.44
CA ASP J 501 6.03 -22.54 58.54
C ASP J 501 7.38 -22.10 59.06
N ARG J 502 7.89 -22.81 60.07
CA ARG J 502 9.08 -22.40 60.82
C ARG J 502 8.81 -21.06 61.52
N GLY J 503 7.71 -21.02 62.25
CA GLY J 503 7.30 -19.78 62.88
C GLY J 503 6.26 -20.03 63.94
N VAL J 504 5.48 -18.99 64.23
CA VAL J 504 4.53 -19.02 65.34
C VAL J 504 3.16 -18.57 64.85
N VAL J 505 2.12 -19.13 65.45
CA VAL J 505 0.74 -18.75 65.20
C VAL J 505 0.12 -18.39 66.55
N CYS J 506 -0.52 -17.23 66.61
CA CYS J 506 -1.11 -16.71 67.83
C CYS J 506 -2.62 -16.83 67.74
N ILE J 507 -3.21 -17.67 68.59
CA ILE J 507 -4.66 -17.86 68.57
C ILE J 507 -5.24 -17.26 69.84
N ASP J 508 -5.83 -16.09 69.73
CA ASP J 508 -6.53 -15.47 70.85
C ASP J 508 -7.96 -15.97 70.90
N GLU J 509 -8.47 -16.17 72.11
CA GLU J 509 -9.81 -16.73 72.30
C GLU J 509 -9.87 -18.16 71.76
N PHE J 510 -9.00 -19.03 72.29
CA PHE J 510 -8.87 -20.38 71.76
C PHE J 510 -10.14 -21.21 71.96
N ASP J 511 -10.90 -20.95 73.02
CA ASP J 511 -12.01 -21.82 73.37
C ASP J 511 -13.26 -21.58 72.52
N LYS J 512 -13.22 -20.66 71.57
CA LYS J 512 -14.37 -20.32 70.75
C LYS J 512 -14.43 -21.11 69.45
N MET J 513 -13.52 -22.05 69.23
CA MET J 513 -13.42 -22.75 67.95
C MET J 513 -14.28 -24.01 67.94
N THR J 514 -14.76 -24.36 66.75
CA THR J 514 -15.58 -25.55 66.59
C THR J 514 -14.73 -26.80 66.49
N ASP J 515 -15.39 -27.95 66.59
CA ASP J 515 -14.67 -29.23 66.58
C ASP J 515 -14.07 -29.53 65.21
N VAL J 516 -14.67 -29.01 64.14
CA VAL J 516 -14.17 -29.28 62.80
C VAL J 516 -12.77 -28.70 62.62
N ASP J 517 -12.55 -27.49 63.12
CA ASP J 517 -11.21 -26.92 63.06
C ASP J 517 -10.27 -27.57 64.07
N ARG J 518 -10.82 -28.04 65.19
CA ARG J 518 -10.01 -28.74 66.18
C ARG J 518 -9.41 -30.01 65.60
N VAL J 519 -10.18 -30.77 64.84
CA VAL J 519 -9.64 -31.98 64.22
C VAL J 519 -8.58 -31.66 63.18
N ALA J 520 -8.68 -30.51 62.52
CA ALA J 520 -7.65 -30.08 61.57
C ALA J 520 -6.38 -29.65 62.27
N ILE J 521 -6.50 -29.02 63.44
CA ILE J 521 -5.30 -28.64 64.20
C ILE J 521 -4.65 -29.84 64.89
N HIS J 522 -5.42 -30.90 65.15
CA HIS J 522 -4.82 -32.13 65.67
C HIS J 522 -3.68 -32.61 64.77
N GLU J 523 -3.87 -32.53 63.46
CA GLU J 523 -2.87 -32.99 62.51
C GLU J 523 -1.69 -32.03 62.39
N VAL J 524 -1.90 -30.74 62.62
CA VAL J 524 -0.81 -29.79 62.49
C VAL J 524 0.07 -29.79 63.74
N MET J 525 -0.52 -30.01 64.92
CA MET J 525 0.26 -29.93 66.14
C MET J 525 1.08 -31.18 66.44
N GLU J 526 0.85 -32.28 65.73
CA GLU J 526 1.58 -33.51 66.00
C GLU J 526 2.40 -34.00 64.82
N GLN J 527 1.79 -34.19 63.64
CA GLN J 527 2.53 -34.62 62.47
C GLN J 527 3.05 -33.48 61.62
N GLN J 528 2.47 -32.29 61.75
CA GLN J 528 2.93 -31.10 61.04
C GLN J 528 2.83 -31.29 59.52
N THR J 529 1.77 -31.98 59.09
CA THR J 529 1.44 -32.10 57.67
C THR J 529 -0.03 -31.79 57.49
N VAL J 530 -0.38 -31.24 56.33
CA VAL J 530 -1.76 -30.99 55.94
C VAL J 530 -2.02 -31.83 54.70
N THR J 531 -3.07 -32.65 54.75
CA THR J 531 -3.42 -33.54 53.64
C THR J 531 -4.72 -33.05 53.02
N ILE J 532 -4.69 -32.82 51.71
CA ILE J 532 -5.82 -32.31 50.96
C ILE J 532 -6.19 -33.35 49.92
N ALA J 533 -7.45 -33.76 49.90
CA ALA J 533 -7.98 -34.71 48.91
C ALA J 533 -9.27 -34.12 48.35
N LYS J 534 -9.12 -33.27 47.34
CA LYS J 534 -10.24 -32.64 46.65
C LYS J 534 -10.31 -33.19 45.23
N ALA J 535 -11.21 -32.61 44.43
CA ALA J 535 -11.44 -33.11 43.08
C ALA J 535 -10.21 -32.85 42.22
N GLY J 536 -9.41 -33.89 42.00
CA GLY J 536 -8.24 -33.82 41.16
C GLY J 536 -6.95 -33.53 41.91
N ILE J 537 -7.04 -32.91 43.08
CA ILE J 537 -5.86 -32.55 43.85
C ILE J 537 -5.70 -33.54 45.00
N HIS J 538 -4.55 -34.20 45.06
CA HIS J 538 -4.18 -35.06 46.18
C HIS J 538 -2.73 -34.75 46.54
N THR J 539 -2.52 -33.99 47.61
CA THR J 539 -1.18 -33.51 47.92
C THR J 539 -1.03 -33.33 49.43
N THR J 540 0.21 -33.38 49.89
CA THR J 540 0.57 -33.18 51.29
C THR J 540 1.50 -31.97 51.38
N LEU J 541 1.18 -31.07 52.31
CA LEU J 541 1.93 -29.82 52.47
C LEU J 541 2.57 -29.78 53.86
N ASN J 542 3.65 -29.01 53.97
CA ASN J 542 4.41 -28.92 55.20
C ASN J 542 3.93 -27.74 56.03
N ALA J 543 3.65 -27.98 57.31
CA ALA J 543 3.26 -26.94 58.27
C ALA J 543 3.98 -27.25 59.59
N ARG J 544 5.19 -26.72 59.74
CA ARG J 544 5.99 -26.94 60.94
C ARG J 544 5.97 -25.65 61.76
N CYS J 545 4.94 -25.51 62.57
CA CYS J 545 4.66 -24.26 63.27
C CYS J 545 4.45 -24.51 64.75
N SER J 546 4.85 -23.54 65.56
CA SER J 546 4.55 -23.54 66.98
C SER J 546 3.29 -22.72 67.22
N VAL J 547 2.59 -23.02 68.32
CA VAL J 547 1.29 -22.43 68.60
C VAL J 547 1.28 -21.89 70.04
N ILE J 548 0.81 -20.66 70.19
CA ILE J 548 0.52 -20.06 71.48
C ILE J 548 -0.95 -19.67 71.49
N ALA J 549 -1.63 -19.92 72.60
CA ALA J 549 -3.07 -19.70 72.66
C ALA J 549 -3.50 -19.34 74.07
N ALA J 550 -4.66 -18.69 74.16
CA ALA J 550 -5.21 -18.23 75.43
C ALA J 550 -6.70 -18.52 75.45
N ALA J 551 -7.20 -19.01 76.60
CA ALA J 551 -8.57 -19.47 76.72
C ALA J 551 -9.23 -18.88 77.95
N ASN J 552 -10.56 -18.80 77.90
CA ASN J 552 -11.37 -18.24 78.98
C ASN J 552 -11.95 -19.35 79.86
N PRO J 553 -11.98 -19.18 81.17
CA PRO J 553 -12.60 -20.20 82.02
C PRO J 553 -14.10 -20.29 81.76
N VAL J 554 -14.64 -21.49 81.94
CA VAL J 554 -16.03 -21.75 81.56
C VAL J 554 -16.98 -20.97 82.46
N PHE J 555 -16.65 -20.80 83.73
CA PHE J 555 -17.53 -20.14 84.70
C PHE J 555 -17.17 -18.67 84.88
N GLY J 556 -16.68 -18.01 83.84
CA GLY J 556 -16.33 -16.61 83.95
C GLY J 556 -15.04 -16.40 84.73
N GLN J 557 -14.99 -16.91 85.95
CA GLN J 557 -13.79 -16.86 86.78
C GLN J 557 -13.47 -18.27 87.26
N TYR J 558 -12.18 -18.50 87.54
CA TYR J 558 -11.74 -19.83 87.93
C TYR J 558 -12.32 -20.18 89.30
N ASP J 559 -12.95 -21.36 89.39
CA ASP J 559 -13.60 -21.80 90.61
C ASP J 559 -12.68 -22.80 91.30
N VAL J 560 -12.11 -22.40 92.44
CA VAL J 560 -11.18 -23.26 93.15
C VAL J 560 -11.86 -24.47 93.76
N ASN J 561 -13.16 -24.39 94.05
CA ASN J 561 -13.86 -25.51 94.65
C ASN J 561 -13.92 -26.71 93.70
N ARG J 562 -14.25 -26.45 92.43
CA ARG J 562 -14.32 -27.52 91.45
C ARG J 562 -12.92 -27.89 90.95
N ASP J 563 -12.83 -29.08 90.36
CA ASP J 563 -11.57 -29.57 89.82
C ASP J 563 -11.40 -29.11 88.39
N PRO J 564 -10.18 -29.20 87.84
CA PRO J 564 -9.90 -28.55 86.54
C PRO J 564 -10.78 -29.05 85.40
N HIS J 565 -11.17 -30.32 85.41
CA HIS J 565 -11.98 -30.86 84.32
C HIS J 565 -13.29 -30.10 84.18
N GLN J 566 -13.74 -29.43 85.22
CA GLN J 566 -14.99 -28.68 85.18
C GLN J 566 -14.80 -27.20 84.89
N ASN J 567 -13.58 -26.68 85.00
CA ASN J 567 -13.29 -25.29 84.64
C ASN J 567 -12.75 -25.14 83.22
N ILE J 568 -11.92 -26.07 82.76
CA ILE J 568 -11.28 -25.94 81.46
C ILE J 568 -12.19 -26.41 80.34
N ALA J 569 -12.63 -27.67 80.39
CA ALA J 569 -13.58 -28.22 79.42
C ALA J 569 -12.97 -28.30 78.02
N LEU J 570 -11.81 -28.94 77.91
CA LEU J 570 -11.24 -29.24 76.60
C LEU J 570 -10.87 -30.73 76.52
N PRO J 571 -10.99 -31.34 75.34
CA PRO J 571 -10.71 -32.77 75.23
C PRO J 571 -9.28 -33.11 75.61
N ASP J 572 -9.11 -34.29 76.22
CA ASP J 572 -7.79 -34.76 76.61
C ASP J 572 -6.86 -34.93 75.42
N SER J 573 -7.39 -35.30 74.25
CA SER J 573 -6.54 -35.44 73.07
C SER J 573 -5.87 -34.13 72.72
N LEU J 574 -6.63 -33.03 72.76
CA LEU J 574 -6.06 -31.72 72.46
C LEU J 574 -5.16 -31.23 73.58
N LEU J 575 -5.53 -31.50 74.84
CA LEU J 575 -4.70 -31.08 75.95
C LEU J 575 -3.32 -31.73 75.89
N SER J 576 -3.27 -33.02 75.55
CA SER J 576 -1.98 -33.69 75.49
C SER J 576 -1.08 -33.13 74.40
N ARG J 577 -1.64 -32.48 73.39
CA ARG J 577 -0.85 -31.90 72.31
C ARG J 577 -0.24 -30.56 72.67
N PHE J 578 -0.61 -29.99 73.80
CA PHE J 578 0.00 -28.77 74.30
C PHE J 578 1.04 -29.15 75.35
N ASP J 579 2.27 -28.71 75.15
CA ASP J 579 3.34 -29.03 76.09
C ASP J 579 3.08 -28.44 77.46
N LEU J 580 2.59 -27.20 77.51
CA LEU J 580 2.42 -26.48 78.76
C LEU J 580 1.02 -25.91 78.83
N LEU J 581 0.35 -26.16 79.95
CA LEU J 581 -0.93 -25.51 80.26
C LEU J 581 -0.74 -24.75 81.56
N PHE J 582 -0.72 -23.43 81.48
CA PHE J 582 -0.56 -22.57 82.64
C PHE J 582 -1.92 -22.10 83.12
N VAL J 583 -2.06 -21.94 84.42
CA VAL J 583 -3.23 -21.32 85.01
C VAL J 583 -2.77 -20.16 85.87
N VAL J 584 -3.54 -19.07 85.82
CA VAL J 584 -3.21 -17.84 86.54
C VAL J 584 -4.51 -17.24 87.07
N THR J 585 -4.40 -16.58 88.22
CA THR J 585 -5.55 -15.92 88.81
C THR J 585 -5.07 -14.67 89.53
N ASP J 586 -5.98 -13.71 89.66
CA ASP J 586 -5.71 -12.47 90.38
C ASP J 586 -6.36 -12.57 91.75
N ASP J 587 -5.53 -12.73 92.78
CA ASP J 587 -6.01 -12.81 94.15
C ASP J 587 -6.17 -11.40 94.70
N ILE J 588 -7.40 -11.01 95.01
CA ILE J 588 -7.63 -9.69 95.55
C ILE J 588 -6.83 -9.54 96.84
N ASN J 589 -6.10 -8.44 96.96
CA ASN J 589 -5.17 -8.25 98.06
C ASN J 589 -5.00 -6.76 98.29
N GLU J 590 -4.17 -6.41 99.26
CA GLU J 590 -3.77 -5.03 99.51
C GLU J 590 -2.30 -4.79 99.22
N ILE J 591 -1.41 -5.68 99.67
CA ILE J 591 0.01 -5.51 99.41
C ILE J 591 0.26 -5.47 97.90
N ARG J 592 -0.26 -6.45 97.18
CA ARG J 592 -0.09 -6.49 95.74
C ARG J 592 -0.93 -5.45 95.02
N ASP J 593 -2.04 -5.00 95.59
CA ASP J 593 -2.76 -3.87 95.02
C ASP J 593 -1.92 -2.61 95.04
N ARG J 594 -1.36 -2.25 96.20
CA ARG J 594 -0.43 -1.13 96.25
C ARG J 594 0.72 -1.32 95.27
N SER J 595 1.37 -2.49 95.29
CA SER J 595 2.55 -2.69 94.47
C SER J 595 2.22 -2.56 92.98
N ILE J 596 1.12 -3.16 92.55
CA ILE J 596 0.76 -3.12 91.14
C ILE J 596 0.31 -1.72 90.74
N SER J 597 -0.47 -1.07 91.59
CA SER J 597 -0.96 0.26 91.29
C SER J 597 0.19 1.22 91.06
N GLU J 598 1.16 1.23 91.98
CA GLU J 598 2.28 2.16 91.85
C GLU J 598 3.07 1.94 90.56
N HIS J 599 3.32 0.68 90.21
CA HIS J 599 4.05 0.36 88.98
C HIS J 599 3.26 0.77 87.74
N VAL J 600 1.95 0.48 87.72
CA VAL J 600 1.12 0.84 86.58
C VAL J 600 1.06 2.36 86.42
N LEU J 601 1.02 3.11 87.52
CA LEU J 601 1.03 4.58 87.44
C LEU J 601 2.44 4.98 86.98
N ARG J 602 3.53 4.35 87.38
CA ARG J 602 4.84 4.64 86.82
C ARG J 602 4.78 4.59 85.29
N THR J 603 4.24 3.51 84.76
CA THR J 603 4.26 3.33 83.30
C THR J 603 3.47 4.41 82.59
N HIS J 604 2.32 4.80 83.13
CA HIS J 604 1.43 5.73 82.44
C HIS J 604 1.96 7.15 82.37
N ARG J 605 3.20 7.39 82.80
CA ARG J 605 3.80 8.72 82.78
C ARG J 605 5.23 8.53 82.25
N TYR J 606 5.42 8.83 80.96
CA TYR J 606 6.68 8.53 80.29
C TYR J 606 6.81 9.43 79.07
N LEU J 607 7.90 10.17 79.00
CA LEU J 607 8.17 11.08 77.88
C LEU J 607 9.13 10.42 76.88
N PRO J 608 8.73 10.20 75.64
CA PRO J 608 9.69 9.75 74.62
C PRO J 608 10.81 10.76 74.46
N PRO J 609 12.04 10.33 74.22
CA PRO J 609 13.14 11.29 74.14
C PRO J 609 12.92 12.38 73.12
N GLY J 610 12.78 13.62 73.57
CA GLY J 610 12.82 14.76 72.68
C GLY J 610 11.52 15.48 72.44
N TYR J 611 10.59 15.41 73.40
CA TYR J 611 9.33 16.14 73.32
C TYR J 611 9.19 17.03 74.55
N LEU J 612 8.75 18.26 74.33
CA LEU J 612 8.21 19.04 75.43
C LEU J 612 6.88 18.44 75.85
N GLU J 613 6.68 18.34 77.17
CA GLU J 613 5.48 17.70 77.68
C GLU J 613 4.24 18.39 77.15
N GLY J 614 3.25 17.59 76.75
CA GLY J 614 2.03 18.13 76.19
C GLY J 614 1.89 17.79 74.72
N GLU J 615 3.01 17.83 74.01
CA GLU J 615 3.00 17.58 72.58
C GLU J 615 2.54 16.15 72.30
N PRO J 616 1.52 15.94 71.48
CA PRO J 616 1.11 14.57 71.16
C PRO J 616 2.24 13.79 70.49
N VAL J 617 2.36 12.51 70.88
CA VAL J 617 3.30 11.62 70.22
C VAL J 617 2.71 11.16 68.89
N ARG J 618 3.58 10.78 67.96
CA ARG J 618 3.21 10.56 66.58
C ARG J 618 3.33 9.09 66.21
N GLU J 619 2.34 8.58 65.48
CA GLU J 619 2.27 7.20 65.06
C GLU J 619 2.90 7.02 63.68
N ARG J 620 3.60 5.90 63.47
CA ARG J 620 4.11 5.57 62.11
C ARG J 620 3.96 4.07 61.92
N LEU J 621 3.77 3.61 60.67
CA LEU J 621 3.65 2.15 60.30
C LEU J 621 5.07 1.60 60.13
N ASN J 622 5.46 0.51 60.75
CA ASN J 622 6.83 0.00 60.81
C ASN J 622 7.01 -1.08 59.77
N LEU J 623 7.62 -0.72 58.65
CA LEU J 623 7.94 -1.67 57.58
C LEU J 623 9.43 -1.97 57.64
N SER J 624 9.75 -3.25 57.79
CA SER J 624 11.13 -3.69 57.98
C SER J 624 11.74 -4.09 56.65
N LEU J 625 13.04 -4.39 56.69
CA LEU J 625 13.77 -4.85 55.53
C LEU J 625 14.41 -6.21 55.83
N ALA J 626 14.41 -7.08 54.83
CA ALA J 626 14.85 -8.46 54.98
C ALA J 626 16.18 -8.67 54.26
N VAL J 627 16.91 -9.67 54.72
CA VAL J 627 18.18 -10.02 54.12
C VAL J 627 18.35 -11.53 54.11
N PRO J 683 18.68 -5.54 88.10
CA PRO J 683 19.07 -6.27 86.88
C PRO J 683 18.61 -5.48 85.63
N LYS J 684 19.50 -4.93 84.80
CA LYS J 684 19.14 -4.09 83.64
C LYS J 684 18.56 -4.98 82.53
N LEU J 685 17.71 -4.40 81.72
CA LEU J 685 17.00 -5.13 80.68
C LEU J 685 17.59 -4.81 79.30
N VAL J 686 17.61 -5.81 78.43
CA VAL J 686 18.21 -5.70 77.08
C VAL J 686 17.15 -5.17 76.13
N THR J 687 17.54 -4.39 75.16
CA THR J 687 16.66 -3.74 74.20
C THR J 687 15.98 -4.74 73.30
N ILE J 688 14.71 -4.47 72.98
CA ILE J 688 13.90 -5.32 72.11
C ILE J 688 14.59 -5.49 70.76
N PRO J 689 15.21 -4.46 70.18
CA PRO J 689 15.92 -4.68 68.91
C PRO J 689 17.08 -5.66 69.01
N PHE J 690 17.64 -5.87 70.20
CA PHE J 690 18.77 -6.80 70.31
C PHE J 690 18.32 -8.24 70.54
N LEU J 691 17.13 -8.43 71.10
CA LEU J 691 16.66 -9.78 71.38
C LEU J 691 16.51 -10.58 70.10
N ARG J 692 16.05 -9.93 69.02
CA ARG J 692 15.96 -10.59 67.73
C ARG J 692 17.33 -11.01 67.22
N LYS J 693 18.34 -10.15 67.38
CA LYS J 693 19.69 -10.51 66.98
C LYS J 693 20.17 -11.74 67.74
N TYR J 694 19.89 -11.77 69.05
CA TYR J 694 20.28 -12.93 69.85
C TYR J 694 19.62 -14.20 69.33
N VAL J 695 18.30 -14.16 69.13
CA VAL J 695 17.56 -15.36 68.73
C VAL J 695 18.02 -15.84 67.36
N GLN J 696 18.23 -14.92 66.42
CA GLN J 696 18.56 -15.33 65.05
C GLN J 696 19.86 -16.12 65.00
N TYR J 697 20.90 -15.62 65.69
CA TYR J 697 22.14 -16.37 65.77
C TYR J 697 21.93 -17.68 66.51
N ALA J 698 21.20 -17.64 67.62
CA ALA J 698 21.02 -18.82 68.45
C ALA J 698 20.33 -19.96 67.71
N LYS J 699 19.48 -19.67 66.73
CA LYS J 699 18.85 -20.75 65.96
C LYS J 699 19.74 -21.26 64.84
N GLU J 700 20.35 -20.37 64.06
CA GLU J 700 21.17 -20.81 62.94
C GLU J 700 22.40 -21.59 63.37
N ARG J 701 23.06 -21.16 64.45
CA ARG J 701 24.42 -21.63 64.70
C ARG J 701 24.49 -22.89 65.54
N VAL J 702 23.81 -22.85 66.69
CA VAL J 702 23.88 -23.97 67.69
C VAL J 702 22.90 -25.08 67.33
N ILE J 703 23.29 -26.36 67.32
CA ILE J 703 22.38 -27.50 67.25
C ILE J 703 22.86 -28.53 68.27
N PRO J 704 22.44 -28.45 69.53
CA PRO J 704 23.01 -29.33 70.56
C PRO J 704 22.64 -30.78 70.36
N GLN J 705 23.48 -31.66 70.89
CA GLN J 705 23.28 -33.10 70.87
C GLN J 705 23.01 -33.61 72.29
N LEU J 706 22.42 -34.80 72.38
CA LEU J 706 22.05 -35.39 73.65
C LEU J 706 23.20 -36.17 74.26
N THR J 707 23.34 -36.06 75.58
CA THR J 707 24.41 -36.69 76.33
C THR J 707 23.87 -37.88 77.11
N GLN J 708 24.79 -38.67 77.67
CA GLN J 708 24.42 -39.83 78.48
C GLN J 708 24.10 -39.45 79.92
N GLU J 709 24.22 -38.17 80.29
CA GLU J 709 24.00 -37.77 81.67
C GLU J 709 22.52 -37.52 81.94
N ALA J 710 21.91 -36.56 81.23
CA ALA J 710 20.59 -36.05 81.60
C ALA J 710 19.46 -37.03 81.28
N ILE J 711 19.73 -38.06 80.49
CA ILE J 711 18.69 -39.03 80.19
C ILE J 711 18.17 -39.66 81.47
N ASN J 712 19.05 -39.88 82.45
CA ASN J 712 18.63 -40.45 83.72
C ASN J 712 17.69 -39.52 84.47
N VAL J 713 17.96 -38.22 84.47
CA VAL J 713 17.06 -37.26 85.12
C VAL J 713 15.69 -37.30 84.45
N ILE J 714 15.66 -37.27 83.12
CA ILE J 714 14.37 -37.28 82.43
C ILE J 714 13.64 -38.58 82.71
N VAL J 715 14.35 -39.71 82.70
CA VAL J 715 13.71 -40.99 82.95
C VAL J 715 13.10 -41.01 84.33
N LYS J 716 13.84 -40.55 85.33
CA LYS J 716 13.33 -40.52 86.70
C LYS J 716 12.07 -39.66 86.79
N ASN J 717 12.12 -38.45 86.21
CA ASN J 717 10.96 -37.56 86.33
C ASN J 717 9.73 -38.15 85.65
N TYR J 718 9.89 -38.73 84.45
CA TYR J 718 8.75 -39.28 83.75
C TYR J 718 8.16 -40.46 84.51
N THR J 719 9.00 -41.39 84.95
CA THR J 719 8.51 -42.53 85.71
C THR J 719 7.82 -42.08 86.98
N ASP J 720 8.44 -41.14 87.69
CA ASP J 720 7.87 -40.62 88.93
C ASP J 720 6.49 -40.02 88.70
N LEU J 721 6.36 -39.19 87.66
CA LEU J 721 5.07 -38.56 87.40
C LEU J 721 4.01 -39.58 87.02
N ARG J 722 4.36 -40.55 86.19
CA ARG J 722 3.34 -41.51 85.75
C ARG J 722 2.96 -42.47 86.86
N ASN J 723 3.82 -42.78 87.82
CA ASN J 723 3.49 -43.60 89.02
C ASN J 723 3.35 -42.69 90.26
N ASP J 724 2.70 -41.52 90.17
CA ASP J 724 2.37 -40.67 91.30
C ASP J 724 0.89 -40.34 91.24
N ASP J 725 0.30 -40.02 92.39
CA ASP J 725 -1.15 -40.01 92.55
C ASP J 725 -1.63 -38.65 93.07
N ASN J 726 -1.19 -37.58 92.43
CA ASN J 726 -1.75 -36.25 92.66
C ASN J 726 -2.59 -35.84 91.46
N THR J 727 -3.69 -35.13 91.74
CA THR J 727 -4.53 -34.62 90.66
C THR J 727 -3.77 -33.55 89.89
N LYS J 728 -3.52 -33.82 88.61
CA LYS J 728 -2.72 -32.95 87.78
C LYS J 728 -3.61 -32.11 86.87
N LYS J 729 -3.01 -31.09 86.28
CA LYS J 729 -3.74 -30.20 85.40
C LYS J 729 -3.70 -30.66 83.94
N SER J 730 -3.04 -31.78 83.64
CA SER J 730 -3.02 -32.33 82.30
C SER J 730 -2.73 -33.81 82.37
N PRO J 731 -3.15 -34.59 81.38
CA PRO J 731 -2.81 -36.01 81.35
C PRO J 731 -1.34 -36.23 81.03
N ILE J 732 -0.85 -37.42 81.35
CA ILE J 732 0.55 -37.77 81.17
C ILE J 732 0.63 -38.89 80.13
N THR J 733 1.44 -38.68 79.09
CA THR J 733 1.64 -39.68 78.03
C THR J 733 3.10 -39.70 77.62
N ALA J 734 3.42 -40.34 76.48
CA ALA J 734 4.74 -40.22 75.88
C ALA J 734 4.98 -38.83 75.31
N ARG J 735 3.92 -38.07 75.06
CA ARG J 735 4.10 -36.67 74.67
C ARG J 735 4.83 -35.88 75.75
N THR J 736 4.58 -36.20 77.02
CA THR J 736 5.35 -35.57 78.09
C THR J 736 6.82 -35.97 78.02
N LEU J 737 7.09 -37.22 77.68
CA LEU J 737 8.47 -37.69 77.54
C LEU J 737 9.19 -36.89 76.47
N GLU J 738 8.56 -36.68 75.32
CA GLU J 738 9.20 -35.89 74.27
C GLU J 738 9.26 -34.41 74.63
N THR J 739 8.25 -33.93 75.36
CA THR J 739 8.23 -32.53 75.78
C THR J 739 9.43 -32.21 76.67
N LEU J 740 9.78 -33.14 77.55
CA LEU J 740 10.91 -32.89 78.43
C LEU J 740 12.20 -32.70 77.62
N ILE J 741 12.41 -33.48 76.58
CA ILE J 741 13.61 -33.34 75.75
C ILE J 741 13.56 -32.04 74.96
N ARG J 742 12.42 -31.68 74.40
CA ARG J 742 12.33 -30.39 73.69
C ARG J 742 12.67 -29.24 74.62
N LEU J 743 12.07 -29.24 75.82
CA LEU J 743 12.35 -28.19 76.79
C LEU J 743 13.83 -28.17 77.16
N ALA J 744 14.43 -29.34 77.38
CA ALA J 744 15.83 -29.40 77.76
C ALA J 744 16.72 -28.81 76.66
N THR J 745 16.46 -29.17 75.41
CA THR J 745 17.30 -28.66 74.33
C THR J 745 17.09 -27.17 74.07
N ALA J 746 15.90 -26.64 74.37
CA ALA J 746 15.71 -25.20 74.23
C ALA J 746 16.62 -24.41 75.18
N HIS J 747 16.74 -24.84 76.43
CA HIS J 747 17.63 -24.15 77.35
C HIS J 747 19.08 -24.22 76.90
N ALA J 748 19.52 -25.39 76.42
CA ALA J 748 20.85 -25.48 75.85
C ALA J 748 21.01 -24.58 74.63
N LYS J 749 19.94 -24.19 73.92
CA LYS J 749 20.01 -23.20 72.80
C LYS J 749 20.21 -21.83 73.45
N VAL J 750 19.60 -21.65 74.61
CA VAL J 750 19.84 -20.37 75.28
C VAL J 750 21.31 -20.22 75.67
N ARG J 751 21.96 -21.31 76.09
CA ARG J 751 23.34 -21.22 76.58
C ARG J 751 24.38 -21.27 75.47
N LEU J 752 24.00 -21.61 74.24
CA LEU J 752 24.92 -21.69 73.12
C LEU J 752 25.98 -22.77 73.29
N SER J 753 25.73 -23.76 74.15
CA SER J 753 26.60 -24.92 74.27
C SER J 753 26.23 -25.97 73.24
N LYS J 754 27.19 -26.81 72.89
CA LYS J 754 26.98 -27.82 71.86
C LYS J 754 26.32 -29.09 72.39
N THR J 755 26.10 -29.22 73.69
CA THR J 755 25.50 -30.41 74.25
C THR J 755 24.47 -30.03 75.31
N VAL J 756 23.40 -30.84 75.39
CA VAL J 756 22.46 -30.69 76.49
C VAL J 756 23.17 -31.07 77.80
N ASN J 757 22.74 -30.48 78.88
CA ASN J 757 23.39 -30.76 80.18
C ASN J 757 22.36 -31.05 81.26
N LYS J 758 22.82 -31.28 82.47
CA LYS J 758 21.98 -31.67 83.60
C LYS J 758 21.23 -30.49 84.20
N VAL J 759 21.89 -29.33 84.32
CA VAL J 759 21.23 -28.15 84.86
C VAL J 759 20.04 -27.77 84.00
N ASP J 760 20.20 -27.81 82.68
CA ASP J 760 19.11 -27.52 81.77
C ASP J 760 17.96 -28.52 81.94
N ALA J 761 18.28 -29.80 82.10
CA ALA J 761 17.25 -30.81 82.30
C ALA J 761 16.46 -30.52 83.56
N LYS J 762 17.13 -30.12 84.64
CA LYS J 762 16.42 -29.81 85.87
C LYS J 762 15.62 -28.52 85.77
N VAL J 763 16.06 -27.54 84.99
CA VAL J 763 15.22 -26.36 84.77
C VAL J 763 13.95 -26.75 84.01
N ALA J 764 14.08 -27.60 82.99
CA ALA J 764 12.90 -28.06 82.28
C ALA J 764 11.95 -28.80 83.21
N ALA J 765 12.49 -29.69 84.04
CA ALA J 765 11.66 -30.44 84.98
C ALA J 765 10.97 -29.51 85.97
N ASN J 766 11.71 -28.55 86.51
CA ASN J 766 11.13 -27.58 87.44
C ASN J 766 9.99 -26.81 86.79
N LEU J 767 10.19 -26.35 85.56
CA LEU J 767 9.16 -25.58 84.88
C LEU J 767 7.91 -26.43 84.64
N LEU J 768 8.09 -27.66 84.16
CA LEU J 768 6.94 -28.52 83.93
C LEU J 768 6.19 -28.78 85.22
N ARG J 769 6.91 -29.03 86.32
CA ARG J 769 6.25 -29.34 87.57
C ARG J 769 5.56 -28.13 88.18
N PHE J 770 6.08 -26.92 87.95
CA PHE J 770 5.34 -25.73 88.37
C PHE J 770 4.07 -25.57 87.56
N ALA J 771 4.14 -25.81 86.25
CA ALA J 771 2.96 -25.67 85.39
C ALA J 771 1.95 -26.79 85.59
N LEU J 772 2.36 -27.92 86.18
CA LEU J 772 1.46 -29.02 86.47
C LEU J 772 0.84 -28.92 87.85
N LEU J 773 1.65 -28.61 88.86
CA LEU J 773 1.19 -28.55 90.24
C LEU J 773 1.25 -27.12 90.74
N LEU K 177 -0.68 -67.01 -8.17
CA LEU K 177 -0.96 -66.47 -6.81
C LEU K 177 -0.90 -64.95 -6.86
N ARG K 178 -1.84 -64.31 -7.52
CA ARG K 178 -1.88 -62.85 -7.48
C ARG K 178 -2.13 -62.44 -6.02
N ILE K 179 -1.37 -61.51 -5.48
CA ILE K 179 -1.51 -60.96 -4.13
C ILE K 179 -1.98 -59.53 -4.27
N ILE K 180 -3.09 -59.20 -3.60
CA ILE K 180 -3.52 -57.81 -3.56
C ILE K 180 -2.50 -56.99 -2.80
N TRP K 181 -2.12 -55.84 -3.37
CA TRP K 181 -1.06 -55.03 -2.77
C TRP K 181 -1.41 -54.67 -1.34
N GLY K 182 -0.40 -54.74 -0.48
CA GLY K 182 -0.59 -54.45 0.92
C GLY K 182 -1.25 -55.55 1.72
N THR K 183 -1.50 -56.71 1.10
CA THR K 183 -2.12 -57.84 1.78
C THR K 183 -1.45 -59.11 1.29
N ASN K 184 -1.87 -60.23 1.88
CA ASN K 184 -1.39 -61.55 1.47
C ASN K 184 -2.51 -62.39 0.86
N VAL K 185 -3.55 -61.74 0.35
CA VAL K 185 -4.78 -62.40 -0.07
C VAL K 185 -4.72 -62.66 -1.57
N SER K 186 -5.17 -63.85 -1.97
CA SER K 186 -5.43 -64.15 -3.37
C SER K 186 -6.93 -64.43 -3.52
N ILE K 187 -7.62 -63.62 -4.33
CA ILE K 187 -9.08 -63.66 -4.36
C ILE K 187 -9.57 -65.03 -4.83
N GLN K 188 -9.02 -65.52 -5.95
CA GLN K 188 -9.44 -66.83 -6.46
C GLN K 188 -9.11 -67.93 -5.48
N GLU K 189 -7.91 -67.88 -4.90
CA GLU K 189 -7.52 -68.88 -3.90
C GLU K 189 -8.56 -68.98 -2.80
N CYS K 190 -8.93 -67.85 -2.20
CA CYS K 190 -9.85 -67.86 -1.08
C CYS K 190 -11.27 -68.22 -1.50
N THR K 191 -11.73 -67.79 -2.69
CA THR K 191 -13.06 -68.18 -3.12
C THR K 191 -13.17 -69.69 -3.28
N THR K 192 -12.20 -70.31 -3.97
CA THR K 192 -12.24 -71.76 -4.13
C THR K 192 -12.02 -72.48 -2.79
N ASN K 193 -11.16 -71.92 -1.94
CA ASN K 193 -10.94 -72.50 -0.62
C ASN K 193 -12.21 -72.46 0.22
N PHE K 194 -12.99 -71.40 0.07
CA PHE K 194 -14.20 -71.22 0.87
C PHE K 194 -15.33 -72.09 0.37
N ARG K 195 -15.47 -72.37 -0.94
CA ARG K 195 -16.68 -73.09 -1.46
C ARG K 195 -16.58 -74.58 -1.16
N ASN K 196 -15.38 -75.11 -1.00
CA ASN K 196 -15.31 -76.51 -0.60
C ASN K 196 -15.75 -76.68 0.85
N PHE K 197 -15.29 -75.79 1.73
CA PHE K 197 -15.72 -75.85 3.12
C PHE K 197 -17.22 -75.62 3.23
N LEU K 198 -17.76 -74.64 2.49
CA LEU K 198 -19.18 -74.37 2.56
C LEU K 198 -20.01 -75.54 2.01
N MET K 199 -19.42 -76.39 1.18
CA MET K 199 -20.13 -77.55 0.64
C MET K 199 -19.77 -78.82 1.40
N SER K 200 -18.89 -78.74 2.40
CA SER K 200 -18.56 -79.90 3.21
C SER K 200 -17.97 -79.50 4.56
N PHE K 201 -18.72 -79.71 5.65
CA PHE K 201 -18.29 -79.33 6.99
C PHE K 201 -18.44 -80.52 7.93
N LYS K 202 -17.47 -80.72 8.80
CA LYS K 202 -17.46 -81.77 9.80
C LYS K 202 -17.55 -81.15 11.19
N TYR K 203 -17.43 -81.99 12.21
CA TYR K 203 -17.41 -81.55 13.61
C TYR K 203 -16.20 -82.11 14.33
N PHE K 215 -19.61 -87.42 22.98
CA PHE K 215 -20.90 -86.69 23.14
C PHE K 215 -21.41 -86.23 21.76
N ILE K 216 -21.27 -87.03 20.71
CA ILE K 216 -21.63 -86.68 19.31
C ILE K 216 -22.82 -87.52 18.82
N ASN K 217 -23.83 -86.93 18.18
CA ASN K 217 -25.07 -87.61 17.70
C ASN K 217 -24.88 -88.31 16.37
N ASN K 218 -25.95 -88.78 15.72
CA ASN K 218 -25.92 -89.37 14.35
C ASN K 218 -27.10 -88.81 13.56
N THR K 219 -27.85 -87.85 14.11
CA THR K 219 -29.05 -87.25 13.47
C THR K 219 -28.65 -85.92 12.83
N THR K 220 -27.99 -85.04 13.57
CA THR K 220 -27.53 -83.72 13.05
C THR K 220 -26.03 -83.54 13.19
N ASP K 221 -25.31 -84.30 14.03
CA ASP K 221 -23.88 -84.02 14.16
C ASP K 221 -23.05 -84.69 13.07
N GLU K 222 -23.65 -85.53 12.24
CA GLU K 222 -22.95 -86.24 11.16
C GLU K 222 -23.75 -86.13 9.87
N GLU K 223 -24.17 -84.92 9.54
CA GLU K 223 -24.82 -84.63 8.28
C GLU K 223 -24.18 -83.40 7.65
N LEU K 224 -24.37 -83.27 6.34
CA LEU K 224 -23.92 -82.08 5.62
C LEU K 224 -24.59 -80.85 6.21
N TYR K 225 -23.82 -80.00 6.90
CA TYR K 225 -24.41 -78.99 7.76
C TYR K 225 -24.94 -77.79 6.98
N TYR K 226 -24.06 -77.06 6.27
CA TYR K 226 -24.37 -75.72 5.82
C TYR K 226 -25.35 -75.66 4.67
N ILE K 227 -25.57 -76.75 3.90
CA ILE K 227 -26.57 -76.76 2.76
C ILE K 227 -27.97 -76.81 3.34
N LYS K 228 -28.15 -77.30 4.57
CA LYS K 228 -29.45 -77.13 5.22
C LYS K 228 -29.68 -75.68 5.59
N GLN K 229 -28.62 -75.02 6.06
CA GLN K 229 -28.67 -73.60 6.49
C GLN K 229 -29.02 -72.76 5.25
N LEU K 230 -28.41 -72.97 4.08
CA LEU K 230 -28.67 -72.18 2.89
C LEU K 230 -30.06 -72.47 2.33
N ASN K 231 -30.42 -73.75 2.25
CA ASN K 231 -31.71 -74.12 1.68
C ASN K 231 -32.85 -73.55 2.52
N GLU K 232 -32.77 -73.70 3.84
CA GLU K 232 -33.80 -73.17 4.71
C GLU K 232 -33.85 -71.66 4.64
N MET K 233 -32.70 -71.03 4.40
CA MET K 233 -32.62 -69.56 4.27
C MET K 233 -33.43 -69.15 3.05
N ARG K 234 -33.15 -69.77 1.92
CA ARG K 234 -33.82 -69.35 0.67
C ARG K 234 -35.31 -69.71 0.75
N GLU K 235 -35.63 -70.78 1.44
CA GLU K 235 -37.03 -71.19 1.58
C GLU K 235 -37.80 -70.18 2.42
N LEU K 236 -37.20 -69.79 3.55
CA LEU K 236 -37.86 -68.85 4.49
C LEU K 236 -37.96 -67.46 3.85
N GLY K 237 -37.15 -67.10 2.84
CA GLY K 237 -37.09 -65.75 2.31
C GLY K 237 -36.26 -64.83 3.18
N THR K 238 -34.98 -65.15 3.32
CA THR K 238 -34.09 -64.45 4.23
C THR K 238 -32.81 -64.10 3.49
N SER K 239 -32.12 -63.07 3.98
CA SER K 239 -30.98 -62.50 3.27
C SER K 239 -29.67 -62.53 4.05
N ASN K 240 -29.68 -62.84 5.35
CA ASN K 240 -28.48 -62.74 6.17
C ASN K 240 -28.06 -64.14 6.63
N LEU K 241 -26.80 -64.49 6.36
CA LEU K 241 -26.20 -65.67 6.94
C LEU K 241 -25.33 -65.26 8.12
N ASN K 242 -25.51 -65.93 9.25
CA ASN K 242 -24.75 -65.65 10.47
C ASN K 242 -23.65 -66.71 10.57
N LEU K 243 -22.39 -66.26 10.56
CA LEU K 243 -21.24 -67.14 10.44
C LEU K 243 -20.41 -67.11 11.73
N ASP K 244 -20.49 -68.15 12.51
CA ASP K 244 -19.66 -68.29 13.72
C ASP K 244 -18.23 -68.35 13.17
N ALA K 245 -17.19 -68.15 13.96
CA ALA K 245 -15.81 -68.01 13.52
C ALA K 245 -14.95 -69.23 13.81
N ARG K 246 -14.99 -69.77 15.03
CA ARG K 246 -14.07 -70.85 15.38
C ARG K 246 -14.37 -72.12 14.61
N ASN K 247 -15.51 -72.18 13.92
CA ASN K 247 -15.76 -73.25 12.98
C ASN K 247 -14.52 -73.53 12.14
N LEU K 248 -13.84 -72.46 11.72
CA LEU K 248 -12.82 -72.54 10.69
C LEU K 248 -11.42 -72.83 11.21
N LEU K 249 -11.17 -72.72 12.52
CA LEU K 249 -9.82 -72.94 13.03
C LEU K 249 -9.56 -74.41 13.30
N ALA K 250 -10.37 -75.28 12.70
CA ALA K 250 -10.16 -76.72 12.80
C ALA K 250 -9.96 -77.33 11.43
N TYR K 251 -10.88 -77.05 10.51
CA TYR K 251 -10.84 -77.59 9.16
C TYR K 251 -9.54 -77.14 8.50
N LYS K 252 -8.73 -78.10 8.04
CA LYS K 252 -7.33 -77.85 7.73
C LYS K 252 -7.14 -76.76 6.68
N GLN K 253 -7.95 -76.79 5.62
CA GLN K 253 -7.81 -75.78 4.57
C GLN K 253 -8.00 -74.38 5.12
N THR K 254 -9.19 -74.10 5.66
CA THR K 254 -9.59 -72.73 5.95
C THR K 254 -8.97 -72.17 7.22
N GLU K 255 -7.96 -72.83 7.80
CA GLU K 255 -7.26 -72.24 8.94
C GLU K 255 -6.66 -70.89 8.54
N ASP K 256 -5.96 -70.88 7.41
CA ASP K 256 -5.37 -69.66 6.81
C ASP K 256 -6.42 -68.55 6.77
N LEU K 257 -7.63 -68.86 6.36
CA LEU K 257 -8.69 -67.87 6.19
C LEU K 257 -9.12 -67.26 7.52
N TYR K 258 -8.99 -67.99 8.63
CA TYR K 258 -9.32 -67.42 9.93
C TYR K 258 -8.36 -66.28 10.29
N HIS K 259 -7.06 -66.53 10.18
CA HIS K 259 -6.09 -65.48 10.42
C HIS K 259 -6.28 -64.33 9.45
N GLN K 260 -6.60 -64.63 8.19
CA GLN K 260 -6.78 -63.58 7.19
C GLN K 260 -8.05 -62.77 7.44
N LEU K 261 -9.08 -63.40 7.99
CA LEU K 261 -10.31 -62.69 8.31
C LEU K 261 -10.15 -61.81 9.53
N LEU K 262 -9.31 -62.21 10.48
CA LEU K 262 -9.06 -61.39 11.66
C LEU K 262 -8.01 -60.32 11.42
N ASN K 263 -7.55 -60.13 10.18
CA ASN K 263 -6.56 -59.12 9.87
C ASN K 263 -6.97 -58.19 8.73
N TYR K 264 -7.74 -58.67 7.76
CA TYR K 264 -8.16 -57.87 6.61
C TYR K 264 -9.66 -58.04 6.38
N PRO K 265 -10.48 -57.58 7.33
CA PRO K 265 -11.93 -57.81 7.20
C PRO K 265 -12.55 -57.22 5.95
N GLN K 266 -12.01 -56.10 5.44
CA GLN K 266 -12.59 -55.46 4.27
C GLN K 266 -12.55 -56.37 3.06
N GLU K 267 -11.37 -56.90 2.75
CA GLU K 267 -11.18 -57.69 1.53
C GLU K 267 -11.73 -59.09 1.66
N VAL K 268 -11.78 -59.66 2.86
CA VAL K 268 -12.24 -61.03 3.01
C VAL K 268 -13.76 -61.13 2.90
N ILE K 269 -14.51 -60.12 3.36
CA ILE K 269 -15.96 -60.23 3.38
C ILE K 269 -16.59 -60.04 2.01
N SER K 270 -15.92 -59.36 1.08
CA SER K 270 -16.41 -59.31 -0.29
C SER K 270 -16.16 -60.60 -1.06
N ILE K 271 -15.13 -61.35 -0.68
CA ILE K 271 -14.93 -62.67 -1.25
C ILE K 271 -16.02 -63.62 -0.77
N MET K 272 -16.43 -63.48 0.48
CA MET K 272 -17.35 -64.43 1.09
C MET K 272 -18.77 -64.28 0.59
N ASP K 273 -19.16 -63.09 0.14
CA ASP K 273 -20.50 -62.92 -0.41
C ASP K 273 -20.62 -63.52 -1.81
N GLN K 274 -19.64 -63.31 -2.68
CA GLN K 274 -19.72 -63.86 -4.02
C GLN K 274 -19.80 -65.38 -3.98
N THR K 275 -19.25 -66.00 -2.94
CA THR K 275 -19.41 -67.43 -2.79
C THR K 275 -20.88 -67.79 -2.59
N ILE K 276 -21.62 -66.98 -1.84
CA ILE K 276 -22.99 -67.32 -1.51
C ILE K 276 -23.90 -67.20 -2.73
N LYS K 277 -23.95 -66.02 -3.37
CA LYS K 277 -24.86 -65.84 -4.50
C LYS K 277 -24.49 -66.68 -5.70
N ASP K 278 -23.31 -67.30 -5.69
CA ASP K 278 -22.87 -68.30 -6.68
C ASP K 278 -23.39 -69.62 -6.19
N CYS K 279 -23.25 -69.89 -4.89
CA CYS K 279 -23.68 -71.15 -4.31
C CYS K 279 -25.20 -71.27 -4.28
N MET K 280 -25.90 -70.15 -4.11
CA MET K 280 -27.36 -70.21 -4.03
C MET K 280 -27.96 -70.69 -5.35
N VAL K 281 -27.62 -70.09 -6.51
CA VAL K 281 -28.15 -70.52 -7.87
C VAL K 281 -27.55 -71.90 -8.17
N SER K 282 -26.37 -72.21 -7.67
CA SER K 282 -25.81 -73.54 -7.87
C SER K 282 -26.76 -74.59 -7.31
N LEU K 283 -27.47 -74.26 -6.24
CA LEU K 283 -28.50 -75.13 -5.70
C LEU K 283 -29.78 -74.98 -6.50
N GLU K 295 -35.33 -64.00 -8.50
CA GLU K 295 -35.04 -63.14 -7.36
C GLU K 295 -33.61 -63.34 -6.90
N ILE K 296 -33.16 -64.60 -6.93
CA ILE K 296 -31.81 -65.01 -6.50
C ILE K 296 -30.83 -64.52 -7.54
N GLU K 297 -31.27 -63.76 -8.54
CA GLU K 297 -30.35 -63.07 -9.50
C GLU K 297 -30.44 -61.57 -9.23
N THR K 298 -31.18 -61.14 -8.22
CA THR K 298 -31.16 -59.72 -7.87
C THR K 298 -31.21 -59.47 -6.36
N LYS K 299 -30.75 -60.41 -5.54
CA LYS K 299 -30.81 -60.30 -4.09
C LYS K 299 -29.41 -60.46 -3.51
N PHE K 300 -29.12 -59.71 -2.44
CA PHE K 300 -27.76 -59.54 -1.93
C PHE K 300 -27.60 -60.27 -0.62
N TYR K 301 -26.46 -60.94 -0.45
CA TYR K 301 -26.18 -61.76 0.72
C TYR K 301 -25.07 -61.17 1.57
N LYS K 302 -25.06 -61.51 2.84
CA LYS K 302 -24.19 -60.89 3.83
C LYS K 302 -23.74 -61.95 4.82
N VAL K 303 -22.60 -61.84 5.43
CA VAL K 303 -22.12 -62.70 6.50
C VAL K 303 -21.87 -61.83 7.73
N ARG K 304 -21.85 -62.47 8.89
CA ARG K 304 -21.81 -61.75 10.17
C ARG K 304 -21.04 -62.56 11.19
N PRO K 305 -19.72 -62.40 11.24
CA PRO K 305 -18.92 -63.16 12.22
C PRO K 305 -19.24 -62.74 13.65
N TYR K 306 -19.41 -63.75 14.52
CA TYR K 306 -19.79 -63.46 15.90
C TYR K 306 -19.11 -64.34 16.95
N ASN K 307 -17.90 -64.81 16.68
CA ASN K 307 -17.21 -65.64 17.68
C ASN K 307 -15.73 -65.28 17.77
N VAL K 308 -15.35 -64.11 17.28
CA VAL K 308 -13.98 -63.65 17.45
C VAL K 308 -13.71 -63.54 18.94
N GLY K 309 -12.57 -64.08 19.37
CA GLY K 309 -12.29 -64.17 20.79
C GLY K 309 -10.99 -63.52 21.18
N SER K 310 -10.43 -63.95 22.31
CA SER K 310 -9.19 -63.37 22.82
C SER K 310 -9.46 -61.88 23.06
N CYS K 311 -8.50 -61.01 22.80
CA CYS K 311 -8.66 -59.59 23.07
C CYS K 311 -8.85 -59.38 24.57
N LYS K 312 -8.61 -58.17 25.05
CA LYS K 312 -8.68 -57.93 26.50
C LYS K 312 -9.19 -56.52 26.76
N GLY K 313 -9.97 -55.94 25.86
CA GLY K 313 -10.60 -54.66 26.10
C GLY K 313 -10.14 -53.57 25.17
N MET K 314 -10.95 -52.51 25.04
CA MET K 314 -10.64 -51.44 24.11
C MET K 314 -9.35 -50.71 24.48
N ARG K 315 -9.12 -50.48 25.77
CA ARG K 315 -8.01 -49.65 26.20
C ARG K 315 -6.67 -50.38 26.16
N GLU K 316 -6.66 -51.69 25.94
CA GLU K 316 -5.42 -52.43 25.75
C GLU K 316 -5.00 -52.52 24.29
N LEU K 317 -5.80 -51.97 23.37
CA LEU K 317 -5.49 -52.05 21.94
C LEU K 317 -4.52 -50.94 21.55
N ASN K 318 -3.55 -51.28 20.71
CA ASN K 318 -2.53 -50.33 20.26
C ASN K 318 -2.89 -49.78 18.90
N PRO K 319 -2.18 -48.75 18.41
CA PRO K 319 -2.43 -48.26 17.04
C PRO K 319 -2.15 -49.28 15.96
N ASN K 320 -1.39 -50.33 16.24
CA ASN K 320 -1.15 -51.37 15.27
C ASN K 320 -2.35 -52.30 15.08
N ASP K 321 -3.43 -52.07 15.83
CA ASP K 321 -4.65 -52.86 15.71
C ASP K 321 -5.75 -52.13 14.94
N ILE K 322 -5.39 -51.16 14.12
CA ILE K 322 -6.36 -50.43 13.32
C ILE K 322 -6.76 -51.29 12.13
N ASP K 323 -8.04 -51.24 11.76
CA ASP K 323 -8.60 -52.09 10.71
C ASP K 323 -8.46 -53.56 11.08
N LYS K 324 -8.99 -53.91 12.26
CA LYS K 324 -8.99 -55.28 12.75
C LYS K 324 -10.36 -55.56 13.36
N LEU K 325 -10.65 -56.85 13.55
CA LEU K 325 -11.96 -57.29 14.02
C LEU K 325 -11.88 -57.66 15.49
N ILE K 326 -12.74 -57.04 16.30
CA ILE K 326 -12.75 -57.22 17.74
C ILE K 326 -14.19 -57.31 18.23
N ASN K 327 -14.35 -57.83 19.45
CA ASN K 327 -15.67 -57.98 20.05
C ASN K 327 -15.73 -57.29 21.41
N LEU K 328 -16.92 -56.80 21.77
CA LEU K 328 -17.12 -55.97 22.95
C LEU K 328 -18.36 -56.42 23.71
N LYS K 329 -18.36 -56.20 25.01
CA LYS K 329 -19.51 -56.44 25.86
C LYS K 329 -19.74 -55.23 26.76
N GLY K 330 -21.01 -54.87 26.98
CA GLY K 330 -21.26 -53.72 27.84
C GLY K 330 -22.73 -53.36 27.90
N LEU K 331 -22.97 -52.20 28.51
CA LEU K 331 -24.31 -51.69 28.78
C LEU K 331 -24.52 -50.41 27.97
N VAL K 332 -25.68 -50.29 27.33
CA VAL K 332 -25.98 -49.17 26.46
C VAL K 332 -26.62 -48.06 27.29
N LEU K 333 -26.24 -46.82 27.02
CA LEU K 333 -26.76 -45.65 27.72
C LEU K 333 -27.53 -44.69 26.83
N ARG K 334 -27.04 -44.42 25.63
CA ARG K 334 -27.62 -43.39 24.78
C ARG K 334 -27.52 -43.82 23.31
N SER K 335 -28.36 -43.21 22.49
CA SER K 335 -28.27 -43.37 21.04
C SER K 335 -28.91 -42.17 20.37
N THR K 336 -28.21 -41.60 19.40
CA THR K 336 -28.73 -40.45 18.68
C THR K 336 -29.76 -40.88 17.66
N PRO K 337 -30.69 -40.00 17.28
CA PRO K 337 -31.67 -40.37 16.25
C PRO K 337 -30.99 -40.63 14.91
N VAL K 338 -31.74 -41.25 14.00
CA VAL K 338 -31.20 -41.65 12.71
C VAL K 338 -30.66 -40.42 11.97
N ILE K 339 -29.55 -40.61 11.29
CA ILE K 339 -28.87 -39.55 10.53
C ILE K 339 -28.85 -39.98 9.06
N PRO K 340 -29.30 -39.14 8.12
CA PRO K 340 -29.29 -39.52 6.71
C PRO K 340 -27.91 -39.36 6.09
N ASP K 341 -27.46 -40.40 5.39
CA ASP K 341 -26.15 -40.43 4.73
C ASP K 341 -26.35 -40.51 3.23
N MET K 342 -25.69 -39.62 2.50
CA MET K 342 -25.91 -39.51 1.06
C MET K 342 -25.09 -40.54 0.29
N LYS K 343 -25.73 -41.17 -0.70
CA LYS K 343 -25.07 -42.11 -1.59
C LYS K 343 -25.08 -41.61 -3.03
N VAL K 344 -26.24 -41.21 -3.56
CA VAL K 344 -26.38 -40.74 -4.92
C VAL K 344 -26.97 -39.34 -4.89
N ALA K 345 -26.35 -38.42 -5.63
CA ALA K 345 -26.72 -37.01 -5.62
C ALA K 345 -27.48 -36.65 -6.90
N PHE K 346 -28.19 -35.54 -6.85
CA PHE K 346 -29.04 -35.08 -7.94
C PHE K 346 -28.66 -33.67 -8.36
N PHE K 347 -28.34 -33.49 -9.64
CA PHE K 347 -27.97 -32.20 -10.19
C PHE K 347 -28.94 -31.81 -11.30
N LYS K 348 -29.30 -30.53 -11.35
CA LYS K 348 -30.17 -29.99 -12.38
C LYS K 348 -29.43 -28.87 -13.11
N CYS K 349 -29.56 -28.87 -14.42
CA CYS K 349 -29.00 -27.75 -15.21
C CYS K 349 -30.02 -26.62 -15.19
N ASN K 350 -29.67 -25.46 -14.69
CA ASN K 350 -30.59 -24.33 -14.57
C ASN K 350 -30.77 -23.59 -15.88
N VAL K 351 -30.11 -23.94 -16.98
CA VAL K 351 -30.30 -23.33 -18.33
C VAL K 351 -30.97 -24.33 -19.29
N CYS K 352 -31.02 -25.63 -19.00
CA CYS K 352 -31.54 -26.68 -19.94
C CYS K 352 -32.41 -27.77 -19.25
N ASP K 353 -32.49 -27.84 -17.91
CA ASP K 353 -33.29 -28.81 -17.16
C ASP K 353 -32.88 -30.25 -17.45
N HIS K 354 -31.62 -30.56 -17.67
CA HIS K 354 -31.09 -31.93 -17.83
C HIS K 354 -30.63 -32.40 -16.42
N THR K 355 -31.08 -33.52 -15.96
CA THR K 355 -30.83 -34.05 -14.62
C THR K 355 -29.74 -35.10 -14.67
N MET K 356 -28.80 -35.03 -13.74
CA MET K 356 -27.69 -35.96 -13.64
C MET K 356 -27.64 -36.56 -12.24
N ALA K 357 -27.09 -37.78 -12.17
CA ALA K 357 -26.90 -38.48 -10.92
C ALA K 357 -25.43 -38.87 -10.77
N VAL K 358 -24.92 -38.81 -9.55
CA VAL K 358 -23.52 -39.10 -9.27
C VAL K 358 -23.46 -40.09 -8.11
N GLU K 359 -22.42 -40.92 -8.08
CA GLU K 359 -22.22 -41.90 -7.03
C GLU K 359 -21.10 -41.46 -6.09
N ILE K 360 -21.34 -41.58 -4.79
CA ILE K 360 -20.31 -41.29 -3.82
C ILE K 360 -19.16 -42.27 -3.99
N ASP K 361 -17.94 -41.76 -3.98
CA ASP K 361 -16.74 -42.59 -4.07
C ASP K 361 -15.88 -42.33 -2.85
N ARG K 362 -15.99 -43.21 -1.86
CA ARG K 362 -15.20 -43.12 -0.63
C ARG K 362 -15.42 -41.77 0.06
N GLY K 363 -16.65 -41.28 0.00
CA GLY K 363 -17.07 -40.11 0.74
C GLY K 363 -17.14 -38.84 -0.09
N VAL K 364 -16.51 -38.80 -1.25
CA VAL K 364 -16.38 -37.58 -2.05
C VAL K 364 -17.37 -37.62 -3.20
N ILE K 365 -17.95 -36.46 -3.50
CA ILE K 365 -18.87 -36.28 -4.61
C ILE K 365 -18.21 -35.39 -5.65
N GLN K 366 -18.27 -35.80 -6.91
CA GLN K 366 -17.68 -35.04 -8.01
C GLN K 366 -18.78 -34.25 -8.69
N GLU K 367 -18.80 -32.94 -8.61
CA GLU K 367 -19.86 -32.07 -9.19
C GLU K 367 -19.39 -31.73 -10.61
N PRO K 368 -20.15 -32.09 -11.64
CA PRO K 368 -19.77 -31.78 -13.02
C PRO K 368 -19.62 -30.29 -13.24
N ALA K 369 -18.63 -29.92 -14.06
CA ALA K 369 -18.43 -28.52 -14.37
C ALA K 369 -19.24 -28.08 -15.59
N ARG K 370 -19.34 -28.93 -16.59
CA ARG K 370 -20.04 -28.62 -17.83
C ARG K 370 -21.29 -29.47 -17.97
N CYS K 371 -22.34 -28.89 -18.44
CA CYS K 371 -23.55 -29.67 -18.76
C CYS K 371 -23.10 -30.77 -19.70
N GLU K 372 -23.76 -31.90 -19.65
CA GLU K 372 -23.42 -33.05 -20.47
C GLU K 372 -24.10 -33.02 -21.83
N ARG K 373 -25.17 -32.26 -22.01
CA ARG K 373 -25.92 -32.19 -23.29
C ARG K 373 -24.96 -31.65 -24.32
N ILE K 374 -24.91 -32.22 -25.51
CA ILE K 374 -24.07 -31.73 -26.61
C ILE K 374 -24.51 -30.35 -27.07
N ASP K 375 -25.80 -30.05 -27.00
CA ASP K 375 -26.30 -28.73 -27.35
C ASP K 375 -25.97 -27.71 -26.27
N CYS K 376 -26.49 -27.87 -25.04
CA CYS K 376 -26.24 -26.92 -23.91
C CYS K 376 -24.95 -27.32 -23.25
N ASN K 377 -23.84 -26.67 -23.53
CA ASN K 377 -22.54 -26.87 -22.92
C ASN K 377 -22.14 -25.57 -22.21
N GLU K 378 -22.58 -25.44 -20.97
CA GLU K 378 -22.30 -24.24 -20.20
C GLU K 378 -21.27 -24.54 -19.12
N PRO K 379 -20.46 -23.56 -18.73
CA PRO K 379 -19.66 -23.71 -17.52
C PRO K 379 -20.47 -23.40 -16.28
N ASN K 380 -20.36 -24.28 -15.28
CA ASN K 380 -20.96 -24.06 -13.96
C ASN K 380 -22.46 -23.78 -14.07
N SER K 381 -23.28 -24.72 -14.48
CA SER K 381 -24.76 -24.59 -14.53
C SER K 381 -25.42 -25.65 -13.64
N MET K 382 -24.66 -26.38 -12.85
CA MET K 382 -25.19 -27.54 -12.10
C MET K 382 -25.60 -27.11 -10.69
N SER K 383 -26.82 -27.40 -10.26
CA SER K 383 -27.38 -27.09 -8.96
C SER K 383 -27.76 -28.39 -8.25
N LEU K 384 -27.69 -28.36 -6.93
CA LEU K 384 -27.96 -29.54 -6.11
C LEU K 384 -29.33 -29.41 -5.45
N ILE K 385 -30.16 -30.44 -5.61
CA ILE K 385 -31.49 -30.51 -5.02
C ILE K 385 -31.44 -31.62 -3.98
N HIS K 386 -31.54 -31.24 -2.70
CA HIS K 386 -31.21 -32.15 -1.62
C HIS K 386 -32.24 -33.26 -1.47
N ASN K 387 -33.52 -32.94 -1.62
CA ASN K 387 -34.56 -33.92 -1.37
C ASN K 387 -34.76 -34.90 -2.51
N ARG K 388 -34.10 -34.70 -3.65
CA ARG K 388 -34.14 -35.65 -4.74
C ARG K 388 -33.03 -36.69 -4.65
N CYS K 389 -32.19 -36.63 -3.62
CA CYS K 389 -31.04 -37.52 -3.49
C CYS K 389 -31.42 -38.78 -2.73
N SER K 390 -30.56 -39.79 -2.85
CA SER K 390 -30.74 -41.05 -2.15
C SER K 390 -29.87 -41.08 -0.91
N PHE K 391 -30.47 -41.45 0.21
CA PHE K 391 -29.81 -41.43 1.52
C PHE K 391 -29.84 -42.82 2.15
N ALA K 392 -29.08 -42.99 3.23
CA ALA K 392 -29.04 -44.22 4.00
C ALA K 392 -28.96 -43.90 5.49
N ASP K 393 -29.08 -44.93 6.32
CA ASP K 393 -29.26 -44.77 7.76
C ASP K 393 -27.94 -44.85 8.51
N LYS K 394 -27.85 -44.06 9.57
CA LYS K 394 -26.67 -44.05 10.42
C LYS K 394 -27.11 -43.67 11.83
N GLN K 395 -26.58 -44.39 12.82
CA GLN K 395 -26.90 -44.14 14.22
C GLN K 395 -25.63 -44.31 15.06
N VAL K 396 -25.55 -43.56 16.15
CA VAL K 396 -24.39 -43.57 17.03
C VAL K 396 -24.84 -44.03 18.41
N ILE K 397 -24.14 -45.02 18.96
CA ILE K 397 -24.44 -45.59 20.26
C ILE K 397 -23.27 -45.32 21.19
N LYS K 398 -23.58 -45.20 22.48
CA LYS K 398 -22.56 -45.03 23.51
C LYS K 398 -22.66 -46.21 24.47
N LEU K 399 -21.54 -46.88 24.69
CA LEU K 399 -21.50 -48.15 25.40
C LEU K 399 -20.55 -48.07 26.58
N GLN K 400 -20.99 -48.55 27.74
CA GLN K 400 -20.16 -48.63 28.93
C GLN K 400 -19.48 -49.99 28.95
N GLU K 401 -18.20 -50.01 28.61
CA GLU K 401 -17.47 -51.27 28.43
C GLU K 401 -17.31 -52.00 29.76
N THR K 402 -17.49 -53.32 29.74
CA THR K 402 -17.36 -54.16 30.92
C THR K 402 -16.37 -55.27 30.59
N PRO K 403 -15.08 -55.00 30.65
CA PRO K 403 -14.09 -56.02 30.31
C PRO K 403 -13.94 -57.05 31.42
N ASP K 404 -13.12 -58.07 31.14
CA ASP K 404 -12.82 -59.10 32.11
C ASP K 404 -11.57 -58.75 32.93
N PHE K 405 -10.50 -58.33 32.27
CA PHE K 405 -9.30 -57.88 32.95
C PHE K 405 -9.33 -56.37 33.10
N VAL K 406 -9.32 -55.90 34.34
CA VAL K 406 -9.27 -54.48 34.65
C VAL K 406 -7.92 -54.20 35.30
N PRO K 407 -6.97 -53.57 34.60
CA PRO K 407 -5.70 -53.26 35.23
C PRO K 407 -5.88 -52.30 36.40
N ASP K 408 -4.85 -52.21 37.22
CA ASP K 408 -4.93 -51.48 38.48
C ASP K 408 -5.33 -50.03 38.26
N GLY K 409 -6.52 -49.66 38.72
CA GLY K 409 -6.92 -48.27 38.74
C GLY K 409 -7.60 -47.75 37.50
N GLN K 410 -8.37 -48.58 36.80
CA GLN K 410 -9.12 -48.14 35.63
C GLN K 410 -10.52 -47.72 36.07
N THR K 411 -10.82 -46.46 35.90
CA THR K 411 -12.19 -46.01 36.05
C THR K 411 -12.97 -46.33 34.78
N PRO K 412 -14.27 -46.57 34.88
CA PRO K 412 -15.04 -46.90 33.67
C PRO K 412 -15.00 -45.77 32.65
N HIS K 413 -15.06 -46.14 31.37
CA HIS K 413 -15.13 -45.18 30.28
C HIS K 413 -16.21 -45.62 29.31
N SER K 414 -16.39 -44.82 28.25
CA SER K 414 -17.45 -45.03 27.28
C SER K 414 -16.87 -45.07 25.87
N ILE K 415 -17.56 -45.79 24.99
CA ILE K 415 -17.11 -46.05 23.62
C ILE K 415 -18.22 -45.65 22.67
N SER K 416 -17.84 -45.32 21.43
CA SER K 416 -18.78 -44.94 20.40
C SER K 416 -18.85 -46.01 19.32
N LEU K 417 -20.08 -46.39 18.94
CA LEU K 417 -20.32 -47.42 17.94
C LEU K 417 -21.21 -46.88 16.84
N CYS K 418 -20.89 -47.23 15.60
CA CYS K 418 -21.64 -46.79 14.42
C CYS K 418 -22.35 -48.00 13.82
N VAL K 419 -23.68 -47.95 13.76
CA VAL K 419 -24.49 -48.99 13.18
C VAL K 419 -25.21 -48.41 11.96
N TYR K 420 -25.18 -49.14 10.86
CA TYR K 420 -25.71 -48.68 9.59
C TYR K 420 -26.83 -49.59 9.11
N ASP K 421 -27.75 -49.01 8.34
CA ASP K 421 -28.82 -49.76 7.69
C ASP K 421 -29.61 -50.66 8.63
N GLU K 422 -29.50 -51.97 8.46
CA GLU K 422 -30.42 -52.93 9.11
C GLU K 422 -30.37 -52.81 10.63
N LEU K 423 -29.19 -52.68 11.24
CA LEU K 423 -29.07 -52.64 12.69
C LEU K 423 -29.31 -51.22 13.19
N VAL K 424 -30.57 -50.79 13.05
CA VAL K 424 -31.03 -49.50 13.55
C VAL K 424 -32.21 -49.76 14.48
N ASP K 425 -32.17 -49.17 15.66
CA ASP K 425 -33.16 -49.42 16.72
C ASP K 425 -33.12 -50.86 17.19
N SER K 426 -32.00 -51.55 16.95
CA SER K 426 -31.82 -52.91 17.43
C SER K 426 -31.27 -52.96 18.84
N CYS K 427 -30.85 -51.83 19.41
CA CYS K 427 -30.36 -51.75 20.77
C CYS K 427 -31.09 -50.65 21.51
N ARG K 428 -31.46 -50.90 22.75
CA ARG K 428 -32.12 -49.92 23.60
C ARG K 428 -31.36 -49.78 24.90
N ALA K 429 -31.43 -48.59 25.49
CA ALA K 429 -30.67 -48.30 26.69
C ALA K 429 -31.05 -49.28 27.80
N GLY K 430 -30.06 -49.73 28.56
CA GLY K 430 -30.24 -50.71 29.60
C GLY K 430 -29.94 -52.13 29.19
N ASP K 431 -29.72 -52.37 27.91
CA ASP K 431 -29.50 -53.72 27.37
C ASP K 431 -28.04 -54.13 27.56
N ARG K 432 -27.75 -55.37 27.97
CA ARG K 432 -26.41 -55.93 28.05
C ARG K 432 -26.18 -56.78 26.80
N ILE K 433 -25.22 -56.36 25.98
CA ILE K 433 -25.08 -56.88 24.63
C ILE K 433 -23.64 -57.33 24.39
N GLU K 434 -23.46 -58.07 23.31
CA GLU K 434 -22.16 -58.47 22.82
C GLU K 434 -22.07 -58.09 21.34
N VAL K 435 -21.02 -57.37 20.98
CA VAL K 435 -20.93 -56.71 19.68
C VAL K 435 -19.61 -57.09 19.00
N THR K 436 -19.69 -57.39 17.71
CA THR K 436 -18.52 -57.62 16.88
C THR K 436 -18.38 -56.49 15.87
N GLY K 437 -17.16 -56.03 15.64
CA GLY K 437 -16.96 -54.91 14.74
C GLY K 437 -15.49 -54.63 14.47
N THR K 438 -15.26 -53.63 13.63
CA THR K 438 -13.92 -53.24 13.20
C THR K 438 -13.43 -52.04 14.00
N PHE K 439 -12.12 -51.89 14.10
CA PHE K 439 -11.50 -50.82 14.85
C PHE K 439 -10.99 -49.75 13.88
N ARG K 440 -11.49 -48.53 14.03
CA ARG K 440 -11.24 -47.44 13.09
C ARG K 440 -10.58 -46.26 13.78
N SER K 441 -10.13 -45.30 12.96
CA SER K 441 -9.68 -44.00 13.43
C SER K 441 -10.01 -42.94 12.39
N ILE K 442 -10.15 -41.70 12.86
CA ILE K 442 -10.61 -40.61 12.00
C ILE K 442 -10.03 -39.28 12.49
N PRO K 443 -9.58 -38.40 11.59
CA PRO K 443 -9.19 -37.04 12.03
C PRO K 443 -10.37 -36.09 12.03
N ILE K 444 -10.39 -35.20 13.02
CA ILE K 444 -11.50 -34.27 13.24
C ILE K 444 -11.04 -32.86 12.92
N ARG K 445 -11.99 -32.01 12.54
CA ARG K 445 -11.69 -30.61 12.23
C ARG K 445 -11.62 -29.79 13.50
N ALA K 446 -10.66 -28.87 13.56
CA ALA K 446 -10.45 -28.08 14.76
C ALA K 446 -11.67 -27.23 15.10
N ASN K 447 -12.26 -26.58 14.10
CA ASN K 447 -13.46 -25.79 14.31
C ASN K 447 -14.21 -25.67 12.99
N SER K 448 -15.46 -25.23 13.09
CA SER K 448 -16.36 -25.29 11.94
C SER K 448 -15.88 -24.41 10.79
N ARG K 449 -15.26 -23.27 11.09
CA ARG K 449 -14.94 -22.31 10.04
C ARG K 449 -13.77 -22.78 9.19
N GLN K 450 -12.75 -23.35 9.80
CA GLN K 450 -11.52 -23.67 9.11
C GLN K 450 -11.52 -25.12 8.63
N ARG K 451 -10.83 -25.41 7.53
CA ARG K 451 -10.66 -26.78 6.98
C ARG K 451 -9.41 -27.42 7.60
N VAL K 452 -9.00 -27.05 8.79
CA VAL K 452 -7.76 -27.54 9.45
C VAL K 452 -8.15 -28.75 10.29
N LEU K 453 -7.26 -29.71 10.49
CA LEU K 453 -7.49 -30.96 11.18
C LEU K 453 -6.56 -31.09 12.38
N LYS K 454 -6.90 -32.01 13.28
CA LYS K 454 -6.14 -32.25 14.50
C LYS K 454 -5.31 -33.53 14.35
N SER K 455 -4.05 -33.47 14.76
CA SER K 455 -3.13 -34.59 14.57
C SER K 455 -3.52 -35.80 15.41
N LEU K 456 -4.00 -35.64 16.62
CA LEU K 456 -4.43 -36.75 17.51
C LEU K 456 -5.76 -37.26 16.97
N TYR K 457 -5.91 -38.54 16.75
CA TYR K 457 -7.06 -39.17 16.09
C TYR K 457 -8.14 -39.56 17.09
N LYS K 458 -9.32 -39.89 16.55
CA LYS K 458 -10.49 -40.29 17.32
C LYS K 458 -10.88 -41.71 16.95
N THR K 459 -11.35 -42.47 17.93
CA THR K 459 -11.53 -43.92 17.77
C THR K 459 -12.98 -44.32 17.97
N TYR K 460 -13.37 -45.41 17.30
CA TYR K 460 -14.73 -45.95 17.36
C TYR K 460 -14.71 -47.36 16.76
N VAL K 461 -15.90 -47.95 16.63
CA VAL K 461 -16.03 -49.34 16.21
C VAL K 461 -17.16 -49.44 15.19
N ASP K 462 -16.90 -50.11 14.06
CA ASP K 462 -17.94 -50.42 13.07
C ASP K 462 -18.52 -51.79 13.37
N VAL K 463 -19.77 -51.83 13.81
CA VAL K 463 -20.44 -53.07 14.29
C VAL K 463 -20.87 -53.87 13.10
N VAL K 464 -20.68 -55.17 13.12
CA VAL K 464 -21.14 -56.07 12.09
C VAL K 464 -22.20 -57.05 12.61
N HIS K 465 -22.04 -57.53 13.84
CA HIS K 465 -22.97 -58.47 14.43
C HIS K 465 -23.31 -58.04 15.85
N VAL K 466 -24.54 -58.32 16.28
CA VAL K 466 -25.03 -57.97 17.60
C VAL K 466 -25.69 -59.20 18.21
N LYS K 467 -25.36 -59.50 19.47
CA LYS K 467 -25.87 -60.67 20.18
C LYS K 467 -26.58 -60.20 21.45
N LYS K 468 -27.86 -60.54 21.56
CA LYS K 468 -28.68 -60.12 22.70
C LYS K 468 -29.18 -61.32 23.51
N VAL K 469 -28.37 -62.38 23.58
CA VAL K 469 -28.70 -63.55 24.39
C VAL K 469 -27.47 -63.99 25.15
N SER K 470 -27.70 -64.78 26.19
CA SER K 470 -26.65 -65.43 26.95
C SER K 470 -27.21 -66.70 27.56
N ASP K 471 -26.41 -67.75 27.58
CA ASP K 471 -26.87 -69.00 28.18
C ASP K 471 -27.07 -68.86 29.68
N LYS K 472 -26.24 -68.05 30.34
CA LYS K 472 -26.24 -67.98 31.79
C LYS K 472 -27.17 -66.91 32.36
N ARG K 473 -27.86 -66.15 31.52
CA ARG K 473 -28.80 -65.13 31.98
C ARG K 473 -30.18 -65.41 31.41
N LEU K 474 -31.18 -64.76 31.99
CA LEU K 474 -32.56 -64.97 31.59
C LEU K 474 -32.90 -64.14 30.35
N ASP K 475 -33.97 -64.56 29.68
CA ASP K 475 -34.44 -63.87 28.49
C ASP K 475 -35.32 -62.67 28.88
N VAL K 476 -35.26 -61.63 28.06
CA VAL K 476 -36.00 -60.42 28.34
C VAL K 476 -37.50 -60.72 28.39
N ASP K 477 -38.23 -59.83 29.03
CA ASP K 477 -39.67 -59.96 29.13
C ASP K 477 -40.32 -59.50 27.84
N THR K 478 -40.97 -60.43 27.12
CA THR K 478 -41.65 -60.07 25.89
C THR K 478 -42.87 -59.21 26.15
N SER K 479 -43.37 -59.19 27.38
CA SER K 479 -44.55 -58.39 27.69
C SER K 479 -44.26 -56.89 27.60
N THR K 480 -42.99 -56.50 27.57
CA THR K 480 -42.61 -55.10 27.55
C THR K 480 -42.08 -54.62 26.20
N ILE K 481 -41.86 -55.53 25.24
CA ILE K 481 -41.26 -55.16 23.97
C ILE K 481 -42.14 -55.61 22.81
N GLU K 482 -43.45 -55.64 23.01
CA GLU K 482 -44.35 -56.23 22.02
C GLU K 482 -44.14 -55.61 20.64
N GLN K 483 -44.10 -54.28 20.56
CA GLN K 483 -44.02 -53.60 19.28
C GLN K 483 -42.63 -53.63 18.66
N GLU K 484 -41.57 -53.77 19.46
CA GLU K 484 -40.24 -53.93 18.87
C GLU K 484 -40.15 -55.24 18.09
N LEU K 485 -40.79 -56.31 18.59
CA LEU K 485 -40.84 -57.55 17.84
C LEU K 485 -41.52 -57.35 16.49
N MET K 486 -42.63 -56.61 16.48
CA MET K 486 -43.33 -56.33 15.22
C MET K 486 -42.46 -55.50 14.29
N GLN K 487 -41.75 -54.51 14.83
CA GLN K 487 -40.93 -53.65 14.00
C GLN K 487 -39.75 -54.40 13.40
N ASN K 488 -39.15 -55.33 14.15
CA ASN K 488 -38.00 -56.05 13.63
C ASN K 488 -38.37 -56.85 12.38
N LYS K 489 -39.55 -57.47 12.37
CA LYS K 489 -39.99 -58.21 11.19
C LYS K 489 -40.24 -57.28 10.01
N VAL K 490 -40.79 -56.09 10.27
CA VAL K 490 -41.02 -55.12 9.21
C VAL K 490 -39.72 -54.54 8.68
N ASP K 491 -38.67 -54.51 9.51
CA ASP K 491 -37.37 -53.99 9.10
C ASP K 491 -36.43 -55.05 8.55
N HIS K 492 -36.78 -56.33 8.69
CA HIS K 492 -35.96 -57.43 8.19
C HIS K 492 -34.55 -57.38 8.77
N ASN K 493 -34.46 -57.19 10.08
CA ASN K 493 -33.20 -57.37 10.79
C ASN K 493 -33.29 -58.66 11.60
N GLU K 494 -32.30 -59.53 11.41
CA GLU K 494 -32.32 -60.88 11.98
C GLU K 494 -31.59 -60.94 13.32
N VAL K 495 -31.59 -59.84 14.06
CA VAL K 495 -31.08 -59.85 15.42
C VAL K 495 -32.06 -60.63 16.28
N GLU K 496 -31.60 -61.74 16.85
CA GLU K 496 -32.46 -62.67 17.56
C GLU K 496 -32.48 -62.28 19.04
N GLU K 497 -33.69 -62.07 19.57
CA GLU K 497 -33.83 -61.62 20.96
C GLU K 497 -34.01 -62.78 21.93
N VAL K 498 -34.86 -63.75 21.60
CA VAL K 498 -35.08 -64.92 22.43
C VAL K 498 -34.28 -66.08 21.84
N ARG K 499 -34.09 -67.11 22.66
CA ARG K 499 -33.24 -68.23 22.29
C ARG K 499 -34.07 -69.35 21.66
N GLN K 500 -33.38 -70.26 20.98
CA GLN K 500 -34.02 -71.38 20.31
C GLN K 500 -34.14 -72.57 21.25
N ILE K 501 -35.25 -73.27 21.14
CA ILE K 501 -35.54 -74.46 21.94
C ILE K 501 -35.75 -75.62 20.99
N THR K 502 -34.85 -76.60 21.05
CA THR K 502 -35.06 -77.85 20.34
C THR K 502 -36.05 -78.73 21.08
N ASP K 503 -36.51 -79.79 20.42
CA ASP K 503 -37.53 -80.65 21.00
C ASP K 503 -36.98 -81.69 21.96
N GLN K 504 -35.72 -82.12 21.82
CA GLN K 504 -35.14 -82.96 22.86
C GLN K 504 -35.07 -82.21 24.18
N ASP K 505 -34.67 -80.95 24.13
CA ASP K 505 -34.56 -80.14 25.34
C ASP K 505 -35.94 -79.83 25.91
N LEU K 506 -36.92 -79.55 25.03
CA LEU K 506 -38.28 -79.35 25.51
C LEU K 506 -38.88 -80.62 26.11
N ALA K 507 -38.52 -81.79 25.58
CA ALA K 507 -38.92 -83.04 26.22
C ALA K 507 -38.31 -83.16 27.61
N LYS K 508 -37.02 -82.81 27.72
CA LYS K 508 -36.38 -82.76 29.03
C LYS K 508 -37.15 -81.85 29.98
N ILE K 509 -37.67 -80.74 29.45
CA ILE K 509 -38.35 -79.78 30.30
C ILE K 509 -39.53 -80.42 31.02
N ARG K 510 -40.40 -81.12 30.28
CA ARG K 510 -41.53 -81.77 30.91
C ARG K 510 -41.14 -83.01 31.70
N GLU K 511 -40.07 -83.71 31.29
CA GLU K 511 -39.58 -84.82 32.09
C GLU K 511 -39.19 -84.35 33.49
N VAL K 512 -38.51 -83.20 33.57
CA VAL K 512 -38.15 -82.68 34.88
C VAL K 512 -39.35 -82.05 35.58
N ALA K 513 -40.23 -81.37 34.85
CA ALA K 513 -41.42 -80.78 35.42
C ALA K 513 -42.35 -81.81 36.02
N ALA K 514 -42.25 -83.07 35.60
CA ALA K 514 -43.02 -84.14 36.21
C ALA K 514 -42.44 -84.61 37.54
N ARG K 515 -41.23 -84.19 37.90
CA ARG K 515 -40.57 -84.73 39.09
C ARG K 515 -41.38 -84.40 40.34
N GLU K 516 -41.37 -85.34 41.28
CA GLU K 516 -42.11 -85.16 42.53
C GLU K 516 -41.56 -84.01 43.36
N ASP K 517 -40.24 -83.94 43.54
CA ASP K 517 -39.65 -82.89 44.35
C ASP K 517 -39.17 -81.73 43.49
N LEU K 518 -40.06 -81.16 42.68
CA LEU K 518 -39.67 -80.03 41.82
C LEU K 518 -39.40 -78.79 42.65
N TYR K 519 -40.24 -78.54 43.66
CA TYR K 519 -40.18 -77.29 44.38
C TYR K 519 -38.89 -77.20 45.19
N SER K 520 -38.54 -78.28 45.90
CA SER K 520 -37.29 -78.33 46.64
C SER K 520 -36.09 -78.27 45.71
N LEU K 521 -36.14 -79.00 44.59
CA LEU K 521 -35.02 -79.01 43.67
C LEU K 521 -34.76 -77.63 43.10
N LEU K 522 -35.81 -76.95 42.64
CA LEU K 522 -35.65 -75.60 42.12
C LEU K 522 -35.11 -74.67 43.18
N ALA K 523 -35.68 -74.71 44.39
CA ALA K 523 -35.17 -73.83 45.45
C ALA K 523 -33.72 -74.13 45.76
N ARG K 524 -33.32 -75.40 45.69
CA ARG K 524 -31.95 -75.78 46.03
C ARG K 524 -30.97 -75.30 44.98
N SER K 525 -31.33 -75.32 43.72
CA SER K 525 -30.40 -74.96 42.62
C SER K 525 -30.36 -73.46 42.39
N ILE K 526 -31.16 -72.61 43.06
CA ILE K 526 -31.08 -71.16 42.89
C ILE K 526 -29.68 -70.68 43.22
N ALA K 527 -29.27 -70.83 44.48
CA ALA K 527 -27.93 -70.44 44.88
C ALA K 527 -27.21 -71.66 45.45
N PRO K 528 -26.49 -72.41 44.62
CA PRO K 528 -25.92 -73.67 45.10
C PRO K 528 -24.69 -73.53 45.98
N SER K 529 -24.40 -72.31 46.44
CA SER K 529 -23.24 -72.08 47.30
C SER K 529 -23.56 -71.14 48.45
N ILE K 530 -24.81 -71.12 48.90
CA ILE K 530 -25.25 -70.27 50.00
C ILE K 530 -26.04 -71.16 50.95
N TYR K 531 -25.37 -71.68 51.98
CA TYR K 531 -26.03 -72.55 52.95
C TYR K 531 -27.03 -71.74 53.74
N GLU K 532 -28.33 -71.89 53.45
CA GLU K 532 -29.33 -70.98 53.99
C GLU K 532 -30.68 -71.68 53.97
N LEU K 533 -31.64 -71.09 54.67
CA LEU K 533 -33.00 -71.61 54.74
C LEU K 533 -33.64 -71.61 53.36
N GLU K 534 -34.38 -72.67 53.06
CA GLU K 534 -35.06 -72.76 51.77
C GLU K 534 -36.22 -71.78 51.66
N ASP K 535 -36.77 -71.30 52.77
CA ASP K 535 -37.82 -70.30 52.69
C ASP K 535 -37.30 -69.01 52.07
N VAL K 536 -36.09 -68.60 52.42
CA VAL K 536 -35.51 -67.39 51.83
C VAL K 536 -35.32 -67.58 50.33
N LYS K 537 -34.82 -68.75 49.92
CA LYS K 537 -34.54 -68.97 48.51
C LYS K 537 -35.82 -69.09 47.70
N LYS K 538 -36.88 -69.65 48.29
CA LYS K 538 -38.14 -69.81 47.56
C LYS K 538 -38.72 -68.46 47.17
N GLY K 539 -38.56 -67.45 48.03
CA GLY K 539 -39.01 -66.12 47.68
C GLY K 539 -38.30 -65.54 46.47
N ILE K 540 -36.98 -65.75 46.38
CA ILE K 540 -36.24 -65.30 45.21
C ILE K 540 -36.69 -66.08 43.97
N LEU K 541 -36.91 -67.38 44.13
CA LEU K 541 -37.37 -68.21 43.01
C LEU K 541 -38.72 -67.72 42.48
N LEU K 542 -39.66 -67.42 43.38
CA LEU K 542 -40.97 -66.91 42.95
C LEU K 542 -40.91 -65.47 42.48
N GLN K 543 -39.94 -64.69 42.97
CA GLN K 543 -39.73 -63.35 42.44
C GLN K 543 -39.30 -63.41 40.98
N LEU K 544 -38.44 -64.37 40.65
CA LEU K 544 -37.98 -64.49 39.27
C LEU K 544 -39.15 -64.79 38.33
N PHE K 545 -40.03 -65.72 38.70
CA PHE K 545 -41.17 -66.05 37.83
C PHE K 545 -42.09 -64.85 37.65
N GLY K 546 -42.40 -64.16 38.74
CA GLY K 546 -43.24 -62.98 38.68
C GLY K 546 -44.69 -63.33 38.50
N GLY K 547 -45.55 -62.40 38.92
CA GLY K 547 -46.97 -62.59 38.80
C GLY K 547 -47.44 -62.40 37.37
N THR K 548 -48.73 -62.65 37.16
CA THR K 548 -49.32 -62.50 35.83
C THR K 548 -49.62 -61.04 35.55
N ASN K 549 -49.16 -60.56 34.40
CA ASN K 549 -49.43 -59.19 34.00
C ASN K 549 -50.78 -59.13 33.30
N LYS K 550 -51.62 -58.18 33.73
CA LYS K 550 -52.98 -58.08 33.25
C LYS K 550 -53.22 -56.70 32.67
N THR K 551 -53.90 -56.66 31.53
CA THR K 551 -54.16 -55.43 30.80
C THR K 551 -55.66 -55.26 30.63
N PHE K 552 -56.23 -54.15 31.03
CA PHE K 552 -57.69 -53.89 30.86
C PHE K 552 -57.88 -53.17 29.52
N THR K 553 -59.03 -53.30 28.85
CA THR K 553 -59.28 -52.76 27.48
C THR K 553 -60.00 -51.44 27.61
N LYS K 554 -60.10 -50.89 28.80
CA LYS K 554 -60.68 -49.57 29.07
C LYS K 554 -59.58 -48.73 29.70
N GLY K 555 -58.29 -49.02 29.47
CA GLY K 555 -57.16 -48.37 30.17
C GLY K 555 -57.06 -48.94 31.58
N GLY K 556 -55.92 -48.90 32.26
CA GLY K 556 -55.77 -49.52 33.57
C GLY K 556 -54.92 -50.77 33.50
N ARG K 557 -53.73 -50.73 34.09
CA ARG K 557 -52.78 -51.82 34.01
C ARG K 557 -52.49 -52.36 35.40
N TYR K 558 -52.52 -53.69 35.53
CA TYR K 558 -52.10 -54.38 36.74
C TYR K 558 -50.88 -55.21 36.40
N ARG K 559 -49.81 -55.05 37.17
CA ARG K 559 -48.57 -55.78 36.94
C ARG K 559 -48.31 -56.78 38.06
N GLY K 560 -47.37 -57.68 37.82
CA GLY K 560 -47.11 -58.78 38.72
C GLY K 560 -45.72 -58.80 39.31
N ASP K 561 -45.21 -57.65 39.72
CA ASP K 561 -43.86 -57.53 40.25
C ASP K 561 -43.87 -57.77 41.75
N ILE K 562 -42.87 -58.50 42.24
CA ILE K 562 -42.77 -58.86 43.66
C ILE K 562 -41.68 -58.03 44.30
N ASN K 563 -41.94 -57.57 45.53
CA ASN K 563 -41.02 -56.73 46.28
C ASN K 563 -40.70 -57.40 47.62
N ILE K 564 -39.41 -57.47 47.95
CA ILE K 564 -38.95 -58.26 49.10
C ILE K 564 -37.99 -57.41 49.93
N LEU K 565 -38.10 -57.52 51.24
CA LEU K 565 -37.21 -56.85 52.19
C LEU K 565 -36.50 -57.91 53.03
N LEU K 566 -35.18 -57.77 53.16
CA LEU K 566 -34.36 -58.69 53.94
C LEU K 566 -33.79 -57.93 55.14
N CYS K 567 -34.56 -57.92 56.22
CA CYS K 567 -34.09 -57.39 57.51
C CYS K 567 -33.43 -58.51 58.29
N GLY K 568 -32.54 -58.12 59.18
CA GLY K 568 -31.92 -59.10 60.07
C GLY K 568 -30.53 -58.70 60.47
N ASP K 569 -29.98 -59.49 61.38
CA ASP K 569 -28.68 -59.18 61.96
C ASP K 569 -27.66 -58.99 60.84
N PRO K 570 -26.55 -58.32 61.10
CA PRO K 570 -25.47 -58.30 60.11
C PRO K 570 -24.73 -59.62 60.10
N SER K 571 -23.64 -59.77 59.37
CA SER K 571 -22.86 -61.03 59.40
C SER K 571 -23.75 -62.14 58.89
N THR K 572 -24.71 -61.87 58.01
CA THR K 572 -25.46 -62.94 57.32
C THR K 572 -25.13 -62.85 55.81
N SER K 573 -25.68 -63.75 54.98
CA SER K 573 -25.45 -63.89 53.54
C SER K 573 -26.50 -63.15 52.71
N LYS K 574 -27.04 -62.04 53.22
CA LYS K 574 -28.00 -61.27 52.44
C LYS K 574 -27.34 -60.63 51.22
N SER K 575 -26.15 -60.12 51.45
CA SER K 575 -25.35 -59.41 50.44
C SER K 575 -25.12 -60.27 49.20
N GLN K 576 -24.81 -61.56 49.33
CA GLN K 576 -24.58 -62.49 48.24
C GLN K 576 -25.85 -62.74 47.43
N ILE K 577 -27.00 -62.77 48.10
CA ILE K 577 -28.26 -62.98 47.40
C ILE K 577 -28.50 -61.85 46.40
N LEU K 578 -28.30 -60.61 46.85
CA LEU K 578 -28.49 -59.47 45.96
C LEU K 578 -27.52 -59.51 44.80
N GLN K 579 -26.25 -59.88 45.03
CA GLN K 579 -25.29 -59.95 43.94
C GLN K 579 -25.68 -61.03 42.93
N TYR K 580 -25.88 -62.24 43.39
CA TYR K 580 -26.38 -63.37 42.57
C TYR K 580 -27.64 -62.95 41.75
N VAL K 581 -28.65 -62.30 42.34
CA VAL K 581 -29.84 -61.89 41.60
C VAL K 581 -29.52 -60.79 40.59
N HIS K 582 -28.61 -59.88 40.94
CA HIS K 582 -28.14 -58.90 39.97
C HIS K 582 -27.59 -59.60 38.73
N LYS K 583 -26.76 -60.61 38.94
CA LYS K 583 -26.08 -61.24 37.82
C LYS K 583 -26.96 -62.23 37.05
N ILE K 584 -28.05 -62.80 37.58
CA ILE K 584 -28.98 -63.69 36.80
C ILE K 584 -30.10 -62.89 36.06
N THR K 585 -30.46 -61.64 36.41
CA THR K 585 -31.56 -60.95 35.75
C THR K 585 -31.06 -60.13 34.56
N PRO K 586 -31.80 -60.05 33.44
CA PRO K 586 -31.24 -59.40 32.24
C PRO K 586 -30.94 -57.93 32.39
N ARG K 587 -31.71 -57.18 33.18
CA ARG K 587 -31.54 -55.75 33.32
C ARG K 587 -31.55 -55.42 34.80
N GLY K 588 -30.55 -54.66 35.25
CA GLY K 588 -30.48 -54.36 36.67
C GLY K 588 -29.45 -53.30 36.97
N VAL K 589 -29.59 -52.70 38.15
CA VAL K 589 -28.65 -51.71 38.67
C VAL K 589 -28.56 -51.92 40.17
N TYR K 590 -27.36 -51.74 40.71
CA TYR K 590 -27.07 -51.96 42.11
C TYR K 590 -26.80 -50.62 42.78
N THR K 591 -27.58 -50.28 43.78
CA THR K 591 -27.51 -48.98 44.45
C THR K 591 -27.16 -49.17 45.91
N SER K 592 -26.41 -48.21 46.45
CA SER K 592 -26.16 -48.13 47.88
C SER K 592 -27.18 -47.21 48.54
N GLY K 593 -27.20 -47.20 49.86
CA GLY K 593 -28.12 -46.36 50.58
C GLY K 593 -27.80 -44.88 50.49
N LYS K 594 -26.69 -44.47 51.09
CA LYS K 594 -26.31 -43.05 51.14
C LYS K 594 -25.39 -42.70 49.98
N GLY K 595 -25.79 -43.08 48.77
CA GLY K 595 -25.00 -42.80 47.59
C GLY K 595 -25.85 -42.49 46.39
N SER K 596 -27.12 -42.17 46.63
CA SER K 596 -28.08 -41.93 45.57
C SER K 596 -28.78 -40.61 45.81
N SER K 597 -29.23 -40.00 44.72
CA SER K 597 -29.95 -38.70 44.74
C SER K 597 -31.25 -38.93 43.96
N ALA K 598 -32.30 -38.12 44.12
CA ALA K 598 -33.51 -38.21 43.30
C ALA K 598 -33.20 -38.00 41.82
N VAL K 599 -32.31 -37.06 41.54
CA VAL K 599 -31.93 -36.75 40.12
C VAL K 599 -31.20 -37.99 39.60
N GLY K 600 -30.32 -38.60 40.38
CA GLY K 600 -29.59 -39.77 39.94
C GLY K 600 -30.45 -41.00 39.75
N LEU K 601 -31.64 -41.02 40.33
CA LEU K 601 -32.56 -42.14 40.17
C LEU K 601 -33.59 -41.92 39.09
N THR K 602 -33.89 -40.67 38.71
CA THR K 602 -35.00 -40.41 37.80
C THR K 602 -34.47 -39.99 36.45
N ALA K 603 -33.73 -38.88 36.33
CA ALA K 603 -33.33 -38.39 35.02
C ALA K 603 -32.48 -37.13 35.21
N TYR K 604 -31.83 -36.72 34.13
CA TYR K 604 -30.96 -35.55 34.18
C TYR K 604 -30.58 -35.12 32.76
N ILE K 605 -30.08 -33.89 32.67
CA ILE K 605 -29.65 -33.28 31.41
C ILE K 605 -28.14 -33.14 31.43
N THR K 606 -27.51 -33.40 30.28
CA THR K 606 -26.06 -33.46 30.21
C THR K 606 -25.59 -32.88 28.88
N ARG K 607 -24.31 -32.52 28.84
CA ARG K 607 -23.70 -31.94 27.65
C ARG K 607 -22.88 -33.01 26.92
N ASP K 608 -23.18 -33.20 25.64
CA ASP K 608 -22.47 -34.19 24.83
C ASP K 608 -21.20 -33.57 24.27
N VAL K 609 -20.06 -34.19 24.57
CA VAL K 609 -18.78 -33.64 24.14
C VAL K 609 -18.60 -33.73 22.63
N ASP K 610 -19.40 -34.55 21.94
CA ASP K 610 -19.30 -34.62 20.49
C ASP K 610 -20.07 -33.50 19.81
N THR K 611 -21.38 -33.42 20.03
CA THR K 611 -22.21 -32.40 19.41
C THR K 611 -22.28 -31.11 20.22
N LYS K 612 -21.80 -31.08 21.43
CA LYS K 612 -21.82 -29.89 22.34
C LYS K 612 -23.26 -29.39 22.60
N GLN K 613 -24.29 -30.23 22.48
CA GLN K 613 -25.66 -29.84 22.80
C GLN K 613 -26.11 -30.57 24.07
N LEU K 614 -27.32 -30.25 24.52
CA LEU K 614 -27.87 -30.80 25.75
C LEU K 614 -28.87 -31.90 25.42
N VAL K 615 -28.69 -33.07 26.01
CA VAL K 615 -29.52 -34.23 25.75
C VAL K 615 -30.04 -34.78 27.07
N LEU K 616 -31.07 -35.60 26.97
CA LEU K 616 -31.69 -36.24 28.13
C LEU K 616 -31.13 -37.65 28.29
N GLU K 617 -30.90 -38.05 29.54
CA GLU K 617 -30.30 -39.34 29.84
C GLU K 617 -31.09 -40.04 30.94
N SER K 618 -31.11 -41.37 30.86
CA SER K 618 -31.93 -42.18 31.75
C SER K 618 -31.30 -42.30 33.12
N GLY K 619 -32.13 -42.63 34.11
CA GLY K 619 -31.70 -42.81 35.48
C GLY K 619 -31.68 -44.27 35.89
N ALA K 620 -31.42 -44.48 37.19
CA ALA K 620 -31.26 -45.83 37.71
C ALA K 620 -32.54 -46.64 37.56
N LEU K 621 -33.68 -46.08 37.96
CA LEU K 621 -34.91 -46.85 37.97
C LEU K 621 -35.49 -47.06 36.58
N VAL K 622 -35.32 -46.11 35.67
CA VAL K 622 -35.81 -46.30 34.31
C VAL K 622 -34.95 -47.31 33.54
N LEU K 623 -33.65 -47.35 33.81
CA LEU K 623 -32.80 -48.38 33.22
C LEU K 623 -33.17 -49.78 33.69
N SER K 624 -33.91 -49.89 34.79
CA SER K 624 -34.26 -51.17 35.41
C SER K 624 -35.64 -51.63 35.00
N ASP K 625 -36.10 -51.24 33.81
CA ASP K 625 -37.45 -51.52 33.36
C ASP K 625 -37.51 -52.96 32.87
N GLY K 626 -38.27 -53.80 33.57
CA GLY K 626 -38.36 -55.21 33.23
C GLY K 626 -37.23 -56.01 33.85
N GLY K 627 -36.78 -55.59 35.02
CA GLY K 627 -35.67 -56.22 35.68
C GLY K 627 -35.75 -56.06 37.18
N VAL K 628 -34.62 -56.24 37.85
CA VAL K 628 -34.53 -56.19 39.30
C VAL K 628 -33.60 -55.05 39.70
N CYS K 629 -34.04 -54.23 40.64
CA CYS K 629 -33.23 -53.17 41.22
C CYS K 629 -32.94 -53.54 42.67
N CYS K 630 -31.67 -53.54 43.04
CA CYS K 630 -31.23 -53.98 44.36
C CYS K 630 -30.74 -52.77 45.14
N ILE K 631 -31.44 -52.44 46.21
CA ILE K 631 -31.12 -51.30 47.07
C ILE K 631 -30.54 -51.87 48.35
N ASP K 632 -29.27 -51.58 48.61
CA ASP K 632 -28.61 -52.08 49.80
C ASP K 632 -28.52 -50.97 50.84
N GLU K 633 -28.78 -51.33 52.09
CA GLU K 633 -28.84 -50.36 53.19
C GLU K 633 -29.97 -49.37 52.97
N PHE K 634 -31.19 -49.90 52.84
CA PHE K 634 -32.35 -49.07 52.60
C PHE K 634 -32.64 -48.14 53.77
N ASP K 635 -32.27 -48.53 54.98
CA ASP K 635 -32.61 -47.73 56.16
C ASP K 635 -31.75 -46.48 56.26
N LYS K 636 -30.62 -46.44 55.55
CA LYS K 636 -29.69 -45.32 55.63
C LYS K 636 -29.96 -44.27 54.56
N MET K 637 -31.16 -44.27 53.97
CA MET K 637 -31.46 -43.42 52.82
C MET K 637 -32.39 -42.28 53.25
N SER K 638 -32.18 -41.12 52.67
CA SER K 638 -32.90 -39.92 53.10
C SER K 638 -34.37 -39.98 52.68
N ASP K 639 -35.17 -39.13 53.30
CA ASP K 639 -36.63 -39.07 53.09
C ASP K 639 -36.90 -38.48 51.72
N SER K 640 -36.00 -37.64 51.21
CA SER K 640 -36.11 -37.09 49.87
C SER K 640 -35.93 -38.18 48.82
N THR K 641 -34.94 -39.06 49.02
CA THR K 641 -34.71 -40.13 48.07
C THR K 641 -35.74 -41.25 48.22
N ARG K 642 -36.19 -41.53 49.44
CA ARG K 642 -37.25 -42.51 49.61
C ARG K 642 -38.57 -42.05 49.02
N SER K 643 -38.73 -40.75 48.79
CA SER K 643 -39.99 -40.24 48.24
C SER K 643 -40.28 -40.81 46.85
N VAL K 644 -39.26 -40.93 46.00
CA VAL K 644 -39.50 -41.32 44.61
C VAL K 644 -39.96 -42.76 44.48
N LEU K 645 -39.68 -43.61 45.47
CA LEU K 645 -40.01 -45.02 45.36
C LEU K 645 -41.50 -45.31 45.52
N HIS K 646 -42.26 -44.39 46.13
CA HIS K 646 -43.68 -44.65 46.35
C HIS K 646 -44.40 -44.87 45.03
N GLU K 647 -44.19 -43.99 44.07
CA GLU K 647 -44.88 -44.12 42.79
C GLU K 647 -44.44 -45.37 42.03
N VAL K 648 -43.17 -45.72 42.11
CA VAL K 648 -42.69 -46.93 41.45
C VAL K 648 -43.25 -48.19 42.11
N MET K 649 -43.53 -48.14 43.40
CA MET K 649 -44.14 -49.29 44.07
C MET K 649 -45.66 -49.31 43.98
N GLU K 650 -46.28 -48.21 43.58
CA GLU K 650 -47.73 -48.15 43.43
C GLU K 650 -48.16 -48.38 41.98
N GLN K 651 -47.71 -47.53 41.05
CA GLN K 651 -48.22 -47.57 39.68
C GLN K 651 -47.18 -47.99 38.65
N GLN K 652 -45.93 -48.16 39.06
CA GLN K 652 -44.85 -48.57 38.15
C GLN K 652 -44.64 -47.53 37.04
N THR K 653 -44.64 -46.26 37.42
CA THR K 653 -44.35 -45.16 36.52
C THR K 653 -43.61 -44.07 37.27
N ILE K 654 -43.15 -43.07 36.53
CA ILE K 654 -42.55 -41.87 37.10
C ILE K 654 -43.04 -40.67 36.28
N SER K 655 -43.35 -39.59 36.97
CA SER K 655 -43.80 -38.36 36.32
C SER K 655 -42.74 -37.29 36.55
N ILE K 656 -42.24 -36.71 35.45
CA ILE K 656 -41.17 -35.71 35.50
C ILE K 656 -41.73 -34.42 34.91
N ALA K 657 -41.63 -33.34 35.66
CA ALA K 657 -41.94 -31.99 35.19
C ALA K 657 -40.72 -31.12 35.47
N LYS K 658 -39.77 -31.15 34.55
CA LYS K 658 -38.54 -30.38 34.65
C LYS K 658 -38.40 -29.54 33.39
N ALA K 659 -37.40 -28.66 33.39
CA ALA K 659 -37.17 -27.81 32.23
C ALA K 659 -36.76 -28.65 31.03
N GLY K 660 -37.69 -28.81 30.07
CA GLY K 660 -37.42 -29.51 28.83
C GLY K 660 -38.22 -30.78 28.66
N ILE K 661 -38.70 -31.36 29.75
CA ILE K 661 -39.40 -32.65 29.71
C ILE K 661 -40.63 -32.57 30.62
N ILE K 662 -41.79 -32.94 30.07
CA ILE K 662 -43.01 -33.13 30.86
C ILE K 662 -43.67 -34.41 30.31
N THR K 663 -43.44 -35.53 31.00
CA THR K 663 -43.92 -36.80 30.49
C THR K 663 -43.91 -37.84 31.61
N THR K 664 -44.52 -38.99 31.32
CA THR K 664 -44.59 -40.10 32.25
C THR K 664 -43.78 -41.27 31.69
N LEU K 665 -42.95 -41.86 32.52
CA LEU K 665 -42.01 -42.90 32.11
C LEU K 665 -42.41 -44.23 32.72
N ASN K 666 -42.01 -45.31 32.06
CA ASN K 666 -42.32 -46.67 32.51
C ASN K 666 -41.16 -47.22 33.32
N ALA K 667 -41.43 -47.61 34.57
CA ALA K 667 -40.45 -48.26 35.43
C ALA K 667 -41.08 -49.53 36.00
N ARG K 668 -40.99 -50.62 35.22
CA ARG K 668 -41.58 -51.90 35.59
C ARG K 668 -40.49 -52.80 36.18
N SER K 669 -40.15 -52.51 37.43
CA SER K 669 -39.00 -53.11 38.09
C SER K 669 -39.39 -53.77 39.39
N SER K 670 -38.60 -54.77 39.79
CA SER K 670 -38.75 -55.45 41.07
C SER K 670 -37.76 -54.86 42.06
N ILE K 671 -38.19 -54.74 43.31
CA ILE K 671 -37.39 -54.12 44.37
C ILE K 671 -36.93 -55.22 45.32
N LEU K 672 -35.63 -55.26 45.57
CA LEU K 672 -35.03 -56.20 46.52
C LEU K 672 -34.13 -55.40 47.45
N ALA K 673 -34.53 -55.25 48.70
CA ALA K 673 -33.90 -54.34 49.64
C ALA K 673 -33.47 -55.08 50.90
N SER K 674 -32.37 -54.61 51.48
CA SER K 674 -31.85 -55.15 52.73
C SER K 674 -31.61 -54.01 53.70
N ALA K 675 -32.00 -54.21 54.96
CA ALA K 675 -31.94 -53.18 55.98
C ALA K 675 -31.19 -53.69 57.19
N ASN K 676 -30.50 -52.79 57.86
CA ASN K 676 -29.70 -53.07 59.03
C ASN K 676 -30.49 -52.76 60.30
N PRO K 677 -30.51 -53.66 61.29
CA PRO K 677 -31.20 -53.35 62.54
C PRO K 677 -30.49 -52.28 63.35
N ILE K 678 -31.28 -51.53 64.11
CA ILE K 678 -30.76 -50.51 65.02
C ILE K 678 -29.87 -51.19 66.05
N GLY K 679 -28.68 -50.64 66.27
CA GLY K 679 -27.79 -51.18 67.27
C GLY K 679 -27.15 -52.47 66.84
N SER K 680 -26.43 -53.07 67.79
CA SER K 680 -25.61 -54.23 67.51
C SER K 680 -26.39 -55.36 66.86
N ARG K 681 -27.39 -55.89 67.55
CA ARG K 681 -28.09 -57.08 67.12
C ARG K 681 -29.59 -56.87 67.20
N TYR K 682 -30.34 -57.74 66.54
CA TYR K 682 -31.78 -57.76 66.71
C TYR K 682 -32.12 -58.15 68.13
N ASN K 683 -33.00 -57.40 68.77
CA ASN K 683 -33.37 -57.63 70.15
C ASN K 683 -34.73 -58.30 70.19
N PRO K 684 -34.82 -59.59 70.54
CA PRO K 684 -36.14 -60.23 70.58
C PRO K 684 -37.09 -59.63 71.59
N ASN K 685 -36.56 -58.89 72.58
CA ASN K 685 -37.40 -58.36 73.63
C ASN K 685 -38.20 -57.13 73.19
N LEU K 686 -37.79 -56.48 72.11
CA LEU K 686 -38.50 -55.32 71.60
C LEU K 686 -39.34 -55.71 70.39
N PRO K 687 -40.35 -54.92 70.04
CA PRO K 687 -41.13 -55.20 68.83
C PRO K 687 -40.32 -54.87 67.57
N VAL K 688 -40.80 -55.41 66.45
CA VAL K 688 -40.10 -55.21 65.19
C VAL K 688 -40.13 -53.75 64.76
N THR K 689 -41.22 -53.03 65.04
CA THR K 689 -41.30 -51.63 64.65
C THR K 689 -40.27 -50.78 65.38
N GLU K 690 -39.76 -51.26 66.52
CA GLU K 690 -38.74 -50.54 67.26
C GLU K 690 -37.32 -50.98 66.91
N ASN K 691 -37.16 -52.00 66.08
CA ASN K 691 -35.83 -52.49 65.71
C ASN K 691 -35.35 -51.99 64.37
N ILE K 692 -36.24 -51.55 63.48
CA ILE K 692 -35.89 -51.12 62.14
C ILE K 692 -36.24 -49.65 62.01
N ASP K 693 -35.28 -48.85 61.54
CA ASP K 693 -35.49 -47.41 61.39
C ASP K 693 -36.16 -47.11 60.06
N LEU K 694 -37.46 -47.42 60.01
CA LEU K 694 -38.25 -47.21 58.83
C LEU K 694 -39.67 -46.97 59.33
N PRO K 695 -40.38 -45.99 58.80
CA PRO K 695 -41.74 -45.72 59.28
C PRO K 695 -42.61 -46.96 59.14
N PRO K 696 -43.44 -47.28 60.14
CA PRO K 696 -44.25 -48.49 60.07
C PRO K 696 -45.16 -48.53 58.86
N PRO K 697 -45.71 -47.38 58.43
CA PRO K 697 -46.52 -47.38 57.20
C PRO K 697 -45.76 -47.81 55.96
N LEU K 698 -44.46 -47.53 55.87
CA LEU K 698 -43.69 -47.97 54.71
C LEU K 698 -43.46 -49.47 54.71
N LEU K 699 -43.39 -50.09 55.89
CA LEU K 699 -43.11 -51.52 55.96
C LEU K 699 -44.21 -52.37 55.33
N SER K 700 -45.41 -51.81 55.16
CA SER K 700 -46.54 -52.58 54.64
C SER K 700 -46.62 -52.60 53.12
N ARG K 701 -45.75 -51.89 52.43
CA ARG K 701 -45.73 -51.86 50.97
C ARG K 701 -44.98 -53.04 50.36
N PHE K 702 -44.27 -53.83 51.17
CA PHE K 702 -43.46 -54.94 50.67
C PHE K 702 -44.27 -56.23 50.69
N ASP K 703 -44.09 -57.04 49.64
CA ASP K 703 -44.83 -58.29 49.57
C ASP K 703 -44.36 -59.28 50.63
N LEU K 704 -43.04 -59.43 50.78
CA LEU K 704 -42.47 -60.33 51.77
C LEU K 704 -41.45 -59.57 52.61
N VAL K 705 -41.50 -59.79 53.92
CA VAL K 705 -40.53 -59.26 54.86
C VAL K 705 -39.86 -60.44 55.55
N TYR K 706 -38.54 -60.52 55.42
CA TYR K 706 -37.76 -61.66 55.91
C TYR K 706 -36.95 -61.23 57.12
N LEU K 707 -37.30 -61.79 58.28
CA LEU K 707 -36.51 -61.62 59.49
C LEU K 707 -35.47 -62.73 59.53
N VAL K 708 -34.21 -62.37 59.31
CA VAL K 708 -33.09 -63.32 59.36
C VAL K 708 -32.48 -63.21 60.75
N LEU K 709 -32.69 -64.24 61.56
CA LEU K 709 -32.24 -64.26 62.94
C LEU K 709 -31.08 -65.23 63.10
N ASP K 710 -30.19 -64.90 64.03
CA ASP K 710 -29.04 -65.74 64.35
C ASP K 710 -29.27 -66.44 65.67
N LYS K 711 -29.20 -67.76 65.68
CA LYS K 711 -29.25 -68.55 66.95
C LYS K 711 -27.99 -69.42 67.03
N VAL K 712 -27.47 -69.71 68.22
CA VAL K 712 -26.30 -70.57 68.44
C VAL K 712 -26.81 -71.99 68.65
N ASP K 713 -26.63 -72.92 67.73
CA ASP K 713 -27.16 -74.33 67.85
C ASP K 713 -26.09 -75.26 67.25
N GLU K 714 -25.67 -76.31 67.94
CA GLU K 714 -24.45 -77.09 67.59
C GLU K 714 -24.55 -77.87 66.27
N LYS K 715 -25.69 -78.37 65.84
CA LYS K 715 -25.70 -79.20 64.59
C LYS K 715 -25.81 -78.28 63.37
N ASN K 716 -26.47 -77.14 63.44
CA ASN K 716 -26.47 -76.13 62.39
C ASN K 716 -25.08 -75.56 62.17
N ASP K 717 -24.37 -75.24 63.26
CA ASP K 717 -23.01 -74.73 63.14
C ASP K 717 -22.09 -75.76 62.50
N ARG K 718 -22.24 -77.02 62.90
CA ARG K 718 -21.40 -78.08 62.33
C ARG K 718 -21.61 -78.18 60.82
N GLU K 719 -22.88 -78.20 60.39
CA GLU K 719 -23.17 -78.30 58.97
C GLU K 719 -22.65 -77.09 58.20
N LEU K 720 -22.81 -75.89 58.75
CA LEU K 720 -22.31 -74.70 58.06
C LEU K 720 -20.79 -74.71 57.94
N ALA K 721 -20.09 -75.12 59.00
CA ALA K 721 -18.63 -75.18 58.92
C ALA K 721 -18.14 -76.20 57.91
N LYS K 722 -18.74 -77.40 57.88
CA LYS K 722 -18.36 -78.37 56.86
C LYS K 722 -18.67 -77.85 55.47
N HIS K 723 -19.83 -77.23 55.30
CA HIS K 723 -20.18 -76.65 54.00
C HIS K 723 -19.11 -75.68 53.53
N LEU K 724 -18.70 -74.76 54.40
CA LEU K 724 -17.75 -73.75 53.97
C LEU K 724 -16.37 -74.34 53.72
N THR K 725 -15.94 -75.30 54.54
CA THR K 725 -14.60 -75.85 54.35
C THR K 725 -14.52 -76.73 53.10
N ASN K 726 -15.63 -77.34 52.69
CA ASN K 726 -15.60 -78.15 51.47
C ASN K 726 -15.30 -77.33 50.22
N LEU K 727 -15.57 -76.03 50.24
CA LEU K 727 -15.32 -75.18 49.08
C LEU K 727 -13.84 -74.89 48.86
N TYR K 728 -13.00 -74.94 49.88
CA TYR K 728 -11.56 -74.55 49.75
C TYR K 728 -10.72 -75.81 49.43
N LEU K 729 -11.31 -76.87 48.92
CA LEU K 729 -10.63 -78.14 48.57
C LEU K 729 -10.52 -78.09 47.05
N GLU K 730 -9.52 -78.70 46.46
CA GLU K 730 -9.30 -78.59 45.00
C GLU K 730 -9.85 -77.24 44.52
N ASP K 740 -28.90 -83.71 44.31
CA ASP K 740 -28.49 -83.27 42.97
C ASP K 740 -29.14 -81.94 42.65
N VAL K 741 -28.52 -81.17 41.76
CA VAL K 741 -28.97 -79.83 41.45
C VAL K 741 -29.00 -79.65 39.93
N LEU K 742 -29.68 -78.64 39.47
CA LEU K 742 -29.89 -78.38 38.03
C LEU K 742 -28.81 -77.37 37.66
N PRO K 743 -27.93 -77.59 36.69
CA PRO K 743 -26.94 -76.58 36.28
C PRO K 743 -27.59 -75.25 35.92
N VAL K 744 -26.77 -74.22 35.72
CA VAL K 744 -27.31 -72.88 35.47
C VAL K 744 -28.11 -72.86 34.17
N GLU K 745 -27.57 -73.46 33.11
CA GLU K 745 -28.21 -73.36 31.80
C GLU K 745 -29.63 -73.88 31.85
N PHE K 746 -29.84 -75.05 32.43
CA PHE K 746 -31.16 -75.66 32.46
C PHE K 746 -32.13 -74.87 33.33
N LEU K 747 -31.66 -74.36 34.48
CA LEU K 747 -32.51 -73.54 35.32
C LEU K 747 -33.01 -72.31 34.56
N THR K 748 -32.09 -71.56 33.95
CA THR K 748 -32.49 -70.36 33.23
C THR K 748 -33.42 -70.70 32.08
N MET K 749 -33.13 -71.80 31.37
CA MET K 749 -33.97 -72.20 30.26
C MET K 749 -35.39 -72.50 30.73
N TYR K 750 -35.53 -73.25 31.82
CA TYR K 750 -36.85 -73.58 32.34
C TYR K 750 -37.60 -72.32 32.73
N ILE K 751 -36.93 -71.41 33.44
CA ILE K 751 -37.62 -70.20 33.90
C ILE K 751 -38.07 -69.37 32.72
N SER K 752 -37.22 -69.22 31.70
CA SER K 752 -37.62 -68.46 30.52
C SER K 752 -38.79 -69.11 29.80
N TYR K 753 -38.77 -70.43 29.65
CA TYR K 753 -39.90 -71.13 29.04
C TYR K 753 -41.20 -70.82 29.77
N ALA K 754 -41.20 -70.98 31.09
CA ALA K 754 -42.40 -70.75 31.88
C ALA K 754 -42.86 -69.30 31.78
N LYS K 755 -41.93 -68.35 31.91
CA LYS K 755 -42.27 -66.94 31.82
C LYS K 755 -42.78 -66.56 30.44
N GLU K 756 -42.43 -67.32 29.41
CA GLU K 756 -42.81 -67.00 28.04
C GLU K 756 -44.17 -67.55 27.66
N HIS K 757 -44.48 -68.82 27.94
CA HIS K 757 -45.66 -69.42 27.32
C HIS K 757 -46.91 -69.42 28.22
N ILE K 758 -46.82 -69.99 29.42
CA ILE K 758 -48.02 -70.25 30.21
C ILE K 758 -48.52 -68.96 30.85
N HIS K 759 -49.80 -68.93 31.22
CA HIS K 759 -50.43 -67.77 31.85
C HIS K 759 -51.52 -68.28 32.80
N PRO K 760 -51.35 -68.12 34.11
CA PRO K 760 -52.30 -68.72 35.05
C PRO K 760 -53.51 -67.83 35.33
N ILE K 761 -54.67 -68.47 35.54
CA ILE K 761 -55.92 -67.80 35.83
C ILE K 761 -56.56 -68.48 37.03
N ILE K 762 -57.20 -67.67 37.89
CA ILE K 762 -57.62 -68.12 39.22
C ILE K 762 -59.04 -68.67 39.14
N THR K 763 -59.38 -69.55 40.08
CA THR K 763 -60.68 -70.19 40.14
C THR K 763 -61.43 -69.80 41.41
N GLU K 764 -62.71 -70.17 41.46
CA GLU K 764 -63.56 -69.84 42.60
C GLU K 764 -63.10 -70.50 43.90
N ALA K 765 -62.69 -71.76 43.83
CA ALA K 765 -62.21 -72.45 45.03
C ALA K 765 -61.05 -71.69 45.66
N ALA K 766 -60.23 -71.05 44.84
CA ALA K 766 -59.15 -70.22 45.35
C ALA K 766 -59.69 -68.90 45.91
N LYS K 767 -60.73 -68.35 45.29
CA LYS K 767 -61.30 -67.09 45.76
C LYS K 767 -61.82 -67.23 47.19
N THR K 768 -62.52 -68.33 47.46
CA THR K 768 -63.04 -68.55 48.80
C THR K 768 -61.92 -68.47 49.85
N GLU K 769 -60.84 -69.20 49.61
CA GLU K 769 -59.72 -69.22 50.54
C GLU K 769 -59.04 -67.87 50.64
N LEU K 770 -58.90 -67.15 49.53
CA LEU K 770 -58.27 -65.84 49.58
C LEU K 770 -59.06 -64.90 50.49
N VAL K 771 -60.37 -64.85 50.31
CA VAL K 771 -61.18 -63.95 51.14
C VAL K 771 -61.13 -64.38 52.60
N ARG K 772 -61.24 -65.68 52.86
CA ARG K 772 -61.18 -66.15 54.24
C ARG K 772 -59.85 -65.77 54.89
N ALA K 773 -58.75 -65.97 54.17
CA ALA K 773 -57.44 -65.66 54.72
C ALA K 773 -57.29 -64.18 55.02
N TYR K 774 -57.76 -63.31 54.11
CA TYR K 774 -57.63 -61.88 54.35
C TYR K 774 -58.42 -61.46 55.58
N VAL K 775 -59.67 -61.96 55.70
CA VAL K 775 -60.48 -61.59 56.85
C VAL K 775 -59.82 -62.09 58.14
N GLY K 776 -59.31 -63.32 58.12
CA GLY K 776 -58.65 -63.85 59.30
C GLY K 776 -57.44 -63.04 59.70
N MET K 777 -56.62 -62.65 58.73
CA MET K 777 -55.45 -61.84 59.03
C MET K 777 -55.84 -60.48 59.61
N ARG K 778 -56.86 -59.84 59.05
CA ARG K 778 -57.25 -58.54 59.59
C ARG K 778 -57.81 -58.67 61.00
N LYS K 779 -58.62 -59.70 61.24
CA LYS K 779 -59.26 -59.85 62.55
C LYS K 779 -58.22 -60.02 63.66
N MET K 780 -57.10 -60.67 63.35
CA MET K 780 -56.03 -60.80 64.33
C MET K 780 -55.49 -59.41 64.68
N GLY K 781 -55.12 -59.25 65.95
CA GLY K 781 -54.52 -58.00 66.37
C GLY K 781 -55.41 -56.79 66.18
N ASP K 782 -56.72 -57.00 66.06
CA ASP K 782 -57.63 -55.87 65.93
C ASP K 782 -57.49 -54.91 67.10
N ASP K 783 -57.23 -55.43 68.30
CA ASP K 783 -57.01 -54.60 69.47
C ASP K 783 -55.62 -53.97 69.47
N SER K 784 -54.62 -54.65 68.94
CA SER K 784 -53.24 -54.15 68.93
C SER K 784 -52.95 -53.35 67.66
N ARG K 785 -53.79 -52.35 67.39
CA ARG K 785 -53.62 -51.46 66.25
C ARG K 785 -53.20 -50.05 66.67
N SER K 786 -53.76 -49.54 67.76
CA SER K 786 -53.37 -48.22 68.24
C SER K 786 -51.88 -48.19 68.58
N ASP K 787 -51.40 -49.21 69.28
CA ASP K 787 -49.99 -49.32 69.58
C ASP K 787 -49.28 -50.08 68.46
N GLU K 788 -48.22 -49.48 67.92
CA GLU K 788 -47.49 -50.07 66.80
C GLU K 788 -46.54 -51.13 67.34
N LYS K 789 -47.11 -52.29 67.64
CA LYS K 789 -46.33 -53.46 68.02
C LYS K 789 -46.02 -54.35 66.82
N ARG K 790 -47.05 -54.78 66.10
CA ARG K 790 -46.91 -55.57 64.90
C ARG K 790 -47.24 -54.73 63.67
N ILE K 791 -46.94 -55.29 62.50
CA ILE K 791 -47.20 -54.59 61.24
C ILE K 791 -48.68 -54.77 60.90
N THR K 792 -49.41 -53.66 60.85
CA THR K 792 -50.84 -53.73 60.57
C THR K 792 -51.08 -54.21 59.14
N ALA K 793 -52.11 -55.02 58.97
CA ALA K 793 -52.41 -55.62 57.68
C ALA K 793 -53.24 -54.68 56.83
N THR K 794 -52.97 -54.67 55.52
CA THR K 794 -53.67 -53.80 54.59
C THR K 794 -54.10 -54.58 53.36
N THR K 795 -54.58 -53.87 52.33
CA THR K 795 -55.00 -54.52 51.09
C THR K 795 -53.83 -55.01 50.25
N ARG K 796 -52.65 -54.39 50.40
CA ARG K 796 -51.48 -54.85 49.69
C ARG K 796 -51.12 -56.28 50.05
N GLN K 797 -51.44 -56.73 51.27
CA GLN K 797 -51.21 -58.13 51.61
C GLN K 797 -52.15 -59.06 50.83
N LEU K 798 -53.40 -58.64 50.62
CA LEU K 798 -54.28 -59.42 49.76
C LEU K 798 -53.70 -59.53 48.36
N GLU K 799 -53.24 -58.41 47.82
CA GLU K 799 -52.64 -58.45 46.49
C GLU K 799 -51.37 -59.30 46.46
N SER K 800 -50.62 -59.29 47.56
CA SER K 800 -49.43 -60.14 47.65
C SER K 800 -49.79 -61.61 47.60
N MET K 801 -50.86 -62.00 48.30
CA MET K 801 -51.30 -63.39 48.22
C MET K 801 -51.71 -63.75 46.80
N ILE K 802 -52.43 -62.85 46.12
CA ILE K 802 -52.80 -63.11 44.73
C ILE K 802 -51.55 -63.34 43.88
N ARG K 803 -50.57 -62.44 44.01
CA ARG K 803 -49.38 -62.52 43.19
C ARG K 803 -48.59 -63.81 43.46
N LEU K 804 -48.42 -64.17 44.72
CA LEU K 804 -47.66 -65.37 45.04
C LEU K 804 -48.38 -66.64 44.61
N ALA K 805 -49.71 -66.69 44.72
CA ALA K 805 -50.44 -67.84 44.18
C ALA K 805 -50.24 -67.96 42.67
N GLU K 806 -50.31 -66.84 41.95
CA GLU K 806 -50.11 -66.90 40.51
C GLU K 806 -48.70 -67.35 40.16
N ALA K 807 -47.69 -66.87 40.90
CA ALA K 807 -46.31 -67.29 40.62
C ALA K 807 -46.11 -68.77 40.90
N HIS K 808 -46.67 -69.28 41.99
CA HIS K 808 -46.53 -70.70 42.28
C HIS K 808 -47.23 -71.55 41.23
N ALA K 809 -48.39 -71.08 40.74
CA ALA K 809 -49.04 -71.77 39.64
C ALA K 809 -48.15 -71.78 38.40
N LYS K 810 -47.54 -70.63 38.09
CA LYS K 810 -46.67 -70.57 36.91
C LYS K 810 -45.54 -71.57 37.02
N MET K 811 -44.91 -71.65 38.19
CA MET K 811 -44.03 -72.78 38.44
C MET K 811 -44.83 -74.08 38.35
N LYS K 812 -44.20 -75.12 37.82
CA LYS K 812 -44.79 -76.42 37.58
C LYS K 812 -45.63 -76.45 36.30
N LEU K 813 -45.75 -75.33 35.59
CA LEU K 813 -46.41 -75.29 34.29
C LEU K 813 -47.89 -75.69 34.39
N LYS K 814 -48.64 -74.90 35.13
CA LYS K 814 -50.09 -74.97 35.08
C LYS K 814 -50.67 -73.67 34.52
N ASN K 815 -51.94 -73.76 34.12
CA ASN K 815 -52.73 -72.59 33.77
C ASN K 815 -53.91 -72.42 34.72
N VAL K 816 -53.84 -73.06 35.89
CA VAL K 816 -54.95 -73.09 36.84
C VAL K 816 -54.35 -72.94 38.24
N VAL K 817 -54.83 -71.95 38.99
CA VAL K 817 -54.39 -71.75 40.36
C VAL K 817 -55.39 -72.44 41.28
N GLU K 818 -54.98 -73.53 41.91
CA GLU K 818 -55.86 -74.29 42.78
C GLU K 818 -55.60 -73.92 44.24
N LEU K 819 -56.27 -74.63 45.15
CA LEU K 819 -56.23 -74.27 46.56
C LEU K 819 -54.84 -74.42 47.15
N GLU K 820 -54.07 -75.40 46.68
CA GLU K 820 -52.72 -75.60 47.19
C GLU K 820 -51.89 -74.34 47.04
N ASP K 821 -52.08 -73.61 45.93
CA ASP K 821 -51.29 -72.41 45.70
C ASP K 821 -51.57 -71.36 46.76
N VAL K 822 -52.84 -71.12 47.09
CA VAL K 822 -53.17 -70.12 48.10
C VAL K 822 -52.68 -70.56 49.47
N GLN K 823 -52.81 -71.84 49.79
CA GLN K 823 -52.33 -72.30 51.09
C GLN K 823 -50.81 -72.13 51.19
N GLU K 824 -50.08 -72.44 50.12
CA GLU K 824 -48.64 -72.25 50.12
C GLU K 824 -48.28 -70.77 50.24
N ALA K 825 -49.03 -69.90 49.56
CA ALA K 825 -48.76 -68.47 49.64
C ALA K 825 -48.92 -67.95 51.06
N VAL K 826 -50.03 -68.32 51.71
CA VAL K 826 -50.25 -67.85 53.09
C VAL K 826 -49.21 -68.43 54.02
N ARG K 827 -48.88 -69.71 53.85
CA ARG K 827 -47.81 -70.33 54.63
C ARG K 827 -46.53 -69.52 54.51
N LEU K 828 -46.14 -69.17 53.28
CA LEU K 828 -44.91 -68.43 53.07
C LEU K 828 -44.97 -67.05 53.71
N ILE K 829 -46.09 -66.34 53.55
CA ILE K 829 -46.18 -65.00 54.11
C ILE K 829 -46.01 -65.04 55.62
N ARG K 830 -46.70 -65.97 56.29
CA ARG K 830 -46.54 -66.05 57.74
C ARG K 830 -45.13 -66.51 58.13
N SER K 831 -44.57 -67.47 57.39
CA SER K 831 -43.26 -68.02 57.77
C SER K 831 -42.16 -66.98 57.63
N ALA K 832 -42.29 -66.06 56.68
CA ALA K 832 -41.26 -65.03 56.50
C ALA K 832 -41.18 -64.11 57.71
N ILE K 833 -42.33 -63.63 58.20
CA ILE K 833 -42.35 -62.71 59.34
C ILE K 833 -42.16 -63.42 60.67
N LYS K 834 -42.01 -64.74 60.66
CA LYS K 834 -41.79 -65.52 61.87
C LYS K 834 -42.99 -65.43 62.80
N ASP K 835 -44.19 -65.54 62.26
CA ASP K 835 -45.41 -65.46 63.04
C ASP K 835 -45.70 -66.73 63.82
N TYR K 836 -44.93 -67.80 63.61
CA TYR K 836 -45.08 -69.03 64.37
C TYR K 836 -44.32 -69.01 65.69
N ALA K 837 -43.73 -67.87 66.06
CA ALA K 837 -43.05 -67.75 67.34
C ALA K 837 -43.31 -66.40 68.01
N THR K 838 -44.35 -65.67 67.62
CA THR K 838 -44.54 -64.31 68.16
C THR K 838 -45.67 -64.23 69.19
N ASP K 839 -45.46 -63.53 70.28
CA ASP K 839 -46.51 -63.27 71.29
C ASP K 839 -47.37 -62.16 70.70
N PRO K 840 -48.62 -62.44 70.40
CA PRO K 840 -49.48 -61.46 69.76
C PRO K 840 -49.71 -60.19 70.60
N LYS K 841 -49.39 -60.20 71.88
CA LYS K 841 -49.62 -59.04 72.79
C LYS K 841 -48.39 -58.13 72.90
N THR K 842 -47.21 -58.67 73.12
CA THR K 842 -46.03 -57.81 73.35
C THR K 842 -45.08 -57.82 72.16
N GLY K 843 -45.49 -58.32 71.01
CA GLY K 843 -44.58 -58.48 69.86
C GLY K 843 -43.19 -58.98 70.21
N LYS K 844 -43.05 -60.08 70.91
CA LYS K 844 -41.71 -60.64 71.24
C LYS K 844 -41.55 -62.03 70.63
N ILE K 845 -40.34 -62.48 70.37
CA ILE K 845 -40.05 -63.75 69.66
C ILE K 845 -39.44 -64.70 70.68
N ASP K 846 -39.94 -65.92 70.81
CA ASP K 846 -39.32 -66.93 71.71
C ASP K 846 -38.25 -67.59 70.85
N MET K 847 -36.99 -67.45 71.19
CA MET K 847 -35.90 -67.95 70.32
C MET K 847 -35.78 -69.45 70.51
N ASN K 848 -36.32 -69.97 71.60
CA ASN K 848 -36.30 -71.42 71.86
C ASN K 848 -37.16 -72.08 70.79
N LEU K 849 -38.07 -71.37 70.15
CA LEU K 849 -39.01 -71.92 69.16
C LEU K 849 -38.56 -71.62 67.73
N VAL K 850 -37.48 -70.89 67.51
CA VAL K 850 -37.01 -70.49 66.14
C VAL K 850 -36.02 -71.55 65.73
N GLN K 851 -36.41 -72.51 64.91
CA GLN K 851 -35.54 -73.66 64.60
C GLN K 851 -34.93 -73.52 63.21
N THR K 852 -33.70 -73.97 63.04
CA THR K 852 -32.92 -73.91 61.78
C THR K 852 -33.10 -75.25 61.07
N SER L 2 22.70 22.01 -2.10
CA SER L 2 22.78 21.65 -0.65
C SER L 2 22.46 22.84 0.24
N PHE L 3 21.22 23.34 0.16
CA PHE L 3 20.83 24.57 0.82
C PHE L 3 19.91 24.27 2.01
N ASP L 4 19.44 25.35 2.64
CA ASP L 4 18.76 25.32 3.93
C ASP L 4 17.26 25.57 3.76
N ARG L 5 16.57 25.68 4.90
CA ARG L 5 15.13 25.91 4.97
C ARG L 5 14.83 27.40 4.89
N PRO L 6 14.04 27.87 3.93
CA PRO L 6 13.59 29.26 3.96
C PRO L 6 12.53 29.51 5.01
N GLU L 7 12.44 30.77 5.44
CA GLU L 7 11.58 31.18 6.55
C GLU L 7 10.47 32.11 6.07
N ILE L 8 9.41 32.18 6.86
CA ILE L 8 8.34 33.18 6.69
C ILE L 8 8.19 33.92 8.01
N TYR L 9 8.16 35.25 7.94
CA TYR L 9 8.03 36.10 9.12
C TYR L 9 7.26 37.37 8.76
N SER L 10 6.83 38.09 9.79
CA SER L 10 5.86 39.16 9.62
C SER L 10 6.15 40.30 10.60
N ALA L 11 5.36 41.38 10.48
CA ALA L 11 5.48 42.57 11.30
C ALA L 11 4.30 43.51 11.05
N PRO L 12 3.75 44.18 12.07
CA PRO L 12 2.58 45.05 11.84
C PRO L 12 2.97 46.35 11.15
N VAL L 13 2.10 46.81 10.25
CA VAL L 13 2.35 48.04 9.51
C VAL L 13 1.17 49.02 9.57
N LEU L 14 -0.02 48.56 9.16
CA LEU L 14 -1.15 49.45 8.96
C LEU L 14 -2.37 48.98 9.74
N GLN L 15 -3.42 49.80 9.71
CA GLN L 15 -4.72 49.46 10.27
C GLN L 15 -5.55 48.78 9.20
N GLY L 16 -5.92 47.53 9.43
CA GLY L 16 -6.74 46.82 8.48
C GLY L 16 -8.17 47.28 8.51
N GLU L 17 -9.10 46.38 8.20
CA GLU L 17 -10.52 46.71 8.28
C GLU L 17 -10.94 46.89 9.74
N SER L 18 -11.90 47.77 9.97
CA SER L 18 -12.34 48.02 11.33
C SER L 18 -12.90 46.74 11.95
N PRO L 19 -12.77 46.57 13.25
CA PRO L 19 -12.99 45.25 13.84
C PRO L 19 -14.45 44.94 14.14
N ASN L 20 -14.92 43.80 13.67
CA ASN L 20 -16.23 43.32 14.05
C ASN L 20 -16.19 42.75 15.47
N ASP L 21 -17.23 43.04 16.24
CA ASP L 21 -17.23 42.65 17.66
C ASP L 21 -17.29 41.14 17.88
N ASP L 22 -17.79 40.37 16.91
CA ASP L 22 -17.76 38.92 17.03
C ASP L 22 -16.51 38.32 16.42
N ASP L 23 -15.42 39.08 16.37
CA ASP L 23 -14.13 38.54 15.94
C ASP L 23 -13.49 37.78 17.08
N ASN L 24 -12.69 36.76 16.74
CA ASN L 24 -12.05 35.96 17.78
C ASN L 24 -11.06 36.78 18.58
N THR L 25 -10.26 37.62 17.92
CA THR L 25 -9.28 38.42 18.66
C THR L 25 -9.95 39.41 19.59
N GLU L 26 -11.05 40.02 19.16
CA GLU L 26 -11.79 40.89 20.05
C GLU L 26 -12.38 40.13 21.23
N ILE L 27 -12.80 38.88 21.02
CA ILE L 27 -13.27 38.06 22.14
C ILE L 27 -12.13 37.85 23.13
N ILE L 28 -10.94 37.52 22.63
CA ILE L 28 -9.80 37.29 23.51
C ILE L 28 -9.46 38.57 24.28
N LYS L 29 -9.46 39.71 23.61
CA LYS L 29 -9.16 40.98 24.26
C LYS L 29 -10.21 41.39 25.28
N SER L 30 -11.51 41.20 24.98
CA SER L 30 -12.54 41.50 25.95
C SER L 30 -12.42 40.64 27.18
N PHE L 31 -12.08 39.38 27.04
CA PHE L 31 -11.96 38.43 28.15
C PHE L 31 -10.68 38.77 28.92
N LYS L 32 -9.60 39.27 28.29
CA LYS L 32 -8.41 39.69 29.01
C LYS L 32 -8.64 40.98 29.79
N ASN L 33 -9.43 41.90 29.23
CA ASN L 33 -9.84 43.07 30.01
C ASN L 33 -10.66 42.65 31.22
N PHE L 34 -11.60 41.73 31.03
CA PHE L 34 -12.42 41.27 32.14
C PHE L 34 -11.56 40.74 33.28
N ILE L 35 -10.53 39.96 32.95
CA ILE L 35 -9.74 39.32 34.01
C ILE L 35 -9.11 40.36 34.93
N LEU L 36 -8.49 41.40 34.38
CA LEU L 36 -7.71 42.35 35.18
C LEU L 36 -8.52 43.59 35.56
N GLU L 37 -9.78 43.67 35.17
CA GLU L 37 -10.58 44.85 35.46
C GLU L 37 -11.70 44.58 36.46
N PHE L 38 -12.47 43.53 36.21
CA PHE L 38 -13.68 43.26 36.98
C PHE L 38 -13.40 43.30 38.48
N ARG L 39 -14.24 44.06 39.20
CA ARG L 39 -14.08 44.28 40.62
C ARG L 39 -15.34 43.85 41.36
N LEU L 40 -15.16 43.34 42.57
CA LEU L 40 -16.26 43.06 43.49
C LEU L 40 -15.86 43.60 44.85
N ASP L 41 -16.60 44.59 45.35
CA ASP L 41 -16.18 45.39 46.50
C ASP L 41 -15.04 46.29 46.07
N SER L 42 -13.88 46.16 46.71
CA SER L 42 -12.68 46.91 46.32
C SER L 42 -11.50 46.01 46.00
N GLN L 43 -11.70 44.71 45.89
CA GLN L 43 -10.62 43.76 45.61
C GLN L 43 -10.78 43.20 44.21
N PHE L 44 -9.67 43.11 43.48
CA PHE L 44 -9.65 42.58 42.12
C PHE L 44 -9.43 41.07 42.23
N ILE L 45 -10.53 40.32 42.27
CA ILE L 45 -10.48 38.93 42.74
C ILE L 45 -9.63 38.08 41.82
N TYR L 46 -9.83 38.20 40.50
CA TYR L 46 -9.28 37.20 39.59
C TYR L 46 -7.78 37.38 39.37
N ARG L 47 -7.29 38.61 39.33
CA ARG L 47 -5.84 38.82 39.24
C ARG L 47 -5.13 38.25 40.46
N ASP L 48 -5.67 38.51 41.64
CA ASP L 48 -5.10 37.96 42.87
C ASP L 48 -5.15 36.43 42.85
N GLN L 49 -6.28 35.87 42.40
CA GLN L 49 -6.41 34.42 42.33
C GLN L 49 -5.37 33.83 41.38
N LEU L 50 -5.19 34.45 40.21
CA LEU L 50 -4.24 33.94 39.25
C LEU L 50 -2.82 33.99 39.79
N ARG L 51 -2.46 35.09 40.43
CA ARG L 51 -1.12 35.19 41.02
C ARG L 51 -0.91 34.10 42.07
N ASN L 52 -1.88 33.91 42.95
CA ASN L 52 -1.74 32.92 44.00
C ASN L 52 -1.65 31.52 43.43
N ASN L 53 -2.49 31.20 42.43
CA ASN L 53 -2.43 29.87 41.82
C ASN L 53 -1.09 29.63 41.14
N ILE L 54 -0.54 30.64 40.48
CA ILE L 54 0.77 30.45 39.84
C ILE L 54 1.84 30.23 40.89
N LEU L 55 1.74 30.87 42.06
CA LEU L 55 2.70 30.60 43.12
C LEU L 55 2.72 29.13 43.52
N VAL L 56 1.54 28.50 43.57
CA VAL L 56 1.45 27.11 44.03
C VAL L 56 1.32 26.10 42.91
N LYS L 57 1.60 26.48 41.66
CA LYS L 57 1.72 25.53 40.56
C LYS L 57 0.39 24.86 40.18
N ASN L 58 -0.73 25.48 40.54
CA ASN L 58 -2.03 25.02 40.04
C ASN L 58 -2.38 25.88 38.82
N TYR L 59 -2.31 25.28 37.63
CA TYR L 59 -2.54 26.01 36.39
C TYR L 59 -4.02 25.97 36.03
N SER L 60 -4.81 26.73 36.80
CA SER L 60 -6.25 26.74 36.62
C SER L 60 -6.85 28.00 37.20
N LEU L 61 -8.03 28.36 36.70
CA LEU L 61 -8.80 29.49 37.22
C LEU L 61 -10.26 29.09 37.34
N THR L 62 -10.84 29.33 38.51
CA THR L 62 -12.23 29.00 38.79
C THR L 62 -13.07 30.27 38.68
N VAL L 63 -14.02 30.28 37.74
CA VAL L 63 -14.82 31.45 37.43
C VAL L 63 -16.27 31.17 37.79
N ASN L 64 -16.86 32.07 38.57
CA ASN L 64 -18.29 31.97 38.87
C ASN L 64 -19.07 32.55 37.69
N MET L 65 -19.98 31.75 37.14
CA MET L 65 -20.52 32.05 35.82
C MET L 65 -21.39 33.30 35.82
N GLU L 66 -22.07 33.59 36.93
CA GLU L 66 -22.97 34.74 37.00
C GLU L 66 -22.25 36.05 37.27
N HIS L 67 -20.94 36.03 37.46
CA HIS L 67 -20.16 37.25 37.55
C HIS L 67 -20.00 37.95 36.21
N LEU L 68 -20.19 37.23 35.11
CA LEU L 68 -20.04 37.79 33.76
C LEU L 68 -21.34 38.27 33.15
N ILE L 69 -22.49 37.88 33.71
CA ILE L 69 -23.77 38.30 33.15
C ILE L 69 -24.11 39.69 33.67
N GLY L 70 -23.16 40.31 34.38
CA GLY L 70 -23.29 41.70 34.79
C GLY L 70 -22.15 42.55 34.29
N TYR L 71 -21.30 41.96 33.45
CA TYR L 71 -20.18 42.69 32.86
C TYR L 71 -20.31 42.74 31.33
N ASN L 72 -20.48 41.59 30.68
CA ASN L 72 -20.61 41.51 29.23
C ASN L 72 -21.58 40.37 28.92
N GLU L 73 -22.83 40.72 28.60
CA GLU L 73 -23.84 39.71 28.36
C GLU L 73 -23.66 39.02 27.02
N ASP L 74 -23.06 39.70 26.03
CA ASP L 74 -22.90 39.11 24.71
C ASP L 74 -22.02 37.87 24.76
N ILE L 75 -20.85 38.03 25.37
CA ILE L 75 -19.87 36.90 25.49
C ILE L 75 -20.47 35.84 26.42
N TYR L 76 -21.39 36.13 27.32
CA TYR L 76 -22.11 35.13 28.11
C TYR L 76 -23.06 34.32 27.23
N LYS L 77 -23.87 35.01 26.42
CA LYS L 77 -24.77 34.30 25.53
C LYS L 77 -24.00 33.38 24.59
N LYS L 78 -22.89 33.88 24.03
CA LYS L 78 -22.10 33.08 23.12
C LYS L 78 -21.55 31.84 23.83
N LEU L 79 -21.05 32.00 25.05
CA LEU L 79 -20.48 30.87 25.78
C LEU L 79 -21.55 29.84 26.10
N SER L 80 -22.74 30.27 26.51
CA SER L 80 -23.80 29.32 26.80
C SER L 80 -24.41 28.72 25.53
N ASP L 81 -24.10 29.27 24.36
CA ASP L 81 -24.66 28.77 23.11
C ASP L 81 -23.69 27.93 22.30
N GLU L 82 -22.40 28.27 22.25
CA GLU L 82 -21.42 27.52 21.48
C GLU L 82 -20.16 27.27 22.31
N PRO L 83 -20.27 26.49 23.39
CA PRO L 83 -19.17 26.40 24.36
C PRO L 83 -17.86 25.89 23.79
N SER L 84 -17.91 24.95 22.86
CA SER L 84 -16.69 24.34 22.33
C SER L 84 -15.82 25.33 21.56
N ASP L 85 -16.43 26.35 20.96
CA ASP L 85 -15.68 27.35 20.21
C ASP L 85 -15.14 28.46 21.10
N ILE L 86 -15.83 28.76 22.20
CA ILE L 86 -15.45 29.89 23.04
C ILE L 86 -14.45 29.46 24.11
N ILE L 87 -14.60 28.25 24.67
CA ILE L 87 -13.71 27.81 25.73
C ILE L 87 -12.25 27.82 25.28
N PRO L 88 -11.90 27.28 24.11
CA PRO L 88 -10.49 27.38 23.67
C PRO L 88 -10.00 28.81 23.59
N LEU L 89 -10.86 29.73 23.13
CA LEU L 89 -10.49 31.14 23.07
C LEU L 89 -10.27 31.74 24.44
N PHE L 90 -11.12 31.44 25.42
CA PHE L 90 -11.01 31.97 26.80
C PHE L 90 -9.78 31.34 27.47
N GLU L 91 -9.31 30.22 26.96
CA GLU L 91 -8.12 29.57 27.50
C GLU L 91 -6.82 30.17 27.00
N THR L 92 -6.87 31.04 25.99
CA THR L 92 -5.67 31.71 25.49
C THR L 92 -5.34 32.95 26.31
N ALA L 93 -6.36 33.68 26.72
CA ALA L 93 -6.17 34.92 27.47
C ALA L 93 -5.50 34.65 28.82
N ILE L 94 -5.95 33.59 29.50
CA ILE L 94 -5.38 33.29 30.82
C ILE L 94 -3.90 32.98 30.69
N THR L 95 -3.53 32.18 29.69
CA THR L 95 -2.12 31.89 29.47
C THR L 95 -1.35 33.16 29.16
N GLN L 96 -1.92 34.04 28.34
CA GLN L 96 -1.22 35.27 27.97
C GLN L 96 -0.96 36.14 29.20
N VAL L 97 -1.95 36.25 30.09
CA VAL L 97 -1.79 37.05 31.30
C VAL L 97 -0.75 36.42 32.23
N ALA L 98 -0.88 35.12 32.46
CA ALA L 98 0.04 34.44 33.37
C ALA L 98 1.47 34.50 32.87
N LYS L 99 1.65 34.55 31.55
CA LYS L 99 2.99 34.68 30.99
C LYS L 99 3.66 35.97 31.48
N ARG L 100 2.95 37.09 31.39
CA ARG L 100 3.50 38.34 31.88
C ARG L 100 3.74 38.29 33.38
N ILE L 101 2.79 37.72 34.12
CA ILE L 101 2.91 37.71 35.57
C ILE L 101 4.17 36.96 35.99
N SER L 102 4.41 35.80 35.40
CA SER L 102 5.60 35.03 35.76
C SER L 102 6.88 35.76 35.41
N ILE L 103 6.93 36.40 34.24
CA ILE L 103 8.15 37.07 33.82
C ILE L 103 8.45 38.26 34.73
N LEU L 104 7.43 39.02 35.12
CA LEU L 104 7.66 40.18 35.97
C LEU L 104 7.83 39.82 37.44
N SER L 105 7.40 38.65 37.87
CA SER L 105 7.52 38.24 39.26
C SER L 105 8.69 37.28 39.47
N ARG L 106 9.77 37.47 38.75
CA ARG L 106 10.98 36.66 38.91
C ARG L 106 12.22 37.50 38.73
N SER L 131 7.99 27.70 29.97
CA SER L 131 7.34 26.41 29.79
C SER L 131 6.04 26.35 30.58
N LEU L 132 5.03 27.10 30.15
CA LEU L 132 3.73 27.14 30.79
C LEU L 132 2.68 26.52 29.88
N PRO L 133 2.03 25.44 30.27
CA PRO L 133 1.05 24.81 29.38
C PRO L 133 -0.23 25.62 29.31
N THR L 134 -1.15 25.14 28.47
CA THR L 134 -2.45 25.78 28.38
C THR L 134 -3.12 25.71 29.75
N PHE L 135 -3.79 26.79 30.13
CA PHE L 135 -4.43 26.88 31.43
C PHE L 135 -5.83 26.30 31.37
N GLN L 136 -6.24 25.64 32.44
CA GLN L 136 -7.56 25.03 32.50
C GLN L 136 -8.58 25.99 33.12
N LEU L 137 -9.74 26.06 32.50
CA LEU L 137 -10.85 26.87 32.99
C LEU L 137 -11.87 25.96 33.66
N ILE L 138 -12.08 26.17 34.95
CA ILE L 138 -13.03 25.39 35.73
C ILE L 138 -14.20 26.31 36.05
N LEU L 139 -15.40 25.91 35.62
CA LEU L 139 -16.59 26.74 35.81
C LEU L 139 -17.37 26.24 37.02
N ASN L 140 -17.75 27.17 37.89
CA ASN L 140 -18.62 26.89 39.03
C ASN L 140 -19.81 27.83 38.97
N SER L 141 -21.00 27.30 39.21
CA SER L 141 -22.23 28.06 39.03
C SER L 141 -23.24 27.73 40.11
N ASN L 142 -24.12 28.68 40.39
CA ASN L 142 -25.26 28.51 41.30
C ASN L 142 -26.49 29.04 40.57
N ALA L 143 -27.21 28.16 39.89
CA ALA L 143 -28.35 28.57 39.08
C ALA L 143 -29.23 27.36 38.81
N ASN L 144 -30.17 27.52 37.88
CA ASN L 144 -31.12 26.49 37.51
C ASN L 144 -30.48 25.12 37.40
N GLN L 145 -31.21 24.08 37.79
CA GLN L 145 -30.71 22.70 37.74
C GLN L 145 -31.75 21.81 37.07
N ILE L 146 -31.48 21.43 35.83
CA ILE L 146 -32.33 20.48 35.12
C ILE L 146 -32.18 19.10 35.73
N PRO L 147 -33.24 18.34 35.97
CA PRO L 147 -33.08 16.96 36.44
C PRO L 147 -32.56 16.06 35.32
N LEU L 148 -32.02 14.91 35.73
CA LEU L 148 -31.38 14.00 34.78
C LEU L 148 -32.36 13.42 33.76
N ARG L 149 -33.65 13.31 34.10
CA ARG L 149 -34.65 12.80 33.17
C ARG L 149 -35.21 13.87 32.26
N ASP L 150 -34.85 15.14 32.46
CA ASP L 150 -35.35 16.24 31.63
C ASP L 150 -34.38 16.63 30.53
N LEU L 151 -33.65 15.67 29.98
CA LEU L 151 -32.67 15.92 28.92
C LEU L 151 -33.22 15.43 27.59
N ASP L 152 -33.08 16.27 26.57
CA ASP L 152 -33.72 16.01 25.28
C ASP L 152 -32.75 16.43 24.17
N SER L 153 -33.27 16.54 22.95
CA SER L 153 -32.43 16.92 21.82
C SER L 153 -32.07 18.40 21.86
N GLU L 154 -32.83 19.20 22.60
CA GLU L 154 -32.55 20.64 22.65
C GLU L 154 -31.18 20.94 23.24
N HIS L 155 -30.80 20.23 24.29
CA HIS L 155 -29.64 20.59 25.09
C HIS L 155 -28.32 20.11 24.51
N VAL L 156 -28.25 19.72 23.23
CA VAL L 156 -27.04 19.12 22.56
C VAL L 156 -26.11 20.21 22.02
N SER L 157 -24.87 20.30 22.50
CA SER L 157 -23.82 21.33 22.24
C SER L 157 -24.15 22.54 23.12
N LYS L 158 -24.83 22.35 24.24
CA LYS L 158 -25.23 23.45 25.16
C LYS L 158 -24.82 23.11 26.61
N ILE L 159 -24.76 24.09 27.51
CA ILE L 159 -24.28 23.96 28.88
C ILE L 159 -25.46 23.72 29.81
N VAL L 160 -25.34 22.71 30.67
CA VAL L 160 -26.40 22.29 31.59
C VAL L 160 -25.84 22.19 32.99
N ARG L 161 -26.72 22.28 33.99
CA ARG L 161 -26.36 22.14 35.40
C ARG L 161 -27.14 20.98 36.00
N LEU L 162 -26.42 20.05 36.65
CA LEU L 162 -27.00 18.78 37.05
C LEU L 162 -26.55 18.39 38.46
N SER L 163 -27.43 17.65 39.15
CA SER L 163 -27.17 17.15 40.49
C SER L 163 -27.36 15.64 40.50
N GLY L 164 -26.67 14.96 41.40
CA GLY L 164 -26.81 13.52 41.49
C GLY L 164 -25.84 12.93 42.49
N ILE L 165 -25.66 11.61 42.37
CA ILE L 165 -24.79 10.82 43.24
C ILE L 165 -23.83 10.04 42.38
N ILE L 166 -22.59 9.89 42.87
CA ILE L 166 -21.53 9.19 42.16
C ILE L 166 -21.53 7.73 42.59
N ILE L 167 -21.38 6.82 41.64
CA ILE L 167 -21.38 5.40 41.93
C ILE L 167 -20.16 4.69 41.33
N SER L 168 -19.54 5.30 40.33
CA SER L 168 -18.40 4.71 39.64
C SER L 168 -17.29 5.75 39.47
N THR L 169 -16.05 5.28 39.54
CA THR L 169 -14.88 6.07 39.16
C THR L 169 -13.83 5.11 38.64
N SER L 170 -13.45 5.29 37.38
CA SER L 170 -12.53 4.35 36.73
C SER L 170 -11.10 4.63 37.16
N VAL L 171 -10.14 4.00 36.50
CA VAL L 171 -8.73 4.26 36.72
C VAL L 171 -8.28 5.35 35.76
N LEU L 172 -7.25 6.09 36.15
CA LEU L 172 -6.76 7.17 35.32
C LEU L 172 -6.07 6.62 34.09
N SER L 173 -6.37 7.22 32.95
CA SER L 173 -5.79 6.83 31.66
C SER L 173 -4.81 7.89 31.21
N SER L 174 -3.90 7.51 30.31
CA SER L 174 -2.89 8.41 29.79
C SER L 174 -3.27 8.85 28.39
N ARG L 175 -3.21 10.16 28.15
CA ARG L 175 -3.46 10.75 26.84
C ARG L 175 -2.37 11.75 26.52
N ALA L 176 -2.03 11.85 25.24
CA ALA L 176 -0.91 12.65 24.78
C ALA L 176 -1.30 14.11 24.66
N THR L 177 -0.30 14.98 24.81
CA THR L 177 -0.47 16.40 24.58
C THR L 177 0.57 16.87 23.56
N TYR L 178 1.79 16.34 23.65
CA TYR L 178 2.87 16.67 22.73
C TYR L 178 3.49 15.38 22.25
N LEU L 179 3.56 15.20 20.93
CA LEU L 179 4.05 13.97 20.30
C LEU L 179 5.20 14.31 19.36
N SER L 180 6.28 13.54 19.46
CA SER L 180 7.39 13.61 18.52
C SER L 180 7.50 12.28 17.79
N ILE L 181 7.64 12.33 16.46
CA ILE L 181 7.57 11.14 15.63
C ILE L 181 8.72 11.12 14.64
N MET L 182 8.93 9.93 14.04
CA MET L 182 9.97 9.71 13.05
C MET L 182 9.49 8.68 12.04
N CYS L 183 9.96 8.78 10.78
CA CYS L 183 9.63 7.84 9.65
C CYS L 183 10.64 6.69 9.63
N ARG L 184 10.18 5.46 9.63
CA ARG L 184 11.03 4.28 9.72
C ARG L 184 11.83 4.05 8.43
N ASN L 185 11.44 4.54 7.25
CA ASN L 185 12.18 4.41 5.96
C ASN L 185 13.21 5.55 5.73
N CYS L 186 12.80 6.82 5.68
CA CYS L 186 13.67 7.98 5.32
C CYS L 186 14.22 8.75 6.53
N ARG L 187 13.63 8.67 7.70
CA ARG L 187 14.10 9.28 9.00
C ARG L 187 13.69 10.76 9.14
N HIS L 188 12.60 11.16 8.50
CA HIS L 188 12.02 12.53 8.62
C HIS L 188 11.39 12.69 10.01
N THR L 189 11.54 13.81 10.66
CA THR L 189 11.03 14.08 12.01
C THR L 189 10.08 15.27 12.00
N THR L 190 9.09 15.22 12.89
CA THR L 190 8.13 16.31 13.05
C THR L 190 7.53 16.21 14.45
N SER L 191 6.51 17.03 14.70
CA SER L 191 5.90 17.15 16.02
C SER L 191 4.39 17.30 15.88
N ILE L 192 3.68 17.08 16.98
CA ILE L 192 2.23 17.27 17.05
C ILE L 192 1.87 17.83 18.41
N THR L 193 0.91 18.76 18.44
CA THR L 193 0.41 19.37 19.66
C THR L 193 -1.09 19.20 19.72
N ILE L 194 -1.61 18.74 20.86
CA ILE L 194 -3.03 18.53 21.06
C ILE L 194 -3.49 19.40 22.23
N ASN L 195 -4.55 20.17 22.03
CA ASN L 195 -5.19 20.96 23.08
C ASN L 195 -6.71 20.78 23.07
N ASN L 196 -7.16 19.58 22.68
CA ASN L 196 -8.59 19.25 22.65
C ASN L 196 -8.71 17.77 23.04
N PHE L 197 -9.00 17.52 24.31
CA PHE L 197 -9.03 16.17 24.88
C PHE L 197 -10.44 15.75 25.24
N ASN L 198 -11.44 16.47 24.72
CA ASN L 198 -12.81 16.28 25.16
C ASN L 198 -13.53 15.13 24.47
N SER L 199 -12.97 14.61 23.39
CA SER L 199 -13.70 13.64 22.58
C SER L 199 -13.46 12.22 23.07
N ILE L 200 -14.50 11.63 23.66
CA ILE L 200 -14.49 10.23 24.03
C ILE L 200 -15.89 9.84 24.52
N THR L 204 -10.85 13.34 16.65
CA THR L 204 -9.61 13.02 17.36
C THR L 204 -8.42 13.13 16.42
N VAL L 205 -7.28 13.55 16.96
CA VAL L 205 -6.07 13.61 16.16
C VAL L 205 -5.55 12.19 15.93
N SER L 206 -4.83 12.03 14.81
CA SER L 206 -4.29 10.74 14.41
C SER L 206 -2.91 10.95 13.83
N LEU L 207 -2.20 9.85 13.61
CA LEU L 207 -0.87 9.97 13.02
C LEU L 207 -0.97 10.12 11.50
N PRO L 208 -0.10 10.89 10.86
CA PRO L 208 -0.20 11.05 9.41
C PRO L 208 -0.08 9.72 8.68
N ARG L 209 -0.82 9.59 7.59
CA ARG L 209 -0.84 8.32 6.86
C ARG L 209 0.28 8.22 5.84
N SER L 210 0.76 9.35 5.32
CA SER L 210 1.84 9.37 4.34
C SER L 210 2.96 10.25 4.84
N CYS L 211 4.18 9.98 4.37
CA CYS L 211 5.40 10.75 4.78
C CYS L 211 5.25 12.20 4.31
N LEU L 212 5.51 13.14 5.19
CA LEU L 212 5.34 14.56 4.89
C LEU L 212 6.56 15.17 4.21
N SER L 213 7.60 14.41 3.97
CA SER L 213 8.85 14.86 3.30
C SER L 213 8.55 15.21 1.85
N THR L 214 7.63 14.52 1.21
CA THR L 214 7.33 14.78 -0.18
C THR L 214 6.51 16.04 -0.37
N ILE L 215 5.48 16.24 0.47
CA ILE L 215 4.64 17.42 0.32
C ILE L 215 5.34 18.68 0.80
N GLU L 216 6.31 18.55 1.70
CA GLU L 216 7.15 19.67 2.11
C GLU L 216 8.46 19.61 1.33
N SER L 217 8.39 19.92 0.04
CA SER L 217 9.58 19.97 -0.78
C SER L 217 10.39 21.18 -0.35
N GLU L 218 11.19 21.01 0.70
CA GLU L 218 11.67 22.15 1.48
C GLU L 218 13.08 22.54 1.06
N SER L 219 14.00 21.58 1.10
CA SER L 219 15.38 21.84 0.72
C SER L 219 15.60 21.48 -0.75
N SER L 220 16.63 22.09 -1.33
CA SER L 220 16.98 21.81 -2.71
C SER L 220 17.68 20.48 -2.89
N MET L 221 18.36 19.99 -1.86
CA MET L 221 18.95 18.66 -1.88
C MET L 221 18.01 17.60 -1.35
N ALA L 222 16.96 17.99 -0.63
CA ALA L 222 15.97 17.04 -0.15
C ALA L 222 15.15 16.44 -1.27
N ASN L 223 14.66 17.25 -2.20
CA ASN L 223 13.95 16.70 -3.36
C ASN L 223 14.88 15.90 -4.26
N GLU L 224 16.19 16.04 -4.10
CA GLU L 224 17.15 15.21 -4.82
C GLU L 224 17.45 13.90 -4.11
N SER L 225 17.44 13.90 -2.78
CA SER L 225 17.55 12.65 -2.04
C SER L 225 16.29 11.80 -2.18
N ASN L 226 15.18 12.43 -2.58
CA ASN L 226 13.93 11.70 -2.73
C ASN L 226 13.89 10.88 -4.00
N ILE L 227 14.92 10.97 -4.85
CA ILE L 227 14.94 10.26 -6.13
C ILE L 227 16.14 9.33 -6.14
N GLY L 228 16.33 8.62 -7.25
CA GLY L 228 17.39 7.65 -7.35
C GLY L 228 16.83 6.24 -7.49
N ASP L 229 17.66 5.28 -7.09
CA ASP L 229 17.30 3.86 -7.19
C ASP L 229 16.84 3.52 -8.61
N GLU L 230 17.67 3.89 -9.58
CA GLU L 230 17.36 3.73 -11.00
C GLU L 230 16.12 4.57 -11.30
N SER L 231 15.03 3.99 -11.79
CA SER L 231 13.83 4.75 -12.15
C SER L 231 12.68 4.26 -11.26
N THR L 232 12.32 5.08 -10.28
CA THR L 232 11.19 4.81 -9.39
C THR L 232 10.98 6.03 -8.52
N LYS L 233 9.91 6.02 -7.73
CA LYS L 233 9.57 7.11 -6.82
C LYS L 233 9.71 6.60 -5.40
N LYS L 234 10.34 7.38 -4.53
CA LYS L 234 10.49 7.03 -3.10
C LYS L 234 9.13 6.67 -2.57
N ASN L 235 8.94 5.47 -2.08
CA ASN L 235 7.70 5.07 -1.43
C ASN L 235 8.05 4.58 -0.02
N CYS L 236 7.61 5.34 0.98
CA CYS L 236 7.96 5.07 2.39
C CYS L 236 7.06 3.93 2.89
N GLY L 237 5.79 3.91 2.53
CA GLY L 237 4.91 2.81 2.91
C GLY L 237 3.54 3.28 3.27
N PRO L 238 2.65 2.39 3.73
CA PRO L 238 1.28 2.79 3.99
C PRO L 238 1.10 3.67 5.24
N ASP L 239 1.79 3.35 6.34
CA ASP L 239 1.74 4.19 7.58
C ASP L 239 3.10 4.05 8.28
N PRO L 240 4.09 4.93 8.03
CA PRO L 240 5.44 4.76 8.58
C PRO L 240 5.91 5.64 9.75
N TYR L 241 5.01 6.00 10.68
CA TYR L 241 5.43 6.95 11.76
C TYR L 241 5.52 6.24 13.12
N ILE L 242 6.68 6.35 13.80
CA ILE L 242 6.89 5.70 15.12
C ILE L 242 6.93 6.83 16.16
N ILE L 243 6.40 6.62 17.34
CA ILE L 243 6.38 7.62 18.40
C ILE L 243 7.62 7.46 19.25
N ILE L 244 8.36 8.56 19.46
CA ILE L 244 9.50 8.56 20.36
C ILE L 244 8.99 8.99 21.73
N HIS L 245 8.89 8.02 22.65
CA HIS L 245 8.12 8.22 23.86
C HIS L 245 8.85 9.09 24.89
N GLU L 246 10.18 9.03 24.95
CA GLU L 246 10.89 9.82 25.94
C GLU L 246 10.80 11.31 25.65
N SER L 247 10.39 11.68 24.44
CA SER L 247 10.28 13.08 24.05
C SER L 247 8.84 13.57 24.01
N SER L 248 7.90 12.81 24.57
CA SER L 248 6.48 13.17 24.55
C SER L 248 5.96 13.40 25.96
N LYS L 249 4.84 14.12 26.04
CA LYS L 249 4.22 14.52 27.30
C LYS L 249 2.77 14.04 27.33
N PHE L 250 2.24 13.82 28.53
CA PHE L 250 0.95 13.16 28.71
C PHE L 250 0.15 13.81 29.84
N ILE L 251 -1.16 13.50 29.85
CA ILE L 251 -2.08 13.97 30.88
C ILE L 251 -3.05 12.85 31.26
N ASP L 252 -3.85 13.11 32.29
CA ASP L 252 -4.71 12.10 32.91
C ASP L 252 -6.18 12.33 32.54
N GLN L 253 -6.91 11.23 32.40
CA GLN L 253 -8.32 11.25 32.01
C GLN L 253 -9.07 10.23 32.84
N GLN L 254 -10.32 10.55 33.19
CA GLN L 254 -11.14 9.70 34.06
C GLN L 254 -12.56 9.61 33.53
N PHE L 255 -13.25 8.53 33.93
CA PHE L 255 -14.66 8.32 33.62
C PHE L 255 -15.45 8.19 34.92
N LEU L 256 -16.62 8.81 34.94
CA LEU L 256 -17.51 8.78 36.09
C LEU L 256 -18.93 8.48 35.64
N LYS L 257 -19.75 7.94 36.54
CA LYS L 257 -21.18 7.76 36.31
C LYS L 257 -21.98 8.44 37.40
N LEU L 258 -22.92 9.28 36.99
CA LEU L 258 -23.85 9.97 37.88
C LEU L 258 -25.19 9.26 37.83
N GLN L 259 -25.83 9.14 38.99
CA GLN L 259 -27.13 8.52 39.10
C GLN L 259 -28.11 9.49 39.74
N GLU L 260 -29.37 9.42 39.30
CA GLU L 260 -30.41 10.23 39.90
C GLU L 260 -30.58 9.85 41.37
N ILE L 261 -31.08 10.79 42.16
CA ILE L 261 -31.25 10.55 43.59
C ILE L 261 -32.14 9.32 43.75
N PRO L 262 -31.73 8.29 44.48
CA PRO L 262 -32.51 7.05 44.51
C PRO L 262 -33.87 7.19 45.16
N GLU L 263 -34.27 8.40 45.55
CA GLU L 263 -35.50 8.60 46.29
C GLU L 263 -36.64 9.09 45.40
N LEU L 264 -36.39 10.06 44.53
CA LEU L 264 -37.43 10.62 43.67
C LEU L 264 -37.43 9.89 42.31
N VAL L 265 -37.58 8.57 42.37
CA VAL L 265 -37.50 7.73 41.18
C VAL L 265 -38.88 7.15 40.90
N PRO L 266 -39.27 6.94 39.64
CA PRO L 266 -40.52 6.24 39.37
C PRO L 266 -40.58 4.88 40.01
N VAL L 267 -41.75 4.50 40.50
CA VAL L 267 -41.89 3.29 41.30
C VAL L 267 -41.87 2.08 40.37
N GLY L 268 -40.89 1.19 40.57
CA GLY L 268 -40.81 -0.02 39.79
C GLY L 268 -39.96 0.08 38.54
N GLU L 269 -39.11 1.09 38.42
CA GLU L 269 -38.23 1.23 37.27
C GLU L 269 -36.79 1.38 37.75
N MET L 270 -35.86 0.89 36.93
CA MET L 270 -34.45 1.00 37.26
C MET L 270 -33.97 2.44 37.12
N PRO L 271 -33.18 2.95 38.06
CA PRO L 271 -32.67 4.32 37.94
C PRO L 271 -31.76 4.46 36.72
N ARG L 272 -31.82 5.63 36.10
CA ARG L 272 -31.01 5.93 34.93
C ARG L 272 -29.73 6.64 35.33
N ASN L 273 -28.69 6.46 34.52
CA ASN L 273 -27.37 7.01 34.79
C ASN L 273 -26.78 7.59 33.51
N LEU L 274 -25.77 8.43 33.68
CA LEU L 274 -25.07 9.11 32.56
C LEU L 274 -23.55 8.92 32.72
N THR L 275 -22.81 8.99 31.64
CA THR L 275 -21.36 8.82 31.62
C THR L 275 -20.68 10.16 31.44
N MET L 276 -19.72 10.49 32.26
CA MET L 276 -19.07 11.80 32.26
C MET L 276 -17.56 11.62 32.12
N THR L 277 -16.87 12.56 31.51
CA THR L 277 -15.44 12.55 31.28
C THR L 277 -14.80 13.83 31.81
N CYS L 278 -13.63 13.69 32.43
CA CYS L 278 -12.90 14.80 33.01
C CYS L 278 -11.41 14.55 32.86
N ASP L 279 -10.61 15.61 33.01
CA ASP L 279 -9.17 15.48 32.88
C ASP L 279 -8.46 16.59 33.63
N ARG L 280 -7.13 16.55 33.57
CA ARG L 280 -6.22 17.48 34.22
C ARG L 280 -6.60 17.75 35.67
N TYR L 281 -6.94 18.99 36.02
CA TYR L 281 -7.03 19.39 37.42
C TYR L 281 -8.39 19.07 38.04
N LEU L 282 -9.16 18.16 37.45
CA LEU L 282 -10.43 17.74 38.01
C LEU L 282 -10.44 16.28 38.45
N THR L 283 -9.32 15.58 38.35
CA THR L 283 -9.29 14.14 38.65
C THR L 283 -9.05 13.91 40.13
N ASN L 284 -9.61 12.81 40.64
CA ASN L 284 -9.45 12.39 42.04
C ASN L 284 -10.02 13.41 43.02
N LYS L 285 -11.03 14.16 42.60
CA LYS L 285 -11.66 15.17 43.44
C LYS L 285 -12.89 14.65 44.19
N VAL L 286 -13.42 13.49 43.81
CA VAL L 286 -14.63 12.95 44.42
C VAL L 286 -14.46 11.46 44.65
N ILE L 287 -15.32 10.91 45.50
CA ILE L 287 -15.37 9.47 45.74
C ILE L 287 -16.81 9.00 45.63
N PRO L 288 -17.06 7.73 45.28
CA PRO L 288 -18.44 7.25 45.18
C PRO L 288 -19.17 7.35 46.52
N GLY L 289 -20.42 7.83 46.46
CA GLY L 289 -21.22 8.04 47.66
C GLY L 289 -21.47 9.51 47.93
N THR L 290 -20.94 10.38 47.08
CA THR L 290 -21.02 11.82 47.27
C THR L 290 -22.11 12.40 46.37
N ARG L 291 -22.81 13.41 46.88
CA ARG L 291 -23.80 14.15 46.10
C ARG L 291 -23.18 15.44 45.59
N VAL L 292 -23.24 15.64 44.28
CA VAL L 292 -22.41 16.64 43.62
C VAL L 292 -23.24 17.47 42.65
N THR L 293 -22.72 18.65 42.32
CA THR L 293 -23.27 19.52 41.29
C THR L 293 -22.25 19.62 40.16
N ILE L 294 -22.69 19.32 38.95
CA ILE L 294 -21.82 19.24 37.78
C ILE L 294 -22.29 20.24 36.74
N VAL L 295 -21.35 20.94 36.13
CA VAL L 295 -21.61 21.82 34.99
C VAL L 295 -20.84 21.27 33.80
N GLY L 296 -21.53 21.10 32.68
CA GLY L 296 -20.86 20.48 31.54
C GLY L 296 -21.58 20.71 30.23
N ILE L 297 -21.05 20.08 29.19
CA ILE L 297 -21.58 20.16 27.84
C ILE L 297 -22.21 18.81 27.50
N TYR L 298 -23.40 18.84 26.92
CA TYR L 298 -24.12 17.64 26.51
C TYR L 298 -23.75 17.30 25.07
N SER L 299 -23.03 16.19 24.87
CA SER L 299 -22.54 15.79 23.57
C SER L 299 -22.81 14.31 23.37
N ILE L 300 -22.39 13.78 22.21
CA ILE L 300 -22.68 12.41 21.82
C ILE L 300 -21.43 11.75 21.25
N TYR L 301 -21.43 10.42 21.23
CA TYR L 301 -20.44 9.64 20.52
C TYR L 301 -21.09 8.38 19.95
N ASN L 302 -20.45 7.80 18.95
CA ASN L 302 -21.00 6.68 18.19
C ASN L 302 -20.48 5.38 18.78
N SER L 303 -21.39 4.45 19.04
CA SER L 303 -21.02 3.15 19.57
C SER L 303 -21.87 2.04 18.96
N SER L 319 -29.37 -1.08 18.22
CA SER L 319 -30.10 -1.28 16.96
C SER L 319 -30.92 -0.04 16.64
N GLY L 320 -30.95 0.31 15.37
CA GLY L 320 -31.64 1.51 14.91
C GLY L 320 -30.84 2.11 13.77
N VAL L 321 -31.54 2.87 12.92
CA VAL L 321 -30.92 3.34 11.69
C VAL L 321 -29.77 4.31 12.00
N ALA L 322 -29.99 5.28 12.89
CA ALA L 322 -28.95 6.26 13.21
C ALA L 322 -29.13 6.72 14.66
N ILE L 323 -28.43 6.08 15.58
CA ILE L 323 -28.56 6.33 17.00
C ILE L 323 -27.19 6.65 17.56
N ARG L 324 -27.14 7.61 18.49
CA ARG L 324 -25.91 8.03 19.14
C ARG L 324 -26.09 8.03 20.65
N THR L 325 -24.97 7.90 21.36
CA THR L 325 -24.98 7.76 22.82
C THR L 325 -24.58 9.07 23.49
N PRO L 326 -25.36 9.59 24.42
CA PRO L 326 -25.02 10.87 25.05
C PRO L 326 -24.01 10.75 26.17
N TYR L 327 -23.33 11.87 26.43
CA TYR L 327 -22.41 11.95 27.56
C TYR L 327 -22.12 13.43 27.82
N ILE L 328 -21.55 13.70 29.01
CA ILE L 328 -21.32 15.06 29.48
C ILE L 328 -19.82 15.27 29.65
N LYS L 329 -19.33 16.40 29.17
CA LYS L 329 -17.97 16.86 29.44
C LYS L 329 -17.98 17.73 30.68
N ILE L 330 -17.21 17.34 31.68
CA ILE L 330 -17.19 18.03 32.97
C ILE L 330 -16.52 19.40 32.79
N LEU L 331 -17.11 20.43 33.40
CA LEU L 331 -16.46 21.71 33.51
C LEU L 331 -16.39 22.23 34.94
N GLY L 332 -17.10 21.60 35.88
CA GLY L 332 -17.02 22.01 37.27
C GLY L 332 -17.55 20.94 38.19
N ILE L 333 -17.04 20.93 39.41
CA ILE L 333 -17.47 20.02 40.46
C ILE L 333 -17.69 20.80 41.75
N GLN L 334 -18.83 20.58 42.39
CA GLN L 334 -19.11 21.12 43.72
C GLN L 334 -19.87 20.08 44.50
N SER L 335 -19.39 19.77 45.71
CA SER L 335 -19.95 18.72 46.54
C SER L 335 -20.81 19.35 47.63
N ASP L 336 -22.03 18.81 47.79
CA ASP L 336 -22.93 19.31 48.83
C ASP L 336 -22.23 19.35 50.19
N VAL L 337 -21.90 18.18 50.70
CA VAL L 337 -21.06 18.00 51.89
C VAL L 337 -20.50 16.60 51.83
N GLU L 338 -19.27 16.42 52.27
CA GLU L 338 -18.59 15.14 52.19
C GLU L 338 -18.72 14.38 53.50
N THR L 339 -18.62 13.06 53.41
CA THR L 339 -18.65 12.19 54.59
C THR L 339 -17.26 12.20 55.22
N SER L 340 -17.15 12.85 56.39
CA SER L 340 -15.86 13.02 57.00
C SER L 340 -15.24 11.68 57.36
N SER L 341 -13.92 11.60 57.22
CA SER L 341 -13.17 10.38 57.49
C SER L 341 -11.75 10.80 57.87
N ILE L 342 -10.88 9.79 58.05
CA ILE L 342 -9.55 10.07 58.58
C ILE L 342 -8.64 10.69 57.53
N TRP L 343 -9.07 10.76 56.27
CA TRP L 343 -8.25 11.34 55.21
C TRP L 343 -8.69 12.73 54.79
N ASN L 344 -9.99 12.98 54.67
CA ASN L 344 -10.48 14.28 54.23
C ASN L 344 -10.86 15.15 55.43
N SER L 345 -9.84 15.52 56.21
CA SER L 345 -10.00 16.38 57.37
C SER L 345 -8.99 17.51 57.31
N VAL L 346 -9.32 18.60 58.00
CA VAL L 346 -8.46 19.78 58.04
C VAL L 346 -7.57 19.70 59.28
N THR L 347 -6.26 19.90 59.08
CA THR L 347 -5.30 19.89 60.17
C THR L 347 -4.45 21.15 60.19
N MET L 348 -5.03 22.27 59.75
CA MET L 348 -4.38 23.57 59.84
C MET L 348 -5.42 24.59 60.27
N PHE L 349 -4.98 25.62 61.00
CA PHE L 349 -5.88 26.49 61.72
C PHE L 349 -5.61 27.95 61.39
N THR L 350 -6.70 28.70 61.23
CA THR L 350 -6.63 30.13 60.97
C THR L 350 -6.28 30.88 62.24
N GLU L 351 -5.51 31.96 62.10
CA GLU L 351 -5.03 32.69 63.27
C GLU L 351 -6.17 33.28 64.08
N GLU L 352 -7.20 33.80 63.42
CA GLU L 352 -8.31 34.41 64.15
C GLU L 352 -9.06 33.35 64.96
N GLU L 353 -9.32 32.18 64.38
CA GLU L 353 -9.96 31.11 65.15
C GLU L 353 -9.05 30.64 66.28
N GLU L 354 -7.74 30.59 66.04
CA GLU L 354 -6.82 30.17 67.09
C GLU L 354 -6.89 31.13 68.27
N GLU L 355 -6.89 32.44 67.99
CA GLU L 355 -7.02 33.41 69.07
C GLU L 355 -8.38 33.32 69.74
N GLU L 356 -9.44 33.11 68.95
CA GLU L 356 -10.77 32.92 69.50
C GLU L 356 -10.79 31.80 70.53
N PHE L 357 -10.24 30.64 70.17
CA PHE L 357 -10.26 29.50 71.07
C PHE L 357 -9.28 29.66 72.23
N LEU L 358 -8.16 30.33 72.08
CA LEU L 358 -7.23 30.60 73.21
C LEU L 358 -7.89 31.59 74.18
N GLN L 359 -8.78 32.49 73.72
CA GLN L 359 -9.56 33.32 74.62
C GLN L 359 -10.74 32.57 75.25
N LEU L 360 -11.34 31.65 74.52
CA LEU L 360 -12.38 30.79 75.07
C LEU L 360 -11.86 29.82 76.12
N SER L 361 -10.63 29.33 75.96
CA SER L 361 -10.04 28.45 76.97
C SER L 361 -9.90 29.17 78.30
N ARG L 362 -9.51 30.46 78.27
CA ARG L 362 -9.33 31.21 79.50
C ARG L 362 -10.66 31.61 80.12
N ASN L 363 -11.78 31.19 79.53
CA ASN L 363 -13.10 31.48 80.07
C ASN L 363 -13.15 30.96 81.51
N PRO L 364 -13.53 31.79 82.48
CA PRO L 364 -13.36 31.39 83.88
C PRO L 364 -14.07 30.10 84.23
N LYS L 365 -15.37 29.99 83.96
CA LYS L 365 -16.13 28.74 84.20
C LYS L 365 -16.61 28.19 82.86
N LEU L 366 -15.76 27.50 82.10
CA LEU L 366 -16.10 26.93 80.79
C LEU L 366 -16.65 25.53 80.92
N TYR L 367 -16.18 24.79 81.93
CA TYR L 367 -16.69 23.46 82.24
C TYR L 367 -18.21 23.46 82.18
N GLU L 368 -18.82 24.35 82.94
CA GLU L 368 -20.28 24.42 83.06
C GLU L 368 -20.91 24.88 81.74
N ILE L 369 -20.25 25.74 80.97
CA ILE L 369 -20.80 26.15 79.68
C ILE L 369 -20.86 24.95 78.73
N LEU L 370 -19.77 24.19 78.64
CA LEU L 370 -19.75 23.01 77.78
C LEU L 370 -20.82 22.01 78.22
N THR L 371 -20.84 21.69 79.52
CA THR L 371 -21.84 20.74 79.99
C THR L 371 -23.25 21.22 79.69
N ASN L 372 -23.45 22.55 79.66
CA ASN L 372 -24.71 23.11 79.26
C ASN L 372 -24.99 22.95 77.77
N SER L 373 -23.95 23.00 76.94
CA SER L 373 -24.13 22.92 75.50
C SER L 373 -24.32 21.51 74.98
N ILE L 374 -23.76 20.44 75.63
CA ILE L 374 -23.91 18.98 75.21
C ILE L 374 -25.35 18.53 75.51
N ALA L 375 -26.28 18.68 74.56
CA ALA L 375 -27.67 18.28 74.74
C ALA L 375 -28.33 19.23 75.74
N PRO L 376 -28.52 20.50 75.37
CA PRO L 376 -29.26 21.42 76.25
C PRO L 376 -30.75 21.20 76.26
N SER L 377 -31.30 20.36 75.38
CA SER L 377 -32.72 20.06 75.37
C SER L 377 -33.09 18.89 76.27
N ILE L 378 -32.11 18.24 76.90
CA ILE L 378 -32.37 17.16 77.83
C ILE L 378 -32.58 17.75 79.22
N PHE L 379 -33.59 17.25 79.92
CA PHE L 379 -33.86 17.67 81.29
C PHE L 379 -33.23 16.66 82.24
N GLY L 380 -32.37 17.14 83.13
CA GLY L 380 -31.62 16.29 84.03
C GLY L 380 -30.42 15.69 83.34
N ASN L 381 -29.91 14.61 83.93
CA ASN L 381 -28.83 13.84 83.33
C ASN L 381 -27.55 14.66 83.22
N GLU L 382 -27.15 15.28 84.32
CA GLU L 382 -25.92 16.08 84.33
C GLU L 382 -24.67 15.24 84.49
N ASP L 383 -24.70 14.24 85.36
CA ASP L 383 -23.59 13.31 85.47
C ASP L 383 -23.37 12.61 84.14
N ILE L 384 -24.45 12.23 83.45
CA ILE L 384 -24.32 11.59 82.15
C ILE L 384 -23.63 12.53 81.17
N LYS L 385 -24.04 13.81 81.18
CA LYS L 385 -23.52 14.75 80.19
C LYS L 385 -22.04 15.04 80.42
N LYS L 386 -21.62 15.20 81.68
CA LYS L 386 -20.20 15.44 81.94
C LYS L 386 -19.36 14.26 81.49
N ALA L 387 -19.90 13.04 81.64
CA ALA L 387 -19.22 11.87 81.13
C ALA L 387 -18.96 11.99 79.64
N ILE L 388 -19.93 12.48 78.87
CA ILE L 388 -19.76 12.64 77.44
C ILE L 388 -18.77 13.76 77.11
N VAL L 389 -18.79 14.85 77.89
CA VAL L 389 -17.80 15.89 77.72
C VAL L 389 -16.40 15.32 77.83
N CYS L 390 -16.17 14.49 78.86
CA CYS L 390 -14.88 13.84 79.01
C CYS L 390 -14.65 12.79 77.92
N LEU L 391 -15.73 12.17 77.43
CA LEU L 391 -15.61 11.10 76.45
C LEU L 391 -15.04 11.63 75.14
N LEU L 392 -15.59 12.73 74.65
CA LEU L 392 -15.23 13.21 73.32
C LEU L 392 -13.79 13.70 73.24
N MET L 393 -13.07 13.77 74.35
CA MET L 393 -11.68 14.34 74.38
C MET L 393 -10.70 13.19 74.47
N GLY L 394 -11.11 12.06 75.03
CA GLY L 394 -10.25 10.90 75.06
C GLY L 394 -9.01 11.11 75.91
N GLY L 395 -8.40 9.99 76.29
CA GLY L 395 -7.19 10.01 77.07
C GLY L 395 -5.95 10.19 76.22
N SER L 396 -4.80 10.21 76.89
CA SER L 396 -3.53 10.45 76.22
C SER L 396 -2.98 9.13 75.70
N LYS L 397 -2.75 9.08 74.39
CA LYS L 397 -2.21 7.88 73.75
C LYS L 397 -0.72 7.76 74.10
N LYS L 398 -0.29 6.56 74.46
CA LYS L 398 1.07 6.33 74.92
C LYS L 398 1.64 5.10 74.25
N ILE L 399 2.76 5.27 73.54
CA ILE L 399 3.46 4.20 72.86
C ILE L 399 4.78 3.98 73.60
N LEU L 400 5.01 2.77 74.06
CA LEU L 400 6.12 2.45 74.93
C LEU L 400 7.20 1.67 74.20
N PRO L 401 8.43 1.69 74.71
CA PRO L 401 9.55 1.08 73.98
C PRO L 401 9.63 -0.43 74.11
N ASP L 402 8.62 -1.06 74.71
CA ASP L 402 8.56 -2.51 74.85
C ASP L 402 7.71 -3.11 73.73
N GLY L 403 7.38 -2.30 72.74
CA GLY L 403 6.45 -2.70 71.70
C GLY L 403 5.02 -2.55 72.15
N MET L 404 4.80 -2.49 73.47
CA MET L 404 3.45 -2.50 74.08
C MET L 404 2.75 -1.18 73.84
N ARG L 405 1.44 -1.15 73.71
CA ARG L 405 0.68 0.03 73.30
C ARG L 405 -0.41 0.24 74.33
N LEU L 406 -0.26 1.22 75.24
CA LEU L 406 -1.33 1.56 76.24
C LEU L 406 -2.30 2.54 75.56
N ARG L 407 -3.56 2.22 75.38
CA ARG L 407 -4.53 3.01 74.65
C ARG L 407 -4.99 4.21 75.48
N GLY L 408 -5.49 5.23 74.78
CA GLY L 408 -6.32 6.21 75.46
C GLY L 408 -7.65 6.41 74.75
N ASP L 409 -8.73 5.92 75.33
CA ASP L 409 -10.10 6.19 74.84
C ASP L 409 -11.04 5.82 75.99
N ILE L 410 -12.29 6.24 75.98
CA ILE L 410 -13.25 6.17 77.08
C ILE L 410 -14.46 5.37 76.62
N ASN L 411 -14.90 4.43 77.46
CA ASN L 411 -16.01 3.54 77.16
C ASN L 411 -17.10 3.70 78.22
N VAL L 412 -18.35 3.88 77.79
CA VAL L 412 -19.46 4.14 78.70
C VAL L 412 -20.66 3.28 78.29
N LEU L 413 -21.36 2.75 79.28
CA LEU L 413 -22.55 1.94 79.08
C LEU L 413 -23.76 2.62 79.69
N LEU L 414 -24.86 2.67 78.94
CA LEU L 414 -26.11 3.27 79.39
C LEU L 414 -27.15 2.15 79.49
N LEU L 415 -27.26 1.58 80.68
CA LEU L 415 -28.19 0.50 80.97
C LEU L 415 -29.35 1.06 81.78
N GLY L 416 -30.58 0.79 81.35
CA GLY L 416 -31.69 1.30 82.13
C GLY L 416 -33.02 1.13 81.45
N ASP L 417 -34.05 1.62 82.14
CA ASP L 417 -35.42 1.42 81.75
C ASP L 417 -35.70 2.02 80.38
N PRO L 418 -36.85 1.71 79.79
CA PRO L 418 -37.24 2.38 78.55
C PRO L 418 -37.60 3.83 78.78
N GLY L 419 -37.54 4.61 77.69
CA GLY L 419 -37.97 5.99 77.71
C GLY L 419 -37.22 6.87 78.68
N THR L 420 -35.90 6.66 78.80
CA THR L 420 -35.05 7.52 79.61
C THR L 420 -34.29 8.55 78.80
N ALA L 421 -34.48 8.59 77.48
CA ALA L 421 -33.87 9.59 76.61
C ALA L 421 -32.38 9.34 76.40
N LYS L 422 -31.93 8.11 76.66
CA LYS L 422 -30.52 7.80 76.42
C LYS L 422 -30.23 7.59 74.94
N SER L 423 -31.25 7.34 74.12
CA SER L 423 -31.04 7.19 72.69
C SER L 423 -30.78 8.54 72.03
N GLN L 424 -31.52 9.57 72.44
CA GLN L 424 -31.26 10.90 71.90
C GLN L 424 -29.85 11.38 72.23
N LEU L 425 -29.31 10.97 73.37
CA LEU L 425 -27.94 11.37 73.69
C LEU L 425 -26.95 10.81 72.69
N LEU L 426 -27.12 9.55 72.30
CA LEU L 426 -26.31 8.97 71.23
C LEU L 426 -26.53 9.69 69.90
N LYS L 427 -27.79 9.99 69.56
CA LYS L 427 -28.06 10.66 68.29
C LYS L 427 -27.48 12.07 68.25
N PHE L 428 -27.30 12.71 69.40
CA PHE L 428 -26.65 14.01 69.44
C PHE L 428 -25.13 13.87 69.41
N VAL L 429 -24.59 12.90 70.15
CA VAL L 429 -23.16 12.63 70.10
C VAL L 429 -22.71 12.29 68.69
N GLU L 430 -23.59 11.68 67.90
CA GLU L 430 -23.30 11.50 66.48
C GLU L 430 -22.97 12.83 65.82
N LYS L 431 -23.79 13.84 66.04
CA LYS L 431 -23.70 15.07 65.28
C LYS L 431 -22.71 16.07 65.86
N VAL L 432 -22.43 16.07 67.14
CA VAL L 432 -21.42 16.96 67.79
C VAL L 432 -19.97 16.37 67.73
N SER L 433 -19.68 15.26 67.02
CA SER L 433 -18.33 14.72 66.95
C SER L 433 -17.83 14.74 65.51
N PRO L 434 -16.58 15.17 65.29
CA PRO L 434 -16.10 15.30 63.90
C PRO L 434 -16.15 14.01 63.10
N ILE L 435 -15.87 12.86 63.71
CA ILE L 435 -15.98 11.56 63.06
C ILE L 435 -16.89 10.69 63.92
N ALA L 436 -18.00 10.22 63.34
CA ALA L 436 -18.97 9.43 64.10
C ALA L 436 -19.76 8.53 63.17
N VAL L 437 -20.33 7.49 63.76
CA VAL L 437 -21.21 6.56 63.05
C VAL L 437 -22.13 5.91 64.06
N TYR L 438 -23.42 5.88 63.75
CA TYR L 438 -24.46 5.39 64.66
C TYR L 438 -24.95 4.05 64.15
N THR L 439 -24.68 2.99 64.89
CA THR L 439 -24.98 1.64 64.46
C THR L 439 -25.65 0.87 65.58
N SER L 440 -26.38 -0.17 65.19
CA SER L 440 -27.00 -1.10 66.13
C SER L 440 -26.25 -2.42 66.05
N GLY L 441 -26.19 -3.15 67.15
CA GLY L 441 -25.77 -4.53 67.09
C GLY L 441 -26.49 -5.20 65.94
N LYS L 442 -25.84 -6.16 65.28
CA LYS L 442 -26.36 -6.76 64.06
C LYS L 442 -26.14 -5.81 62.88
N GLY L 443 -25.26 -4.83 63.04
CA GLY L 443 -24.92 -3.95 61.95
C GLY L 443 -26.04 -3.00 61.58
N SER L 444 -26.06 -2.63 60.29
CA SER L 444 -27.10 -1.77 59.74
C SER L 444 -27.71 -2.46 58.52
N SER L 445 -28.53 -1.73 57.76
CA SER L 445 -29.25 -2.32 56.64
C SER L 445 -28.33 -3.12 55.72
N ALA L 446 -27.32 -2.46 55.17
CA ALA L 446 -26.37 -3.12 54.27
C ALA L 446 -24.94 -2.74 54.61
N ALA L 447 -24.70 -2.35 55.85
CA ALA L 447 -23.36 -2.02 56.34
C ALA L 447 -23.08 -2.87 57.57
N GLY L 448 -21.88 -3.46 57.60
CA GLY L 448 -21.50 -4.35 58.68
C GLY L 448 -21.01 -3.57 59.91
N LEU L 449 -20.66 -4.34 60.94
CA LEU L 449 -20.14 -3.78 62.17
C LEU L 449 -18.64 -3.98 62.32
N THR L 450 -18.07 -5.02 61.70
CA THR L 450 -16.65 -5.30 61.76
C THR L 450 -16.11 -5.47 60.35
N ALA L 451 -14.81 -5.26 60.19
CA ALA L 451 -14.18 -5.31 58.88
C ALA L 451 -14.64 -6.50 58.05
N SER L 452 -14.98 -6.26 56.79
CA SER L 452 -15.41 -7.29 55.85
C SER L 452 -14.46 -7.27 54.65
N VAL L 453 -14.09 -8.46 54.18
CA VAL L 453 -13.12 -8.61 53.11
C VAL L 453 -13.77 -9.40 51.97
N GLN L 454 -13.75 -8.83 50.77
CA GLN L 454 -14.32 -9.46 49.59
C GLN L 454 -13.35 -9.33 48.41
N ARG L 455 -13.66 -10.05 47.33
CA ARG L 455 -12.80 -10.10 46.15
C ARG L 455 -13.40 -9.22 45.07
N ASP L 456 -12.56 -8.38 44.46
CA ASP L 456 -13.04 -7.33 43.57
C ASP L 456 -13.78 -7.95 42.38
N PRO L 457 -14.96 -7.43 42.03
CA PRO L 457 -15.65 -7.95 40.84
C PRO L 457 -14.81 -7.90 39.57
N MET L 458 -14.04 -6.82 39.38
CA MET L 458 -13.27 -6.68 38.14
C MET L 458 -11.96 -7.46 38.21
N THR L 459 -11.08 -7.11 39.14
CA THR L 459 -9.77 -7.74 39.19
C THR L 459 -9.81 -9.08 39.91
N ARG L 460 -10.82 -9.30 40.75
CA ARG L 460 -10.90 -10.51 41.59
C ARG L 460 -9.74 -10.56 42.57
N GLU L 461 -9.55 -9.47 43.30
CA GLU L 461 -8.53 -9.37 44.32
C GLU L 461 -9.14 -8.78 45.58
N PHE L 462 -8.37 -8.78 46.67
CA PHE L 462 -8.90 -8.56 48.00
C PHE L 462 -8.88 -7.07 48.33
N TYR L 463 -10.03 -6.54 48.73
CA TYR L 463 -10.14 -5.17 49.22
C TYR L 463 -11.12 -5.14 50.39
N LEU L 464 -10.97 -4.11 51.22
CA LEU L 464 -11.80 -3.94 52.41
C LEU L 464 -13.13 -3.32 51.99
N GLU L 465 -14.22 -4.07 52.11
CA GLU L 465 -15.51 -3.57 51.64
C GLU L 465 -16.12 -2.56 52.59
N GLY L 466 -15.88 -2.69 53.89
CA GLY L 466 -16.47 -1.77 54.83
C GLY L 466 -16.25 -2.23 56.24
N GLY L 467 -17.14 -1.80 57.12
CA GLY L 467 -17.02 -2.08 58.54
C GLY L 467 -17.00 -0.81 59.35
N ALA L 468 -17.97 -0.67 60.25
CA ALA L 468 -18.09 0.57 61.01
C ALA L 468 -16.85 0.87 61.83
N MET L 469 -16.18 -0.17 62.34
CA MET L 469 -15.07 0.06 63.24
C MET L 469 -13.85 0.64 62.54
N VAL L 470 -13.63 0.28 61.27
CA VAL L 470 -12.54 0.87 60.51
C VAL L 470 -12.96 2.14 59.78
N LEU L 471 -14.24 2.27 59.44
CA LEU L 471 -14.72 3.51 58.82
C LEU L 471 -14.71 4.69 59.78
N ALA L 472 -14.86 4.45 61.07
CA ALA L 472 -14.95 5.49 62.07
C ALA L 472 -13.66 5.61 62.86
N ASP L 473 -12.53 5.37 62.21
CA ASP L 473 -11.24 5.50 62.86
C ASP L 473 -11.01 6.95 63.29
N GLY L 474 -10.56 7.12 64.53
CA GLY L 474 -10.37 8.44 65.08
C GLY L 474 -11.64 9.11 65.56
N GLY L 475 -12.73 8.38 65.74
CA GLY L 475 -14.00 8.97 66.12
C GLY L 475 -14.78 8.18 67.14
N VAL L 476 -16.10 8.27 67.10
CA VAL L 476 -16.99 7.65 68.07
C VAL L 476 -17.97 6.74 67.32
N VAL L 477 -18.26 5.54 67.84
CA VAL L 477 -19.25 4.58 67.32
C VAL L 477 -20.22 4.29 68.47
N CYS L 478 -21.47 4.67 68.32
CA CYS L 478 -22.51 4.45 69.31
C CYS L 478 -23.24 3.16 68.95
N ILE L 479 -23.07 2.13 69.77
CA ILE L 479 -23.64 0.82 69.52
C ILE L 479 -24.94 0.75 70.31
N ASP L 480 -26.06 0.95 69.62
CA ASP L 480 -27.35 0.88 70.26
C ASP L 480 -27.86 -0.56 70.21
N GLU L 481 -28.49 -1.04 71.26
CA GLU L 481 -28.99 -2.44 71.35
C GLU L 481 -27.75 -3.32 71.40
N PHE L 482 -26.83 -3.06 72.31
CA PHE L 482 -25.66 -3.90 72.49
C PHE L 482 -26.05 -5.32 72.90
N ASP L 483 -27.27 -5.52 73.38
CA ASP L 483 -27.63 -6.78 74.01
C ASP L 483 -27.59 -7.94 73.02
N LYS L 484 -28.03 -7.71 71.80
CA LYS L 484 -28.16 -8.78 70.80
C LYS L 484 -27.18 -8.54 69.66
N MET L 485 -26.05 -9.24 69.68
CA MET L 485 -25.13 -9.27 68.55
C MET L 485 -24.41 -10.61 68.52
N ARG L 486 -23.89 -10.94 67.34
CA ARG L 486 -23.39 -12.28 67.08
C ARG L 486 -22.00 -12.49 67.68
N ASP L 487 -21.68 -13.76 67.94
CA ASP L 487 -20.43 -14.10 68.61
C ASP L 487 -19.21 -13.72 67.78
N GLU L 488 -19.26 -13.97 66.48
CA GLU L 488 -18.16 -13.57 65.60
C GLU L 488 -17.91 -12.07 65.68
N ASP L 489 -18.98 -11.27 65.80
CA ASP L 489 -18.82 -9.83 65.96
C ASP L 489 -18.32 -9.48 67.36
N ARG L 490 -18.83 -10.16 68.39
CA ARG L 490 -18.40 -9.85 69.75
C ARG L 490 -16.91 -10.07 69.93
N VAL L 491 -16.38 -11.17 69.39
CA VAL L 491 -14.99 -11.50 69.59
C VAL L 491 -14.08 -10.43 68.98
N ALA L 492 -14.47 -9.89 67.82
CA ALA L 492 -13.68 -8.84 67.19
C ALA L 492 -13.86 -7.51 67.90
N ILE L 493 -15.08 -7.22 68.37
CA ILE L 493 -15.31 -5.99 69.11
C ILE L 493 -14.43 -5.94 70.34
N HIS L 494 -14.21 -7.08 70.99
CA HIS L 494 -13.38 -7.08 72.20
C HIS L 494 -11.96 -6.59 71.89
N GLU L 495 -11.32 -7.20 70.90
CA GLU L 495 -9.97 -6.78 70.54
C GLU L 495 -9.92 -5.37 69.98
N ALA L 496 -10.98 -4.92 69.29
CA ALA L 496 -11.02 -3.53 68.84
C ALA L 496 -11.08 -2.58 70.03
N MET L 497 -11.87 -2.94 71.04
CA MET L 497 -12.03 -2.10 72.22
C MET L 497 -10.80 -2.08 73.11
N GLU L 498 -9.97 -3.12 73.06
CA GLU L 498 -8.81 -3.12 73.95
C GLU L 498 -7.52 -2.71 73.23
N GLN L 499 -7.17 -3.41 72.15
CA GLN L 499 -5.90 -3.17 71.47
C GLN L 499 -6.01 -2.21 70.29
N GLN L 500 -7.21 -1.75 69.97
CA GLN L 500 -7.43 -0.78 68.90
C GLN L 500 -6.88 -1.28 67.57
N THR L 501 -7.15 -2.54 67.26
CA THR L 501 -6.80 -3.12 65.96
C THR L 501 -7.77 -4.27 65.68
N ILE L 502 -7.74 -4.71 64.42
CA ILE L 502 -8.47 -5.91 64.00
C ILE L 502 -7.54 -6.74 63.13
N SER L 503 -7.60 -8.05 63.30
CA SER L 503 -6.70 -8.99 62.63
C SER L 503 -7.50 -9.85 61.65
N ILE L 504 -7.00 -9.96 60.42
CA ILE L 504 -7.66 -10.71 59.35
C ILE L 504 -6.75 -11.86 58.95
N ALA L 505 -7.33 -13.05 58.79
CA ALA L 505 -6.60 -14.22 58.35
C ALA L 505 -7.56 -15.11 57.55
N LYS L 506 -7.42 -15.10 56.23
CA LYS L 506 -8.19 -15.97 55.36
C LYS L 506 -7.26 -16.66 54.38
N ALA L 507 -7.82 -17.30 53.35
CA ALA L 507 -7.00 -18.07 52.42
C ALA L 507 -5.97 -17.18 51.72
N GLY L 508 -6.37 -16.00 51.31
CA GLY L 508 -5.49 -15.14 50.55
C GLY L 508 -4.69 -14.13 51.35
N ILE L 509 -5.34 -13.41 52.26
CA ILE L 509 -4.81 -12.18 52.83
C ILE L 509 -4.63 -12.31 54.33
N THR L 510 -3.53 -11.76 54.84
CA THR L 510 -3.28 -11.61 56.27
C THR L 510 -2.84 -10.18 56.52
N THR L 511 -3.36 -9.57 57.59
CA THR L 511 -3.06 -8.18 57.88
C THR L 511 -3.65 -7.78 59.22
N VAL L 512 -3.11 -6.73 59.82
CA VAL L 512 -3.60 -6.17 61.07
C VAL L 512 -4.01 -4.72 60.82
N LEU L 513 -5.25 -4.40 61.16
CA LEU L 513 -5.86 -3.11 60.84
C LEU L 513 -5.87 -2.20 62.06
N ASN L 514 -6.10 -0.92 61.81
CA ASN L 514 -6.16 0.10 62.85
C ASN L 514 -7.60 0.54 63.03
N SER L 515 -8.15 0.33 64.23
CA SER L 515 -9.51 0.73 64.58
C SER L 515 -9.45 1.47 65.91
N ARG L 516 -9.20 2.77 65.86
CA ARG L 516 -9.00 3.58 67.06
C ARG L 516 -10.26 4.40 67.36
N THR L 517 -11.25 3.71 67.92
CA THR L 517 -12.59 4.24 68.11
C THR L 517 -12.98 4.24 69.58
N SER L 518 -13.95 5.07 69.91
CA SER L 518 -14.56 5.13 71.24
C SER L 518 -15.95 4.52 71.19
N VAL L 519 -16.32 3.83 72.26
CA VAL L 519 -17.54 3.02 72.30
C VAL L 519 -18.52 3.64 73.30
N LEU L 520 -19.76 3.83 72.85
CA LEU L 520 -20.86 4.30 73.69
C LEU L 520 -22.05 3.39 73.45
N ALA L 521 -22.38 2.56 74.43
CA ALA L 521 -23.33 1.47 74.26
C ALA L 521 -24.58 1.69 75.10
N ALA L 522 -25.73 1.29 74.56
CA ALA L 522 -27.02 1.45 75.23
C ALA L 522 -27.79 0.15 75.15
N ALA L 523 -28.08 -0.44 76.30
CA ALA L 523 -28.76 -1.73 76.38
C ALA L 523 -29.96 -1.62 77.32
N ASN L 524 -31.06 -2.26 76.94
CA ASN L 524 -32.24 -2.31 77.79
C ASN L 524 -32.15 -3.47 78.77
N PRO L 525 -32.83 -3.38 79.92
CA PRO L 525 -32.88 -4.53 80.83
C PRO L 525 -33.95 -5.55 80.45
N ILE L 526 -33.66 -6.82 80.71
CA ILE L 526 -34.59 -7.91 80.48
C ILE L 526 -35.72 -7.82 81.51
N TYR L 527 -36.80 -8.57 81.30
CA TYR L 527 -37.97 -8.54 82.18
C TYR L 527 -38.69 -7.21 82.12
N GLY L 528 -38.63 -6.52 80.98
CA GLY L 528 -39.31 -5.25 80.84
C GLY L 528 -38.59 -4.12 81.53
N ARG L 529 -38.52 -4.16 82.86
CA ARG L 529 -37.85 -3.13 83.65
C ARG L 529 -36.88 -3.77 84.62
N TYR L 530 -36.20 -2.92 85.38
CA TYR L 530 -35.13 -3.34 86.27
C TYR L 530 -35.70 -3.68 87.64
N ASP L 531 -35.60 -4.93 88.04
CA ASP L 531 -36.02 -5.35 89.38
C ASP L 531 -34.88 -5.15 90.36
N ASP L 532 -35.13 -4.37 91.42
CA ASP L 532 -34.11 -4.11 92.42
C ASP L 532 -33.77 -5.33 93.26
N LEU L 533 -34.64 -6.34 93.28
CA LEU L 533 -34.41 -7.56 94.04
C LEU L 533 -33.37 -8.46 93.40
N LYS L 534 -32.92 -8.15 92.19
CA LYS L 534 -32.07 -9.04 91.41
C LYS L 534 -30.78 -8.32 91.08
N SER L 535 -29.68 -9.05 91.10
CA SER L 535 -28.37 -8.48 90.88
C SER L 535 -28.31 -7.84 89.48
N PRO L 536 -27.46 -6.84 89.27
CA PRO L 536 -27.30 -6.31 87.91
C PRO L 536 -26.84 -7.37 86.90
N GLY L 537 -26.14 -8.40 87.35
CA GLY L 537 -25.64 -9.42 86.45
C GLY L 537 -26.71 -10.18 85.72
N ASP L 538 -27.75 -10.62 86.43
CA ASP L 538 -28.84 -11.33 85.78
C ASP L 538 -29.91 -10.38 85.26
N ASN L 539 -29.70 -9.07 85.38
CA ASN L 539 -30.56 -8.08 84.74
C ASN L 539 -30.14 -7.80 83.30
N ILE L 540 -29.09 -8.44 82.81
CA ILE L 540 -28.63 -8.28 81.42
C ILE L 540 -28.68 -9.63 80.74
N ASP L 541 -29.06 -9.60 79.46
CA ASP L 541 -29.16 -10.83 78.65
C ASP L 541 -27.86 -11.10 77.89
N PHE L 542 -26.73 -11.12 78.58
CA PHE L 542 -25.47 -11.52 77.97
C PHE L 542 -24.49 -11.84 79.09
N GLN L 543 -23.28 -12.23 78.71
CA GLN L 543 -22.28 -12.67 79.68
C GLN L 543 -21.79 -11.49 80.52
N THR L 544 -21.40 -11.79 81.76
CA THR L 544 -21.06 -10.78 82.74
C THR L 544 -19.60 -10.30 82.64
N THR L 545 -18.75 -11.00 81.91
CA THR L 545 -17.39 -10.53 81.71
C THR L 545 -17.31 -9.35 80.74
N ILE L 546 -18.36 -9.10 79.97
CA ILE L 546 -18.41 -7.95 79.08
C ILE L 546 -18.38 -6.64 79.86
N LEU L 547 -18.83 -6.66 81.11
CA LEU L 547 -18.89 -5.43 81.89
C LEU L 547 -17.50 -4.92 82.25
N SER L 548 -16.55 -5.83 82.45
CA SER L 548 -15.21 -5.40 82.83
C SER L 548 -14.54 -4.57 81.75
N ARG L 549 -15.05 -4.60 80.52
CA ARG L 549 -14.42 -3.86 79.44
C ARG L 549 -14.58 -2.36 79.59
N PHE L 550 -15.72 -1.90 80.12
CA PHE L 550 -16.07 -0.49 80.13
C PHE L 550 -15.32 0.26 81.25
N ASP L 551 -15.49 1.58 81.25
CA ASP L 551 -14.91 2.46 82.27
C ASP L 551 -15.95 3.10 83.19
N MET L 552 -17.08 3.55 82.66
CA MET L 552 -18.17 4.10 83.46
C MET L 552 -19.46 3.36 83.11
N ILE L 553 -20.17 2.88 84.13
CA ILE L 553 -21.40 2.12 83.97
C ILE L 553 -22.53 2.93 84.58
N PHE L 554 -23.43 3.43 83.74
CA PHE L 554 -24.50 4.32 84.16
C PHE L 554 -25.82 3.56 84.15
N ILE L 555 -26.42 3.40 85.32
CA ILE L 555 -27.70 2.72 85.46
C ILE L 555 -28.75 3.77 85.75
N VAL L 556 -29.69 3.95 84.82
CA VAL L 556 -30.73 4.95 84.93
C VAL L 556 -32.04 4.25 85.27
N LYS L 557 -32.70 4.70 86.33
CA LYS L 557 -33.92 4.07 86.83
C LYS L 557 -35.06 5.06 86.72
N ASP L 558 -36.16 4.63 86.11
CA ASP L 558 -37.33 5.48 85.95
C ASP L 558 -38.17 5.46 87.22
N ASP L 559 -37.83 6.33 88.17
CA ASP L 559 -38.55 6.38 89.44
C ASP L 559 -39.73 7.33 89.36
N HIS L 560 -40.87 6.90 89.90
CA HIS L 560 -42.12 7.63 89.80
C HIS L 560 -42.21 8.64 90.94
N ASN L 561 -42.47 9.90 90.60
CA ASN L 561 -42.59 10.97 91.58
C ASN L 561 -43.28 12.14 90.91
N GLU L 562 -44.34 12.66 91.53
CA GLU L 562 -45.19 13.65 90.90
C GLU L 562 -44.45 14.95 90.56
N GLU L 563 -43.63 15.45 91.48
CA GLU L 563 -42.99 16.74 91.25
C GLU L 563 -42.05 16.69 90.05
N ARG L 564 -41.29 15.61 89.90
CA ARG L 564 -40.45 15.46 88.72
C ARG L 564 -41.31 15.40 87.45
N ASP L 565 -42.43 14.70 87.53
CA ASP L 565 -43.30 14.56 86.36
C ASP L 565 -43.78 15.92 85.89
N ILE L 566 -44.19 16.78 86.82
CA ILE L 566 -44.66 18.10 86.42
C ILE L 566 -43.59 18.85 85.66
N SER L 567 -42.36 18.86 86.19
CA SER L 567 -41.28 19.61 85.56
C SER L 567 -40.94 19.06 84.18
N ILE L 568 -40.83 17.74 84.05
CA ILE L 568 -40.45 17.19 82.75
C ILE L 568 -41.57 17.42 81.73
N ALA L 569 -42.83 17.27 82.15
CA ALA L 569 -43.93 17.53 81.24
C ALA L 569 -43.91 18.98 80.78
N ASN L 570 -43.67 19.91 81.70
CA ASN L 570 -43.61 21.33 81.32
C ASN L 570 -42.48 21.57 80.33
N HIS L 571 -41.33 20.94 80.56
CA HIS L 571 -40.15 21.07 79.68
C HIS L 571 -40.54 20.63 78.28
N VAL L 572 -41.17 19.48 78.15
CA VAL L 572 -41.50 18.94 76.84
C VAL L 572 -42.51 19.83 76.14
N ILE L 573 -43.53 20.26 76.88
CA ILE L 573 -44.58 21.06 76.27
C ILE L 573 -44.06 22.42 75.82
N ASN L 574 -43.12 23.08 76.49
CA ASN L 574 -42.52 24.35 76.02
C ASN L 574 -41.71 24.11 74.73
N ILE L 575 -40.92 23.04 74.66
CA ILE L 575 -40.09 22.72 73.47
C ILE L 575 -41.09 22.57 72.32
N HIS L 576 -42.20 21.86 72.51
CA HIS L 576 -43.13 21.80 71.40
C HIS L 576 -43.78 23.15 71.12
N THR L 577 -43.94 24.07 72.10
CA THR L 577 -44.48 25.45 71.83
C THR L 577 -43.54 26.24 70.91
N GLY L 578 -42.30 26.45 71.29
CA GLY L 578 -41.31 27.24 70.54
C GLY L 578 -40.39 28.00 71.50
N ASN L 579 -40.68 27.99 72.79
CA ASN L 579 -39.94 28.75 73.83
C ASN L 579 -38.46 28.40 73.80
N ALA L 580 -38.11 27.13 73.80
CA ALA L 580 -36.69 26.70 73.87
C ALA L 580 -35.96 27.13 72.60
N ASN L 581 -36.65 27.37 71.49
CA ASN L 581 -35.99 27.88 70.25
C ASN L 581 -35.56 29.32 70.47
N ALA L 582 -36.21 30.07 71.35
CA ALA L 582 -35.84 31.47 71.67
C ALA L 582 -35.26 31.59 73.07
N MET L 583 -35.01 30.50 73.79
CA MET L 583 -34.33 30.49 75.12
C MET L 583 -32.96 29.87 74.90
N GLN L 584 -32.68 29.55 73.66
CA GLN L 584 -31.40 28.94 73.27
C GLN L 584 -30.82 29.94 72.30
N ASN L 585 -31.54 30.37 71.28
CA ASN L 585 -31.07 31.37 70.30
C ASN L 585 -30.85 32.73 71.02
N GLN L 586 -31.40 32.93 72.21
CA GLN L 586 -31.24 34.19 73.00
C GLN L 586 -30.04 34.14 73.98
N GLN L 587 -29.99 33.20 74.91
CA GLN L 587 -28.84 33.07 75.85
C GLN L 587 -27.64 32.55 75.06
N GLU L 588 -27.84 31.99 73.88
CA GLU L 588 -26.72 31.60 73.02
C GLU L 588 -25.87 32.85 72.82
N GLU L 589 -26.50 34.01 72.59
CA GLU L 589 -25.77 35.27 72.31
C GLU L 589 -25.51 36.03 73.62
N ASN L 590 -25.12 35.34 74.68
CA ASN L 590 -24.78 35.93 75.99
C ASN L 590 -23.70 35.06 76.64
N GLY L 591 -22.88 34.38 75.84
CA GLY L 591 -21.75 33.58 76.36
C GLY L 591 -22.18 32.58 77.40
N SER L 592 -23.40 32.08 77.41
CA SER L 592 -23.81 30.97 78.29
C SER L 592 -24.26 29.80 77.43
N GLU L 593 -23.57 29.58 76.30
CA GLU L 593 -23.77 28.38 75.45
C GLU L 593 -22.88 28.46 74.20
N ILE L 594 -22.04 27.45 73.87
CA ILE L 594 -21.31 27.32 72.55
C ILE L 594 -22.36 26.80 71.51
N SER L 595 -22.15 26.88 70.19
CA SER L 595 -23.08 26.44 69.09
C SER L 595 -22.75 25.01 68.62
N ILE L 596 -23.32 24.43 67.53
CA ILE L 596 -23.02 22.99 67.18
C ILE L 596 -21.76 22.87 66.32
N GLU L 597 -21.50 23.74 65.34
CA GLU L 597 -20.29 23.70 64.53
C GLU L 597 -19.10 24.27 65.30
N LYS L 598 -19.33 25.31 66.09
CA LYS L 598 -18.25 25.89 66.87
C LYS L 598 -17.65 24.88 67.83
N MET L 599 -18.55 24.13 68.51
CA MET L 599 -18.19 23.09 69.51
C MET L 599 -17.41 22.01 68.81
N LYS L 600 -17.94 21.54 67.67
CA LYS L 600 -17.29 20.52 66.85
C LYS L 600 -15.86 20.91 66.52
N ARG L 601 -15.69 22.13 66.02
CA ARG L 601 -14.37 22.65 65.72
C ARG L 601 -13.49 22.67 66.97
N TYR L 602 -14.06 23.09 68.11
CA TYR L 602 -13.29 23.17 69.34
C TYR L 602 -12.77 21.82 69.79
N ILE L 603 -13.63 20.79 69.72
CA ILE L 603 -13.21 19.45 70.11
C ILE L 603 -12.13 18.95 69.18
N THR L 604 -12.33 19.11 67.86
CA THR L 604 -11.26 18.76 66.92
C THR L 604 -9.95 19.44 67.30
N TYR L 605 -10.02 20.71 67.65
CA TYR L 605 -8.84 21.50 68.00
C TYR L 605 -8.12 20.90 69.22
N CYS L 606 -8.81 20.84 70.36
CA CYS L 606 -8.15 20.36 71.57
C CYS L 606 -7.66 18.93 71.39
N ARG L 607 -8.40 18.10 70.65
CA ARG L 607 -7.92 16.76 70.34
C ARG L 607 -6.58 16.83 69.62
N LEU L 608 -6.53 17.57 68.52
CA LEU L 608 -5.31 17.67 67.72
C LEU L 608 -4.51 18.89 68.14
N LYS L 609 -4.36 19.07 69.45
CA LYS L 609 -3.43 20.09 69.93
C LYS L 609 -2.54 19.70 71.11
N CYS L 610 -3.11 19.05 72.15
CA CYS L 610 -2.42 18.78 73.46
C CYS L 610 -2.46 17.31 73.88
N ALA L 611 -1.66 16.91 74.85
CA ALA L 611 -1.61 15.59 75.46
C ALA L 611 -1.26 15.72 76.94
N PRO L 612 -2.25 15.68 77.85
CA PRO L 612 -1.95 15.85 79.27
C PRO L 612 -1.20 14.68 79.90
N ARG L 613 -0.14 14.88 80.67
CA ARG L 613 0.60 13.82 81.45
C ARG L 613 0.42 14.28 82.91
N LEU L 614 -0.05 13.43 83.81
CA LEU L 614 -0.48 13.72 85.17
C LEU L 614 0.64 14.32 86.01
N SER L 615 0.24 14.89 87.17
CA SER L 615 1.21 15.45 88.17
C SER L 615 1.66 14.35 89.13
N PRO L 616 2.96 14.16 89.46
CA PRO L 616 3.36 13.16 90.48
C PRO L 616 2.82 13.45 91.87
N GLN L 617 2.52 14.71 92.18
CA GLN L 617 1.94 15.01 93.49
C GLN L 617 0.54 14.43 93.62
N ALA L 618 -0.05 13.97 92.52
CA ALA L 618 -1.39 13.42 92.54
C ALA L 618 -1.44 11.91 92.37
N ALA L 619 -0.35 11.29 91.89
CA ALA L 619 -0.40 9.87 91.56
C ALA L 619 -0.77 9.02 92.78
N GLU L 620 -0.10 9.26 93.90
CA GLU L 620 -0.34 8.43 95.07
C GLU L 620 -1.76 8.58 95.59
N LYS L 621 -2.43 9.70 95.29
CA LYS L 621 -3.83 9.84 95.65
C LYS L 621 -4.69 8.79 94.94
N LEU L 622 -4.55 8.76 93.61
CA LEU L 622 -5.24 7.75 92.77
C LEU L 622 -4.83 6.33 93.21
N SER L 623 -3.56 6.06 93.63
CA SER L 623 -3.12 4.73 94.06
C SER L 623 -3.76 4.33 95.37
N SER L 624 -3.80 5.22 96.36
CA SER L 624 -4.46 4.91 97.62
C SER L 624 -5.96 4.70 97.43
N ASN L 625 -6.58 5.53 96.57
CA ASN L 625 -8.00 5.37 96.29
C ASN L 625 -8.29 3.97 95.79
N PHE L 626 -7.47 3.46 94.87
CA PHE L 626 -7.76 2.17 94.26
C PHE L 626 -7.73 1.05 95.30
N VAL L 627 -6.74 1.07 96.18
CA VAL L 627 -6.64 0.04 97.20
C VAL L 627 -7.77 0.13 98.20
N THR L 628 -8.13 1.34 98.65
CA THR L 628 -9.24 1.44 99.58
C THR L 628 -10.54 0.99 98.92
N ILE L 629 -10.66 1.19 97.61
CA ILE L 629 -11.82 0.69 96.88
C ILE L 629 -11.87 -0.84 96.93
N ARG L 630 -10.75 -1.50 96.59
CA ARG L 630 -10.79 -2.95 96.44
C ARG L 630 -10.84 -3.68 97.79
N LYS L 631 -10.35 -3.05 98.85
CA LYS L 631 -10.37 -3.69 100.16
C LYS L 631 -11.80 -4.01 100.59
N GLN L 632 -12.72 -3.06 100.41
CA GLN L 632 -14.10 -3.27 100.83
C GLN L 632 -14.74 -4.41 100.04
N LEU L 633 -14.45 -4.49 98.74
CA LEU L 633 -14.99 -5.59 97.95
C LEU L 633 -14.48 -6.92 98.46
N LEU L 634 -13.18 -7.01 98.79
CA LEU L 634 -12.69 -8.26 99.36
C LEU L 634 -13.36 -8.60 100.68
N ILE L 635 -13.54 -7.61 101.56
CA ILE L 635 -14.18 -7.87 102.85
C ILE L 635 -15.57 -8.44 102.62
N ASN L 636 -16.37 -7.77 101.79
CA ASN L 636 -17.73 -8.20 101.58
C ASN L 636 -17.80 -9.56 100.91
N GLU L 637 -16.92 -9.83 99.95
CA GLU L 637 -16.97 -11.08 99.21
C GLU L 637 -16.43 -12.25 100.01
N LEU L 638 -15.58 -12.01 100.99
CA LEU L 638 -15.21 -13.08 101.91
C LEU L 638 -16.26 -13.29 102.99
N GLU L 639 -17.07 -12.27 103.29
CA GLU L 639 -18.18 -12.47 104.20
C GLU L 639 -19.20 -13.46 103.64
N SER L 640 -19.47 -13.38 102.34
CA SER L 640 -20.34 -14.32 101.65
C SER L 640 -19.51 -15.22 100.75
N THR L 641 -20.19 -16.03 99.94
CA THR L 641 -19.53 -17.01 99.08
C THR L 641 -19.60 -16.64 97.61
N GLU L 642 -20.76 -16.20 97.13
CA GLU L 642 -20.88 -15.84 95.72
C GLU L 642 -20.07 -14.58 95.43
N ARG L 643 -19.56 -14.51 94.20
CA ARG L 643 -18.73 -13.38 93.79
C ARG L 643 -19.60 -12.27 93.22
N SER L 644 -19.01 -11.09 93.11
CA SER L 644 -19.77 -9.89 92.74
C SER L 644 -20.10 -9.87 91.26
N SER L 645 -21.25 -9.27 90.93
CA SER L 645 -21.66 -9.15 89.55
C SER L 645 -20.84 -8.09 88.81
N ILE L 646 -20.57 -6.97 89.48
CA ILE L 646 -19.75 -5.90 88.91
C ILE L 646 -18.37 -5.97 89.57
N PRO L 647 -17.35 -6.46 88.88
CA PRO L 647 -16.03 -6.55 89.51
C PRO L 647 -15.18 -5.31 89.24
N ILE L 648 -14.37 -4.97 90.25
CA ILE L 648 -13.37 -3.91 90.11
C ILE L 648 -12.06 -4.57 89.71
N THR L 649 -11.55 -4.21 88.54
CA THR L 649 -10.40 -4.87 87.95
C THR L 649 -9.30 -3.84 87.67
N ILE L 650 -8.23 -4.31 87.03
CA ILE L 650 -7.13 -3.42 86.69
C ILE L 650 -7.51 -2.46 85.57
N ARG L 651 -8.52 -2.79 84.77
CA ARG L 651 -8.94 -1.88 83.72
C ARG L 651 -9.59 -0.62 84.28
N GLN L 652 -10.17 -0.70 85.46
CA GLN L 652 -10.97 0.40 86.03
C GLN L 652 -10.02 1.40 86.71
N LEU L 653 -8.82 1.04 87.10
CA LEU L 653 -7.83 2.00 87.55
C LEU L 653 -7.42 2.94 86.41
N GLU L 654 -7.17 2.38 85.24
CA GLU L 654 -6.83 3.17 84.08
C GLU L 654 -8.00 4.01 83.58
N ALA L 655 -9.23 3.69 84.01
CA ALA L 655 -10.35 4.58 83.80
C ALA L 655 -10.17 5.90 84.52
N ILE L 656 -9.80 5.83 85.77
CA ILE L 656 -9.52 7.04 86.57
C ILE L 656 -8.38 7.73 85.82
N ILE L 657 -7.30 7.02 85.52
CA ILE L 657 -6.10 7.62 84.92
C ILE L 657 -6.48 8.39 83.67
N ARG L 658 -7.33 7.84 82.86
CA ARG L 658 -7.66 8.48 81.59
C ARG L 658 -8.56 9.67 81.89
N ILE L 659 -9.63 9.52 82.71
CA ILE L 659 -10.56 10.63 82.93
C ILE L 659 -9.89 11.83 83.56
N THR L 660 -8.83 11.65 84.34
CA THR L 660 -8.09 12.83 84.80
C THR L 660 -7.53 13.61 83.62
N GLU L 661 -6.90 12.91 82.68
CA GLU L 661 -6.31 13.54 81.50
C GLU L 661 -7.37 14.08 80.54
N SER L 662 -8.50 13.46 80.43
CA SER L 662 -9.61 14.00 79.61
C SER L 662 -10.01 15.38 80.12
N LEU L 663 -10.20 15.60 81.45
CA LEU L 663 -10.50 16.92 81.98
C LEU L 663 -9.30 17.85 81.92
N ALA L 664 -8.07 17.31 81.95
CA ALA L 664 -6.89 18.15 81.86
C ALA L 664 -6.72 18.82 80.50
N LYS L 665 -7.48 18.42 79.49
CA LYS L 665 -7.18 18.86 78.13
C LYS L 665 -7.95 20.11 77.72
N LEU L 666 -9.24 20.20 78.02
CA LEU L 666 -9.95 21.45 77.75
C LEU L 666 -9.37 22.62 78.53
N GLU L 667 -8.42 22.37 79.42
CA GLU L 667 -7.58 23.39 80.02
C GLU L 667 -6.31 23.63 79.22
N LEU L 668 -6.11 22.96 78.11
CA LEU L 668 -4.88 22.98 77.26
C LEU L 668 -3.66 22.75 78.14
N SER L 669 -3.82 21.98 79.21
CA SER L 669 -2.72 21.87 80.17
C SER L 669 -1.84 20.68 79.83
N PRO L 670 -0.54 20.75 80.19
CA PRO L 670 0.30 19.56 80.16
C PRO L 670 0.26 18.75 81.44
N ILE L 671 -0.17 19.33 82.56
CA ILE L 671 -0.22 18.65 83.84
C ILE L 671 -1.62 18.80 84.43
N ALA L 672 -1.96 17.91 85.35
CA ALA L 672 -3.23 17.94 86.06
C ALA L 672 -2.97 17.99 87.56
N GLN L 673 -3.61 18.95 88.23
CA GLN L 673 -3.49 19.10 89.68
C GLN L 673 -4.39 18.10 90.38
N GLU L 674 -4.52 18.22 91.69
CA GLU L 674 -5.35 17.32 92.47
C GLU L 674 -6.84 17.50 92.20
N ARG L 675 -7.24 18.66 91.68
CA ARG L 675 -8.65 18.90 91.43
C ARG L 675 -9.18 18.02 90.31
N HIS L 676 -8.35 17.73 89.31
CA HIS L 676 -8.76 16.79 88.27
C HIS L 676 -9.03 15.42 88.88
N VAL L 677 -8.16 14.97 89.78
CA VAL L 677 -8.40 13.69 90.45
C VAL L 677 -9.66 13.74 91.30
N ASP L 678 -9.89 14.86 92.00
CA ASP L 678 -11.09 15.00 92.81
C ASP L 678 -12.34 14.82 91.97
N GLU L 679 -12.44 15.58 90.87
CA GLU L 679 -13.60 15.46 89.99
C GLU L 679 -13.68 14.07 89.38
N ALA L 680 -12.54 13.50 89.02
CA ALA L 680 -12.53 12.17 88.41
C ALA L 680 -13.13 11.13 89.35
N ILE L 681 -12.71 11.14 90.62
CA ILE L 681 -13.22 10.17 91.58
C ILE L 681 -14.69 10.44 91.90
N ARG L 682 -15.08 11.73 91.97
CA ARG L 682 -16.49 12.04 92.12
C ARG L 682 -17.32 11.39 91.02
N LEU L 683 -16.93 11.60 89.77
CA LEU L 683 -17.67 11.05 88.65
C LEU L 683 -17.58 9.51 88.62
N PHE L 684 -16.45 8.97 89.04
CA PHE L 684 -16.29 7.52 89.13
C PHE L 684 -17.30 6.92 90.10
N GLN L 685 -17.39 7.48 91.31
CA GLN L 685 -18.39 7.01 92.27
C GLN L 685 -19.79 7.16 91.69
N ALA L 686 -20.06 8.29 91.04
CA ALA L 686 -21.36 8.48 90.43
C ALA L 686 -21.68 7.41 89.40
N SER L 687 -20.66 6.89 88.69
CA SER L 687 -20.90 6.02 87.57
C SER L 687 -20.66 4.57 87.96
N THR L 688 -19.43 4.20 88.36
CA THR L 688 -19.11 2.77 88.42
C THR L 688 -19.49 2.13 89.76
N MET L 689 -19.41 2.89 90.84
CA MET L 689 -19.67 2.30 92.16
C MET L 689 -21.14 2.25 92.51
N ASP L 690 -22.02 2.29 91.51
CA ASP L 690 -23.41 1.92 91.72
C ASP L 690 -23.51 0.39 91.72
N ALA L 691 -22.36 -0.28 91.84
CA ALA L 691 -22.32 -1.65 92.32
C ALA L 691 -22.82 -1.77 93.76
N ALA L 692 -23.15 -0.66 94.41
CA ALA L 692 -23.87 -0.68 95.67
C ALA L 692 -25.29 -1.21 95.53
N SER L 693 -25.80 -1.33 94.30
CA SER L 693 -27.09 -1.98 94.05
C SER L 693 -26.94 -3.47 93.83
N GLN L 694 -25.88 -4.07 94.36
CA GLN L 694 -25.52 -5.44 94.05
C GLN L 694 -25.41 -6.22 95.37
N ASP L 695 -25.79 -7.49 95.32
CA ASP L 695 -26.09 -8.20 96.57
C ASP L 695 -24.86 -8.37 97.45
N PRO L 696 -23.82 -9.15 97.07
CA PRO L 696 -22.63 -9.22 97.93
C PRO L 696 -21.68 -8.04 97.79
N ILE L 697 -22.22 -6.83 97.76
CA ILE L 697 -21.44 -5.62 97.99
C ILE L 697 -22.16 -4.76 99.02
N GLY L 698 -23.43 -5.08 99.29
CA GLY L 698 -24.17 -4.40 100.34
C GLY L 698 -23.65 -4.79 101.71
N GLY L 699 -23.01 -3.85 102.39
CA GLY L 699 -22.46 -4.10 103.70
C GLY L 699 -21.89 -2.83 104.32
N HIS M 99 -32.38 -19.70 -28.38
CA HIS M 99 -33.44 -20.31 -27.52
C HIS M 99 -33.22 -21.80 -27.37
N VAL M 100 -32.81 -22.22 -26.18
CA VAL M 100 -32.54 -23.63 -25.92
C VAL M 100 -33.85 -24.35 -25.63
N LYS M 101 -33.91 -25.62 -26.01
CA LYS M 101 -35.08 -26.43 -25.74
C LYS M 101 -35.02 -26.97 -24.32
N LYS M 102 -36.10 -26.78 -23.58
CA LYS M 102 -36.19 -27.32 -22.23
C LYS M 102 -36.62 -28.77 -22.27
N VAL M 103 -35.95 -29.61 -21.50
CA VAL M 103 -36.28 -31.03 -21.42
C VAL M 103 -37.48 -31.21 -20.49
N ASP M 104 -38.34 -32.16 -20.83
CA ASP M 104 -39.55 -32.41 -20.07
C ASP M 104 -39.55 -33.83 -19.51
N ASP M 105 -40.16 -33.98 -18.33
CA ASP M 105 -40.38 -35.29 -17.73
C ASP M 105 -41.65 -35.89 -18.31
N VAL M 106 -41.51 -36.95 -19.10
CA VAL M 106 -42.69 -37.54 -19.73
C VAL M 106 -43.66 -38.06 -18.66
N THR M 107 -43.13 -38.76 -17.65
CA THR M 107 -43.99 -39.29 -16.60
C THR M 107 -44.64 -38.17 -15.81
N GLY M 108 -43.95 -37.04 -15.65
CA GLY M 108 -44.58 -35.87 -15.05
C GLY M 108 -45.80 -35.41 -15.82
N GLU M 109 -45.70 -35.39 -17.15
CA GLU M 109 -46.85 -35.01 -17.96
C GLU M 109 -47.98 -36.02 -17.81
N LYS M 110 -47.66 -37.31 -17.81
CA LYS M 110 -48.72 -38.32 -17.65
C LYS M 110 -49.40 -38.20 -16.30
N VAL M 111 -48.65 -37.98 -15.22
CA VAL M 111 -49.27 -37.83 -13.91
C VAL M 111 -50.08 -36.55 -13.83
N ARG M 112 -49.64 -35.48 -14.49
CA ARG M 112 -50.44 -34.26 -14.54
C ARG M 112 -51.78 -34.53 -15.21
N GLU M 113 -51.76 -35.23 -16.34
CA GLU M 113 -53.01 -35.55 -17.03
C GLU M 113 -53.91 -36.44 -16.18
N ALA M 114 -53.33 -37.42 -15.52
CA ALA M 114 -54.11 -38.27 -14.62
C ALA M 114 -54.72 -37.49 -13.46
N PHE M 115 -53.98 -36.56 -12.85
CA PHE M 115 -54.54 -35.77 -11.77
C PHE M 115 -55.61 -34.82 -12.28
N GLU M 116 -55.45 -34.28 -13.47
CA GLU M 116 -56.52 -33.50 -14.09
C GLU M 116 -57.77 -34.41 -14.25
N GLN M 117 -57.75 -35.64 -14.81
CA GLN M 117 -58.90 -36.51 -14.89
C GLN M 117 -59.47 -36.82 -13.50
N PHE M 118 -58.61 -37.03 -12.51
CA PHE M 118 -59.10 -37.25 -11.15
C PHE M 118 -59.91 -36.05 -10.68
N LEU M 119 -59.43 -34.84 -10.93
CA LEU M 119 -60.14 -33.66 -10.45
C LEU M 119 -61.49 -33.49 -11.15
N GLU M 120 -61.51 -33.67 -12.45
CA GLU M 120 -62.70 -33.38 -13.27
C GLU M 120 -63.64 -34.58 -13.39
N ASP M 121 -63.36 -35.79 -12.87
CA ASP M 121 -64.25 -36.94 -13.12
C ASP M 121 -64.32 -37.87 -11.92
N PHE M 122 -64.62 -37.33 -10.73
CA PHE M 122 -64.91 -38.16 -9.57
C PHE M 122 -66.36 -38.01 -9.16
N SER M 123 -67.01 -39.13 -8.85
CA SER M 123 -68.42 -39.18 -8.53
C SER M 123 -68.63 -40.02 -7.27
N VAL M 124 -69.40 -39.49 -6.32
CA VAL M 124 -69.81 -40.22 -5.12
C VAL M 124 -71.33 -40.09 -5.00
N GLN M 125 -71.93 -41.11 -4.39
CA GLN M 125 -73.39 -41.22 -4.33
C GLN M 125 -74.03 -39.91 -3.89
N VAL M 132 -75.54 -38.06 -6.72
CA VAL M 132 -74.28 -38.15 -7.44
C VAL M 132 -73.80 -36.75 -7.80
N GLU M 133 -72.51 -36.49 -7.63
CA GLU M 133 -71.98 -35.15 -7.88
C GLU M 133 -70.48 -35.21 -8.06
N LYS M 134 -69.91 -34.10 -8.54
CA LYS M 134 -68.46 -33.93 -8.61
C LYS M 134 -68.02 -33.06 -7.43
N VAL M 135 -67.59 -33.73 -6.37
CA VAL M 135 -67.36 -33.10 -5.08
C VAL M 135 -66.32 -31.99 -5.18
N TYR M 136 -65.18 -32.27 -5.80
CA TYR M 136 -64.13 -31.27 -5.88
C TYR M 136 -64.56 -30.06 -6.71
N ARG M 137 -65.27 -30.31 -7.80
CA ARG M 137 -65.81 -29.18 -8.57
C ARG M 137 -66.77 -28.35 -7.73
N ALA M 138 -67.53 -28.97 -6.83
CA ALA M 138 -68.38 -28.20 -5.93
C ALA M 138 -67.56 -27.34 -4.99
N GLN M 139 -66.50 -27.92 -4.41
CA GLN M 139 -65.64 -27.15 -3.54
C GLN M 139 -65.02 -25.97 -4.28
N ILE M 140 -64.80 -26.12 -5.59
CA ILE M 140 -64.18 -25.05 -6.35
C ILE M 140 -65.03 -23.78 -6.30
N GLU M 141 -66.31 -23.93 -6.56
CA GLU M 141 -67.30 -22.83 -6.46
C GLU M 141 -67.35 -22.34 -5.04
N PHE M 142 -67.39 -23.23 -4.08
CA PHE M 142 -67.42 -22.87 -2.66
C PHE M 142 -66.29 -21.90 -2.33
N MET M 143 -65.11 -21.99 -2.95
CA MET M 143 -63.94 -21.12 -2.67
C MET M 143 -64.11 -19.73 -3.32
N LYS M 144 -65.00 -19.53 -4.30
CA LYS M 144 -65.28 -18.17 -4.86
C LYS M 144 -66.29 -17.42 -3.98
N ILE M 145 -67.21 -18.13 -3.38
CA ILE M 145 -68.24 -17.53 -2.51
C ILE M 145 -67.57 -16.98 -1.23
N TYR M 146 -66.37 -17.38 -0.78
CA TYR M 146 -65.73 -16.95 0.46
C TYR M 146 -64.24 -16.68 0.33
N ASP M 147 -63.68 -16.77 -0.88
CA ASP M 147 -62.29 -16.35 -1.09
C ASP M 147 -61.30 -17.14 -0.24
N LEU M 148 -61.18 -18.44 -0.48
CA LEU M 148 -60.23 -19.28 0.24
C LEU M 148 -59.08 -19.66 -0.70
N ASN M 149 -58.05 -20.28 -0.13
CA ASN M 149 -56.84 -20.61 -0.89
C ASN M 149 -56.46 -22.08 -0.89
N THR M 150 -57.12 -22.93 -0.10
CA THR M 150 -56.67 -24.31 0.10
C THR M 150 -57.71 -25.29 -0.40
N ILE M 151 -57.23 -26.40 -0.94
CA ILE M 151 -58.08 -27.46 -1.50
C ILE M 151 -57.85 -28.72 -0.68
N TYR M 152 -58.92 -29.32 -0.20
CA TYR M 152 -58.85 -30.52 0.65
C TYR M 152 -59.32 -31.71 -0.17
N ILE M 153 -58.40 -32.62 -0.43
CA ILE M 153 -58.68 -33.84 -1.17
C ILE M 153 -58.57 -35.03 -0.23
N ASP M 154 -59.32 -36.10 -0.53
CA ASP M 154 -59.33 -37.30 0.28
C ASP M 154 -58.53 -38.39 -0.39
N TYR M 155 -57.59 -38.98 0.36
CA TYR M 155 -56.66 -39.93 -0.24
C TYR M 155 -57.33 -41.24 -0.65
N GLN M 156 -58.36 -41.68 0.08
CA GLN M 156 -59.06 -42.89 -0.32
C GLN M 156 -59.68 -42.75 -1.71
N HIS M 157 -60.01 -41.53 -2.13
CA HIS M 157 -60.51 -41.32 -3.48
C HIS M 157 -59.41 -41.50 -4.52
N LEU M 158 -58.18 -41.13 -4.19
CA LEU M 158 -57.09 -41.23 -5.16
C LEU M 158 -56.82 -42.69 -5.52
N SER M 159 -56.87 -43.59 -4.54
CA SER M 159 -56.48 -44.97 -4.77
C SER M 159 -57.40 -45.66 -5.77
N MET M 160 -58.72 -45.44 -5.63
CA MET M 160 -59.67 -46.28 -6.36
C MET M 160 -59.51 -46.12 -7.88
N ARG M 161 -59.35 -44.90 -8.37
CA ARG M 161 -59.19 -44.69 -9.80
C ARG M 161 -57.99 -45.47 -10.31
N GLU M 162 -58.14 -46.10 -11.48
CA GLU M 162 -57.03 -46.79 -12.12
C GLU M 162 -56.35 -47.71 -11.11
N ASN M 163 -57.06 -48.75 -10.68
CA ASN M 163 -56.64 -49.58 -9.56
C ASN M 163 -55.13 -49.80 -9.53
N GLY M 164 -54.52 -49.54 -8.38
CA GLY M 164 -53.09 -49.74 -8.20
C GLY M 164 -52.22 -48.82 -9.03
N ALA M 165 -52.43 -47.49 -9.08
CA ALA M 165 -51.44 -46.67 -9.87
C ALA M 165 -51.34 -45.19 -9.52
N LEU M 166 -52.21 -44.31 -10.00
CA LEU M 166 -52.01 -42.86 -9.79
C LEU M 166 -51.51 -42.63 -8.37
N ALA M 167 -52.25 -43.06 -7.33
CA ALA M 167 -51.98 -42.76 -5.91
C ALA M 167 -50.66 -43.34 -5.46
N MET M 168 -50.31 -44.53 -5.91
CA MET M 168 -49.04 -45.19 -5.54
C MET M 168 -47.91 -44.24 -5.93
N ALA M 169 -47.92 -43.72 -7.14
CA ALA M 169 -46.83 -42.92 -7.70
C ALA M 169 -46.74 -41.56 -7.05
N ILE M 170 -47.87 -40.90 -6.82
CA ILE M 170 -47.84 -39.57 -6.21
C ILE M 170 -47.33 -39.64 -4.78
N SER M 171 -47.77 -40.64 -4.02
CA SER M 171 -47.27 -40.78 -2.66
C SER M 171 -45.77 -41.02 -2.65
N GLU M 172 -45.28 -41.90 -3.53
CA GLU M 172 -43.88 -42.31 -3.49
C GLU M 172 -42.92 -41.26 -4.02
N GLN M 173 -43.38 -40.32 -4.84
CA GLN M 173 -42.50 -39.29 -5.40
C GLN M 173 -43.17 -37.93 -5.35
N TYR M 174 -43.72 -37.59 -4.17
CA TYR M 174 -44.47 -36.35 -4.01
C TYR M 174 -43.62 -35.13 -4.32
N TYR M 175 -42.38 -35.08 -3.84
CA TYR M 175 -41.55 -33.89 -4.01
C TYR M 175 -41.42 -33.53 -5.49
N ARG M 176 -41.29 -34.54 -6.35
CA ARG M 176 -41.21 -34.28 -7.79
C ARG M 176 -42.54 -33.78 -8.33
N PHE M 177 -43.64 -34.46 -7.98
CA PHE M 177 -44.90 -34.28 -8.69
C PHE M 177 -45.72 -33.11 -8.19
N LEU M 178 -45.39 -32.53 -7.04
CA LEU M 178 -46.21 -31.45 -6.50
C LEU M 178 -46.37 -30.27 -7.46
N PRO M 179 -45.32 -29.74 -8.10
CA PRO M 179 -45.52 -28.62 -9.02
C PRO M 179 -46.46 -28.96 -10.17
N PHE M 180 -46.39 -30.18 -10.69
CA PHE M 180 -47.26 -30.55 -11.79
C PHE M 180 -48.72 -30.60 -11.35
N LEU M 181 -48.97 -31.14 -10.15
CA LEU M 181 -50.32 -31.10 -9.61
C LEU M 181 -50.80 -29.68 -9.38
N GLN M 182 -49.90 -28.76 -9.03
CA GLN M 182 -50.30 -27.36 -8.92
C GLN M 182 -50.68 -26.77 -10.27
N LYS M 183 -49.92 -27.10 -11.32
CA LYS M 183 -50.24 -26.61 -12.65
C LYS M 183 -51.59 -27.14 -13.14
N GLY M 184 -51.88 -28.42 -12.87
CA GLY M 184 -53.16 -28.99 -13.25
C GLY M 184 -54.32 -28.26 -12.58
N LEU M 185 -54.16 -28.01 -11.29
CA LEU M 185 -55.16 -27.23 -10.56
C LEU M 185 -55.33 -25.85 -11.20
N ARG M 186 -54.22 -25.24 -11.59
CA ARG M 186 -54.30 -23.92 -12.21
C ARG M 186 -55.14 -23.96 -13.49
N ARG M 187 -54.98 -25.00 -14.30
CA ARG M 187 -55.73 -25.21 -15.58
C ARG M 187 -57.21 -25.49 -15.31
N VAL M 188 -57.50 -26.21 -14.26
CA VAL M 188 -58.91 -26.44 -13.90
C VAL M 188 -59.57 -25.15 -13.43
N VAL M 189 -58.85 -24.35 -12.65
CA VAL M 189 -59.37 -23.07 -12.20
C VAL M 189 -59.53 -22.11 -13.38
N ARG M 190 -58.58 -22.14 -14.31
CA ARG M 190 -58.73 -21.35 -15.52
C ARG M 190 -60.03 -21.68 -16.22
N LYS M 191 -60.40 -22.96 -16.26
CA LYS M 191 -61.63 -23.36 -16.93
C LYS M 191 -62.87 -22.94 -16.14
N TYR M 192 -63.04 -23.45 -14.92
CA TYR M 192 -64.29 -23.26 -14.20
C TYR M 192 -64.24 -22.20 -13.11
N ALA M 193 -63.15 -21.44 -13.01
CA ALA M 193 -63.13 -20.38 -12.00
C ALA M 193 -62.03 -19.37 -12.29
N PRO M 194 -62.09 -18.66 -13.42
CA PRO M 194 -60.98 -17.77 -13.80
C PRO M 194 -60.85 -16.52 -12.94
N GLU M 195 -61.93 -16.09 -12.28
CA GLU M 195 -61.92 -14.90 -11.39
C GLU M 195 -61.15 -15.19 -10.09
N LEU M 196 -61.08 -16.45 -9.69
CA LEU M 196 -60.38 -16.80 -8.46
C LEU M 196 -58.88 -16.71 -8.60
N LEU M 197 -58.36 -16.71 -9.83
CA LEU M 197 -56.93 -16.73 -10.05
C LEU M 197 -56.25 -15.44 -9.61
N ASN M 198 -57.00 -14.36 -9.39
CA ASN M 198 -56.44 -13.09 -8.99
C ASN M 198 -56.81 -12.78 -7.55
N THR M 199 -55.82 -12.32 -6.78
CA THR M 199 -56.08 -11.92 -5.41
C THR M 199 -57.02 -10.72 -5.37
N SER M 200 -57.90 -10.72 -4.39
CA SER M 200 -58.89 -9.65 -4.26
C SER M 200 -58.22 -8.32 -3.92
N GLN M 258 -53.63 -7.31 -7.80
CA GLN M 258 -53.92 -8.07 -8.99
C GLN M 258 -53.08 -9.35 -9.07
N THR M 259 -52.15 -9.50 -8.12
CA THR M 259 -51.22 -10.62 -8.15
C THR M 259 -51.95 -11.95 -8.12
N GLU M 260 -51.29 -13.02 -8.55
CA GLU M 260 -51.85 -14.36 -8.53
C GLU M 260 -51.97 -14.85 -7.10
N ARG M 261 -52.94 -15.72 -6.87
CA ARG M 261 -53.23 -16.22 -5.54
C ARG M 261 -52.50 -17.55 -5.32
N VAL M 262 -51.81 -17.66 -4.19
CA VAL M 262 -51.06 -18.88 -3.89
C VAL M 262 -52.06 -19.98 -3.55
N PHE M 263 -51.86 -21.15 -4.14
CA PHE M 263 -52.74 -22.29 -3.93
C PHE M 263 -52.02 -23.37 -3.13
N GLN M 264 -52.74 -24.00 -2.21
CA GLN M 264 -52.19 -25.05 -1.37
C GLN M 264 -53.09 -26.28 -1.43
N ILE M 265 -52.46 -27.45 -1.55
CA ILE M 265 -53.16 -28.73 -1.62
C ILE M 265 -53.00 -29.43 -0.29
N SER M 266 -54.03 -30.19 0.10
CA SER M 266 -54.05 -30.86 1.40
C SER M 266 -54.59 -32.28 1.23
N PHE M 267 -53.74 -33.27 1.50
CA PHE M 267 -54.14 -34.66 1.53
C PHE M 267 -54.36 -35.09 2.98
N PHE M 268 -55.29 -36.02 3.18
CA PHE M 268 -55.50 -36.56 4.51
C PHE M 268 -56.18 -37.93 4.39
N ASN M 269 -56.35 -38.58 5.54
CA ASN M 269 -56.98 -39.89 5.63
C ASN M 269 -56.17 -40.94 4.86
N LEU M 270 -54.92 -41.07 5.27
CA LEU M 270 -54.02 -42.09 4.75
C LEU M 270 -54.32 -43.43 5.40
N PRO M 271 -53.82 -44.52 4.82
CA PRO M 271 -54.06 -45.84 5.44
C PRO M 271 -53.42 -46.02 6.80
N THR M 272 -52.15 -45.63 6.97
CA THR M 272 -51.40 -45.91 8.18
C THR M 272 -50.79 -44.64 8.76
N VAL M 273 -50.58 -44.65 10.07
CA VAL M 273 -49.97 -43.54 10.79
C VAL M 273 -48.66 -44.03 11.39
N HIS M 274 -47.57 -43.34 11.08
CA HIS M 274 -46.25 -43.78 11.51
C HIS M 274 -45.86 -43.17 12.84
N ARG M 275 -45.16 -43.96 13.64
CA ARG M 275 -44.57 -43.53 14.89
C ARG M 275 -43.32 -42.69 14.63
N ILE M 276 -43.00 -41.82 15.58
CA ILE M 276 -41.82 -40.98 15.41
C ILE M 276 -40.55 -41.82 15.43
N ARG M 277 -40.51 -42.89 16.22
CA ARG M 277 -39.33 -43.72 16.35
C ARG M 277 -39.23 -44.77 15.24
N ASP M 278 -39.93 -44.58 14.12
CA ASP M 278 -39.87 -45.49 13.00
C ASP M 278 -39.58 -44.77 11.68
N ILE M 279 -39.24 -43.50 11.72
CA ILE M 279 -38.94 -42.75 10.51
C ILE M 279 -37.56 -43.15 10.01
N ARG M 280 -37.48 -43.50 8.73
CA ARG M 280 -36.23 -43.89 8.09
C ARG M 280 -35.92 -42.93 6.95
N SER M 281 -34.71 -43.05 6.40
CA SER M 281 -34.23 -42.15 5.37
C SER M 281 -34.55 -42.61 3.96
N GLU M 282 -35.16 -43.78 3.79
CA GLU M 282 -35.62 -44.20 2.47
C GLU M 282 -37.01 -43.68 2.15
N LYS M 283 -37.65 -42.95 3.07
CA LYS M 283 -38.93 -42.31 2.84
C LYS M 283 -38.79 -40.80 2.64
N ILE M 284 -37.58 -40.33 2.35
CA ILE M 284 -37.33 -38.91 2.19
C ILE M 284 -38.07 -38.39 0.96
N GLY M 285 -38.77 -37.28 1.10
CA GLY M 285 -39.48 -36.70 -0.03
C GLY M 285 -40.74 -37.44 -0.42
N SER M 286 -41.40 -38.10 0.52
CA SER M 286 -42.66 -38.80 0.25
C SER M 286 -43.72 -38.29 1.23
N LEU M 287 -44.94 -38.80 1.06
CA LEU M 287 -46.09 -38.36 1.84
C LEU M 287 -46.38 -39.38 2.93
N LEU M 288 -46.45 -38.92 4.17
CA LEU M 288 -46.68 -39.79 5.32
C LEU M 288 -47.39 -38.99 6.41
N SER M 289 -47.94 -39.73 7.37
CA SER M 289 -48.68 -39.14 8.48
C SER M 289 -48.08 -39.62 9.80
N ILE M 290 -47.85 -38.69 10.72
CA ILE M 290 -47.18 -39.00 11.99
C ILE M 290 -47.98 -38.42 13.15
N SER M 291 -47.66 -38.88 14.35
CA SER M 291 -48.35 -38.49 15.58
C SER M 291 -47.34 -38.01 16.62
N GLY M 292 -47.80 -37.14 17.52
CA GLY M 292 -46.94 -36.62 18.56
C GLY M 292 -47.67 -35.64 19.46
N THR M 293 -46.92 -35.13 20.43
CA THR M 293 -47.44 -34.17 21.41
C THR M 293 -46.70 -32.84 21.28
N VAL M 294 -47.45 -31.75 21.30
CA VAL M 294 -46.93 -30.43 20.97
C VAL M 294 -46.51 -29.71 22.25
N THR M 295 -45.33 -29.12 22.24
CA THR M 295 -44.78 -28.44 23.41
C THR M 295 -44.54 -26.96 23.20
N ARG M 296 -43.99 -26.57 22.05
CA ARG M 296 -43.56 -25.19 21.86
C ARG M 296 -43.99 -24.68 20.50
N THR M 297 -44.50 -23.46 20.47
CA THR M 297 -44.89 -22.78 19.25
C THR M 297 -44.25 -21.40 19.19
N SER M 298 -44.02 -20.91 17.98
CA SER M 298 -43.43 -19.59 17.76
C SER M 298 -44.46 -18.67 17.10
N GLU M 299 -44.13 -17.39 17.04
CA GLU M 299 -45.02 -16.40 16.45
C GLU M 299 -44.93 -16.44 14.93
N VAL M 300 -45.92 -15.83 14.29
CA VAL M 300 -46.04 -15.88 12.84
C VAL M 300 -45.17 -14.79 12.24
N ARG M 301 -44.32 -15.18 11.28
CA ARG M 301 -43.41 -14.26 10.63
C ARG M 301 -43.48 -14.43 9.12
N PRO M 302 -43.24 -13.37 8.36
CA PRO M 302 -43.27 -13.49 6.90
C PRO M 302 -42.08 -14.23 6.34
N GLU M 303 -42.30 -14.88 5.19
CA GLU M 303 -41.28 -15.70 4.54
C GLU M 303 -41.13 -15.28 3.08
N LEU M 304 -39.89 -15.23 2.61
CA LEU M 304 -39.61 -14.86 1.24
C LEU M 304 -39.97 -16.02 0.31
N TYR M 305 -40.82 -15.73 -0.68
CA TYR M 305 -41.33 -16.75 -1.59
C TYR M 305 -40.88 -16.48 -3.03
N LYS M 306 -41.20 -15.31 -3.57
CA LYS M 306 -40.79 -14.93 -4.93
C LYS M 306 -40.26 -13.51 -4.89
N ALA M 307 -38.98 -13.35 -5.17
CA ALA M 307 -38.27 -12.10 -4.95
C ALA M 307 -37.98 -11.39 -6.27
N SER M 308 -37.69 -10.09 -6.19
CA SER M 308 -37.30 -9.20 -7.30
C SER M 308 -35.85 -8.74 -7.06
N PHE M 309 -34.99 -8.80 -8.05
CA PHE M 309 -33.59 -8.41 -7.94
C PHE M 309 -33.25 -7.39 -9.01
N THR M 310 -32.30 -6.51 -8.69
CA THR M 310 -31.78 -5.54 -9.64
C THR M 310 -30.30 -5.81 -9.89
N CYS M 311 -29.89 -5.60 -11.13
CA CYS M 311 -28.52 -5.91 -11.58
C CYS M 311 -27.66 -4.79 -11.05
N ASP M 312 -26.41 -5.06 -10.80
CA ASP M 312 -25.49 -4.02 -10.35
C ASP M 312 -24.58 -3.51 -11.45
N MET M 313 -24.31 -4.30 -12.46
CA MET M 313 -23.56 -3.79 -13.62
C MET M 313 -24.59 -2.92 -14.35
N CYS M 314 -25.58 -3.51 -15.00
CA CYS M 314 -26.72 -2.79 -15.64
C CYS M 314 -27.80 -2.61 -14.58
N ARG M 315 -28.91 -1.92 -14.79
CA ARG M 315 -30.08 -1.91 -13.92
C ARG M 315 -31.28 -2.46 -14.69
N ALA M 316 -31.43 -3.78 -14.60
CA ALA M 316 -32.57 -4.50 -15.17
C ALA M 316 -33.32 -5.09 -13.97
N ILE M 317 -34.56 -5.54 -14.13
CA ILE M 317 -35.42 -6.09 -13.08
C ILE M 317 -35.71 -7.54 -13.42
N VAL M 318 -35.40 -8.43 -12.48
CA VAL M 318 -35.72 -9.84 -12.59
C VAL M 318 -36.71 -10.17 -11.49
N ASP M 319 -37.88 -10.66 -11.86
CA ASP M 319 -38.97 -10.88 -10.92
C ASP M 319 -39.32 -12.36 -10.86
N ASN M 320 -39.97 -12.73 -9.76
CA ASN M 320 -40.49 -14.08 -9.54
C ASN M 320 -39.38 -15.13 -9.63
N VAL M 321 -38.46 -15.03 -8.68
CA VAL M 321 -37.40 -16.01 -8.51
C VAL M 321 -37.84 -16.97 -7.41
N GLU M 322 -37.81 -18.26 -7.71
CA GLU M 322 -38.26 -19.28 -6.76
C GLU M 322 -37.15 -19.57 -5.75
N GLN M 323 -37.49 -19.53 -4.47
CA GLN M 323 -36.49 -19.69 -3.41
C GLN M 323 -36.25 -21.13 -3.02
N SER M 324 -37.30 -21.94 -2.87
CA SER M 324 -37.13 -23.36 -2.57
C SER M 324 -36.25 -23.60 -1.35
N PHE M 325 -36.70 -23.16 -0.17
CA PHE M 325 -36.12 -23.46 1.12
C PHE M 325 -34.82 -22.72 1.39
N LYS M 326 -34.28 -21.96 0.44
CA LYS M 326 -33.04 -21.24 0.65
C LYS M 326 -33.13 -19.89 -0.07
N TYR M 327 -32.12 -19.05 0.19
CA TYR M 327 -32.03 -17.71 -0.39
C TYR M 327 -31.34 -17.81 -1.74
N THR M 328 -32.14 -18.14 -2.76
CA THR M 328 -31.61 -18.30 -4.11
C THR M 328 -31.52 -16.96 -4.82
N GLU M 329 -30.49 -16.81 -5.64
CA GLU M 329 -30.29 -15.64 -6.48
C GLU M 329 -30.27 -16.04 -7.95
N PRO M 330 -30.57 -15.11 -8.86
CA PRO M 330 -30.53 -15.46 -10.29
C PRO M 330 -29.13 -15.78 -10.75
N THR M 331 -29.03 -16.67 -11.74
CA THR M 331 -27.74 -17.14 -12.23
C THR M 331 -27.41 -16.63 -13.63
N PHE M 332 -28.26 -15.77 -14.20
CA PHE M 332 -27.92 -15.16 -15.48
C PHE M 332 -28.81 -13.96 -15.78
N CYS M 333 -28.21 -12.81 -16.06
CA CYS M 333 -28.95 -11.59 -16.47
C CYS M 333 -29.73 -12.02 -17.69
N PRO M 334 -30.99 -11.67 -17.84
CA PRO M 334 -31.72 -12.03 -19.07
C PRO M 334 -31.30 -11.24 -20.30
N ASN M 335 -30.81 -9.99 -20.17
CA ASN M 335 -30.34 -9.18 -21.34
C ASN M 335 -29.27 -9.98 -22.06
N PRO M 336 -29.35 -10.24 -23.38
CA PRO M 336 -28.29 -10.92 -24.15
C PRO M 336 -26.96 -10.18 -24.16
N SER M 337 -26.86 -9.02 -23.52
CA SER M 337 -25.63 -8.24 -23.55
C SER M 337 -24.92 -8.31 -22.20
N CYS M 338 -25.60 -7.95 -21.14
CA CYS M 338 -24.96 -7.95 -19.81
C CYS M 338 -24.57 -9.39 -19.51
N GLU M 339 -23.45 -9.62 -18.85
CA GLU M 339 -22.88 -10.93 -18.53
C GLU M 339 -22.73 -11.04 -17.03
N ASN M 340 -23.70 -10.50 -16.28
CA ASN M 340 -23.66 -10.51 -14.80
C ASN M 340 -24.22 -11.82 -14.34
N ARG M 341 -23.60 -12.45 -13.38
CA ARG M 341 -24.09 -13.71 -12.82
C ARG M 341 -23.95 -13.79 -11.30
N ALA M 342 -23.44 -12.76 -10.62
CA ALA M 342 -23.17 -12.88 -9.19
C ALA M 342 -23.64 -11.66 -8.38
N PHE M 343 -23.83 -10.53 -9.03
CA PHE M 343 -24.03 -9.26 -8.33
C PHE M 343 -25.48 -8.81 -8.48
N TRP M 344 -26.21 -8.80 -7.37
CA TRP M 344 -27.64 -8.50 -7.38
C TRP M 344 -28.02 -7.79 -6.09
N THR M 345 -29.12 -7.04 -6.15
CA THR M 345 -29.66 -6.36 -4.99
C THR M 345 -31.16 -6.62 -4.93
N LEU M 346 -31.70 -6.58 -3.72
CA LEU M 346 -33.05 -7.05 -3.43
C LEU M 346 -33.98 -5.86 -3.20
N ASN M 347 -35.11 -5.84 -3.91
CA ASN M 347 -36.17 -4.88 -3.68
C ASN M 347 -37.16 -5.51 -2.70
N VAL M 348 -37.08 -5.14 -1.44
CA VAL M 348 -37.95 -5.73 -0.40
C VAL M 348 -39.33 -5.09 -0.50
N THR M 349 -39.52 -4.03 -1.25
CA THR M 349 -40.84 -3.42 -1.34
C THR M 349 -41.75 -4.20 -2.28
N ARG M 350 -41.21 -4.75 -3.37
CA ARG M 350 -42.00 -5.41 -4.39
C ARG M 350 -41.71 -6.91 -4.47
N SER M 351 -41.60 -7.56 -3.32
CA SER M 351 -41.44 -9.00 -3.25
C SER M 351 -42.64 -9.60 -2.52
N ARG M 352 -42.94 -10.85 -2.85
CA ARG M 352 -44.14 -11.57 -2.36
C ARG M 352 -43.76 -12.52 -1.20
N PHE M 353 -44.45 -12.49 -0.06
CA PHE M 353 -44.15 -13.26 1.14
C PHE M 353 -45.27 -14.23 1.46
N LEU M 354 -44.95 -15.23 2.29
CA LEU M 354 -45.90 -16.12 2.92
C LEU M 354 -45.75 -16.07 4.43
N ASP M 355 -46.67 -16.72 5.13
CA ASP M 355 -46.71 -16.77 6.58
C ASP M 355 -46.05 -18.05 7.07
N TRP M 356 -45.27 -17.94 8.15
CA TRP M 356 -44.36 -18.99 8.57
C TRP M 356 -44.40 -19.16 10.08
N GLN M 357 -44.56 -20.39 10.55
CA GLN M 357 -44.50 -20.72 11.96
C GLN M 357 -43.79 -22.05 12.16
N LYS M 358 -43.18 -22.24 13.34
CA LYS M 358 -42.43 -23.44 13.68
C LYS M 358 -43.04 -24.06 14.94
N VAL M 359 -43.19 -25.38 14.92
CA VAL M 359 -43.80 -26.12 16.01
C VAL M 359 -42.89 -27.26 16.43
N ARG M 360 -42.84 -27.51 17.73
CA ARG M 360 -42.02 -28.56 18.32
C ARG M 360 -42.91 -29.67 18.85
N ILE M 361 -42.58 -30.92 18.53
CA ILE M 361 -43.41 -32.05 18.92
C ILE M 361 -42.57 -33.08 19.66
N GLN M 362 -43.27 -33.91 20.43
CA GLN M 362 -42.66 -34.91 21.29
C GLN M 362 -43.43 -36.22 21.14
N GLU M 363 -42.78 -37.31 21.48
CA GLU M 363 -43.38 -38.63 21.38
C GLU M 363 -44.38 -38.86 22.50
N ASN M 364 -45.43 -39.61 22.20
CA ASN M 364 -46.48 -39.88 23.17
C ASN M 364 -46.00 -40.87 24.23
N ALA M 365 -46.60 -40.79 25.41
CA ALA M 365 -46.10 -41.55 26.55
C ALA M 365 -46.19 -43.05 26.31
N ASN M 366 -47.26 -43.50 25.67
CA ASN M 366 -47.46 -44.93 25.49
C ASN M 366 -46.59 -45.53 24.38
N GLU M 367 -45.91 -44.70 23.61
CA GLU M 367 -45.14 -45.16 22.45
C GLU M 367 -43.64 -45.20 22.70
N ILE M 368 -43.19 -45.05 23.93
CA ILE M 368 -41.76 -45.00 24.26
C ILE M 368 -41.27 -46.41 24.54
N PRO M 369 -40.15 -46.85 23.97
CA PRO M 369 -39.64 -48.20 24.27
C PRO M 369 -39.17 -48.36 25.70
N THR M 370 -38.63 -49.55 26.00
CA THR M 370 -38.23 -49.89 27.36
C THR M 370 -36.85 -49.30 27.66
N GLY M 371 -36.78 -48.42 28.65
CA GLY M 371 -35.52 -47.88 29.12
C GLY M 371 -35.01 -46.65 28.38
N SER M 372 -35.78 -46.09 27.45
CA SER M 372 -35.31 -44.97 26.64
C SER M 372 -36.14 -43.72 26.91
N MET M 373 -35.62 -42.59 26.42
CA MET M 373 -36.18 -41.26 26.62
C MET M 373 -36.91 -40.78 25.38
N PRO M 374 -37.81 -39.81 25.53
CA PRO M 374 -38.60 -39.38 24.36
C PRO M 374 -37.76 -38.68 23.30
N ARG M 375 -38.29 -38.69 22.07
CA ARG M 375 -37.67 -38.08 20.91
C ARG M 375 -38.47 -36.85 20.48
N THR M 376 -37.82 -35.99 19.69
CA THR M 376 -38.41 -34.72 19.27
C THR M 376 -38.26 -34.55 17.77
N LEU M 377 -39.02 -33.58 17.24
CA LEU M 377 -39.01 -33.29 15.81
C LEU M 377 -39.56 -31.90 15.59
N ASP M 378 -39.02 -31.19 14.60
CA ASP M 378 -39.42 -29.83 14.29
C ASP M 378 -40.38 -29.85 13.10
N VAL M 379 -41.50 -29.14 13.23
CA VAL M 379 -42.56 -29.13 12.23
C VAL M 379 -42.69 -27.71 11.71
N ILE M 380 -42.77 -27.57 10.39
CA ILE M 380 -42.87 -26.28 9.72
C ILE M 380 -44.29 -26.16 9.16
N LEU M 381 -44.89 -24.99 9.38
CA LEU M 381 -46.23 -24.70 8.89
C LEU M 381 -46.20 -23.47 8.00
N ARG M 382 -47.06 -23.46 6.98
CA ARG M 382 -47.12 -22.37 6.02
C ARG M 382 -48.57 -21.98 5.78
N GLY M 383 -48.75 -20.75 5.31
CA GLY M 383 -50.05 -20.35 4.80
C GLY M 383 -51.11 -20.36 5.88
N ASP M 384 -52.21 -21.04 5.62
CA ASP M 384 -53.38 -21.02 6.49
C ASP M 384 -53.34 -22.08 7.58
N SER M 385 -52.32 -22.93 7.59
CA SER M 385 -52.19 -23.96 8.61
C SER M 385 -51.56 -23.44 9.90
N VAL M 386 -51.09 -22.19 9.91
CA VAL M 386 -50.42 -21.66 11.10
C VAL M 386 -51.44 -21.42 12.20
N GLU M 387 -51.01 -21.60 13.45
CA GLU M 387 -51.82 -21.31 14.63
C GLU M 387 -53.04 -22.24 14.73
N ARG M 388 -52.82 -23.53 14.48
CA ARG M 388 -53.84 -24.54 14.74
C ARG M 388 -53.45 -25.51 15.84
N ALA M 389 -52.19 -25.49 16.28
CA ALA M 389 -51.70 -26.40 17.31
C ALA M 389 -51.36 -25.59 18.56
N LYS M 390 -51.91 -26.00 19.68
CA LYS M 390 -51.59 -25.40 20.96
C LYS M 390 -50.58 -26.25 21.71
N PRO M 391 -49.83 -25.67 22.64
CA PRO M 391 -48.98 -26.50 23.51
C PRO M 391 -49.83 -27.47 24.31
N GLY M 392 -49.28 -28.67 24.53
CA GLY M 392 -49.99 -29.70 25.25
C GLY M 392 -51.17 -30.29 24.50
N ASP M 393 -50.94 -30.69 23.24
CA ASP M 393 -51.96 -31.32 22.43
C ASP M 393 -51.41 -32.57 21.77
N ARG M 394 -52.30 -33.51 21.45
CA ARG M 394 -51.96 -34.68 20.66
C ARG M 394 -52.53 -34.48 19.27
N CYS M 395 -51.65 -34.35 18.28
CA CYS M 395 -52.05 -34.03 16.92
C CYS M 395 -51.49 -35.04 15.94
N LYS M 396 -52.14 -35.15 14.79
CA LYS M 396 -51.68 -35.95 13.67
C LYS M 396 -51.32 -35.03 12.51
N PHE M 397 -50.14 -35.25 11.92
CA PHE M 397 -49.62 -34.40 10.87
C PHE M 397 -49.50 -35.20 9.59
N THR M 398 -49.96 -34.64 8.48
CA THR M 398 -49.71 -35.19 7.16
C THR M 398 -48.84 -34.20 6.37
N GLY M 399 -47.76 -34.70 5.79
CA GLY M 399 -46.85 -33.81 5.09
C GLY M 399 -45.72 -34.53 4.39
N VAL M 400 -44.59 -33.85 4.24
CA VAL M 400 -43.46 -34.34 3.45
C VAL M 400 -42.22 -34.34 4.33
N GLU M 401 -41.40 -35.39 4.18
CA GLU M 401 -40.20 -35.57 4.98
C GLU M 401 -39.02 -34.94 4.26
N ILE M 402 -38.44 -33.90 4.85
CA ILE M 402 -37.41 -33.09 4.21
C ILE M 402 -36.14 -33.12 5.04
N VAL M 403 -35.08 -32.56 4.47
CA VAL M 403 -33.76 -32.52 5.09
C VAL M 403 -33.28 -31.08 5.11
N VAL M 404 -32.63 -30.69 6.20
CA VAL M 404 -32.12 -29.33 6.36
C VAL M 404 -30.67 -29.41 6.82
N PRO M 405 -29.88 -28.38 6.54
CA PRO M 405 -28.47 -28.41 6.94
C PRO M 405 -28.29 -28.47 8.45
N ASP M 406 -27.22 -29.15 8.88
CA ASP M 406 -26.95 -29.45 10.28
C ASP M 406 -25.45 -29.38 10.51
N VAL M 407 -24.99 -28.32 11.20
CA VAL M 407 -23.57 -28.16 11.48
C VAL M 407 -23.18 -28.75 12.84
N THR M 408 -24.12 -29.37 13.54
CA THR M 408 -23.79 -29.98 14.82
C THR M 408 -23.15 -31.35 14.67
N GLN M 409 -23.22 -31.94 13.46
CA GLN M 409 -22.68 -33.28 13.23
C GLN M 409 -21.18 -33.29 13.01
N LEU M 410 -20.53 -32.14 12.95
CA LEU M 410 -19.09 -32.07 12.73
C LEU M 410 -18.40 -32.43 14.05
N GLY M 411 -18.05 -33.70 14.20
CA GLY M 411 -17.48 -34.18 15.45
C GLY M 411 -17.93 -35.59 15.78
N LEU M 412 -19.00 -36.03 15.13
CA LEU M 412 -19.49 -37.39 15.30
C LEU M 412 -18.58 -38.37 14.55
N PRO M 413 -18.41 -39.60 15.06
CA PRO M 413 -17.56 -40.55 14.36
C PRO M 413 -18.19 -40.98 13.03
N GLY M 414 -17.33 -41.45 12.13
CA GLY M 414 -17.75 -41.91 10.82
C GLY M 414 -17.30 -40.99 9.71
N VAL M 415 -17.57 -41.43 8.49
CA VAL M 415 -17.22 -40.64 7.30
C VAL M 415 -18.38 -39.70 6.98
N LYS M 416 -18.08 -38.41 6.89
CA LYS M 416 -19.08 -37.39 6.61
C LYS M 416 -18.94 -36.92 5.17
N PRO M 417 -19.97 -37.08 4.33
CA PRO M 417 -19.78 -36.84 2.90
C PRO M 417 -19.36 -35.40 2.60
N SER M 418 -18.62 -35.24 1.51
CA SER M 418 -18.06 -33.96 1.11
C SER M 418 -18.20 -33.80 -0.39
N SER M 419 -18.18 -32.55 -0.85
CA SER M 419 -18.40 -32.19 -2.27
C SER M 419 -17.19 -31.47 -2.83
N THR M 420 -16.90 -31.67 -4.09
CA THR M 420 -15.80 -31.01 -4.78
C THR M 420 -16.10 -30.98 -6.27
N LEU M 421 -15.43 -30.09 -6.98
CA LEU M 421 -15.64 -29.88 -8.40
C LEU M 421 -14.63 -30.68 -9.21
N ASP M 422 -15.06 -31.21 -10.35
CA ASP M 422 -14.23 -32.10 -11.15
C ASP M 422 -13.27 -31.28 -12.00
N THR M 423 -11.97 -31.52 -11.84
CA THR M 423 -10.94 -30.80 -12.58
C THR M 423 -10.47 -31.55 -13.81
N ARG M 424 -11.10 -32.67 -14.15
CA ARG M 424 -10.80 -33.41 -15.37
C ARG M 424 -11.67 -32.81 -16.48
N GLY M 425 -11.02 -32.08 -17.39
CA GLY M 425 -11.73 -31.50 -18.52
C GLY M 425 -11.58 -30.00 -18.61
N ILE M 426 -11.07 -29.38 -17.55
CA ILE M 426 -10.87 -27.94 -17.53
C ILE M 426 -9.49 -27.62 -18.08
N SER M 427 -9.42 -26.62 -18.95
CA SER M 427 -8.17 -26.21 -19.58
C SER M 427 -7.48 -25.20 -18.68
N LYS M 428 -6.24 -25.50 -18.29
CA LYS M 428 -5.49 -24.70 -17.33
C LYS M 428 -4.12 -24.37 -17.88
N THR M 429 -3.56 -23.28 -17.39
CA THR M 429 -2.24 -22.82 -17.82
C THR M 429 -1.28 -22.80 -16.63
N LEU M 443 -10.81 -26.02 -2.75
CA LEU M 443 -11.14 -25.02 -3.77
C LEU M 443 -12.64 -24.95 -3.97
N GLY M 444 -13.39 -24.93 -2.87
CA GLY M 444 -14.83 -24.87 -2.94
C GLY M 444 -15.51 -26.09 -2.39
N VAL M 445 -14.91 -26.72 -1.39
CA VAL M 445 -15.46 -27.92 -0.77
C VAL M 445 -16.60 -27.52 0.14
N ARG M 446 -17.74 -28.20 0.00
CA ARG M 446 -18.92 -27.98 0.83
C ARG M 446 -19.30 -29.28 1.54
N ASP M 447 -19.89 -29.13 2.72
CA ASP M 447 -20.21 -30.26 3.58
C ASP M 447 -21.65 -30.70 3.39
N LEU M 448 -21.84 -31.99 3.20
CA LEU M 448 -23.17 -32.58 3.02
C LEU M 448 -23.67 -33.21 4.31
N THR M 449 -23.98 -32.36 5.30
CA THR M 449 -24.53 -32.80 6.57
C THR M 449 -25.95 -32.26 6.72
N TYR M 450 -26.91 -33.16 6.99
CA TYR M 450 -28.32 -32.81 7.05
C TYR M 450 -28.98 -33.55 8.20
N LYS M 451 -30.13 -33.03 8.64
CA LYS M 451 -30.97 -33.68 9.62
C LYS M 451 -32.42 -33.68 9.14
N ILE M 452 -33.20 -34.63 9.65
CA ILE M 452 -34.55 -34.88 9.13
C ILE M 452 -35.54 -33.95 9.81
N SER M 453 -36.31 -33.23 9.01
CA SER M 453 -37.34 -32.32 9.48
C SER M 453 -38.65 -32.64 8.76
N PHE M 454 -39.72 -31.93 9.13
CA PHE M 454 -41.05 -32.24 8.64
C PHE M 454 -41.80 -30.96 8.26
N LEU M 455 -42.44 -30.97 7.10
CA LEU M 455 -43.24 -29.87 6.59
C LEU M 455 -44.66 -30.36 6.40
N ALA M 456 -45.63 -29.65 6.98
CA ALA M 456 -46.99 -30.15 7.12
C ALA M 456 -47.95 -29.39 6.23
N CYS M 457 -48.95 -30.11 5.73
CA CYS M 457 -50.08 -29.54 4.99
C CYS M 457 -51.41 -29.72 5.69
N HIS M 458 -51.55 -30.73 6.55
CA HIS M 458 -52.78 -30.94 7.31
C HIS M 458 -52.44 -31.23 8.76
N VAL M 459 -53.11 -30.52 9.67
CA VAL M 459 -52.93 -30.69 11.11
C VAL M 459 -54.30 -30.92 11.73
N ILE M 460 -54.42 -31.98 12.52
CA ILE M 460 -55.66 -32.35 13.17
C ILE M 460 -55.38 -32.72 14.62
N SER M 461 -56.25 -32.32 15.52
CA SER M 461 -56.09 -32.56 16.95
C SER M 461 -57.04 -33.68 17.36
N ILE M 462 -56.47 -34.83 17.75
CA ILE M 462 -57.22 -36.03 18.07
C ILE M 462 -56.95 -36.40 19.52
N GLY M 463 -58.00 -36.67 20.27
CA GLY M 463 -57.86 -37.12 21.65
C GLY M 463 -57.00 -36.21 22.48
N GLU M 512 -77.91 -37.60 19.40
CA GLU M 512 -76.96 -37.16 20.42
C GLU M 512 -77.64 -36.28 21.47
N ILE M 513 -78.49 -35.35 21.02
CA ILE M 513 -79.28 -34.56 21.97
C ILE M 513 -80.31 -35.43 22.67
N ASN M 514 -80.71 -36.53 22.04
CA ASN M 514 -81.66 -37.45 22.65
C ASN M 514 -81.18 -37.92 24.01
N GLU M 515 -79.90 -38.28 24.10
CA GLU M 515 -79.35 -38.76 25.36
C GLU M 515 -79.20 -37.65 26.37
N LEU M 516 -78.78 -36.45 25.92
CA LEU M 516 -78.62 -35.35 26.86
C LEU M 516 -79.94 -34.95 27.51
N LYS M 517 -80.99 -34.78 26.71
CA LYS M 517 -82.29 -34.44 27.26
C LYS M 517 -82.89 -35.57 28.07
N GLU M 518 -82.49 -36.81 27.82
CA GLU M 518 -82.89 -37.92 28.67
C GLU M 518 -82.18 -37.83 30.03
N MET M 519 -80.90 -37.47 30.02
CA MET M 519 -80.18 -37.31 31.27
C MET M 519 -80.78 -36.19 32.12
N VAL M 520 -81.07 -35.04 31.51
CA VAL M 520 -81.48 -33.89 32.30
C VAL M 520 -82.74 -34.21 33.11
N LYS M 521 -83.58 -35.12 32.62
CA LYS M 521 -84.88 -35.33 33.26
C LYS M 521 -84.76 -36.17 34.52
N ASP M 522 -84.04 -37.29 34.45
CA ASP M 522 -83.99 -38.24 35.56
C ASP M 522 -83.73 -37.53 36.88
N GLU M 523 -84.57 -37.77 37.88
CA GLU M 523 -84.48 -37.07 39.15
C GLU M 523 -83.65 -37.82 40.19
N HIS M 524 -82.86 -38.82 39.77
CA HIS M 524 -81.76 -39.35 40.57
C HIS M 524 -80.41 -39.15 39.88
N ILE M 525 -80.30 -38.09 39.06
CA ILE M 525 -79.09 -37.94 38.26
C ILE M 525 -77.88 -37.66 39.12
N TYR M 526 -78.06 -36.91 40.21
CA TYR M 526 -76.93 -36.59 41.08
C TYR M 526 -76.29 -37.85 41.66
N ASP M 527 -77.11 -38.77 42.15
CA ASP M 527 -76.58 -39.99 42.75
C ASP M 527 -75.90 -40.87 41.71
N LYS M 528 -76.47 -40.96 40.51
CA LYS M 528 -75.82 -41.71 39.44
C LYS M 528 -74.47 -41.10 39.07
N LEU M 529 -74.41 -39.78 38.96
CA LEU M 529 -73.15 -39.12 38.67
C LEU M 529 -72.12 -39.39 39.75
N VAL M 530 -72.54 -39.35 41.02
CA VAL M 530 -71.62 -39.64 42.11
C VAL M 530 -71.12 -41.08 42.00
N ARG M 531 -72.00 -42.01 41.68
CA ARG M 531 -71.64 -43.41 41.61
C ARG M 531 -70.90 -43.78 40.33
N SER M 532 -70.77 -42.85 39.38
CA SER M 532 -70.04 -43.10 38.15
C SER M 532 -68.58 -42.66 38.19
N ILE M 533 -68.14 -42.02 39.28
CA ILE M 533 -66.78 -41.39 39.36
C ILE M 533 -65.84 -42.41 40.00
N ALA M 534 -64.62 -42.54 39.50
CA ALA M 534 -63.57 -43.43 39.99
C ALA M 534 -64.16 -44.79 40.36
N PRO M 535 -64.80 -45.48 39.41
CA PRO M 535 -65.48 -46.72 39.77
C PRO M 535 -64.57 -47.78 40.37
N ALA M 536 -63.29 -47.79 40.03
CA ALA M 536 -62.37 -48.79 40.55
C ALA M 536 -62.16 -48.67 42.06
N VAL M 537 -62.37 -47.50 42.63
CA VAL M 537 -62.15 -47.28 44.06
C VAL M 537 -63.42 -47.65 44.80
N PHE M 538 -63.27 -48.17 46.02
CA PHE M 538 -64.39 -48.66 46.80
C PHE M 538 -64.81 -47.61 47.82
N GLY M 539 -66.07 -47.17 47.74
CA GLY M 539 -66.57 -46.25 48.75
C GLY M 539 -65.97 -44.87 48.60
N HIS M 540 -65.87 -44.15 49.73
CA HIS M 540 -65.35 -42.79 49.77
C HIS M 540 -66.18 -41.86 48.89
N GLU M 541 -67.45 -41.71 49.26
CA GLU M 541 -68.38 -40.93 48.45
C GLU M 541 -68.16 -39.43 48.58
N ALA M 542 -67.66 -38.98 49.72
CA ALA M 542 -67.43 -37.55 49.92
C ALA M 542 -66.40 -37.02 48.91
N VAL M 543 -65.31 -37.74 48.73
CA VAL M 543 -64.30 -37.32 47.77
C VAL M 543 -64.87 -37.35 46.36
N LYS M 544 -65.71 -38.34 46.06
CA LYS M 544 -66.33 -38.42 44.74
C LYS M 544 -67.21 -37.21 44.47
N LYS M 545 -67.98 -36.77 45.47
CA LYS M 545 -68.78 -35.56 45.29
C LYS M 545 -67.89 -34.34 45.09
N GLY M 546 -66.83 -34.23 45.91
CA GLY M 546 -65.96 -33.07 45.81
C GLY M 546 -65.30 -32.95 44.44
N ILE M 547 -64.86 -34.08 43.88
CA ILE M 547 -64.20 -34.05 42.58
C ILE M 547 -65.16 -33.59 41.50
N LEU M 548 -66.41 -34.05 41.55
CA LEU M 548 -67.41 -33.60 40.59
C LEU M 548 -67.63 -32.10 40.70
N LEU M 549 -67.84 -31.60 41.93
CA LEU M 549 -68.06 -30.16 42.10
C LEU M 549 -66.85 -29.37 41.62
N GLN M 550 -65.64 -29.92 41.76
CA GLN M 550 -64.45 -29.27 41.26
C GLN M 550 -64.37 -29.28 39.73
N MET M 551 -64.90 -30.28 39.07
CA MET M 551 -64.91 -30.40 37.59
C MET M 551 -65.99 -29.47 37.03
N LEU M 552 -67.00 -29.12 37.83
CA LEU M 552 -68.08 -28.29 37.30
C LEU M 552 -67.75 -26.81 37.41
N GLY M 553 -67.55 -26.31 38.63
CA GLY M 553 -67.07 -24.94 38.82
C GLY M 553 -68.09 -23.97 39.38
N GLY M 554 -67.64 -22.74 39.67
CA GLY M 554 -68.50 -21.70 40.16
C GLY M 554 -68.70 -20.58 39.15
N VAL M 555 -68.74 -19.33 39.61
CA VAL M 555 -68.95 -18.17 38.75
C VAL M 555 -67.86 -17.15 39.03
N HIS M 556 -67.41 -16.46 37.98
CA HIS M 556 -66.41 -15.41 38.11
C HIS M 556 -67.08 -14.05 38.04
N LYS M 557 -66.83 -13.21 39.03
CA LYS M 557 -67.49 -11.92 39.17
C LYS M 557 -66.45 -10.81 39.34
N SER M 558 -66.87 -9.58 39.02
CA SER M 558 -66.01 -8.41 39.17
C SER M 558 -66.83 -7.26 39.73
N THR M 559 -66.25 -6.53 40.68
CA THR M 559 -66.92 -5.42 41.34
C THR M 559 -66.62 -4.11 40.63
N VAL M 560 -67.24 -3.04 41.14
CA VAL M 560 -67.01 -1.71 40.58
C VAL M 560 -65.56 -1.29 40.75
N GLU M 561 -64.99 -1.57 41.92
CA GLU M 561 -63.62 -1.16 42.23
C GLU M 561 -62.57 -2.06 41.60
N GLY M 562 -62.95 -2.94 40.68
CA GLY M 562 -61.98 -3.82 40.06
C GLY M 562 -61.56 -4.99 40.91
N ILE M 563 -62.26 -5.26 42.01
CA ILE M 563 -61.96 -6.42 42.84
C ILE M 563 -62.52 -7.65 42.17
N LYS M 564 -61.71 -8.71 42.10
CA LYS M 564 -62.06 -9.92 41.38
C LYS M 564 -62.47 -10.99 42.38
N LEU M 565 -63.66 -11.54 42.21
CA LEU M 565 -64.17 -12.59 43.09
C LEU M 565 -63.92 -13.94 42.43
N ARG M 566 -63.18 -14.80 43.13
CA ARG M 566 -62.67 -16.04 42.57
C ARG M 566 -63.75 -17.12 42.55
N GLY M 567 -63.69 -17.99 41.54
CA GLY M 567 -64.71 -19.00 41.33
C GLY M 567 -64.19 -20.39 41.01
N ASP M 568 -63.04 -20.75 41.57
CA ASP M 568 -62.47 -22.08 41.43
C ASP M 568 -62.44 -22.76 42.79
N ILE M 569 -62.66 -24.07 42.81
CA ILE M 569 -62.67 -24.84 44.05
C ILE M 569 -61.39 -25.66 44.15
N ASN M 570 -60.74 -25.58 45.31
CA ASN M 570 -59.47 -26.25 45.55
C ASN M 570 -59.64 -27.28 46.66
N ILE M 571 -59.15 -28.49 46.42
CA ILE M 571 -59.36 -29.63 47.31
C ILE M 571 -58.02 -30.23 47.71
N CYS M 572 -57.95 -30.72 48.95
CA CYS M 572 -56.78 -31.44 49.45
C CYS M 572 -57.24 -32.72 50.14
N VAL M 573 -56.61 -33.83 49.78
CA VAL M 573 -56.91 -35.13 50.35
C VAL M 573 -55.73 -35.54 51.23
N VAL M 574 -56.01 -35.88 52.49
CA VAL M 574 -54.98 -36.14 53.49
C VAL M 574 -55.06 -37.60 53.88
N GLY M 575 -53.93 -38.31 53.77
CA GLY M 575 -53.86 -39.70 54.17
C GLY M 575 -52.43 -40.16 54.19
N ASP M 576 -52.21 -41.30 54.82
CA ASP M 576 -50.87 -41.86 54.91
C ASP M 576 -50.60 -42.74 53.70
N PRO M 577 -49.36 -43.21 53.52
CA PRO M 577 -49.05 -44.00 52.32
C PRO M 577 -49.89 -45.25 52.16
N SER M 578 -50.63 -45.68 53.18
CA SER M 578 -51.46 -46.86 53.07
C SER M 578 -52.74 -46.61 52.29
N THR M 579 -53.25 -45.38 52.30
CA THR M 579 -54.57 -45.11 51.75
C THR M 579 -54.51 -44.98 50.22
N SER M 580 -55.65 -45.27 49.59
CA SER M 580 -55.75 -45.27 48.14
C SER M 580 -56.05 -43.88 47.59
N LYS M 581 -55.20 -42.91 47.89
CA LYS M 581 -55.50 -41.52 47.52
C LYS M 581 -54.96 -41.14 46.15
N SER M 582 -54.02 -41.89 45.60
CA SER M 582 -53.48 -41.57 44.28
C SER M 582 -54.36 -42.08 43.14
N GLN M 583 -55.24 -43.04 43.41
CA GLN M 583 -56.14 -43.52 42.37
C GLN M 583 -57.15 -42.45 41.97
N PHE M 584 -57.59 -41.62 42.92
CA PHE M 584 -58.44 -40.49 42.56
C PHE M 584 -57.75 -39.57 41.57
N LEU M 585 -56.49 -39.22 41.82
CA LEU M 585 -55.76 -38.35 40.91
C LEU M 585 -55.57 -38.99 39.54
N LYS M 586 -55.21 -40.27 39.52
CA LYS M 586 -55.03 -40.95 38.24
C LYS M 586 -56.34 -41.03 37.46
N TYR M 587 -57.48 -41.12 38.15
CA TYR M 587 -58.75 -41.09 37.45
C TYR M 587 -58.97 -39.75 36.78
N VAL M 588 -58.70 -38.65 37.50
CA VAL M 588 -58.94 -37.32 36.93
C VAL M 588 -58.00 -37.02 35.79
N VAL M 589 -56.73 -37.44 35.86
CA VAL M 589 -55.81 -37.18 34.76
C VAL M 589 -56.13 -38.01 33.53
N GLY M 590 -56.92 -39.06 33.67
CA GLY M 590 -57.35 -39.85 32.53
C GLY M 590 -58.68 -39.41 31.96
N PHE M 591 -59.48 -38.70 32.75
CA PHE M 591 -60.82 -38.31 32.33
C PHE M 591 -60.86 -36.89 31.78
N ALA M 592 -60.46 -35.92 32.59
CA ALA M 592 -60.71 -34.50 32.30
C ALA M 592 -59.96 -34.03 31.05
N PRO M 593 -60.47 -33.02 30.34
CA PRO M 593 -59.85 -32.61 29.07
C PRO M 593 -58.44 -32.05 29.22
N ARG M 594 -58.27 -31.03 30.08
CA ARG M 594 -56.98 -30.36 30.27
C ARG M 594 -56.54 -30.59 31.71
N SER M 595 -55.74 -31.63 31.92
CA SER M 595 -55.23 -31.97 33.24
C SER M 595 -53.79 -32.42 33.13
N VAL M 596 -53.02 -32.21 34.19
CA VAL M 596 -51.61 -32.56 34.24
C VAL M 596 -51.32 -33.20 35.59
N TYR M 597 -50.46 -34.21 35.59
CA TYR M 597 -50.06 -34.94 36.79
C TYR M 597 -48.59 -34.66 37.07
N THR M 598 -48.31 -34.14 38.26
CA THR M 598 -46.95 -33.84 38.69
C THR M 598 -46.73 -34.33 40.11
N SER M 599 -45.48 -34.63 40.43
CA SER M 599 -45.10 -35.15 41.74
C SER M 599 -44.12 -34.18 42.39
N GLY M 600 -44.03 -34.26 43.72
CA GLY M 600 -43.34 -33.23 44.47
C GLY M 600 -41.85 -33.14 44.14
N LYS M 601 -41.11 -34.25 44.21
CA LYS M 601 -39.63 -34.23 44.09
C LYS M 601 -39.18 -34.48 42.66
N ALA M 602 -40.08 -34.76 41.72
CA ALA M 602 -39.69 -34.88 40.32
C ALA M 602 -40.05 -33.62 39.53
N SER M 603 -40.30 -32.51 40.22
CA SER M 603 -40.74 -31.28 39.60
C SER M 603 -39.91 -30.11 40.10
N SER M 604 -39.52 -29.23 39.20
CA SER M 604 -38.82 -28.00 39.54
C SER M 604 -39.74 -26.80 39.36
N ALA M 605 -39.29 -25.65 39.87
CA ALA M 605 -40.11 -24.45 39.77
C ALA M 605 -40.32 -24.03 38.33
N ALA M 606 -39.27 -24.11 37.50
CA ALA M 606 -39.40 -23.74 36.10
C ALA M 606 -40.37 -24.67 35.36
N GLY M 607 -40.43 -25.93 35.77
CA GLY M 607 -41.35 -26.87 35.16
C GLY M 607 -42.80 -26.71 35.58
N LEU M 608 -43.05 -25.87 36.58
CA LEU M 608 -44.41 -25.54 36.99
C LEU M 608 -44.88 -24.21 36.42
N THR M 609 -44.06 -23.15 36.52
CA THR M 609 -44.46 -21.85 36.03
C THR M 609 -44.22 -21.65 34.55
N ALA M 610 -42.95 -21.57 34.13
CA ALA M 610 -42.63 -21.32 32.72
C ALA M 610 -41.11 -21.22 32.56
N ALA M 611 -40.68 -21.24 31.31
CA ALA M 611 -39.27 -21.11 30.95
C ALA M 611 -39.14 -20.40 29.62
N VAL M 612 -38.03 -19.68 29.44
CA VAL M 612 -37.82 -18.85 28.26
C VAL M 612 -36.64 -19.40 27.49
N VAL M 613 -36.82 -19.58 26.18
CA VAL M 613 -35.79 -20.10 25.28
C VAL M 613 -35.71 -19.18 24.07
N ARG M 614 -34.56 -19.17 23.41
CA ARG M 614 -34.33 -18.28 22.28
C ARG M 614 -34.43 -19.03 20.96
N ASP M 615 -34.95 -18.34 19.95
CA ASP M 615 -35.10 -18.92 18.62
C ASP M 615 -33.77 -18.90 17.88
N GLU M 616 -33.58 -19.96 17.09
CA GLU M 616 -32.42 -20.07 16.21
C GLU M 616 -32.60 -19.03 15.10
N GLU M 617 -33.82 -18.84 14.65
CA GLU M 617 -34.08 -17.87 13.59
C GLU M 617 -33.56 -16.49 13.99
N GLY M 618 -33.54 -16.19 15.28
CA GLY M 618 -32.99 -14.95 15.76
C GLY M 618 -33.99 -13.81 15.72
N GLY M 619 -33.86 -12.89 16.66
CA GLY M 619 -34.69 -11.69 16.69
C GLY M 619 -35.82 -11.71 17.70
N ASP M 620 -36.15 -12.86 18.27
CA ASP M 620 -37.28 -12.97 19.20
C ASP M 620 -36.97 -14.08 20.20
N TYR M 621 -37.89 -14.26 21.14
CA TYR M 621 -37.80 -15.29 22.17
C TYR M 621 -39.15 -15.99 22.25
N THR M 622 -39.17 -17.12 22.97
CA THR M 622 -40.38 -17.90 23.08
C THR M 622 -40.54 -18.41 24.51
N ILE M 623 -41.79 -18.46 24.96
CA ILE M 623 -42.13 -19.00 26.26
C ILE M 623 -42.50 -20.47 26.11
N GLU M 624 -42.07 -21.30 27.05
CA GLU M 624 -42.44 -22.71 27.10
C GLU M 624 -43.30 -22.97 28.33
N ALA M 625 -44.44 -23.60 28.13
CA ALA M 625 -45.45 -23.74 29.16
C ALA M 625 -45.03 -24.77 30.21
N GLY M 626 -45.53 -24.57 31.42
CA GLY M 626 -45.31 -25.50 32.51
C GLY M 626 -46.59 -26.21 32.89
N ALA M 627 -46.60 -26.89 34.03
CA ALA M 627 -47.78 -27.64 34.43
C ALA M 627 -48.96 -26.71 34.67
N LEU M 628 -48.74 -25.56 35.31
CA LEU M 628 -49.83 -24.65 35.62
C LEU M 628 -50.39 -23.99 34.36
N MET M 629 -49.56 -23.71 33.36
CA MET M 629 -50.07 -23.13 32.13
C MET M 629 -50.76 -24.16 31.24
N LEU M 630 -50.31 -25.42 31.27
CA LEU M 630 -50.97 -26.48 30.52
C LEU M 630 -52.27 -26.93 31.17
N ALA M 631 -52.59 -26.43 32.36
CA ALA M 631 -53.85 -26.73 33.03
C ALA M 631 -54.74 -25.50 33.13
N ASP M 632 -54.57 -24.53 32.23
CA ASP M 632 -55.38 -23.33 32.24
C ASP M 632 -56.83 -23.68 31.94
N ASN M 633 -57.75 -23.19 32.76
CA ASN M 633 -59.14 -23.65 32.77
C ASN M 633 -59.18 -25.18 32.82
N GLY M 634 -58.64 -25.72 33.90
CA GLY M 634 -58.58 -27.15 34.08
C GLY M 634 -58.15 -27.47 35.50
N ILE M 635 -57.77 -28.72 35.71
CA ILE M 635 -57.38 -29.22 37.02
C ILE M 635 -55.93 -29.66 36.96
N CYS M 636 -55.11 -29.13 37.86
CA CYS M 636 -53.75 -29.58 38.03
C CYS M 636 -53.70 -30.56 39.20
N CYS M 637 -53.08 -31.71 38.98
CA CYS M 637 -52.97 -32.75 39.99
C CYS M 637 -51.54 -32.75 40.54
N ILE M 638 -51.43 -32.65 41.86
CA ILE M 638 -50.14 -32.69 42.54
C ILE M 638 -50.19 -33.81 43.57
N ASP M 639 -49.30 -34.78 43.43
CA ASP M 639 -49.14 -35.84 44.40
C ASP M 639 -47.98 -35.50 45.33
N GLU M 640 -48.12 -35.84 46.60
CA GLU M 640 -47.12 -35.51 47.60
C GLU M 640 -46.92 -33.99 47.67
N PHE M 641 -47.97 -33.29 48.09
CA PHE M 641 -47.88 -31.84 48.26
C PHE M 641 -46.92 -31.44 49.38
N ASP M 642 -46.65 -32.33 50.33
CA ASP M 642 -45.84 -31.95 51.49
C ASP M 642 -44.34 -31.92 51.16
N LYS M 643 -43.93 -32.53 50.05
CA LYS M 643 -42.54 -32.49 49.62
C LYS M 643 -42.26 -31.30 48.71
N MET M 644 -43.14 -30.30 48.69
CA MET M 644 -42.93 -29.10 47.91
C MET M 644 -42.07 -28.12 48.70
N ASP M 645 -41.31 -27.30 47.98
CA ASP M 645 -40.47 -26.30 48.60
C ASP M 645 -41.23 -25.00 48.82
N ILE M 646 -40.68 -24.15 49.69
CA ILE M 646 -41.28 -22.85 49.91
C ILE M 646 -41.28 -22.03 48.61
N SER M 647 -40.22 -22.16 47.82
CA SER M 647 -40.14 -21.44 46.56
C SER M 647 -41.26 -21.83 45.62
N ASP M 648 -41.56 -23.13 45.54
CA ASP M 648 -42.69 -23.56 44.71
C ASP M 648 -44.02 -23.12 45.31
N GLN M 649 -44.10 -23.12 46.65
CA GLN M 649 -45.37 -22.80 47.29
C GLN M 649 -45.74 -21.33 47.13
N VAL M 650 -44.75 -20.44 47.02
CA VAL M 650 -44.96 -18.99 46.80
C VAL M 650 -45.51 -18.80 45.38
N ALA M 651 -45.13 -19.61 44.40
CA ALA M 651 -45.71 -19.57 43.06
C ALA M 651 -47.12 -20.15 43.03
N ILE M 652 -47.34 -21.24 43.74
CA ILE M 652 -48.69 -21.80 43.82
C ILE M 652 -49.64 -20.81 44.49
N HIS M 653 -49.18 -20.11 45.54
CA HIS M 653 -50.01 -19.10 46.18
C HIS M 653 -50.34 -17.96 45.21
N GLU M 654 -49.36 -17.55 44.40
CA GLU M 654 -49.64 -16.51 43.42
C GLU M 654 -50.69 -16.98 42.41
N ALA M 655 -50.62 -18.23 41.98
CA ALA M 655 -51.64 -18.77 41.09
C ALA M 655 -53.01 -18.89 41.76
N MET M 656 -53.04 -19.04 43.09
CA MET M 656 -54.31 -19.21 43.79
C MET M 656 -54.98 -17.87 44.13
N GLU M 657 -54.29 -16.85 44.62
CA GLU M 657 -54.86 -15.50 44.95
C GLU M 657 -54.99 -14.73 43.63
N GLN M 658 -53.93 -14.50 42.90
CA GLN M 658 -54.02 -13.97 41.56
C GLN M 658 -54.14 -15.14 40.59
N GLN M 659 -54.48 -14.85 39.34
CA GLN M 659 -54.48 -15.86 38.29
C GLN M 659 -53.44 -15.50 37.25
N THR M 660 -52.26 -15.12 37.74
CA THR M 660 -51.17 -14.68 36.88
C THR M 660 -49.87 -15.33 37.32
N ILE M 661 -48.94 -15.44 36.38
CA ILE M 661 -47.57 -15.85 36.64
C ILE M 661 -46.66 -14.75 36.10
N SER M 662 -45.70 -14.32 36.90
CA SER M 662 -44.79 -13.24 36.53
C SER M 662 -43.42 -13.82 36.20
N ILE M 663 -42.88 -13.42 35.07
CA ILE M 663 -41.58 -13.88 34.58
C ILE M 663 -40.66 -12.68 34.45
N ALA M 664 -39.50 -12.75 35.09
CA ALA M 664 -38.47 -11.74 34.94
C ALA M 664 -37.12 -12.45 35.00
N LYS M 665 -36.61 -12.84 33.82
CA LYS M 665 -35.33 -13.53 33.70
C LYS M 665 -34.73 -13.20 32.34
N ALA M 666 -33.47 -12.79 32.33
CA ALA M 666 -32.73 -12.53 31.10
C ALA M 666 -33.25 -11.26 30.42
N GLY M 667 -33.92 -10.40 31.18
CA GLY M 667 -34.42 -9.17 30.61
C GLY M 667 -35.79 -9.27 29.98
N ILE M 668 -36.51 -10.37 30.18
CA ILE M 668 -37.83 -10.57 29.63
C ILE M 668 -38.85 -10.38 30.74
N HIS M 669 -39.82 -9.50 30.51
CA HIS M 669 -40.96 -9.32 31.40
C HIS M 669 -42.22 -9.84 30.72
N ALA M 670 -43.01 -10.62 31.45
CA ALA M 670 -44.22 -11.18 30.87
C ALA M 670 -45.18 -11.58 31.98
N THR M 671 -46.46 -11.27 31.78
CA THR M 671 -47.53 -11.71 32.68
C THR M 671 -48.35 -12.76 31.94
N LEU M 672 -48.55 -13.91 32.57
CA LEU M 672 -49.19 -15.06 31.95
C LEU M 672 -50.39 -15.50 32.78
N ASN M 673 -51.32 -16.14 32.13
CA ASN M 673 -52.60 -16.51 32.77
C ASN M 673 -52.53 -17.93 33.32
N ALA M 674 -52.89 -18.12 34.58
CA ALA M 674 -53.05 -19.41 35.22
C ALA M 674 -54.38 -19.39 35.96
N ARG M 675 -55.45 -19.77 35.25
CA ARG M 675 -56.78 -19.89 35.84
C ARG M 675 -57.07 -21.38 35.99
N THR M 676 -56.61 -21.95 37.10
CA THR M 676 -56.56 -23.40 37.27
C THR M 676 -57.00 -23.78 38.68
N SER M 677 -57.55 -24.97 38.81
CA SER M 677 -57.92 -25.55 40.09
C SER M 677 -56.86 -26.54 40.53
N ILE M 678 -56.74 -26.72 41.85
CA ILE M 678 -55.68 -27.52 42.44
C ILE M 678 -56.30 -28.74 43.09
N LEU M 679 -55.85 -29.92 42.68
CA LEU M 679 -56.12 -31.17 43.39
C LEU M 679 -54.78 -31.65 43.95
N ALA M 680 -54.74 -31.83 45.27
CA ALA M 680 -53.48 -32.10 45.95
C ALA M 680 -53.67 -33.21 46.98
N ALA M 681 -52.67 -34.07 47.09
CA ALA M 681 -52.64 -35.14 48.06
C ALA M 681 -51.45 -34.93 48.98
N ALA M 682 -51.70 -34.96 50.30
CA ALA M 682 -50.68 -34.67 51.29
C ALA M 682 -50.60 -35.81 52.31
N ASN M 683 -49.38 -36.13 52.71
CA ASN M 683 -49.18 -37.12 53.76
C ASN M 683 -49.15 -36.42 55.12
N PRO M 684 -49.73 -37.01 56.16
CA PRO M 684 -49.55 -36.43 57.51
C PRO M 684 -48.09 -36.17 57.82
N VAL M 685 -47.82 -35.30 58.79
CA VAL M 685 -46.44 -34.88 59.04
C VAL M 685 -45.61 -36.06 59.56
N GLY M 686 -46.20 -36.90 60.39
CA GLY M 686 -45.47 -38.01 60.98
C GLY M 686 -45.92 -39.36 60.48
N GLY M 687 -46.17 -39.47 59.19
CA GLY M 687 -46.61 -40.73 58.62
C GLY M 687 -48.07 -41.01 58.87
N ARG M 688 -48.46 -41.03 60.14
CA ARG M 688 -49.83 -41.32 60.54
C ARG M 688 -50.52 -40.04 61.02
N TYR M 689 -51.85 -40.08 61.03
CA TYR M 689 -52.65 -38.93 61.44
C TYR M 689 -52.93 -39.01 62.93
N ASN M 690 -52.63 -37.92 63.64
CA ASN M 690 -52.87 -37.84 65.08
C ASN M 690 -54.23 -37.22 65.31
N ARG M 691 -55.18 -38.03 65.81
CA ARG M 691 -56.53 -37.54 66.04
C ARG M 691 -56.62 -36.57 67.21
N LYS M 692 -55.58 -36.48 68.04
CA LYS M 692 -55.59 -35.57 69.17
C LYS M 692 -55.09 -34.18 68.85
N LEU M 693 -54.44 -34.00 67.70
CA LEU M 693 -54.00 -32.69 67.24
C LEU M 693 -55.04 -32.09 66.31
N SER M 694 -54.92 -30.78 66.07
CA SER M 694 -55.76 -30.11 65.11
C SER M 694 -55.24 -30.38 63.70
N LEU M 695 -55.99 -29.91 62.70
CA LEU M 695 -55.56 -30.09 61.32
C LEU M 695 -54.24 -29.37 61.07
N ARG M 696 -54.09 -28.16 61.60
CA ARG M 696 -52.86 -27.41 61.39
C ARG M 696 -51.66 -28.14 61.97
N GLY M 697 -51.84 -28.81 63.11
CA GLY M 697 -50.73 -29.52 63.73
C GLY M 697 -50.26 -30.71 62.93
N ASN M 698 -51.11 -31.26 62.07
CA ASN M 698 -50.76 -32.45 61.31
C ASN M 698 -50.18 -32.15 59.94
N LEU M 699 -50.32 -30.92 59.45
CA LEU M 699 -49.87 -30.56 58.11
C LEU M 699 -48.64 -29.66 58.17
N ASN M 700 -48.00 -29.52 57.01
CA ASN M 700 -46.69 -28.89 56.88
C ASN M 700 -46.72 -27.72 55.90
N MET M 701 -47.86 -27.07 55.77
CA MET M 701 -48.08 -26.06 54.74
C MET M 701 -47.94 -24.66 55.30
N THR M 702 -47.65 -23.72 54.41
CA THR M 702 -47.60 -22.31 54.80
C THR M 702 -49.01 -21.81 55.06
N ALA M 703 -49.15 -20.90 56.03
CA ALA M 703 -50.47 -20.41 56.39
C ALA M 703 -51.22 -19.82 55.20
N PRO M 704 -50.61 -19.01 54.33
CA PRO M 704 -51.36 -18.51 53.16
C PRO M 704 -51.93 -19.61 52.28
N ILE M 705 -51.21 -20.71 52.09
CA ILE M 705 -51.72 -21.78 51.23
C ILE M 705 -52.88 -22.50 51.89
N MET M 706 -52.76 -22.81 53.18
CA MET M 706 -53.81 -23.56 53.87
C MET M 706 -55.13 -22.80 53.86
N SER M 707 -55.07 -21.48 54.02
CA SER M 707 -56.29 -20.69 54.17
C SER M 707 -57.17 -20.80 52.93
N ARG M 708 -56.61 -20.73 51.72
CA ARG M 708 -57.35 -20.70 50.42
C ARG M 708 -57.77 -22.08 49.91
N PHE M 709 -57.62 -23.16 50.66
CA PHE M 709 -58.17 -24.45 50.25
C PHE M 709 -59.60 -24.52 50.75
N ASP M 710 -60.52 -25.00 49.90
CA ASP M 710 -61.92 -25.04 50.28
C ASP M 710 -62.23 -26.24 51.15
N LEU M 711 -61.91 -27.44 50.69
CA LEU M 711 -62.30 -28.68 51.36
C LEU M 711 -61.06 -29.47 51.73
N PHE M 712 -61.02 -29.95 52.97
CA PHE M 712 -60.01 -30.88 53.44
C PHE M 712 -60.70 -32.21 53.73
N PHE M 713 -60.28 -33.26 53.05
CA PHE M 713 -60.82 -34.61 53.25
C PHE M 713 -59.74 -35.47 53.88
N VAL M 714 -60.05 -36.07 55.02
CA VAL M 714 -59.12 -36.95 55.73
C VAL M 714 -59.66 -38.37 55.64
N ILE M 715 -58.80 -39.29 55.24
CA ILE M 715 -59.15 -40.71 55.09
C ILE M 715 -58.56 -41.44 56.28
N LEU M 716 -59.41 -41.99 57.12
CA LEU M 716 -58.97 -42.75 58.30
C LEU M 716 -59.43 -44.19 58.14
N ASP M 717 -58.73 -45.14 58.76
CA ASP M 717 -58.99 -46.57 58.65
C ASP M 717 -59.87 -47.05 59.80
N ASP M 718 -60.77 -47.96 59.47
CA ASP M 718 -61.66 -48.57 60.46
C ASP M 718 -61.59 -50.07 60.31
N CYS M 719 -61.74 -50.78 61.43
CA CYS M 719 -61.66 -52.24 61.45
C CYS M 719 -63.06 -52.81 61.64
N ASN M 720 -63.71 -53.13 60.52
CA ASN M 720 -65.04 -53.72 60.51
C ASN M 720 -65.03 -54.93 59.58
N GLU M 721 -65.62 -56.03 60.02
CA GLU M 721 -65.48 -57.29 59.31
C GLU M 721 -66.26 -57.31 58.00
N LYS M 722 -67.50 -56.82 58.00
CA LYS M 722 -68.31 -56.85 56.79
C LYS M 722 -67.70 -55.99 55.70
N ILE M 723 -67.20 -54.81 56.06
CA ILE M 723 -66.53 -53.96 55.08
C ILE M 723 -65.31 -54.67 54.50
N ASP M 724 -64.54 -55.36 55.35
CA ASP M 724 -63.38 -56.08 54.84
C ASP M 724 -63.78 -57.18 53.88
N THR M 725 -64.85 -57.92 54.19
CA THR M 725 -65.32 -58.94 53.27
C THR M 725 -65.70 -58.33 51.92
N GLU M 726 -66.46 -57.23 51.94
CA GLU M 726 -66.85 -56.60 50.68
C GLU M 726 -65.63 -56.12 49.89
N LEU M 727 -64.69 -55.47 50.58
CA LEU M 727 -63.51 -54.94 49.91
C LEU M 727 -62.69 -56.05 49.27
N ALA M 728 -62.46 -57.14 50.01
CA ALA M 728 -61.69 -58.25 49.46
C ALA M 728 -62.39 -58.87 48.26
N SER M 729 -63.70 -59.04 48.36
CA SER M 729 -64.46 -59.57 47.23
C SER M 729 -64.24 -58.70 46.00
N HIS M 730 -64.32 -57.38 46.18
CA HIS M 730 -64.15 -56.46 45.06
C HIS M 730 -62.76 -56.60 44.44
N ILE M 731 -61.73 -56.62 45.28
CA ILE M 731 -60.36 -56.67 44.78
C ILE M 731 -60.13 -57.96 44.00
N VAL M 732 -60.58 -59.10 44.53
CA VAL M 732 -60.38 -60.36 43.84
C VAL M 732 -61.20 -60.42 42.56
N ASP M 733 -62.43 -59.86 42.59
CA ASP M 733 -63.26 -59.87 41.40
C ASP M 733 -62.57 -59.15 40.25
N LEU M 734 -61.96 -57.99 40.53
CA LEU M 734 -61.30 -57.26 39.46
C LEU M 734 -60.20 -58.10 38.81
N HIS M 735 -59.41 -58.81 39.60
CA HIS M 735 -58.35 -59.64 39.04
C HIS M 735 -58.90 -60.82 38.24
N MET M 736 -59.97 -61.46 38.73
CA MET M 736 -60.49 -62.62 38.03
C MET M 736 -61.24 -62.24 36.76
N LYS M 737 -62.06 -61.18 36.81
CA LYS M 737 -63.00 -60.88 35.76
C LYS M 737 -62.55 -59.75 34.85
N ARG M 738 -61.31 -59.30 34.96
CA ARG M 738 -60.81 -58.19 34.17
C ARG M 738 -61.68 -56.95 34.37
N ASP M 739 -62.26 -56.43 33.29
CA ASP M 739 -63.04 -55.20 33.38
C ASP M 739 -64.54 -55.45 33.49
N GLU M 740 -64.98 -56.71 33.54
CA GLU M 740 -66.39 -57.03 33.69
C GLU M 740 -66.72 -57.14 35.18
N ALA M 741 -66.36 -56.10 35.92
CA ALA M 741 -66.61 -56.08 37.35
C ALA M 741 -67.03 -54.70 37.84
N ILE M 742 -67.57 -53.87 36.97
CA ILE M 742 -67.85 -52.46 37.33
C ILE M 742 -69.31 -52.15 37.01
N GLU M 743 -69.70 -52.27 35.74
CA GLU M 743 -71.05 -51.93 35.34
C GLU M 743 -71.46 -50.57 35.90
N PRO M 744 -70.76 -49.50 35.54
CA PRO M 744 -71.10 -48.18 36.05
C PRO M 744 -72.39 -47.68 35.41
N PRO M 745 -73.08 -46.74 36.07
CA PRO M 745 -74.27 -46.16 35.42
C PRO M 745 -73.97 -45.48 34.09
N PHE M 746 -72.90 -44.68 34.00
CA PHE M 746 -72.57 -43.95 32.79
C PHE M 746 -71.13 -44.25 32.36
N SER M 747 -70.89 -44.07 31.07
CA SER M 747 -69.57 -44.25 30.49
C SER M 747 -68.83 -42.92 30.44
N ALA M 748 -67.54 -42.98 30.13
CA ALA M 748 -66.73 -41.77 30.09
C ALA M 748 -67.17 -40.82 28.98
N GLU M 749 -67.43 -41.34 27.78
CA GLU M 749 -67.87 -40.48 26.70
C GLU M 749 -69.22 -39.85 27.01
N GLN M 750 -70.09 -40.59 27.68
CA GLN M 750 -71.36 -40.00 28.14
C GLN M 750 -71.11 -38.89 29.14
N LEU M 751 -70.19 -39.09 30.08
CA LEU M 751 -70.01 -38.14 31.17
C LEU M 751 -69.34 -36.84 30.71
N ARG M 752 -68.39 -36.92 29.77
CA ARG M 752 -67.78 -35.70 29.25
C ARG M 752 -68.82 -34.78 28.63
N ARG M 753 -69.74 -35.33 27.86
CA ARG M 753 -70.74 -34.51 27.18
C ARG M 753 -71.62 -33.78 28.20
N TYR M 754 -72.04 -34.50 29.25
CA TYR M 754 -72.85 -33.87 30.28
C TYR M 754 -72.08 -32.77 31.01
N ILE M 755 -70.80 -32.99 31.30
CA ILE M 755 -70.03 -31.95 31.98
C ILE M 755 -69.90 -30.72 31.10
N LYS M 756 -69.61 -30.92 29.81
CA LYS M 756 -69.51 -29.79 28.89
C LYS M 756 -70.81 -29.01 28.85
N TYR M 757 -71.94 -29.71 28.77
CA TYR M 757 -73.23 -29.02 28.75
C TYR M 757 -73.46 -28.27 30.06
N ALA M 758 -73.12 -28.89 31.19
CA ALA M 758 -73.41 -28.29 32.48
C ALA M 758 -72.61 -27.02 32.72
N ARG M 759 -71.38 -26.94 32.20
CA ARG M 759 -70.56 -25.77 32.49
C ARG M 759 -71.08 -24.48 31.85
N THR M 760 -72.06 -24.55 30.96
CA THR M 760 -72.54 -23.36 30.25
C THR M 760 -73.76 -22.71 30.89
N PHE M 761 -74.05 -23.01 32.16
CA PHE M 761 -75.17 -22.41 32.87
C PHE M 761 -74.61 -21.43 33.89
N LYS M 762 -75.31 -20.31 34.09
CA LYS M 762 -74.83 -19.27 34.99
C LYS M 762 -75.87 -18.99 36.07
N PRO M 763 -75.82 -19.67 37.21
CA PRO M 763 -76.87 -19.51 38.22
C PRO M 763 -76.79 -18.19 38.96
N ILE M 764 -77.93 -17.82 39.57
CA ILE M 764 -78.06 -16.62 40.37
C ILE M 764 -78.71 -17.00 41.70
N LEU M 765 -78.47 -16.17 42.70
CA LEU M 765 -79.06 -16.35 44.02
C LEU M 765 -80.47 -15.75 44.08
N THR M 766 -81.28 -16.27 44.99
CA THR M 766 -82.66 -15.89 45.18
C THR M 766 -82.82 -15.22 46.55
N LYS M 767 -83.98 -14.59 46.77
CA LYS M 767 -84.19 -13.87 48.03
C LYS M 767 -84.35 -14.80 49.21
N GLU M 768 -84.93 -15.98 49.02
CA GLU M 768 -84.92 -16.97 50.10
C GLU M 768 -83.51 -17.42 50.42
N ALA M 769 -82.68 -17.57 49.39
CA ALA M 769 -81.33 -18.07 49.58
C ALA M 769 -80.51 -17.15 50.47
N ARG M 770 -80.67 -15.83 50.31
CA ARG M 770 -79.90 -14.89 51.10
C ARG M 770 -80.14 -15.11 52.60
N SER M 771 -81.42 -15.10 52.99
CA SER M 771 -81.76 -15.23 54.40
C SER M 771 -81.52 -16.64 54.94
N TYR M 772 -81.56 -17.66 54.07
CA TYR M 772 -81.18 -18.98 54.54
C TYR M 772 -79.67 -19.07 54.80
N LEU M 773 -78.88 -18.46 53.91
CA LEU M 773 -77.43 -18.43 54.11
C LEU M 773 -77.06 -17.74 55.41
N VAL M 774 -77.71 -16.61 55.70
CA VAL M 774 -77.34 -15.87 56.90
C VAL M 774 -77.49 -16.74 58.14
N GLU M 775 -78.62 -17.43 58.26
CA GLU M 775 -78.86 -18.27 59.42
C GLU M 775 -77.97 -19.51 59.44
N LYS M 776 -77.65 -20.09 58.29
CA LYS M 776 -76.74 -21.23 58.29
C LYS M 776 -75.35 -20.82 58.75
N TYR M 777 -74.89 -19.63 58.33
CA TYR M 777 -73.60 -19.14 58.80
C TYR M 777 -73.63 -18.91 60.31
N LYS M 778 -74.74 -18.46 60.85
CA LYS M 778 -74.82 -18.21 62.31
C LYS M 778 -74.92 -19.55 63.02
N GLU M 779 -75.45 -20.61 62.40
CA GLU M 779 -75.46 -21.92 63.02
C GLU M 779 -74.05 -22.49 63.09
N LEU M 780 -73.31 -22.39 61.97
CA LEU M 780 -71.91 -22.84 62.00
C LEU M 780 -71.13 -22.11 63.08
N ARG M 781 -71.20 -20.78 63.11
CA ARG M 781 -70.37 -20.03 64.04
C ARG M 781 -70.71 -20.39 65.48
N LYS M 782 -71.97 -20.52 65.86
CA LYS M 782 -72.37 -20.88 67.24
C LYS M 782 -71.95 -22.33 67.55
N ASP M 783 -72.01 -23.23 66.58
CA ASP M 783 -71.52 -24.58 66.87
C ASP M 783 -70.01 -24.63 67.06
N ASP M 784 -69.27 -23.71 66.44
CA ASP M 784 -67.82 -23.69 66.56
C ASP M 784 -67.35 -23.07 67.87
N ALA M 785 -68.25 -22.71 68.76
CA ALA M 785 -67.87 -22.13 70.04
C ALA M 785 -68.72 -22.71 71.17
N SER M 791 -63.11 -28.57 68.28
CA SER M 791 -63.05 -28.55 66.83
C SER M 791 -61.61 -28.62 66.34
N SER M 792 -61.45 -28.74 65.02
CA SER M 792 -60.13 -28.83 64.41
C SER M 792 -59.86 -27.76 63.38
N TYR M 793 -60.84 -26.92 63.06
CA TYR M 793 -60.71 -25.95 61.98
C TYR M 793 -61.79 -24.89 62.19
N ARG M 794 -61.37 -23.67 62.46
CA ARG M 794 -62.31 -22.63 62.87
C ARG M 794 -62.95 -21.97 61.67
N ILE M 795 -64.05 -21.27 61.92
CA ILE M 795 -64.93 -20.78 60.87
C ILE M 795 -64.70 -19.28 60.72
N THR M 796 -64.46 -18.85 59.49
CA THR M 796 -64.28 -17.45 59.15
C THR M 796 -65.21 -17.08 57.97
N VAL M 797 -65.07 -15.85 57.49
CA VAL M 797 -65.85 -15.42 56.32
C VAL M 797 -65.44 -16.18 55.07
N ARG M 798 -64.19 -16.65 55.03
CA ARG M 798 -63.76 -17.50 53.93
C ARG M 798 -64.68 -18.70 53.76
N GLN M 799 -65.16 -19.26 54.87
CA GLN M 799 -66.09 -20.37 54.79
C GLN M 799 -67.42 -19.96 54.17
N LEU M 800 -67.88 -18.73 54.44
CA LEU M 800 -69.08 -18.25 53.78
C LEU M 800 -68.90 -18.16 52.27
N GLU M 801 -67.77 -17.62 51.83
CA GLU M 801 -67.53 -17.54 50.40
C GLU M 801 -67.41 -18.93 49.76
N SER M 802 -66.77 -19.87 50.48
CA SER M 802 -66.72 -21.25 50.00
C SER M 802 -68.12 -21.84 49.90
N MET M 803 -68.99 -21.53 50.87
CA MET M 803 -70.36 -22.00 50.83
C MET M 803 -71.06 -21.52 49.56
N ILE M 804 -70.90 -20.24 49.24
CA ILE M 804 -71.53 -19.73 48.02
C ILE M 804 -70.99 -20.46 46.80
N ARG M 805 -69.67 -20.61 46.70
CA ARG M 805 -69.08 -21.27 45.54
C ARG M 805 -69.63 -22.69 45.38
N LEU M 806 -69.66 -23.44 46.48
CA LEU M 806 -70.19 -24.81 46.42
C LEU M 806 -71.65 -24.81 46.01
N SER M 807 -72.40 -23.78 46.41
CA SER M 807 -73.80 -23.70 46.02
C SER M 807 -73.94 -23.58 44.50
N GLU M 808 -73.22 -22.68 43.86
CA GLU M 808 -73.23 -22.56 42.39
C GLU M 808 -72.69 -23.87 41.77
N ALA M 809 -71.78 -24.60 42.42
CA ALA M 809 -71.32 -25.88 41.87
C ALA M 809 -72.45 -26.91 41.85
N ILE M 810 -73.19 -27.02 42.94
CA ILE M 810 -74.28 -27.99 42.98
C ILE M 810 -75.40 -27.59 42.02
N ALA M 811 -75.68 -26.28 41.90
CA ALA M 811 -76.67 -25.84 40.92
C ALA M 811 -76.26 -26.23 39.50
N ARG M 812 -74.98 -26.14 39.15
CA ARG M 812 -74.49 -26.58 37.82
C ARG M 812 -74.66 -28.10 37.74
N ALA M 813 -74.44 -28.81 38.85
CA ALA M 813 -74.65 -30.26 38.80
C ALA M 813 -76.09 -30.61 38.47
N ASN M 814 -77.05 -29.81 38.93
CA ASN M 814 -78.46 -30.08 38.64
C ASN M 814 -78.94 -29.46 37.33
N CYS M 815 -78.11 -28.69 36.63
CA CYS M 815 -78.43 -28.17 35.31
C CYS M 815 -79.63 -27.22 35.29
N VAL M 816 -79.75 -26.39 36.32
CA VAL M 816 -80.80 -25.37 36.38
C VAL M 816 -80.14 -24.01 36.40
N ASP M 817 -80.94 -22.94 36.42
CA ASP M 817 -80.40 -21.58 36.33
C ASP M 817 -80.62 -20.73 37.58
N GLU M 818 -81.19 -21.25 38.66
CA GLU M 818 -81.30 -20.46 39.90
C GLU M 818 -81.10 -21.36 41.12
N ILE M 819 -80.45 -20.87 42.17
CA ILE M 819 -80.14 -21.63 43.37
C ILE M 819 -81.35 -21.68 44.28
N THR M 820 -81.58 -22.85 44.89
CA THR M 820 -82.68 -23.07 45.80
C THR M 820 -82.16 -23.39 47.19
N PRO M 821 -82.96 -23.17 48.24
CA PRO M 821 -82.50 -23.48 49.60
C PRO M 821 -82.16 -24.94 49.82
N SER M 822 -82.66 -25.86 48.98
CA SER M 822 -82.30 -27.26 49.14
C SER M 822 -80.83 -27.51 48.86
N PHE M 823 -80.26 -26.81 47.86
CA PHE M 823 -78.85 -26.98 47.54
C PHE M 823 -77.97 -26.38 48.63
N ILE M 824 -78.43 -25.31 49.26
CA ILE M 824 -77.66 -24.74 50.36
C ILE M 824 -77.51 -25.77 51.47
N ALA M 825 -78.55 -26.58 51.70
CA ALA M 825 -78.46 -27.63 52.71
C ALA M 825 -77.39 -28.66 52.37
N GLU M 826 -77.31 -29.08 51.11
CA GLU M 826 -76.27 -30.04 50.73
C GLU M 826 -74.89 -29.43 50.90
N ALA M 827 -74.71 -28.18 50.47
CA ALA M 827 -73.42 -27.53 50.63
C ALA M 827 -73.03 -27.46 52.11
N TYR M 828 -73.97 -27.04 52.96
CA TYR M 828 -73.69 -26.92 54.39
C TYR M 828 -73.35 -28.27 55.00
N ASP M 829 -74.10 -29.32 54.63
CA ASP M 829 -73.82 -30.64 55.16
C ASP M 829 -72.46 -31.14 54.70
N LEU M 830 -72.11 -30.94 53.44
CA LEU M 830 -70.82 -31.38 52.95
C LEU M 830 -69.70 -30.70 53.72
N LEU M 831 -69.80 -29.38 53.88
CA LEU M 831 -68.75 -28.66 54.59
C LEU M 831 -68.67 -29.09 56.05
N ARG M 832 -69.82 -29.27 56.71
CA ARG M 832 -69.79 -29.65 58.12
C ARG M 832 -69.22 -31.05 58.30
N GLN M 833 -69.56 -31.97 57.40
CA GLN M 833 -69.01 -33.32 57.49
C GLN M 833 -67.51 -33.34 57.25
N SER M 834 -67.01 -32.48 56.37
CA SER M 834 -65.57 -32.47 56.12
C SER M 834 -64.78 -32.13 57.39
N ILE M 835 -65.42 -31.52 58.38
CA ILE M 835 -64.73 -31.13 59.61
C ILE M 835 -64.84 -32.27 60.62
N ILE M 836 -63.79 -32.45 61.41
CA ILE M 836 -63.70 -33.56 62.37
C ILE M 836 -63.36 -33.00 63.74
N ARG M 837 -63.66 -33.78 64.77
CA ARG M 837 -63.53 -33.34 66.15
C ARG M 837 -62.21 -33.84 66.73
N VAL M 838 -61.53 -32.97 67.48
CA VAL M 838 -60.26 -33.34 68.09
C VAL M 838 -60.51 -34.19 69.32
N ASP M 839 -59.84 -35.33 69.41
CA ASP M 839 -60.00 -36.23 70.53
C ASP M 839 -59.10 -35.78 71.68
N VAL M 840 -59.63 -35.81 72.90
CA VAL M 840 -58.90 -35.40 74.09
C VAL M 840 -58.95 -36.54 75.11
N ASP M 841 -57.91 -36.63 75.93
CA ASP M 841 -57.84 -37.69 76.93
C ASP M 841 -58.84 -37.43 78.05
N ASP M 842 -59.08 -38.47 78.84
CA ASP M 842 -60.02 -38.40 79.95
C ASP M 842 -61.42 -38.04 79.45
N ALA N 3 26.07 -12.24 4.75
CA ALA N 3 24.84 -12.08 3.97
C ALA N 3 23.75 -11.76 4.97
N ALA N 4 22.53 -12.14 4.68
CA ALA N 4 21.48 -11.99 5.68
C ALA N 4 21.52 -13.24 6.56
N LEU N 5 22.08 -14.33 6.09
CA LEU N 5 22.26 -15.48 7.02
C LEU N 5 23.76 -15.66 7.23
N PRO N 6 24.26 -15.17 8.36
CA PRO N 6 25.66 -15.39 8.68
C PRO N 6 25.97 -16.81 9.16
N SER N 7 27.20 -17.26 9.00
CA SER N 7 27.59 -18.60 9.42
C SER N 7 28.60 -18.52 10.57
N ILE N 8 28.63 -19.58 11.38
CA ILE N 8 29.46 -19.65 12.56
C ILE N 8 30.20 -20.99 12.57
N GLN N 9 31.26 -21.06 13.38
CA GLN N 9 32.13 -22.22 13.45
C GLN N 9 32.07 -22.83 14.85
N LEU N 10 31.83 -24.13 14.91
CA LEU N 10 31.65 -24.87 16.16
C LEU N 10 32.61 -26.05 16.24
N PRO N 11 32.93 -26.52 17.45
CA PRO N 11 33.94 -27.60 17.61
C PRO N 11 33.34 -29.00 17.54
N VAL N 12 32.70 -29.31 16.42
CA VAL N 12 31.97 -30.56 16.24
C VAL N 12 32.23 -31.07 14.82
N ASP N 13 31.97 -32.36 14.59
CA ASP N 13 32.02 -32.91 13.24
C ASP N 13 31.16 -34.17 13.21
N TYR N 14 30.17 -34.18 12.33
CA TYR N 14 29.20 -35.29 12.31
C TYR N 14 29.72 -36.49 11.52
N ASN N 15 30.40 -36.26 10.40
CA ASN N 15 30.99 -37.38 9.67
C ASN N 15 32.01 -38.11 10.53
N ASN N 16 32.68 -37.38 11.43
CA ASN N 16 33.68 -38.01 12.29
C ASN N 16 33.03 -38.90 13.33
N LEU N 17 31.91 -38.46 13.91
CA LEU N 17 31.25 -39.24 14.95
C LEU N 17 30.35 -40.34 14.40
N PHE N 18 29.93 -40.23 13.13
CA PHE N 18 29.15 -41.30 12.54
C PHE N 18 29.95 -42.59 12.39
N ASN N 19 31.23 -42.48 11.99
CA ASN N 19 32.07 -43.65 11.95
C ASN N 19 32.23 -44.28 13.31
N GLU N 20 32.31 -43.46 14.35
CA GLU N 20 32.39 -43.96 15.73
C GLU N 20 31.10 -44.67 16.13
N ILE N 21 29.95 -44.16 15.69
CA ILE N 21 28.69 -44.86 15.93
C ILE N 21 28.70 -46.23 15.27
N THR N 22 29.12 -46.28 14.01
CA THR N 22 29.15 -47.55 13.29
C THR N 22 30.09 -48.55 13.95
N ASP N 23 31.29 -48.09 14.34
CA ASP N 23 32.23 -49.00 14.97
C ASP N 23 31.67 -49.56 16.27
N PHE N 24 31.02 -48.73 17.07
CA PHE N 24 30.38 -49.21 18.30
C PHE N 24 29.31 -50.24 18.02
N LEU N 25 28.46 -50.00 17.02
CA LEU N 25 27.39 -50.94 16.73
C LEU N 25 27.90 -52.24 16.10
N VAL N 26 29.05 -52.26 15.48
CA VAL N 26 29.62 -53.47 14.82
C VAL N 26 30.90 -53.83 15.56
N THR N 27 31.03 -53.52 16.85
CA THR N 27 32.19 -53.97 17.61
C THR N 27 31.83 -54.46 19.01
N PHE N 28 30.84 -53.84 19.65
CA PHE N 28 30.65 -54.02 21.09
C PHE N 28 30.35 -55.46 21.47
N LYS N 29 31.30 -56.10 22.15
CA LYS N 29 31.05 -57.39 22.80
C LYS N 29 31.21 -57.17 24.29
N GLN N 30 30.12 -57.33 25.03
CA GLN N 30 30.11 -57.03 26.45
C GLN N 30 31.05 -57.97 27.20
N ASP N 31 31.64 -57.45 28.28
CA ASP N 31 32.60 -58.20 29.07
C ASP N 31 32.04 -59.56 29.49
N GLY N 60 28.13 -64.16 20.11
CA GLY N 60 28.46 -63.10 19.16
C GLY N 60 28.28 -61.72 19.76
N PRO N 61 28.56 -60.69 18.98
CA PRO N 61 28.46 -59.32 19.49
C PRO N 61 27.05 -59.00 19.99
N LYS N 62 27.00 -58.24 21.09
CA LYS N 62 25.75 -57.95 21.80
C LYS N 62 24.71 -57.29 20.91
N TYR N 63 25.00 -56.07 20.46
CA TYR N 63 24.01 -55.32 19.69
C TYR N 63 23.71 -56.01 18.36
N MET N 64 24.67 -56.73 17.79
CA MET N 64 24.41 -57.44 16.54
C MET N 64 23.64 -58.74 16.76
N ALA N 65 23.47 -59.19 18.00
CA ALA N 65 22.50 -60.24 18.30
C ALA N 65 21.13 -59.64 18.57
N MET N 66 21.09 -58.50 19.27
CA MET N 66 19.84 -57.77 19.38
C MET N 66 19.25 -57.52 18.00
N LEU N 67 20.08 -57.11 17.05
CA LEU N 67 19.64 -56.84 15.69
C LEU N 67 19.21 -58.10 14.95
N GLN N 68 19.86 -59.24 15.21
CA GLN N 68 19.43 -60.49 14.60
C GLN N 68 18.08 -60.96 15.13
N LYS N 69 17.79 -60.70 16.40
CA LYS N 69 16.44 -60.91 16.92
C LYS N 69 15.45 -59.90 16.33
N VAL N 70 15.91 -58.67 16.10
CA VAL N 70 15.06 -57.67 15.46
C VAL N 70 14.66 -58.14 14.07
N ALA N 71 15.58 -58.79 13.36
CA ALA N 71 15.31 -59.20 11.99
C ALA N 71 14.10 -60.14 11.92
N ASN N 72 14.05 -61.14 12.81
CA ASN N 72 13.01 -62.17 12.78
C ASN N 72 11.71 -61.73 13.42
N ARG N 73 11.51 -60.45 13.72
CA ARG N 73 10.27 -59.96 14.30
C ARG N 73 10.08 -60.44 15.74
N GLU N 74 11.16 -60.41 16.53
CA GLU N 74 11.11 -60.81 17.93
C GLU N 74 11.68 -59.74 18.85
N LEU N 75 11.66 -58.48 18.44
CA LEU N 75 11.97 -57.37 19.34
C LEU N 75 11.46 -56.09 18.68
N ASN N 76 10.90 -55.20 19.47
CA ASN N 76 10.23 -54.01 18.96
C ASN N 76 10.91 -52.70 19.36
N SER N 77 11.94 -52.75 20.21
CA SER N 77 12.56 -51.54 20.71
C SER N 77 14.05 -51.75 20.92
N VAL N 78 14.84 -50.73 20.65
CA VAL N 78 16.28 -50.73 20.90
C VAL N 78 16.55 -49.69 21.98
N ILE N 79 17.16 -50.12 23.07
CA ILE N 79 17.51 -49.23 24.18
C ILE N 79 19.01 -49.05 24.15
N ILE N 80 19.46 -47.84 23.89
CA ILE N 80 20.88 -47.53 23.90
C ILE N 80 21.30 -47.16 25.31
N ASP N 81 22.35 -47.80 25.80
CA ASP N 81 22.92 -47.52 27.10
C ASP N 81 24.22 -46.77 26.90
N LEU N 82 24.34 -45.60 27.52
CA LEU N 82 25.57 -44.82 27.40
C LEU N 82 26.69 -45.36 28.27
N ASP N 83 26.38 -46.19 29.27
CA ASP N 83 27.44 -46.88 29.99
C ASP N 83 28.19 -47.84 29.08
N ASP N 84 27.58 -48.24 27.97
CA ASP N 84 28.29 -48.98 26.94
C ASP N 84 29.26 -48.09 26.17
N ILE N 85 28.80 -46.89 25.79
CA ILE N 85 29.63 -45.96 25.05
C ILE N 85 30.85 -45.58 25.87
N LEU N 86 30.66 -45.36 27.17
CA LEU N 86 31.81 -45.04 28.01
C LEU N 86 32.82 -46.17 28.03
N GLN N 87 32.38 -47.43 28.12
CA GLN N 87 33.33 -48.52 28.15
C GLN N 87 34.07 -48.62 26.82
N TYR N 88 33.38 -48.39 25.70
CA TYR N 88 34.04 -48.43 24.41
C TYR N 88 35.09 -47.34 24.28
N GLN N 89 34.76 -46.11 24.69
CA GLN N 89 35.74 -45.03 24.58
C GLN N 89 36.90 -45.18 25.55
N ASN N 90 36.66 -45.76 26.73
CA ASN N 90 37.78 -46.00 27.64
C ASN N 90 38.59 -47.23 27.24
N GLU N 91 38.03 -48.12 26.42
CA GLU N 91 38.81 -49.15 25.77
C GLU N 91 39.66 -48.61 24.63
N LYS N 92 39.20 -47.58 23.93
CA LYS N 92 40.04 -46.94 22.93
C LYS N 92 41.05 -45.98 23.53
N PHE N 93 41.27 -46.02 24.85
CA PHE N 93 42.28 -45.19 25.48
C PHE N 93 43.38 -45.99 26.17
N LEU N 94 43.08 -47.17 26.71
CA LEU N 94 44.13 -48.00 27.26
C LEU N 94 44.97 -48.63 26.16
N GLN N 95 44.32 -49.01 25.05
CA GLN N 95 45.06 -49.52 23.91
C GLN N 95 45.79 -48.42 23.16
N GLY N 96 45.46 -47.16 23.42
CA GLY N 96 46.25 -46.04 22.93
C GLY N 96 45.77 -45.41 21.64
N THR N 97 44.67 -45.86 21.06
CA THR N 97 44.12 -45.22 19.82
C THR N 97 43.50 -43.87 20.19
N GLN N 98 42.93 -43.13 19.25
CA GLN N 98 42.23 -41.88 19.45
C GLN N 98 40.73 -42.11 19.41
N ALA N 99 39.98 -41.10 19.85
CA ALA N 99 38.53 -41.25 19.91
C ALA N 99 37.90 -39.85 19.97
N ASP N 100 36.59 -39.80 20.16
CA ASP N 100 35.93 -38.48 20.38
C ASP N 100 35.05 -38.56 21.62
N ASP N 101 34.71 -37.42 22.22
CA ASP N 101 33.88 -37.31 23.42
C ASP N 101 32.41 -37.41 23.00
N LEU N 102 32.00 -38.64 22.69
CA LEU N 102 30.66 -38.85 22.16
C LEU N 102 29.60 -38.70 23.24
N VAL N 103 29.94 -38.98 24.50
CA VAL N 103 28.95 -38.96 25.56
C VAL N 103 28.44 -37.55 25.79
N SER N 104 29.34 -36.56 25.86
CA SER N 104 28.90 -35.19 26.12
C SER N 104 28.10 -34.63 24.94
N ALA N 105 28.50 -34.95 23.71
CA ALA N 105 27.72 -34.52 22.56
C ALA N 105 26.34 -35.17 22.54
N ILE N 106 26.25 -36.44 22.94
CA ILE N 106 24.94 -37.07 23.05
C ILE N 106 24.12 -36.42 24.16
N GLN N 107 24.77 -36.00 25.24
CA GLN N 107 24.07 -35.41 26.38
C GLN N 107 23.49 -34.03 26.07
N GLN N 108 24.28 -33.15 25.46
CA GLN N 108 23.88 -31.75 25.34
C GLN N 108 23.12 -31.42 24.05
N ASN N 109 23.08 -32.33 23.08
CA ASN N 109 22.34 -32.08 21.85
C ASN N 109 21.61 -33.33 21.40
N ALA N 110 20.88 -33.98 22.31
CA ALA N 110 20.44 -35.36 22.13
C ALA N 110 19.45 -35.56 21.00
N ASN N 111 18.89 -34.50 20.41
CA ASN N 111 17.82 -34.68 19.42
C ASN N 111 18.34 -35.05 18.02
N HIS N 112 19.62 -34.85 17.74
CA HIS N 112 20.20 -35.20 16.45
C HIS N 112 20.71 -36.64 16.42
N PHE N 113 21.15 -37.13 17.55
CA PHE N 113 21.79 -38.43 17.60
C PHE N 113 20.77 -39.55 17.47
N THR N 114 19.49 -39.28 17.76
CA THR N 114 18.46 -40.25 17.45
C THR N 114 18.52 -40.66 15.99
N GLU N 115 18.52 -39.68 15.08
CA GLU N 115 18.55 -39.98 13.65
C GLU N 115 19.92 -40.48 13.19
N LEU N 116 21.00 -39.91 13.72
CA LEU N 116 22.32 -40.44 13.36
C LEU N 116 22.40 -41.94 13.65
N PHE N 117 22.04 -42.33 14.87
CA PHE N 117 22.02 -43.74 15.24
C PHE N 117 21.05 -44.53 14.38
N CYS N 118 19.87 -43.98 14.14
CA CYS N 118 18.84 -44.70 13.41
C CYS N 118 19.33 -45.11 12.03
N ARG N 119 19.96 -44.18 11.31
CA ARG N 119 20.44 -44.53 9.97
C ARG N 119 21.71 -45.37 10.01
N ALA N 120 22.62 -45.12 10.98
CA ALA N 120 23.78 -45.99 11.11
C ALA N 120 23.35 -47.43 11.29
N ILE N 121 22.25 -47.67 12.00
CA ILE N 121 21.79 -49.03 12.24
C ILE N 121 21.08 -49.61 11.03
N ASP N 122 20.43 -48.78 10.21
CA ASP N 122 19.90 -49.28 8.94
C ASP N 122 21.02 -49.77 8.04
N ASN N 123 22.13 -49.04 8.00
CA ASN N 123 23.25 -49.48 7.16
C ASN N 123 23.80 -50.82 7.65
N ASN N 124 23.88 -51.01 8.97
CA ASN N 124 24.34 -52.27 9.56
C ASN N 124 23.12 -53.07 10.01
N MET N 125 22.74 -54.08 9.22
CA MET N 125 21.54 -54.85 9.51
C MET N 125 21.74 -56.29 9.04
N PRO N 126 21.49 -57.29 9.88
CA PRO N 126 21.56 -58.68 9.43
C PRO N 126 20.34 -59.05 8.59
N LEU N 127 20.27 -60.33 8.25
CA LEU N 127 19.24 -60.83 7.36
C LEU N 127 18.14 -61.54 8.14
N PRO N 128 16.92 -61.59 7.60
CA PRO N 128 15.86 -62.36 8.25
C PRO N 128 16.02 -63.86 8.00
N THR N 129 15.59 -64.65 8.98
CA THR N 129 15.70 -66.10 8.93
C THR N 129 14.39 -66.75 9.37
N LYS N 130 13.28 -66.15 8.97
CA LYS N 130 11.97 -66.79 9.12
C LYS N 130 11.03 -66.33 8.02
N GLU N 131 10.88 -67.15 6.99
CA GLU N 131 10.01 -66.83 5.86
C GLU N 131 8.66 -66.34 6.37
N ILE N 132 8.19 -65.21 5.84
CA ILE N 132 6.94 -64.61 6.29
C ILE N 132 5.84 -65.65 6.22
N ASP N 133 5.11 -65.83 7.31
CA ASP N 133 4.04 -66.80 7.39
C ASP N 133 2.72 -66.08 7.66
N TYR N 134 1.68 -66.87 7.92
CA TYR N 134 0.35 -66.34 8.17
C TYR N 134 0.14 -65.91 9.61
N LYS N 135 1.11 -66.10 10.48
CA LYS N 135 1.02 -65.68 11.87
C LYS N 135 1.92 -64.48 12.14
N ASP N 136 2.02 -63.59 11.18
CA ASP N 136 2.83 -62.38 11.28
C ASP N 136 1.95 -61.15 11.22
N ASP N 137 2.43 -60.08 11.85
CA ASP N 137 1.63 -58.88 12.03
C ASP N 137 1.27 -58.25 10.68
N VAL N 138 0.19 -57.47 10.69
CA VAL N 138 -0.25 -56.78 9.48
C VAL N 138 0.81 -55.79 9.01
N LEU N 139 1.47 -55.13 9.96
CA LEU N 139 2.49 -54.14 9.62
C LEU N 139 3.63 -54.78 8.84
N ASP N 140 4.10 -55.95 9.30
CA ASP N 140 5.26 -56.60 8.71
C ASP N 140 5.00 -57.02 7.27
N VAL N 141 3.77 -57.37 6.92
CA VAL N 141 3.47 -57.72 5.54
C VAL N 141 3.79 -56.57 4.61
N ILE N 142 3.31 -55.37 4.93
CA ILE N 142 3.58 -54.20 4.09
C ILE N 142 5.05 -53.81 4.13
N LEU N 143 5.68 -53.86 5.29
CA LEU N 143 7.10 -53.52 5.36
C LEU N 143 7.94 -54.46 4.51
N ASN N 144 7.67 -55.76 4.56
CA ASN N 144 8.40 -56.70 3.73
C ASN N 144 8.09 -56.49 2.26
N GLN N 145 6.83 -56.22 1.93
CA GLN N 145 6.45 -56.04 0.53
C GLN N 145 7.19 -54.87 -0.09
N ARG N 146 7.35 -53.78 0.66
CA ARG N 146 7.92 -52.59 0.08
C ARG N 146 9.40 -52.75 -0.27
N ARG N 147 10.15 -53.58 0.44
CA ARG N 147 11.55 -53.78 0.09
C ARG N 147 11.70 -54.60 -1.19
N LEU N 148 10.83 -55.59 -1.40
CA LEU N 148 10.78 -56.27 -2.69
C LEU N 148 10.43 -55.31 -3.81
N ARG N 149 9.41 -54.48 -3.60
CA ARG N 149 9.06 -53.48 -4.61
C ARG N 149 10.24 -52.54 -4.87
N ASN N 150 11.01 -52.23 -3.83
CA ASN N 150 12.21 -51.42 -4.00
C ASN N 150 13.19 -52.09 -4.95
N GLU N 151 13.68 -53.28 -4.59
CA GLU N 151 14.73 -53.91 -5.37
C GLU N 151 14.28 -54.20 -6.80
N ARG N 152 12.98 -54.43 -6.98
CA ARG N 152 12.47 -54.72 -8.31
C ARG N 152 12.79 -53.58 -9.29
N MET N 153 12.57 -52.34 -8.86
CA MET N 153 12.74 -51.22 -9.76
C MET N 153 14.21 -50.97 -10.11
N LEU N 154 15.12 -51.16 -9.15
CA LEU N 154 16.54 -51.02 -9.47
C LEU N 154 16.96 -52.05 -10.50
N SER N 155 16.56 -53.32 -10.31
CA SER N 155 16.89 -54.33 -11.32
C SER N 155 16.29 -53.98 -12.67
N ASP N 156 15.01 -53.57 -12.65
CA ASP N 156 14.30 -53.20 -13.88
C ASP N 156 15.06 -52.14 -14.66
N ARG N 157 15.44 -51.06 -13.98
CA ARG N 157 16.07 -49.96 -14.67
C ARG N 157 17.50 -50.29 -15.10
N THR N 158 18.22 -51.13 -14.34
CA THR N 158 19.51 -51.56 -14.82
C THR N 158 19.37 -52.32 -16.14
N ASN N 159 18.38 -53.21 -16.22
CA ASN N 159 18.14 -53.91 -17.49
C ASN N 159 17.81 -52.92 -18.61
N GLU N 160 16.91 -51.98 -18.34
CA GLU N 160 16.49 -51.07 -19.40
C GLU N 160 17.63 -50.15 -19.83
N ILE N 161 18.50 -49.76 -18.90
CA ILE N 161 19.66 -48.95 -19.26
C ILE N 161 20.66 -49.77 -20.07
N ARG N 162 20.85 -51.03 -19.73
CA ARG N 162 21.72 -51.89 -20.54
C ARG N 162 21.14 -52.09 -21.94
N SER N 163 19.82 -51.97 -22.08
CA SER N 163 19.21 -52.24 -23.39
C SER N 163 19.75 -51.31 -24.47
N GLU N 164 19.73 -49.99 -24.23
CA GLU N 164 20.11 -49.02 -25.26
C GLU N 164 21.61 -48.85 -25.39
N ASN N 165 22.40 -49.43 -24.48
CA ASN N 165 23.85 -49.46 -24.63
C ASN N 165 24.42 -48.08 -24.93
N LEU N 166 24.02 -47.08 -24.16
CA LEU N 166 24.47 -45.71 -24.39
C LEU N 166 25.99 -45.64 -24.51
N ASN N 178 30.79 -50.90 -14.39
CA ASN N 178 29.80 -51.42 -13.46
C ASN N 178 29.71 -50.57 -12.20
N ASP N 179 30.35 -49.41 -12.22
CA ASP N 179 30.31 -48.49 -11.09
C ASP N 179 29.44 -47.28 -11.35
N ALA N 180 29.67 -46.55 -12.45
CA ALA N 180 28.82 -45.41 -12.78
C ALA N 180 27.40 -45.83 -13.09
N LEU N 181 27.20 -47.10 -13.48
CA LEU N 181 25.86 -47.60 -13.70
C LEU N 181 25.02 -47.49 -12.42
N ARG N 182 25.63 -47.79 -11.28
CA ARG N 182 24.95 -47.64 -10.00
C ARG N 182 24.54 -46.20 -9.75
N GLU N 183 25.45 -45.25 -9.99
CA GLU N 183 25.13 -43.86 -9.71
C GLU N 183 24.06 -43.33 -10.66
N VAL N 184 24.03 -43.83 -11.90
CA VAL N 184 22.95 -43.48 -12.81
C VAL N 184 21.62 -44.00 -12.28
N VAL N 185 21.58 -45.30 -11.96
CA VAL N 185 20.30 -45.90 -11.55
C VAL N 185 19.79 -45.25 -10.28
N GLU N 186 20.69 -44.99 -9.32
CA GLU N 186 20.30 -44.39 -8.05
C GLU N 186 19.48 -43.11 -8.28
N ASP N 187 20.01 -42.20 -9.10
CA ASP N 187 19.36 -40.92 -9.32
C ASP N 187 18.14 -41.03 -10.23
N GLU N 188 18.16 -41.96 -11.19
CA GLU N 188 17.07 -42.06 -12.14
C GLU N 188 15.77 -42.55 -11.51
N THR N 189 15.81 -43.20 -10.35
CA THR N 189 14.66 -43.93 -9.83
C THR N 189 14.13 -43.29 -8.54
N GLU N 190 12.88 -43.65 -8.21
CA GLU N 190 12.18 -43.16 -7.01
C GLU N 190 11.89 -44.36 -6.11
N LEU N 191 12.30 -44.28 -4.87
CA LEU N 191 12.21 -45.42 -3.94
C LEU N 191 11.53 -45.00 -2.65
N PHE N 192 11.11 -45.93 -1.82
CA PHE N 192 10.61 -45.69 -0.48
C PHE N 192 11.77 -45.30 0.44
N PRO N 193 11.70 -44.18 1.15
CA PRO N 193 12.82 -43.76 1.99
C PRO N 193 12.99 -44.69 3.17
N PRO N 194 14.06 -44.52 3.95
CA PRO N 194 14.32 -45.43 5.07
C PRO N 194 13.20 -45.50 6.10
N ASN N 195 12.57 -44.36 6.39
CA ASN N 195 11.64 -44.29 7.52
C ASN N 195 10.45 -45.22 7.32
N LEU N 196 9.92 -45.30 6.10
CA LEU N 196 8.76 -46.13 5.82
C LEU N 196 9.13 -47.59 5.59
N THR N 197 10.32 -48.01 6.00
CA THR N 197 10.71 -49.41 5.99
C THR N 197 11.35 -49.86 7.30
N ARG N 198 11.48 -48.98 8.29
CA ARG N 198 11.91 -49.38 9.62
C ARG N 198 10.74 -49.94 10.40
N ARG N 199 11.06 -50.68 11.45
CA ARG N 199 10.05 -51.19 12.38
C ARG N 199 10.50 -51.13 13.83
N TYR N 200 11.68 -50.60 14.13
CA TYR N 200 12.20 -50.56 15.49
C TYR N 200 12.19 -49.14 16.03
N PHE N 201 12.30 -49.06 17.36
CA PHE N 201 12.34 -47.79 18.08
C PHE N 201 13.68 -47.67 18.76
N LEU N 202 14.09 -46.44 19.07
CA LEU N 202 15.41 -46.19 19.64
C LEU N 202 15.29 -45.19 20.78
N TYR N 203 15.73 -45.60 21.96
CA TYR N 203 15.71 -44.77 23.16
C TYR N 203 17.10 -44.73 23.76
N PHE N 204 17.33 -43.76 24.65
CA PHE N 204 18.61 -43.60 25.32
C PHE N 204 18.43 -43.81 26.82
N LYS N 205 19.37 -44.55 27.40
CA LYS N 205 19.35 -44.85 28.83
C LYS N 205 20.39 -44.00 29.53
N PRO N 206 20.03 -43.24 30.55
CA PRO N 206 20.96 -42.25 31.11
C PRO N 206 22.26 -42.89 31.57
N LEU N 207 23.23 -42.04 31.86
CA LEU N 207 24.52 -42.50 32.34
C LEU N 207 24.41 -42.80 33.83
N SER N 208 24.65 -44.07 34.19
CA SER N 208 24.58 -44.46 35.59
C SER N 208 25.63 -43.72 36.40
N GLN N 209 25.30 -43.41 37.64
CA GLN N 209 26.25 -42.82 38.55
C GLN N 209 27.35 -43.79 38.98
N ASN N 210 27.01 -45.07 39.12
CA ASN N 210 28.02 -46.06 39.48
C ASN N 210 29.13 -46.12 38.44
N CYS N 211 28.77 -46.13 37.17
CA CYS N 211 29.77 -46.19 36.10
C CYS N 211 30.57 -44.90 36.00
N ALA N 212 29.94 -43.75 36.26
CA ALA N 212 30.63 -42.47 36.19
C ALA N 212 31.56 -42.23 37.37
N ARG N 213 31.33 -42.92 38.50
CA ARG N 213 32.23 -42.80 39.63
C ARG N 213 33.42 -43.76 39.54
N ARG N 214 33.41 -44.70 38.61
CA ARG N 214 34.51 -45.64 38.46
C ARG N 214 35.58 -45.06 37.55
N TYR N 215 35.21 -44.68 36.32
CA TYR N 215 36.18 -44.10 35.40
C TYR N 215 36.43 -42.62 35.65
N ARG N 216 35.97 -42.07 36.78
CA ARG N 216 36.18 -40.66 37.10
C ARG N 216 35.54 -39.73 36.07
N LYS N 217 34.21 -39.76 35.99
CA LYS N 217 33.45 -38.83 35.16
C LYS N 217 32.27 -38.29 35.94
N LYS N 218 31.75 -37.13 35.56
CA LYS N 218 30.68 -36.44 36.29
C LYS N 218 29.39 -36.56 35.48
N ALA N 219 28.41 -37.28 36.03
CA ALA N 219 27.21 -37.64 35.29
C ALA N 219 26.13 -36.58 35.50
N ILE N 220 26.00 -35.67 34.53
CA ILE N 220 24.92 -34.70 34.57
C ILE N 220 23.56 -35.35 34.31
N SER N 221 23.54 -36.51 33.66
CA SER N 221 22.29 -37.10 33.22
C SER N 221 21.57 -37.82 34.37
N SER N 222 22.23 -38.73 35.10
CA SER N 222 21.59 -39.51 36.19
C SER N 222 21.40 -38.65 37.44
N LYS N 223 21.80 -37.39 37.48
CA LYS N 223 21.46 -36.55 38.62
C LYS N 223 19.99 -36.17 38.54
N PRO N 224 19.17 -36.46 39.55
CA PRO N 224 17.77 -36.05 39.52
C PRO N 224 17.64 -34.54 39.70
N LEU N 225 16.43 -34.04 39.46
CA LEU N 225 16.19 -32.61 39.56
C LEU N 225 14.75 -32.36 39.94
N SER N 226 14.51 -31.22 40.59
CA SER N 226 13.16 -30.79 40.92
C SER N 226 12.49 -30.19 39.69
N VAL N 227 11.33 -29.58 39.89
CA VAL N 227 10.64 -28.89 38.82
C VAL N 227 11.05 -27.42 38.75
N ARG N 228 11.38 -26.81 39.86
CA ARG N 228 11.87 -25.43 39.92
C ARG N 228 13.24 -25.33 39.25
N GLN N 229 14.13 -26.31 39.40
CA GLN N 229 15.53 -26.17 39.00
C GLN N 229 15.71 -26.21 37.49
N ILE N 230 14.68 -26.55 36.73
CA ILE N 230 14.79 -26.74 35.28
C ILE N 230 14.45 -25.42 34.61
N LYS N 231 15.48 -24.72 34.13
CA LYS N 231 15.36 -23.39 33.53
C LYS N 231 15.69 -23.45 32.05
N GLY N 232 15.77 -22.25 31.44
CA GLY N 232 16.06 -22.15 30.01
C GLY N 232 17.44 -22.64 29.62
N ASP N 233 18.37 -22.74 30.57
CA ASP N 233 19.68 -23.28 30.26
C ASP N 233 19.64 -24.76 29.91
N PHE N 234 18.55 -25.45 30.24
CA PHE N 234 18.48 -26.91 30.16
C PHE N 234 17.75 -27.40 28.90
N LEU N 235 17.45 -26.51 27.97
CA LEU N 235 16.69 -26.90 26.78
C LEU N 235 17.61 -27.59 25.79
N GLY N 236 17.16 -28.73 25.28
CA GLY N 236 17.93 -29.52 24.33
C GLY N 236 18.91 -30.48 24.94
N GLN N 237 18.80 -30.78 26.23
CA GLN N 237 19.72 -31.64 26.94
C GLN N 237 19.01 -32.93 27.36
N LEU N 238 19.80 -33.89 27.82
CA LEU N 238 19.31 -35.14 28.37
C LEU N 238 19.37 -35.06 29.89
N ILE N 239 18.21 -35.07 30.53
CA ILE N 239 18.10 -34.83 31.97
C ILE N 239 17.17 -35.86 32.60
N THR N 240 17.31 -36.02 33.91
CA THR N 240 16.47 -36.89 34.72
C THR N 240 15.74 -36.07 35.77
N VAL N 241 14.52 -36.48 36.09
CA VAL N 241 13.65 -35.74 37.01
C VAL N 241 13.20 -36.67 38.12
N ARG N 242 12.77 -36.07 39.23
CA ARG N 242 12.17 -36.80 40.35
C ARG N 242 10.88 -36.09 40.74
N GLY N 243 9.78 -36.83 40.78
CA GLY N 243 8.49 -36.25 41.07
C GLY N 243 7.44 -37.31 41.33
N ILE N 244 6.19 -36.87 41.38
CA ILE N 244 5.06 -37.75 41.60
C ILE N 244 4.03 -37.50 40.50
N ILE N 245 3.43 -38.57 40.00
CA ILE N 245 2.55 -38.51 38.83
C ILE N 245 1.14 -38.18 39.30
N THR N 246 0.55 -37.15 38.68
CA THR N 246 -0.78 -36.69 39.06
C THR N 246 -1.86 -37.10 38.07
N ARG N 247 -1.57 -37.09 36.77
CA ARG N 247 -2.55 -37.50 35.78
C ARG N 247 -1.85 -38.16 34.61
N VAL N 248 -2.52 -39.15 34.02
CA VAL N 248 -2.04 -39.88 32.85
C VAL N 248 -3.19 -39.99 31.86
N SER N 249 -2.91 -39.72 30.58
CA SER N 249 -3.94 -39.76 29.56
C SER N 249 -3.96 -41.12 28.87
N ASP N 250 -5.09 -41.40 28.21
CA ASP N 250 -5.25 -42.64 27.48
C ASP N 250 -4.28 -42.73 26.31
N VAL N 251 -4.33 -43.84 25.60
CA VAL N 251 -3.48 -44.05 24.43
C VAL N 251 -4.31 -43.77 23.18
N LYS N 252 -3.83 -42.83 22.36
CA LYS N 252 -4.46 -42.48 21.11
C LYS N 252 -3.40 -42.37 20.02
N PRO N 253 -3.79 -42.54 18.76
CA PRO N 253 -2.80 -42.48 17.67
C PRO N 253 -2.41 -41.05 17.33
N ALA N 254 -1.12 -40.87 17.06
CA ALA N 254 -0.57 -39.59 16.62
C ALA N 254 0.03 -39.78 15.24
N VAL N 255 -0.40 -38.95 14.29
CA VAL N 255 0.01 -39.10 12.91
C VAL N 255 1.35 -38.41 12.68
N GLU N 256 2.25 -39.10 12.00
CA GLU N 256 3.58 -38.60 11.69
C GLU N 256 3.81 -38.43 10.19
N VAL N 257 3.28 -39.33 9.38
CA VAL N 257 3.35 -39.25 7.93
C VAL N 257 2.05 -39.78 7.37
N ILE N 258 1.38 -38.99 6.55
CA ILE N 258 0.10 -39.38 5.95
C ILE N 258 0.35 -39.92 4.55
N ALA N 259 -0.42 -40.94 4.18
CA ALA N 259 -0.25 -41.62 2.90
C ALA N 259 -1.46 -41.34 2.00
N TYR N 260 -1.19 -41.12 0.72
CA TYR N 260 -2.21 -40.83 -0.27
C TYR N 260 -2.01 -41.73 -1.49
N THR N 261 -3.09 -42.00 -2.20
CA THR N 261 -3.06 -42.81 -3.41
C THR N 261 -3.74 -42.08 -4.55
N CYS N 262 -3.06 -41.97 -5.69
CA CYS N 262 -3.58 -41.33 -6.92
C CYS N 262 -4.03 -42.40 -7.91
N ASP N 263 -5.28 -42.37 -8.36
CA ASP N 263 -5.80 -43.30 -9.35
C ASP N 263 -5.32 -43.01 -10.76
N GLN N 264 -4.86 -41.82 -11.08
CA GLN N 264 -4.48 -41.46 -12.46
C GLN N 264 -3.10 -42.04 -12.74
N CYS N 265 -2.14 -41.91 -11.85
CA CYS N 265 -0.72 -42.33 -12.08
C CYS N 265 -0.38 -43.65 -11.40
N GLY N 266 -0.85 -43.90 -10.19
CA GLY N 266 -0.52 -45.08 -9.41
C GLY N 266 0.72 -44.89 -8.56
N TYR N 267 0.99 -43.71 -8.08
CA TYR N 267 2.17 -43.39 -7.23
C TYR N 267 1.64 -43.35 -5.80
N GLU N 268 2.40 -42.91 -4.83
CA GLU N 268 2.02 -42.78 -3.43
C GLU N 268 2.72 -41.56 -2.84
N VAL N 269 1.93 -40.63 -2.32
CA VAL N 269 2.43 -39.35 -1.81
C VAL N 269 2.45 -39.42 -0.28
N PHE N 270 3.55 -38.95 0.30
CA PHE N 270 3.76 -39.04 1.74
C PHE N 270 3.99 -37.65 2.32
N GLN N 271 3.07 -37.22 3.18
CA GLN N 271 3.07 -35.89 3.76
C GLN N 271 3.54 -35.96 5.20
N GLU N 272 4.44 -35.06 5.58
CA GLU N 272 5.01 -35.04 6.92
C GLU N 272 4.25 -34.08 7.82
N VAL N 273 4.02 -34.49 9.06
CA VAL N 273 3.30 -33.70 10.04
C VAL N 273 4.15 -33.59 11.30
N ASN N 274 4.35 -32.37 11.76
CA ASN N 274 5.04 -32.13 13.02
C ASN N 274 4.41 -31.01 13.83
N SER N 275 3.17 -30.64 13.55
CA SER N 275 2.42 -29.64 14.29
C SER N 275 1.25 -30.32 15.01
N ARG N 276 0.51 -29.52 15.78
CA ARG N 276 -0.72 -30.00 16.40
C ARG N 276 -1.94 -29.85 15.49
N THR N 277 -1.85 -29.02 14.47
CA THR N 277 -2.89 -28.94 13.40
C THR N 277 -2.17 -28.98 12.04
N PHE N 278 -2.73 -29.62 11.02
CA PHE N 278 -2.17 -29.68 9.67
C PHE N 278 -3.28 -29.51 8.64
N THR N 279 -2.87 -29.28 7.39
CA THR N 279 -3.81 -29.12 6.29
C THR N 279 -3.63 -30.24 5.29
N PRO N 280 -4.67 -31.02 4.98
CA PRO N 280 -4.50 -32.14 4.04
C PRO N 280 -4.27 -31.67 2.61
N LEU N 281 -3.55 -32.48 1.85
CA LEU N 281 -3.32 -32.21 0.45
C LEU N 281 -4.56 -32.48 -0.37
N SER N 282 -4.66 -31.82 -1.53
CA SER N 282 -5.80 -32.00 -2.42
C SER N 282 -5.40 -32.60 -3.76
N GLU N 283 -4.45 -32.00 -4.46
CA GLU N 283 -4.06 -32.45 -5.79
C GLU N 283 -2.79 -33.29 -5.73
N CYS N 284 -2.54 -33.95 -6.85
CA CYS N 284 -1.37 -34.85 -6.95
C CYS N 284 -0.06 -34.09 -7.10
N THR N 285 1.01 -34.58 -6.51
CA THR N 285 2.33 -33.94 -6.56
C THR N 285 3.32 -34.95 -7.16
N SER N 286 2.86 -35.96 -7.86
CA SER N 286 3.73 -37.00 -8.48
C SER N 286 4.47 -36.36 -9.63
N GLU N 287 5.48 -36.95 -10.18
CA GLU N 287 6.16 -36.47 -11.37
C GLU N 287 5.26 -36.53 -12.60
N GLU N 288 4.60 -37.67 -12.81
CA GLU N 288 3.73 -37.82 -13.97
C GLU N 288 2.59 -36.80 -13.93
N CYS N 289 1.91 -36.70 -12.81
CA CYS N 289 0.74 -35.81 -12.70
C CYS N 289 1.33 -34.39 -12.78
N SER N 290 2.46 -34.11 -12.14
CA SER N 290 3.05 -32.77 -12.19
C SER N 290 3.32 -32.33 -13.62
N GLN N 291 3.67 -33.26 -14.51
CA GLN N 291 3.91 -32.92 -15.90
C GLN N 291 2.61 -32.80 -16.70
N ASN N 292 1.84 -33.88 -16.78
CA ASN N 292 0.62 -33.87 -17.59
C ASN N 292 -0.37 -32.84 -17.05
N GLN N 293 -1.16 -32.28 -17.96
CA GLN N 293 -2.18 -31.31 -17.54
C GLN N 293 -3.22 -31.98 -16.64
N THR N 294 -3.67 -33.16 -17.01
CA THR N 294 -4.62 -33.91 -16.18
C THR N 294 -3.93 -34.37 -14.91
N LYS N 295 -4.40 -33.89 -13.76
CA LYS N 295 -3.83 -34.23 -12.47
C LYS N 295 -4.89 -34.93 -11.63
N GLY N 296 -4.53 -36.05 -11.06
CA GLY N 296 -5.49 -36.88 -10.32
C GLY N 296 -5.81 -36.33 -8.98
N GLN N 297 -6.78 -36.90 -8.29
CA GLN N 297 -7.24 -36.46 -6.98
C GLN N 297 -6.77 -37.44 -5.91
N LEU N 298 -6.46 -36.90 -4.73
CA LEU N 298 -5.87 -37.69 -3.67
C LEU N 298 -6.93 -38.21 -2.70
N PHE N 299 -6.70 -39.41 -2.18
CA PHE N 299 -7.51 -40.00 -1.13
C PHE N 299 -6.61 -40.59 -0.06
N MET N 300 -7.06 -40.54 1.19
CA MET N 300 -6.27 -41.02 2.32
C MET N 300 -6.40 -42.53 2.48
N SER N 301 -5.25 -43.19 2.64
CA SER N 301 -5.18 -44.62 2.91
C SER N 301 -4.71 -44.79 4.35
N THR N 302 -5.64 -45.17 5.23
CA THR N 302 -5.34 -45.21 6.66
C THR N 302 -4.24 -46.21 6.99
N ARG N 303 -4.23 -47.36 6.31
CA ARG N 303 -3.35 -48.45 6.71
C ARG N 303 -1.88 -48.11 6.46
N ALA N 304 -1.58 -47.44 5.35
CA ALA N 304 -0.18 -47.17 5.01
C ALA N 304 0.44 -46.09 5.90
N SER N 305 -0.39 -45.26 6.51
CA SER N 305 0.10 -44.07 7.19
C SER N 305 1.09 -44.43 8.30
N LYS N 306 1.78 -43.41 8.79
CA LYS N 306 2.74 -43.55 9.90
C LYS N 306 2.04 -43.07 11.17
N PHE N 307 1.92 -43.96 12.15
CA PHE N 307 1.23 -43.67 13.39
C PHE N 307 2.12 -44.01 14.58
N SER N 308 1.93 -43.27 15.67
CA SER N 308 2.68 -43.48 16.90
C SER N 308 1.72 -43.48 18.08
N ALA N 309 2.11 -44.17 19.15
CA ALA N 309 1.33 -44.23 20.37
C ALA N 309 1.74 -43.07 21.27
N PHE N 310 0.76 -42.32 21.76
CA PHE N 310 1.00 -41.05 22.43
C PHE N 310 0.32 -41.00 23.78
N GLN N 311 1.05 -40.51 24.79
CA GLN N 311 0.51 -40.28 26.12
C GLN N 311 1.18 -39.05 26.73
N GLU N 312 0.46 -38.36 27.61
CA GLU N 312 0.91 -37.11 28.20
C GLU N 312 0.67 -37.13 29.70
N CYS N 313 1.71 -36.86 30.47
CA CYS N 313 1.69 -37.04 31.92
C CYS N 313 2.11 -35.76 32.61
N LYS N 314 1.52 -35.53 33.79
CA LYS N 314 1.82 -34.37 34.63
C LYS N 314 2.56 -34.86 35.87
N ILE N 315 3.65 -34.16 36.21
CA ILE N 315 4.51 -34.56 37.31
C ILE N 315 4.65 -33.38 38.26
N GLN N 316 4.62 -33.68 39.55
CA GLN N 316 4.55 -32.68 40.61
C GLN N 316 5.70 -32.88 41.58
N GLU N 317 6.04 -31.82 42.32
CA GLU N 317 7.18 -31.86 43.22
C GLU N 317 6.89 -32.71 44.45
N LEU N 318 7.94 -33.31 44.99
CA LEU N 318 7.84 -33.96 46.28
C LEU N 318 7.82 -32.94 47.41
N SER N 319 7.26 -33.35 48.55
CA SER N 319 7.12 -32.44 49.67
C SER N 319 8.48 -31.98 50.20
N GLN N 320 9.47 -32.86 50.16
CA GLN N 320 10.77 -32.54 50.74
C GLN N 320 11.61 -31.62 49.86
N GLN N 321 11.14 -31.28 48.66
CA GLN N 321 11.86 -30.40 47.77
C GLN N 321 11.30 -28.98 47.70
N VAL N 322 10.09 -28.76 48.18
CA VAL N 322 9.47 -27.42 48.08
C VAL N 322 10.13 -26.48 49.08
N PRO N 323 10.49 -25.26 48.69
CA PRO N 323 11.06 -24.32 49.66
C PRO N 323 10.09 -24.03 50.79
N VAL N 324 10.58 -23.28 51.78
CA VAL N 324 9.73 -22.94 52.92
C VAL N 324 8.73 -21.88 52.49
N GLY N 325 7.45 -22.20 52.60
CA GLY N 325 6.38 -21.24 52.41
C GLY N 325 5.76 -21.22 51.02
N HIS N 326 6.36 -21.91 50.06
CA HIS N 326 5.86 -21.92 48.69
C HIS N 326 5.00 -23.16 48.43
N ILE N 327 4.37 -23.18 47.27
CA ILE N 327 3.49 -24.27 46.84
C ILE N 327 4.24 -25.11 45.82
N PRO N 328 4.01 -26.43 45.73
CA PRO N 328 4.71 -27.22 44.72
C PRO N 328 4.26 -26.90 43.30
N ARG N 329 5.20 -27.02 42.37
CA ARG N 329 5.01 -26.71 40.92
C ARG N 329 4.89 -28.00 40.09
N SER N 330 4.64 -27.95 38.79
CA SER N 330 4.29 -29.06 37.91
C SER N 330 5.09 -28.98 36.61
N LEU N 331 4.94 -30.02 35.79
CA LEU N 331 5.66 -30.14 34.52
C LEU N 331 4.98 -31.17 33.64
N ASN N 332 5.25 -31.11 32.34
CA ASN N 332 4.61 -31.97 31.35
C ASN N 332 5.62 -32.97 30.77
N ILE N 333 5.18 -34.20 30.56
CA ILE N 333 6.01 -35.28 30.02
C ILE N 333 5.28 -35.93 28.86
N HIS N 334 6.02 -36.26 27.80
CA HIS N 334 5.48 -36.94 26.63
C HIS N 334 6.11 -38.32 26.49
N VAL N 335 5.33 -39.26 25.96
CA VAL N 335 5.74 -40.66 25.83
C VAL N 335 5.33 -41.15 24.45
N ASN N 336 6.24 -41.82 23.76
CA ASN N 336 5.97 -42.37 22.44
C ASN N 336 6.56 -43.77 22.31
N GLY N 337 5.90 -44.59 21.49
CA GLY N 337 6.44 -45.90 21.13
C GLY N 337 5.97 -46.98 22.07
N THR N 338 6.90 -47.86 22.45
CA THR N 338 6.61 -48.98 23.34
C THR N 338 6.81 -48.62 24.81
N LEU N 339 6.97 -47.34 25.12
CA LEU N 339 7.10 -46.87 26.48
C LEU N 339 5.78 -46.37 27.07
N VAL N 340 4.67 -46.61 26.38
CA VAL N 340 3.36 -46.19 26.87
C VAL N 340 2.82 -47.21 27.85
N ARG N 341 1.88 -46.77 28.69
CA ARG N 341 1.25 -47.61 29.70
C ARG N 341 2.25 -48.07 30.77
N SER N 342 3.29 -47.28 31.02
CA SER N 342 4.28 -47.60 32.04
C SER N 342 4.18 -46.73 33.27
N LEU N 343 3.66 -45.52 33.16
CA LEU N 343 3.43 -44.66 34.30
C LEU N 343 1.96 -44.70 34.67
N SER N 344 1.67 -44.79 35.96
CA SER N 344 0.31 -44.76 36.45
C SER N 344 0.16 -43.70 37.53
N PRO N 345 -1.03 -43.16 37.73
CA PRO N 345 -1.19 -42.08 38.72
C PRO N 345 -0.80 -42.53 40.12
N GLY N 346 -0.13 -41.64 40.83
CA GLY N 346 0.27 -41.91 42.21
C GLY N 346 1.63 -42.56 42.38
N ASP N 347 2.48 -42.55 41.37
CA ASP N 347 3.79 -43.18 41.43
C ASP N 347 4.90 -42.16 41.70
N ILE N 348 5.91 -42.59 42.43
CA ILE N 348 7.15 -41.83 42.56
C ILE N 348 8.18 -42.45 41.61
N VAL N 349 8.72 -41.64 40.71
CA VAL N 349 9.52 -42.14 39.59
C VAL N 349 10.72 -41.22 39.35
N ASP N 350 11.65 -41.71 38.55
CA ASP N 350 12.72 -40.92 37.96
C ASP N 350 12.67 -41.12 36.45
N VAL N 351 12.46 -40.04 35.71
CA VAL N 351 12.20 -40.10 34.28
C VAL N 351 13.38 -39.47 33.54
N THR N 352 13.91 -40.19 32.56
CA THR N 352 14.94 -39.65 31.67
C THR N 352 14.26 -39.11 30.42
N GLY N 353 14.56 -37.86 30.06
CA GLY N 353 13.93 -37.25 28.91
C GLY N 353 14.80 -36.18 28.28
N ILE N 354 14.33 -35.67 27.15
CA ILE N 354 14.99 -34.60 26.40
C ILE N 354 14.11 -33.37 26.51
N PHE N 355 14.70 -32.26 26.95
CA PHE N 355 13.94 -31.05 27.27
C PHE N 355 13.85 -30.16 26.04
N LEU N 356 12.64 -30.02 25.51
CA LEU N 356 12.44 -29.38 24.21
C LEU N 356 11.32 -28.34 24.27
N PRO N 357 11.39 -27.30 23.43
CA PRO N 357 10.41 -26.22 23.48
C PRO N 357 9.23 -26.43 22.55
N ALA N 358 8.16 -25.70 22.84
CA ALA N 358 6.92 -25.74 22.09
C ALA N 358 6.40 -24.33 21.91
N PRO N 359 5.51 -24.10 20.95
CA PRO N 359 4.99 -22.76 20.71
C PRO N 359 4.13 -22.24 21.87
N TYR N 360 4.11 -20.92 21.98
CA TYR N 360 3.45 -20.23 23.09
C TYR N 360 1.93 -20.35 23.00
N THR N 361 1.29 -20.50 24.16
CA THR N 361 -0.15 -20.74 24.23
C THR N 361 -0.86 -19.82 25.22
N GLY N 362 -0.26 -18.71 25.61
CA GLY N 362 -0.86 -17.77 26.54
C GLY N 362 -1.69 -16.70 25.86
N PHE N 363 -1.89 -15.60 26.56
CA PHE N 363 -2.67 -14.47 26.05
C PHE N 363 -1.80 -13.63 25.12
N LYS N 364 -2.40 -13.14 24.03
CA LYS N 364 -1.66 -12.32 23.08
C LYS N 364 -1.23 -11.01 23.71
N ALA N 365 -2.09 -10.37 24.49
CA ALA N 365 -1.78 -9.07 25.04
C ALA N 365 -0.57 -9.10 25.97
N LEU N 366 -0.25 -10.28 26.51
CA LEU N 366 0.85 -10.42 27.45
C LEU N 366 2.09 -11.05 26.81
N LYS N 367 2.23 -10.92 25.50
CA LYS N 367 3.34 -11.52 24.77
C LYS N 367 4.40 -10.45 24.48
N ALA N 368 5.64 -10.73 24.87
CA ALA N 368 6.76 -9.82 24.66
C ALA N 368 7.95 -10.65 24.19
N GLY N 369 8.14 -10.70 22.87
CA GLY N 369 9.25 -11.42 22.28
C GLY N 369 8.81 -12.77 21.76
N LEU N 370 9.81 -13.66 21.61
CA LEU N 370 9.56 -15.03 21.16
C LEU N 370 9.56 -15.95 22.37
N LEU N 371 8.43 -15.94 23.07
CA LEU N 371 8.25 -16.76 24.26
C LEU N 371 7.83 -18.17 23.84
N THR N 372 8.24 -19.16 24.62
CA THR N 372 7.99 -20.55 24.31
C THR N 372 7.61 -21.31 25.59
N GLU N 373 7.02 -22.49 25.41
CA GLU N 373 6.62 -23.42 26.51
C GLU N 373 7.59 -24.61 26.47
N THR N 374 7.71 -25.42 27.50
CA THR N 374 8.63 -26.54 27.63
C THR N 374 7.88 -27.85 27.88
N TYR N 375 8.46 -28.94 27.39
CA TYR N 375 7.94 -30.28 27.66
C TYR N 375 9.10 -31.25 27.64
N LEU N 376 8.85 -32.46 28.15
CA LEU N 376 9.88 -33.47 28.34
C LEU N 376 9.54 -34.69 27.51
N GLU N 377 10.54 -35.28 26.85
CA GLU N 377 10.35 -36.40 25.94
C GLU N 377 10.93 -37.65 26.58
N ALA N 378 10.07 -38.58 26.98
CA ALA N 378 10.47 -39.70 27.83
C ALA N 378 11.31 -40.71 27.07
N GLN N 379 12.33 -41.23 27.76
CA GLN N 379 13.21 -42.27 27.22
C GLN N 379 13.44 -43.46 28.15
N PHE N 380 13.31 -43.30 29.47
CA PHE N 380 13.60 -44.40 30.40
C PHE N 380 13.00 -44.06 31.75
N VAL N 381 12.22 -44.98 32.31
CA VAL N 381 11.46 -44.75 33.52
C VAL N 381 11.98 -45.68 34.62
N ARG N 382 12.21 -45.11 35.81
CA ARG N 382 12.53 -45.89 37.00
C ARG N 382 11.49 -45.63 38.08
N GLN N 383 11.12 -46.68 38.80
CA GLN N 383 10.15 -46.60 39.89
C GLN N 383 10.85 -47.00 41.19
N HIS N 384 10.62 -46.23 42.24
CA HIS N 384 11.29 -46.47 43.51
C HIS N 384 10.74 -47.67 44.26
N LYS N 385 9.51 -48.09 43.98
CA LYS N 385 8.90 -49.26 44.61
C LYS N 385 8.39 -50.17 43.51
N LYS N 386 9.00 -51.35 43.38
CA LYS N 386 8.66 -52.25 42.30
C LYS N 386 7.34 -52.96 42.60
N LYS N 387 6.46 -53.00 41.61
CA LYS N 387 5.16 -53.62 41.79
C LYS N 387 5.28 -55.13 41.87
N PHE N 388 4.30 -55.75 42.53
CA PHE N 388 4.29 -57.19 42.73
C PHE N 388 3.92 -57.96 41.46
N ALA N 389 3.14 -57.34 40.56
CA ALA N 389 2.75 -58.03 39.33
C ALA N 389 3.95 -58.36 38.47
N SER N 390 4.94 -57.45 38.43
CA SER N 390 6.09 -57.64 37.55
C SER N 390 6.94 -58.83 37.95
N PHE N 391 6.75 -59.38 39.14
CA PHE N 391 7.68 -60.36 39.68
C PHE N 391 7.93 -61.50 38.70
N SER N 392 9.19 -61.65 38.29
CA SER N 392 9.63 -62.78 37.50
C SER N 392 10.87 -63.35 38.17
N LEU N 393 10.86 -64.65 38.45
CA LEU N 393 11.90 -65.23 39.28
C LEU N 393 13.18 -65.47 38.48
N THR N 394 14.12 -64.52 38.56
CA THR N 394 15.42 -64.66 37.93
C THR N 394 16.40 -65.26 38.95
N SER N 395 17.72 -65.18 38.72
CA SER N 395 18.74 -65.87 39.57
C SER N 395 19.26 -64.99 40.70
N ASP N 396 19.21 -63.67 40.62
CA ASP N 396 19.61 -62.85 41.78
C ASP N 396 18.42 -62.76 42.74
N VAL N 397 17.16 -62.89 42.27
CA VAL N 397 16.02 -62.91 43.24
C VAL N 397 16.18 -64.25 43.98
N GLU N 398 16.58 -65.29 43.29
CA GLU N 398 16.87 -66.61 43.91
C GLU N 398 17.92 -66.41 44.98
N GLU N 399 19.01 -65.76 44.68
CA GLU N 399 20.15 -65.63 45.62
C GLU N 399 19.73 -65.02 46.95
N ARG N 400 19.08 -63.88 46.96
CA ARG N 400 18.78 -63.16 48.21
C ARG N 400 17.55 -63.76 48.93
N VAL N 401 16.51 -64.20 48.24
CA VAL N 401 15.39 -64.94 48.91
C VAL N 401 15.95 -66.29 49.42
N MET N 402 16.95 -66.90 48.79
CA MET N 402 17.60 -68.17 49.30
C MET N 402 18.44 -67.88 50.55
N GLU N 403 19.09 -66.73 50.71
CA GLU N 403 19.76 -66.36 51.99
C GLU N 403 18.71 -66.03 53.04
N LEU N 404 17.62 -65.38 52.67
CA LEU N 404 16.64 -64.93 53.68
C LEU N 404 16.16 -66.20 54.36
N ILE N 405 15.88 -67.21 53.57
CA ILE N 405 15.28 -68.38 54.21
C ILE N 405 16.31 -69.16 55.01
N THR N 406 17.59 -69.17 54.62
CA THR N 406 18.62 -70.02 55.29
C THR N 406 18.80 -69.59 56.74
N SER N 407 18.41 -68.39 57.11
CA SER N 407 18.53 -67.98 58.50
C SER N 407 17.26 -68.20 59.30
N GLY N 408 16.21 -68.75 58.69
CA GLY N 408 15.02 -69.15 59.42
C GLY N 408 14.37 -68.04 60.22
N ASP N 409 13.33 -68.37 60.98
CA ASP N 409 12.68 -67.41 61.87
C ASP N 409 12.06 -66.26 61.10
N VAL N 410 11.59 -66.53 59.87
CA VAL N 410 11.20 -65.47 58.96
C VAL N 410 10.02 -64.68 59.52
N TYR N 411 9.07 -65.37 60.14
CA TYR N 411 7.86 -64.69 60.59
C TYR N 411 8.19 -63.59 61.60
N ASN N 412 8.93 -63.94 62.67
CA ASN N 412 9.31 -62.94 63.65
C ASN N 412 10.28 -61.93 63.06
N ARG N 413 11.22 -62.40 62.23
CA ARG N 413 12.22 -61.51 61.67
C ARG N 413 11.58 -60.37 60.88
N LEU N 414 10.58 -60.69 60.06
CA LEU N 414 9.88 -59.68 59.27
C LEU N 414 8.74 -59.02 60.01
N ALA N 415 8.30 -59.57 61.16
CA ALA N 415 7.35 -58.85 61.99
C ALA N 415 8.00 -57.74 62.80
N LYS N 416 9.22 -57.95 63.29
CA LYS N 416 9.94 -56.89 63.99
C LYS N 416 10.59 -55.89 63.03
N SER N 417 10.68 -56.16 61.73
CA SER N 417 11.20 -55.26 60.67
C SER N 417 10.17 -54.20 60.23
N ILE N 418 9.00 -54.07 60.88
CA ILE N 418 8.06 -53.00 60.62
C ILE N 418 8.25 -51.93 61.70
N ALA N 419 8.75 -50.76 61.32
CA ALA N 419 8.91 -49.64 62.23
C ALA N 419 9.77 -50.03 63.44
N PRO N 420 11.05 -50.35 63.24
CA PRO N 420 11.89 -50.75 64.36
C PRO N 420 12.21 -49.65 65.37
N GLU N 421 11.60 -48.47 65.22
CA GLU N 421 11.74 -47.41 66.22
C GLU N 421 10.56 -47.33 67.17
N ILE N 422 9.49 -48.09 66.91
CA ILE N 422 8.32 -48.11 67.80
C ILE N 422 8.49 -49.28 68.77
N TYR N 423 8.49 -48.98 70.07
CA TYR N 423 8.67 -50.02 71.06
C TYR N 423 7.43 -50.90 71.17
N GLY N 424 7.64 -52.18 71.45
CA GLY N 424 6.56 -53.06 71.77
C GLY N 424 5.63 -53.33 70.59
N ASN N 425 4.46 -53.87 70.94
CA ASN N 425 3.42 -54.14 69.96
C ASN N 425 3.85 -55.17 68.93
N LEU N 426 4.32 -56.33 69.37
CA LEU N 426 4.71 -57.36 68.41
C LEU N 426 3.51 -58.04 67.76
N ASP N 427 2.42 -58.18 68.54
CA ASP N 427 1.23 -58.92 68.05
C ASP N 427 0.57 -58.05 66.99
N VAL N 428 0.56 -56.74 67.11
CA VAL N 428 0.00 -55.83 66.11
C VAL N 428 0.80 -55.93 64.81
N LYS N 429 2.13 -56.00 64.92
CA LYS N 429 2.97 -56.09 63.74
C LYS N 429 2.88 -57.45 63.07
N LYS N 430 2.65 -58.51 63.82
CA LYS N 430 2.40 -59.81 63.23
C LYS N 430 1.12 -59.79 62.41
N ALA N 431 0.07 -59.12 62.91
CA ALA N 431 -1.15 -58.96 62.12
C ALA N 431 -0.90 -58.08 60.89
N LEU N 432 -0.08 -57.04 61.05
CA LEU N 432 0.22 -56.15 59.93
C LEU N 432 0.90 -56.91 58.80
N LEU N 433 1.86 -57.77 59.13
CA LEU N 433 2.54 -58.52 58.08
C LEU N 433 1.56 -59.39 57.29
N LEU N 434 0.62 -60.03 57.98
CA LEU N 434 -0.35 -60.87 57.29
C LEU N 434 -1.28 -60.04 56.43
N LEU N 435 -1.69 -58.85 56.89
CA LEU N 435 -2.42 -57.94 56.03
C LEU N 435 -1.62 -57.53 54.81
N LEU N 436 -0.29 -57.48 54.93
CA LEU N 436 0.57 -57.21 53.78
C LEU N 436 0.66 -58.39 52.83
N VAL N 437 0.62 -59.62 53.34
CA VAL N 437 0.70 -60.79 52.48
C VAL N 437 -0.67 -61.10 51.87
N GLY N 438 -1.67 -61.33 52.70
CA GLY N 438 -3.02 -61.55 52.20
C GLY N 438 -3.47 -62.99 52.30
N GLY N 439 -4.42 -63.39 51.44
CA GLY N 439 -4.96 -64.73 51.46
C GLY N 439 -5.21 -65.28 50.07
N VAL N 440 -6.35 -65.94 49.88
CA VAL N 440 -6.69 -66.58 48.61
C VAL N 440 -8.12 -66.21 48.23
N ASP N 441 -8.30 -65.80 46.98
CA ASP N 441 -9.61 -65.46 46.45
C ASP N 441 -10.19 -66.64 45.68
N LYS N 442 -11.48 -66.89 45.86
CA LYS N 442 -12.11 -68.13 45.40
C LYS N 442 -13.29 -67.80 44.50
N ARG N 443 -13.19 -68.17 43.23
CA ARG N 443 -14.34 -68.13 42.33
C ARG N 443 -15.14 -69.41 42.53
N VAL N 444 -16.12 -69.35 43.44
CA VAL N 444 -16.76 -70.57 43.93
C VAL N 444 -17.51 -71.30 42.84
N GLY N 445 -17.86 -70.64 41.74
CA GLY N 445 -18.75 -71.20 40.76
C GLY N 445 -19.94 -70.26 40.60
N ASP N 446 -20.49 -70.18 39.39
CA ASP N 446 -21.46 -69.17 39.01
C ASP N 446 -20.82 -67.79 38.93
N GLY N 447 -19.49 -67.72 38.93
CA GLY N 447 -18.82 -66.43 38.89
C GLY N 447 -19.02 -65.60 40.14
N MET N 448 -19.09 -66.25 41.29
CA MET N 448 -19.21 -65.58 42.57
C MET N 448 -17.89 -65.66 43.32
N LYS N 449 -17.47 -64.56 43.94
CA LYS N 449 -16.14 -64.46 44.58
C LYS N 449 -16.16 -64.36 46.13
N ILE N 450 -15.11 -64.80 46.83
CA ILE N 450 -14.84 -64.64 48.30
C ILE N 450 -13.54 -63.79 48.26
N ARG N 451 -13.30 -62.84 49.16
CA ARG N 451 -12.29 -61.76 48.97
C ARG N 451 -10.81 -62.07 49.23
N GLY N 452 -10.42 -63.00 50.03
CA GLY N 452 -8.98 -63.25 50.22
C GLY N 452 -8.08 -62.03 50.42
N ASP N 453 -8.45 -61.07 51.25
CA ASP N 453 -7.59 -59.92 51.64
C ASP N 453 -8.10 -59.47 53.02
N ILE N 454 -7.26 -59.15 54.00
CA ILE N 454 -7.69 -58.94 55.42
C ILE N 454 -7.82 -57.46 55.77
N ASN N 455 -8.80 -57.02 56.57
CA ASN N 455 -9.02 -55.61 57.04
C ASN N 455 -8.72 -55.46 58.55
N VAL N 456 -7.87 -54.55 59.06
CA VAL N 456 -7.42 -54.43 60.45
C VAL N 456 -7.77 -53.04 60.97
N CYS N 457 -8.21 -52.97 62.22
CA CYS N 457 -8.59 -51.73 62.87
C CYS N 457 -7.88 -51.60 64.21
N LEU N 458 -7.42 -50.39 64.53
CA LEU N 458 -6.68 -50.13 65.75
C LEU N 458 -7.42 -49.10 66.59
N MET N 459 -7.62 -49.35 67.86
CA MET N 459 -8.25 -48.41 68.81
C MET N 459 -7.23 -48.20 69.91
N GLY N 460 -7.17 -47.09 70.61
CA GLY N 460 -6.31 -46.87 71.75
C GLY N 460 -6.40 -45.46 72.28
N ASP N 461 -5.74 -45.26 73.41
CA ASP N 461 -5.66 -43.97 74.06
C ASP N 461 -4.62 -43.10 73.36
N PRO N 462 -4.61 -41.81 73.65
CA PRO N 462 -3.66 -40.92 72.96
C PRO N 462 -2.21 -41.31 73.24
N GLY N 463 -1.35 -41.01 72.27
CA GLY N 463 0.07 -41.24 72.43
C GLY N 463 0.46 -42.69 72.57
N VAL N 464 0.01 -43.53 71.64
CA VAL N 464 0.43 -44.93 71.56
C VAL N 464 1.01 -45.28 70.19
N ALA N 465 1.20 -44.29 69.31
CA ALA N 465 1.92 -44.47 68.05
C ALA N 465 1.11 -45.14 66.95
N LYS N 466 -0.21 -45.00 66.97
CA LYS N 466 -1.02 -45.59 65.90
C LYS N 466 -0.74 -44.92 64.55
N SER N 467 -0.69 -43.59 64.53
CA SER N 467 -0.46 -42.87 63.27
C SER N 467 0.91 -43.19 62.68
N GLN N 468 1.92 -43.37 63.53
CA GLN N 468 3.24 -43.74 63.02
C GLN N 468 3.18 -45.09 62.31
N LEU N 469 2.42 -46.03 62.88
CA LEU N 469 2.24 -47.32 62.22
C LEU N 469 1.53 -47.17 60.87
N LEU N 470 0.50 -46.32 60.81
CA LEU N 470 -0.16 -46.11 59.52
C LEU N 470 0.80 -45.51 58.50
N LYS N 471 1.59 -44.52 58.90
CA LYS N 471 2.58 -43.94 57.99
C LYS N 471 3.57 -44.99 57.50
N ALA N 472 4.07 -45.82 58.41
CA ALA N 472 5.04 -46.83 58.04
C ALA N 472 4.44 -47.84 57.05
N ILE N 473 3.23 -48.30 57.32
CA ILE N 473 2.63 -49.30 56.45
C ILE N 473 2.27 -48.72 55.10
N CYS N 474 1.94 -47.43 55.03
CA CYS N 474 1.79 -46.78 53.73
C CYS N 474 3.12 -46.59 53.02
N LYS N 475 4.28 -46.48 53.68
CA LYS N 475 5.63 -46.37 53.02
C LYS N 475 6.11 -47.75 52.58
N ILE N 476 5.69 -48.82 53.23
CA ILE N 476 6.22 -50.11 52.79
C ILE N 476 5.46 -50.69 51.59
N SER N 477 4.19 -50.38 51.45
CA SER N 477 3.40 -51.00 50.38
C SER N 477 3.75 -50.39 49.03
N PRO N 478 3.75 -51.16 47.93
CA PRO N 478 3.97 -50.57 46.61
C PRO N 478 2.91 -49.55 46.24
N ARG N 479 1.64 -49.89 46.41
CA ARG N 479 0.55 -48.92 46.31
C ARG N 479 -0.09 -48.77 47.69
N GLY N 480 -0.13 -47.54 48.17
CA GLY N 480 -0.69 -47.26 49.48
C GLY N 480 -0.90 -45.78 49.71
N VAL N 481 -2.03 -45.41 50.31
CA VAL N 481 -2.43 -44.02 50.45
C VAL N 481 -2.74 -43.72 51.90
N TYR N 482 -2.32 -42.54 52.36
CA TYR N 482 -2.57 -42.08 53.71
C TYR N 482 -3.55 -40.91 53.68
N THR N 483 -4.64 -41.02 54.41
CA THR N 483 -5.65 -39.97 54.44
C THR N 483 -6.15 -39.75 55.87
N THR N 484 -6.61 -38.53 56.13
CA THR N 484 -7.11 -38.12 57.43
C THR N 484 -8.59 -37.82 57.31
N GLY N 485 -9.28 -37.85 58.44
CA GLY N 485 -10.74 -37.87 58.47
C GLY N 485 -11.47 -36.85 57.61
N LYS N 486 -11.42 -35.57 57.98
CA LYS N 486 -12.25 -34.56 57.33
C LYS N 486 -11.55 -33.86 56.16
N GLY N 487 -10.26 -34.07 55.97
CA GLY N 487 -9.56 -33.48 54.84
C GLY N 487 -9.77 -34.19 53.54
N SER N 488 -10.36 -35.39 53.57
CA SER N 488 -10.65 -36.18 52.37
C SER N 488 -12.11 -36.61 52.43
N SER N 489 -12.99 -35.77 51.91
CA SER N 489 -14.43 -35.97 52.01
C SER N 489 -15.08 -35.82 50.65
N GLY N 490 -16.10 -36.63 50.39
CA GLY N 490 -16.87 -36.52 49.17
C GLY N 490 -16.18 -37.13 47.97
N VAL N 491 -15.99 -36.32 46.92
CA VAL N 491 -15.39 -36.81 45.68
C VAL N 491 -13.91 -37.09 45.83
N GLY N 492 -13.30 -36.69 46.94
CA GLY N 492 -11.93 -37.04 47.21
C GLY N 492 -11.72 -38.49 47.57
N LEU N 493 -12.80 -39.22 47.82
CA LEU N 493 -12.74 -40.66 48.06
C LEU N 493 -13.16 -41.48 46.85
N THR N 494 -14.35 -41.23 46.30
CA THR N 494 -14.88 -42.11 45.26
C THR N 494 -14.39 -41.76 43.86
N ALA N 495 -14.83 -40.63 43.30
CA ALA N 495 -14.49 -40.29 41.92
C ALA N 495 -15.20 -39.00 41.52
N ALA N 496 -14.69 -38.36 40.48
CA ALA N 496 -15.19 -37.08 40.01
C ALA N 496 -15.25 -37.06 38.48
N VAL N 497 -16.06 -36.16 37.94
CA VAL N 497 -16.25 -36.01 36.51
C VAL N 497 -15.50 -34.77 36.03
N MET N 498 -14.55 -34.97 35.12
CA MET N 498 -13.77 -33.87 34.55
C MET N 498 -13.61 -34.10 33.05
N LYS N 499 -13.28 -33.08 32.30
CA LYS N 499 -13.06 -33.15 30.84
C LYS N 499 -11.55 -33.22 30.61
N ASP N 500 -11.07 -34.10 29.76
CA ASP N 500 -9.65 -34.33 29.49
C ASP N 500 -9.11 -33.23 28.58
N PRO N 501 -8.11 -32.46 29.01
CA PRO N 501 -7.57 -31.43 28.11
C PRO N 501 -7.00 -32.00 26.81
N VAL N 502 -6.41 -33.18 26.84
CA VAL N 502 -5.64 -33.67 25.71
C VAL N 502 -6.53 -34.38 24.70
N THR N 503 -7.35 -35.32 25.14
CA THR N 503 -8.17 -36.13 24.25
C THR N 503 -9.57 -35.56 24.04
N ASP N 504 -9.94 -34.51 24.77
CA ASP N 504 -11.30 -33.96 24.70
C ASP N 504 -12.35 -35.03 24.94
N GLU N 505 -12.23 -35.71 26.08
CA GLU N 505 -13.17 -36.75 26.47
C GLU N 505 -13.53 -36.57 27.93
N MET N 506 -14.67 -37.14 28.32
CA MET N 506 -15.17 -37.08 29.68
C MET N 506 -14.60 -38.27 30.45
N ILE N 507 -13.78 -37.99 31.45
CA ILE N 507 -13.13 -39.03 32.23
C ILE N 507 -13.66 -39.00 33.65
N LEU N 508 -13.30 -40.03 34.41
CA LEU N 508 -13.57 -40.11 35.84
C LEU N 508 -12.23 -40.08 36.56
N GLU N 509 -12.05 -39.09 37.42
CA GLU N 509 -10.83 -38.98 38.20
C GLU N 509 -10.98 -39.76 39.49
N GLY N 510 -9.99 -40.57 39.81
CA GLY N 510 -10.06 -41.42 40.96
C GLY N 510 -9.69 -40.72 42.26
N GLY N 511 -10.33 -41.16 43.34
CA GLY N 511 -10.01 -40.72 44.67
C GLY N 511 -8.99 -41.60 45.35
N ALA N 512 -8.92 -41.46 46.68
CA ALA N 512 -7.96 -42.26 47.44
C ALA N 512 -8.23 -43.75 47.27
N LEU N 513 -9.48 -44.16 47.34
CA LEU N 513 -9.82 -45.57 47.23
C LEU N 513 -9.48 -46.14 45.87
N VAL N 514 -9.58 -45.33 44.82
CA VAL N 514 -9.26 -45.80 43.47
C VAL N 514 -7.76 -45.77 43.20
N LEU N 515 -7.00 -44.94 43.91
CA LEU N 515 -5.55 -44.93 43.77
C LEU N 515 -4.89 -46.11 44.49
N ALA N 516 -5.55 -46.71 45.46
CA ALA N 516 -4.98 -47.79 46.26
C ALA N 516 -5.45 -49.17 45.80
N ASP N 517 -6.08 -49.26 44.64
CA ASP N 517 -6.53 -50.56 44.14
C ASP N 517 -5.35 -51.51 44.04
N ASN N 518 -5.53 -52.74 44.51
CA ASN N 518 -4.43 -53.69 44.68
C ASN N 518 -3.37 -53.13 45.62
N GLY N 519 -3.81 -52.52 46.71
CA GLY N 519 -2.89 -51.98 47.68
C GLY N 519 -3.55 -51.87 49.05
N ILE N 520 -2.99 -51.00 49.88
CA ILE N 520 -3.47 -50.81 51.25
C ILE N 520 -3.89 -49.36 51.41
N CYS N 521 -5.08 -49.14 51.97
CA CYS N 521 -5.55 -47.80 52.28
C CYS N 521 -5.45 -47.55 53.78
N CYS N 522 -4.97 -46.38 54.15
CA CYS N 522 -4.73 -46.02 55.55
C CYS N 522 -5.55 -44.78 55.90
N ILE N 523 -6.53 -44.95 56.79
CA ILE N 523 -7.42 -43.87 57.20
C ILE N 523 -7.16 -43.55 58.66
N ASP N 524 -7.08 -42.27 58.98
CA ASP N 524 -6.78 -41.79 60.32
C ASP N 524 -7.97 -41.00 60.86
N GLU N 525 -8.19 -41.08 62.17
CA GLU N 525 -9.33 -40.44 62.81
C GLU N 525 -10.61 -41.00 62.21
N PHE N 526 -10.82 -42.31 62.39
CA PHE N 526 -11.93 -42.99 61.73
C PHE N 526 -13.29 -42.52 62.24
N ASP N 527 -13.37 -42.17 63.50
CA ASP N 527 -14.64 -41.81 64.18
C ASP N 527 -15.21 -40.47 63.70
N LYS N 528 -14.42 -39.61 63.05
CA LYS N 528 -14.84 -38.25 62.70
C LYS N 528 -15.44 -38.14 61.30
N MET N 529 -15.46 -39.21 60.54
CA MET N 529 -15.88 -39.12 59.14
C MET N 529 -17.40 -38.95 59.04
N ASP N 530 -17.83 -38.45 57.89
CA ASP N 530 -19.24 -38.31 57.60
C ASP N 530 -19.89 -39.67 57.42
N GLU N 531 -21.22 -39.68 57.52
CA GLU N 531 -21.97 -40.89 57.26
C GLU N 531 -21.85 -41.33 55.81
N SER N 532 -21.88 -40.37 54.88
CA SER N 532 -21.72 -40.69 53.47
C SER N 532 -20.39 -41.37 53.20
N ASP N 533 -19.31 -40.87 53.81
CA ASP N 533 -18.01 -41.49 53.63
C ASP N 533 -17.95 -42.87 54.25
N ARG N 534 -18.66 -43.09 55.36
CA ARG N 534 -18.63 -44.39 56.02
C ARG N 534 -19.38 -45.44 55.22
N THR N 535 -20.45 -45.05 54.51
CA THR N 535 -21.16 -46.00 53.68
C THR N 535 -20.25 -46.59 52.60
N ALA N 536 -19.42 -45.74 51.99
CA ALA N 536 -18.51 -46.22 50.94
C ALA N 536 -17.51 -47.23 51.50
N ILE N 537 -16.97 -46.96 52.69
CA ILE N 537 -16.05 -47.90 53.31
C ILE N 537 -16.74 -49.22 53.59
N HIS N 538 -17.97 -49.15 54.09
CA HIS N 538 -18.78 -50.34 54.30
C HIS N 538 -18.84 -51.18 53.02
N GLU N 539 -19.20 -50.54 51.90
CA GLU N 539 -19.37 -51.27 50.66
C GLU N 539 -18.05 -51.86 50.16
N VAL N 540 -16.97 -51.08 50.25
CA VAL N 540 -15.67 -51.54 49.76
C VAL N 540 -15.20 -52.75 50.56
N MET N 541 -15.35 -52.72 51.88
CA MET N 541 -14.97 -53.86 52.69
C MET N 541 -15.87 -55.06 52.46
N GLU N 542 -17.08 -54.95 52.00
CA GLU N 542 -17.98 -56.12 51.84
C GLU N 542 -17.76 -56.73 50.47
N GLN N 543 -17.91 -55.94 49.41
CA GLN N 543 -17.86 -56.58 48.10
C GLN N 543 -16.82 -56.00 47.17
N GLN N 544 -16.12 -54.95 47.57
CA GLN N 544 -15.02 -54.40 46.79
C GLN N 544 -15.50 -53.75 45.49
N THR N 545 -16.58 -52.97 45.61
CA THR N 545 -17.08 -52.17 44.50
C THR N 545 -17.84 -50.98 45.08
N ILE N 546 -17.81 -49.85 44.37
CA ILE N 546 -18.46 -48.62 44.81
C ILE N 546 -19.52 -48.24 43.78
N SER N 547 -20.75 -48.09 44.24
CA SER N 547 -21.88 -47.78 43.38
C SER N 547 -22.27 -46.32 43.57
N ILE N 548 -22.36 -45.57 42.47
CA ILE N 548 -22.67 -44.15 42.49
C ILE N 548 -23.85 -43.92 41.56
N SER N 549 -24.89 -43.25 42.06
CA SER N 549 -26.08 -42.91 41.28
C SER N 549 -26.37 -41.43 41.52
N LYS N 550 -25.68 -40.55 40.84
CA LYS N 550 -25.83 -39.06 41.01
C LYS N 550 -26.04 -38.46 39.62
N ALA N 551 -26.19 -37.16 39.48
CA ALA N 551 -26.51 -36.53 38.18
C ALA N 551 -25.31 -36.69 37.24
N GLY N 552 -25.47 -37.39 36.12
CA GLY N 552 -24.38 -37.60 35.20
C GLY N 552 -23.58 -38.87 35.45
N ILE N 553 -23.92 -39.64 36.48
CA ILE N 553 -23.16 -40.84 36.83
C ILE N 553 -24.09 -41.99 37.15
N ASN N 554 -23.93 -43.11 36.45
CA ASN N 554 -24.47 -44.40 36.85
C ASN N 554 -23.42 -45.44 36.47
N THR N 555 -22.55 -45.76 37.42
CA THR N 555 -21.45 -46.69 37.17
C THR N 555 -21.15 -47.47 38.45
N THR N 556 -20.21 -48.40 38.33
CA THR N 556 -19.73 -49.19 39.46
C THR N 556 -18.21 -49.26 39.34
N LEU N 557 -17.52 -48.77 40.36
CA LEU N 557 -16.06 -48.75 40.35
C LEU N 557 -15.50 -50.04 40.92
N ASN N 558 -14.42 -50.52 40.32
CA ASN N 558 -13.74 -51.73 40.75
C ASN N 558 -12.62 -51.34 41.70
N ALA N 559 -12.77 -51.67 42.98
CA ALA N 559 -11.86 -51.21 44.04
C ALA N 559 -11.47 -52.41 44.90
N ARG N 560 -10.28 -52.97 44.62
CA ARG N 560 -9.75 -54.09 45.38
C ARG N 560 -8.68 -53.55 46.34
N THR N 561 -9.13 -53.22 47.55
CA THR N 561 -8.31 -52.50 48.52
C THR N 561 -8.46 -53.11 49.91
N SER N 562 -7.39 -53.04 50.69
CA SER N 562 -7.41 -53.43 52.10
C SER N 562 -7.41 -52.18 52.96
N ILE N 563 -8.14 -52.22 54.06
CA ILE N 563 -8.40 -51.06 54.90
C ILE N 563 -7.63 -51.21 56.21
N LEU N 564 -6.86 -50.19 56.56
CA LEU N 564 -6.27 -50.05 57.88
C LEU N 564 -6.76 -48.75 58.51
N ALA N 565 -7.27 -48.84 59.74
CA ALA N 565 -7.96 -47.72 60.37
C ALA N 565 -7.50 -47.54 61.80
N ALA N 566 -7.58 -46.30 62.29
CA ALA N 566 -7.24 -45.95 63.65
C ALA N 566 -8.33 -45.06 64.23
N ALA N 567 -8.63 -45.23 65.52
CA ALA N 567 -9.69 -44.47 66.15
C ALA N 567 -9.46 -44.38 67.65
N ASN N 568 -9.87 -43.25 68.23
CA ASN N 568 -9.79 -43.05 69.68
C ASN N 568 -11.12 -43.37 70.33
N PRO N 569 -11.13 -43.78 71.60
CA PRO N 569 -12.40 -43.97 72.30
C PRO N 569 -13.20 -42.67 72.40
N LEU N 570 -14.50 -42.78 72.65
CA LEU N 570 -15.37 -41.61 72.54
C LEU N 570 -14.96 -40.51 73.52
N TYR N 571 -14.64 -40.90 74.76
CA TYR N 571 -14.33 -39.94 75.80
C TYR N 571 -12.85 -39.66 75.95
N GLY N 572 -12.05 -39.92 74.93
CA GLY N 572 -10.62 -39.70 75.01
C GLY N 572 -9.89 -40.91 75.58
N ARG N 573 -10.19 -41.23 76.83
CA ARG N 573 -9.66 -42.41 77.49
C ARG N 573 -10.72 -43.49 77.56
N TYR N 574 -10.27 -44.70 77.87
CA TYR N 574 -11.20 -45.82 78.02
C TYR N 574 -11.76 -45.81 79.44
N ASN N 575 -13.08 -45.89 79.55
CA ASN N 575 -13.76 -45.95 80.83
C ASN N 575 -14.16 -47.39 81.12
N PRO N 576 -13.39 -48.13 81.91
CA PRO N 576 -13.78 -49.52 82.22
C PRO N 576 -15.09 -49.61 82.97
N ARG N 577 -15.53 -48.51 83.59
CA ARG N 577 -16.86 -48.50 84.20
C ARG N 577 -17.95 -48.63 83.15
N LEU N 578 -17.72 -48.10 81.95
CA LEU N 578 -18.70 -48.18 80.88
C LEU N 578 -18.50 -49.46 80.07
N SER N 579 -19.54 -49.80 79.30
CA SER N 579 -19.51 -51.01 78.48
C SER N 579 -18.52 -50.83 77.33
N PRO N 580 -18.01 -51.93 76.78
CA PRO N 580 -17.04 -51.81 75.67
C PRO N 580 -17.56 -51.01 74.48
N LEU N 581 -18.82 -51.19 74.09
CA LEU N 581 -19.36 -50.45 72.96
C LEU N 581 -19.80 -49.04 73.31
N ASP N 582 -19.96 -48.72 74.59
CA ASP N 582 -20.21 -47.34 74.98
C ASP N 582 -18.99 -46.45 74.81
N ASN N 583 -17.80 -47.05 74.74
CA ASN N 583 -16.57 -46.28 74.59
C ASN N 583 -16.19 -46.02 73.14
N ILE N 584 -16.77 -46.73 72.17
CA ILE N 584 -16.46 -46.61 70.72
C ILE N 584 -17.65 -45.93 70.01
N ASN N 585 -17.39 -44.95 69.16
CA ASN N 585 -18.43 -44.22 68.44
C ASN N 585 -19.03 -45.06 67.32
N LEU N 586 -18.21 -45.85 66.64
CA LEU N 586 -18.65 -46.52 65.43
C LEU N 586 -19.71 -47.57 65.76
N PRO N 587 -20.59 -47.87 64.80
CA PRO N 587 -21.56 -48.95 65.00
C PRO N 587 -20.89 -50.32 65.03
N ALA N 588 -21.51 -51.24 65.77
CA ALA N 588 -20.97 -52.58 65.92
C ALA N 588 -20.99 -53.35 64.61
N ALA N 589 -21.91 -53.04 63.70
CA ALA N 589 -21.95 -53.72 62.41
C ALA N 589 -20.71 -53.42 61.57
N LEU N 590 -20.15 -52.21 61.67
CA LEU N 590 -18.90 -51.92 60.99
C LEU N 590 -17.75 -52.72 61.58
N LEU N 591 -17.67 -52.78 62.91
CA LEU N 591 -16.61 -53.53 63.57
C LEU N 591 -16.76 -55.04 63.40
N SER N 592 -17.94 -55.52 63.01
CA SER N 592 -18.11 -56.93 62.68
C SER N 592 -17.51 -57.28 61.33
N ARG N 593 -17.13 -56.29 60.53
CA ARG N 593 -16.55 -56.55 59.22
C ARG N 593 -15.03 -56.59 59.23
N PHE N 594 -14.39 -55.99 60.23
CA PHE N 594 -12.95 -56.04 60.36
C PHE N 594 -12.53 -57.42 60.85
N ASP N 595 -11.53 -57.99 60.20
CA ASP N 595 -11.08 -59.33 60.55
C ASP N 595 -10.52 -59.37 61.96
N ILE N 596 -9.59 -58.46 62.27
CA ILE N 596 -8.96 -58.40 63.58
C ILE N 596 -9.08 -56.98 64.10
N LEU N 597 -9.52 -56.85 65.35
CA LEU N 597 -9.69 -55.56 66.01
C LEU N 597 -8.80 -55.50 67.24
N PHE N 598 -7.86 -54.56 67.24
CA PHE N 598 -6.91 -54.40 68.34
C PHE N 598 -7.26 -53.19 69.18
N LEU N 599 -7.24 -53.38 70.49
CA LEU N 599 -7.52 -52.33 71.46
C LEU N 599 -6.22 -52.05 72.22
N MET N 600 -5.68 -50.85 72.04
CA MET N 600 -4.37 -50.47 72.57
C MET N 600 -4.56 -49.45 73.68
N LEU N 601 -4.69 -49.93 74.92
CA LEU N 601 -4.94 -49.05 76.05
C LEU N 601 -3.63 -48.71 76.75
N ASP N 602 -3.69 -47.67 77.57
CA ASP N 602 -2.53 -47.17 78.29
C ASP N 602 -2.83 -47.25 79.79
N ILE N 603 -2.46 -48.38 80.40
CA ILE N 603 -2.58 -48.56 81.83
C ILE N 603 -1.19 -48.34 82.43
N PRO N 604 -1.00 -47.32 83.27
CA PRO N 604 0.36 -47.04 83.78
C PRO N 604 0.92 -48.22 84.52
N SER N 605 2.10 -48.67 84.10
CA SER N 605 2.86 -49.71 84.78
C SER N 605 4.27 -49.18 85.01
N ARG N 606 4.71 -49.23 86.26
CA ARG N 606 5.98 -48.60 86.61
C ARG N 606 7.14 -49.25 85.85
N ASP N 607 7.16 -50.58 85.77
CA ASP N 607 8.31 -51.27 85.20
C ASP N 607 8.41 -51.07 83.70
N ASP N 608 7.31 -51.24 82.97
CA ASP N 608 7.37 -51.17 81.52
C ASP N 608 7.72 -49.77 81.04
N ASP N 609 7.42 -48.76 81.84
CA ASP N 609 7.64 -47.39 81.40
C ASP N 609 9.12 -47.09 81.24
N GLU N 610 9.97 -47.69 82.05
CA GLU N 610 11.43 -47.43 81.99
C GLU N 610 12.00 -48.12 80.74
N LYS N 611 11.40 -49.19 80.25
CA LYS N 611 11.85 -49.80 79.00
C LYS N 611 11.34 -49.05 77.78
N LEU N 612 10.14 -48.47 77.85
CA LEU N 612 9.68 -47.62 76.76
C LEU N 612 10.51 -46.33 76.67
N ALA N 613 10.74 -45.68 77.81
CA ALA N 613 11.49 -44.44 77.84
C ALA N 613 12.92 -44.64 77.35
N GLU N 614 13.54 -45.75 77.75
CA GLU N 614 14.87 -46.09 77.26
C GLU N 614 14.88 -46.05 75.74
N HIS N 615 13.93 -46.73 75.12
CA HIS N 615 13.92 -46.83 73.66
C HIS N 615 13.74 -45.45 73.04
N VAL N 616 12.77 -44.68 73.52
CA VAL N 616 12.49 -43.39 72.89
C VAL N 616 13.67 -42.44 73.04
N THR N 617 14.22 -42.34 74.26
CA THR N 617 15.31 -41.41 74.50
C THR N 617 16.58 -41.85 73.79
N TYR N 618 16.81 -43.16 73.70
CA TYR N 618 17.91 -43.67 72.88
C TYR N 618 17.74 -43.26 71.42
N VAL N 619 16.52 -43.40 70.91
CA VAL N 619 16.26 -43.06 69.51
C VAL N 619 16.55 -41.59 69.27
N HIS N 620 16.16 -40.72 70.21
CA HIS N 620 16.38 -39.30 69.99
C HIS N 620 17.86 -38.94 70.08
N MET N 621 18.69 -39.80 70.65
CA MET N 621 20.12 -39.54 70.75
C MET N 621 20.91 -40.18 69.60
N HIS N 622 20.55 -41.41 69.24
CA HIS N 622 21.11 -42.10 68.09
C HIS N 622 19.99 -42.27 67.08
N ASN N 623 20.30 -42.08 65.79
CA ASN N 623 19.27 -42.20 64.77
C ASN N 623 19.05 -43.66 64.36
N LYS N 624 19.40 -44.60 65.22
CA LYS N 624 19.24 -46.02 64.95
C LYS N 624 18.50 -46.70 66.10
N GLN N 625 17.99 -47.90 65.82
CA GLN N 625 17.29 -48.70 66.80
C GLN N 625 18.28 -49.34 67.78
N PRO N 626 17.82 -49.69 68.99
CA PRO N 626 18.77 -49.97 70.08
C PRO N 626 19.21 -51.41 70.21
N ASP N 627 18.89 -52.26 69.25
CA ASP N 627 19.13 -53.69 69.39
C ASP N 627 20.27 -54.10 68.48
N LEU N 628 21.30 -54.71 69.08
CA LEU N 628 22.50 -55.11 68.34
C LEU N 628 22.51 -56.58 67.99
N ASP N 629 21.52 -57.36 68.44
CA ASP N 629 21.41 -58.78 68.11
C ASP N 629 20.22 -59.03 67.20
N PHE N 630 19.99 -58.13 66.25
CA PHE N 630 18.84 -58.23 65.37
C PHE N 630 19.12 -57.42 64.12
N THR N 631 18.84 -58.01 62.96
CA THR N 631 19.07 -57.34 61.69
C THR N 631 17.74 -56.86 61.12
N PRO N 632 17.58 -55.56 60.81
CA PRO N 632 16.34 -55.08 60.20
C PRO N 632 16.35 -55.28 58.70
N VAL N 633 15.41 -56.08 58.20
CA VAL N 633 15.35 -56.36 56.77
C VAL N 633 15.02 -55.07 56.03
N GLU N 634 15.72 -54.83 54.93
CA GLU N 634 15.48 -53.64 54.14
C GLU N 634 14.12 -53.72 53.48
N PRO N 635 13.47 -52.58 53.20
CA PRO N 635 12.16 -52.63 52.55
C PRO N 635 12.14 -53.35 51.21
N SER N 636 13.19 -53.20 50.40
CA SER N 636 13.20 -53.86 49.09
C SER N 636 13.22 -55.37 49.24
N LYS N 637 14.09 -55.85 50.06
CA LYS N 637 14.16 -57.30 50.32
C LYS N 637 12.80 -57.79 50.89
N MET N 638 12.09 -57.09 51.78
CA MET N 638 10.77 -57.45 52.28
C MET N 638 9.76 -57.51 51.14
N ARG N 639 9.81 -56.53 50.24
CA ARG N 639 8.90 -56.55 49.09
C ARG N 639 9.14 -57.76 48.21
N GLU N 640 10.41 -58.13 47.99
CA GLU N 640 10.69 -59.33 47.20
C GLU N 640 10.13 -60.59 47.84
N TYR N 641 10.37 -60.79 49.14
CA TYR N 641 9.86 -61.99 49.78
C TYR N 641 8.33 -62.01 49.79
N ILE N 642 7.70 -60.85 49.97
CA ILE N 642 6.25 -60.79 49.95
C ILE N 642 5.71 -61.11 48.56
N ALA N 643 6.35 -60.65 47.49
CA ALA N 643 5.90 -61.00 46.15
C ALA N 643 6.03 -62.50 45.89
N TYR N 644 7.18 -63.08 46.21
CA TYR N 644 7.33 -64.52 46.00
C TYR N 644 6.31 -65.30 46.83
N ALA N 645 6.02 -64.85 48.05
CA ALA N 645 4.97 -65.50 48.82
C ALA N 645 3.60 -65.35 48.14
N LYS N 646 3.32 -64.18 47.57
CA LYS N 646 2.04 -63.95 46.91
C LYS N 646 1.90 -64.75 45.62
N THR N 647 2.98 -65.33 45.09
CA THR N 647 2.87 -66.20 43.93
C THR N 647 2.60 -67.66 44.29
N LYS N 648 1.99 -67.92 45.45
CA LYS N 648 1.67 -69.28 45.88
C LYS N 648 0.22 -69.35 46.34
N ARG N 649 -0.41 -70.51 46.14
CA ARG N 649 -1.81 -70.76 46.53
C ARG N 649 -1.92 -72.08 47.28
N PRO N 650 -1.74 -72.10 48.59
CA PRO N 650 -1.92 -73.35 49.34
C PRO N 650 -3.39 -73.76 49.43
N VAL N 651 -3.60 -75.04 49.75
CA VAL N 651 -4.93 -75.62 49.78
C VAL N 651 -5.11 -76.42 51.07
N MET N 652 -6.37 -76.66 51.43
CA MET N 652 -6.73 -77.26 52.72
C MET N 652 -7.21 -78.69 52.52
N SER N 653 -6.80 -79.58 53.43
CA SER N 653 -7.23 -80.97 53.43
C SER N 653 -8.33 -81.19 54.47
N GLU N 654 -8.75 -82.44 54.63
CA GLU N 654 -9.85 -82.77 55.53
C GLU N 654 -9.43 -82.75 56.99
N ALA N 655 -8.22 -83.20 57.30
CA ALA N 655 -7.76 -83.22 58.68
C ALA N 655 -7.71 -81.82 59.27
N VAL N 656 -7.23 -80.85 58.48
CA VAL N 656 -7.21 -79.47 58.94
C VAL N 656 -8.63 -78.92 59.02
N ASN N 657 -9.55 -79.42 58.20
CA ASN N 657 -10.94 -78.99 58.28
C ASN N 657 -11.57 -79.40 59.61
N ASP N 658 -11.27 -80.61 60.08
CA ASP N 658 -11.82 -81.07 61.35
C ASP N 658 -11.47 -80.11 62.48
N TYR N 659 -10.18 -79.76 62.54
CA TYR N 659 -9.71 -78.83 63.59
C TYR N 659 -10.55 -77.57 63.53
N VAL N 660 -10.69 -76.92 62.39
CA VAL N 660 -11.37 -75.63 62.27
C VAL N 660 -12.82 -75.76 62.70
N VAL N 661 -13.50 -76.81 62.26
CA VAL N 661 -14.89 -77.02 62.66
C VAL N 661 -14.98 -77.08 64.18
N GLN N 662 -14.11 -77.89 64.79
CA GLN N 662 -14.17 -78.08 66.23
C GLN N 662 -13.91 -76.79 67.00
N ALA N 663 -12.94 -75.99 66.54
CA ALA N 663 -12.67 -74.73 67.22
C ALA N 663 -13.83 -73.76 67.08
N TYR N 664 -14.44 -73.70 65.90
CA TYR N 664 -15.57 -72.79 65.69
C TYR N 664 -16.73 -73.15 66.60
N ILE N 665 -16.99 -74.44 66.79
CA ILE N 665 -18.09 -74.85 67.66
C ILE N 665 -17.92 -74.24 69.06
N ARG N 666 -16.72 -74.37 69.63
CA ARG N 666 -16.50 -73.90 70.99
C ARG N 666 -16.51 -72.38 71.07
N LEU N 667 -15.92 -71.70 70.08
CA LEU N 667 -15.97 -70.24 70.09
C LEU N 667 -17.40 -69.73 70.04
N ARG N 668 -18.27 -70.36 69.28
CA ARG N 668 -19.66 -69.91 69.10
C ARG N 668 -20.35 -70.22 70.43
N GLN N 669 -20.06 -71.35 71.06
CA GLN N 669 -20.66 -71.62 72.36
C GLN N 669 -20.27 -70.60 73.42
N ASP N 670 -19.04 -70.10 73.39
CA ASP N 670 -18.58 -69.17 74.42
C ASP N 670 -18.97 -67.71 74.20
N SER N 671 -19.07 -67.23 72.96
CA SER N 671 -19.34 -65.82 72.73
C SER N 671 -20.68 -65.35 73.28
N LYS N 672 -21.69 -66.23 73.32
CA LYS N 672 -23.02 -65.81 73.74
C LYS N 672 -23.04 -65.39 75.20
N ARG N 673 -22.38 -66.15 76.09
CA ARG N 673 -22.39 -65.79 77.49
C ARG N 673 -21.69 -64.47 77.76
N GLU N 674 -20.68 -64.11 76.96
CA GLU N 674 -20.05 -62.82 77.11
C GLU N 674 -20.93 -61.69 76.60
N MET N 675 -21.56 -61.88 75.43
CA MET N 675 -22.40 -60.82 74.90
C MET N 675 -23.67 -60.61 75.71
N ASP N 676 -24.11 -61.63 76.45
CA ASP N 676 -25.31 -61.47 77.28
C ASP N 676 -25.06 -60.49 78.41
N SER N 677 -23.87 -60.52 79.01
CA SER N 677 -23.53 -59.63 80.11
C SER N 677 -23.02 -58.27 79.65
N LYS N 678 -23.01 -58.00 78.34
CA LYS N 678 -22.59 -56.71 77.81
C LYS N 678 -21.11 -56.46 78.05
N PHE N 679 -20.28 -57.46 77.76
CA PHE N 679 -18.84 -57.34 77.92
C PHE N 679 -18.12 -57.91 76.69
N SER N 680 -18.57 -57.51 75.51
CA SER N 680 -17.89 -57.91 74.29
C SER N 680 -18.19 -56.91 73.20
N PHE N 681 -17.24 -56.75 72.28
CA PHE N 681 -17.47 -55.95 71.09
C PHE N 681 -18.31 -56.68 70.06
N GLY N 682 -18.39 -58.02 70.14
CA GLY N 682 -19.08 -58.76 69.11
C GLY N 682 -19.30 -60.24 69.43
N GLN N 683 -20.49 -60.71 69.10
CA GLN N 683 -20.81 -62.12 69.15
C GLN N 683 -20.19 -62.82 67.94
N ALA N 684 -19.69 -64.04 68.14
CA ALA N 684 -19.02 -64.76 67.06
C ALA N 684 -19.97 -64.97 65.89
N THR N 685 -19.42 -64.94 64.68
CA THR N 685 -20.20 -65.05 63.46
C THR N 685 -19.47 -65.89 62.42
N PRO N 686 -20.10 -66.23 61.30
CA PRO N 686 -19.36 -66.93 60.22
C PRO N 686 -18.17 -66.15 59.71
N ARG N 687 -18.27 -64.82 59.73
CA ARG N 687 -17.15 -63.99 59.29
C ARG N 687 -15.90 -64.24 60.12
N THR N 688 -16.04 -64.62 61.40
CA THR N 688 -14.88 -65.00 62.19
C THR N 688 -14.21 -66.26 61.63
N LEU N 689 -15.02 -67.24 61.19
CA LEU N 689 -14.48 -68.42 60.54
C LEU N 689 -13.76 -68.07 59.25
N LEU N 690 -14.35 -67.19 58.44
CA LEU N 690 -13.68 -66.76 57.21
C LEU N 690 -12.36 -66.05 57.52
N GLY N 691 -12.35 -65.23 58.57
CA GLY N 691 -11.11 -64.59 58.97
C GLY N 691 -10.05 -65.59 59.40
N ILE N 692 -10.46 -66.61 60.16
CA ILE N 692 -9.52 -67.64 60.58
C ILE N 692 -8.92 -68.34 59.37
N ILE N 693 -9.76 -68.68 58.40
CA ILE N 693 -9.28 -69.33 57.19
C ILE N 693 -8.28 -68.44 56.47
N ARG N 694 -8.60 -67.16 56.33
CA ARG N 694 -7.71 -66.24 55.63
C ARG N 694 -6.38 -66.09 56.35
N LEU N 695 -6.40 -66.03 57.68
CA LEU N 695 -5.15 -65.89 58.43
C LEU N 695 -4.28 -67.14 58.29
N SER N 696 -4.89 -68.32 58.37
CA SER N 696 -4.13 -69.54 58.14
C SER N 696 -3.54 -69.58 56.73
N GLN N 697 -4.30 -69.13 55.75
CA GLN N 697 -3.80 -69.09 54.38
C GLN N 697 -2.61 -68.15 54.27
N ALA N 698 -2.67 -67.00 54.95
CA ALA N 698 -1.55 -66.06 54.92
C ALA N 698 -0.29 -66.69 55.52
N LEU N 699 -0.42 -67.35 56.66
CA LEU N 699 0.75 -67.98 57.26
C LEU N 699 1.31 -69.10 56.38
N ALA N 700 0.44 -69.89 55.76
CA ALA N 700 0.90 -70.90 54.82
C ALA N 700 1.67 -70.26 53.67
N LYS N 701 1.15 -69.17 53.11
CA LYS N 701 1.87 -68.47 52.05
C LYS N 701 3.23 -67.97 52.52
N LEU N 702 3.37 -67.56 53.77
CA LEU N 702 4.69 -67.13 54.32
C LEU N 702 5.60 -68.36 54.39
N ARG N 703 5.17 -69.58 54.63
CA ARG N 703 6.16 -70.70 54.69
C ARG N 703 6.48 -71.11 53.26
N LEU N 704 5.74 -70.64 52.26
CA LEU N 704 5.95 -71.12 50.90
C LEU N 704 5.57 -72.59 50.81
N ALA N 705 4.35 -72.92 51.20
CA ALA N 705 3.87 -74.28 51.24
C ALA N 705 2.77 -74.48 50.21
N ASP N 706 2.25 -75.70 50.15
CA ASP N 706 1.08 -76.03 49.36
C ASP N 706 -0.09 -76.54 50.19
N MET N 707 0.18 -77.26 51.28
CA MET N 707 -0.85 -77.69 52.22
C MET N 707 -0.89 -76.74 53.41
N VAL N 708 -2.06 -76.60 54.00
CA VAL N 708 -2.26 -75.80 55.20
C VAL N 708 -2.17 -76.72 56.40
N ASP N 709 -1.56 -76.25 57.48
CA ASP N 709 -1.27 -77.06 58.65
C ASP N 709 -2.17 -76.67 59.83
N ILE N 710 -1.97 -77.37 60.96
CA ILE N 710 -2.74 -77.10 62.17
C ILE N 710 -2.05 -76.09 63.10
N ASP N 711 -0.71 -76.08 63.09
CA ASP N 711 0.08 -75.06 63.79
C ASP N 711 -0.22 -73.68 63.19
N ASP N 712 -0.57 -73.57 61.94
CA ASP N 712 -1.00 -72.32 61.33
C ASP N 712 -2.35 -71.87 61.88
N VAL N 713 -3.28 -72.81 62.06
CA VAL N 713 -4.58 -72.46 62.61
C VAL N 713 -4.44 -72.03 64.07
N GLU N 714 -3.55 -72.70 64.81
CA GLU N 714 -3.32 -72.31 66.20
C GLU N 714 -2.79 -70.88 66.30
N GLU N 715 -1.89 -70.48 65.40
CA GLU N 715 -1.35 -69.11 65.38
C GLU N 715 -2.49 -68.11 65.15
N ALA N 716 -3.45 -68.37 64.25
CA ALA N 716 -4.56 -67.46 64.02
C ALA N 716 -5.49 -67.39 65.22
N LEU N 717 -5.75 -68.54 65.86
CA LEU N 717 -6.58 -68.53 67.06
C LEU N 717 -5.92 -67.71 68.17
N ARG N 718 -4.63 -67.84 68.41
CA ARG N 718 -3.87 -67.04 69.39
C ARG N 718 -3.92 -65.56 69.00
N LEU N 719 -3.88 -65.17 67.75
CA LEU N 719 -4.00 -63.75 67.42
C LEU N 719 -5.41 -63.22 67.71
N VAL N 720 -6.43 -63.97 67.31
CA VAL N 720 -7.80 -63.51 67.54
C VAL N 720 -8.07 -63.41 69.04
N ARG N 721 -7.51 -64.32 69.83
CA ARG N 721 -7.71 -64.26 71.27
C ARG N 721 -6.90 -63.15 71.93
N VAL N 722 -5.70 -62.89 71.46
CA VAL N 722 -4.78 -61.86 72.03
C VAL N 722 -5.33 -60.48 71.70
N SER N 723 -6.12 -60.31 70.66
CA SER N 723 -6.52 -58.97 70.25
C SER N 723 -7.27 -58.23 71.37
N LYS N 724 -7.97 -58.94 72.25
CA LYS N 724 -8.86 -58.32 73.24
C LYS N 724 -8.41 -58.53 74.69
N GLU N 725 -7.14 -58.74 74.99
CA GLU N 725 -6.67 -59.12 76.36
C GLU N 725 -6.39 -57.88 77.23
N SER N 726 -6.44 -56.68 76.67
CA SER N 726 -6.27 -55.53 77.55
C SER N 726 -7.52 -55.25 78.37
N LEU N 727 -8.66 -55.81 77.98
CA LEU N 727 -9.90 -55.61 78.71
C LEU N 727 -9.98 -56.41 80.01
N TYR N 728 -9.05 -57.33 80.24
CA TYR N 728 -9.09 -58.20 81.40
C TYR N 728 -8.00 -57.88 82.41
N GLN N 729 -7.47 -56.69 82.33
CA GLN N 729 -6.32 -56.32 83.17
C GLN N 729 -6.76 -55.57 84.42
N GLU N 730 -6.76 -56.26 85.54
CA GLU N 730 -7.21 -55.61 86.79
C GLU N 730 -6.01 -54.90 87.38
N PRO N 740 -14.18 -58.56 95.46
CA PRO N 740 -15.23 -57.94 94.72
C PRO N 740 -16.37 -58.90 94.41
N THR N 741 -16.10 -60.21 94.34
CA THR N 741 -17.24 -61.02 93.92
C THR N 741 -18.30 -61.07 95.01
N THR N 742 -17.88 -61.24 96.27
CA THR N 742 -18.84 -61.33 97.36
C THR N 742 -19.53 -60.00 97.62
N LYS N 743 -18.81 -58.88 97.49
CA LYS N 743 -19.42 -57.58 97.75
C LYS N 743 -20.53 -57.27 96.74
N ILE N 744 -20.30 -57.60 95.47
CA ILE N 744 -21.37 -57.47 94.48
C ILE N 744 -22.48 -58.47 94.76
N PHE N 745 -22.15 -59.69 95.17
CA PHE N 745 -23.21 -60.67 95.56
C PHE N 745 -24.06 -60.16 96.72
N THR N 746 -23.44 -59.57 97.71
CA THR N 746 -24.28 -59.05 98.79
C THR N 746 -25.19 -57.94 98.31
N ILE N 747 -24.70 -57.09 97.40
CA ILE N 747 -25.52 -55.98 96.91
C ILE N 747 -26.70 -56.49 96.10
N ILE N 748 -26.50 -57.53 95.29
CA ILE N 748 -27.57 -58.01 94.44
C ILE N 748 -28.69 -58.66 95.24
N LYS N 749 -28.33 -59.37 96.31
CA LYS N 749 -29.28 -60.09 97.18
C LYS N 749 -30.03 -59.05 98.02
N LYS N 750 -29.47 -57.88 98.28
CA LYS N 750 -30.15 -56.81 98.98
C LYS N 750 -31.31 -56.27 98.16
N MET N 751 -31.12 -56.10 96.85
CA MET N 751 -32.16 -55.54 96.01
C MET N 751 -33.15 -56.59 95.51
N LEU N 752 -32.88 -57.91 95.69
CA LEU N 752 -33.88 -58.99 95.42
C LEU N 752 -34.88 -58.90 96.56
N GLN N 753 -34.41 -58.84 97.79
CA GLN N 753 -35.31 -58.48 98.91
C GLN N 753 -35.60 -57.02 98.60
N GLU N 754 -36.61 -56.40 99.14
CA GLU N 754 -36.97 -55.03 98.67
C GLU N 754 -37.37 -55.20 97.21
N THR N 755 -38.24 -56.16 96.91
CA THR N 755 -38.77 -56.45 95.55
C THR N 755 -39.78 -57.60 95.69
N GLY N 756 -39.35 -58.85 95.93
CA GLY N 756 -40.22 -59.95 96.26
C GLY N 756 -40.10 -61.18 95.38
N LYS N 757 -39.97 -61.00 94.07
CA LYS N 757 -40.04 -62.11 93.13
C LYS N 757 -38.64 -62.63 92.81
N ASN N 758 -38.56 -63.67 91.97
CA ASN N 758 -37.29 -64.25 91.58
C ASN N 758 -36.66 -63.59 90.36
N THR N 759 -37.38 -62.71 89.68
CA THR N 759 -36.86 -62.03 88.51
C THR N 759 -36.32 -60.66 88.91
N LEU N 760 -35.35 -60.18 88.13
CA LEU N 760 -34.68 -58.93 88.44
C LEU N 760 -34.08 -58.39 87.15
N SER N 761 -34.49 -57.19 86.74
CA SER N 761 -34.04 -56.64 85.47
C SER N 761 -32.54 -56.43 85.47
N TYR N 762 -31.89 -56.84 84.38
CA TYR N 762 -30.44 -56.72 84.31
C TYR N 762 -29.99 -55.27 84.15
N GLU N 763 -30.79 -54.44 83.47
CA GLU N 763 -30.42 -53.04 83.30
C GLU N 763 -30.33 -52.33 84.64
N ASN N 764 -31.25 -52.62 85.55
CA ASN N 764 -31.19 -52.01 86.88
C ASN N 764 -29.97 -52.49 87.64
N ILE N 765 -29.61 -53.77 87.49
CA ILE N 765 -28.43 -54.28 88.17
C ILE N 765 -27.19 -53.51 87.74
N VAL N 766 -27.04 -53.29 86.43
CA VAL N 766 -25.87 -52.57 85.94
C VAL N 766 -25.84 -51.14 86.48
N LYS N 767 -26.99 -50.47 86.46
CA LYS N 767 -27.04 -49.08 86.90
C LYS N 767 -26.72 -48.96 88.39
N THR N 768 -27.33 -49.81 89.21
CA THR N 768 -27.10 -49.72 90.65
C THR N 768 -25.65 -50.05 91.00
N VAL N 769 -25.09 -51.08 90.36
CA VAL N 769 -23.72 -51.47 90.67
C VAL N 769 -22.73 -50.39 90.25
N ARG N 770 -23.00 -49.71 89.14
CA ARG N 770 -22.09 -48.65 88.70
C ARG N 770 -22.04 -47.50 89.69
N LEU N 771 -23.19 -47.09 90.23
CA LEU N 771 -23.20 -45.98 91.18
C LEU N 771 -22.39 -46.29 92.41
N ARG N 772 -22.34 -47.54 92.84
CA ARG N 772 -21.53 -47.93 93.99
C ARG N 772 -20.05 -47.75 93.66
N GLY N 773 -19.67 -48.09 92.43
CA GLY N 773 -18.30 -47.92 91.97
C GLY N 773 -17.59 -49.24 91.75
N PHE N 774 -17.58 -49.69 90.50
CA PHE N 774 -17.00 -50.97 90.12
C PHE N 774 -16.68 -50.92 88.63
N THR N 775 -16.18 -52.03 88.12
CA THR N 775 -15.91 -52.17 86.69
C THR N 775 -16.86 -53.20 86.08
N MET N 776 -17.07 -53.07 84.77
CA MET N 776 -17.96 -53.98 84.07
C MET N 776 -17.35 -55.36 83.92
N LEU N 777 -16.03 -55.47 83.92
CA LEU N 777 -15.39 -56.78 83.98
C LEU N 777 -15.72 -57.49 85.29
N GLN N 778 -15.72 -56.75 86.39
CA GLN N 778 -16.02 -57.36 87.68
C GLN N 778 -17.41 -57.99 87.69
N LEU N 779 -18.39 -57.28 87.13
CA LEU N 779 -19.74 -57.82 87.10
C LEU N 779 -19.82 -59.08 86.25
N SER N 780 -19.13 -59.10 85.11
CA SER N 780 -19.14 -60.27 84.24
C SER N 780 -18.52 -61.48 84.93
N ASN N 781 -17.38 -61.27 85.61
CA ASN N 781 -16.76 -62.37 86.34
C ASN N 781 -17.69 -62.91 87.41
N CYS N 782 -18.48 -62.03 88.03
CA CYS N 782 -19.36 -62.45 89.11
C CYS N 782 -20.53 -63.26 88.58
N ILE N 783 -21.16 -62.81 87.50
CA ILE N 783 -22.33 -63.51 86.98
C ILE N 783 -21.96 -64.93 86.54
N GLN N 784 -20.84 -65.08 85.82
CA GLN N 784 -20.47 -66.38 85.29
C GLN N 784 -20.16 -67.38 86.41
N GLU N 785 -19.32 -66.95 87.36
CA GLU N 785 -18.84 -67.79 88.48
C GLU N 785 -20.00 -68.39 89.24
N TYR N 786 -20.88 -67.55 89.74
CA TYR N 786 -22.07 -68.03 90.45
C TYR N 786 -23.16 -68.53 89.51
N SER N 787 -22.96 -68.45 88.19
CA SER N 787 -23.79 -69.21 87.27
C SER N 787 -23.35 -70.66 87.15
N TYR N 788 -22.09 -70.96 87.45
CA TYR N 788 -21.60 -72.33 87.44
C TYR N 788 -21.84 -73.05 88.75
N LEU N 789 -21.99 -72.28 89.83
CA LEU N 789 -22.34 -72.85 91.16
C LEU N 789 -23.85 -73.10 91.20
N ASN N 790 -24.58 -72.90 90.10
CA ASN N 790 -26.03 -73.24 89.97
C ASN N 790 -26.85 -72.39 90.92
N VAL N 791 -26.51 -71.12 91.14
CA VAL N 791 -27.34 -70.26 91.97
C VAL N 791 -28.33 -69.49 91.11
N TRP N 792 -27.85 -68.86 90.04
CA TRP N 792 -28.74 -68.18 89.10
C TRP N 792 -28.34 -68.44 87.65
N HIS N 793 -29.22 -68.01 86.76
CA HIS N 793 -29.04 -68.09 85.32
C HIS N 793 -29.53 -66.80 84.69
N LEU N 794 -28.94 -66.43 83.57
CA LEU N 794 -29.29 -65.22 82.85
C LEU N 794 -30.07 -65.62 81.59
N ILE N 795 -31.34 -65.23 81.54
CA ILE N 795 -32.24 -65.72 80.50
C ILE N 795 -32.70 -64.56 79.63
N ASN N 796 -33.39 -64.91 78.53
CA ASN N 796 -33.97 -63.94 77.61
C ASN N 796 -32.90 -63.12 76.90
N GLU N 797 -31.75 -63.72 76.61
CA GLU N 797 -30.64 -63.04 75.95
C GLU N 797 -30.12 -61.86 76.76
N GLY N 798 -29.98 -62.04 78.08
CA GLY N 798 -29.40 -61.03 78.92
C GLY N 798 -30.35 -59.98 79.42
N ASN N 799 -31.65 -60.28 79.53
CA ASN N 799 -32.63 -59.29 79.92
C ASN N 799 -33.08 -59.42 81.37
N THR N 800 -33.17 -60.63 81.91
CA THR N 800 -33.64 -60.84 83.27
C THR N 800 -32.74 -61.81 84.01
N LEU N 801 -32.68 -61.66 85.33
CA LEU N 801 -31.89 -62.53 86.20
C LEU N 801 -32.85 -63.32 87.07
N LYS N 802 -32.68 -64.65 87.08
CA LYS N 802 -33.57 -65.54 87.81
C LYS N 802 -32.76 -66.42 88.74
N PHE N 803 -33.16 -66.46 90.00
CA PHE N 803 -32.48 -67.28 91.02
C PHE N 803 -33.18 -68.64 91.08
N VAL N 804 -32.49 -69.77 90.94
CA VAL N 804 -33.05 -71.16 90.93
C VAL N 804 -33.50 -71.48 92.35
N ASP N 805 -34.80 -71.50 92.66
CA ASP N 805 -35.30 -71.75 94.00
C ASP N 805 -34.63 -70.83 95.01
PG ATP O . 13.08 16.22 -77.33
O1G ATP O . 13.22 16.14 -75.86
O2G ATP O . 12.96 17.61 -77.83
O3G ATP O . 14.13 15.45 -78.06
PB ATP O . 11.34 14.14 -78.52
O1B ATP O . 11.25 12.99 -77.59
O2B ATP O . 12.23 14.03 -79.68
O3B ATP O . 11.72 15.46 -77.69
PA ATP O . 8.52 14.31 -78.14
O1A ATP O . 8.00 12.93 -78.33
O2A ATP O . 8.80 14.72 -76.74
O3A ATP O . 9.86 14.49 -78.98
O5' ATP O . 7.54 15.38 -78.82
C5' ATP O . 7.45 15.44 -80.25
C4' ATP O . 6.01 15.63 -80.66
O4' ATP O . 5.90 15.47 -82.09
C3' ATP O . 5.00 14.61 -80.11
O3' ATP O . 3.66 15.10 -80.18
C2' ATP O . 5.19 13.45 -81.10
O2' ATP O . 4.07 12.58 -81.06
C1' ATP O . 5.33 14.22 -82.41
N9 ATP O . 6.20 13.57 -83.38
C8 ATP O . 7.52 13.81 -83.62
N7 ATP O . 8.00 13.04 -84.56
C5 ATP O . 6.94 12.25 -84.96
C6 ATP O . 6.80 11.23 -85.91
N6 ATP O . 7.78 10.78 -86.69
N1 ATP O . 5.58 10.66 -86.04
C2 ATP O . 4.59 11.09 -85.25
N3 ATP O . 4.60 12.03 -84.32
C4 ATP O . 5.82 12.58 -84.22
MG MG P . 11.74 13.82 -74.72
ZN ZN Q . -10.50 -17.98 -11.52
PB ADP R . 59.20 6.30 -53.74
O1B ADP R . 60.49 6.97 -53.93
O2B ADP R . 58.60 6.65 -52.43
O3B ADP R . 58.25 6.54 -54.86
PA ADP R . 58.60 3.63 -52.86
O1A ADP R . 58.95 3.63 -51.42
O2A ADP R . 57.18 3.86 -53.23
O3A ADP R . 59.47 4.72 -53.65
O5' ADP R . 59.09 2.25 -53.50
C5' ADP R . 60.50 1.99 -53.62
C4' ADP R . 60.74 0.49 -53.62
O4' ADP R . 62.11 0.24 -54.00
C3' ADP R . 60.61 -0.22 -52.27
O3' ADP R . 60.51 -1.63 -52.44
C2' ADP R . 61.97 0.12 -51.63
O2' ADP R . 62.21 -0.80 -50.58
C1' ADP R . 62.90 0.02 -52.85
N9 ADP R . 63.98 0.99 -52.85
C8 ADP R . 64.02 2.21 -53.49
N7 ADP R . 65.13 2.85 -53.31
C5 ADP R . 65.90 2.00 -52.53
C6 ADP R . 67.19 2.11 -52.00
N6 ADP R . 68.00 3.16 -52.19
N1 ADP R . 67.66 1.07 -51.28
C2 ADP R . 66.85 0.01 -51.09
N3 ADP R . 65.62 -0.19 -51.52
C4 ADP R . 65.19 0.85 -52.25
MG MG S . 55.99 7.46 -53.17
ZN ZN T . -28.88 31.49 -8.12
PB ADP U . 37.47 -5.72 -73.79
O1B ADP U . 38.19 -5.97 -72.57
O2B ADP U . 38.43 -5.41 -74.80
O3B ADP U . 36.42 -4.68 -73.68
PA ADP U . 35.29 -7.69 -73.80
O1A ADP U . 35.58 -9.01 -73.17
O2A ADP U . 34.45 -6.73 -73.05
O3A ADP U . 36.72 -7.07 -74.15
O5' ADP U . 34.66 -7.91 -75.25
C5' ADP U . 34.99 -9.07 -76.08
C4' ADP U . 33.76 -9.96 -76.21
O4' ADP U . 33.98 -10.92 -77.28
C3' ADP U . 33.41 -10.83 -75.01
O3' ADP U . 32.01 -11.08 -74.91
C2' ADP U . 34.27 -12.09 -75.24
O2' ADP U . 33.66 -13.21 -74.62
C1' ADP U . 34.36 -12.17 -76.77
N9 ADP U . 35.70 -12.47 -77.24
C8 ADP U . 36.62 -11.57 -77.73
N7 ADP U . 37.76 -12.12 -78.03
C5 ADP U . 37.60 -13.46 -77.73
C6 ADP U . 38.47 -14.56 -77.83
N6 ADP U . 39.71 -14.47 -78.26
N1 ADP U . 38.00 -15.76 -77.44
C2 ADP U . 36.74 -15.84 -76.99
N3 ADP U . 35.84 -14.87 -76.84
C4 ADP U . 36.34 -13.68 -77.23
MG MG V . 36.87 -4.46 -71.00
ZN ZN W . 8.58 -10.00 4.01
ZN ZN X . -28.26 11.09 -11.29
PB ADP Y . 57.86 37.47 -41.01
O1B ADP Y . 58.59 38.31 -41.97
O2B ADP Y . 56.80 38.23 -40.30
O3B ADP Y . 57.37 36.23 -41.66
PA ADP Y . 58.33 36.25 -38.46
O1A ADP Y . 58.16 37.28 -37.39
O2A ADP Y . 57.13 35.46 -38.78
O3A ADP Y . 58.81 36.98 -39.80
O5' ADP Y . 59.52 35.26 -38.08
C5' ADP Y . 60.90 35.69 -38.22
C4' ADP Y . 61.77 34.97 -37.22
O4' ADP Y . 63.11 35.54 -37.31
C3' ADP Y . 61.42 35.12 -35.73
O3' ADP Y . 61.92 34.07 -34.90
C2' ADP Y . 62.12 36.42 -35.35
O2' ADP Y . 62.38 36.44 -33.96
C1' ADP Y . 63.38 36.37 -36.21
N9 ADP Y . 63.78 37.68 -36.71
C8 ADP Y . 63.61 38.18 -37.98
N7 ADP Y . 64.09 39.38 -38.12
C5 ADP Y . 64.60 39.72 -36.88
C6 ADP Y . 65.22 40.87 -36.39
N6 ADP Y . 65.46 41.97 -37.11
N1 ADP Y . 65.60 40.88 -35.09
C2 ADP Y . 65.35 39.79 -34.35
N3 ADP Y . 64.77 38.65 -34.70
C4 ADP Y . 64.40 38.67 -36.00
MG MG Z . 54.80 36.39 -40.89
ZN ZN AA . -3.80 39.08 7.25
PG ATP BA . -54.98 -13.24 56.71
O1G ATP BA . -53.72 -13.26 55.92
O2G ATP BA . -55.59 -14.59 56.85
O3G ATP BA . -54.83 -12.56 58.02
PB ATP BA . -56.72 -10.93 56.17
O1B ATP BA . -55.92 -9.83 55.60
O2B ATP BA . -57.10 -10.86 57.59
O3B ATP BA . -56.00 -12.33 55.88
PA ATP BA . -58.15 -10.80 53.71
O1A ATP BA . -58.46 -9.36 53.49
O2A ATP BA . -56.92 -11.32 53.05
O3A ATP BA . -58.03 -11.08 55.27
O5' ATP BA . -59.40 -11.71 53.28
C5' ATP BA . -60.59 -11.69 54.09
C4' ATP BA . -61.81 -11.68 53.19
O4' ATP BA . -62.98 -11.43 54.00
C3' ATP BA . -61.87 -10.58 52.12
O3' ATP BA . -62.78 -10.91 51.07
C2' ATP BA . -62.40 -9.40 52.94
O2' ATP BA . -62.94 -8.42 52.09
C1' ATP BA . -63.43 -10.11 53.81
N9 ATP BA . -63.59 -9.51 55.12
C8 ATP BA . -63.02 -9.88 56.30
N7 ATP BA . -63.39 -9.12 57.30
C5 ATP BA . -64.26 -8.18 56.74
C6 ATP BA . -64.98 -7.10 57.27
N6 ATP BA . -64.94 -6.73 58.55
N1 ATP BA . -65.74 -6.40 56.42
C2 ATP BA . -65.77 -6.76 55.12
N3 ATP BA . -65.14 -7.75 54.51
C4 ATP BA . -64.39 -8.42 55.39
MG MG CA . -53.45 -10.87 54.19
ZN ZN DA . -13.38 19.67 -0.24
PB ADP EA . -7.40 -9.96 79.23
O1B ADP EA . -6.84 -10.75 80.34
O2B ADP EA . -6.77 -10.31 77.94
O3B ADP EA . -8.88 -10.03 79.17
PA ADP EA . -6.77 -7.29 78.37
O1A ADP EA . -5.42 -7.41 77.76
O2A ADP EA . -7.95 -7.33 77.47
O3A ADP EA . -6.99 -8.43 79.47
O5' ADP EA . -6.82 -5.94 79.23
C5' ADP EA . -6.03 -5.83 80.42
C4' ADP EA . -5.72 -4.38 80.69
O4' ADP EA . -5.16 -4.26 82.03
C3' ADP EA . -4.64 -3.73 79.82
O3' ADP EA . -4.68 -2.31 79.91
C2' ADP EA . -3.36 -4.26 80.47
O2' ADP EA . -2.28 -3.43 80.09
C1' ADP EA . -3.76 -4.19 81.95
N9 ADP EA . -3.22 -5.27 82.76
C8 ADP EA . -3.84 -6.45 83.11
N7 ADP EA . -3.09 -7.23 83.85
C5 ADP EA . -1.91 -6.52 84.02
C6 ADP EA . -0.73 -6.81 84.72
N6 ADP EA . -0.51 -7.92 85.40
N1 ADP EA . 0.23 -5.86 84.70
C2 ADP EA . 0.03 -4.74 84.00
N3 ADP EA . -1.04 -4.37 83.31
C4 ADP EA . -1.98 -5.31 83.36
MG MG FA . -9.02 -10.76 76.29
ZN ZN GA . -27.41 -27.52 -19.59
PB ADP HA . -34.98 5.55 75.01
O1B ADP HA . -33.55 5.65 74.84
O2B ADP HA . -35.23 5.19 76.36
O3B ADP HA . -35.64 4.62 74.06
PA ADP HA . -36.06 7.76 73.41
O1A ADP HA . -35.25 8.99 73.33
O2A ADP HA . -36.11 6.85 72.23
O3A ADP HA . -35.57 7.00 74.72
O5' ADP HA . -37.57 8.13 73.82
C5' ADP HA . -37.90 9.28 74.64
C4' ADP HA . -38.64 10.31 73.81
O4' ADP HA . -39.24 11.30 74.68
C3' ADP HA . -37.80 11.16 72.83
O3' ADP HA . -38.54 11.55 71.68
C2' ADP HA . -37.32 12.31 73.72
O2' ADP HA . -37.08 13.45 72.93
C1' ADP HA . -38.47 12.47 74.73
N9 ADP HA . -38.00 12.63 76.11
C8 ADP HA . -37.93 11.68 77.07
N7 ADP HA . -37.42 12.11 78.20
C5 ADP HA . -37.13 13.43 77.95
C6 ADP HA . -36.56 14.43 78.76
N6 ADP HA . -36.16 14.22 80.01
N1 ADP HA . -36.40 15.66 78.22
C2 ADP HA . -36.78 15.84 76.95
N3 ADP HA . -37.32 14.98 76.09
C4 ADP HA . -37.47 13.78 76.66
MG MG IA . -33.27 4.20 72.77
ZN ZN JA . 9.48 8.72 4.88
ZN ZN KA . -27.22 -7.18 -16.01
PB ADP LA . -1.69 -41.44 68.66
O1B ADP LA . -2.12 -42.30 69.77
O2B ADP LA . -1.87 -42.11 67.34
O3B ADP LA . -2.36 -40.11 68.74
PA ADP LA . 0.74 -40.43 67.54
O1A ADP LA . 1.36 -41.49 66.69
O2A ADP LA . -0.16 -39.48 66.83
O3A ADP LA . -0.11 -41.13 68.69
O5' ADP LA . 1.87 -39.60 68.31
C5' ADP LA . 2.53 -40.17 69.45
C4' ADP LA . 3.94 -39.62 69.57
O4' ADP LA . 4.61 -40.32 70.65
C3' ADP LA . 4.88 -39.80 68.37
O3' ADP LA . 5.97 -38.87 68.31
C2' ADP LA . 5.46 -41.20 68.62
O2' ADP LA . 6.72 -41.32 67.98
C1' ADP LA . 5.54 -41.24 70.14
N9 ADP LA . 5.25 -42.56 70.69
C8 ADP LA . 4.09 -42.96 71.31
N7 ADP LA . 4.12 -44.20 71.70
C5 ADP LA . 5.37 -44.66 71.32
C6 ADP LA . 6.01 -45.90 71.46
N6 ADP LA . 5.45 -46.98 72.02
N1 ADP LA . 7.26 -46.02 70.95
C2 ADP LA . 7.82 -44.96 70.37
N3 ADP LA . 7.32 -43.74 70.20
C4 ADP LA . 6.08 -43.65 70.69
MG MG MA . -3.33 -40.02 66.23
ZN ZN NA . -1.00 -38.76 -9.62
#